data_6TXC
#
_entry.id   6TXC
#
_cell.length_a   99.113
_cell.length_b   175.239
_cell.length_c   277.269
_cell.angle_alpha   90.000
_cell.angle_beta   94.810
_cell.angle_gamma   90.000
#
_symmetry.space_group_name_H-M   'P 1 21 1'
#
loop_
_entity.id
_entity.type
_entity.pdbx_description
1 polymer 'Deoxynucleoside triphosphate triphosphohydrolase SAMHD1'
2 non-polymer 'FE (III) ION'
3 non-polymer 'MAGNESIUM ION'
4 non-polymer "2'-deoxy-5'-O-[(R)-hydroxy{[(R)-hydroxy(phosphonooxy)phosphoryl]amino}phosphoryl]cytidine"
5 non-polymer "GUANOSINE-5'-TRIPHOSPHATE"
6 non-polymer 'SULFATE ION'
7 non-polymer "2'-DEOXYADENOSINE 5'-TRIPHOSPHATE"
#
_entity_poly.entity_id   1
_entity_poly.type   'polypeptide(L)'
_entity_poly.pdbx_seq_one_letter_code
;GSQIHVDTMKVINDPIHGHIELHPLLVRIIDTPQFQRLRYIKQLGGGYYVFPGASHNRFEHSLGVGYLAGCLVHALGEKQ
PELQISERDVLCVQIAGLCHDLGHGPFSHMFDGRFIPLARPEVKWTHEQGSVMMFEHLINSNGIKPVMEQYGLIPEEDIC
FIKEQIVGPLESPVEDSLWPYKGRPENKSFLYEIVSNKRNGIDVDKWDYFARDCHHLGIQNNFDYKRFIKFARVCEVDNE
LRICARDKEVGNLYDMFHTRNSLHRRAYQHKVGNIIDTMITDAFLKADDYIEITGAGGKKYRISTAIDDMEAYTKLTDNI
FLEILYSTDPKLKDAREILKQIEYRNLFKYVGETQPTGQIKIKREDYESLPKEVASAKPKVLLDVKLKAEDFIVDVINMD
YGMQEKNPIDHVSFYCKTAPNRAIRITKNQVSQLLPEKFAEQLIRVYCKKVDRKSLYAARQYFVQWCADRNFTKPQDGDV
IAPLITPQKKEWNDSTSVQNPTRLREASKSRVQLFKDDPM
;
_entity_poly.pdbx_strand_id   A,B,C,D,E,F,G,H,I,J,K,L,M,N,O,P
#
# COMPACT_ATOMS: atom_id res chain seq x y z
N VAL A 6 -44.36 52.86 32.79
CA VAL A 6 -45.04 51.93 33.74
C VAL A 6 -44.62 50.45 33.39
N ASP A 7 -44.92 49.90 32.20
CA ASP A 7 -44.57 48.47 31.90
C ASP A 7 -43.11 48.20 31.67
N THR A 8 -42.56 47.20 32.36
CA THR A 8 -41.10 47.04 32.31
C THR A 8 -40.53 45.60 32.11
N MET A 9 -39.21 45.60 31.84
CA MET A 9 -38.42 44.40 31.56
C MET A 9 -38.67 43.36 32.62
N LYS A 10 -38.57 42.11 32.24
CA LYS A 10 -38.87 41.02 33.13
C LYS A 10 -37.78 39.97 33.05
N VAL A 11 -37.35 39.48 34.20
CA VAL A 11 -36.28 38.50 34.28
C VAL A 11 -36.98 37.19 34.52
N ILE A 12 -36.47 36.15 33.89
CA ILE A 12 -37.03 34.82 34.00
C ILE A 12 -35.92 33.77 33.99
N ASN A 13 -36.03 32.77 34.87
CA ASN A 13 -34.97 31.78 35.10
C ASN A 13 -35.21 30.45 34.40
N ASP A 14 -34.47 30.28 33.31
CA ASP A 14 -34.47 29.08 32.49
C ASP A 14 -33.30 28.21 32.96
N PRO A 15 -33.50 26.91 33.12
CA PRO A 15 -32.39 26.08 33.56
C PRO A 15 -31.28 25.92 32.51
N ILE A 16 -31.60 26.10 31.23
CA ILE A 16 -30.61 25.99 30.20
C ILE A 16 -29.83 27.28 30.08
N HIS A 17 -30.51 28.40 29.97
CA HIS A 17 -29.84 29.67 29.64
C HIS A 17 -29.60 30.58 30.81
N GLY A 18 -30.18 30.30 31.94
CA GLY A 18 -30.00 31.11 33.13
C GLY A 18 -31.05 32.21 33.18
N HIS A 19 -30.71 33.32 33.81
CA HIS A 19 -31.62 34.44 33.92
C HIS A 19 -31.59 35.24 32.63
N ILE A 20 -32.73 35.30 31.96
CA ILE A 20 -32.83 36.01 30.69
C ILE A 20 -33.80 37.14 30.83
N GLU A 21 -33.58 38.20 30.07
CA GLU A 21 -34.43 39.39 30.14
C GLU A 21 -35.42 39.36 28.99
N LEU A 22 -36.67 39.69 29.29
CA LEU A 22 -37.70 39.76 28.29
C LEU A 22 -38.18 41.19 28.22
N HIS A 23 -37.97 41.81 27.08
CA HIS A 23 -38.48 43.14 26.77
C HIS A 23 -40.03 43.15 26.88
N PRO A 24 -40.61 44.24 27.37
CA PRO A 24 -42.06 44.28 27.62
C PRO A 24 -42.94 43.84 26.47
N LEU A 25 -42.57 44.23 25.26
CA LEU A 25 -43.25 43.78 24.05
C LEU A 25 -43.29 42.25 23.98
N LEU A 26 -42.19 41.59 24.32
CA LEU A 26 -42.14 40.14 24.31
C LEU A 26 -43.04 39.56 25.39
N VAL A 27 -43.00 40.14 26.58
CA VAL A 27 -43.86 39.72 27.69
C VAL A 27 -45.30 39.75 27.26
N ARG A 28 -45.66 40.80 26.52
CA ARG A 28 -47.03 41.01 26.10
C ARG A 28 -47.51 39.97 25.10
N ILE A 29 -46.61 39.54 24.23
CA ILE A 29 -46.86 38.45 23.29
C ILE A 29 -46.95 37.13 24.04
N ILE A 30 -46.03 36.92 24.97
CA ILE A 30 -45.99 35.71 25.79
C ILE A 30 -47.28 35.49 26.60
N ASP A 31 -47.81 36.55 27.19
CA ASP A 31 -49.01 36.45 28.05
C ASP A 31 -50.32 36.53 27.25
N THR A 32 -50.50 35.54 26.39
CA THR A 32 -51.64 35.43 25.51
C THR A 32 -52.00 33.95 25.41
N PRO A 33 -53.29 33.62 25.25
CA PRO A 33 -53.66 32.22 25.15
C PRO A 33 -52.94 31.46 24.06
N GLN A 34 -52.59 32.13 22.97
CA GLN A 34 -52.02 31.46 21.80
C GLN A 34 -50.60 30.98 22.05
N PHE A 35 -49.90 31.72 22.90
CA PHE A 35 -48.54 31.39 23.30
C PHE A 35 -48.53 30.48 24.51
N GLN A 36 -49.32 30.78 25.53
CA GLN A 36 -49.34 29.94 26.75
C GLN A 36 -49.82 28.53 26.44
N ARG A 37 -50.59 28.39 25.38
CA ARG A 37 -50.93 27.08 24.82
C ARG A 37 -49.75 26.12 24.73
N LEU A 38 -48.58 26.64 24.42
CA LEU A 38 -47.39 25.80 24.29
C LEU A 38 -46.91 25.17 25.60
N ARG A 39 -47.41 25.62 26.75
CA ARG A 39 -47.16 24.92 28.02
C ARG A 39 -47.76 23.52 28.05
N TYR A 40 -48.76 23.27 27.22
CA TYR A 40 -49.48 22.01 27.25
C TYR A 40 -49.21 21.14 26.01
N ILE A 41 -48.06 21.33 25.37
CA ILE A 41 -47.61 20.51 24.24
C ILE A 41 -46.17 20.05 24.48
N LYS A 42 -45.95 18.75 24.58
CA LYS A 42 -44.62 18.22 24.91
C LYS A 42 -43.66 18.27 23.72
N GLN A 43 -42.41 18.58 24.02
CA GLN A 43 -41.39 18.83 22.97
C GLN A 43 -41.16 17.58 22.14
N LEU A 44 -40.91 16.48 22.85
CA LEU A 44 -40.55 15.23 22.22
C LEU A 44 -41.70 14.25 22.03
N GLY A 45 -42.94 14.74 22.09
CA GLY A 45 -44.13 13.91 21.88
C GLY A 45 -44.13 12.73 22.82
N GLY A 46 -44.28 11.55 22.23
CA GLY A 46 -44.19 10.29 22.96
C GLY A 46 -42.88 9.95 23.62
N GLY A 47 -41.81 10.67 23.35
CA GLY A 47 -40.53 10.41 23.99
C GLY A 47 -40.57 10.40 25.50
N TYR A 48 -41.45 11.19 26.11
CA TYR A 48 -41.62 11.15 27.57
C TYR A 48 -41.97 9.75 28.08
N TYR A 49 -42.63 8.94 27.26
CA TYR A 49 -43.00 7.59 27.67
C TYR A 49 -41.85 6.59 27.58
N VAL A 50 -40.69 7.04 27.09
CA VAL A 50 -39.46 6.27 27.08
C VAL A 50 -38.34 6.94 27.91
N PHE A 51 -38.18 8.26 27.79
CA PHE A 51 -37.22 8.99 28.61
C PHE A 51 -38.03 9.79 29.64
N PRO A 52 -38.14 9.29 30.87
CA PRO A 52 -39.00 9.95 31.84
C PRO A 52 -38.51 11.35 32.26
N GLY A 53 -37.31 11.75 31.84
CA GLY A 53 -36.90 13.13 32.06
C GLY A 53 -37.63 14.15 31.19
N ALA A 54 -38.06 13.71 30.00
CA ALA A 54 -38.50 14.58 28.87
C ALA A 54 -39.95 15.08 28.91
N SER A 55 -40.32 15.53 30.10
CA SER A 55 -41.55 16.26 30.42
C SER A 55 -41.65 17.64 29.78
N HIS A 56 -40.52 18.17 29.31
CA HIS A 56 -40.43 19.53 28.78
C HIS A 56 -41.33 19.78 27.60
N ASN A 57 -41.88 21.00 27.60
CA ASN A 57 -42.86 21.48 26.64
C ASN A 57 -42.32 22.56 25.73
N ARG A 58 -43.05 22.84 24.66
CA ARG A 58 -42.70 23.85 23.68
C ARG A 58 -42.56 25.27 24.21
N PHE A 59 -43.34 25.61 25.23
CA PHE A 59 -43.28 26.92 25.88
C PHE A 59 -41.86 27.33 26.17
N GLU A 60 -41.18 26.54 26.97
CA GLU A 60 -39.86 26.88 27.44
C GLU A 60 -38.79 26.84 26.34
N HIS A 61 -38.94 25.95 25.36
CA HIS A 61 -38.10 25.95 24.14
C HIS A 61 -38.30 27.26 23.39
N SER A 62 -39.56 27.63 23.23
CA SER A 62 -39.92 28.82 22.50
C SER A 62 -39.23 30.03 23.16
N LEU A 63 -39.28 30.18 24.48
CA LEU A 63 -38.56 31.27 25.14
C LEU A 63 -37.08 31.26 24.81
N GLY A 64 -36.47 30.09 24.90
CA GLY A 64 -35.03 29.97 24.70
C GLY A 64 -34.58 30.30 23.30
N VAL A 65 -35.40 29.96 22.31
CA VAL A 65 -35.07 30.29 20.92
C VAL A 65 -35.13 31.78 20.74
N GLY A 66 -36.16 32.38 21.32
CA GLY A 66 -36.26 33.82 21.35
C GLY A 66 -35.03 34.48 21.96
N TYR A 67 -34.58 33.94 23.08
CA TYR A 67 -33.45 34.51 23.77
C TYR A 67 -32.17 34.42 22.96
N LEU A 68 -31.90 33.23 22.41
CA LEU A 68 -30.71 32.99 21.62
C LEU A 68 -30.73 33.75 20.31
N ALA A 69 -31.90 33.90 19.71
CA ALA A 69 -32.02 34.77 18.54
C ALA A 69 -31.49 36.18 18.86
N GLY A 70 -31.92 36.70 20.01
CA GLY A 70 -31.42 37.95 20.52
C GLY A 70 -29.91 37.99 20.72
N CYS A 71 -29.35 36.94 21.31
CA CYS A 71 -27.91 36.94 21.55
C CYS A 71 -27.11 37.01 20.29
N LEU A 72 -27.51 36.27 19.27
CA LEU A 72 -26.72 36.18 18.06
C LEU A 72 -26.80 37.50 17.30
N VAL A 73 -28.00 38.02 17.10
CA VAL A 73 -28.14 39.28 16.38
C VAL A 73 -27.47 40.43 17.14
N HIS A 74 -27.60 40.44 18.47
CA HIS A 74 -27.00 41.47 19.28
C HIS A 74 -25.45 41.42 19.20
N ALA A 75 -24.89 40.21 19.21
CA ALA A 75 -23.46 40.03 19.12
C ALA A 75 -22.92 40.45 17.77
N LEU A 76 -23.61 40.07 16.69
CA LEU A 76 -23.17 40.46 15.37
C LEU A 76 -23.06 41.98 15.28
N GLY A 77 -23.99 42.69 15.94
CA GLY A 77 -24.05 44.14 15.97
C GLY A 77 -22.93 44.83 16.72
N GLU A 78 -22.55 44.27 17.87
CA GLU A 78 -21.39 44.78 18.64
C GLU A 78 -20.11 44.65 17.81
N LYS A 79 -19.83 43.43 17.32
CA LYS A 79 -18.62 43.13 16.56
C LYS A 79 -18.55 43.94 15.23
N GLN A 80 -19.69 44.25 14.59
CA GLN A 80 -19.71 44.97 13.28
C GLN A 80 -20.78 46.07 13.22
N PRO A 81 -20.46 47.26 13.71
CA PRO A 81 -21.42 48.37 13.65
C PRO A 81 -21.87 48.71 12.25
N GLU A 82 -20.98 48.59 11.26
CA GLU A 82 -21.30 48.88 9.85
C GLU A 82 -22.59 48.26 9.34
N LEU A 83 -23.00 47.14 9.91
CA LEU A 83 -24.23 46.44 9.51
C LEU A 83 -25.52 47.20 9.86
N GLN A 84 -25.44 48.11 10.83
CA GLN A 84 -26.54 48.99 11.23
C GLN A 84 -27.76 48.21 11.64
N ILE A 85 -27.54 47.36 12.63
CA ILE A 85 -28.57 46.54 13.21
C ILE A 85 -29.22 47.40 14.26
N SER A 86 -30.51 47.71 14.11
CA SER A 86 -31.26 48.56 15.07
C SER A 86 -31.89 47.72 16.16
N GLU A 87 -32.24 48.32 17.29
CA GLU A 87 -32.97 47.59 18.36
C GLU A 87 -34.35 47.15 17.88
N ARG A 88 -34.83 47.80 16.84
CA ARG A 88 -36.00 47.34 16.13
C ARG A 88 -35.77 45.99 15.44
N ASP A 89 -34.66 45.86 14.74
CA ASP A 89 -34.26 44.58 14.14
C ASP A 89 -34.15 43.49 15.20
N VAL A 90 -33.56 43.83 16.33
CA VAL A 90 -33.33 42.87 17.40
C VAL A 90 -34.67 42.35 17.93
N LEU A 91 -35.56 43.25 18.29
CA LEU A 91 -36.90 42.84 18.74
C LEU A 91 -37.61 41.96 17.74
N CYS A 92 -37.56 42.32 16.47
CA CYS A 92 -38.20 41.52 15.43
C CYS A 92 -37.63 40.11 15.33
N VAL A 93 -36.31 39.98 15.47
CA VAL A 93 -35.67 38.68 15.43
C VAL A 93 -36.04 37.88 16.67
N GLN A 94 -36.04 38.51 17.83
CA GLN A 94 -36.48 37.86 19.07
C GLN A 94 -37.91 37.37 18.98
N ILE A 95 -38.80 38.22 18.47
CA ILE A 95 -40.22 37.86 18.32
C ILE A 95 -40.38 36.65 17.41
N ALA A 96 -39.64 36.61 16.31
CA ALA A 96 -39.70 35.49 15.40
C ALA A 96 -39.27 34.22 16.09
N GLY A 97 -38.15 34.31 16.78
CA GLY A 97 -37.65 33.18 17.56
C GLY A 97 -38.63 32.68 18.60
N LEU A 98 -39.23 33.61 19.30
CA LEU A 98 -40.19 33.32 20.35
C LEU A 98 -41.43 32.59 19.80
N CYS A 99 -41.88 33.04 18.64
CA CYS A 99 -43.11 32.53 18.02
C CYS A 99 -42.88 31.47 16.92
N HIS A 100 -41.66 30.96 16.79
CA HIS A 100 -41.34 30.10 15.63
C HIS A 100 -42.08 28.78 15.65
N ASP A 101 -42.44 28.32 16.87
CA ASP A 101 -43.11 27.02 17.04
C ASP A 101 -44.54 27.17 17.55
N LEU A 102 -45.14 28.34 17.36
CA LEU A 102 -46.54 28.58 17.75
C LEU A 102 -47.56 27.60 17.20
N GLY A 103 -47.25 27.02 16.03
CA GLY A 103 -48.16 26.15 15.32
C GLY A 103 -47.95 24.65 15.44
N HIS A 104 -47.22 24.21 16.46
CA HIS A 104 -47.09 22.78 16.67
C HIS A 104 -48.39 22.22 17.21
N GLY A 105 -48.71 21.01 16.80
CA GLY A 105 -49.91 20.34 17.32
C GLY A 105 -49.67 19.48 18.55
N PRO A 106 -50.71 18.75 18.98
CA PRO A 106 -50.57 17.78 20.04
C PRO A 106 -49.44 16.80 19.77
N PHE A 107 -48.59 16.62 20.77
CA PHE A 107 -47.42 15.76 20.66
C PHE A 107 -46.46 16.19 19.55
N SER A 108 -46.35 17.51 19.38
CA SER A 108 -45.38 18.12 18.49
C SER A 108 -45.36 17.51 17.08
N HIS A 109 -44.34 16.67 16.83
CA HIS A 109 -44.01 16.23 15.48
C HIS A 109 -44.87 15.06 15.04
N MET A 110 -45.53 14.43 16.01
CA MET A 110 -46.50 13.40 15.71
C MET A 110 -47.65 13.98 14.91
N PHE A 111 -48.07 15.19 15.25
CA PHE A 111 -49.23 15.82 14.62
C PHE A 111 -49.04 16.17 13.14
N ASP A 112 -48.03 16.96 12.83
CA ASP A 112 -47.75 17.32 11.43
C ASP A 112 -47.09 16.16 10.66
N GLY A 113 -46.43 15.25 11.38
CA GLY A 113 -45.65 14.17 10.79
C GLY A 113 -46.37 12.87 10.53
N ARG A 114 -47.20 12.43 11.46
CA ARG A 114 -47.98 11.18 11.32
C ARG A 114 -49.47 11.42 11.12
N PHE A 115 -50.06 12.18 12.04
CA PHE A 115 -51.52 12.26 12.13
C PHE A 115 -52.21 12.94 10.96
N ILE A 116 -51.91 14.21 10.74
CA ILE A 116 -52.55 14.99 9.68
C ILE A 116 -52.35 14.34 8.30
N PRO A 117 -51.13 13.86 7.99
CA PRO A 117 -50.98 13.16 6.70
C PRO A 117 -51.89 11.95 6.51
N LEU A 118 -52.24 11.27 7.61
CA LEU A 118 -53.17 10.13 7.54
C LEU A 118 -54.63 10.54 7.56
N ALA A 119 -54.99 11.49 8.42
CA ALA A 119 -56.37 11.92 8.54
C ALA A 119 -56.85 12.74 7.35
N ARG A 120 -55.96 13.55 6.77
CA ARG A 120 -56.31 14.43 5.65
C ARG A 120 -55.20 14.45 4.61
N PRO A 121 -55.13 13.38 3.78
CA PRO A 121 -54.07 13.24 2.78
C PRO A 121 -54.06 14.32 1.69
N GLU A 122 -55.23 14.91 1.41
CA GLU A 122 -55.36 16.00 0.44
C GLU A 122 -54.55 17.29 0.81
N VAL A 123 -54.31 17.57 2.10
CA VAL A 123 -53.69 18.85 2.47
C VAL A 123 -52.18 18.68 2.58
N LYS A 124 -51.42 19.70 2.12
CA LYS A 124 -50.02 19.87 2.49
C LYS A 124 -50.02 20.85 3.69
N TRP A 125 -49.81 20.35 4.91
CA TRP A 125 -49.78 21.18 6.13
C TRP A 125 -48.55 20.96 6.97
N THR A 126 -47.87 22.04 7.36
CA THR A 126 -46.65 21.98 8.17
C THR A 126 -46.82 22.74 9.49
N HIS A 127 -46.04 22.38 10.50
CA HIS A 127 -46.10 23.09 11.77
C HIS A 127 -45.72 24.56 11.58
N GLU A 128 -44.79 24.83 10.67
CA GLU A 128 -44.35 26.19 10.34
C GLU A 128 -45.50 27.06 9.83
N GLN A 129 -46.25 26.56 8.86
CA GLN A 129 -47.38 27.33 8.31
C GLN A 129 -48.35 27.68 9.40
N GLY A 130 -48.55 26.73 10.31
CA GLY A 130 -49.38 26.93 11.48
C GLY A 130 -48.86 28.06 12.32
N SER A 131 -47.55 28.11 12.53
CA SER A 131 -46.93 29.20 13.29
C SER A 131 -47.28 30.58 12.72
N VAL A 132 -47.20 30.72 11.41
CA VAL A 132 -47.58 31.97 10.75
C VAL A 132 -49.03 32.33 11.01
N MET A 133 -49.92 31.37 10.81
CA MET A 133 -51.36 31.59 11.03
C MET A 133 -51.67 31.94 12.47
N MET A 134 -51.07 31.19 13.38
CA MET A 134 -51.30 31.38 14.80
C MET A 134 -50.67 32.69 15.30
N PHE A 135 -49.57 33.11 14.67
CA PHE A 135 -48.97 34.41 14.97
C PHE A 135 -49.93 35.53 14.61
N GLU A 136 -50.43 35.49 13.38
CA GLU A 136 -51.46 36.43 12.92
C GLU A 136 -52.62 36.47 13.91
N HIS A 137 -53.14 35.30 14.29
CA HIS A 137 -54.27 35.22 15.23
C HIS A 137 -53.90 35.83 16.56
N LEU A 138 -52.69 35.57 17.05
CA LEU A 138 -52.22 36.11 18.34
C LEU A 138 -52.19 37.63 18.32
N ILE A 139 -51.58 38.17 17.26
CA ILE A 139 -51.48 39.61 17.05
C ILE A 139 -52.86 40.27 17.07
N ASN A 140 -53.76 39.78 16.24
CA ASN A 140 -55.06 40.42 16.03
C ASN A 140 -55.97 40.31 17.24
N SER A 141 -56.04 39.13 17.84
CA SER A 141 -56.93 38.94 18.98
C SER A 141 -56.44 39.60 20.30
N ASN A 142 -55.15 39.92 20.42
CA ASN A 142 -54.64 40.56 21.65
C ASN A 142 -54.14 42.00 21.50
N GLY A 143 -54.57 42.69 20.44
CA GLY A 143 -54.23 44.10 20.22
C GLY A 143 -52.75 44.45 20.35
N ILE A 144 -51.93 43.70 19.64
CA ILE A 144 -50.47 43.81 19.74
C ILE A 144 -49.93 44.93 18.85
N LYS A 145 -50.58 45.16 17.72
CA LYS A 145 -50.10 46.15 16.78
C LYS A 145 -49.82 47.54 17.41
N PRO A 146 -50.73 48.09 18.26
CA PRO A 146 -50.43 49.35 18.97
C PRO A 146 -49.21 49.28 19.87
N VAL A 147 -49.01 48.12 20.51
CA VAL A 147 -47.87 47.91 21.41
C VAL A 147 -46.57 47.81 20.61
N MET A 148 -46.61 47.18 19.44
CA MET A 148 -45.44 47.18 18.57
C MET A 148 -45.01 48.60 18.21
N GLU A 149 -45.99 49.41 17.81
CA GLU A 149 -45.75 50.81 17.46
C GLU A 149 -45.17 51.56 18.63
N GLN A 150 -45.70 51.31 19.81
CA GLN A 150 -45.21 51.95 21.04
C GLN A 150 -43.71 51.80 21.24
N TYR A 151 -43.16 50.63 20.87
CA TYR A 151 -41.73 50.39 21.04
C TYR A 151 -40.96 50.52 19.73
N GLY A 152 -41.48 51.29 18.77
CA GLY A 152 -40.72 51.66 17.59
C GLY A 152 -40.77 50.72 16.40
N LEU A 153 -41.58 49.66 16.47
CA LEU A 153 -41.75 48.80 15.29
C LEU A 153 -42.71 49.44 14.30
N ILE A 154 -42.68 48.95 13.07
CA ILE A 154 -43.61 49.35 12.04
C ILE A 154 -44.34 48.09 11.60
N PRO A 155 -45.56 47.84 12.15
CA PRO A 155 -46.24 46.58 11.95
C PRO A 155 -46.38 46.11 10.50
N GLU A 156 -46.71 47.01 9.56
CA GLU A 156 -46.78 46.61 8.13
C GLU A 156 -45.54 45.78 7.73
N GLU A 157 -44.38 46.42 7.80
CA GLU A 157 -43.07 45.82 7.43
C GLU A 157 -42.66 44.69 8.34
N ASP A 158 -42.75 44.91 9.65
CA ASP A 158 -42.15 43.99 10.61
C ASP A 158 -42.91 42.70 10.79
N ILE A 159 -44.23 42.75 10.76
CA ILE A 159 -45.00 41.50 10.84
C ILE A 159 -44.69 40.64 9.63
N CYS A 160 -44.49 41.25 8.48
CA CYS A 160 -44.06 40.50 7.30
C CYS A 160 -42.68 39.85 7.54
N PHE A 161 -41.73 40.65 8.01
CA PHE A 161 -40.38 40.18 8.34
C PHE A 161 -40.38 39.04 9.36
N ILE A 162 -41.25 39.11 10.35
CA ILE A 162 -41.35 38.05 11.35
C ILE A 162 -41.85 36.76 10.69
N LYS A 163 -42.95 36.85 9.96
CA LYS A 163 -43.48 35.70 9.27
C LYS A 163 -42.50 35.09 8.29
N GLU A 164 -41.76 35.94 7.58
CA GLU A 164 -40.76 35.48 6.61
C GLU A 164 -39.61 34.73 7.28
N GLN A 165 -39.20 35.16 8.46
CA GLN A 165 -38.17 34.43 9.21
C GLN A 165 -38.62 33.01 9.48
N ILE A 166 -39.90 32.83 9.78
CA ILE A 166 -40.46 31.55 10.20
C ILE A 166 -40.64 30.55 9.07
N VAL A 167 -41.30 30.97 7.99
CA VAL A 167 -41.58 30.06 6.85
C VAL A 167 -40.86 30.36 5.55
N GLY A 168 -40.00 31.37 5.52
CA GLY A 168 -39.38 31.78 4.24
C GLY A 168 -40.32 32.63 3.40
N PRO A 169 -39.99 32.84 2.13
CA PRO A 169 -40.55 34.04 1.42
C PRO A 169 -42.05 34.04 1.08
N LEU A 170 -42.82 34.97 1.65
CA LEU A 170 -44.26 35.16 1.17
C LEU A 170 -44.30 35.65 -0.35
N LEU A 178 -33.65 37.36 -8.36
CA LEU A 178 -33.90 38.55 -7.57
C LEU A 178 -34.20 38.29 -6.11
N TRP A 179 -34.17 39.37 -5.31
CA TRP A 179 -34.38 39.31 -3.87
C TRP A 179 -35.85 38.98 -3.52
N PRO A 180 -36.11 37.78 -2.98
CA PRO A 180 -37.48 37.38 -2.72
C PRO A 180 -38.18 38.00 -1.50
N TYR A 181 -37.44 38.57 -0.54
CA TYR A 181 -38.05 39.00 0.72
C TYR A 181 -38.60 40.43 0.61
N LYS A 182 -39.81 40.65 1.14
CA LYS A 182 -40.43 41.97 1.21
C LYS A 182 -40.20 42.61 2.58
N GLY A 183 -39.83 41.81 3.60
CA GLY A 183 -39.70 42.32 4.97
C GLY A 183 -38.48 43.19 5.27
N ARG A 184 -37.34 42.82 4.70
CA ARG A 184 -36.09 43.58 4.80
C ARG A 184 -35.35 43.60 3.46
N PRO A 185 -34.45 44.56 3.28
CA PRO A 185 -33.60 44.59 2.06
C PRO A 185 -32.42 43.60 2.09
N GLU A 186 -31.71 43.49 0.97
CA GLU A 186 -30.56 42.57 0.79
C GLU A 186 -29.40 42.81 1.76
N ASN A 187 -29.23 44.08 2.17
CA ASN A 187 -28.16 44.47 3.11
C ASN A 187 -28.41 44.01 4.54
N LYS A 188 -29.56 43.37 4.78
CA LYS A 188 -29.82 42.68 6.04
C LYS A 188 -30.29 41.24 5.87
N SER A 189 -29.83 40.56 4.82
CA SER A 189 -30.22 39.17 4.59
C SER A 189 -29.77 38.20 5.68
N PHE A 190 -28.67 38.54 6.36
CA PHE A 190 -28.20 37.75 7.48
C PHE A 190 -29.23 37.59 8.57
N LEU A 191 -30.12 38.57 8.76
CA LEU A 191 -31.16 38.43 9.77
C LEU A 191 -32.08 37.23 9.55
N TYR A 192 -32.24 36.84 8.28
CA TYR A 192 -33.04 35.65 7.94
C TYR A 192 -32.38 34.31 8.24
N GLU A 193 -31.07 34.32 8.51
CA GLU A 193 -30.32 33.10 8.85
C GLU A 193 -30.20 32.85 10.37
N ILE A 194 -30.99 33.55 11.21
CA ILE A 194 -30.88 33.41 12.65
C ILE A 194 -31.85 32.41 13.25
N VAL A 195 -33.14 32.62 13.05
CA VAL A 195 -34.16 31.75 13.66
C VAL A 195 -34.38 30.46 12.87
N SER A 196 -34.40 30.55 11.55
CA SER A 196 -34.61 29.39 10.70
C SER A 196 -33.84 29.55 9.39
N ASN A 197 -32.69 28.87 9.34
CA ASN A 197 -31.67 29.07 8.31
C ASN A 197 -31.95 28.16 7.12
N LYS A 198 -32.55 28.72 6.07
CA LYS A 198 -32.88 27.94 4.88
C LYS A 198 -31.64 27.50 4.09
N ARG A 199 -30.53 28.22 4.23
CA ARG A 199 -29.35 27.99 3.42
C ARG A 199 -28.62 26.70 3.80
N ASN A 200 -28.37 26.54 5.09
CA ASN A 200 -27.58 25.42 5.61
C ASN A 200 -28.12 24.74 6.89
N GLY A 201 -29.03 25.40 7.61
CA GLY A 201 -29.65 24.78 8.76
C GLY A 201 -29.04 25.18 10.08
N ILE A 202 -27.95 25.93 10.08
CA ILE A 202 -27.33 26.38 11.32
C ILE A 202 -28.12 27.56 11.85
N ASP A 203 -29.01 27.29 12.80
CA ASP A 203 -29.91 28.29 13.37
C ASP A 203 -30.01 28.13 14.90
N VAL A 204 -30.54 29.14 15.57
CA VAL A 204 -30.60 29.12 17.03
C VAL A 204 -31.68 28.17 17.57
N ASP A 205 -32.63 27.77 16.75
CA ASP A 205 -33.61 26.76 17.11
C ASP A 205 -32.89 25.50 17.48
N LYS A 206 -31.97 25.03 16.63
CA LYS A 206 -31.17 23.83 16.91
C LYS A 206 -30.40 23.99 18.22
N TRP A 207 -29.80 25.15 18.40
CA TRP A 207 -28.92 25.35 19.53
C TRP A 207 -29.64 25.24 20.85
N ASP A 208 -30.88 25.71 20.90
CA ASP A 208 -31.66 25.59 22.12
C ASP A 208 -32.06 24.15 22.35
N TYR A 209 -32.58 23.48 21.33
CA TYR A 209 -33.09 22.14 21.55
C TYR A 209 -31.99 21.12 21.84
N PHE A 210 -30.81 21.30 21.25
CA PHE A 210 -29.68 20.44 21.59
C PHE A 210 -29.45 20.48 23.08
N ALA A 211 -29.30 21.67 23.61
CA ALA A 211 -28.99 21.87 25.01
C ALA A 211 -30.13 21.44 25.91
N ARG A 212 -31.35 21.80 25.52
CA ARG A 212 -32.52 21.54 26.34
C ARG A 212 -32.93 20.09 26.33
N ASP A 213 -32.99 19.48 25.16
CA ASP A 213 -33.39 18.08 25.06
C ASP A 213 -32.36 17.25 25.79
N CYS A 214 -31.08 17.51 25.58
CA CYS A 214 -30.05 16.83 26.36
C CYS A 214 -30.26 16.94 27.89
N HIS A 215 -30.57 18.13 28.37
CA HIS A 215 -30.73 18.38 29.81
C HIS A 215 -31.76 17.44 30.41
N HIS A 216 -32.90 17.36 29.73
CA HIS A 216 -34.04 16.57 30.17
C HIS A 216 -33.91 15.09 29.77
N LEU A 217 -33.25 14.78 28.65
CA LEU A 217 -33.16 13.38 28.20
C LEU A 217 -32.24 12.55 29.04
N GLY A 218 -31.17 13.13 29.57
CA GLY A 218 -30.10 12.36 30.24
C GLY A 218 -28.97 11.95 29.31
N ILE A 219 -28.68 12.84 28.36
CA ILE A 219 -27.60 12.73 27.42
C ILE A 219 -26.82 14.07 27.48
N GLN A 220 -25.49 14.07 27.59
CA GLN A 220 -24.71 15.33 27.48
C GLN A 220 -24.55 15.65 25.95
N ASN A 221 -24.49 16.96 25.72
CA ASN A 221 -24.56 17.58 24.41
C ASN A 221 -23.13 17.86 23.93
N ASN A 222 -22.78 17.48 22.71
CA ASN A 222 -21.41 17.70 22.27
C ASN A 222 -21.04 19.13 21.75
N PHE A 223 -22.02 20.03 21.64
CA PHE A 223 -21.89 21.25 20.81
C PHE A 223 -21.97 22.58 21.56
N ASP A 224 -21.08 23.51 21.24
CA ASP A 224 -20.95 24.80 21.96
C ASP A 224 -21.45 25.96 21.10
N TYR A 225 -22.71 26.35 21.30
CA TYR A 225 -23.29 27.49 20.56
C TYR A 225 -22.58 28.79 20.88
N LYS A 226 -22.20 28.96 22.13
CA LYS A 226 -21.56 30.20 22.56
C LYS A 226 -20.28 30.47 21.81
N ARG A 227 -19.53 29.42 21.53
CA ARG A 227 -18.30 29.52 20.80
C ARG A 227 -18.55 29.89 19.35
N PHE A 228 -19.60 29.32 18.77
CA PHE A 228 -19.97 29.66 17.39
C PHE A 228 -20.29 31.15 17.26
N ILE A 229 -21.05 31.68 18.21
CA ILE A 229 -21.36 33.10 18.27
C ILE A 229 -20.10 33.95 18.35
N LYS A 230 -19.10 33.55 19.14
CA LYS A 230 -17.86 34.33 19.19
C LYS A 230 -17.09 34.32 17.91
N PHE A 231 -17.22 33.26 17.11
CA PHE A 231 -16.54 33.18 15.81
C PHE A 231 -17.50 33.34 14.65
N ALA A 232 -18.56 34.10 14.82
CA ALA A 232 -19.49 34.36 13.74
C ALA A 232 -19.26 35.76 13.26
N ARG A 233 -19.59 36.01 12.02
CA ARG A 233 -19.25 37.26 11.35
C ARG A 233 -20.04 37.39 10.06
N VAL A 234 -20.36 38.61 9.66
CA VAL A 234 -21.11 38.85 8.42
C VAL A 234 -20.15 39.29 7.35
N CYS A 235 -20.23 38.71 6.17
CA CYS A 235 -19.40 39.05 5.02
C CYS A 235 -20.24 39.04 3.78
N GLU A 236 -19.73 39.65 2.72
CA GLU A 236 -20.41 39.66 1.46
C GLU A 236 -20.17 38.36 0.70
N VAL A 237 -21.24 37.67 0.34
CA VAL A 237 -21.19 36.51 -0.55
C VAL A 237 -22.22 36.68 -1.66
N ASP A 238 -21.75 36.82 -2.89
CA ASP A 238 -22.61 36.96 -4.09
C ASP A 238 -23.58 38.10 -3.87
N ASN A 239 -23.04 39.31 -3.65
CA ASN A 239 -23.87 40.55 -3.56
C ASN A 239 -24.93 40.55 -2.44
N GLU A 240 -24.64 39.86 -1.35
CA GLU A 240 -25.62 39.61 -0.30
C GLU A 240 -24.86 39.37 1.00
N LEU A 241 -25.24 40.05 2.09
CA LEU A 241 -24.53 39.91 3.37
C LEU A 241 -25.01 38.69 4.19
N ARG A 242 -24.15 37.68 4.37
CA ARG A 242 -24.50 36.45 5.12
C ARG A 242 -23.61 36.17 6.33
N ILE A 243 -24.13 35.37 7.25
CA ILE A 243 -23.34 34.88 8.39
C ILE A 243 -22.28 33.89 7.93
N CYS A 244 -21.04 34.13 8.33
CA CYS A 244 -19.93 33.23 8.05
C CYS A 244 -19.26 32.77 9.32
N ALA A 245 -18.71 31.57 9.30
CA ALA A 245 -17.97 31.02 10.43
C ALA A 245 -16.50 31.01 10.14
N ARG A 246 -15.69 30.94 11.18
CA ARG A 246 -14.25 30.96 10.98
C ARG A 246 -13.76 29.66 10.38
N ASP A 247 -12.77 29.76 9.51
CA ASP A 247 -12.23 28.59 8.82
C ASP A 247 -11.98 27.41 9.76
N LYS A 248 -11.23 27.62 10.84
CA LYS A 248 -10.85 26.52 11.72
C LYS A 248 -12.09 25.85 12.39
N GLU A 249 -13.21 26.56 12.54
CA GLU A 249 -14.43 25.97 13.13
C GLU A 249 -15.19 24.97 12.26
N VAL A 250 -14.74 24.74 11.03
CA VAL A 250 -15.44 23.83 10.11
C VAL A 250 -15.64 22.47 10.76
N GLY A 251 -14.63 21.99 11.47
CA GLY A 251 -14.74 20.73 12.21
C GLY A 251 -15.94 20.67 13.16
N ASN A 252 -16.07 21.71 13.97
CA ASN A 252 -17.19 21.85 14.91
C ASN A 252 -18.55 21.88 14.26
N LEU A 253 -18.63 22.35 13.03
CA LEU A 253 -19.89 22.37 12.29
C LEU A 253 -20.28 20.99 11.78
N TYR A 254 -19.33 20.20 11.26
CA TYR A 254 -19.63 18.81 10.94
C TYR A 254 -20.08 18.08 12.21
N ASP A 255 -19.48 18.41 13.35
CA ASP A 255 -19.84 17.82 14.64
C ASP A 255 -21.23 18.28 15.13
N MET A 256 -21.68 19.44 14.70
CA MET A 256 -23.03 19.90 15.05
C MET A 256 -24.05 18.99 14.42
N PHE A 257 -23.89 18.70 13.13
CA PHE A 257 -24.86 17.88 12.45
C PHE A 257 -24.75 16.41 12.86
N HIS A 258 -23.55 15.98 13.25
CA HIS A 258 -23.38 14.65 13.82
C HIS A 258 -24.15 14.56 15.14
N THR A 259 -24.00 15.56 15.99
CA THR A 259 -24.75 15.65 17.24
C THR A 259 -26.25 15.53 16.97
N ARG A 260 -26.72 16.23 15.96
CA ARG A 260 -28.13 16.19 15.63
C ARG A 260 -28.58 14.79 15.27
N ASN A 261 -27.89 14.16 14.31
CA ASN A 261 -28.22 12.81 13.87
C ASN A 261 -28.13 11.85 15.05
N SER A 262 -27.13 12.03 15.90
CA SER A 262 -26.99 11.24 17.12
C SER A 262 -28.20 11.35 18.05
N LEU A 263 -28.71 12.55 18.26
CA LEU A 263 -29.92 12.71 19.07
C LEU A 263 -31.16 12.11 18.41
N HIS A 264 -31.20 12.07 17.09
CA HIS A 264 -32.30 11.41 16.39
C HIS A 264 -32.23 9.93 16.60
N ARG A 265 -31.04 9.35 16.51
CA ARG A 265 -30.90 7.93 16.70
C ARG A 265 -31.18 7.49 18.09
N ARG A 266 -30.71 8.23 19.06
CA ARG A 266 -30.83 7.80 20.43
C ARG A 266 -32.19 8.02 21.00
N ALA A 267 -32.79 9.19 20.70
CA ALA A 267 -33.98 9.64 21.40
C ALA A 267 -35.15 9.88 20.48
N TYR A 268 -35.03 10.83 19.57
CA TYR A 268 -36.21 11.31 18.84
C TYR A 268 -36.90 10.23 17.99
N GLN A 269 -36.10 9.33 17.39
CA GLN A 269 -36.57 8.20 16.61
C GLN A 269 -36.45 6.86 17.35
N HIS A 270 -36.41 6.88 18.68
CA HIS A 270 -36.30 5.66 19.47
C HIS A 270 -37.40 4.68 19.13
N LYS A 271 -37.05 3.43 18.94
CA LYS A 271 -37.99 2.44 18.38
C LYS A 271 -39.34 2.32 19.12
N VAL A 272 -39.30 2.45 20.44
CA VAL A 272 -40.52 2.43 21.25
C VAL A 272 -41.18 3.81 21.33
N GLY A 273 -40.39 4.87 21.34
CA GLY A 273 -40.96 6.21 21.28
C GLY A 273 -41.84 6.36 20.06
N ASN A 274 -41.32 5.93 18.93
CA ASN A 274 -42.05 5.98 17.69
C ASN A 274 -43.28 5.07 17.66
N ILE A 275 -43.23 3.91 18.31
CA ILE A 275 -44.41 3.05 18.31
C ILE A 275 -45.49 3.65 19.22
N ILE A 276 -45.10 4.31 20.28
CA ILE A 276 -46.07 5.03 21.10
C ILE A 276 -46.69 6.18 20.31
N ASP A 277 -45.88 6.90 19.55
CA ASP A 277 -46.39 7.92 18.64
C ASP A 277 -47.40 7.31 17.67
N THR A 278 -47.07 6.20 17.00
CA THR A 278 -48.02 5.62 16.03
C THR A 278 -49.31 5.19 16.72
N MET A 279 -49.22 4.72 17.97
CA MET A 279 -50.40 4.29 18.73
C MET A 279 -51.29 5.43 19.16
N ILE A 280 -50.69 6.52 19.60
CA ILE A 280 -51.46 7.72 19.92
C ILE A 280 -52.15 8.24 18.65
N THR A 281 -51.39 8.33 17.56
CA THR A 281 -51.93 8.76 16.27
C THR A 281 -53.10 7.88 15.87
N ASP A 282 -52.94 6.59 16.05
CA ASP A 282 -53.99 5.62 15.78
C ASP A 282 -55.27 5.92 16.57
N ALA A 283 -55.09 6.22 17.85
CA ALA A 283 -56.20 6.55 18.75
C ALA A 283 -56.86 7.84 18.36
N PHE A 284 -56.08 8.85 17.96
CA PHE A 284 -56.67 10.10 17.48
C PHE A 284 -57.52 9.83 16.26
N LEU A 285 -57.00 9.07 15.30
CA LEU A 285 -57.75 8.73 14.10
C LEU A 285 -59.10 8.11 14.43
N LYS A 286 -59.15 7.20 15.40
CA LYS A 286 -60.41 6.54 15.80
C LYS A 286 -61.36 7.43 16.58
N ALA A 287 -60.81 8.43 17.26
CA ALA A 287 -61.62 9.41 17.97
C ALA A 287 -61.96 10.65 17.15
N ASP A 288 -61.46 10.76 15.92
CA ASP A 288 -61.53 12.04 15.18
C ASP A 288 -62.94 12.46 14.90
N ASP A 289 -63.73 11.51 14.44
CA ASP A 289 -65.16 11.67 14.14
C ASP A 289 -65.99 12.17 15.32
N TYR A 290 -65.63 11.81 16.55
CA TYR A 290 -66.51 12.03 17.70
C TYR A 290 -66.07 13.13 18.68
N ILE A 291 -64.93 13.77 18.50
CA ILE A 291 -64.52 14.83 19.44
C ILE A 291 -64.71 16.18 18.78
N GLU A 292 -65.48 17.04 19.48
CA GLU A 292 -65.74 18.41 19.03
C GLU A 292 -64.88 19.44 19.75
N ILE A 293 -64.44 20.46 19.01
CA ILE A 293 -63.67 21.59 19.56
C ILE A 293 -64.28 22.89 19.03
N THR A 294 -64.66 23.78 19.93
CA THR A 294 -65.36 25.00 19.56
C THR A 294 -64.38 26.02 19.04
N GLY A 295 -64.69 26.58 17.88
CA GLY A 295 -63.87 27.60 17.26
C GLY A 295 -64.57 28.92 17.10
N ALA A 296 -64.21 29.62 16.04
CA ALA A 296 -64.67 30.99 15.79
C ALA A 296 -66.13 30.96 15.43
N GLY A 297 -66.88 31.85 16.08
CA GLY A 297 -68.33 31.94 15.90
C GLY A 297 -69.07 30.74 16.45
N GLY A 298 -68.44 29.94 17.31
CA GLY A 298 -69.05 28.71 17.80
C GLY A 298 -69.12 27.53 16.84
N LYS A 299 -68.56 27.61 15.61
CA LYS A 299 -68.54 26.44 14.69
C LYS A 299 -67.78 25.29 15.38
N LYS A 300 -68.26 24.03 15.22
CA LYS A 300 -67.58 22.88 15.80
C LYS A 300 -66.56 22.28 14.82
N TYR A 301 -65.35 22.06 15.34
CA TYR A 301 -64.26 21.49 14.55
C TYR A 301 -63.83 20.14 15.15
N ARG A 302 -63.37 19.25 14.27
CA ARG A 302 -62.80 17.96 14.67
C ARG A 302 -61.27 18.15 14.84
N ILE A 303 -60.60 17.15 15.40
CA ILE A 303 -59.16 17.25 15.65
C ILE A 303 -58.39 17.54 14.35
N SER A 304 -58.73 16.82 13.28
CA SER A 304 -58.09 17.02 11.98
C SER A 304 -58.42 18.33 11.29
N THR A 305 -59.55 18.97 11.64
CA THR A 305 -59.96 20.23 11.02
C THR A 305 -59.70 21.49 11.88
N ALA A 306 -59.23 21.32 13.12
CA ALA A 306 -58.91 22.45 13.94
C ALA A 306 -57.80 23.32 13.34
N ILE A 307 -56.94 22.72 12.52
CA ILE A 307 -55.93 23.49 11.80
C ILE A 307 -56.48 24.55 10.84
N ASP A 308 -57.73 24.39 10.40
CA ASP A 308 -58.37 25.36 9.53
C ASP A 308 -58.88 26.62 10.25
N ASP A 309 -59.04 26.57 11.57
CA ASP A 309 -59.48 27.73 12.35
C ASP A 309 -58.65 27.90 13.64
N MET A 310 -57.91 29.01 13.72
CA MET A 310 -56.94 29.20 14.78
C MET A 310 -57.51 29.37 16.19
N GLU A 311 -58.76 29.80 16.28
CA GLU A 311 -59.38 29.90 17.58
C GLU A 311 -59.66 28.53 18.17
N ALA A 312 -60.00 27.59 17.30
CA ALA A 312 -60.16 26.19 17.65
C ALA A 312 -58.83 25.56 17.97
N TYR A 313 -57.85 25.76 17.09
CA TYR A 313 -56.51 25.19 17.25
C TYR A 313 -55.85 25.61 18.55
N THR A 314 -56.17 26.81 19.03
CA THR A 314 -55.70 27.28 20.34
C THR A 314 -56.04 26.31 21.50
N LYS A 315 -57.19 25.66 21.39
CA LYS A 315 -57.67 24.74 22.42
C LYS A 315 -57.21 23.29 22.19
N LEU A 316 -56.46 23.03 21.11
CA LEU A 316 -56.03 21.68 20.76
C LEU A 316 -54.60 21.42 21.14
N THR A 317 -54.42 20.66 22.22
CA THR A 317 -53.11 20.40 22.81
C THR A 317 -53.00 18.94 23.20
N ASP A 318 -51.96 18.57 23.96
CA ASP A 318 -51.81 17.21 24.51
C ASP A 318 -52.96 16.77 25.40
N ASN A 319 -53.75 17.72 25.92
CA ASN A 319 -55.00 17.45 26.58
C ASN A 319 -55.80 16.35 25.92
N ILE A 320 -55.84 16.40 24.59
CA ILE A 320 -56.71 15.55 23.80
C ILE A 320 -56.49 14.06 24.17
N PHE A 321 -55.23 13.71 24.43
CA PHE A 321 -54.86 12.37 24.89
C PHE A 321 -55.69 11.99 26.11
N LEU A 322 -55.63 12.83 27.15
CA LEU A 322 -56.34 12.56 28.39
C LEU A 322 -57.86 12.67 28.26
N GLU A 323 -58.34 13.55 27.38
CA GLU A 323 -59.78 13.68 27.15
C GLU A 323 -60.31 12.36 26.60
N ILE A 324 -59.58 11.78 25.65
CA ILE A 324 -59.89 10.44 25.11
C ILE A 324 -59.80 9.39 26.18
N LEU A 325 -58.71 9.39 26.95
CA LEU A 325 -58.48 8.38 27.99
C LEU A 325 -59.53 8.35 29.08
N TYR A 326 -59.95 9.53 29.53
CA TYR A 326 -60.91 9.64 30.62
C TYR A 326 -62.37 9.53 30.17
N SER A 327 -62.63 9.57 28.87
CA SER A 327 -64.00 9.63 28.37
C SER A 327 -64.81 8.40 28.66
N THR A 328 -66.12 8.57 28.64
CA THR A 328 -67.09 7.47 28.82
C THR A 328 -68.02 7.20 27.62
N ASP A 329 -67.99 8.07 26.62
CA ASP A 329 -68.85 7.89 25.43
C ASP A 329 -68.50 6.55 24.75
N PRO A 330 -69.50 5.67 24.54
CA PRO A 330 -69.23 4.42 23.80
C PRO A 330 -68.67 4.61 22.37
N LYS A 331 -68.89 5.76 21.74
CA LYS A 331 -68.32 6.05 20.41
C LYS A 331 -66.80 6.16 20.46
N LEU A 332 -66.24 6.57 21.60
CA LEU A 332 -64.79 6.65 21.79
C LEU A 332 -64.12 5.39 22.33
N LYS A 333 -64.88 4.33 22.60
CA LYS A 333 -64.34 3.09 23.23
C LYS A 333 -63.16 2.51 22.47
N ASP A 334 -63.24 2.49 21.12
CA ASP A 334 -62.11 2.03 20.30
C ASP A 334 -60.84 2.83 20.50
N ALA A 335 -60.97 4.15 20.50
CA ALA A 335 -59.82 5.03 20.70
C ALA A 335 -59.28 4.94 22.13
N ARG A 336 -60.19 4.96 23.10
CA ARG A 336 -59.81 4.84 24.50
C ARG A 336 -59.09 3.53 24.82
N GLU A 337 -59.44 2.44 24.14
CA GLU A 337 -58.80 1.15 24.38
C GLU A 337 -57.35 1.13 23.96
N ILE A 338 -57.02 1.83 22.89
CA ILE A 338 -55.65 1.93 22.43
C ILE A 338 -54.83 2.65 23.49
N LEU A 339 -55.30 3.81 23.91
CA LEU A 339 -54.59 4.58 24.93
C LEU A 339 -54.45 3.81 26.23
N LYS A 340 -55.47 3.01 26.59
CA LYS A 340 -55.36 2.17 27.78
C LYS A 340 -54.28 1.09 27.61
N GLN A 341 -54.10 0.55 26.39
CA GLN A 341 -53.02 -0.39 26.13
C GLN A 341 -51.63 0.23 26.27
N ILE A 342 -51.52 1.53 26.09
CA ILE A 342 -50.26 2.24 26.35
C ILE A 342 -49.96 2.37 27.84
N GLU A 343 -51.01 2.51 28.67
CA GLU A 343 -50.83 2.56 30.14
C GLU A 343 -50.26 1.23 30.62
N TYR A 344 -50.94 0.15 30.24
CA TYR A 344 -50.55 -1.21 30.61
C TYR A 344 -49.29 -1.70 29.88
N ARG A 345 -48.83 -0.98 28.86
CA ARG A 345 -47.59 -1.29 28.16
C ARG A 345 -47.72 -2.52 27.24
N ASN A 346 -48.92 -2.76 26.71
CA ASN A 346 -49.15 -3.74 25.65
C ASN A 346 -48.97 -3.06 24.33
N LEU A 347 -47.71 -2.77 24.04
CA LEU A 347 -47.33 -2.05 22.86
C LEU A 347 -47.15 -3.05 21.75
N PHE A 348 -47.30 -2.55 20.53
CA PHE A 348 -46.98 -3.33 19.34
C PHE A 348 -45.51 -3.74 19.45
N LYS A 349 -45.19 -4.95 19.02
CA LYS A 349 -43.87 -5.53 19.26
C LYS A 349 -42.88 -5.23 18.14
N TYR A 350 -41.66 -4.90 18.50
CA TYR A 350 -40.61 -4.57 17.55
C TYR A 350 -40.06 -5.87 17.02
N VAL A 351 -39.97 -5.97 15.69
CA VAL A 351 -39.45 -7.18 15.07
C VAL A 351 -37.98 -6.99 14.67
N GLY A 352 -37.67 -5.87 14.04
CA GLY A 352 -36.29 -5.57 13.63
C GLY A 352 -36.14 -4.33 12.79
N GLU A 353 -34.89 -4.03 12.46
CA GLU A 353 -34.53 -2.83 11.74
C GLU A 353 -33.71 -3.23 10.54
N THR A 354 -33.81 -2.47 9.46
CA THR A 354 -33.01 -2.70 8.26
C THR A 354 -32.90 -1.43 7.42
N GLN A 355 -31.99 -1.46 6.45
CA GLN A 355 -31.72 -0.34 5.55
C GLN A 355 -31.66 -0.83 4.13
N PRO A 356 -31.95 0.05 3.15
CA PRO A 356 -31.63 -0.28 1.76
C PRO A 356 -30.13 -0.31 1.48
N THR A 357 -29.73 -0.93 0.38
CA THR A 357 -28.32 -0.98 -0.02
C THR A 357 -28.15 -0.28 -1.35
N GLY A 358 -26.90 -0.04 -1.71
CA GLY A 358 -26.54 0.75 -2.90
C GLY A 358 -26.96 2.21 -2.74
N GLN A 359 -27.65 2.74 -3.75
CA GLN A 359 -28.29 4.06 -3.66
C GLN A 359 -29.79 3.89 -4.07
N ILE A 360 -30.52 3.01 -3.35
CA ILE A 360 -31.98 2.82 -3.55
C ILE A 360 -32.73 3.63 -2.46
N LYS A 361 -33.36 4.77 -2.81
CA LYS A 361 -34.29 5.45 -1.86
C LYS A 361 -35.66 4.76 -2.02
N ILE A 362 -36.40 4.66 -0.91
CA ILE A 362 -37.78 4.20 -0.92
C ILE A 362 -38.72 5.41 -0.99
N LYS A 363 -39.46 5.54 -2.11
CA LYS A 363 -40.32 6.72 -2.34
C LYS A 363 -41.48 6.78 -1.30
N ARG A 364 -41.85 7.98 -0.84
CA ARG A 364 -42.88 8.17 0.22
C ARG A 364 -44.29 7.65 -0.22
N GLU A 365 -44.60 7.81 -1.51
CA GLU A 365 -45.71 7.08 -2.18
C GLU A 365 -45.82 5.56 -1.87
N ASP A 366 -44.70 4.85 -1.75
CA ASP A 366 -44.69 3.38 -1.51
C ASP A 366 -44.85 2.91 -0.06
N TYR A 367 -44.87 3.83 0.91
CA TYR A 367 -44.98 3.48 2.35
C TYR A 367 -46.24 2.66 2.66
N GLU A 368 -47.40 3.08 2.12
CA GLU A 368 -48.69 2.35 2.29
C GLU A 368 -48.54 0.87 1.89
N SER A 369 -47.77 0.59 0.82
CA SER A 369 -47.62 -0.78 0.26
C SER A 369 -46.72 -1.79 1.00
N LEU A 370 -45.88 -1.32 1.92
CA LEU A 370 -44.81 -2.17 2.51
C LEU A 370 -45.29 -3.27 3.48
N PRO A 371 -46.31 -3.00 4.31
CA PRO A 371 -46.87 -4.11 5.10
C PRO A 371 -47.38 -5.28 4.25
N LYS A 372 -48.06 -4.98 3.12
CA LYS A 372 -48.49 -5.99 2.14
C LYS A 372 -47.30 -6.85 1.74
N GLU A 373 -46.17 -6.21 1.47
CA GLU A 373 -44.95 -6.93 1.03
C GLU A 373 -44.37 -7.88 2.05
N VAL A 374 -44.38 -7.49 3.33
CA VAL A 374 -43.79 -8.31 4.39
C VAL A 374 -44.58 -9.61 4.54
N ALA A 375 -45.91 -9.50 4.63
CA ALA A 375 -46.78 -10.68 4.70
C ALA A 375 -46.72 -11.58 3.46
N SER A 376 -46.45 -10.97 2.31
CA SER A 376 -46.32 -11.70 1.06
C SER A 376 -45.10 -12.59 0.98
N ALA A 377 -44.04 -12.27 1.72
CA ALA A 377 -42.81 -13.05 1.67
C ALA A 377 -43.07 -14.52 1.99
N LYS A 378 -42.42 -15.38 1.19
CA LYS A 378 -42.65 -16.80 1.25
C LYS A 378 -41.31 -17.38 1.74
N PRO A 379 -41.10 -17.49 3.10
CA PRO A 379 -39.91 -18.11 3.64
C PRO A 379 -39.84 -19.61 3.41
N LYS A 380 -38.71 -20.16 2.93
CA LYS A 380 -38.59 -21.54 2.55
C LYS A 380 -38.73 -22.64 3.58
N VAL A 381 -39.47 -22.39 4.70
CA VAL A 381 -40.11 -23.47 5.54
C VAL A 381 -41.62 -22.96 5.63
N LEU A 382 -42.52 -23.96 5.64
CA LEU A 382 -43.92 -23.69 5.70
C LEU A 382 -44.35 -23.17 7.05
N LEU A 383 -45.13 -22.06 7.07
CA LEU A 383 -45.54 -21.48 8.34
C LEU A 383 -46.90 -21.82 8.94
N ASP A 384 -46.81 -22.35 10.13
CA ASP A 384 -47.85 -22.75 11.03
C ASP A 384 -48.93 -21.71 11.36
N VAL A 385 -48.40 -20.48 11.69
CA VAL A 385 -49.25 -19.30 11.71
C VAL A 385 -48.99 -18.36 10.49
N LYS A 386 -50.03 -18.22 9.63
CA LYS A 386 -50.07 -17.19 8.61
C LYS A 386 -50.40 -15.84 9.28
N LEU A 387 -49.74 -14.73 8.82
CA LEU A 387 -50.10 -13.36 9.29
C LEU A 387 -50.57 -12.49 8.12
N LYS A 388 -51.66 -11.76 8.27
CA LYS A 388 -52.15 -10.84 7.21
C LYS A 388 -51.39 -9.49 7.27
N ALA A 389 -51.46 -8.72 6.20
CA ALA A 389 -50.71 -7.45 6.06
C ALA A 389 -51.04 -6.40 7.09
N GLU A 390 -52.30 -6.31 7.47
CA GLU A 390 -52.77 -5.36 8.51
C GLU A 390 -52.17 -5.65 9.90
N ASP A 391 -51.53 -6.82 10.08
CA ASP A 391 -50.84 -7.17 11.33
C ASP A 391 -49.45 -6.52 11.47
N PHE A 392 -48.88 -6.08 10.34
CA PHE A 392 -47.56 -5.46 10.31
C PHE A 392 -47.64 -3.93 10.24
N ILE A 393 -46.71 -3.27 10.92
CA ILE A 393 -46.43 -1.84 10.75
C ILE A 393 -45.02 -1.71 10.22
N VAL A 394 -44.87 -1.00 9.11
CA VAL A 394 -43.55 -0.66 8.60
C VAL A 394 -43.43 0.85 8.69
N ASP A 395 -42.34 1.31 9.27
CA ASP A 395 -42.13 2.70 9.58
C ASP A 395 -40.82 3.05 8.88
N VAL A 396 -40.86 3.98 7.94
CA VAL A 396 -39.66 4.36 7.21
C VAL A 396 -39.23 5.74 7.69
N ILE A 397 -37.96 5.88 8.07
CA ILE A 397 -37.46 7.07 8.74
C ILE A 397 -36.26 7.57 7.99
N ASN A 398 -36.28 8.86 7.63
CA ASN A 398 -35.16 9.44 6.92
C ASN A 398 -34.25 10.09 7.91
N MET A 399 -32.97 9.74 7.87
CA MET A 399 -31.95 10.36 8.70
C MET A 399 -31.02 11.11 7.76
N ASP A 400 -30.83 12.41 8.02
CA ASP A 400 -29.99 13.23 7.12
C ASP A 400 -29.27 14.33 7.90
N TYR A 401 -28.57 15.20 7.17
CA TYR A 401 -27.96 16.39 7.73
C TYR A 401 -28.82 17.65 7.43
N GLY A 402 -30.12 17.45 7.34
CA GLY A 402 -31.08 18.55 7.25
C GLY A 402 -31.30 19.07 5.86
N MET A 403 -30.70 18.46 4.84
CA MET A 403 -30.86 18.93 3.48
C MET A 403 -30.84 17.77 2.52
N GLN A 404 -31.71 16.79 2.79
CA GLN A 404 -31.74 15.55 2.01
C GLN A 404 -30.31 15.09 1.77
N GLU A 405 -29.96 14.80 0.50
CA GLU A 405 -28.71 14.16 0.16
C GLU A 405 -27.50 15.06 0.21
N LYS A 406 -27.72 16.36 0.40
CA LYS A 406 -26.64 17.35 0.40
C LYS A 406 -25.93 17.52 1.73
N ASN A 407 -24.65 17.87 1.60
CA ASN A 407 -23.77 18.24 2.70
C ASN A 407 -24.03 19.71 3.01
N PRO A 408 -24.56 20.04 4.19
CA PRO A 408 -24.86 21.42 4.46
C PRO A 408 -23.63 22.28 4.63
N ILE A 409 -22.49 21.69 4.94
CA ILE A 409 -21.26 22.47 5.08
C ILE A 409 -20.79 22.98 3.72
N ASP A 410 -21.15 22.31 2.63
CA ASP A 410 -20.95 22.86 1.29
C ASP A 410 -21.76 24.12 1.06
N HIS A 411 -22.79 24.38 1.87
CA HIS A 411 -23.55 25.65 1.84
C HIS A 411 -23.27 26.61 3.04
N VAL A 412 -22.05 26.56 3.59
CA VAL A 412 -21.61 27.47 4.64
C VAL A 412 -20.49 28.29 4.04
N SER A 413 -20.41 29.54 4.51
CA SER A 413 -19.34 30.43 4.12
C SER A 413 -18.42 30.66 5.31
N PHE A 414 -17.13 30.78 5.01
CA PHE A 414 -16.10 30.85 6.03
C PHE A 414 -15.25 32.09 5.86
N TYR A 415 -14.57 32.53 6.93
CA TYR A 415 -13.55 33.59 6.82
C TYR A 415 -12.25 33.20 7.47
N CYS A 416 -11.13 33.81 7.08
CA CYS A 416 -9.80 33.53 7.64
C CYS A 416 -9.34 34.57 8.58
N LYS A 417 -8.42 34.23 9.47
CA LYS A 417 -7.93 35.21 10.45
C LYS A 417 -7.29 36.41 9.75
N THR A 418 -6.48 36.11 8.74
CA THR A 418 -5.74 37.10 7.99
C THR A 418 -6.58 38.05 7.13
N ALA A 419 -7.84 37.71 6.86
CA ALA A 419 -8.75 38.57 6.08
C ALA A 419 -10.19 38.27 6.46
N PRO A 420 -10.64 38.91 7.55
CA PRO A 420 -11.94 38.59 8.13
C PRO A 420 -13.16 39.12 7.39
N ASN A 421 -12.99 39.90 6.33
CA ASN A 421 -14.13 40.29 5.48
C ASN A 421 -14.28 39.50 4.21
N ARG A 422 -13.29 38.67 3.88
CA ARG A 422 -13.30 37.87 2.67
C ARG A 422 -13.81 36.48 2.95
N ALA A 423 -14.99 36.19 2.38
CA ALA A 423 -15.61 34.89 2.51
C ALA A 423 -14.97 33.89 1.57
N ILE A 424 -15.07 32.61 1.94
CA ILE A 424 -14.51 31.49 1.15
C ILE A 424 -15.37 30.25 1.35
N ARG A 425 -15.02 29.19 0.67
CA ARG A 425 -15.69 27.88 0.81
C ARG A 425 -14.71 26.86 1.28
N ILE A 426 -15.18 25.83 1.95
CA ILE A 426 -14.35 24.71 2.36
C ILE A 426 -15.04 23.41 1.92
N THR A 427 -14.36 22.63 1.08
CA THR A 427 -14.91 21.37 0.56
C THR A 427 -14.76 20.27 1.60
N LYS A 428 -15.24 19.06 1.28
CA LYS A 428 -15.10 17.95 2.23
C LYS A 428 -13.66 17.43 2.30
N ASN A 429 -12.97 17.37 1.14
CA ASN A 429 -11.56 16.96 1.06
C ASN A 429 -10.63 17.76 1.97
N GLN A 430 -10.88 19.08 1.98
CA GLN A 430 -10.12 20.05 2.73
C GLN A 430 -10.21 19.87 4.26
N VAL A 431 -11.14 19.05 4.76
CA VAL A 431 -11.33 18.89 6.21
C VAL A 431 -10.80 17.60 6.83
N SER A 432 -11.29 16.46 6.34
CA SER A 432 -11.00 15.17 6.97
C SER A 432 -11.46 13.97 6.13
N GLN A 433 -10.68 12.91 6.17
CA GLN A 433 -11.03 11.66 5.52
C GLN A 433 -12.06 10.87 6.39
N LEU A 434 -12.21 11.21 7.68
CA LEU A 434 -13.05 10.43 8.57
C LEU A 434 -14.48 10.95 8.67
N LEU A 435 -14.88 11.81 7.75
CA LEU A 435 -16.23 12.35 7.73
C LEU A 435 -17.14 11.38 6.99
N PRO A 436 -18.47 11.58 7.08
CA PRO A 436 -19.40 10.73 6.37
C PRO A 436 -19.23 10.70 4.87
N GLU A 437 -19.53 9.55 4.26
CA GLU A 437 -19.47 9.38 2.80
C GLU A 437 -20.74 9.94 2.14
N LYS A 438 -21.89 9.58 2.70
CA LYS A 438 -23.22 10.08 2.29
C LYS A 438 -23.76 10.93 3.44
N PHE A 439 -24.86 11.64 3.20
CA PHE A 439 -25.48 12.52 4.22
C PHE A 439 -26.97 12.28 4.39
N ALA A 440 -27.44 11.12 3.92
CA ALA A 440 -28.83 10.76 4.02
C ALA A 440 -28.95 9.25 3.90
N GLU A 441 -29.81 8.67 4.72
CA GLU A 441 -30.11 7.27 4.66
C GLU A 441 -31.54 7.05 5.13
N GLN A 442 -32.00 5.82 5.00
CA GLN A 442 -33.28 5.42 5.52
C GLN A 442 -33.14 4.33 6.54
N LEU A 443 -34.04 4.34 7.51
CA LEU A 443 -34.22 3.23 8.45
C LEU A 443 -35.60 2.69 8.29
N ILE A 444 -35.69 1.36 8.24
CA ILE A 444 -36.96 0.69 8.10
C ILE A 444 -37.13 -0.19 9.33
N ARG A 445 -38.06 0.20 10.19
CA ARG A 445 -38.45 -0.60 11.35
C ARG A 445 -39.72 -1.33 11.01
N VAL A 446 -39.81 -2.58 11.46
CA VAL A 446 -41.00 -3.39 11.32
C VAL A 446 -41.47 -3.78 12.72
N TYR A 447 -42.74 -3.54 13.01
CA TYR A 447 -43.33 -3.99 14.26
C TYR A 447 -44.48 -4.94 13.90
N CYS A 448 -44.93 -5.72 14.87
CA CYS A 448 -46.09 -6.63 14.70
C CYS A 448 -47.19 -6.31 15.72
N LYS A 449 -48.41 -6.12 15.24
CA LYS A 449 -49.54 -5.78 16.12
C LYS A 449 -50.01 -6.96 16.99
N LYS A 450 -49.74 -8.21 16.58
CA LYS A 450 -50.06 -9.39 17.39
C LYS A 450 -48.91 -9.71 18.34
N VAL A 451 -49.23 -9.76 19.64
CA VAL A 451 -48.22 -9.76 20.72
C VAL A 451 -47.67 -11.16 21.08
N ASP A 452 -48.52 -12.19 21.01
CA ASP A 452 -48.19 -13.57 21.48
C ASP A 452 -46.90 -14.22 20.94
N ARG A 453 -46.40 -15.22 21.67
CA ARG A 453 -45.14 -15.90 21.36
C ARG A 453 -45.14 -16.48 19.93
N LYS A 454 -46.23 -17.13 19.49
CA LYS A 454 -46.28 -17.80 18.17
C LYS A 454 -46.26 -16.78 17.01
N SER A 455 -47.04 -15.70 17.10
CA SER A 455 -47.08 -14.65 16.05
C SER A 455 -45.78 -13.89 15.88
N LEU A 456 -45.12 -13.63 17.01
CA LEU A 456 -43.88 -12.88 17.01
C LEU A 456 -42.78 -13.67 16.30
N TYR A 457 -42.71 -14.98 16.54
CA TYR A 457 -41.74 -15.82 15.82
C TYR A 457 -42.00 -15.78 14.31
N ALA A 458 -43.26 -15.89 13.92
CA ALA A 458 -43.63 -15.86 12.51
C ALA A 458 -43.26 -14.54 11.89
N ALA A 459 -43.58 -13.46 12.59
CA ALA A 459 -43.29 -12.11 12.12
C ALA A 459 -41.81 -11.93 11.83
N ARG A 460 -40.97 -12.46 12.72
CA ARG A 460 -39.52 -12.45 12.52
C ARG A 460 -39.10 -13.14 11.25
N GLN A 461 -39.70 -14.30 10.97
CA GLN A 461 -39.36 -15.05 9.75
C GLN A 461 -39.80 -14.29 8.50
N TYR A 462 -41.03 -13.80 8.48
CA TYR A 462 -41.49 -12.94 7.39
C TYR A 462 -40.54 -11.77 7.17
N PHE A 463 -40.17 -11.09 8.25
CA PHE A 463 -39.34 -9.90 8.15
C PHE A 463 -37.95 -10.21 7.59
N VAL A 464 -37.26 -11.18 8.17
CA VAL A 464 -35.88 -11.47 7.75
C VAL A 464 -35.85 -11.95 6.30
N GLN A 465 -36.90 -12.63 5.87
CA GLN A 465 -37.04 -13.06 4.48
C GLN A 465 -37.26 -11.87 3.57
N TRP A 466 -38.20 -11.00 3.95
CA TRP A 466 -38.44 -9.75 3.22
C TRP A 466 -37.16 -8.95 2.99
N CYS A 467 -36.28 -8.92 4.00
CA CYS A 467 -34.98 -8.28 3.89
C CYS A 467 -34.14 -8.95 2.80
N ALA A 468 -34.03 -10.26 2.85
CA ALA A 468 -33.33 -11.01 1.81
C ALA A 468 -33.94 -10.79 0.43
N ASP A 469 -35.27 -10.85 0.36
CA ASP A 469 -36.00 -10.66 -0.91
C ASP A 469 -35.72 -9.31 -1.55
N ARG A 470 -35.66 -8.24 -0.77
CA ARG A 470 -35.43 -6.91 -1.36
C ARG A 470 -33.96 -6.43 -1.32
N ASN A 471 -33.05 -7.35 -1.02
CA ASN A 471 -31.62 -7.09 -0.93
C ASN A 471 -31.28 -5.94 0.03
N PHE A 472 -31.95 -5.95 1.18
CA PHE A 472 -31.69 -5.03 2.28
C PHE A 472 -30.59 -5.59 3.18
N THR A 473 -30.10 -4.76 4.09
CA THR A 473 -29.03 -5.16 5.01
C THR A 473 -29.57 -6.22 5.93
N LYS A 474 -28.68 -7.10 6.36
CA LYS A 474 -29.01 -8.15 7.30
C LYS A 474 -29.32 -7.49 8.65
N PRO A 475 -30.49 -7.83 9.25
CA PRO A 475 -30.75 -7.36 10.60
C PRO A 475 -29.64 -7.76 11.56
N GLN A 476 -29.25 -6.85 12.46
CA GLN A 476 -28.15 -7.09 13.42
C GLN A 476 -28.32 -8.41 14.18
N ASP A 477 -29.55 -8.64 14.65
CA ASP A 477 -29.94 -9.86 15.39
C ASP A 477 -30.38 -11.02 14.51
N GLY A 478 -30.13 -10.94 13.21
CA GLY A 478 -30.80 -11.78 12.24
C GLY A 478 -30.48 -13.26 12.37
N ASP A 479 -29.23 -13.56 12.68
CA ASP A 479 -28.80 -14.95 12.86
C ASP A 479 -29.51 -15.65 14.02
N VAL A 480 -29.90 -14.86 15.02
CA VAL A 480 -30.54 -15.39 16.22
C VAL A 480 -32.05 -15.54 16.02
N ILE A 481 -32.71 -14.46 15.59
CA ILE A 481 -34.18 -14.45 15.44
C ILE A 481 -34.71 -15.30 14.30
N ALA A 482 -33.92 -15.47 13.25
CA ALA A 482 -34.31 -16.27 12.09
C ALA A 482 -33.11 -17.07 11.57
N PRO A 483 -32.67 -18.05 12.35
CA PRO A 483 -31.43 -18.79 12.04
C PRO A 483 -31.56 -19.65 10.78
N LEU A 484 -32.77 -20.04 10.44
CA LEU A 484 -33.02 -20.85 9.25
C LEU A 484 -33.06 -20.04 7.94
N ILE A 485 -33.18 -18.71 8.03
CA ILE A 485 -33.31 -17.86 6.85
C ILE A 485 -31.99 -17.20 6.41
N THR A 486 -31.14 -16.82 7.36
CA THR A 486 -29.92 -16.08 7.06
C THR A 486 -28.87 -16.81 6.19
N PRO A 487 -28.77 -18.14 6.28
CA PRO A 487 -27.89 -18.80 5.28
C PRO A 487 -28.40 -18.74 3.82
N GLN A 488 -29.71 -18.66 3.56
CA GLN A 488 -30.25 -18.47 2.19
C GLN A 488 -29.53 -17.35 1.36
N LYS A 489 -29.23 -16.20 1.99
CA LYS A 489 -28.58 -15.08 1.30
C LYS A 489 -27.04 -15.23 1.25
N LYS A 490 -26.48 -15.47 0.05
CA LYS A 490 -25.02 -15.52 -0.20
C LYS A 490 -24.32 -14.18 0.23
N GLU A 491 -24.95 -13.05 -0.09
CA GLU A 491 -24.44 -11.69 0.25
C GLU A 491 -24.18 -11.47 1.76
N TRP A 492 -24.82 -12.26 2.64
CA TRP A 492 -24.68 -12.15 4.11
C TRP A 492 -23.61 -13.06 4.75
N ASN A 493 -22.80 -13.79 3.94
CA ASN A 493 -21.82 -14.80 4.42
C ASN A 493 -20.41 -14.65 3.81
N THR B 8 -37.62 -9.40 31.51
CA THR B 8 -37.11 -9.27 33.00
C THR B 8 -36.58 -7.92 33.45
N MET B 9 -35.43 -7.76 34.14
CA MET B 9 -34.89 -6.48 34.60
C MET B 9 -34.93 -5.47 33.48
N LYS B 10 -35.16 -4.23 33.83
CA LYS B 10 -35.42 -3.22 32.82
C LYS B 10 -34.63 -1.98 33.20
N VAL B 11 -33.93 -1.40 32.21
CA VAL B 11 -33.07 -0.26 32.45
C VAL B 11 -33.84 0.93 31.97
N ILE B 12 -33.72 2.02 32.72
CA ILE B 12 -34.42 3.24 32.43
C ILE B 12 -33.54 4.45 32.75
N ASN B 13 -33.52 5.44 31.85
CA ASN B 13 -32.58 6.57 31.92
C ASN B 13 -33.23 7.85 32.48
N ASP B 14 -32.91 8.09 33.73
CA ASP B 14 -33.36 9.26 34.47
C ASP B 14 -32.24 10.30 34.38
N PRO B 15 -32.58 11.58 34.14
CA PRO B 15 -31.53 12.58 34.07
C PRO B 15 -30.85 12.88 35.39
N ILE B 16 -31.52 12.63 36.51
CA ILE B 16 -30.92 12.86 37.81
C ILE B 16 -30.04 11.70 38.18
N HIS B 17 -30.55 10.47 38.11
CA HIS B 17 -29.86 9.32 38.67
C HIS B 17 -29.10 8.47 37.66
N GLY B 18 -29.34 8.70 36.39
CA GLY B 18 -28.67 7.95 35.34
C GLY B 18 -29.45 6.71 34.98
N HIS B 19 -28.76 5.68 34.52
CA HIS B 19 -29.42 4.44 34.16
C HIS B 19 -29.68 3.62 35.40
N ILE B 20 -30.94 3.35 35.69
CA ILE B 20 -31.31 2.61 36.89
C ILE B 20 -32.01 1.34 36.46
N GLU B 21 -31.86 0.28 37.26
CA GLU B 21 -32.54 -0.97 37.01
C GLU B 21 -33.84 -1.08 37.78
N LEU B 22 -34.86 -1.59 37.12
CA LEU B 22 -36.13 -1.85 37.72
C LEU B 22 -36.39 -3.34 37.68
N HIS B 23 -36.46 -3.94 38.85
CA HIS B 23 -36.86 -5.35 39.01
C HIS B 23 -38.27 -5.57 38.41
N PRO B 24 -38.50 -6.72 37.79
CA PRO B 24 -39.76 -6.98 37.08
C PRO B 24 -41.02 -6.68 37.87
N LEU B 25 -41.01 -7.04 39.15
CA LEU B 25 -42.11 -6.71 40.05
C LEU B 25 -42.39 -5.22 40.07
N LEU B 26 -41.35 -4.40 40.09
CA LEU B 26 -41.51 -2.95 40.07
C LEU B 26 -42.09 -2.49 38.75
N VAL B 27 -41.57 -3.03 37.64
CA VAL B 27 -42.08 -2.70 36.32
C VAL B 27 -43.58 -2.96 36.26
N ARG B 28 -43.99 -4.06 36.87
CA ARG B 28 -45.37 -4.49 36.83
C ARG B 28 -46.30 -3.55 37.59
N ILE B 29 -45.80 -3.01 38.69
CA ILE B 29 -46.49 -2.00 39.48
C ILE B 29 -46.54 -0.68 38.72
N ILE B 30 -45.40 -0.32 38.12
CA ILE B 30 -45.28 0.92 37.33
C ILE B 30 -46.26 0.95 36.16
N ASP B 31 -46.41 -0.15 35.45
CA ASP B 31 -47.27 -0.20 34.25
C ASP B 31 -48.75 -0.50 34.58
N THR B 32 -49.33 0.43 35.32
CA THR B 32 -50.71 0.35 35.78
C THR B 32 -51.31 1.75 35.72
N PRO B 33 -52.61 1.88 35.46
CA PRO B 33 -53.21 3.20 35.41
C PRO B 33 -52.99 4.03 36.65
N GLN B 34 -52.90 3.40 37.81
CA GLN B 34 -52.84 4.11 39.09
C GLN B 34 -51.50 4.81 39.29
N PHE B 35 -50.46 4.20 38.72
CA PHE B 35 -49.12 4.74 38.78
C PHE B 35 -48.85 5.67 37.62
N GLN B 36 -49.22 5.29 36.40
CA GLN B 36 -48.98 6.14 35.23
C GLN B 36 -49.73 7.45 35.33
N ARG B 37 -50.81 7.45 36.09
CA ARG B 37 -51.51 8.68 36.48
C ARG B 37 -50.58 9.79 36.92
N LEU B 38 -49.49 9.45 37.60
CA LEU B 38 -48.56 10.47 38.08
C LEU B 38 -47.79 11.20 36.98
N ARG B 39 -47.82 10.70 35.74
CA ARG B 39 -47.28 11.46 34.60
C ARG B 39 -48.05 12.75 34.35
N TYR B 40 -49.29 12.83 34.81
CA TYR B 40 -50.14 13.97 34.52
C TYR B 40 -50.41 14.85 35.76
N ILE B 41 -49.50 14.81 36.74
CA ILE B 41 -49.57 15.67 37.92
C ILE B 41 -48.21 16.33 38.15
N LYS B 42 -48.16 17.66 38.10
CA LYS B 42 -46.88 18.38 38.20
C LYS B 42 -46.37 18.44 39.64
N GLN B 43 -45.06 18.32 39.78
CA GLN B 43 -44.40 18.20 41.08
C GLN B 43 -44.62 19.45 41.91
N LEU B 44 -44.33 20.58 41.29
CA LEU B 44 -44.36 21.87 41.98
C LEU B 44 -45.63 22.66 41.76
N GLY B 45 -46.70 21.99 41.32
CA GLY B 45 -48.01 22.63 41.14
C GLY B 45 -47.89 23.83 40.24
N GLY B 46 -48.39 24.95 40.73
CA GLY B 46 -48.26 26.23 40.04
C GLY B 46 -46.86 26.78 39.79
N GLY B 47 -45.85 26.21 40.40
CA GLY B 47 -44.48 26.66 40.20
C GLY B 47 -44.04 26.71 38.75
N TYR B 48 -44.56 25.81 37.91
CA TYR B 48 -44.26 25.88 36.48
C TYR B 48 -44.62 27.23 35.85
N TYR B 49 -45.62 27.91 36.40
CA TYR B 49 -46.03 29.20 35.87
C TYR B 49 -45.13 30.36 36.31
N VAL B 50 -44.15 30.07 37.15
CA VAL B 50 -43.09 31.01 37.53
C VAL B 50 -41.68 30.52 37.13
N PHE B 51 -41.38 29.25 37.30
CA PHE B 51 -40.11 28.68 36.86
C PHE B 51 -40.42 27.82 35.64
N PRO B 52 -40.22 28.33 34.42
CA PRO B 52 -40.62 27.58 33.24
C PRO B 52 -39.82 26.28 33.02
N GLY B 53 -38.78 26.04 33.80
CA GLY B 53 -38.13 24.74 33.76
C GLY B 53 -38.95 23.60 34.37
N ALA B 54 -39.80 23.94 35.36
CA ALA B 54 -40.44 22.99 36.32
C ALA B 54 -41.70 22.28 35.83
N SER B 55 -41.60 21.81 34.60
CA SER B 55 -42.54 20.91 33.92
C SER B 55 -42.65 19.52 34.53
N HIS B 56 -41.66 19.15 35.35
CA HIS B 56 -41.54 17.80 35.90
C HIS B 56 -42.72 17.40 36.75
N ASN B 57 -43.06 16.10 36.59
CA ASN B 57 -44.21 15.47 37.20
C ASN B 57 -43.83 14.45 38.27
N ARG B 58 -44.82 14.05 39.04
CA ARG B 58 -44.64 13.06 40.11
C ARG B 58 -44.14 11.69 39.69
N PHE B 59 -44.50 11.27 38.48
CA PHE B 59 -44.05 10.00 37.92
C PHE B 59 -42.56 9.79 38.11
N GLU B 60 -41.79 10.71 37.55
CA GLU B 60 -40.36 10.57 37.53
C GLU B 60 -39.69 10.74 38.89
N HIS B 61 -40.28 11.57 39.77
CA HIS B 61 -39.88 11.67 41.17
C HIS B 61 -40.11 10.33 41.85
N SER B 62 -41.29 9.77 41.62
CA SER B 62 -41.68 8.53 42.24
C SER B 62 -40.65 7.44 41.86
N LEU B 63 -40.26 7.32 40.59
CA LEU B 63 -39.20 6.36 40.22
C LEU B 63 -37.93 6.59 41.00
N GLY B 64 -37.50 7.84 41.08
CA GLY B 64 -36.23 8.17 41.72
C GLY B 64 -36.21 7.88 43.20
N VAL B 65 -37.34 8.07 43.87
CA VAL B 65 -37.42 7.76 45.29
C VAL B 65 -37.31 6.27 45.49
N GLY B 66 -37.99 5.53 44.63
CA GLY B 66 -37.88 4.09 44.59
C GLY B 66 -36.43 3.64 44.43
N TYR B 67 -35.73 4.27 43.50
CA TYR B 67 -34.37 3.90 43.21
C TYR B 67 -33.44 4.15 44.39
N LEU B 68 -33.55 5.34 44.96
CA LEU B 68 -32.72 5.73 46.09
C LEU B 68 -33.03 4.96 47.35
N ALA B 69 -34.30 4.62 47.55
CA ALA B 69 -34.66 3.71 48.64
C ALA B 69 -33.85 2.42 48.54
N GLY B 70 -33.81 1.86 47.33
CA GLY B 70 -33.01 0.70 47.02
C GLY B 70 -31.53 0.89 47.32
N CYS B 71 -30.96 2.03 46.91
CA CYS B 71 -29.54 2.24 47.15
C CYS B 71 -29.17 2.23 48.60
N LEU B 72 -29.99 2.89 49.42
CA LEU B 72 -29.64 3.05 50.82
C LEU B 72 -29.76 1.72 51.53
N VAL B 73 -30.89 1.03 51.36
CA VAL B 73 -31.08 -0.25 52.03
C VAL B 73 -30.05 -1.28 51.54
N HIS B 74 -29.74 -1.26 50.24
CA HIS B 74 -28.78 -2.19 49.68
C HIS B 74 -27.35 -1.93 50.24
N ALA B 75 -27.00 -0.66 50.39
CA ALA B 75 -25.71 -0.28 50.92
C ALA B 75 -25.58 -0.66 52.38
N LEU B 76 -26.61 -0.40 53.17
CA LEU B 76 -26.56 -0.76 54.59
C LEU B 76 -26.28 -2.24 54.73
N GLY B 77 -26.86 -3.05 53.83
CA GLY B 77 -26.71 -4.51 53.82
C GLY B 77 -25.33 -5.03 53.47
N GLU B 78 -24.69 -4.41 52.49
CA GLU B 78 -23.29 -4.74 52.14
C GLU B 78 -22.36 -4.46 53.33
N LYS B 79 -22.42 -3.23 53.84
CA LYS B 79 -21.56 -2.78 54.95
C LYS B 79 -21.82 -3.58 56.25
N GLN B 80 -23.04 -4.06 56.50
CA GLN B 80 -23.38 -4.79 57.76
C GLN B 80 -24.27 -6.02 57.52
N PRO B 81 -23.65 -7.16 57.18
CA PRO B 81 -24.40 -8.38 56.97
C PRO B 81 -25.22 -8.82 58.18
N GLU B 82 -24.71 -8.59 59.40
CA GLU B 82 -25.41 -8.96 60.65
C GLU B 82 -26.86 -8.53 60.71
N LEU B 83 -27.23 -7.46 60.01
CA LEU B 83 -28.60 -6.96 59.99
C LEU B 83 -29.61 -7.88 59.28
N GLN B 84 -29.10 -8.74 58.41
CA GLN B 84 -29.88 -9.76 57.71
C GLN B 84 -30.99 -9.14 56.89
N ILE B 85 -30.59 -8.24 56.01
CA ILE B 85 -31.46 -7.57 55.11
C ILE B 85 -31.60 -8.50 53.92
N SER B 86 -32.81 -8.99 53.65
CA SER B 86 -33.08 -9.90 52.51
C SER B 86 -33.44 -9.14 51.27
N GLU B 87 -33.32 -9.77 50.10
CA GLU B 87 -33.77 -9.13 48.83
C GLU B 87 -35.26 -8.90 48.83
N ARG B 88 -35.96 -9.63 49.67
CA ARG B 88 -37.35 -9.35 49.96
C ARG B 88 -37.54 -8.00 50.66
N ASP B 89 -36.74 -7.73 51.68
CA ASP B 89 -36.74 -6.41 52.34
C ASP B 89 -36.46 -5.31 51.34
N VAL B 90 -35.50 -5.54 50.47
CA VAL B 90 -35.09 -4.52 49.52
C VAL B 90 -36.23 -4.19 48.56
N LEU B 91 -36.83 -5.20 47.96
CA LEU B 91 -38.00 -4.99 47.10
C LEU B 91 -39.11 -4.23 47.79
N CYS B 92 -39.42 -4.60 49.02
CA CYS B 92 -40.46 -3.93 49.79
C CYS B 92 -40.16 -2.46 50.02
N VAL B 93 -38.92 -2.15 50.30
CA VAL B 93 -38.50 -0.76 50.51
C VAL B 93 -38.57 0.01 49.20
N GLN B 94 -38.11 -0.61 48.12
CA GLN B 94 -38.22 0.01 46.79
C GLN B 94 -39.66 0.28 46.40
N ILE B 95 -40.53 -0.70 46.62
CA ILE B 95 -41.96 -0.56 46.31
C ILE B 95 -42.58 0.60 47.09
N ALA B 96 -42.23 0.72 48.36
CA ALA B 96 -42.74 1.80 49.18
C ALA B 96 -42.30 3.13 48.63
N GLY B 97 -41.02 3.23 48.33
CA GLY B 97 -40.48 4.43 47.73
C GLY B 97 -41.14 4.81 46.42
N LEU B 98 -41.35 3.82 45.58
CA LEU B 98 -41.96 3.99 44.28
C LEU B 98 -43.40 4.52 44.40
N CYS B 99 -44.13 3.97 45.35
CA CYS B 99 -45.55 4.28 45.55
C CYS B 99 -45.83 5.33 46.63
N HIS B 100 -44.81 6.01 47.14
CA HIS B 100 -45.00 6.88 48.31
C HIS B 100 -45.88 8.08 48.01
N ASP B 101 -45.90 8.51 46.74
CA ASP B 101 -46.65 9.70 46.32
C ASP B 101 -47.81 9.36 45.40
N LEU B 102 -48.26 8.11 45.42
CA LEU B 102 -49.41 7.68 44.60
C LEU B 102 -50.69 8.49 44.78
N GLY B 103 -50.86 9.06 45.97
CA GLY B 103 -52.06 9.78 46.33
C GLY B 103 -52.05 11.30 46.25
N HIS B 104 -51.09 11.87 45.52
CA HIS B 104 -51.13 13.31 45.32
C HIS B 104 -52.26 13.67 44.39
N GLY B 105 -52.88 14.82 44.64
CA GLY B 105 -53.93 15.32 43.76
C GLY B 105 -53.45 16.23 42.63
N PRO B 106 -54.40 16.81 41.89
CA PRO B 106 -54.07 17.81 40.90
C PRO B 106 -53.23 18.94 41.51
N PHE B 107 -52.15 19.29 40.84
CA PHE B 107 -51.21 20.29 41.29
C PHE B 107 -50.60 19.98 42.65
N SER B 108 -50.36 18.69 42.89
CA SER B 108 -49.64 18.19 44.04
C SER B 108 -50.16 18.77 45.38
N HIS B 109 -49.40 19.73 45.91
CA HIS B 109 -49.59 20.17 47.29
C HIS B 109 -50.70 21.20 47.41
N MET B 110 -51.10 21.76 46.28
CA MET B 110 -52.25 22.63 46.23
C MET B 110 -53.50 21.87 46.64
N PHE B 111 -53.61 20.62 46.20
CA PHE B 111 -54.81 19.81 46.44
C PHE B 111 -55.06 19.45 47.91
N ASP B 112 -54.08 18.80 48.55
CA ASP B 112 -54.21 18.46 49.96
C ASP B 112 -54.02 19.67 50.88
N GLY B 113 -53.31 20.69 50.39
CA GLY B 113 -52.92 21.84 51.19
C GLY B 113 -53.87 23.02 51.18
N ARG B 114 -54.41 23.37 50.02
CA ARG B 114 -55.36 24.50 49.90
C ARG B 114 -56.79 24.04 49.61
N PHE B 115 -56.94 23.23 48.56
CA PHE B 115 -58.27 22.94 48.00
C PHE B 115 -59.19 22.12 48.91
N ILE B 116 -58.78 20.90 49.24
CA ILE B 116 -59.61 20.02 50.06
C ILE B 116 -59.96 20.65 51.41
N PRO B 117 -58.99 21.29 52.09
CA PRO B 117 -59.36 21.96 53.34
C PRO B 117 -60.45 23.02 53.21
N LEU B 118 -60.53 23.67 52.05
CA LEU B 118 -61.59 24.66 51.80
C LEU B 118 -62.89 24.04 51.31
N ALA B 119 -62.82 23.09 50.40
CA ALA B 119 -64.00 22.46 49.85
C ALA B 119 -64.72 21.54 50.83
N ARG B 120 -63.95 20.85 51.68
CA ARG B 120 -64.52 19.90 52.65
C ARG B 120 -63.81 20.01 53.99
N PRO B 121 -64.18 21.05 54.78
CA PRO B 121 -63.52 21.32 56.06
C PRO B 121 -63.71 20.23 57.12
N GLU B 122 -64.80 19.47 57.02
CA GLU B 122 -65.06 18.33 57.91
C GLU B 122 -64.00 17.20 57.85
N VAL B 123 -63.32 16.99 56.71
CA VAL B 123 -62.41 15.84 56.60
C VAL B 123 -60.99 16.22 56.97
N LYS B 124 -60.27 15.33 57.67
CA LYS B 124 -58.81 15.38 57.76
C LYS B 124 -58.29 14.42 56.66
N TRP B 125 -57.80 14.97 55.53
CA TRP B 125 -57.24 14.19 54.41
C TRP B 125 -55.87 14.59 53.99
N THR B 126 -54.95 13.64 53.86
CA THR B 126 -53.55 13.93 53.50
C THR B 126 -53.18 13.18 52.22
N HIS B 127 -52.17 13.68 51.49
CA HIS B 127 -51.72 13.01 50.28
C HIS B 127 -51.19 11.59 50.62
N GLU B 128 -50.58 11.45 51.80
CA GLU B 128 -50.08 10.17 52.28
C GLU B 128 -51.18 9.12 52.40
N GLN B 129 -52.27 9.48 53.08
CA GLN B 129 -53.39 8.54 53.25
C GLN B 129 -53.89 8.08 51.91
N GLY B 130 -53.93 9.02 50.96
CA GLY B 130 -54.31 8.72 49.60
C GLY B 130 -53.39 7.71 48.98
N SER B 131 -52.08 7.86 49.21
CA SER B 131 -51.10 6.90 48.71
C SER B 131 -51.40 5.46 49.16
N VAL B 132 -51.73 5.30 50.44
CA VAL B 132 -52.11 3.98 50.98
C VAL B 132 -53.33 3.42 50.27
N MET B 133 -54.37 4.23 50.15
CA MET B 133 -55.60 3.80 49.50
C MET B 133 -55.40 3.46 48.04
N MET B 134 -54.66 4.31 47.34
CA MET B 134 -54.40 4.13 45.93
C MET B 134 -53.46 2.94 45.70
N PHE B 135 -52.56 2.67 46.64
CA PHE B 135 -51.71 1.47 46.58
C PHE B 135 -52.57 0.23 46.65
N GLU B 136 -53.44 0.17 47.65
CA GLU B 136 -54.41 -0.92 47.78
C GLU B 136 -55.18 -1.11 46.48
N HIS B 137 -55.71 -0.02 45.92
CA HIS B 137 -56.48 -0.09 44.66
C HIS B 137 -55.62 -0.61 43.53
N LEU B 138 -54.37 -0.17 43.46
CA LEU B 138 -53.45 -0.60 42.40
C LEU B 138 -53.18 -2.09 42.46
N ILE B 139 -52.88 -2.56 43.67
CA ILE B 139 -52.64 -3.98 43.96
C ILE B 139 -53.83 -4.84 43.51
N ASN B 140 -55.02 -4.50 44.00
CA ASN B 140 -56.20 -5.33 43.79
C ASN B 140 -56.68 -5.32 42.36
N SER B 141 -56.73 -4.16 41.73
CA SER B 141 -57.21 -4.07 40.36
C SER B 141 -56.24 -4.63 39.29
N ASN B 142 -54.94 -4.74 39.59
CA ASN B 142 -53.97 -5.27 38.61
C ASN B 142 -53.34 -6.62 38.96
N GLY B 143 -53.98 -7.39 39.83
CA GLY B 143 -53.53 -8.76 40.18
C GLY B 143 -52.06 -8.87 40.56
N ILE B 144 -51.62 -8.02 41.47
CA ILE B 144 -50.20 -7.93 41.84
C ILE B 144 -49.81 -8.97 42.89
N LYS B 145 -50.75 -9.32 43.75
CA LYS B 145 -50.45 -10.26 44.82
C LYS B 145 -49.77 -11.58 44.35
N PRO B 146 -50.30 -12.23 43.28
CA PRO B 146 -49.60 -13.41 42.73
C PRO B 146 -48.18 -13.14 42.26
N VAL B 147 -47.96 -11.96 41.68
CA VAL B 147 -46.65 -11.56 41.19
C VAL B 147 -45.69 -11.29 42.35
N MET B 148 -46.19 -10.70 43.43
CA MET B 148 -45.37 -10.54 44.63
C MET B 148 -44.88 -11.89 45.14
N GLU B 149 -45.81 -12.84 45.24
CA GLU B 149 -45.48 -14.20 45.67
C GLU B 149 -44.45 -14.83 44.78
N GLN B 150 -44.61 -14.63 43.47
CA GLN B 150 -43.67 -15.17 42.49
C GLN B 150 -42.23 -14.79 42.77
N TYR B 151 -41.99 -13.57 43.27
CA TYR B 151 -40.64 -13.11 43.56
C TYR B 151 -40.32 -13.15 45.07
N GLY B 152 -41.00 -14.01 45.81
CA GLY B 152 -40.62 -14.28 47.18
C GLY B 152 -41.18 -13.39 48.27
N LEU B 153 -42.08 -12.47 47.93
CA LEU B 153 -42.76 -11.67 48.96
C LEU B 153 -43.88 -12.48 49.60
N ILE B 154 -44.33 -12.00 50.75
CA ILE B 154 -45.49 -12.56 51.45
C ILE B 154 -46.51 -11.42 51.57
N PRO B 155 -47.48 -11.36 50.66
CA PRO B 155 -48.39 -10.21 50.59
C PRO B 155 -49.05 -9.79 51.91
N GLU B 156 -49.53 -10.75 52.72
CA GLU B 156 -50.12 -10.42 54.03
C GLU B 156 -49.21 -9.41 54.80
N GLU B 157 -47.99 -9.88 55.13
CA GLU B 157 -47.00 -9.10 55.87
C GLU B 157 -46.48 -7.90 55.11
N ASP B 158 -46.11 -8.10 53.86
CA ASP B 158 -45.37 -7.08 53.11
C ASP B 158 -46.20 -5.91 52.67
N ILE B 159 -47.46 -6.14 52.27
CA ILE B 159 -48.33 -5.03 51.93
C ILE B 159 -48.53 -4.15 53.16
N CYS B 160 -48.63 -4.74 54.32
CA CYS B 160 -48.71 -3.97 55.56
C CYS B 160 -47.43 -3.14 55.76
N PHE B 161 -46.28 -3.78 55.63
CA PHE B 161 -44.97 -3.11 55.74
C PHE B 161 -44.81 -1.95 54.76
N ILE B 162 -45.29 -2.13 53.54
CA ILE B 162 -45.22 -1.07 52.53
C ILE B 162 -46.08 0.11 52.96
N LYS B 163 -47.33 -0.15 53.31
CA LYS B 163 -48.23 0.89 53.76
C LYS B 163 -47.70 1.62 54.99
N GLU B 164 -47.12 0.87 55.92
CA GLU B 164 -46.57 1.44 57.15
C GLU B 164 -45.38 2.37 56.87
N GLN B 165 -44.55 2.03 55.90
CA GLN B 165 -43.45 2.91 55.51
C GLN B 165 -43.99 4.27 55.08
N ILE B 166 -45.12 4.26 54.38
CA ILE B 166 -45.68 5.45 53.76
C ILE B 166 -46.37 6.38 54.75
N VAL B 167 -47.27 5.86 55.57
CA VAL B 167 -48.03 6.68 56.53
C VAL B 167 -47.74 6.46 58.00
N GLY B 168 -46.80 5.58 58.35
CA GLY B 168 -46.56 5.25 59.77
C GLY B 168 -47.61 4.25 60.27
N PRO B 169 -47.69 4.05 61.58
CA PRO B 169 -48.27 2.75 62.08
C PRO B 169 -49.78 2.48 61.90
N LEU B 178 -44.62 0.24 73.63
CA LEU B 178 -44.38 -0.99 72.85
C LEU B 178 -44.16 -0.71 71.36
N TRP B 179 -43.70 -1.74 70.67
CA TRP B 179 -43.43 -1.67 69.22
C TRP B 179 -44.75 -1.58 68.40
N PRO B 180 -45.01 -0.42 67.79
CA PRO B 180 -46.28 -0.24 67.11
C PRO B 180 -46.42 -0.90 65.73
N TYR B 181 -45.33 -1.32 65.07
CA TYR B 181 -45.43 -1.79 63.68
C TYR B 181 -45.75 -3.30 63.63
N LYS B 182 -46.67 -3.67 62.74
CA LYS B 182 -47.04 -5.06 62.51
C LYS B 182 -46.29 -5.63 61.30
N GLY B 183 -45.74 -4.77 60.44
CA GLY B 183 -45.10 -5.20 59.18
C GLY B 183 -43.75 -5.87 59.31
N ARG B 184 -42.92 -5.36 60.22
CA ARG B 184 -41.61 -5.92 60.54
C ARG B 184 -41.35 -5.86 62.05
N PRO B 185 -40.42 -6.68 62.56
CA PRO B 185 -40.01 -6.62 63.97
C PRO B 185 -39.05 -5.47 64.31
N GLU B 186 -38.76 -5.29 65.60
CA GLU B 186 -37.87 -4.23 66.11
C GLU B 186 -36.44 -4.30 65.57
N ASN B 187 -35.97 -5.52 65.28
CA ASN B 187 -34.63 -5.75 64.75
C ASN B 187 -34.44 -5.28 63.30
N LYS B 188 -35.53 -4.78 62.69
CA LYS B 188 -35.45 -4.12 61.40
C LYS B 188 -36.14 -2.76 61.37
N SER B 189 -36.16 -2.06 62.51
CA SER B 189 -36.80 -0.74 62.57
C SER B 189 -36.17 0.32 61.64
N PHE B 190 -34.89 0.15 61.36
CA PHE B 190 -34.20 1.03 60.43
C PHE B 190 -34.84 1.06 59.05
N LEU B 191 -35.47 -0.02 58.62
CA LEU B 191 -36.14 -0.01 57.32
C LEU B 191 -37.26 1.05 57.21
N TYR B 192 -37.86 1.38 58.34
CA TYR B 192 -38.89 2.43 58.40
C TYR B 192 -38.36 3.87 58.30
N GLU B 193 -37.06 4.04 58.45
CA GLU B 193 -36.41 5.35 58.33
C GLU B 193 -35.86 5.66 56.91
N ILE B 194 -36.24 4.89 55.89
CA ILE B 194 -35.70 5.08 54.55
C ILE B 194 -36.54 5.94 53.64
N VAL B 195 -37.78 5.55 53.42
CA VAL B 195 -38.66 6.29 52.49
C VAL B 195 -39.32 7.50 53.14
N SER B 196 -39.75 7.38 54.38
CA SER B 196 -40.38 8.48 55.10
C SER B 196 -40.04 8.39 56.59
N ASN B 197 -39.08 9.23 56.99
CA ASN B 197 -38.42 9.15 58.29
C ASN B 197 -39.20 9.98 59.30
N LYS B 198 -40.02 9.32 60.12
CA LYS B 198 -40.83 10.01 61.13
C LYS B 198 -39.96 10.58 62.26
N ARG B 199 -38.79 10.02 62.50
CA ARG B 199 -37.95 10.40 63.64
C ARG B 199 -37.35 11.79 63.49
N ASN B 200 -36.71 12.03 62.34
CA ASN B 200 -35.98 13.27 62.07
C ASN B 200 -36.18 13.89 60.68
N GLY B 201 -36.70 13.14 59.72
CA GLY B 201 -37.00 13.69 58.42
C GLY B 201 -35.96 13.42 57.36
N ILE B 202 -34.83 12.82 57.73
CA ILE B 202 -33.79 12.52 56.75
C ILE B 202 -34.21 11.23 56.03
N ASP B 203 -34.78 11.40 54.85
CA ASP B 203 -35.29 10.32 54.03
C ASP B 203 -34.91 10.49 52.56
N VAL B 204 -35.05 9.43 51.77
CA VAL B 204 -34.64 9.47 50.37
C VAL B 204 -35.63 10.25 49.49
N ASP B 205 -36.83 10.50 49.97
CA ASP B 205 -37.79 11.36 49.29
C ASP B 205 -37.17 12.73 49.13
N LYS B 206 -36.65 13.30 50.21
CA LYS B 206 -35.99 14.61 50.16
C LYS B 206 -34.84 14.59 49.18
N TRP B 207 -34.03 13.54 49.23
CA TRP B 207 -32.82 13.50 48.44
C TRP B 207 -33.11 13.53 46.95
N ASP B 208 -34.18 12.89 46.53
CA ASP B 208 -34.53 12.93 45.13
C ASP B 208 -35.06 14.29 44.75
N TYR B 209 -35.96 14.85 45.54
CA TYR B 209 -36.57 16.11 45.13
C TYR B 209 -35.59 17.29 45.19
N PHE B 210 -34.64 17.28 46.12
CA PHE B 210 -33.60 18.30 46.14
C PHE B 210 -32.90 18.33 44.78
N ALA B 211 -32.43 17.17 44.36
CA ALA B 211 -31.66 17.05 43.14
C ALA B 211 -32.52 17.33 41.91
N ARG B 212 -33.73 16.81 41.90
CA ARG B 212 -34.60 16.90 40.74
C ARG B 212 -35.21 18.28 40.59
N ASP B 213 -35.71 18.85 41.68
CA ASP B 213 -36.33 20.16 41.62
C ASP B 213 -35.26 21.16 41.22
N CYS B 214 -34.09 21.08 41.83
CA CYS B 214 -32.98 21.93 41.41
C CYS B 214 -32.67 21.83 39.88
N HIS B 215 -32.64 20.61 39.36
CA HIS B 215 -32.31 20.38 37.95
C HIS B 215 -33.22 21.18 37.04
N HIS B 216 -34.51 21.08 37.33
CA HIS B 216 -35.57 21.71 36.53
C HIS B 216 -35.77 23.18 36.93
N LEU B 217 -35.56 23.55 38.19
CA LEU B 217 -35.81 24.94 38.62
C LEU B 217 -34.80 25.92 38.09
N GLY B 218 -33.54 25.50 37.94
CA GLY B 218 -32.44 26.41 37.60
C GLY B 218 -31.72 26.96 38.82
N ILE B 219 -31.62 26.12 39.84
CA ILE B 219 -30.91 26.36 41.08
C ILE B 219 -29.99 25.15 41.30
N GLN B 220 -28.71 25.34 41.63
CA GLN B 220 -27.83 24.21 42.01
C GLN B 220 -28.11 23.89 43.51
N ASN B 221 -27.94 22.60 43.78
CA ASN B 221 -28.33 21.93 45.02
C ASN B 221 -27.08 21.85 45.92
N ASN B 222 -27.21 22.24 47.19
CA ASN B 222 -26.03 22.22 48.06
C ASN B 222 -25.61 20.83 48.65
N PHE B 223 -26.44 19.78 48.48
CA PHE B 223 -26.40 18.59 49.34
C PHE B 223 -26.05 17.29 48.65
N ASP B 224 -25.18 16.48 49.27
CA ASP B 224 -24.63 15.25 48.67
C ASP B 224 -25.23 14.00 49.34
N TYR B 225 -26.29 13.43 48.74
CA TYR B 225 -26.91 12.22 49.28
C TYR B 225 -25.94 11.03 49.24
N LYS B 226 -25.17 10.94 48.18
CA LYS B 226 -24.26 9.83 48.02
C LYS B 226 -23.26 9.71 49.14
N ARG B 227 -22.80 10.86 49.62
CA ARG B 227 -21.86 10.90 50.72
C ARG B 227 -22.51 10.46 52.00
N PHE B 228 -23.77 10.87 52.21
CA PHE B 228 -24.51 10.43 53.40
C PHE B 228 -24.63 8.91 53.46
N ILE B 229 -24.95 8.32 52.32
CA ILE B 229 -25.03 6.86 52.19
C ILE B 229 -23.70 6.20 52.54
N LYS B 230 -22.57 6.75 52.10
CA LYS B 230 -21.28 6.17 52.47
C LYS B 230 -20.97 6.26 53.93
N PHE B 231 -21.50 7.26 54.62
CA PHE B 231 -21.27 7.41 56.06
C PHE B 231 -22.53 7.09 56.87
N ALA B 232 -23.36 6.19 56.38
CA ALA B 232 -24.54 5.76 57.11
C ALA B 232 -24.25 4.41 57.68
N ARG B 233 -24.92 4.09 58.77
CA ARG B 233 -24.62 2.90 59.54
C ARG B 233 -25.77 2.62 60.51
N VAL B 234 -26.02 1.36 60.83
CA VAL B 234 -27.07 0.99 61.77
C VAL B 234 -26.43 0.65 63.11
N CYS B 235 -26.97 1.21 64.18
CA CYS B 235 -26.50 0.94 65.54
C CYS B 235 -27.66 0.82 66.46
N GLU B 236 -27.42 0.26 67.64
CA GLU B 236 -28.47 0.14 68.63
C GLU B 236 -28.68 1.43 69.38
N VAL B 237 -29.90 1.94 69.37
CA VAL B 237 -30.30 3.10 70.19
C VAL B 237 -31.59 2.74 70.93
N ASP B 238 -31.51 2.65 72.26
CA ASP B 238 -32.67 2.36 73.12
C ASP B 238 -33.35 1.07 72.65
N ASN B 239 -32.59 -0.02 72.63
CA ASN B 239 -33.11 -1.37 72.32
C ASN B 239 -33.78 -1.51 70.93
N GLU B 240 -33.28 -0.75 69.96
CA GLU B 240 -33.93 -0.64 68.65
C GLU B 240 -32.84 -0.24 67.64
N LEU B 241 -32.79 -0.96 66.51
CA LEU B 241 -31.73 -0.68 65.52
C LEU B 241 -32.08 0.49 64.56
N ARG B 242 -31.36 1.61 64.65
CA ARG B 242 -31.63 2.79 63.78
C ARG B 242 -30.46 3.22 62.91
N ILE B 243 -30.77 3.97 61.86
CA ILE B 243 -29.75 4.58 61.01
C ILE B 243 -29.04 5.72 61.75
N CYS B 244 -27.72 5.66 61.78
CA CYS B 244 -26.88 6.70 62.37
C CYS B 244 -25.93 7.28 61.35
N ALA B 245 -25.60 8.56 61.51
CA ALA B 245 -24.65 9.24 60.64
C ALA B 245 -23.35 9.45 61.40
N ARG B 246 -22.27 9.67 60.67
CA ARG B 246 -20.99 9.87 61.31
C ARG B 246 -20.91 11.20 62.01
N ASP B 247 -20.23 11.23 63.14
CA ASP B 247 -20.12 12.44 63.94
C ASP B 247 -19.76 13.68 63.10
N LYS B 248 -18.70 13.61 62.33
CA LYS B 248 -18.23 14.77 61.58
C LYS B 248 -19.29 15.27 60.53
N GLU B 249 -20.18 14.39 60.06
CA GLU B 249 -21.22 14.80 59.10
C GLU B 249 -22.35 15.67 59.66
N VAL B 250 -22.36 15.93 60.97
CA VAL B 250 -23.42 16.71 61.58
C VAL B 250 -23.62 18.04 60.88
N GLY B 251 -22.52 18.70 60.51
CA GLY B 251 -22.56 19.94 59.74
C GLY B 251 -23.37 19.84 58.47
N ASN B 252 -23.11 18.80 57.67
CA ASN B 252 -23.85 18.56 56.43
C ASN B 252 -25.32 18.31 56.62
N LEU B 253 -25.72 17.80 57.78
CA LEU B 253 -27.12 17.58 58.08
C LEU B 253 -27.85 18.88 58.42
N TYR B 254 -27.24 19.78 59.19
CA TYR B 254 -27.83 21.10 59.38
C TYR B 254 -27.97 21.79 58.02
N ASP B 255 -26.99 21.59 57.14
CA ASP B 255 -27.01 22.16 55.77
C ASP B 255 -28.08 21.51 54.88
N MET B 256 -28.47 20.28 55.16
CA MET B 256 -29.54 19.63 54.42
C MET B 256 -30.85 20.37 54.68
N PHE B 257 -31.14 20.65 55.93
CA PHE B 257 -32.39 21.31 56.27
C PHE B 257 -32.37 22.78 55.89
N HIS B 258 -31.19 23.40 55.89
CA HIS B 258 -31.03 24.75 55.35
C HIS B 258 -31.36 24.76 53.87
N THR B 259 -30.79 23.81 53.12
CA THR B 259 -31.09 23.65 51.71
C THR B 259 -32.59 23.54 51.49
N ARG B 260 -33.27 22.75 52.31
CA ARG B 260 -34.69 22.58 52.17
C ARG B 260 -35.43 23.89 52.35
N ASN B 261 -35.19 24.58 53.46
CA ASN B 261 -35.83 25.86 53.74
C ASN B 261 -35.51 26.86 52.65
N SER B 262 -34.28 26.84 52.17
CA SER B 262 -33.88 27.69 51.05
C SER B 262 -34.68 27.42 49.78
N LEU B 263 -34.92 26.16 49.43
CA LEU B 263 -35.78 25.85 48.28
C LEU B 263 -37.23 26.25 48.49
N HIS B 264 -37.69 26.25 49.73
CA HIS B 264 -39.05 26.72 50.03
C HIS B 264 -39.13 28.20 49.81
N ARG B 265 -38.14 28.94 50.29
CA ARG B 265 -38.15 30.39 50.12
C ARG B 265 -38.03 30.82 48.70
N ARG B 266 -37.16 30.17 47.95
CA ARG B 266 -36.91 30.62 46.61
C ARG B 266 -37.97 30.21 45.64
N ALA B 267 -38.45 28.97 45.74
CA ALA B 267 -39.28 28.37 44.73
C ALA B 267 -40.63 27.92 45.22
N TYR B 268 -40.66 26.98 46.14
CA TYR B 268 -41.94 26.31 46.48
C TYR B 268 -43.01 27.26 47.04
N GLN B 269 -42.58 28.24 47.84
CA GLN B 269 -43.43 29.27 48.41
C GLN B 269 -43.28 30.63 47.72
N HIS B 270 -42.81 30.66 46.47
CA HIS B 270 -42.63 31.90 45.72
C HIS B 270 -43.92 32.69 45.68
N LYS B 271 -43.84 33.98 45.95
CA LYS B 271 -45.07 34.80 46.14
C LYS B 271 -46.08 34.73 45.01
N VAL B 272 -45.62 34.65 43.77
CA VAL B 272 -46.50 34.50 42.61
C VAL B 272 -46.88 33.05 42.37
N GLY B 273 -45.98 32.12 42.63
CA GLY B 273 -46.34 30.71 42.53
C GLY B 273 -47.53 30.39 43.41
N ASN B 274 -47.47 30.87 44.64
CA ASN B 274 -48.54 30.70 45.59
C ASN B 274 -49.82 31.41 45.20
N ILE B 275 -49.74 32.57 44.57
CA ILE B 275 -50.97 33.26 44.16
C ILE B 275 -51.61 32.52 42.99
N ILE B 276 -50.81 31.94 42.11
CA ILE B 276 -51.36 31.10 41.06
C ILE B 276 -52.02 29.86 41.64
N ASP B 277 -51.39 29.26 42.65
CA ASP B 277 -52.01 28.15 43.36
C ASP B 277 -53.35 28.58 43.95
N THR B 278 -53.41 29.72 44.66
CA THR B 278 -54.69 30.13 45.27
C THR B 278 -55.74 30.39 44.19
N MET B 279 -55.34 30.89 43.03
CA MET B 279 -56.28 31.15 41.92
C MET B 279 -56.79 29.91 41.27
N ILE B 280 -55.94 28.92 41.06
CA ILE B 280 -56.39 27.63 40.54
C ILE B 280 -57.35 27.00 41.55
N THR B 281 -56.97 26.99 42.82
CA THR B 281 -57.82 26.46 43.89
C THR B 281 -59.18 27.14 43.89
N ASP B 282 -59.16 28.45 43.73
CA ASP B 282 -60.37 29.25 43.63
C ASP B 282 -61.28 28.79 42.47
N ALA B 283 -60.66 28.55 41.32
CA ALA B 283 -61.36 28.08 40.13
C ALA B 283 -61.92 26.71 40.32
N PHE B 284 -61.17 25.81 40.96
CA PHE B 284 -61.69 24.47 41.27
C PHE B 284 -62.91 24.58 42.14
N LEU B 285 -62.84 25.38 43.20
CA LEU B 285 -63.99 25.58 44.09
C LEU B 285 -65.24 26.00 43.34
N LYS B 286 -65.09 26.92 42.37
CA LYS B 286 -66.25 27.39 41.58
C LYS B 286 -66.74 26.41 40.53
N ALA B 287 -65.87 25.51 40.11
CA ALA B 287 -66.25 24.42 39.19
C ALA B 287 -66.65 23.13 39.90
N ASP B 288 -66.56 23.08 41.22
CA ASP B 288 -66.68 21.79 41.95
C ASP B 288 -68.03 21.18 41.77
N ASP B 289 -69.06 22.01 41.95
CA ASP B 289 -70.46 21.63 41.78
C ASP B 289 -70.81 21.05 40.41
N TYR B 290 -70.12 21.47 39.35
CA TYR B 290 -70.53 21.14 37.98
C TYR B 290 -69.69 20.13 37.22
N ILE B 291 -68.58 19.65 37.79
CA ILE B 291 -67.76 18.65 37.09
C ILE B 291 -67.98 17.29 37.68
N GLU B 292 -68.37 16.34 36.83
CA GLU B 292 -68.58 14.93 37.18
C GLU B 292 -67.40 14.06 36.75
N ILE B 293 -67.02 13.10 37.60
CA ILE B 293 -65.97 12.12 37.32
C ILE B 293 -66.50 10.73 37.67
N THR B 294 -66.45 9.82 36.71
CA THR B 294 -67.04 8.50 36.87
C THR B 294 -66.13 7.62 37.68
N GLY B 295 -66.70 6.99 38.70
CA GLY B 295 -65.97 6.10 39.57
C GLY B 295 -66.51 4.68 39.52
N ALA B 296 -66.38 3.99 40.66
CA ALA B 296 -66.67 2.58 40.76
C ALA B 296 -68.17 2.39 40.67
N GLY B 297 -68.56 1.42 39.83
CA GLY B 297 -69.96 1.12 39.58
C GLY B 297 -70.69 2.21 38.82
N GLY B 298 -69.95 3.12 38.16
CA GLY B 298 -70.56 4.25 37.49
C GLY B 298 -71.10 5.39 38.36
N LYS B 299 -70.92 5.36 39.70
CA LYS B 299 -71.33 6.48 40.56
C LYS B 299 -70.57 7.75 40.11
N LYS B 300 -71.23 8.92 40.12
CA LYS B 300 -70.59 10.17 39.77
C LYS B 300 -70.01 10.88 40.96
N TYR B 301 -68.75 11.29 40.85
CA TYR B 301 -68.05 12.02 41.91
C TYR B 301 -67.67 13.41 41.46
N ARG B 302 -67.65 14.34 42.40
CA ARG B 302 -67.17 15.70 42.18
C ARG B 302 -65.67 15.75 42.49
N ILE B 303 -65.01 16.85 42.14
CA ILE B 303 -63.56 16.96 42.37
C ILE B 303 -63.21 16.76 43.85
N SER B 304 -63.98 17.40 44.73
CA SER B 304 -63.77 17.27 46.18
C SER B 304 -64.10 15.89 46.77
N THR B 305 -64.95 15.13 46.09
CA THR B 305 -65.34 13.78 46.57
C THR B 305 -64.64 12.61 45.87
N ALA B 306 -63.84 12.88 44.84
CA ALA B 306 -63.10 11.81 44.17
C ALA B 306 -62.14 11.11 45.11
N ILE B 307 -61.68 11.81 46.15
CA ILE B 307 -60.84 11.17 47.18
C ILE B 307 -61.51 10.02 47.92
N ASP B 308 -62.83 9.99 47.94
CA ASP B 308 -63.56 8.89 48.58
C ASP B 308 -63.62 7.60 47.76
N ASP B 309 -63.36 7.67 46.45
CA ASP B 309 -63.35 6.47 45.61
C ASP B 309 -62.16 6.45 44.64
N MET B 310 -61.27 5.48 44.82
CA MET B 310 -60.00 5.47 44.12
C MET B 310 -60.07 5.25 42.62
N GLU B 311 -61.15 4.65 42.13
CA GLU B 311 -61.30 4.48 40.70
C GLU B 311 -61.59 5.82 40.03
N ALA B 312 -62.33 6.68 40.74
CA ALA B 312 -62.57 8.04 40.32
C ALA B 312 -61.31 8.87 40.43
N TYR B 313 -60.65 8.79 41.59
CA TYR B 313 -59.42 9.55 41.83
C TYR B 313 -58.33 9.27 40.82
N THR B 314 -58.29 8.06 40.28
CA THR B 314 -57.37 7.69 39.21
C THR B 314 -57.45 8.65 37.99
N LYS B 315 -58.67 9.11 37.70
CA LYS B 315 -58.94 9.97 36.55
C LYS B 315 -58.80 11.46 36.90
N LEU B 316 -58.46 11.80 38.14
CA LEU B 316 -58.40 13.19 38.58
C LEU B 316 -56.95 13.68 38.64
N THR B 317 -56.57 14.48 37.65
CA THR B 317 -55.20 14.94 37.51
C THR B 317 -55.19 16.43 37.14
N ASP B 318 -54.01 16.96 36.75
CA ASP B 318 -53.90 18.35 36.27
C ASP B 318 -54.76 18.65 35.04
N ASN B 319 -55.17 17.60 34.31
CA ASN B 319 -56.16 17.73 33.26
C ASN B 319 -57.28 18.69 33.60
N ILE B 320 -57.74 18.58 34.84
CA ILE B 320 -58.93 19.29 35.28
C ILE B 320 -58.82 20.80 34.98
N PHE B 321 -57.61 21.34 35.13
CA PHE B 321 -57.29 22.71 34.81
C PHE B 321 -57.71 23.02 33.38
N LEU B 322 -57.20 22.23 32.42
CA LEU B 322 -57.50 22.46 31.01
C LEU B 322 -58.93 22.14 30.64
N GLU B 323 -59.56 21.16 31.33
CA GLU B 323 -60.94 20.84 31.07
C GLU B 323 -61.80 22.05 31.38
N ILE B 324 -61.53 22.70 32.52
CA ILE B 324 -62.20 23.95 32.91
C ILE B 324 -61.90 25.04 31.92
N LEU B 325 -60.63 25.21 31.56
CA LEU B 325 -60.20 26.29 30.65
C LEU B 325 -60.82 26.21 29.27
N TYR B 326 -60.89 25.01 28.70
CA TYR B 326 -61.40 24.85 27.36
C TYR B 326 -62.92 24.73 27.28
N SER B 327 -63.60 24.60 28.42
CA SER B 327 -65.03 24.36 28.42
C SER B 327 -65.85 25.51 27.87
N THR B 328 -67.06 25.18 27.44
CA THR B 328 -68.07 26.15 26.99
C THR B 328 -69.36 26.14 27.82
N ASP B 329 -69.51 25.20 28.75
CA ASP B 329 -70.69 25.15 29.62
C ASP B 329 -70.85 26.46 30.38
N PRO B 330 -72.02 27.12 30.28
CA PRO B 330 -72.23 28.34 31.06
C PRO B 330 -72.12 28.17 32.59
N LYS B 331 -72.32 26.97 33.12
CA LYS B 331 -72.17 26.71 34.55
C LYS B 331 -70.72 26.84 35.01
N LEU B 332 -69.77 26.60 34.10
CA LEU B 332 -68.35 26.74 34.41
C LEU B 332 -67.76 28.14 34.13
N LYS B 333 -68.56 29.09 33.63
CA LYS B 333 -68.06 30.42 33.22
C LYS B 333 -67.30 31.13 34.31
N ASP B 334 -67.80 31.06 35.55
CA ASP B 334 -67.11 31.65 36.71
C ASP B 334 -65.72 31.08 36.92
N ALA B 335 -65.63 29.75 36.89
CA ALA B 335 -64.34 29.08 37.08
C ALA B 335 -63.40 29.32 35.92
N ARG B 336 -63.92 29.22 34.70
CA ARG B 336 -63.15 29.45 33.50
C ARG B 336 -62.60 30.85 33.41
N GLU B 337 -63.31 31.85 33.94
CA GLU B 337 -62.83 33.24 33.91
C GLU B 337 -61.59 33.45 34.76
N ILE B 338 -61.52 32.76 35.89
CA ILE B 338 -60.36 32.85 36.75
C ILE B 338 -59.15 32.29 36.02
N LEU B 339 -59.29 31.08 35.48
CA LEU B 339 -58.19 30.47 34.76
C LEU B 339 -57.77 31.29 33.55
N LYS B 340 -58.72 31.94 32.88
CA LYS B 340 -58.37 32.83 31.77
C LYS B 340 -57.59 34.05 32.24
N GLN B 341 -57.87 34.56 33.44
CA GLN B 341 -57.07 35.65 34.02
C GLN B 341 -55.64 35.23 34.32
N ILE B 342 -55.38 33.95 34.54
CA ILE B 342 -54.03 33.43 34.72
C ILE B 342 -53.26 33.41 33.36
N GLU B 343 -53.98 33.13 32.27
CA GLU B 343 -53.37 33.15 30.93
C GLU B 343 -52.88 34.56 30.60
N TYR B 344 -53.80 35.51 30.73
CA TYR B 344 -53.53 36.92 30.46
C TYR B 344 -52.66 37.58 31.52
N ARG B 345 -52.42 36.93 32.64
CA ARG B 345 -51.50 37.39 33.69
C ARG B 345 -52.07 38.56 34.48
N ASN B 346 -53.41 38.60 34.62
CA ASN B 346 -54.08 39.53 35.54
C ASN B 346 -54.21 38.84 36.87
N LEU B 347 -53.07 38.72 37.53
CA LEU B 347 -52.99 38.03 38.78
C LEU B 347 -53.28 39.02 39.86
N PHE B 348 -53.71 38.47 40.99
CA PHE B 348 -53.91 39.27 42.20
C PHE B 348 -52.56 39.89 42.54
N LYS B 349 -52.55 41.14 43.00
CA LYS B 349 -51.31 41.87 43.19
C LYS B 349 -50.74 41.70 44.58
N TYR B 350 -49.41 41.53 44.65
CA TYR B 350 -48.71 41.32 45.90
C TYR B 350 -48.54 42.68 46.55
N VAL B 351 -48.92 42.77 47.82
CA VAL B 351 -48.80 44.02 48.56
C VAL B 351 -47.54 44.03 49.42
N GLY B 352 -47.31 42.94 50.15
CA GLY B 352 -46.11 42.83 50.98
C GLY B 352 -46.08 41.60 51.88
N GLU B 353 -44.98 41.48 52.61
CA GLU B 353 -44.73 40.33 53.44
C GLU B 353 -44.42 40.83 54.83
N THR B 354 -44.77 40.03 55.83
CA THR B 354 -44.46 40.35 57.23
C THR B 354 -44.47 39.07 58.09
N GLN B 355 -43.93 39.21 59.29
CA GLN B 355 -43.81 38.12 60.25
C GLN B 355 -44.30 38.58 61.61
N PRO B 356 -44.77 37.63 62.45
CA PRO B 356 -44.99 37.97 63.86
C PRO B 356 -43.68 38.20 64.61
N THR B 357 -43.77 38.85 65.77
CA THR B 357 -42.60 39.09 66.62
C THR B 357 -42.82 38.38 67.94
N GLY B 358 -41.74 38.30 68.72
CA GLY B 358 -41.76 37.60 70.01
C GLY B 358 -41.95 36.09 69.80
N GLN B 359 -42.90 35.52 70.56
CA GLN B 359 -43.32 34.13 70.35
C GLN B 359 -44.88 34.12 70.17
N ILE B 360 -45.38 34.86 69.18
CA ILE B 360 -46.83 34.81 68.79
C ILE B 360 -47.00 33.89 67.58
N LYS B 361 -47.53 32.66 67.72
CA LYS B 361 -47.92 31.84 66.53
C LYS B 361 -49.35 32.27 66.17
N ILE B 362 -49.66 32.28 64.88
CA ILE B 362 -51.01 32.54 64.38
C ILE B 362 -51.72 31.21 64.15
N LYS B 363 -52.76 30.91 64.96
CA LYS B 363 -53.50 29.63 64.89
C LYS B 363 -54.22 29.47 63.52
N ARG B 364 -54.26 28.25 62.97
CA ARG B 364 -54.86 28.00 61.63
C ARG B 364 -56.37 28.34 61.55
N GLU B 365 -57.09 28.12 62.64
CA GLU B 365 -58.45 28.69 62.89
C GLU B 365 -58.62 30.21 62.56
N ASP B 366 -57.60 31.03 62.84
CA ASP B 366 -57.69 32.49 62.60
C ASP B 366 -57.40 33.00 61.17
N TYR B 367 -56.97 32.11 60.26
CA TYR B 367 -56.64 32.50 58.88
C TYR B 367 -57.85 33.12 58.15
N GLU B 368 -59.05 32.52 58.29
CA GLU B 368 -60.30 33.06 57.73
C GLU B 368 -60.52 34.55 58.10
N SER B 369 -60.20 34.90 59.34
CA SER B 369 -60.46 36.25 59.91
C SER B 369 -59.52 37.41 59.49
N LEU B 370 -58.35 37.10 58.90
CA LEU B 370 -57.29 38.10 58.70
C LEU B 370 -57.57 39.15 57.61
N PRO B 371 -58.22 38.78 56.49
CA PRO B 371 -58.61 39.82 55.53
C PRO B 371 -59.54 40.88 56.16
N LYS B 372 -60.51 40.47 57.00
CA LYS B 372 -61.37 41.40 57.75
C LYS B 372 -60.50 42.39 58.50
N GLU B 373 -59.44 41.91 59.14
CA GLU B 373 -58.55 42.77 59.94
C GLU B 373 -57.79 43.82 59.15
N VAL B 374 -57.32 43.45 57.95
CA VAL B 374 -56.53 44.37 57.13
C VAL B 374 -57.39 45.56 56.70
N ALA B 375 -58.59 45.28 56.17
CA ALA B 375 -59.52 46.34 55.79
C ALA B 375 -60.00 47.21 56.96
N SER B 376 -60.04 46.62 58.15
CA SER B 376 -60.44 47.32 59.37
C SER B 376 -59.43 48.37 59.82
N ALA B 377 -58.15 48.20 59.48
CA ALA B 377 -57.13 49.13 59.91
C ALA B 377 -57.45 50.55 59.49
N LYS B 378 -57.21 51.49 60.41
CA LYS B 378 -57.65 52.86 60.23
C LYS B 378 -56.32 53.66 60.18
N PRO B 379 -55.70 53.81 58.97
CA PRO B 379 -54.49 54.60 58.84
C PRO B 379 -54.79 56.13 58.97
N LYS B 380 -54.01 56.86 59.79
CA LYS B 380 -54.28 58.22 60.15
C LYS B 380 -54.23 59.30 59.09
N VAL B 381 -54.50 58.97 57.81
CA VAL B 381 -54.78 59.96 56.72
C VAL B 381 -56.09 59.44 56.05
N LEU B 382 -56.92 60.40 55.60
CA LEU B 382 -58.16 60.09 54.93
C LEU B 382 -57.88 59.49 53.53
N LEU B 383 -58.54 58.36 53.22
CA LEU B 383 -58.34 57.64 52.00
C LEU B 383 -59.37 57.82 50.92
N ASP B 384 -58.83 58.10 49.72
CA ASP B 384 -59.58 58.25 48.48
C ASP B 384 -60.38 57.04 48.03
N VAL B 385 -59.84 55.82 48.19
CA VAL B 385 -60.58 54.60 47.98
C VAL B 385 -60.70 53.80 49.29
N LYS B 386 -61.91 53.52 49.78
CA LYS B 386 -62.13 52.47 50.80
C LYS B 386 -62.06 51.09 50.12
N LEU B 387 -61.47 50.07 50.76
CA LEU B 387 -61.45 48.67 50.27
C LEU B 387 -62.13 47.72 51.26
N LYS B 388 -63.01 46.85 50.79
CA LYS B 388 -63.71 45.86 51.65
C LYS B 388 -62.82 44.61 51.87
N ALA B 389 -63.16 43.83 52.89
CA ALA B 389 -62.34 42.66 53.30
C ALA B 389 -62.18 41.58 52.24
N GLU B 390 -63.23 41.36 51.46
CA GLU B 390 -63.18 40.38 50.35
C GLU B 390 -62.20 40.77 49.23
N ASP B 391 -61.69 42.00 49.24
CA ASP B 391 -60.64 42.46 48.30
C ASP B 391 -59.23 41.97 48.66
N PHE B 392 -59.02 41.60 49.92
CA PHE B 392 -57.72 41.16 50.42
C PHE B 392 -57.61 39.63 50.51
N ILE B 393 -56.44 39.10 50.19
CA ILE B 393 -56.04 37.73 50.48
C ILE B 393 -54.87 37.75 51.42
N VAL B 394 -54.99 37.04 52.53
CA VAL B 394 -53.87 36.87 53.45
C VAL B 394 -53.53 35.41 53.44
N ASP B 395 -52.25 35.10 53.27
CA ASP B 395 -51.75 33.75 53.09
C ASP B 395 -50.71 33.58 54.18
N VAL B 396 -50.90 32.64 55.08
CA VAL B 396 -49.95 32.38 56.14
C VAL B 396 -49.21 31.09 55.87
N ILE B 397 -47.88 31.15 55.95
CA ILE B 397 -47.01 30.06 55.53
C ILE B 397 -46.07 29.71 56.63
N ASN B 398 -46.01 28.44 57.01
CA ASN B 398 -45.11 27.99 58.06
C ASN B 398 -43.84 27.51 57.43
N MET B 399 -42.71 28.04 57.88
CA MET B 399 -41.40 27.58 57.44
C MET B 399 -40.72 26.95 58.65
N ASP B 400 -40.26 25.72 58.51
CA ASP B 400 -39.60 25.00 59.61
C ASP B 400 -38.51 24.05 59.13
N TYR B 401 -37.96 23.27 60.05
CA TYR B 401 -37.02 22.21 59.71
C TYR B 401 -37.72 20.82 59.77
N GLY B 402 -39.00 20.81 59.44
CA GLY B 402 -39.75 19.59 59.24
C GLY B 402 -40.31 18.98 60.51
N MET B 403 -40.15 19.65 61.65
CA MET B 403 -40.65 19.10 62.92
C MET B 403 -41.12 20.24 63.80
N GLN B 404 -42.00 21.06 63.26
CA GLN B 404 -42.49 22.26 63.94
C GLN B 404 -41.31 22.95 64.65
N GLU B 405 -41.42 23.24 65.93
CA GLU B 405 -40.48 24.06 66.65
C GLU B 405 -39.15 23.36 66.98
N LYS B 406 -39.08 22.05 66.76
CA LYS B 406 -37.93 21.25 67.13
C LYS B 406 -36.81 21.22 66.09
N ASN B 407 -35.59 21.06 66.63
CA ASN B 407 -34.38 20.86 65.88
C ASN B 407 -34.30 19.38 65.53
N PRO B 408 -34.39 19.02 64.24
CA PRO B 408 -34.37 17.60 63.93
C PRO B 408 -33.05 16.93 64.18
N ILE B 409 -31.97 17.68 64.22
CA ILE B 409 -30.66 17.09 64.50
C ILE B 409 -30.56 16.62 65.94
N ASP B 410 -31.35 17.20 66.84
CA ASP B 410 -31.50 16.66 68.20
C ASP B 410 -32.15 15.27 68.20
N HIS B 411 -32.82 14.89 67.11
CA HIS B 411 -33.35 13.53 66.92
C HIS B 411 -32.57 12.65 65.90
N VAL B 412 -31.27 12.89 65.75
CA VAL B 412 -30.40 12.06 64.93
C VAL B 412 -29.41 11.40 65.87
N SER B 413 -28.98 10.21 65.49
CA SER B 413 -27.98 9.46 66.22
C SER B 413 -26.71 9.40 65.38
N PHE B 414 -25.57 9.47 66.07
CA PHE B 414 -24.28 9.57 65.42
C PHE B 414 -23.35 8.46 65.87
N TYR B 415 -22.31 8.16 65.09
CA TYR B 415 -21.23 7.26 65.54
C TYR B 415 -19.86 7.85 65.32
N CYS B 416 -18.86 7.39 66.07
CA CYS B 416 -17.47 7.88 65.93
C CYS B 416 -16.60 6.92 65.21
N LYS B 417 -15.49 7.42 64.66
CA LYS B 417 -14.58 6.54 63.92
C LYS B 417 -14.02 5.43 64.80
N THR B 418 -13.64 5.82 66.00
CA THR B 418 -13.02 4.93 66.96
C THR B 418 -13.95 3.85 67.54
N ALA B 419 -15.26 4.00 67.39
CA ALA B 419 -16.24 3.01 67.87
C ALA B 419 -17.51 3.09 67.04
N PRO B 420 -17.50 2.44 65.88
CA PRO B 420 -18.58 2.58 64.92
C PRO B 420 -19.88 1.86 65.23
N ASN B 421 -19.94 1.09 66.31
CA ASN B 421 -21.20 0.50 66.76
C ASN B 421 -21.86 1.22 67.92
N ARG B 422 -21.16 2.18 68.50
CA ARG B 422 -21.67 2.94 69.65
C ARG B 422 -22.27 4.25 69.17
N ALA B 423 -23.58 4.37 69.33
CA ALA B 423 -24.32 5.55 68.99
C ALA B 423 -24.17 6.61 70.07
N ILE B 424 -24.33 7.87 69.67
CA ILE B 424 -24.21 9.03 70.56
C ILE B 424 -25.13 10.14 70.08
N ARG B 425 -25.19 11.24 70.82
CA ARG B 425 -25.96 12.42 70.45
C ARG B 425 -25.04 13.60 70.27
N ILE B 426 -25.45 14.57 69.46
CA ILE B 426 -24.71 15.80 69.33
C ILE B 426 -25.70 16.98 69.50
N THR B 427 -25.43 17.82 70.48
CA THR B 427 -26.28 18.99 70.78
C THR B 427 -25.99 20.12 69.81
N LYS B 428 -26.73 21.24 69.93
CA LYS B 428 -26.46 22.39 69.04
C LYS B 428 -25.15 23.10 69.40
N ASN B 429 -24.90 23.25 70.73
CA ASN B 429 -23.60 23.84 71.21
C ASN B 429 -22.37 23.21 70.69
N GLN B 430 -22.42 21.89 70.64
CA GLN B 430 -21.29 21.03 70.18
C GLN B 430 -20.94 21.25 68.70
N VAL B 431 -21.78 21.94 67.92
CA VAL B 431 -21.53 22.12 66.48
C VAL B 431 -21.03 23.50 66.04
N SER B 432 -21.81 24.54 66.32
CA SER B 432 -21.51 25.89 65.84
C SER B 432 -22.40 26.96 66.45
N GLN B 433 -21.83 28.14 66.66
CA GLN B 433 -22.59 29.30 67.11
C GLN B 433 -23.37 29.95 65.96
N LEU B 434 -23.04 29.65 64.72
CA LEU B 434 -23.66 30.32 63.56
C LEU B 434 -24.89 29.61 63.02
N LEU B 435 -25.43 28.65 63.76
CA LEU B 435 -26.62 27.93 63.35
C LEU B 435 -27.85 28.72 63.73
N PRO B 436 -29.03 28.35 63.23
CA PRO B 436 -30.24 29.09 63.54
C PRO B 436 -30.59 29.07 65.03
N GLU B 437 -31.23 30.14 65.50
CA GLU B 437 -31.64 30.27 66.90
C GLU B 437 -32.97 29.52 67.14
N LYS B 438 -33.94 29.71 66.23
CA LYS B 438 -35.22 29.00 66.23
C LYS B 438 -35.25 28.10 65.02
N PHE B 439 -36.25 27.22 64.92
CA PHE B 439 -36.38 26.30 63.79
C PHE B 439 -37.76 26.31 63.12
N ALA B 440 -38.48 27.40 63.33
CA ALA B 440 -39.84 27.55 62.84
C ALA B 440 -40.25 28.99 62.90
N GLU B 441 -40.91 29.45 61.85
CA GLU B 441 -41.44 30.80 61.79
C GLU B 441 -42.65 30.81 60.90
N GLN B 442 -43.31 31.95 60.84
CA GLN B 442 -44.42 32.18 59.93
C GLN B 442 -44.14 33.32 58.99
N LEU B 443 -44.65 33.21 57.78
CA LEU B 443 -44.66 34.30 56.81
C LEU B 443 -46.07 34.64 56.47
N ILE B 444 -46.38 35.93 56.45
CA ILE B 444 -47.70 36.42 56.14
C ILE B 444 -47.59 37.30 54.92
N ARG B 445 -48.11 36.82 53.80
CA ARG B 445 -48.20 37.58 52.55
C ARG B 445 -49.60 38.11 52.43
N VAL B 446 -49.71 39.34 51.94
CA VAL B 446 -50.99 39.97 51.67
C VAL B 446 -51.02 40.34 50.18
N TYR B 447 -52.07 39.94 49.50
CA TYR B 447 -52.27 40.33 48.12
C TYR B 447 -53.59 41.11 48.05
N CYS B 448 -53.80 41.86 46.97
CA CYS B 448 -55.05 42.59 46.73
C CYS B 448 -55.70 42.17 45.41
N LYS B 449 -56.98 41.81 45.45
CA LYS B 449 -57.70 41.36 44.26
C LYS B 449 -57.99 42.48 43.25
N LYS B 450 -58.03 43.74 43.68
CA LYS B 450 -58.18 44.89 42.77
C LYS B 450 -56.82 45.35 42.24
N VAL B 451 -56.68 45.38 40.93
CA VAL B 451 -55.37 45.51 40.26
C VAL B 451 -54.91 46.96 40.04
N ASP B 452 -55.84 47.88 39.78
CA ASP B 452 -55.53 49.29 39.39
C ASP B 452 -54.61 50.09 40.31
N ARG B 453 -54.00 51.15 39.75
CA ARG B 453 -53.01 51.98 40.45
C ARG B 453 -53.56 52.54 41.77
N LYS B 454 -54.80 53.06 41.78
CA LYS B 454 -55.39 53.71 42.98
C LYS B 454 -55.65 52.69 44.13
N SER B 455 -56.23 51.52 43.81
CA SER B 455 -56.52 50.47 44.82
C SER B 455 -55.26 49.86 45.44
N LEU B 456 -54.23 49.70 44.62
CA LEU B 456 -52.98 49.11 45.06
C LEU B 456 -52.30 50.02 46.09
N TYR B 457 -52.30 51.33 45.83
CA TYR B 457 -51.77 52.28 46.81
C TYR B 457 -52.51 52.20 48.15
N ALA B 458 -53.83 52.13 48.08
CA ALA B 458 -54.65 52.05 49.28
C ALA B 458 -54.35 50.78 50.04
N ALA B 459 -54.28 49.67 49.31
CA ALA B 459 -53.99 48.36 49.88
C ALA B 459 -52.68 48.38 50.66
N ARG B 460 -51.67 49.02 50.10
CA ARG B 460 -50.38 49.19 50.76
C ARG B 460 -50.51 49.94 52.08
N GLN B 461 -51.31 51.00 52.11
CA GLN B 461 -51.51 51.77 53.34
C GLN B 461 -52.23 50.93 54.40
N TYR B 462 -53.32 50.28 54.02
CA TYR B 462 -53.99 49.34 54.93
C TYR B 462 -53.04 48.31 55.48
N PHE B 463 -52.25 47.70 54.60
CA PHE B 463 -51.33 46.63 55.01
C PHE B 463 -50.27 47.11 55.99
N VAL B 464 -49.56 48.18 55.66
CA VAL B 464 -48.45 48.65 56.48
C VAL B 464 -48.96 49.09 57.86
N GLN B 465 -50.18 49.63 57.90
CA GLN B 465 -50.83 50.00 59.15
C GLN B 465 -51.18 48.76 59.96
N TRP B 466 -51.80 47.79 59.32
CA TRP B 466 -52.12 46.50 59.95
C TRP B 466 -50.90 45.86 60.62
N CYS B 467 -49.74 45.99 59.96
CA CYS B 467 -48.47 45.51 60.51
C CYS B 467 -48.14 46.26 61.80
N ALA B 468 -48.20 47.59 61.76
CA ALA B 468 -47.99 48.39 62.95
C ALA B 468 -48.99 48.06 64.06
N ASP B 469 -50.27 47.94 63.69
CA ASP B 469 -51.35 47.64 64.63
C ASP B 469 -51.13 46.32 65.37
N ARG B 470 -50.66 45.27 64.69
CA ARG B 470 -50.46 43.97 65.34
C ARG B 470 -49.02 43.69 65.81
N ASN B 471 -48.20 44.74 65.82
CA ASN B 471 -46.81 44.66 66.23
C ASN B 471 -46.01 43.58 65.46
N PHE B 472 -46.26 43.53 64.15
CA PHE B 472 -45.52 42.69 63.22
C PHE B 472 -44.27 43.41 62.73
N THR B 473 -43.39 42.67 62.06
CA THR B 473 -42.14 43.24 61.53
C THR B 473 -42.49 44.23 60.45
N LYS B 474 -41.62 45.24 60.33
CA LYS B 474 -41.76 46.25 59.30
C LYS B 474 -41.54 45.60 57.94
N PRO B 475 -42.46 45.81 56.99
CA PRO B 475 -42.20 45.34 55.63
C PRO B 475 -40.90 45.88 55.08
N GLN B 476 -40.13 45.05 54.39
CA GLN B 476 -38.79 45.44 53.87
C GLN B 476 -38.86 46.74 53.07
N ASP B 477 -39.86 46.82 52.19
CA ASP B 477 -40.15 47.98 51.33
C ASP B 477 -41.02 49.06 51.96
N GLY B 478 -41.21 48.98 53.28
CA GLY B 478 -42.27 49.73 53.94
C GLY B 478 -42.13 51.22 53.89
N ASP B 479 -40.89 51.70 54.01
CA ASP B 479 -40.62 53.13 53.95
C ASP B 479 -40.97 53.74 52.60
N VAL B 480 -40.90 52.93 51.54
CA VAL B 480 -41.15 53.40 50.19
C VAL B 480 -42.64 53.33 49.85
N ILE B 481 -43.27 52.17 50.07
CA ILE B 481 -44.69 51.96 49.71
C ILE B 481 -45.68 52.70 50.58
N ALA B 482 -45.32 52.96 51.84
CA ALA B 482 -46.17 53.68 52.78
C ALA B 482 -45.34 54.63 53.65
N PRO B 483 -44.79 55.67 53.04
CA PRO B 483 -43.85 56.56 53.73
C PRO B 483 -44.48 57.37 54.85
N LEU B 484 -45.78 57.60 54.75
CA LEU B 484 -46.50 58.35 55.77
C LEU B 484 -46.88 57.51 57.00
N ILE B 485 -46.80 56.18 56.92
CA ILE B 485 -47.20 55.31 58.02
C ILE B 485 -46.05 54.81 58.88
N THR B 486 -44.89 54.56 58.29
CA THR B 486 -43.76 53.97 59.01
C THR B 486 -43.16 54.81 60.17
N PRO B 487 -43.20 56.15 60.08
CA PRO B 487 -42.81 56.89 61.30
C PRO B 487 -43.76 56.75 62.50
N GLN B 488 -45.06 56.49 62.30
CA GLN B 488 -46.00 56.20 63.43
C GLN B 488 -45.46 55.17 64.48
N LYS B 489 -44.81 54.09 64.02
CA LYS B 489 -44.28 53.05 64.92
C LYS B 489 -42.88 53.42 65.47
N LYS B 490 -42.80 53.72 66.78
CA LYS B 490 -41.51 53.97 67.50
C LYS B 490 -40.54 52.75 67.38
N GLU B 491 -41.09 51.53 67.50
CA GLU B 491 -40.31 50.27 67.41
C GLU B 491 -39.55 50.09 66.07
N TRP B 492 -39.95 50.80 65.00
CA TRP B 492 -39.31 50.72 63.67
C TRP B 492 -38.21 51.79 63.39
N ASN B 493 -37.84 52.61 64.40
CA ASN B 493 -36.91 53.77 64.22
C ASN B 493 -35.76 53.82 65.25
N THR C 8 -4.61 42.25 18.69
CA THR C 8 -6.09 42.11 18.70
C THR C 8 -6.70 41.13 19.80
N MET C 9 -8.03 41.29 19.94
CA MET C 9 -8.81 40.57 20.94
C MET C 9 -8.53 39.08 20.90
N LYS C 10 -8.65 38.44 22.03
CA LYS C 10 -8.36 37.04 22.12
C LYS C 10 -9.47 36.32 22.87
N VAL C 11 -9.89 35.18 22.36
CA VAL C 11 -10.93 34.38 23.01
C VAL C 11 -10.22 33.27 23.72
N ILE C 12 -10.71 32.95 24.91
CA ILE C 12 -10.13 31.91 25.74
C ILE C 12 -11.23 31.14 26.46
N ASN C 13 -11.11 29.81 26.51
CA ASN C 13 -12.12 28.90 27.03
C ASN C 13 -11.86 28.42 28.46
N ASP C 14 -12.60 29.03 29.36
CA ASP C 14 -12.59 28.71 30.79
C ASP C 14 -13.73 27.74 31.06
N PRO C 15 -13.50 26.68 31.84
CA PRO C 15 -14.60 25.76 32.12
C PRO C 15 -15.69 26.32 32.99
N ILE C 16 -15.39 27.33 33.79
CA ILE C 16 -16.42 27.95 34.63
C ILE C 16 -17.22 28.94 33.82
N HIS C 17 -16.56 29.85 33.14
CA HIS C 17 -17.24 30.99 32.52
C HIS C 17 -17.49 30.87 31.03
N GLY C 18 -16.88 29.89 30.40
CA GLY C 18 -17.09 29.67 28.98
C GLY C 18 -16.07 30.44 28.17
N HIS C 19 -16.44 30.82 26.95
CA HIS C 19 -15.54 31.58 26.11
C HIS C 19 -15.58 33.05 26.49
N ILE C 20 -14.45 33.58 26.93
CA ILE C 20 -14.38 34.96 27.36
C ILE C 20 -13.43 35.71 26.47
N GLU C 21 -13.67 37.01 26.29
CA GLU C 21 -12.82 37.85 25.45
C GLU C 21 -11.82 38.60 26.31
N LEU C 22 -10.59 38.65 25.85
CA LEU C 22 -9.55 39.40 26.52
C LEU C 22 -9.10 40.51 25.59
N HIS C 23 -9.33 41.74 26.04
CA HIS C 23 -8.83 42.93 25.35
C HIS C 23 -7.31 42.89 25.25
N PRO C 24 -6.73 43.38 24.14
CA PRO C 24 -5.29 43.27 23.91
C PRO C 24 -4.41 43.73 25.06
N LEU C 25 -4.80 44.84 25.70
CA LEU C 25 -4.13 45.32 26.89
C LEU C 25 -4.05 44.26 27.96
N LEU C 26 -5.13 43.53 28.17
CA LEU C 26 -5.16 42.45 29.17
C LEU C 26 -4.23 41.32 28.75
N VAL C 27 -4.28 40.93 27.48
CA VAL C 27 -3.40 39.89 26.95
C VAL C 27 -1.95 40.24 27.25
N ARG C 28 -1.64 41.51 27.08
CA ARG C 28 -0.27 41.98 27.23
C ARG C 28 0.22 41.91 28.67
N ILE C 29 -0.69 42.17 29.61
CA ILE C 29 -0.42 42.01 31.03
C ILE C 29 -0.29 40.54 31.38
N ILE C 30 -1.20 39.72 30.84
CA ILE C 30 -1.21 38.28 31.07
C ILE C 30 0.09 37.61 30.64
N ASP C 31 0.61 37.98 29.47
CA ASP C 31 1.82 37.36 28.91
C ASP C 31 3.13 37.98 29.44
N THR C 32 3.31 37.85 30.75
CA THR C 32 4.45 38.38 31.46
C THR C 32 4.83 37.40 32.55
N PRO C 33 6.12 37.29 32.88
CA PRO C 33 6.52 36.35 33.94
C PRO C 33 5.80 36.54 35.24
N GLN C 34 5.42 37.77 35.58
CA GLN C 34 4.85 38.06 36.88
C GLN C 34 3.43 37.51 37.03
N PHE C 35 2.73 37.45 35.90
CA PHE C 35 1.39 36.91 35.85
C PHE C 35 1.41 35.42 35.60
N GLN C 36 2.21 34.95 34.65
CA GLN C 36 2.26 33.51 34.33
C GLN C 36 2.76 32.71 35.53
N ARG C 37 3.52 33.35 36.40
CA ARG C 37 3.87 32.79 37.69
C ARG C 37 2.71 32.13 38.42
N LEU C 38 1.52 32.69 38.30
CA LEU C 38 0.34 32.14 38.96
C LEU C 38 -0.11 30.78 38.45
N ARG C 39 0.39 30.33 37.29
CA ARG C 39 0.17 28.95 36.86
C ARG C 39 0.79 27.92 37.79
N TYR C 40 1.79 28.33 38.56
CA TYR C 40 2.52 27.40 39.41
C TYR C 40 2.25 27.61 40.91
N ILE C 41 1.09 28.16 41.24
CA ILE C 41 0.65 28.34 42.63
C ILE C 41 -0.79 27.81 42.77
N LYS C 42 -0.97 26.78 43.60
CA LYS C 42 -2.29 26.15 43.72
C LYS C 42 -3.26 26.97 44.57
N GLN C 43 -4.52 26.99 44.14
CA GLN C 43 -5.55 27.85 44.73
C GLN C 43 -5.76 27.52 46.18
N LEU C 44 -6.00 26.21 46.43
CA LEU C 44 -6.34 25.73 47.73
C LEU C 44 -5.18 25.17 48.54
N GLY C 45 -3.95 25.51 48.17
CA GLY C 45 -2.75 25.09 48.90
C GLY C 45 -2.72 23.59 49.05
N GLY C 46 -2.56 23.14 50.29
CA GLY C 46 -2.64 21.73 50.64
C GLY C 46 -3.93 20.98 50.37
N GLY C 47 -5.01 21.68 50.08
CA GLY C 47 -6.29 21.03 49.81
C GLY C 47 -6.24 19.99 48.70
N TYR C 48 -5.36 20.16 47.71
CA TYR C 48 -5.18 19.13 46.67
C TYR C 48 -4.80 17.77 47.26
N TYR C 49 -4.14 17.76 48.41
CA TYR C 49 -3.73 16.50 49.04
C TYR C 49 -4.88 15.82 49.81
N VAL C 50 -6.04 16.46 49.86
CA VAL C 50 -7.27 15.88 50.40
C VAL C 50 -8.39 15.78 49.35
N PHE C 51 -8.57 16.81 48.53
CA PHE C 51 -9.54 16.78 47.44
C PHE C 51 -8.74 16.65 46.14
N PRO C 52 -8.62 15.43 45.59
CA PRO C 52 -7.75 15.27 44.43
C PRO C 52 -8.25 15.98 43.17
N GLY C 53 -9.46 16.55 43.19
CA GLY C 53 -9.87 17.40 42.08
C GLY C 53 -9.18 18.74 42.01
N ALA C 54 -8.74 19.25 43.18
CA ALA C 54 -8.33 20.66 43.40
C ALA C 54 -6.88 21.03 43.01
N SER C 55 -6.52 20.54 41.83
CA SER C 55 -5.31 20.88 41.09
C SER C 55 -5.21 22.32 40.61
N HIS C 56 -6.36 23.02 40.61
CA HIS C 56 -6.48 24.35 40.04
C HIS C 56 -5.60 25.37 40.73
N ASN C 57 -5.07 26.26 39.87
CA ASN C 57 -4.11 27.29 40.25
C ASN C 57 -4.68 28.70 40.17
N ARG C 58 -3.95 29.64 40.74
CA ARG C 58 -4.33 31.05 40.76
C ARG C 58 -4.49 31.72 39.40
N PHE C 59 -3.71 31.28 38.43
CA PHE C 59 -3.78 31.79 37.06
C PHE C 59 -5.22 31.88 36.57
N GLU C 60 -5.86 30.73 36.54
CA GLU C 60 -7.18 30.64 35.98
C GLU C 60 -8.27 31.34 36.80
N HIS C 61 -8.12 31.37 38.12
CA HIS C 61 -8.97 32.18 39.01
C HIS C 61 -8.81 33.64 38.66
N SER C 62 -7.54 34.06 38.52
CA SER C 62 -7.22 35.43 38.23
C SER C 62 -7.93 35.85 36.93
N LEU C 63 -7.86 35.05 35.87
CA LEU C 63 -8.60 35.38 34.64
C LEU C 63 -10.08 35.57 34.89
N GLY C 64 -10.67 34.65 35.64
CA GLY C 64 -12.10 34.65 35.88
C GLY C 64 -12.58 35.85 36.68
N VAL C 65 -11.75 36.29 37.63
CA VAL C 65 -12.11 37.47 38.42
C VAL C 65 -12.08 38.69 37.53
N GLY C 66 -11.07 38.75 36.68
CA GLY C 66 -10.98 39.78 35.67
C GLY C 66 -12.20 39.83 34.80
N TYR C 67 -12.64 38.66 34.35
CA TYR C 67 -13.78 38.57 33.47
C TYR C 67 -15.07 39.04 34.13
N LEU C 68 -15.31 38.55 35.34
CA LEU C 68 -16.50 38.90 36.10
C LEU C 68 -16.51 40.34 36.53
N ALA C 69 -15.36 40.88 36.86
CA ALA C 69 -15.26 42.33 37.11
C ALA C 69 -15.80 43.11 35.92
N GLY C 70 -15.38 42.71 34.73
CA GLY C 70 -15.89 43.25 33.48
C GLY C 70 -17.38 43.12 33.33
N CYS C 71 -17.93 41.95 33.62
CA CYS C 71 -19.37 41.74 33.46
C CYS C 71 -20.18 42.67 34.32
N LEU C 72 -19.77 42.84 35.56
CA LEU C 72 -20.56 43.61 36.50
C LEU C 72 -20.50 45.07 36.14
N VAL C 73 -19.31 45.61 35.93
CA VAL C 73 -19.18 47.03 35.57
C VAL C 73 -19.86 47.32 34.24
N HIS C 74 -19.73 46.42 33.28
CA HIS C 74 -20.33 46.58 31.97
C HIS C 74 -21.88 46.58 32.06
N ALA C 75 -22.41 45.69 32.89
CA ALA C 75 -23.85 45.58 33.09
C ALA C 75 -24.40 46.81 33.77
N LEU C 76 -23.73 47.29 34.82
CA LEU C 76 -24.19 48.49 35.50
C LEU C 76 -24.31 49.63 34.53
N GLY C 77 -23.37 49.71 33.57
CA GLY C 77 -23.34 50.75 32.54
C GLY C 77 -24.45 50.70 31.51
N GLU C 78 -24.81 49.50 31.07
CA GLU C 78 -25.96 49.33 30.16
C GLU C 78 -27.25 49.77 30.85
N LYS C 79 -27.52 49.23 32.03
CA LYS C 79 -28.74 49.51 32.80
C LYS C 79 -28.82 51.00 33.22
N GLN C 80 -27.70 51.69 33.46
CA GLN C 80 -27.70 53.11 33.93
C GLN C 80 -26.63 53.98 33.22
N PRO C 81 -26.96 54.49 32.03
CA PRO C 81 -26.02 55.35 31.33
C PRO C 81 -25.60 56.59 32.12
N GLU C 82 -26.51 57.16 32.91
CA GLU C 82 -26.25 58.35 33.72
C GLU C 82 -24.96 58.29 34.54
N LEU C 83 -24.51 57.09 34.91
CA LEU C 83 -23.29 56.89 35.68
C LEU C 83 -21.99 57.25 34.93
N GLN C 84 -22.07 57.23 33.60
CA GLN C 84 -20.97 57.64 32.71
C GLN C 84 -19.74 56.80 32.96
N ILE C 85 -19.94 55.50 32.82
CA ILE C 85 -18.89 54.52 32.95
C ILE C 85 -18.24 54.46 31.60
N SER C 86 -16.96 54.82 31.50
CA SER C 86 -16.20 54.81 30.23
C SER C 86 -15.54 53.47 29.99
N GLU C 87 -15.17 53.17 28.75
CA GLU C 87 -14.43 51.91 28.46
C GLU C 87 -13.07 51.92 29.12
N ARG C 88 -12.59 53.12 29.45
CA ARG C 88 -11.44 53.28 30.31
C ARG C 88 -11.67 52.74 31.71
N ASP C 89 -12.80 53.11 32.32
CA ASP C 89 -13.18 52.56 33.63
C ASP C 89 -13.27 51.05 33.58
N VAL C 90 -13.85 50.52 32.52
CA VAL C 90 -14.05 49.09 32.39
C VAL C 90 -12.72 48.36 32.35
N LEU C 91 -11.82 48.80 31.47
CA LEU C 91 -10.48 48.21 31.42
C LEU C 91 -9.77 48.24 32.76
N CYS C 92 -9.84 49.38 33.45
CA CYS C 92 -9.21 49.50 34.76
C CYS C 92 -9.76 48.52 35.77
N VAL C 93 -11.07 48.33 35.76
CA VAL C 93 -11.71 47.38 36.68
C VAL C 93 -11.32 45.96 36.31
N GLN C 94 -11.31 45.64 35.03
CA GLN C 94 -10.86 44.32 34.56
C GLN C 94 -9.43 44.04 34.97
N ILE C 95 -8.55 45.02 34.76
CA ILE C 95 -7.13 44.88 35.11
C ILE C 95 -6.95 44.63 36.60
N ALA C 96 -7.71 45.33 37.43
CA ALA C 96 -7.65 45.14 38.87
C ALA C 96 -8.05 43.74 39.22
N GLY C 97 -9.17 43.30 38.66
CA GLY C 97 -9.63 41.94 38.87
C GLY C 97 -8.62 40.88 38.46
N LEU C 98 -8.03 41.10 37.29
CA LEU C 98 -7.05 40.19 36.73
C LEU C 98 -5.81 40.06 37.62
N CYS C 99 -5.38 41.18 38.15
CA CYS C 99 -4.16 41.27 38.95
C CYS C 99 -4.37 41.24 40.47
N HIS C 100 -5.58 40.94 40.92
CA HIS C 100 -5.91 41.10 42.35
C HIS C 100 -5.14 40.12 43.23
N ASP C 101 -4.77 38.97 42.66
CA ASP C 101 -4.07 37.91 43.40
C ASP C 101 -2.64 37.71 42.93
N LEU C 102 -2.07 38.69 42.27
CA LEU C 102 -0.67 38.63 41.82
C LEU C 102 0.37 38.32 42.89
N GLY C 103 0.06 38.69 44.13
CA GLY C 103 0.97 38.57 45.26
C GLY C 103 0.77 37.38 46.20
N HIS C 104 0.07 36.35 45.75
CA HIS C 104 -0.04 35.14 46.56
C HIS C 104 1.29 34.42 46.55
N GLY C 105 1.62 33.82 47.69
CA GLY C 105 2.83 33.01 47.77
C GLY C 105 2.65 31.54 47.46
N PRO C 106 3.72 30.74 47.66
CA PRO C 106 3.60 29.31 47.56
C PRO C 106 2.48 28.76 48.42
N PHE C 107 1.65 27.91 47.83
CA PHE C 107 0.49 27.34 48.49
C PHE C 107 -0.49 28.39 49.00
N SER C 108 -0.62 29.46 48.23
CA SER C 108 -1.62 30.50 48.46
C SER C 108 -1.65 31.02 49.89
N HIS C 109 -2.65 30.57 50.65
CA HIS C 109 -3.00 31.15 51.93
C HIS C 109 -2.13 30.61 53.05
N MET C 110 -1.45 29.51 52.79
CA MET C 110 -0.47 28.98 53.70
C MET C 110 0.65 29.98 53.91
N PHE C 111 1.06 30.64 52.82
CA PHE C 111 2.19 31.57 52.85
C PHE C 111 1.97 32.83 53.68
N ASP C 112 0.93 33.59 53.37
CA ASP C 112 0.60 34.80 54.15
C ASP C 112 -0.03 34.47 55.51
N GLY C 113 -0.65 33.29 55.60
CA GLY C 113 -1.44 32.89 56.77
C GLY C 113 -0.68 32.14 57.85
N ARG C 114 0.17 31.19 57.47
CA ARG C 114 0.98 30.42 58.43
C ARG C 114 2.45 30.75 58.41
N PHE C 115 3.05 30.69 57.23
CA PHE C 115 4.51 30.73 57.10
C PHE C 115 5.17 32.05 57.49
N ILE C 116 4.82 33.12 56.78
CA ILE C 116 5.43 34.42 57.04
C ILE C 116 5.21 34.87 58.48
N PRO C 117 3.99 34.71 59.03
CA PRO C 117 3.83 35.06 60.45
C PRO C 117 4.75 34.34 61.41
N LEU C 118 5.15 33.12 61.08
CA LEU C 118 6.10 32.35 61.91
C LEU C 118 7.54 32.68 61.62
N ALA C 119 7.91 32.79 60.36
CA ALA C 119 9.29 33.06 59.97
C ALA C 119 9.73 34.49 60.29
N ARG C 120 8.81 35.45 60.16
CA ARG C 120 9.11 36.88 60.38
C ARG C 120 7.96 37.56 61.13
N PRO C 121 7.89 37.33 62.46
CA PRO C 121 6.80 37.87 63.27
C PRO C 121 6.73 39.40 63.33
N GLU C 122 7.88 40.06 63.16
CA GLU C 122 7.95 41.53 63.12
C GLU C 122 7.12 42.18 61.98
N VAL C 123 6.93 41.52 60.84
CA VAL C 123 6.27 42.17 59.70
C VAL C 123 4.78 41.91 59.71
N LYS C 124 3.97 42.93 59.36
CA LYS C 124 2.57 42.74 58.97
C LYS C 124 2.59 42.69 57.42
N TRP C 125 2.45 41.47 56.85
CA TRP C 125 2.44 41.26 55.37
C TRP C 125 1.22 40.49 54.91
N THR C 126 0.54 41.02 53.90
CA THR C 126 -0.67 40.39 53.33
C THR C 126 -0.46 40.06 51.86
N HIS C 127 -1.19 39.08 51.36
CA HIS C 127 -1.12 38.71 49.94
C HIS C 127 -1.53 39.91 49.06
N GLU C 128 -2.48 40.72 49.55
CA GLU C 128 -2.93 41.91 48.85
C GLU C 128 -1.81 42.93 48.63
N GLN C 129 -1.06 43.25 49.68
CA GLN C 129 0.05 44.20 49.56
C GLN C 129 1.03 43.73 48.52
N GLY C 130 1.25 42.41 48.52
CA GLY C 130 2.10 41.79 47.54
C GLY C 130 1.58 42.02 46.12
N SER C 131 0.27 41.89 45.94
CA SER C 131 -0.36 42.14 44.65
C SER C 131 -0.06 43.56 44.11
N VAL C 132 -0.15 44.55 44.98
CA VAL C 132 0.19 45.92 44.60
C VAL C 132 1.64 46.04 44.15
N MET C 133 2.55 45.50 44.94
CA MET C 133 3.96 45.55 44.63
C MET C 133 4.29 44.83 43.34
N MET C 134 3.73 43.65 43.18
CA MET C 134 3.97 42.80 42.03
C MET C 134 3.33 43.40 40.79
N PHE C 135 2.21 44.12 40.95
CA PHE C 135 1.60 44.84 39.83
C PHE C 135 2.55 45.92 39.33
N GLU C 136 3.03 46.75 40.27
CA GLU C 136 4.02 47.77 39.95
C GLU C 136 5.20 47.13 39.19
N HIS C 137 5.75 46.04 39.72
CA HIS C 137 6.89 45.37 39.09
C HIS C 137 6.54 44.88 37.70
N LEU C 138 5.34 44.35 37.53
CA LEU C 138 4.89 43.84 36.22
C LEU C 138 4.82 44.94 35.19
N ILE C 139 4.19 46.04 35.58
CA ILE C 139 4.07 47.24 34.75
C ILE C 139 5.45 47.74 34.28
N ASN C 140 6.34 47.98 35.23
CA ASN C 140 7.62 48.61 34.94
C ASN C 140 8.55 47.72 34.13
N SER C 141 8.65 46.45 34.50
CA SER C 141 9.56 45.54 33.81
C SER C 141 9.08 45.13 32.40
N ASN C 142 7.78 45.23 32.08
CA ASN C 142 7.28 44.83 30.75
C ASN C 142 6.74 45.98 29.88
N GLY C 143 7.16 47.22 30.17
CA GLY C 143 6.78 48.39 29.36
C GLY C 143 5.30 48.53 29.03
N ILE C 144 4.48 48.45 30.07
CA ILE C 144 3.02 48.44 29.92
C ILE C 144 2.45 49.85 29.80
N LYS C 145 3.10 50.81 30.47
CA LYS C 145 2.59 52.17 30.48
C LYS C 145 2.28 52.75 29.07
N PRO C 146 3.19 52.60 28.08
CA PRO C 146 2.85 53.03 26.71
C PRO C 146 1.64 52.35 26.11
N VAL C 147 1.46 51.07 26.42
CA VAL C 147 0.33 50.29 25.92
C VAL C 147 -0.96 50.72 26.58
N MET C 148 -0.92 51.06 27.88
CA MET C 148 -2.09 51.61 28.54
C MET C 148 -2.54 52.90 27.85
N GLU C 149 -1.57 53.79 27.60
CA GLU C 149 -1.85 55.05 26.91
C GLU C 149 -2.44 54.81 25.54
N GLN C 150 -1.92 53.84 24.83
CA GLN C 150 -2.41 53.48 23.51
C GLN C 150 -3.91 53.20 23.48
N TYR C 151 -4.44 52.58 24.53
CA TYR C 151 -5.87 52.27 24.61
C TYR C 151 -6.64 53.23 25.51
N GLY C 152 -6.13 54.44 25.68
CA GLY C 152 -6.89 55.51 26.31
C GLY C 152 -6.81 55.64 27.81
N LEU C 153 -5.98 54.84 28.47
CA LEU C 153 -5.78 55.00 29.91
C LEU C 153 -4.83 56.16 30.20
N ILE C 154 -4.84 56.63 31.43
CA ILE C 154 -3.90 57.63 31.92
C ILE C 154 -3.15 57.00 33.08
N PRO C 155 -1.96 56.45 32.82
CA PRO C 155 -1.23 55.68 33.83
C PRO C 155 -1.10 56.31 35.22
N GLU C 156 -0.77 57.61 35.29
CA GLU C 156 -0.69 58.28 36.62
C GLU C 156 -1.92 57.96 37.49
N GLU C 157 -3.08 58.38 37.00
CA GLU C 157 -4.38 58.18 37.68
C GLU C 157 -4.80 56.72 37.79
N ASP C 158 -4.71 56.00 36.68
CA ASP C 158 -5.29 54.66 36.61
C ASP C 158 -4.53 53.60 37.35
N ILE C 159 -3.21 53.66 37.33
CA ILE C 159 -2.43 52.71 38.12
C ILE C 159 -2.74 52.89 39.59
N CYS C 160 -2.96 54.11 40.03
CA CYS C 160 -3.39 54.36 41.40
C CYS C 160 -4.76 53.73 41.66
N PHE C 161 -5.72 53.98 40.78
CA PHE C 161 -7.06 53.40 40.84
C PHE C 161 -7.06 51.87 40.87
N ILE C 162 -6.18 51.25 40.09
CA ILE C 162 -6.06 49.80 40.08
C ILE C 162 -5.56 49.31 41.43
N LYS C 163 -4.46 49.88 41.91
CA LYS C 163 -3.91 49.51 43.21
C LYS C 163 -4.91 49.71 44.34
N GLU C 164 -5.66 50.80 44.28
CA GLU C 164 -6.66 51.12 45.31
C GLU C 164 -7.80 50.11 45.33
N GLN C 165 -8.21 49.62 44.16
CA GLN C 165 -9.22 48.57 44.11
C GLN C 165 -8.77 47.33 44.87
N ILE C 166 -7.48 47.03 44.77
CA ILE C 166 -6.90 45.81 45.32
C ILE C 166 -6.72 45.85 46.84
N VAL C 167 -6.08 46.90 47.36
CA VAL C 167 -5.78 47.01 48.80
C VAL C 167 -6.53 48.11 49.57
N GLY C 168 -7.43 48.85 48.92
CA GLY C 168 -8.08 49.97 49.57
C GLY C 168 -7.16 51.20 49.63
N PRO C 169 -7.52 52.20 50.47
CA PRO C 169 -6.90 53.55 50.26
C PRO C 169 -5.37 53.71 50.59
N LEU C 170 -4.55 54.03 49.58
CA LEU C 170 -3.08 54.16 49.79
C LEU C 170 -2.57 55.15 50.91
N GLU C 171 -3.36 56.16 51.35
CA GLU C 171 -3.00 57.07 52.51
C GLU C 171 -4.11 57.05 53.57
N LEU C 178 -13.90 62.45 55.08
CA LEU C 178 -13.76 62.79 53.69
C LEU C 178 -13.39 61.64 52.76
N TRP C 179 -13.44 61.90 51.46
CA TRP C 179 -13.19 60.91 50.42
C TRP C 179 -11.71 60.47 50.38
N PRO C 180 -11.44 59.22 50.80
CA PRO C 180 -10.05 58.78 50.89
C PRO C 180 -9.34 58.42 49.57
N TYR C 181 -10.07 58.18 48.48
CA TYR C 181 -9.44 57.65 47.26
C TYR C 181 -8.91 58.79 46.38
N LYS C 182 -7.70 58.60 45.83
CA LYS C 182 -7.09 59.53 44.89
C LYS C 182 -7.31 59.07 43.44
N GLY C 183 -7.66 57.80 43.23
CA GLY C 183 -7.78 57.23 41.88
C GLY C 183 -9.00 57.65 41.07
N ARG C 184 -10.15 57.76 41.74
CA ARG C 184 -11.40 58.22 41.14
C ARG C 184 -12.15 59.13 42.12
N PRO C 185 -13.07 59.95 41.61
CA PRO C 185 -13.93 60.78 42.47
C PRO C 185 -15.11 60.02 43.12
N GLU C 186 -15.82 60.71 44.01
CA GLU C 186 -16.96 60.13 44.76
C GLU C 186 -18.11 59.65 43.86
N ASN C 187 -18.29 60.31 42.71
CA ASN C 187 -19.35 59.96 41.75
C ASN C 187 -19.09 58.65 41.01
N LYS C 188 -17.95 58.02 41.27
CA LYS C 188 -17.68 56.67 40.81
C LYS C 188 -17.21 55.72 41.91
N SER C 189 -17.67 55.93 43.14
CA SER C 189 -17.26 55.07 44.26
C SER C 189 -17.69 53.61 44.12
N PHE C 190 -18.78 53.39 43.39
CA PHE C 190 -19.24 52.03 43.11
C PHE C 190 -18.19 51.18 42.42
N LEU C 191 -17.31 51.78 41.62
CA LEU C 191 -16.26 51.00 40.98
C LEU C 191 -15.32 50.28 41.97
N TYR C 192 -15.17 50.86 43.16
CA TYR C 192 -14.36 50.26 44.22
C TYR C 192 -15.00 49.06 44.92
N GLU C 193 -16.31 48.87 44.72
CA GLU C 193 -17.03 47.73 45.28
C GLU C 193 -17.14 46.50 44.36
N ILE C 194 -16.34 46.45 43.28
CA ILE C 194 -16.45 45.34 42.32
C ILE C 194 -15.45 44.23 42.57
N VAL C 195 -14.17 44.54 42.57
CA VAL C 195 -13.12 43.54 42.72
C VAL C 195 -12.88 43.14 44.18
N SER C 196 -12.87 44.11 45.08
CA SER C 196 -12.65 43.83 46.50
C SER C 196 -13.42 44.83 47.35
N ASN C 197 -14.58 44.36 47.85
CA ASN C 197 -15.59 45.19 48.50
C ASN C 197 -15.31 45.34 49.98
N LYS C 198 -14.72 46.47 50.35
CA LYS C 198 -14.40 46.73 51.77
C LYS C 198 -15.64 46.95 52.62
N ARG C 199 -16.75 47.37 52.02
CA ARG C 199 -17.95 47.74 52.76
C ARG C 199 -18.66 46.54 53.38
N ASN C 200 -18.89 45.51 52.56
CA ASN C 200 -19.65 44.33 52.95
C ASN C 200 -19.08 42.97 52.50
N GLY C 201 -18.18 42.96 51.53
CA GLY C 201 -17.53 41.72 51.11
C GLY C 201 -18.14 41.09 49.88
N ILE C 202 -19.24 41.63 49.36
CA ILE C 202 -19.85 41.08 48.17
C ILE C 202 -19.07 41.59 46.96
N ASP C 203 -18.17 40.76 46.45
CA ASP C 203 -17.29 41.11 45.35
C ASP C 203 -17.18 39.96 44.33
N VAL C 204 -16.67 40.23 43.15
CA VAL C 204 -16.60 39.21 42.10
C VAL C 204 -15.49 38.17 42.35
N ASP C 205 -14.55 38.47 43.21
CA ASP C 205 -13.54 37.51 43.64
C ASP C 205 -14.25 36.31 44.23
N LYS C 206 -15.16 36.55 45.18
CA LYS C 206 -15.93 35.45 45.79
C LYS C 206 -16.68 34.66 44.74
N TRP C 207 -17.31 35.38 43.82
CA TRP C 207 -18.19 34.73 42.86
C TRP C 207 -17.45 33.75 41.97
N ASP C 208 -16.21 34.09 41.60
CA ASP C 208 -15.43 33.18 40.79
C ASP C 208 -14.99 31.99 41.59
N TYR C 209 -14.47 32.21 42.80
CA TYR C 209 -13.94 31.09 43.55
C TYR C 209 -15.02 30.13 44.06
N PHE C 210 -16.20 30.64 44.38
CA PHE C 210 -17.32 29.75 44.72
C PHE C 210 -17.53 28.75 43.61
N ALA C 211 -17.69 29.26 42.40
CA ALA C 211 -18.00 28.44 41.25
C ALA C 211 -16.84 27.53 40.88
N ARG C 212 -15.63 28.07 40.91
CA ARG C 212 -14.45 27.35 40.47
C ARG C 212 -14.02 26.31 41.49
N ASP C 213 -13.96 26.67 42.76
CA ASP C 213 -13.53 25.74 43.79
C ASP C 213 -14.54 24.60 43.84
N CYS C 214 -15.81 24.91 43.83
CA CYS C 214 -16.83 23.87 43.74
C CYS C 214 -16.62 22.89 42.55
N HIS C 215 -16.32 23.44 41.37
CA HIS C 215 -16.16 22.63 40.16
C HIS C 215 -15.11 21.56 40.36
N HIS C 216 -13.97 21.98 40.91
CA HIS C 216 -12.82 21.12 41.11
C HIS C 216 -12.93 20.33 42.42
N LEU C 217 -13.58 20.86 43.46
CA LEU C 217 -13.64 20.16 44.74
C LEU C 217 -14.53 18.94 44.70
N GLY C 218 -15.62 18.99 43.94
CA GLY C 218 -16.68 17.96 44.02
C GLY C 218 -17.78 18.30 45.02
N ILE C 219 -18.08 19.59 45.10
CA ILE C 219 -19.18 20.14 45.89
C ILE C 219 -19.98 21.04 44.93
N GLN C 220 -21.31 20.94 44.90
CA GLN C 220 -22.13 21.90 44.13
C GLN C 220 -22.29 23.20 44.99
N ASN C 221 -22.38 24.28 44.25
CA ASN C 221 -22.34 25.67 44.74
C ASN C 221 -23.78 26.15 44.88
N ASN C 222 -24.15 26.73 46.02
CA ASN C 222 -25.54 27.17 46.19
C ASN C 222 -25.94 28.53 45.54
N PHE C 223 -24.98 29.28 44.99
CA PHE C 223 -25.15 30.74 44.78
C PHE C 223 -25.08 31.19 43.33
N ASP C 224 -26.00 32.09 42.93
CA ASP C 224 -26.13 32.52 41.52
C ASP C 224 -25.65 33.97 41.35
N TYR C 225 -24.39 34.13 40.92
CA TYR C 225 -23.83 35.48 40.68
C TYR C 225 -24.56 36.20 39.56
N LYS C 226 -24.94 35.46 38.53
CA LYS C 226 -25.58 36.06 37.38
C LYS C 226 -26.88 36.76 37.74
N ARG C 227 -27.62 36.17 38.67
CA ARG C 227 -28.86 36.73 39.14
C ARG C 227 -28.61 37.99 39.93
N PHE C 228 -27.55 38.00 40.75
CA PHE C 228 -27.20 39.21 41.51
C PHE C 228 -26.90 40.39 40.58
N ILE C 229 -26.14 40.11 39.51
CA ILE C 229 -25.86 41.10 38.49
C ILE C 229 -27.13 41.64 37.85
N LYS C 230 -28.11 40.80 37.56
CA LYS C 230 -29.37 41.31 36.98
C LYS C 230 -30.15 42.18 37.94
N PHE C 231 -30.01 41.97 39.25
CA PHE C 231 -30.70 42.78 40.23
C PHE C 231 -29.75 43.71 40.98
N ALA C 232 -28.70 44.16 40.32
CA ALA C 232 -27.78 45.12 40.92
C ALA C 232 -28.08 46.47 40.30
N ARG C 233 -27.76 47.52 41.05
CA ARG C 233 -28.13 48.86 40.68
C ARG C 233 -27.34 49.86 41.52
N VAL C 234 -27.04 51.03 40.96
CA VAL C 234 -26.33 52.06 41.69
C VAL C 234 -27.30 53.11 42.16
N CYS C 235 -27.22 53.49 43.43
CA CYS C 235 -28.07 54.53 44.02
C CYS C 235 -27.26 55.38 44.93
N GLU C 236 -27.80 56.53 45.29
CA GLU C 236 -27.13 57.42 46.22
C GLU C 236 -27.34 56.98 47.65
N VAL C 237 -26.25 56.76 48.38
CA VAL C 237 -26.28 56.51 49.82
C VAL C 237 -25.27 57.43 50.50
N ASP C 238 -25.77 58.38 51.30
CA ASP C 238 -24.92 59.30 52.06
C ASP C 238 -23.96 60.02 51.10
N ASN C 239 -24.53 60.72 50.13
CA ASN C 239 -23.75 61.58 49.20
C ASN C 239 -22.68 60.85 48.38
N GLU C 240 -22.94 59.59 48.06
CA GLU C 240 -21.93 58.71 47.45
C GLU C 240 -22.68 57.61 46.69
N LEU C 241 -22.28 57.36 45.44
CA LEU C 241 -22.97 56.38 44.61
C LEU C 241 -22.47 54.94 44.85
N ARG C 242 -23.32 54.06 45.41
CA ARG C 242 -22.94 52.66 45.70
C ARG C 242 -23.80 51.61 45.02
N ILE C 243 -23.26 50.40 44.91
CA ILE C 243 -24.02 49.25 44.43
C ILE C 243 -25.06 48.82 45.46
N CYS C 244 -26.31 48.70 45.01
CA CYS C 244 -27.39 48.22 45.84
C CYS C 244 -28.03 46.99 45.23
N ALA C 245 -28.57 46.12 46.08
CA ALA C 245 -29.27 44.93 45.64
C ALA C 245 -30.76 45.13 45.86
N ARG C 246 -31.56 44.34 45.15
CA ARG C 246 -32.99 44.45 45.29
C ARG C 246 -33.47 43.92 46.61
N ASP C 247 -34.48 44.57 47.17
CA ASP C 247 -34.99 44.18 48.49
C ASP C 247 -35.21 42.68 48.63
N LYS C 248 -35.95 42.06 47.72
CA LYS C 248 -36.30 40.66 47.84
C LYS C 248 -35.03 39.74 47.79
N GLU C 249 -33.93 40.16 47.19
CA GLU C 249 -32.69 39.37 47.15
C GLU C 249 -31.94 39.23 48.47
N VAL C 250 -32.38 39.91 49.53
CA VAL C 250 -31.69 39.87 50.81
C VAL C 250 -31.45 38.45 51.28
N GLY C 251 -32.45 37.58 51.10
CA GLY C 251 -32.32 36.17 51.42
C GLY C 251 -31.12 35.50 50.77
N ASN C 252 -30.98 35.70 49.46
CA ASN C 252 -29.85 35.16 48.70
C ASN C 252 -28.50 35.64 49.14
N LEU C 253 -28.45 36.85 49.71
CA LEU C 253 -27.19 37.39 50.22
C LEU C 253 -26.78 36.75 51.53
N TYR C 254 -27.71 36.51 52.46
CA TYR C 254 -27.38 35.74 53.66
C TYR C 254 -26.91 34.35 53.23
N ASP C 255 -27.51 33.79 52.19
CA ASP C 255 -27.14 32.47 51.65
C ASP C 255 -25.76 32.48 50.98
N MET C 256 -25.33 33.64 50.47
CA MET C 256 -23.99 33.75 49.90
C MET C 256 -22.95 33.53 50.98
N PHE C 257 -23.12 34.20 52.11
CA PHE C 257 -22.13 34.10 53.17
C PHE C 257 -22.21 32.76 53.88
N HIS C 258 -23.40 32.16 53.91
CA HIS C 258 -23.55 30.79 54.40
C HIS C 258 -22.77 29.83 53.50
N THR C 259 -22.94 29.96 52.18
CA THR C 259 -22.17 29.18 51.22
C THR C 259 -20.67 29.31 51.49
N ARG C 260 -20.22 30.52 51.74
CA ARG C 260 -18.81 30.75 52.01
C ARG C 260 -18.34 29.99 53.23
N ASN C 261 -19.03 30.19 54.35
CA ASN C 261 -18.69 29.51 55.60
C ASN C 261 -18.75 28.01 55.41
N SER C 262 -19.74 27.53 54.67
CA SER C 262 -19.87 26.12 54.33
C SER C 262 -18.65 25.58 53.57
N LEU C 263 -18.15 26.32 52.58
CA LEU C 263 -16.94 25.91 51.88
C LEU C 263 -15.70 25.94 52.76
N HIS C 264 -15.67 26.82 53.76
CA HIS C 264 -14.56 26.84 54.71
C HIS C 264 -14.60 25.62 55.56
N ARG C 265 -15.78 25.24 56.05
CA ARG C 265 -15.89 24.07 56.88
C ARG C 265 -15.60 22.80 56.17
N ARG C 266 -16.08 22.66 54.95
CA ARG C 266 -15.94 21.42 54.25
C ARG C 266 -14.57 21.21 53.68
N ALA C 267 -14.00 22.26 53.09
CA ALA C 267 -12.81 22.14 52.27
C ALA C 267 -11.66 22.97 52.76
N TYR C 268 -11.81 24.29 52.78
CA TYR C 268 -10.63 25.15 52.98
C TYR C 268 -9.94 24.97 54.35
N GLN C 269 -10.73 24.72 55.38
CA GLN C 269 -10.25 24.43 56.73
C GLN C 269 -10.34 22.95 57.10
N HIS C 270 -10.39 22.05 56.13
CA HIS C 270 -10.47 20.61 56.38
C HIS C 270 -9.33 20.17 57.28
N LYS C 271 -9.65 19.38 58.30
CA LYS C 271 -8.70 19.05 59.36
C LYS C 271 -7.35 18.48 58.88
N VAL C 272 -7.37 17.67 57.83
CA VAL C 272 -6.14 17.12 57.24
C VAL C 272 -5.52 18.08 56.25
N GLY C 273 -6.33 18.83 55.51
CA GLY C 273 -5.78 19.86 54.63
C GLY C 273 -4.91 20.83 55.41
N ASN C 274 -5.43 21.27 56.54
CA ASN C 274 -4.72 22.16 57.42
C ASN C 274 -3.46 21.54 58.05
N ILE C 275 -3.48 20.25 58.36
CA ILE C 275 -2.30 19.63 58.93
C ILE C 275 -1.21 19.48 57.85
N ILE C 276 -1.61 19.22 56.62
CA ILE C 276 -0.63 19.21 55.54
C ILE C 276 -0.04 20.60 55.32
N ASP C 277 -0.88 21.63 55.40
CA ASP C 277 -0.39 23.00 55.36
C ASP C 277 0.62 23.24 56.47
N THR C 278 0.31 22.88 57.72
CA THR C 278 1.25 23.14 58.81
C THR C 278 2.56 22.38 58.60
N MET C 279 2.49 21.19 58.01
CA MET C 279 3.70 20.39 57.75
C MET C 279 4.57 20.95 56.64
N ILE C 280 3.95 21.44 55.57
CA ILE C 280 4.70 22.10 54.52
C ILE C 280 5.35 23.38 55.09
N THR C 281 4.57 24.17 55.82
CA THR C 281 5.08 25.37 56.47
C THR C 281 6.27 25.05 57.36
N ASP C 282 6.15 23.97 58.11
CA ASP C 282 7.22 23.48 58.97
C ASP C 282 8.50 23.19 58.17
N ALA C 283 8.35 22.53 57.03
CA ALA C 283 9.45 22.21 56.15
C ALA C 283 10.08 23.43 55.55
N PHE C 284 9.26 24.42 55.15
CA PHE C 284 9.80 25.69 54.65
C PHE C 284 10.64 26.35 55.72
N LEU C 285 10.13 26.42 56.95
CA LEU C 285 10.87 27.02 58.06
C LEU C 285 12.25 26.37 58.23
N LYS C 286 12.33 25.05 58.13
CA LYS C 286 13.62 24.34 58.27
C LYS C 286 14.54 24.48 57.08
N ALA C 287 13.98 24.75 55.92
CA ALA C 287 14.77 25.02 54.72
C ALA C 287 15.06 26.50 54.49
N ASP C 288 14.54 27.39 55.33
CA ASP C 288 14.55 28.83 55.02
C ASP C 288 15.95 29.38 54.96
N ASP C 289 16.74 29.01 55.96
CA ASP C 289 18.16 29.38 56.08
C ASP C 289 19.02 28.99 54.88
N TYR C 290 18.69 27.88 54.20
CA TYR C 290 19.60 27.32 53.20
C TYR C 290 19.18 27.44 51.75
N ILE C 291 18.00 28.02 51.43
CA ILE C 291 17.60 28.19 50.03
C ILE C 291 17.80 29.65 49.65
N GLU C 292 18.56 29.86 48.58
CA GLU C 292 18.83 31.18 48.02
C GLU C 292 17.99 31.44 46.77
N ILE C 293 17.48 32.67 46.64
CA ILE C 293 16.69 33.09 45.46
C ILE C 293 17.26 34.43 44.99
N THR C 294 17.70 34.47 43.71
CA THR C 294 18.36 35.65 43.19
C THR C 294 17.32 36.69 42.84
N GLY C 295 17.56 37.91 43.30
CA GLY C 295 16.65 39.00 43.05
C GLY C 295 17.35 40.12 42.27
N ALA C 296 16.89 41.34 42.53
CA ALA C 296 17.28 42.51 41.78
C ALA C 296 18.72 42.84 42.10
N GLY C 297 19.50 43.09 41.05
CA GLY C 297 20.93 43.35 41.15
C GLY C 297 21.75 42.17 41.65
N GLY C 298 21.20 40.96 41.54
CA GLY C 298 21.85 39.76 42.04
C GLY C 298 21.86 39.56 43.57
N LYS C 299 21.22 40.44 44.38
CA LYS C 299 21.15 40.23 45.82
C LYS C 299 20.48 38.87 46.13
N LYS C 300 20.95 38.14 47.14
CA LYS C 300 20.39 36.81 47.45
C LYS C 300 19.31 36.97 48.54
N TYR C 301 18.14 36.37 48.28
CA TYR C 301 17.04 36.42 49.22
C TYR C 301 16.70 35.00 49.69
N ARG C 302 16.21 34.88 50.91
CA ARG C 302 15.67 33.64 51.46
C ARG C 302 14.17 33.58 51.18
N ILE C 303 13.54 32.43 51.43
CA ILE C 303 12.10 32.29 51.16
C ILE C 303 11.28 33.33 51.91
N SER C 304 11.60 33.54 53.18
CA SER C 304 10.93 34.55 54.02
C SER C 304 11.18 35.99 53.63
N THR C 305 12.29 36.26 52.96
CA THR C 305 12.65 37.64 52.52
C THR C 305 12.39 37.95 51.05
N ALA C 306 11.98 36.97 50.27
CA ALA C 306 11.66 37.21 48.85
C ALA C 306 10.52 38.19 48.69
N ILE C 307 9.64 38.27 49.67
CA ILE C 307 8.57 39.27 49.67
C ILE C 307 9.05 40.73 49.68
N ASP C 308 10.29 40.97 50.10
CA ASP C 308 10.84 42.31 50.07
C ASP C 308 11.33 42.77 48.68
N ASP C 309 11.57 41.82 47.77
CA ASP C 309 12.00 42.16 46.41
C ASP C 309 11.26 41.34 45.34
N MET C 310 10.52 42.03 44.50
CA MET C 310 9.58 41.41 43.59
C MET C 310 10.21 40.60 42.46
N GLU C 311 11.46 40.90 42.12
CA GLU C 311 12.12 40.09 41.10
C GLU C 311 12.46 38.72 41.64
N ALA C 312 12.80 38.68 42.94
CA ALA C 312 13.00 37.42 43.63
C ALA C 312 11.67 36.67 43.80
N TYR C 313 10.67 37.38 44.29
CA TYR C 313 9.35 36.80 44.54
C TYR C 313 8.72 36.18 43.30
N THR C 314 9.03 36.73 42.12
CA THR C 314 8.57 36.17 40.86
C THR C 314 8.96 34.67 40.70
N LYS C 315 10.13 34.31 41.22
CA LYS C 315 10.66 32.96 41.10
C LYS C 315 10.23 32.06 42.27
N LEU C 316 9.44 32.57 43.21
CA LEU C 316 9.01 31.81 44.38
C LEU C 316 7.59 31.30 44.24
N THR C 317 7.46 30.02 43.97
CA THR C 317 6.12 29.40 43.72
C THR C 317 6.05 28.05 44.45
N ASP C 318 5.02 27.25 44.15
CA ASP C 318 4.91 25.87 44.69
C ASP C 318 6.08 24.97 44.32
N ASN C 319 6.83 25.33 43.28
CA ASN C 319 8.11 24.69 42.97
C ASN C 319 8.92 24.37 44.19
N ILE C 320 8.96 25.34 45.12
CA ILE C 320 9.84 25.27 46.28
C ILE C 320 9.66 23.93 47.02
N PHE C 321 8.42 23.46 47.08
CA PHE C 321 8.07 22.16 47.67
C PHE C 321 8.92 21.07 47.03
N LEU C 322 8.87 20.97 45.71
CA LEU C 322 9.61 19.94 44.99
C LEU C 322 11.10 20.16 44.98
N GLU C 323 11.55 21.41 45.02
CA GLU C 323 12.98 21.72 45.08
C GLU C 323 13.54 21.14 46.37
N ILE C 324 12.82 21.34 47.48
CA ILE C 324 13.18 20.76 48.78
C ILE C 324 13.12 19.27 48.73
N LEU C 325 12.03 18.71 48.18
CA LEU C 325 11.85 17.25 48.12
C LEU C 325 12.91 16.51 47.34
N TYR C 326 13.29 17.06 46.20
CA TYR C 326 14.26 16.40 45.31
C TYR C 326 15.71 16.69 45.69
N SER C 327 15.97 17.61 46.60
CA SER C 327 17.32 18.04 46.90
C SER C 327 18.17 16.96 47.53
N THR C 328 19.48 17.13 47.42
CA THR C 328 20.48 16.27 48.04
C THR C 328 21.39 16.98 49.07
N ASP C 329 21.30 18.30 49.18
CA ASP C 329 22.12 19.05 50.14
C ASP C 329 21.84 18.55 51.56
N PRO C 330 22.89 18.13 52.30
CA PRO C 330 22.67 17.72 53.70
C PRO C 330 22.05 18.78 54.62
N LYS C 331 22.20 20.08 54.28
CA LYS C 331 21.59 21.15 55.07
C LYS C 331 20.06 21.15 54.96
N LEU C 332 19.52 20.64 53.86
CA LEU C 332 18.08 20.51 53.68
C LEU C 332 17.46 19.19 54.18
N LYS C 333 18.27 18.26 54.71
CA LYS C 333 17.79 16.92 55.12
C LYS C 333 16.62 16.99 56.08
N ASP C 334 16.68 17.90 57.04
CA ASP C 334 15.58 18.11 58.01
C ASP C 334 14.27 18.49 57.32
N ALA C 335 14.34 19.45 56.41
CA ALA C 335 13.17 19.90 55.68
C ALA C 335 12.65 18.84 54.71
N ARG C 336 13.56 18.21 53.99
CA ARG C 336 13.21 17.14 53.06
C ARG C 336 12.54 15.95 53.74
N GLU C 337 12.92 15.65 54.98
CA GLU C 337 12.31 14.54 55.72
C GLU C 337 10.86 14.74 56.04
N ILE C 338 10.50 15.98 56.34
CA ILE C 338 9.11 16.33 56.62
C ILE C 338 8.30 16.11 55.37
N LEU C 339 8.74 16.66 54.25
CA LEU C 339 8.01 16.49 53.00
C LEU C 339 7.93 15.04 52.59
N LYS C 340 8.96 14.25 52.86
CA LYS C 340 8.89 12.81 52.58
C LYS C 340 7.84 12.10 53.46
N GLN C 341 7.66 12.56 54.70
CA GLN C 341 6.59 12.03 55.55
C GLN C 341 5.19 12.33 55.03
N ILE C 342 5.04 13.40 54.26
CA ILE C 342 3.78 13.72 53.61
C ILE C 342 3.50 12.77 52.41
N GLU C 343 4.55 12.34 51.72
CA GLU C 343 4.41 11.38 50.61
C GLU C 343 3.88 10.06 51.16
N TYR C 344 4.57 9.54 52.17
CA TYR C 344 4.22 8.30 52.82
C TYR C 344 2.97 8.39 53.69
N ARG C 345 2.48 9.60 53.95
CA ARG C 345 1.21 9.82 54.66
C ARG C 345 1.33 9.54 56.15
N ASN C 346 2.52 9.77 56.72
CA ASN C 346 2.74 9.78 58.17
C ASN C 346 2.50 11.17 58.67
N LEU C 347 1.24 11.54 58.67
CA LEU C 347 0.81 12.85 59.05
C LEU C 347 0.62 12.88 60.55
N PHE C 348 0.71 14.07 61.08
CA PHE C 348 0.37 14.33 62.48
C PHE C 348 -1.09 13.91 62.68
N LYS C 349 -1.40 13.31 63.81
CA LYS C 349 -2.72 12.71 64.03
C LYS C 349 -3.70 13.68 64.66
N TYR C 350 -4.93 13.67 64.17
CA TYR C 350 -6.00 14.53 64.67
C TYR C 350 -6.53 13.94 65.94
N VAL C 351 -6.61 14.75 66.98
CA VAL C 351 -7.15 14.30 68.26
C VAL C 351 -8.60 14.68 68.43
N GLY C 352 -8.95 15.93 68.15
CA GLY C 352 -10.32 16.42 68.26
C GLY C 352 -10.50 17.91 68.06
N GLU C 353 -11.75 18.34 68.10
CA GLU C 353 -12.15 19.71 67.84
C GLU C 353 -12.96 20.19 69.01
N THR C 354 -12.87 21.48 69.30
CA THR C 354 -13.68 22.12 70.34
C THR C 354 -13.81 23.61 70.08
N GLN C 355 -14.72 24.24 70.82
CA GLN C 355 -15.01 25.67 70.72
C GLN C 355 -15.06 26.29 72.09
N PRO C 356 -14.78 27.60 72.21
CA PRO C 356 -15.10 28.31 73.45
C PRO C 356 -16.60 28.42 73.71
N THR C 357 -16.97 28.72 74.95
CA THR C 357 -18.39 28.91 75.30
C THR C 357 -18.58 30.36 75.77
N GLY C 358 -19.85 30.74 75.83
CA GLY C 358 -20.25 32.11 76.14
C GLY C 358 -19.81 33.08 75.03
N GLN C 359 -19.15 34.17 75.43
CA GLN C 359 -18.51 35.10 74.50
C GLN C 359 -17.02 35.27 74.91
N ILE C 360 -16.27 34.16 75.00
CA ILE C 360 -14.80 34.18 75.26
C ILE C 360 -14.04 34.05 73.91
N LYS C 361 -13.44 35.12 73.39
CA LYS C 361 -12.52 34.97 72.22
C LYS C 361 -11.13 34.59 72.78
N ILE C 362 -10.41 33.78 72.02
CA ILE C 362 -9.01 33.47 72.32
C ILE C 362 -8.09 34.41 71.54
N LYS C 363 -7.36 35.28 72.27
CA LYS C 363 -6.49 36.30 71.63
C LYS C 363 -5.35 35.65 70.81
N ARG C 364 -5.00 36.23 69.66
CA ARG C 364 -3.98 35.65 68.73
C ARG C 364 -2.56 35.56 69.39
N GLU C 365 -2.22 36.55 70.22
CA GLU C 365 -1.09 36.46 71.18
C GLU C 365 -0.99 35.12 71.99
N ASP C 366 -2.10 34.54 72.40
CA ASP C 366 -2.12 33.31 73.21
C ASP C 366 -1.96 31.95 72.45
N TYR C 367 -1.97 31.97 71.13
CA TYR C 367 -1.88 30.74 70.31
C TYR C 367 -0.59 29.95 70.60
N GLU C 368 0.55 30.63 70.69
CA GLU C 368 1.86 30.01 71.02
C GLU C 368 1.76 29.20 72.33
N SER C 369 1.02 29.71 73.32
CA SER C 369 0.92 29.10 74.67
C SER C 369 0.04 27.85 74.85
N LEU C 370 -0.83 27.55 73.87
CA LEU C 370 -1.88 26.52 74.04
C LEU C 370 -1.39 25.07 74.08
N PRO C 371 -0.38 24.70 73.28
CA PRO C 371 0.20 23.36 73.46
C PRO C 371 0.73 23.11 74.88
N LYS C 372 1.40 24.09 75.47
CA LYS C 372 1.85 24.03 76.90
C LYS C 372 0.68 23.67 77.78
N GLU C 373 -0.47 24.31 77.55
CA GLU C 373 -1.67 24.08 78.36
C GLU C 373 -2.25 22.68 78.28
N VAL C 374 -2.24 22.09 77.08
CA VAL C 374 -2.82 20.76 76.88
C VAL C 374 -2.01 19.73 77.64
N ALA C 375 -0.69 19.76 77.50
CA ALA C 375 0.21 18.86 78.24
C ALA C 375 0.15 19.06 79.76
N SER C 376 -0.15 20.28 80.19
CA SER C 376 -0.28 20.61 81.61
C SER C 376 -1.49 19.98 82.28
N ALA C 377 -2.55 19.70 81.51
CA ALA C 377 -3.75 19.11 82.08
C ALA C 377 -3.46 17.82 82.80
N LYS C 378 -4.10 17.61 83.94
CA LYS C 378 -3.83 16.44 84.76
C LYS C 378 -5.09 15.57 84.76
N PRO C 379 -5.30 14.71 83.72
CA PRO C 379 -6.48 13.86 83.66
C PRO C 379 -6.50 12.77 84.66
N LYS C 380 -7.58 12.55 85.42
CA LYS C 380 -7.66 11.46 86.43
C LYS C 380 -7.79 10.05 85.79
N VAL C 381 -6.86 9.71 84.92
CA VAL C 381 -6.76 8.39 84.26
C VAL C 381 -5.36 7.86 84.36
N LEU C 382 -5.15 6.58 84.54
CA LEU C 382 -3.78 6.00 84.53
C LEU C 382 -3.18 6.03 83.11
N LEU C 383 -2.00 6.61 82.93
CA LEU C 383 -1.35 6.69 81.65
C LEU C 383 0.01 6.05 81.79
N ASP C 384 0.37 5.18 80.81
CA ASP C 384 1.76 4.79 80.59
C ASP C 384 2.74 5.87 80.24
N VAL C 385 2.30 6.77 79.35
CA VAL C 385 3.16 7.70 78.62
C VAL C 385 2.75 9.16 78.99
N LYS C 386 3.70 9.92 79.58
CA LYS C 386 3.59 11.37 79.68
C LYS C 386 3.93 11.97 78.27
N LEU C 387 3.25 13.05 77.88
CA LEU C 387 3.55 13.79 76.63
C LEU C 387 3.96 15.24 76.93
N LYS C 388 5.07 15.71 76.35
CA LYS C 388 5.52 17.10 76.52
C LYS C 388 4.78 18.03 75.52
N ALA C 389 4.84 19.33 75.77
CA ALA C 389 4.10 20.34 75.01
C ALA C 389 4.44 20.40 73.53
N GLU C 390 5.71 20.19 73.19
CA GLU C 390 6.17 20.14 71.80
C GLU C 390 5.56 19.00 70.97
N ASP C 391 4.92 18.02 71.64
CA ASP C 391 4.21 16.91 70.99
C ASP C 391 2.82 17.31 70.44
N PHE C 392 2.27 18.39 70.96
CA PHE C 392 0.93 18.87 70.57
C PHE C 392 0.99 20.03 69.58
N ILE C 393 0.04 20.05 68.65
CA ILE C 393 -0.25 21.20 67.80
C ILE C 393 -1.66 21.65 68.11
N VAL C 394 -1.84 22.92 68.41
CA VAL C 394 -3.16 23.51 68.56
C VAL C 394 -3.29 24.54 67.46
N ASP C 395 -4.40 24.47 66.74
CA ASP C 395 -4.66 25.29 65.57
C ASP C 395 -5.96 25.99 65.87
N VAL C 396 -5.96 27.30 65.93
CA VAL C 396 -7.17 28.08 66.21
C VAL C 396 -7.61 28.76 64.92
N ILE C 397 -8.88 28.59 64.57
CA ILE C 397 -9.40 29.00 63.28
C ILE C 397 -10.61 29.86 63.48
N ASN C 398 -10.60 31.05 62.88
CA ASN C 398 -11.74 31.95 63.00
C ASN C 398 -12.64 31.72 61.82
N MET C 399 -13.92 31.48 62.09
CA MET C 399 -14.93 31.36 61.06
C MET C 399 -15.88 32.54 61.22
N ASP C 400 -16.10 33.30 60.15
CA ASP C 400 -16.97 34.48 60.22
C ASP C 400 -17.70 34.72 58.91
N TYR C 401 -18.42 35.84 58.84
CA TYR C 401 -19.06 36.30 57.61
C TYR C 401 -18.24 37.44 56.96
N GLY C 402 -16.92 37.39 57.14
CA GLY C 402 -16.00 38.26 56.44
C GLY C 402 -15.81 39.62 57.06
N MET C 403 -16.40 39.87 58.23
CA MET C 403 -16.29 41.17 58.89
C MET C 403 -16.28 40.98 60.38
N GLN C 404 -15.37 40.13 60.84
CA GLN C 404 -15.30 39.76 62.27
C GLN C 404 -16.73 39.54 62.79
N GLU C 405 -17.07 40.20 63.89
CA GLU C 405 -18.31 39.95 64.60
C GLU C 405 -19.55 40.50 63.97
N LYS C 406 -19.38 41.33 62.94
CA LYS C 406 -20.47 42.06 62.28
C LYS C 406 -21.19 41.24 61.21
N ASN C 407 -22.48 41.58 61.06
CA ASN C 407 -23.35 41.07 60.02
C ASN C 407 -23.12 41.92 58.78
N PRO C 408 -22.57 41.34 57.70
CA PRO C 408 -22.31 42.17 56.54
C PRO C 408 -23.53 42.67 55.84
N ILE C 409 -24.66 41.99 56.01
CA ILE C 409 -25.90 42.44 55.38
C ILE C 409 -26.41 43.73 56.01
N ASP C 410 -26.04 44.00 57.26
CA ASP C 410 -26.26 45.31 57.86
C ASP C 410 -25.50 46.42 57.15
N HIS C 411 -24.46 46.07 56.39
CA HIS C 411 -23.72 47.02 55.53
C HIS C 411 -24.00 46.89 54.01
N VAL C 412 -25.20 46.45 53.65
CA VAL C 412 -25.66 46.41 52.25
C VAL C 412 -26.80 47.39 52.13
N SER C 413 -26.92 47.96 50.95
CA SER C 413 -28.00 48.87 50.63
C SER C 413 -28.90 48.20 49.60
N PHE C 414 -30.21 48.47 49.76
CA PHE C 414 -31.22 47.80 48.96
C PHE C 414 -32.10 48.79 48.24
N TYR C 415 -32.76 48.38 47.16
CA TYR C 415 -33.80 49.22 46.51
C TYR C 415 -35.09 48.46 46.29
N CYS C 416 -36.21 49.18 46.16
CA CYS C 416 -37.54 48.54 45.95
C CYS C 416 -37.99 48.67 44.54
N LYS C 417 -38.89 47.81 44.12
CA LYS C 417 -39.40 47.86 42.74
C LYS C 417 -40.06 49.18 42.43
N THR C 418 -40.88 49.64 43.38
CA THR C 418 -41.64 50.87 43.24
C THR C 418 -40.82 52.16 43.21
N ALA C 419 -39.57 52.12 43.64
CA ALA C 419 -38.68 53.30 43.64
C ALA C 419 -37.24 52.85 43.57
N PRO C 420 -36.77 52.58 42.35
CA PRO C 420 -35.46 51.96 42.16
C PRO C 420 -34.26 52.89 42.33
N ASN C 421 -34.46 54.18 42.57
CA ASN C 421 -33.34 55.06 42.91
C ASN C 421 -33.19 55.36 44.39
N ARG C 422 -34.19 54.97 45.19
CA ARG C 422 -34.15 55.19 46.62
C ARG C 422 -33.63 53.97 47.36
N ALA C 423 -32.46 54.17 47.97
CA ALA C 423 -31.81 53.13 48.76
C ALA C 423 -32.43 53.05 50.12
N ILE C 424 -32.32 51.87 50.73
CA ILE C 424 -32.87 51.58 52.08
C ILE C 424 -31.98 50.57 52.78
N ARG C 425 -32.31 50.26 54.03
CA ARG C 425 -31.62 49.23 54.81
C ARG C 425 -32.58 48.13 55.16
N ILE C 426 -32.07 46.93 55.38
CA ILE C 426 -32.88 45.82 55.84
C ILE C 426 -32.15 45.19 57.05
N THR C 427 -32.83 45.18 58.20
CA THR C 427 -32.27 44.63 59.45
C THR C 427 -32.37 43.11 59.44
N LYS C 428 -31.88 42.46 60.49
CA LYS C 428 -32.00 41.00 60.58
C LYS C 428 -33.43 40.53 60.87
N ASN C 429 -34.12 41.27 61.76
CA ASN C 429 -35.56 41.00 62.09
C ASN C 429 -36.46 40.95 60.90
N GLN C 430 -36.24 41.91 60.00
CA GLN C 430 -37.01 42.10 58.76
C GLN C 430 -36.91 40.91 57.80
N VAL C 431 -35.95 39.98 58.00
CA VAL C 431 -35.75 38.88 57.06
C VAL C 431 -36.25 37.49 57.51
N SER C 432 -35.74 37.02 58.65
CA SER C 432 -36.01 35.65 59.09
C SER C 432 -35.50 35.36 60.50
N GLN C 433 -36.28 34.57 61.25
CA GLN C 433 -35.84 34.07 62.55
C GLN C 433 -34.84 32.95 62.46
N LEU C 434 -34.72 32.32 61.31
CA LEU C 434 -33.81 31.13 61.15
C LEU C 434 -32.39 31.49 60.71
N LEU C 435 -32.03 32.75 60.79
CA LEU C 435 -30.69 33.19 60.45
C LEU C 435 -29.77 33.03 61.64
N PRO C 436 -28.46 33.14 61.43
CA PRO C 436 -27.52 32.96 62.55
C PRO C 436 -27.69 33.99 63.64
N GLU C 437 -27.39 33.60 64.88
CA GLU C 437 -27.47 34.46 66.05
C GLU C 437 -26.19 35.34 66.15
N LYS C 438 -25.02 34.71 65.98
CA LYS C 438 -23.73 35.39 65.91
C LYS C 438 -23.19 35.24 64.49
N PHE C 439 -22.11 35.96 64.17
CA PHE C 439 -21.49 35.90 62.84
C PHE C 439 -19.99 35.62 62.87
N ALA C 440 -19.53 35.07 63.99
CA ALA C 440 -18.12 34.80 64.18
C ALA C 440 -17.96 33.79 65.30
N GLU C 441 -17.07 32.84 65.11
CA GLU C 441 -16.76 31.86 66.12
C GLU C 441 -15.34 31.38 65.93
N GLN C 442 -14.88 30.58 66.87
CA GLN C 442 -13.56 29.97 66.78
C GLN C 442 -13.67 28.46 66.80
N LEU C 443 -12.78 27.81 66.07
CA LEU C 443 -12.59 26.37 66.15
C LEU C 443 -11.20 26.08 66.60
N ILE C 444 -11.08 25.15 67.54
CA ILE C 444 -9.80 24.76 68.10
C ILE C 444 -9.59 23.29 67.80
N ARG C 445 -8.67 22.99 66.90
CA ARG C 445 -8.27 21.63 66.57
C ARG C 445 -6.98 21.34 67.31
N VAL C 446 -6.87 20.11 67.82
CA VAL C 446 -5.66 19.63 68.46
C VAL C 446 -5.17 18.40 67.70
N TYR C 447 -3.91 18.38 67.32
CA TYR C 447 -3.31 17.22 66.70
C TYR C 447 -2.15 16.78 67.59
N CYS C 448 -1.67 15.54 67.41
CA CYS C 448 -0.52 15.00 68.15
C CYS C 448 0.58 14.56 67.18
N LYS C 449 1.82 15.03 67.40
CA LYS C 449 2.94 14.69 66.52
C LYS C 449 3.41 13.24 66.66
N LYS C 450 3.16 12.59 67.79
CA LYS C 450 3.48 11.16 67.98
C LYS C 450 2.33 10.28 67.48
N VAL C 451 2.65 9.37 66.56
CA VAL C 451 1.66 8.64 65.75
C VAL C 451 1.11 7.36 66.42
N ASP C 452 1.95 6.65 67.19
CA ASP C 452 1.60 5.31 67.74
C ASP C 452 0.31 5.21 68.58
N ARG C 453 -0.22 3.98 68.69
CA ARG C 453 -1.49 3.71 69.39
C ARG C 453 -1.48 4.24 70.84
N LYS C 454 -0.40 4.02 71.59
CA LYS C 454 -0.32 4.42 73.03
C LYS C 454 -0.32 5.95 73.21
N SER C 455 0.47 6.68 72.42
CA SER C 455 0.56 8.16 72.49
C SER C 455 -0.75 8.87 72.10
N LEU C 456 -1.42 8.31 71.10
CA LEU C 456 -2.66 8.87 70.62
C LEU C 456 -3.75 8.78 71.69
N TYR C 457 -3.83 7.64 72.37
CA TYR C 457 -4.77 7.51 73.51
C TYR C 457 -4.50 8.54 74.59
N ALA C 458 -3.23 8.72 74.93
CA ALA C 458 -2.85 9.68 75.96
C ALA C 458 -3.24 11.08 75.54
N ALA C 459 -2.93 11.41 74.29
CA ALA C 459 -3.24 12.72 73.72
C ALA C 459 -4.72 13.05 73.84
N ARG C 460 -5.55 12.06 73.54
CA ARG C 460 -7.00 12.18 73.70
C ARG C 460 -7.41 12.52 75.12
N GLN C 461 -6.80 11.85 76.09
CA GLN C 461 -7.11 12.12 77.50
C GLN C 461 -6.69 13.53 77.92
N TYR C 462 -5.46 13.92 77.59
CA TYR C 462 -5.01 15.29 77.80
C TYR C 462 -5.97 16.30 77.18
N PHE C 463 -6.36 16.07 75.93
CA PHE C 463 -7.22 17.00 75.21
C PHE C 463 -8.59 17.14 75.85
N VAL C 464 -9.27 16.03 76.09
CA VAL C 464 -10.65 16.08 76.60
C VAL C 464 -10.68 16.71 78.00
N GLN C 465 -9.61 16.52 78.76
CA GLN C 465 -9.47 17.14 80.08
C GLN C 465 -9.27 18.63 79.93
N TRP C 466 -8.36 19.03 79.05
CA TRP C 466 -8.11 20.45 78.74
C TRP C 466 -9.41 21.18 78.39
N CYS C 467 -10.29 20.50 77.64
CA CYS C 467 -11.60 21.03 77.30
C CYS C 467 -12.43 21.27 78.56
N ALA C 468 -12.51 20.26 79.43
CA ALA C 468 -13.20 20.42 80.71
C ALA C 468 -12.60 21.52 81.56
N ASP C 469 -11.27 21.55 81.64
CA ASP C 469 -10.52 22.54 82.43
C ASP C 469 -10.84 23.98 81.99
N ARG C 470 -10.93 24.24 80.69
CA ARG C 470 -11.18 25.61 80.23
C ARG C 470 -12.64 25.92 79.90
N ASN C 471 -13.54 25.03 80.32
CA ASN C 471 -14.98 25.14 80.09
C ASN C 471 -15.34 25.34 78.60
N PHE C 472 -14.66 24.56 77.77
CA PHE C 472 -14.94 24.48 76.34
C PHE C 472 -16.02 23.45 76.06
N THR C 473 -16.53 23.43 74.83
CA THR C 473 -17.59 22.51 74.46
C THR C 473 -17.06 21.12 74.51
N LYS C 474 -17.95 20.16 74.82
CA LYS C 474 -17.59 18.76 74.83
C LYS C 474 -17.29 18.33 73.40
N PRO C 475 -16.14 17.68 73.18
CA PRO C 475 -15.88 17.16 71.84
C PRO C 475 -16.99 16.18 71.43
N GLN C 476 -17.40 16.24 70.16
CA GLN C 476 -18.53 15.42 69.65
C GLN C 476 -18.31 13.94 69.95
N ASP C 477 -17.07 13.47 69.72
CA ASP C 477 -16.65 12.08 69.98
C ASP C 477 -16.16 11.81 71.39
N GLY C 478 -16.41 12.74 72.31
CA GLY C 478 -15.71 12.78 73.59
C GLY C 478 -16.00 11.61 74.49
N ASP C 479 -17.23 11.16 74.49
CA ASP C 479 -17.64 9.99 75.30
C ASP C 479 -16.95 8.72 74.87
N VAL C 480 -16.58 8.63 73.60
CA VAL C 480 -15.95 7.45 73.05
C VAL C 480 -14.43 7.48 73.25
N ILE C 481 -13.78 8.57 72.84
CA ILE C 481 -12.31 8.69 72.91
C ILE C 481 -11.75 8.83 74.32
N ALA C 482 -12.53 9.40 75.23
CA ALA C 482 -12.14 9.60 76.62
C ALA C 482 -13.29 9.34 77.56
N PRO C 483 -13.73 8.07 77.65
CA PRO C 483 -14.95 7.74 78.40
C PRO C 483 -14.81 7.94 79.90
N LEU C 484 -13.58 7.87 80.40
CA LEU C 484 -13.28 8.04 81.81
C LEU C 484 -13.24 9.51 82.23
N ILE C 485 -13.14 10.45 81.29
CA ILE C 485 -13.03 11.87 81.62
C ILE C 485 -14.34 12.65 81.52
N THR C 486 -15.21 12.30 80.59
CA THR C 486 -16.45 13.06 80.35
C THR C 486 -17.46 13.09 81.52
N PRO C 487 -17.53 12.02 82.34
CA PRO C 487 -18.35 12.20 83.55
C PRO C 487 -17.83 13.23 84.58
N GLN C 488 -16.52 13.46 84.68
CA GLN C 488 -15.94 14.52 85.57
C GLN C 488 -16.66 15.91 85.43
N LYS C 489 -17.02 16.33 84.21
CA LYS C 489 -17.70 17.61 83.99
C LYS C 489 -19.24 17.52 84.19
N LYS C 490 -19.75 18.14 85.27
CA LYS C 490 -21.20 18.25 85.56
C LYS C 490 -21.96 18.95 84.38
N GLU C 491 -21.38 20.02 83.83
CA GLU C 491 -21.96 20.79 82.70
C GLU C 491 -22.23 19.95 81.43
N TRP C 492 -21.57 18.79 81.28
CA TRP C 492 -21.77 17.87 80.12
C TRP C 492 -22.83 16.75 80.32
N ASN C 493 -23.58 16.75 81.43
CA ASN C 493 -24.53 15.64 81.80
C ASN C 493 -25.92 16.14 82.21
N THR D 8 -7.16 0.75 57.18
CA THR D 8 -8.62 0.71 56.86
C THR D 8 -9.12 1.52 55.61
N MET D 9 -10.35 1.14 55.24
CA MET D 9 -10.99 1.62 53.95
C MET D 9 -11.00 3.13 53.98
N LYS D 10 -10.92 3.71 52.81
CA LYS D 10 -10.80 5.16 52.74
C LYS D 10 -11.74 5.70 51.69
N VAL D 11 -12.47 6.75 52.02
CA VAL D 11 -13.37 7.39 51.06
C VAL D 11 -12.66 8.61 50.57
N ILE D 12 -12.80 8.88 49.29
CA ILE D 12 -12.13 10.00 48.64
C ILE D 12 -13.04 10.62 47.59
N ASN D 13 -13.09 11.95 47.54
CA ASN D 13 -14.04 12.70 46.71
C ASN D 13 -13.43 13.26 45.43
N ASP D 14 -13.75 12.55 44.35
CA ASP D 14 -13.34 12.92 43.00
C ASP D 14 -14.47 13.71 42.36
N PRO D 15 -14.17 14.81 41.67
CA PRO D 15 -15.25 15.57 41.05
C PRO D 15 -15.91 14.85 39.88
N ILE D 16 -15.23 13.92 39.25
CA ILE D 16 -15.82 13.18 38.14
C ILE D 16 -16.68 12.06 38.68
N HIS D 17 -16.13 11.24 39.56
CA HIS D 17 -16.79 10.00 39.97
C HIS D 17 -17.52 10.04 41.28
N GLY D 18 -17.31 11.10 42.05
CA GLY D 18 -17.97 11.24 43.34
C GLY D 18 -17.16 10.60 44.44
N HIS D 19 -17.82 10.13 45.48
CA HIS D 19 -17.13 9.50 46.59
C HIS D 19 -16.83 8.06 46.25
N ILE D 20 -15.55 7.72 46.20
CA ILE D 20 -15.14 6.37 45.87
C ILE D 20 -14.43 5.77 47.04
N GLU D 21 -14.53 4.45 47.20
CA GLU D 21 -13.86 3.73 48.27
C GLU D 21 -12.56 3.14 47.78
N LEU D 22 -11.53 3.26 48.60
CA LEU D 22 -10.24 2.68 48.30
C LEU D 22 -9.96 1.63 49.36
N HIS D 23 -9.86 0.39 48.90
CA HIS D 23 -9.44 -0.72 49.72
C HIS D 23 -8.04 -0.47 50.30
N PRO D 24 -7.78 -0.88 51.54
CA PRO D 24 -6.51 -0.56 52.21
C PRO D 24 -5.26 -0.88 51.42
N LEU D 25 -5.26 -2.02 50.72
CA LEU D 25 -4.17 -2.38 49.82
C LEU D 25 -3.92 -1.29 48.79
N LEU D 26 -4.99 -0.73 48.23
CA LEU D 26 -4.85 0.35 47.24
C LEU D 26 -4.29 1.60 47.90
N VAL D 27 -4.79 1.95 49.07
CA VAL D 27 -4.29 3.11 49.83
C VAL D 27 -2.80 2.98 50.02
N ARG D 28 -2.36 1.78 50.32
CA ARG D 28 -0.96 1.52 50.62
C ARG D 28 -0.06 1.70 49.42
N ILE D 29 -0.57 1.33 48.25
CA ILE D 29 0.10 1.55 46.97
C ILE D 29 0.10 3.04 46.64
N ILE D 30 -1.04 3.69 46.84
CA ILE D 30 -1.19 5.12 46.58
C ILE D 30 -0.23 5.99 47.39
N ASP D 31 -0.05 5.66 48.66
CA ASP D 31 0.79 6.47 49.57
C ASP D 31 2.28 6.04 49.51
N THR D 32 2.85 6.23 48.34
CA THR D 32 4.22 5.88 48.05
C THR D 32 4.78 6.97 47.12
N PRO D 33 6.08 7.27 47.22
CA PRO D 33 6.65 8.28 46.33
C PRO D 33 6.43 8.02 44.86
N GLN D 34 6.37 6.75 44.45
CA GLN D 34 6.30 6.39 43.05
C GLN D 34 4.95 6.74 42.42
N PHE D 35 3.91 6.67 43.26
CA PHE D 35 2.56 6.99 42.86
C PHE D 35 2.27 8.47 43.07
N GLN D 36 2.63 9.03 44.21
CA GLN D 36 2.36 10.45 44.48
C GLN D 36 3.10 11.35 43.50
N ARG D 37 4.19 10.85 42.93
CA ARG D 37 4.85 11.49 41.81
C ARG D 37 3.91 11.98 40.72
N LEU D 38 2.84 11.24 40.48
CA LEU D 38 1.87 11.63 39.45
C LEU D 38 1.09 12.90 39.75
N ARG D 39 1.12 13.40 40.98
CA ARG D 39 0.56 14.71 41.29
C ARG D 39 1.30 15.85 40.57
N TYR D 40 2.54 15.61 40.18
CA TYR D 40 3.35 16.65 39.60
C TYR D 40 3.63 16.44 38.09
N ILE D 41 2.72 15.72 37.41
CA ILE D 41 2.77 15.54 35.96
C ILE D 41 1.40 15.84 35.35
N LYS D 42 1.33 16.85 34.48
CA LYS D 42 0.04 17.28 33.92
C LYS D 42 -0.48 16.33 32.85
N GLN D 43 -1.79 16.12 32.84
CA GLN D 43 -2.44 15.13 31.98
C GLN D 43 -2.24 15.46 30.53
N LEU D 44 -2.55 16.70 30.19
CA LEU D 44 -2.55 17.16 28.82
C LEU D 44 -1.27 17.90 28.42
N GLY D 45 -0.19 17.73 29.17
CA GLY D 45 1.09 18.36 28.87
C GLY D 45 0.94 19.86 28.71
N GLY D 46 1.42 20.35 27.58
CA GLY D 46 1.27 21.74 27.17
C GLY D 46 -0.14 22.28 26.99
N GLY D 47 -1.15 21.41 26.94
CA GLY D 47 -2.52 21.86 26.77
C GLY D 47 -2.98 22.87 27.80
N TYR D 48 -2.46 22.80 29.02
CA TYR D 48 -2.78 23.83 30.03
C TYR D 48 -2.44 25.25 29.56
N TYR D 49 -1.46 25.39 28.68
CA TYR D 49 -1.07 26.70 28.18
C TYR D 49 -2.01 27.22 27.07
N VAL D 50 -2.97 26.40 26.66
CA VAL D 50 -4.05 26.80 25.75
C VAL D 50 -5.44 26.70 26.39
N PHE D 51 -5.71 25.64 27.15
CA PHE D 51 -6.97 25.50 27.87
C PHE D 51 -6.65 25.72 29.35
N PRO D 52 -6.89 26.93 29.88
CA PRO D 52 -6.49 27.20 31.25
C PRO D 52 -7.25 26.40 32.31
N GLY D 53 -8.28 25.65 31.92
CA GLY D 53 -8.90 24.73 32.87
C GLY D 53 -8.06 23.51 33.19
N ALA D 54 -7.21 23.09 32.23
CA ALA D 54 -6.55 21.76 32.18
C ALA D 54 -5.25 21.61 33.01
N SER D 55 -5.35 22.12 34.23
CA SER D 55 -4.39 21.96 35.33
C SER D 55 -4.26 20.54 35.85
N HIS D 56 -5.22 19.68 35.51
CA HIS D 56 -5.32 18.32 36.05
C HIS D 56 -4.12 17.47 35.70
N ASN D 57 -3.76 16.65 36.70
CA ASN D 57 -2.59 15.79 36.68
C ASN D 57 -2.94 14.31 36.61
N ARG D 58 -1.94 13.50 36.32
CA ARG D 58 -2.08 12.05 36.22
C ARG D 58 -2.56 11.33 37.46
N PHE D 59 -2.20 11.86 38.63
CA PHE D 59 -2.63 11.31 39.91
C PHE D 59 -4.11 11.01 39.92
N GLU D 60 -4.89 12.04 39.71
CA GLU D 60 -6.33 11.93 39.83
C GLU D 60 -6.99 11.09 38.73
N HIS D 61 -6.42 11.11 37.52
CA HIS D 61 -6.82 10.19 36.43
C HIS D 61 -6.54 8.77 36.85
N SER D 62 -5.36 8.55 37.40
CA SER D 62 -4.94 7.23 37.81
C SER D 62 -5.96 6.69 38.84
N LEU D 63 -6.34 7.47 39.85
CA LEU D 63 -7.37 7.01 40.79
C LEU D 63 -8.66 6.61 40.08
N GLY D 64 -9.11 7.45 39.16
CA GLY D 64 -10.37 7.22 38.49
C GLY D 64 -10.39 5.99 37.61
N VAL D 65 -9.25 5.69 36.98
CA VAL D 65 -9.15 4.48 36.16
C VAL D 65 -9.23 3.27 37.04
N GLY D 66 -8.54 3.35 38.17
CA GLY D 66 -8.62 2.31 39.18
C GLY D 66 -10.04 2.08 39.62
N TYR D 67 -10.76 3.15 39.89
CA TYR D 67 -12.12 3.05 40.37
C TYR D 67 -13.04 2.41 39.35
N LEU D 68 -12.97 2.87 38.10
CA LEU D 68 -13.81 2.37 37.02
C LEU D 68 -13.46 0.94 36.66
N ALA D 69 -12.18 0.58 36.72
CA ALA D 69 -11.80 -0.81 36.56
C ALA D 69 -12.57 -1.69 37.55
N GLY D 70 -12.61 -1.26 38.80
CA GLY D 70 -13.40 -1.89 39.83
C GLY D 70 -14.88 -1.98 39.51
N CYS D 71 -15.46 -0.91 39.02
CA CYS D 71 -16.90 -0.93 38.72
C CYS D 71 -17.25 -1.94 37.67
N LEU D 72 -16.45 -2.02 36.61
CA LEU D 72 -16.78 -2.88 35.49
C LEU D 72 -16.63 -4.32 35.91
N VAL D 73 -15.50 -4.68 36.50
CA VAL D 73 -15.29 -6.08 36.91
C VAL D 73 -16.31 -6.48 37.98
N HIS D 74 -16.60 -5.59 38.91
CA HIS D 74 -17.56 -5.87 39.96
C HIS D 74 -18.99 -6.09 39.39
N ALA D 75 -19.36 -5.28 38.41
CA ALA D 75 -20.66 -5.39 37.77
C ALA D 75 -20.78 -6.67 36.99
N LEU D 76 -19.75 -7.02 36.22
CA LEU D 76 -19.78 -8.26 35.45
C LEU D 76 -20.05 -9.43 36.38
N GLY D 77 -19.46 -9.39 37.58
CA GLY D 77 -19.59 -10.43 38.61
C GLY D 77 -20.96 -10.57 39.23
N GLU D 78 -21.61 -9.44 39.52
CA GLU D 78 -23.01 -9.45 40.00
C GLU D 78 -23.93 -10.08 38.96
N LYS D 79 -23.90 -9.55 37.73
CA LYS D 79 -24.76 -10.00 36.63
C LYS D 79 -24.50 -11.49 36.26
N GLN D 80 -23.26 -11.99 36.40
CA GLN D 80 -22.91 -13.37 35.99
C GLN D 80 -22.00 -14.09 37.00
N PRO D 81 -22.60 -14.68 38.06
CA PRO D 81 -21.80 -15.41 39.04
C PRO D 81 -20.99 -16.56 38.45
N GLU D 82 -21.52 -17.23 37.44
CA GLU D 82 -20.83 -18.35 36.76
C GLU D 82 -19.38 -18.08 36.39
N LEU D 83 -19.03 -16.81 36.15
CA LEU D 83 -17.67 -16.44 35.79
C LEU D 83 -16.64 -16.61 36.90
N GLN D 84 -17.12 -16.63 38.15
CA GLN D 84 -16.30 -16.89 39.34
C GLN D 84 -15.19 -15.86 39.47
N ILE D 85 -15.63 -14.61 39.51
CA ILE D 85 -14.75 -13.50 39.68
C ILE D 85 -14.56 -13.36 41.17
N SER D 86 -13.33 -13.52 41.68
CA SER D 86 -13.04 -13.44 43.11
C SER D 86 -12.69 -12.02 43.51
N GLU D 87 -12.78 -11.68 44.81
CA GLU D 87 -12.34 -10.34 45.26
C GLU D 87 -10.85 -10.13 45.07
N ARG D 88 -10.13 -11.24 44.93
CA ARG D 88 -8.75 -11.22 44.49
C ARG D 88 -8.61 -10.69 43.06
N ASP D 89 -9.44 -11.21 42.14
CA ASP D 89 -9.47 -10.71 40.77
C ASP D 89 -9.78 -9.22 40.75
N VAL D 90 -10.74 -8.79 41.56
CA VAL D 90 -11.17 -7.41 41.58
C VAL D 90 -10.04 -6.50 42.01
N LEU D 91 -9.41 -6.82 43.13
CA LEU D 91 -8.25 -6.04 43.59
C LEU D 91 -7.16 -5.94 42.54
N CYS D 92 -6.85 -7.06 41.89
CA CYS D 92 -5.82 -7.06 40.86
C CYS D 92 -6.16 -6.15 39.69
N VAL D 93 -7.42 -6.14 39.29
CA VAL D 93 -7.88 -5.29 38.19
C VAL D 93 -7.83 -3.83 38.63
N GLN D 94 -8.28 -3.54 39.84
CA GLN D 94 -8.19 -2.18 40.38
C GLN D 94 -6.76 -1.69 40.46
N ILE D 95 -5.86 -2.53 40.95
CA ILE D 95 -4.44 -2.17 41.07
C ILE D 95 -3.85 -1.86 39.70
N ALA D 96 -4.18 -2.64 38.68
CA ALA D 96 -3.70 -2.42 37.34
C ALA D 96 -4.18 -1.09 36.84
N GLY D 97 -5.46 -0.83 37.01
CA GLY D 97 -6.04 0.45 36.64
C GLY D 97 -5.38 1.63 37.31
N LEU D 98 -5.15 1.48 38.61
CA LEU D 98 -4.56 2.52 39.42
C LEU D 98 -3.14 2.86 38.96
N CYS D 99 -2.39 1.81 38.63
CA CYS D 99 -0.98 1.94 38.27
C CYS D 99 -0.70 1.97 36.75
N HIS D 100 -1.74 2.09 35.93
CA HIS D 100 -1.55 1.92 34.48
C HIS D 100 -0.71 3.02 33.87
N ASP D 101 -0.71 4.21 34.49
CA ASP D 101 0.02 5.38 33.98
C ASP D 101 1.18 5.79 34.87
N LEU D 102 1.65 4.87 35.71
CA LEU D 102 2.80 5.14 36.59
C LEU D 102 4.06 5.64 35.89
N GLY D 103 4.23 5.24 34.62
CA GLY D 103 5.43 5.53 33.86
C GLY D 103 5.37 6.69 32.87
N HIS D 104 4.42 7.59 33.03
CA HIS D 104 4.41 8.78 32.20
C HIS D 104 5.53 9.70 32.62
N GLY D 105 6.12 10.36 31.64
CA GLY D 105 7.17 11.35 31.92
C GLY D 105 6.67 12.78 32.11
N PRO D 106 7.60 13.74 32.24
CA PRO D 106 7.25 15.13 32.28
C PRO D 106 6.39 15.52 31.09
N PHE D 107 5.29 16.21 31.36
CA PHE D 107 4.33 16.62 30.35
C PHE D 107 3.74 15.44 29.58
N SER D 108 3.53 14.35 30.29
CA SER D 108 2.82 13.17 29.79
C SER D 108 3.34 12.69 28.43
N HIS D 109 2.56 13.01 27.37
CA HIS D 109 2.75 12.40 26.06
C HIS D 109 3.84 13.08 25.27
N MET D 110 4.23 14.27 25.70
CA MET D 110 5.36 14.95 25.13
C MET D 110 6.63 14.13 25.33
N PHE D 111 6.76 13.51 26.51
CA PHE D 111 7.97 12.79 26.87
C PHE D 111 8.22 11.53 26.05
N ASP D 112 7.25 10.60 26.03
CA ASP D 112 7.39 9.37 25.24
C ASP D 112 7.18 9.64 23.74
N GLY D 113 6.44 10.70 23.41
CA GLY D 113 6.03 10.98 22.04
C GLY D 113 6.96 11.85 21.23
N ARG D 114 7.50 12.92 21.83
CA ARG D 114 8.45 13.82 21.15
C ARG D 114 9.87 13.71 21.65
N PHE D 115 10.04 13.84 22.96
CA PHE D 115 11.38 14.02 23.55
C PHE D 115 12.30 12.82 23.44
N ILE D 116 11.92 11.70 24.03
CA ILE D 116 12.76 10.50 24.04
C ILE D 116 13.09 10.04 22.62
N PRO D 117 12.12 10.03 21.69
CA PRO D 117 12.48 9.68 20.32
C PRO D 117 13.55 10.55 19.68
N LEU D 118 13.62 11.82 20.08
CA LEU D 118 14.66 12.73 19.58
C LEU D 118 15.97 12.62 20.33
N ALA D 119 15.91 12.55 21.65
CA ALA D 119 17.12 12.48 22.48
C ALA D 119 17.84 11.13 22.37
N ARG D 120 17.09 10.05 22.23
CA ARG D 120 17.65 8.69 22.17
C ARG D 120 16.94 7.85 21.11
N PRO D 121 17.27 8.09 19.83
CA PRO D 121 16.62 7.39 18.71
C PRO D 121 16.83 5.88 18.68
N GLU D 122 17.94 5.40 19.26
CA GLU D 122 18.22 3.97 19.38
C GLU D 122 17.19 3.16 20.21
N VAL D 123 16.52 3.77 21.20
CA VAL D 123 15.62 3.00 22.08
C VAL D 123 14.20 3.04 21.55
N LYS D 124 13.48 1.92 21.67
CA LYS D 124 12.01 1.89 21.58
C LYS D 124 11.52 1.94 23.04
N TRP D 125 11.03 3.11 23.49
CA TRP D 125 10.50 3.28 24.87
C TRP D 125 9.10 3.86 24.89
N THR D 126 8.20 3.22 25.65
CA THR D 126 6.80 3.66 25.76
C THR D 126 6.46 3.98 27.22
N HIS D 127 5.46 4.83 27.42
CA HIS D 127 5.03 5.17 28.77
C HIS D 127 4.53 3.90 29.51
N GLU D 128 3.92 2.98 28.76
CA GLU D 128 3.45 1.70 29.30
C GLU D 128 4.58 0.87 29.90
N GLN D 129 5.66 0.68 29.16
CA GLN D 129 6.80 -0.09 29.66
C GLN D 129 7.33 0.50 30.95
N GLY D 130 7.33 1.82 30.99
CA GLY D 130 7.71 2.56 32.18
C GLY D 130 6.80 2.22 33.34
N SER D 131 5.50 2.15 33.09
CA SER D 131 4.53 1.78 34.13
C SER D 131 4.86 0.41 34.77
N VAL D 132 5.20 -0.57 33.95
CA VAL D 132 5.60 -1.87 34.44
C VAL D 132 6.84 -1.79 35.34
N MET D 133 7.86 -1.08 34.86
CA MET D 133 9.10 -0.92 35.62
C MET D 133 8.88 -0.19 36.92
N MET D 134 8.12 0.89 36.85
CA MET D 134 7.84 1.73 38.01
C MET D 134 6.93 1.00 39.00
N PHE D 135 6.05 0.14 38.50
CA PHE D 135 5.23 -0.71 39.38
C PHE D 135 6.11 -1.65 40.17
N GLU D 136 6.99 -2.36 39.47
CA GLU D 136 7.97 -3.23 40.12
C GLU D 136 8.73 -2.46 41.19
N HIS D 137 9.25 -1.28 40.85
CA HIS D 137 10.02 -0.46 41.81
C HIS D 137 9.16 -0.08 43.00
N LEU D 138 7.90 0.28 42.75
CA LEU D 138 6.99 0.69 43.83
C LEU D 138 6.75 -0.45 44.81
N ILE D 139 6.46 -1.62 44.25
CA ILE D 139 6.24 -2.85 45.02
C ILE D 139 7.43 -3.15 45.92
N ASN D 140 8.62 -3.24 45.32
CA ASN D 140 9.81 -3.69 46.03
C ASN D 140 10.30 -2.70 47.08
N SER D 141 10.32 -1.42 46.73
CA SER D 141 10.80 -0.41 47.67
C SER D 141 9.83 -0.10 48.83
N ASN D 142 8.54 -0.40 48.71
CA ASN D 142 7.58 -0.12 49.80
C ASN D 142 6.97 -1.37 50.48
N GLY D 143 7.63 -2.51 50.37
CA GLY D 143 7.22 -3.76 51.03
C GLY D 143 5.75 -4.13 50.86
N ILE D 144 5.30 -4.15 49.62
CA ILE D 144 3.89 -4.36 49.29
C ILE D 144 3.53 -5.84 49.25
N LYS D 145 4.48 -6.68 48.84
CA LYS D 145 4.22 -8.10 48.70
C LYS D 145 3.58 -8.75 49.95
N PRO D 146 4.08 -8.49 51.18
CA PRO D 146 3.41 -9.02 52.38
C PRO D 146 1.98 -8.53 52.55
N VAL D 147 1.72 -7.28 52.16
CA VAL D 147 0.39 -6.69 52.29
C VAL D 147 -0.55 -7.29 51.25
N MET D 148 -0.05 -7.58 50.04
CA MET D 148 -0.87 -8.29 49.06
C MET D 148 -1.31 -9.64 49.60
N GLU D 149 -0.36 -10.39 50.16
CA GLU D 149 -0.65 -11.70 50.76
C GLU D 149 -1.69 -11.58 51.85
N GLN D 150 -1.55 -10.55 52.68
CA GLN D 150 -2.49 -10.31 53.77
C GLN D 150 -3.94 -10.24 53.31
N TYR D 151 -4.19 -9.68 52.13
CA TYR D 151 -5.54 -9.58 51.59
C TYR D 151 -5.84 -10.61 50.51
N GLY D 152 -5.15 -11.73 50.55
CA GLY D 152 -5.51 -12.88 49.72
C GLY D 152 -4.93 -12.97 48.34
N LEU D 153 -4.06 -12.04 47.95
CA LEU D 153 -3.37 -12.14 46.65
C LEU D 153 -2.22 -13.15 46.71
N ILE D 154 -1.78 -13.58 45.55
CA ILE D 154 -0.59 -14.41 45.41
C ILE D 154 0.39 -13.65 44.54
N PRO D 155 1.33 -12.92 45.14
CA PRO D 155 2.23 -12.04 44.40
C PRO D 155 2.89 -12.63 43.16
N GLU D 156 3.40 -13.88 43.22
CA GLU D 156 4.00 -14.51 42.02
C GLU D 156 3.08 -14.34 40.78
N GLU D 157 1.88 -14.91 40.87
CA GLU D 157 0.86 -14.88 39.81
C GLU D 157 0.31 -13.50 39.55
N ASP D 158 -0.07 -12.80 40.60
CA ASP D 158 -0.83 -11.56 40.46
C ASP D 158 -0.04 -10.38 39.98
N ILE D 159 1.21 -10.26 40.41
CA ILE D 159 2.05 -9.17 39.90
C ILE D 159 2.25 -9.36 38.41
N CYS D 160 2.38 -10.60 37.95
CA CYS D 160 2.44 -10.87 36.52
C CYS D 160 1.13 -10.43 35.82
N PHE D 161 0.00 -10.84 36.36
CA PHE D 161 -1.33 -10.45 35.85
C PHE D 161 -1.53 -8.94 35.80
N ILE D 162 -1.04 -8.22 36.80
CA ILE D 162 -1.15 -6.77 36.81
C ILE D 162 -0.32 -6.18 35.68
N LYS D 163 0.94 -6.57 35.59
CA LYS D 163 1.82 -6.10 34.52
C LYS D 163 1.28 -6.42 33.14
N GLU D 164 0.71 -7.61 32.98
CA GLU D 164 0.15 -8.04 31.69
C GLU D 164 -1.06 -7.20 31.29
N GLN D 165 -1.89 -6.80 32.25
CA GLN D 165 -3.01 -5.90 31.96
C GLN D 165 -2.50 -4.61 31.34
N ILE D 166 -1.38 -4.12 31.84
CA ILE D 166 -0.83 -2.81 31.47
C ILE D 166 -0.17 -2.79 30.10
N VAL D 167 0.74 -3.72 29.84
CA VAL D 167 1.49 -3.76 28.57
C VAL D 167 1.20 -4.93 27.64
N GLY D 168 0.28 -5.82 28.00
CA GLY D 168 0.05 -7.02 27.19
C GLY D 168 1.08 -8.09 27.47
N PRO D 169 1.13 -9.13 26.60
CA PRO D 169 1.88 -10.36 26.99
C PRO D 169 3.42 -10.30 27.14
N LEU D 170 3.93 -10.54 28.35
CA LEU D 170 5.39 -10.41 28.62
C LEU D 170 6.38 -11.29 27.74
N GLU D 171 5.95 -12.38 27.06
CA GLU D 171 6.80 -13.12 26.06
C GLU D 171 6.14 -13.21 24.68
N SER D 177 -1.95 -20.76 16.92
CA SER D 177 -2.11 -19.94 18.13
C SER D 177 -2.23 -20.75 19.45
N LEU D 178 -1.73 -20.12 20.50
CA LEU D 178 -1.97 -20.51 21.91
C LEU D 178 -2.30 -19.28 22.77
N TRP D 179 -2.72 -19.56 24.00
CA TRP D 179 -2.94 -18.56 25.04
C TRP D 179 -1.64 -17.90 25.51
N PRO D 180 -1.44 -16.62 25.17
CA PRO D 180 -0.17 -15.98 25.51
C PRO D 180 0.02 -15.55 26.97
N TYR D 181 -1.04 -15.45 27.78
CA TYR D 181 -0.92 -14.86 29.12
C TYR D 181 -0.53 -15.92 30.16
N LYS D 182 0.41 -15.57 31.05
CA LYS D 182 0.82 -16.43 32.16
C LYS D 182 0.08 -16.04 33.44
N GLY D 183 -0.50 -14.84 33.50
CA GLY D 183 -1.12 -14.33 34.74
C GLY D 183 -2.46 -14.94 35.13
N ARG D 184 -3.30 -15.19 34.14
CA ARG D 184 -4.61 -15.84 34.31
C ARG D 184 -4.86 -16.85 33.20
N PRO D 185 -5.76 -17.81 33.42
CA PRO D 185 -6.16 -18.75 32.34
C PRO D 185 -7.17 -18.15 31.34
N GLU D 186 -7.45 -18.92 30.28
CA GLU D 186 -8.39 -18.50 29.20
C GLU D 186 -9.80 -18.20 29.66
N ASN D 187 -10.24 -18.91 30.72
CA ASN D 187 -11.61 -18.75 31.29
C ASN D 187 -11.80 -17.42 32.04
N LYS D 188 -10.72 -16.63 32.14
CA LYS D 188 -10.81 -15.27 32.63
C LYS D 188 -10.17 -14.23 31.71
N SER D 189 -10.16 -14.49 30.41
CA SER D 189 -9.57 -13.55 29.45
C SER D 189 -10.25 -12.18 29.41
N PHE D 190 -11.52 -12.14 29.76
CA PHE D 190 -12.24 -10.87 29.85
C PHE D 190 -11.59 -9.89 30.82
N LEU D 191 -10.93 -10.37 31.87
CA LEU D 191 -10.26 -9.46 32.79
C LEU D 191 -9.19 -8.59 32.11
N TYR D 192 -8.59 -9.12 31.05
CA TYR D 192 -7.59 -8.36 30.27
C TYR D 192 -8.16 -7.25 29.39
N GLU D 193 -9.47 -7.27 29.17
CA GLU D 193 -10.15 -6.25 28.39
C GLU D 193 -10.72 -5.07 29.20
N ILE D 194 -10.32 -4.92 30.47
CA ILE D 194 -10.87 -3.86 31.32
C ILE D 194 -10.00 -2.62 31.36
N VAL D 195 -8.74 -2.75 31.77
CA VAL D 195 -7.90 -1.55 31.93
C VAL D 195 -7.26 -1.08 30.62
N SER D 196 -6.82 -2.01 29.80
CA SER D 196 -6.20 -1.69 28.51
C SER D 196 -6.51 -2.78 27.49
N ASN D 197 -7.49 -2.47 26.64
CA ASN D 197 -8.14 -3.44 25.75
C ASN D 197 -7.38 -3.53 24.44
N LYS D 198 -6.55 -4.55 24.29
CA LYS D 198 -5.76 -4.74 23.08
C LYS D 198 -6.63 -5.15 21.91
N ARG D 199 -7.80 -5.73 22.13
CA ARG D 199 -8.63 -6.26 21.06
C ARG D 199 -9.27 -5.17 20.21
N ASN D 200 -9.90 -4.22 20.87
CA ASN D 200 -10.67 -3.15 20.23
C ASN D 200 -10.49 -1.72 20.79
N GLY D 201 -9.95 -1.59 21.99
CA GLY D 201 -9.66 -0.29 22.56
C GLY D 201 -10.72 0.23 23.51
N ILE D 202 -11.83 -0.48 23.67
CA ILE D 202 -12.86 -0.06 24.60
C ILE D 202 -12.44 -0.45 26.00
N ASP D 203 -11.88 0.50 26.74
CA ASP D 203 -11.35 0.28 28.07
C ASP D 203 -11.70 1.41 29.04
N VAL D 204 -11.55 1.18 30.33
CA VAL D 204 -11.96 2.17 31.33
C VAL D 204 -11.01 3.37 31.41
N ASP D 205 -9.80 3.23 30.88
CA ASP D 205 -8.85 4.34 30.77
C ASP D 205 -9.50 5.43 29.96
N LYS D 206 -10.03 5.09 28.78
CA LYS D 206 -10.71 6.07 27.93
C LYS D 206 -11.87 6.71 28.66
N TRP D 207 -12.65 5.89 29.35
CA TRP D 207 -13.87 6.39 29.96
C TRP D 207 -13.60 7.44 31.02
N ASP D 208 -12.51 7.29 31.76
CA ASP D 208 -12.17 8.28 32.76
C ASP D 208 -11.67 9.55 32.09
N TYR D 209 -10.78 9.43 31.12
CA TYR D 209 -10.20 10.63 30.54
C TYR D 209 -11.19 11.43 29.70
N PHE D 210 -12.13 10.76 29.04
CA PHE D 210 -13.20 11.47 28.34
C PHE D 210 -13.89 12.41 29.30
N ALA D 211 -14.36 11.86 30.40
CA ALA D 211 -15.13 12.59 31.38
C ALA D 211 -14.29 13.66 32.07
N ARG D 212 -13.06 13.30 32.43
CA ARG D 212 -12.21 14.18 33.20
C ARG D 212 -11.63 15.30 32.35
N ASP D 213 -11.13 14.98 31.17
CA ASP D 213 -10.54 15.99 30.30
C ASP D 213 -11.63 16.96 29.91
N CYS D 214 -12.79 16.46 29.53
CA CYS D 214 -13.92 17.35 29.27
C CYS D 214 -14.25 18.30 30.44
N HIS D 215 -14.25 17.79 31.66
CA HIS D 215 -14.60 18.58 32.84
C HIS D 215 -13.71 19.79 32.96
N HIS D 216 -12.42 19.56 32.81
CA HIS D 216 -11.39 20.58 32.96
C HIS D 216 -11.21 21.39 31.66
N LEU D 217 -11.42 20.79 30.49
CA LEU D 217 -11.18 21.51 29.22
C LEU D 217 -12.22 22.57 28.94
N GLY D 218 -13.47 22.34 29.33
CA GLY D 218 -14.59 23.20 28.92
C GLY D 218 -15.29 22.75 27.67
N ILE D 219 -15.37 21.44 27.52
CA ILE D 219 -16.07 20.76 26.43
C ILE D 219 -16.97 19.71 27.14
N GLN D 220 -18.26 19.60 26.78
CA GLN D 220 -19.10 18.49 27.28
C GLN D 220 -18.80 17.23 26.42
N ASN D 221 -18.95 16.10 27.11
CA ASN D 221 -18.54 14.77 26.68
C ASN D 221 -19.77 14.07 26.09
N ASN D 222 -19.63 13.48 24.90
CA ASN D 222 -20.82 12.83 24.30
C ASN D 222 -21.16 11.40 24.80
N PHE D 223 -20.33 10.79 25.63
CA PHE D 223 -20.32 9.33 25.85
C PHE D 223 -20.66 8.87 27.26
N ASP D 224 -21.52 7.85 27.36
CA ASP D 224 -22.05 7.34 28.64
C ASP D 224 -21.45 6.00 29.02
N TYR D 225 -20.39 6.01 29.83
CA TYR D 225 -19.74 4.76 30.28
C TYR D 225 -20.69 3.92 31.13
N LYS D 226 -21.47 4.59 31.96
CA LYS D 226 -22.36 3.89 32.86
C LYS D 226 -23.35 3.01 32.13
N ARG D 227 -23.83 3.50 31.00
CA ARG D 227 -24.75 2.77 30.17
C ARG D 227 -24.09 1.57 29.54
N PHE D 228 -22.84 1.73 29.10
CA PHE D 228 -22.09 0.60 28.54
C PHE D 228 -21.95 -0.53 29.56
N ILE D 229 -21.62 -0.17 30.80
CA ILE D 229 -21.54 -1.13 31.89
C ILE D 229 -22.86 -1.86 32.10
N LYS D 230 -23.99 -1.18 32.04
CA LYS D 230 -25.28 -1.86 32.20
C LYS D 230 -25.58 -2.83 31.07
N PHE D 231 -25.05 -2.59 29.87
CA PHE D 231 -25.26 -3.48 28.74
C PHE D 231 -24.01 -4.26 28.37
N ALA D 232 -23.16 -4.55 29.36
CA ALA D 232 -21.98 -5.35 29.11
C ALA D 232 -22.23 -6.73 29.64
N ARG D 233 -21.55 -7.70 29.07
CA ARG D 233 -21.81 -9.09 29.33
C ARG D 233 -20.66 -9.95 28.83
N VAL D 234 -20.39 -11.07 29.48
CA VAL D 234 -19.34 -11.97 29.04
C VAL D 234 -19.96 -13.14 28.32
N CYS D 235 -19.44 -13.49 27.16
CA CYS D 235 -19.89 -14.62 26.37
C CYS D 235 -18.71 -15.33 25.80
N GLU D 236 -18.94 -16.56 25.34
CA GLU D 236 -17.89 -17.33 24.71
C GLU D 236 -17.73 -16.92 23.25
N VAL D 237 -16.52 -16.53 22.87
CA VAL D 237 -16.15 -16.28 21.48
C VAL D 237 -14.86 -17.04 21.18
N ASP D 238 -14.96 -18.06 20.30
CA ASP D 238 -13.81 -18.86 19.86
C ASP D 238 -13.09 -19.42 21.08
N ASN D 239 -13.81 -20.20 21.88
CA ASN D 239 -13.22 -20.93 23.04
C ASN D 239 -12.56 -20.04 24.10
N GLU D 240 -13.09 -18.84 24.27
CA GLU D 240 -12.45 -17.83 25.12
C GLU D 240 -13.54 -16.85 25.58
N LEU D 241 -13.59 -16.56 26.88
CA LEU D 241 -14.63 -15.69 27.42
C LEU D 241 -14.31 -14.20 27.31
N ARG D 242 -15.05 -13.45 26.49
CA ARG D 242 -14.80 -12.00 26.27
C ARG D 242 -15.98 -11.10 26.62
N ILE D 243 -15.70 -9.82 26.85
CA ILE D 243 -16.72 -8.81 27.06
C ILE D 243 -17.46 -8.53 25.73
N CYS D 244 -18.78 -8.60 25.77
CA CYS D 244 -19.62 -8.28 24.65
C CYS D 244 -20.58 -7.17 24.99
N ALA D 245 -20.94 -6.38 23.98
CA ALA D 245 -21.92 -5.31 24.15
C ALA D 245 -23.21 -5.70 23.47
N ARG D 246 -24.29 -5.06 23.86
CA ARG D 246 -25.57 -5.39 23.27
C ARG D 246 -25.68 -4.91 21.83
N ASP D 247 -26.33 -5.69 21.00
CA ASP D 247 -26.45 -5.35 19.59
C ASP D 247 -26.85 -3.90 19.34
N LYS D 248 -27.93 -3.43 19.94
CA LYS D 248 -28.42 -2.09 19.67
C LYS D 248 -27.39 -0.97 20.08
N GLU D 249 -26.49 -1.26 21.02
CA GLU D 249 -25.46 -0.28 21.44
C GLU D 249 -24.34 -0.01 20.42
N VAL D 250 -24.31 -0.73 19.31
CA VAL D 250 -23.26 -0.57 18.31
C VAL D 250 -23.09 0.88 17.90
N GLY D 251 -24.21 1.59 17.74
CA GLY D 251 -24.18 3.02 17.42
C GLY D 251 -23.36 3.84 18.40
N ASN D 252 -23.63 3.64 19.69
CA ASN D 252 -22.91 4.33 20.76
C ASN D 252 -21.42 4.05 20.79
N LEU D 253 -21.02 2.87 20.31
CA LEU D 253 -19.61 2.54 20.24
C LEU D 253 -18.89 3.26 19.10
N TYR D 254 -19.50 3.37 17.92
CA TYR D 254 -18.93 4.21 16.87
C TYR D 254 -18.83 5.66 17.38
N ASP D 255 -19.80 6.09 18.17
CA ASP D 255 -19.81 7.44 18.76
C ASP D 255 -18.74 7.62 19.85
N MET D 256 -18.32 6.53 20.48
CA MET D 256 -17.22 6.60 21.44
C MET D 256 -15.95 6.99 20.75
N PHE D 257 -15.65 6.32 19.64
CA PHE D 257 -14.41 6.61 18.93
C PHE D 257 -14.46 7.93 18.20
N HIS D 258 -15.66 8.36 17.79
CA HIS D 258 -15.85 9.70 17.24
C HIS D 258 -15.54 10.74 18.31
N THR D 259 -16.08 10.55 19.51
CA THR D 259 -15.79 11.41 20.64
C THR D 259 -14.29 11.52 20.86
N ARG D 260 -13.60 10.40 20.81
CA ARG D 260 -12.17 10.40 21.00
C ARG D 260 -11.45 11.24 19.97
N ASN D 261 -11.71 10.97 18.69
CA ASN D 261 -11.10 11.72 17.59
C ASN D 261 -11.44 13.19 17.71
N SER D 262 -12.68 13.49 18.08
CA SER D 262 -13.10 14.85 18.33
C SER D 262 -12.28 15.56 19.42
N LEU D 263 -12.03 14.89 20.54
CA LEU D 263 -11.17 15.47 21.57
C LEU D 263 -9.72 15.63 21.12
N HIS D 264 -9.25 14.77 20.22
CA HIS D 264 -7.91 14.94 19.67
C HIS D 264 -7.85 16.17 18.80
N ARG D 265 -8.86 16.36 17.96
CA ARG D 265 -8.88 17.52 17.09
C ARG D 265 -9.02 18.82 17.83
N ARG D 266 -9.86 18.85 18.82
CA ARG D 266 -10.12 20.08 19.51
C ARG D 266 -9.06 20.48 20.48
N ALA D 267 -8.56 19.52 21.24
CA ALA D 267 -7.72 19.80 22.40
C ALA D 267 -6.36 19.15 22.33
N TYR D 268 -6.31 17.83 22.30
CA TYR D 268 -5.01 17.15 22.49
C TYR D 268 -3.96 17.46 21.42
N GLN D 269 -4.41 17.62 20.17
CA GLN D 269 -3.58 18.00 19.05
C GLN D 269 -3.77 19.45 18.61
N HIS D 270 -4.24 20.32 19.51
CA HIS D 270 -4.46 21.74 19.20
C HIS D 270 -3.19 22.38 18.68
N LYS D 271 -3.29 23.13 17.60
CA LYS D 271 -2.10 23.61 16.88
C LYS D 271 -1.07 24.37 17.74
N VAL D 272 -1.55 25.14 18.71
CA VAL D 272 -0.68 25.85 19.65
C VAL D 272 -0.25 24.97 20.81
N GLY D 273 -1.13 24.09 21.27
CA GLY D 273 -0.76 23.14 22.31
C GLY D 273 0.45 22.34 21.88
N ASN D 274 0.39 21.84 20.65
CA ASN D 274 1.48 21.06 20.08
C ASN D 274 2.76 21.89 19.87
N ILE D 275 2.64 23.17 19.53
CA ILE D 275 3.85 23.97 19.35
C ILE D 275 4.49 24.26 20.69
N ILE D 276 3.69 24.43 21.73
CA ILE D 276 4.26 24.55 23.06
C ILE D 276 4.94 23.27 23.50
N ASP D 277 4.33 22.13 23.19
CA ASP D 277 4.99 20.85 23.43
C ASP D 277 6.34 20.79 22.70
N THR D 278 6.38 21.13 21.41
CA THR D 278 7.65 21.04 20.66
C THR D 278 8.70 21.99 21.26
N MET D 279 8.26 23.14 21.76
CA MET D 279 9.18 24.12 22.36
C MET D 279 9.75 23.67 23.70
N ILE D 280 8.90 23.09 24.53
CA ILE D 280 9.37 22.53 25.77
C ILE D 280 10.36 21.38 25.49
N THR D 281 9.98 20.50 24.58
CA THR D 281 10.85 19.40 24.16
C THR D 281 12.18 19.91 23.67
N ASP D 282 12.14 20.97 22.88
CA ASP D 282 13.34 21.64 22.39
C ASP D 282 14.25 22.10 23.53
N ALA D 283 13.64 22.72 24.53
CA ALA D 283 14.36 23.20 25.70
C ALA D 283 14.95 22.07 26.51
N PHE D 284 14.21 20.97 26.66
CA PHE D 284 14.76 19.80 27.36
C PHE D 284 15.97 19.28 26.62
N LEU D 285 15.87 19.15 25.30
CA LEU D 285 17.01 18.68 24.50
C LEU D 285 18.26 19.53 24.72
N LYS D 286 18.10 20.85 24.80
CA LYS D 286 19.25 21.76 25.03
C LYS D 286 19.77 21.75 26.45
N ALA D 287 18.92 21.38 27.41
CA ALA D 287 19.33 21.22 28.80
C ALA D 287 19.77 19.81 29.17
N ASP D 288 19.67 18.85 28.25
CA ASP D 288 19.79 17.42 28.60
C ASP D 288 21.15 17.09 29.13
N ASP D 289 22.17 17.58 28.42
CA ASP D 289 23.58 17.42 28.79
C ASP D 289 23.95 17.91 30.16
N TYR D 290 23.28 18.96 30.65
CA TYR D 290 23.73 19.67 31.86
C TYR D 290 22.89 19.48 33.11
N ILE D 291 21.78 18.73 33.06
CA ILE D 291 20.99 18.48 34.26
C ILE D 291 21.24 17.09 34.79
N GLU D 292 21.61 17.03 36.06
CA GLU D 292 21.85 15.76 36.78
C GLU D 292 20.63 15.41 37.69
N ILE D 293 20.30 14.12 37.74
CA ILE D 293 19.27 13.59 38.63
C ILE D 293 19.82 12.35 39.34
N THR D 294 19.77 12.35 40.67
CA THR D 294 20.39 11.28 41.45
C THR D 294 19.50 10.08 41.48
N GLY D 295 20.07 8.93 41.17
CA GLY D 295 19.36 7.66 41.16
C GLY D 295 19.91 6.69 42.16
N ALA D 296 19.80 5.41 41.82
CA ALA D 296 20.10 4.30 42.72
C ALA D 296 21.61 4.25 42.91
N GLY D 297 22.01 4.14 44.17
CA GLY D 297 23.41 4.12 44.59
C GLY D 297 24.12 5.45 44.36
N GLY D 298 23.37 6.53 44.21
CA GLY D 298 23.95 7.83 43.89
C GLY D 298 24.46 8.05 42.47
N LYS D 299 24.28 7.10 41.53
CA LYS D 299 24.68 7.30 40.12
C LYS D 299 23.91 8.53 39.57
N LYS D 300 24.56 9.33 38.74
CA LYS D 300 23.92 10.54 38.17
C LYS D 300 23.32 10.22 36.80
N TYR D 301 22.05 10.59 36.63
CA TYR D 301 21.33 10.36 35.37
C TYR D 301 20.94 11.69 34.73
N ARG D 302 20.89 11.70 33.42
CA ARG D 302 20.39 12.85 32.64
C ARG D 302 18.89 12.65 32.40
N ILE D 303 18.21 13.68 31.91
CA ILE D 303 16.76 13.59 31.67
C ILE D 303 16.42 12.42 30.75
N SER D 304 17.17 12.29 29.66
CA SER D 304 16.97 11.20 28.70
C SER D 304 17.32 9.81 29.22
N THR D 305 18.18 9.72 30.23
CA THR D 305 18.59 8.43 30.80
C THR D 305 17.91 8.04 32.12
N ALA D 306 17.11 8.94 32.69
CA ALA D 306 16.39 8.62 33.92
C ALA D 306 15.44 7.46 33.75
N ILE D 307 14.96 7.24 32.53
CA ILE D 307 14.13 6.08 32.23
C ILE D 307 14.82 4.72 32.45
N ASP D 308 16.14 4.70 32.46
CA ASP D 308 16.88 3.48 32.73
C ASP D 308 16.98 3.11 34.21
N ASP D 309 16.72 4.04 35.12
CA ASP D 309 16.73 3.77 36.56
C ASP D 309 15.54 4.41 37.27
N MET D 310 14.67 3.57 37.83
CA MET D 310 13.40 4.02 38.36
C MET D 310 13.48 4.89 39.61
N GLU D 311 14.57 4.80 40.36
CA GLU D 311 14.72 5.67 41.51
C GLU D 311 14.99 7.11 41.07
N ALA D 312 15.71 7.25 39.97
CA ALA D 312 15.92 8.53 39.33
C ALA D 312 14.66 9.04 38.70
N TYR D 313 13.99 8.19 37.93
CA TYR D 313 12.75 8.56 37.23
C TYR D 313 11.67 9.04 38.17
N THR D 314 11.65 8.52 39.40
CA THR D 314 10.73 8.98 40.43
C THR D 314 10.82 10.51 40.67
N LYS D 315 12.02 11.06 40.54
CA LYS D 315 12.26 12.48 40.79
C LYS D 315 12.11 13.33 39.52
N LEU D 316 11.76 12.71 38.39
CA LEU D 316 11.66 13.41 37.09
C LEU D 316 10.22 13.71 36.74
N THR D 317 9.80 14.96 36.91
CA THR D 317 8.42 15.36 36.70
C THR D 317 8.38 16.70 35.96
N ASP D 318 7.21 17.33 35.89
CA ASP D 318 7.06 18.69 35.31
C ASP D 318 7.93 19.75 35.98
N ASN D 319 8.36 19.49 37.22
CA ASN D 319 9.36 20.29 37.89
C ASN D 319 10.46 20.77 36.96
N ILE D 320 10.93 19.84 36.12
CA ILE D 320 12.11 20.06 35.30
C ILE D 320 11.98 21.36 34.50
N PHE D 321 10.76 21.65 34.04
CA PHE D 321 10.44 22.89 33.33
C PHE D 321 10.86 24.09 34.17
N LEU D 322 10.38 24.15 35.41
CA LEU D 322 10.69 25.28 36.28
C LEU D 322 12.14 25.30 36.75
N GLU D 323 12.76 24.11 36.90
CA GLU D 323 14.16 24.05 37.28
C GLU D 323 15.00 24.74 36.20
N ILE D 324 14.71 24.43 34.95
CA ILE D 324 15.35 25.07 33.79
C ILE D 324 15.05 26.56 33.77
N LEU D 325 13.78 26.92 33.95
CA LEU D 325 13.36 28.33 33.90
C LEU D 325 14.01 29.22 34.93
N TYR D 326 14.11 28.73 36.16
CA TYR D 326 14.66 29.50 37.26
C TYR D 326 16.17 29.47 37.37
N SER D 327 16.82 28.60 36.60
CA SER D 327 18.27 28.39 36.74
C SER D 327 19.09 29.61 36.36
N THR D 328 20.31 29.64 36.87
CA THR D 328 21.32 30.65 36.53
C THR D 328 22.60 30.11 35.86
N ASP D 329 22.74 28.79 35.78
CA ASP D 329 23.89 28.16 35.14
C ASP D 329 23.99 28.64 33.68
N PRO D 330 25.16 29.20 33.29
CA PRO D 330 25.32 29.60 31.88
C PRO D 330 25.17 28.46 30.85
N LYS D 331 25.40 27.21 31.26
CA LYS D 331 25.23 26.05 30.36
C LYS D 331 23.76 25.84 29.99
N LEU D 332 22.85 26.26 30.86
CA LEU D 332 21.40 26.16 30.60
C LEU D 332 20.80 27.38 29.90
N LYS D 333 21.58 28.42 29.60
CA LYS D 333 21.06 29.69 29.01
C LYS D 333 20.27 29.46 27.74
N ASP D 334 20.74 28.57 26.87
CA ASP D 334 20.03 28.23 25.63
C ASP D 334 18.66 27.63 25.90
N ALA D 335 18.59 26.69 26.83
CA ALA D 335 17.34 26.05 27.18
C ALA D 335 16.40 27.00 27.90
N ARG D 336 16.93 27.76 28.85
CA ARG D 336 16.16 28.75 29.59
C ARG D 336 15.56 29.82 28.70
N GLU D 337 16.26 30.20 27.62
CA GLU D 337 15.73 31.22 26.71
C GLU D 337 14.48 30.78 25.96
N ILE D 338 14.44 29.50 25.61
CA ILE D 338 13.28 28.95 24.93
C ILE D 338 12.09 29.02 25.85
N LEU D 339 12.24 28.52 27.07
CA LEU D 339 11.15 28.56 28.04
C LEU D 339 10.71 29.97 28.36
N LYS D 340 11.65 30.91 28.40
CA LYS D 340 11.28 32.32 28.60
C LYS D 340 10.45 32.86 27.42
N GLN D 341 10.73 32.42 26.20
CA GLN D 341 9.92 32.80 25.05
C GLN D 341 8.49 32.26 25.12
N ILE D 342 8.28 31.17 25.84
CA ILE D 342 6.92 30.66 26.08
C ILE D 342 6.15 31.54 27.10
N GLU D 343 6.87 32.10 28.07
CA GLU D 343 6.24 33.00 29.05
C GLU D 343 5.71 34.24 28.32
N TYR D 344 6.61 34.88 27.56
CA TYR D 344 6.29 36.08 26.80
C TYR D 344 5.41 35.81 25.58
N ARG D 345 5.20 34.55 25.21
CA ARG D 345 4.28 34.18 24.15
C ARG D 345 4.82 34.50 22.75
N ASN D 346 6.15 34.45 22.61
CA ASN D 346 6.82 34.49 21.29
C ASN D 346 6.96 33.07 20.80
N LEU D 347 5.82 32.53 20.40
CA LEU D 347 5.74 31.15 19.98
C LEU D 347 6.06 31.10 18.52
N PHE D 348 6.52 29.93 18.08
CA PHE D 348 6.70 29.66 16.68
C PHE D 348 5.35 29.84 15.99
N LYS D 349 5.35 30.40 14.80
CA LYS D 349 4.09 30.79 14.14
C LYS D 349 3.53 29.70 13.25
N TYR D 350 2.22 29.53 13.32
CA TYR D 350 1.51 28.52 12.53
C TYR D 350 1.34 29.04 11.15
N VAL D 351 1.73 28.24 10.16
CA VAL D 351 1.59 28.63 8.75
C VAL D 351 0.33 28.05 8.13
N GLY D 352 0.09 26.76 8.35
CA GLY D 352 -1.10 26.09 7.81
C GLY D 352 -1.12 24.59 8.02
N GLU D 353 -2.21 23.98 7.59
CA GLU D 353 -2.46 22.57 7.79
C GLU D 353 -2.76 21.96 6.43
N THR D 354 -2.42 20.69 6.25
CA THR D 354 -2.75 19.96 5.04
C THR D 354 -2.72 18.45 5.28
N GLN D 355 -3.24 17.71 4.31
CA GLN D 355 -3.34 16.26 4.37
C GLN D 355 -2.86 15.65 3.07
N PRO D 356 -2.38 14.39 3.10
CA PRO D 356 -2.18 13.66 1.85
C PRO D 356 -3.50 13.32 1.15
N THR D 357 -3.42 12.98 -0.13
CA THR D 357 -4.58 12.57 -0.92
C THR D 357 -4.38 11.13 -1.37
N GLY D 358 -5.46 10.54 -1.88
CA GLY D 358 -5.48 9.14 -2.27
C GLY D 358 -5.33 8.21 -1.06
N GLN D 359 -4.41 7.25 -1.18
CA GLN D 359 -4.00 6.39 -0.06
C GLN D 359 -2.45 6.46 0.07
N ILE D 360 -1.89 7.67 0.23
CA ILE D 360 -0.44 7.89 0.46
C ILE D 360 -0.22 8.10 1.97
N LYS D 361 0.32 7.12 2.72
CA LYS D 361 0.78 7.38 4.12
C LYS D 361 2.20 7.95 4.01
N ILE D 362 2.55 8.86 4.91
CA ILE D 362 3.91 9.38 5.04
C ILE D 362 4.65 8.57 6.11
N LYS D 363 5.71 7.83 5.69
CA LYS D 363 6.45 6.94 6.62
C LYS D 363 7.17 7.77 7.74
N ARG D 364 7.20 7.24 8.97
CA ARG D 364 7.79 7.96 10.13
C ARG D 364 9.32 8.25 9.96
N GLU D 365 10.02 7.32 9.31
CA GLU D 365 11.38 7.56 8.73
C GLU D 365 11.57 8.91 7.96
N ASP D 366 10.56 9.34 7.20
CA ASP D 366 10.66 10.57 6.37
C ASP D 366 10.38 11.91 7.08
N TYR D 367 9.95 11.88 8.34
CA TYR D 367 9.61 13.11 9.10
C TYR D 367 10.82 14.07 9.20
N GLU D 368 12.01 13.54 9.51
CA GLU D 368 13.27 14.32 9.55
C GLU D 368 13.47 15.16 8.26
N SER D 369 13.15 14.57 7.12
CA SER D 369 13.38 15.19 5.77
C SER D 369 12.44 16.32 5.32
N LEU D 370 11.28 16.47 5.96
CA LEU D 370 10.20 17.35 5.45
C LEU D 370 10.48 18.86 5.53
N PRO D 371 11.12 19.35 6.60
CA PRO D 371 11.53 20.77 6.58
C PRO D 371 12.44 21.13 5.39
N LYS D 372 13.40 20.25 5.06
CA LYS D 372 14.27 20.43 3.87
C LYS D 372 13.39 20.62 2.64
N GLU D 373 12.34 19.82 2.51
CA GLU D 373 11.45 19.88 1.34
C GLU D 373 10.67 21.18 1.20
N VAL D 374 10.21 21.74 2.32
CA VAL D 374 9.41 22.97 2.28
C VAL D 374 10.27 24.13 1.79
N ALA D 375 11.45 24.29 2.36
CA ALA D 375 12.40 25.33 1.91
C ALA D 375 12.87 25.15 0.46
N SER D 376 12.91 23.91 0.00
CA SER D 376 13.30 23.58 -1.38
C SER D 376 12.30 24.03 -2.42
N ALA D 377 11.03 24.13 -2.05
CA ALA D 377 9.99 24.54 -3.00
C ALA D 377 10.31 25.88 -3.63
N LYS D 378 10.06 26.00 -4.91
CA LYS D 378 10.43 27.23 -5.65
C LYS D 378 9.10 27.87 -6.10
N PRO D 379 8.44 28.69 -5.23
CA PRO D 379 7.18 29.33 -5.60
C PRO D 379 7.35 30.43 -6.58
N LYS D 380 6.56 30.50 -7.66
CA LYS D 380 6.69 31.60 -8.68
C LYS D 380 6.12 32.95 -8.16
N VAL D 381 6.63 33.41 -7.01
CA VAL D 381 6.32 34.71 -6.42
C VAL D 381 7.58 35.44 -6.06
N LEU D 382 7.66 36.75 -6.21
CA LEU D 382 8.86 37.51 -5.77
C LEU D 382 8.96 37.57 -4.23
N LEU D 383 10.09 37.15 -3.67
CA LEU D 383 10.29 37.16 -2.24
C LEU D 383 11.51 38.00 -1.94
N ASP D 384 11.41 38.88 -0.93
CA ASP D 384 12.58 39.51 -0.30
C ASP D 384 13.53 38.55 0.40
N VAL D 385 12.93 37.59 1.13
CA VAL D 385 13.64 36.78 2.12
C VAL D 385 13.59 35.28 1.70
N LYS D 386 14.79 34.69 1.48
CA LYS D 386 14.95 33.24 1.39
C LYS D 386 14.91 32.68 2.84
N LEU D 387 14.31 31.49 3.02
CA LEU D 387 14.29 30.80 4.34
C LEU D 387 14.98 29.44 4.26
N LYS D 388 15.89 29.15 5.22
CA LYS D 388 16.58 27.84 5.27
C LYS D 388 15.68 26.78 5.97
N ALA D 389 16.00 25.52 5.78
CA ALA D 389 15.19 24.40 6.29
C ALA D 389 15.03 24.35 7.80
N GLU D 390 16.06 24.72 8.52
CA GLU D 390 16.02 24.81 10.00
C GLU D 390 15.03 25.85 10.54
N ASP D 391 14.53 26.73 9.67
CA ASP D 391 13.46 27.71 10.02
C ASP D 391 12.06 27.12 10.10
N PHE D 392 11.87 25.97 9.45
CA PHE D 392 10.56 25.31 9.39
C PHE D 392 10.45 24.15 10.36
N ILE D 393 9.26 24.00 10.95
CA ILE D 393 8.87 22.80 11.70
C ILE D 393 7.72 22.16 10.98
N VAL D 394 7.85 20.87 10.67
CA VAL D 394 6.74 20.11 10.09
C VAL D 394 6.41 19.05 11.11
N ASP D 395 5.14 18.94 11.42
CA ASP D 395 4.64 18.08 12.49
C ASP D 395 3.62 17.18 11.81
N VAL D 396 3.84 15.88 11.82
CA VAL D 396 2.90 14.95 11.20
C VAL D 396 2.17 14.21 12.31
N ILE D 397 0.84 14.18 12.24
CA ILE D 397 0.00 13.69 13.31
C ILE D 397 -0.94 12.66 12.76
N ASN D 398 -0.97 11.48 13.38
CA ASN D 398 -1.86 10.42 12.92
C ASN D 398 -3.13 10.50 13.71
N MET D 399 -4.27 10.56 13.03
CA MET D 399 -5.58 10.52 13.67
C MET D 399 -6.24 9.21 13.24
N ASP D 400 -6.67 8.39 14.21
CA ASP D 400 -7.29 7.11 13.91
C ASP D 400 -8.34 6.73 14.92
N TYR D 401 -8.88 5.50 14.79
CA TYR D 401 -9.79 4.94 15.78
C TYR D 401 -9.06 3.93 16.68
N GLY D 402 -7.77 4.17 16.92
CA GLY D 402 -7.01 3.45 17.91
C GLY D 402 -6.40 2.18 17.40
N MET D 403 -6.54 1.85 16.13
CA MET D 403 -6.03 0.59 15.59
C MET D 403 -5.60 0.78 14.16
N GLN D 404 -4.70 1.73 13.97
CA GLN D 404 -4.24 2.13 12.64
C GLN D 404 -5.44 2.15 11.67
N GLU D 405 -5.36 1.52 10.57
CA GLU D 405 -6.32 1.58 9.48
C GLU D 405 -7.64 0.86 9.73
N LYS D 406 -7.66 0.04 10.79
CA LYS D 406 -8.78 -0.84 11.08
C LYS D 406 -9.93 -0.16 11.85
N ASN D 407 -11.13 -0.67 11.58
CA ASN D 407 -12.34 -0.31 12.28
C ASN D 407 -12.40 -1.16 13.54
N PRO D 408 -12.33 -0.55 14.73
CA PRO D 408 -12.30 -1.35 15.94
C PRO D 408 -13.63 -2.03 16.22
N ILE D 409 -14.72 -1.54 15.68
CA ILE D 409 -16.02 -2.17 15.89
C ILE D 409 -16.10 -3.51 15.16
N ASP D 410 -15.32 -3.70 14.11
CA ASP D 410 -15.14 -5.02 13.50
C ASP D 410 -14.48 -6.01 14.45
N HIS D 411 -13.80 -5.52 15.50
CA HIS D 411 -13.25 -6.38 16.57
C HIS D 411 -14.02 -6.32 17.93
N VAL D 412 -15.33 -6.06 17.87
CA VAL D 412 -16.20 -6.10 19.04
C VAL D 412 -17.16 -7.26 18.83
N SER D 413 -17.56 -7.86 19.95
CA SER D 413 -18.53 -8.93 19.94
C SER D 413 -19.81 -8.44 20.61
N PHE D 414 -20.95 -8.89 20.08
CA PHE D 414 -22.24 -8.38 20.49
C PHE D 414 -23.15 -9.51 20.93
N TYR D 415 -24.18 -9.20 21.71
CA TYR D 415 -25.24 -10.19 22.04
C TYR D 415 -26.63 -9.64 21.79
N CYS D 416 -27.61 -10.52 21.57
CA CYS D 416 -29.01 -10.10 21.32
C CYS D 416 -29.89 -10.30 22.50
N LYS D 417 -30.99 -9.55 22.56
CA LYS D 417 -31.90 -9.68 23.70
C LYS D 417 -32.45 -11.10 23.85
N THR D 418 -32.83 -11.68 22.72
CA THR D 418 -33.43 -12.99 22.69
C THR D 418 -32.48 -14.16 23.03
N ALA D 419 -31.17 -13.93 23.01
CA ALA D 419 -30.17 -14.97 23.35
C ALA D 419 -28.91 -14.32 23.85
N PRO D 420 -28.90 -13.98 25.16
CA PRO D 420 -27.82 -13.19 25.72
C PRO D 420 -26.51 -13.93 25.98
N ASN D 421 -26.45 -15.26 25.74
CA ASN D 421 -25.17 -15.95 25.80
C ASN D 421 -24.49 -16.20 24.45
N ARG D 422 -25.23 -15.94 23.37
CA ARG D 422 -24.71 -16.15 22.03
C ARG D 422 -24.14 -14.85 21.45
N ALA D 423 -22.83 -14.86 21.25
CA ALA D 423 -22.11 -13.74 20.67
C ALA D 423 -22.28 -13.74 19.17
N ILE D 424 -22.14 -12.55 18.58
CA ILE D 424 -22.26 -12.33 17.14
C ILE D 424 -21.36 -11.18 16.71
N ARG D 425 -21.33 -10.89 15.40
CA ARG D 425 -20.60 -9.77 14.85
C ARG D 425 -21.55 -8.82 14.19
N ILE D 426 -21.17 -7.55 14.09
CA ILE D 426 -21.93 -6.57 13.33
C ILE D 426 -20.95 -5.82 12.41
N THR D 427 -21.22 -5.89 11.10
CA THR D 427 -20.39 -5.24 10.09
C THR D 427 -20.70 -3.75 10.01
N LYS D 428 -19.99 -3.02 9.16
CA LYS D 428 -20.27 -1.58 8.99
C LYS D 428 -21.58 -1.35 8.22
N ASN D 429 -21.83 -2.15 7.20
CA ASN D 429 -23.07 -2.10 6.37
C ASN D 429 -24.35 -2.20 7.23
N GLN D 430 -24.29 -3.12 8.19
CA GLN D 430 -25.38 -3.42 9.09
C GLN D 430 -25.77 -2.26 10.02
N VAL D 431 -24.95 -1.20 10.12
CA VAL D 431 -25.21 -0.09 11.04
C VAL D 431 -25.73 1.21 10.43
N SER D 432 -24.96 1.78 9.50
CA SER D 432 -25.27 3.11 8.96
C SER D 432 -24.40 3.49 7.76
N GLN D 433 -24.99 4.19 6.80
CA GLN D 433 -24.26 4.72 5.66
C GLN D 433 -23.49 6.01 6.06
N LEU D 434 -23.84 6.64 7.19
CA LEU D 434 -23.24 7.92 7.54
C LEU D 434 -22.01 7.81 8.45
N LEU D 435 -21.44 6.61 8.54
CA LEU D 435 -20.24 6.39 9.31
C LEU D 435 -19.03 6.73 8.46
N PRO D 436 -17.84 6.80 9.08
CA PRO D 436 -16.62 7.09 8.33
C PRO D 436 -16.30 6.08 7.26
N GLU D 437 -15.68 6.55 6.17
CA GLU D 437 -15.27 5.67 5.05
C GLU D 437 -13.92 4.99 5.39
N LYS D 438 -12.98 5.78 5.91
CA LYS D 438 -11.67 5.31 6.38
C LYS D 438 -11.63 5.51 7.88
N PHE D 439 -10.61 4.96 8.56
CA PHE D 439 -10.47 5.09 10.01
C PHE D 439 -9.09 5.55 10.46
N ALA D 440 -8.39 6.22 9.55
CA ALA D 440 -7.04 6.70 9.80
C ALA D 440 -6.69 7.73 8.75
N GLU D 441 -6.05 8.80 9.19
CA GLU D 441 -5.56 9.84 8.30
C GLU D 441 -4.36 10.49 8.93
N GLN D 442 -3.72 11.38 8.17
CA GLN D 442 -2.62 12.17 8.67
C GLN D 442 -2.95 13.64 8.58
N LEU D 443 -2.43 14.40 9.55
CA LEU D 443 -2.44 15.86 9.48
C LEU D 443 -1.03 16.35 9.49
N ILE D 444 -0.76 17.31 8.61
CA ILE D 444 0.56 17.89 8.48
C ILE D 444 0.43 19.37 8.77
N ARG D 445 0.97 19.79 9.92
CA ARG D 445 1.06 21.20 10.29
C ARG D 445 2.45 21.68 9.98
N VAL D 446 2.55 22.91 9.48
CA VAL D 446 3.82 23.58 9.26
C VAL D 446 3.85 24.86 10.09
N TYR D 447 4.90 25.05 10.86
CA TYR D 447 5.08 26.28 11.60
C TYR D 447 6.39 26.90 11.13
N CYS D 448 6.59 28.19 11.40
CA CYS D 448 7.85 28.89 11.08
C CYS D 448 8.49 29.47 12.34
N LYS D 449 9.78 29.19 12.55
CA LYS D 449 10.49 29.67 13.74
C LYS D 449 10.77 31.18 13.73
N LYS D 450 10.83 31.81 12.54
CA LYS D 450 10.99 33.26 12.42
C LYS D 450 9.62 33.97 12.48
N VAL D 451 9.49 34.90 13.42
CA VAL D 451 8.19 35.46 13.83
C VAL D 451 7.71 36.65 12.99
N ASP D 452 8.64 37.50 12.52
CA ASP D 452 8.33 38.77 11.83
C ASP D 452 7.39 38.68 10.61
N ARG D 453 6.77 39.83 10.28
CA ARG D 453 5.76 39.91 9.20
C ARG D 453 6.33 39.41 7.85
N LYS D 454 7.55 39.80 7.49
CA LYS D 454 8.16 39.45 6.17
C LYS D 454 8.43 37.93 6.04
N SER D 455 9.02 37.31 7.08
CA SER D 455 9.31 35.85 7.08
C SER D 455 8.07 34.97 7.03
N LEU D 456 7.04 35.41 7.73
CA LEU D 456 5.80 34.67 7.81
C LEU D 456 5.12 34.62 6.44
N TYR D 457 5.11 35.74 5.73
CA TYR D 457 4.59 35.76 4.35
C TYR D 457 5.33 34.79 3.44
N ALA D 458 6.66 34.80 3.54
CA ALA D 458 7.48 33.92 2.73
C ALA D 458 7.18 32.47 3.05
N ALA D 459 7.12 32.17 4.34
CA ALA D 459 6.81 30.83 4.82
C ALA D 459 5.52 30.29 4.25
N ARG D 460 4.51 31.14 4.22
CA ARG D 460 3.21 30.82 3.61
C ARG D 460 3.35 30.43 2.14
N GLN D 461 4.15 31.18 1.39
CA GLN D 461 4.35 30.90 -0.03
C GLN D 461 5.08 29.57 -0.22
N TYR D 462 6.17 29.36 0.50
CA TYR D 462 6.86 28.07 0.49
C TYR D 462 5.89 26.92 0.80
N PHE D 463 5.10 27.08 1.86
CA PHE D 463 4.19 26.03 2.29
C PHE D 463 3.13 25.69 1.25
N VAL D 464 2.42 26.70 0.76
CA VAL D 464 1.31 26.45 -0.17
C VAL D 464 1.83 25.83 -1.47
N GLN D 465 3.05 26.19 -1.87
CA GLN D 465 3.70 25.60 -3.03
C GLN D 465 4.05 24.15 -2.76
N TRP D 466 4.68 23.89 -1.63
CA TRP D 466 4.98 22.53 -1.19
C TRP D 466 3.77 21.60 -1.23
N CYS D 467 2.61 22.14 -0.84
CA CYS D 467 1.34 21.42 -0.93
C CYS D 467 1.01 21.08 -2.38
N ALA D 468 1.08 22.06 -3.26
CA ALA D 468 0.86 21.83 -4.68
C ALA D 468 1.87 20.82 -5.25
N ASP D 469 3.15 20.99 -4.90
CA ASP D 469 4.23 20.12 -5.36
C ASP D 469 4.00 18.65 -4.98
N ARG D 470 3.53 18.37 -3.77
CA ARG D 470 3.33 16.97 -3.35
C ARG D 470 1.89 16.45 -3.50
N ASN D 471 1.07 17.20 -4.21
CA ASN D 471 -0.33 16.86 -4.48
C ASN D 471 -1.13 16.61 -3.19
N PHE D 472 -0.88 17.48 -2.21
CA PHE D 472 -1.63 17.52 -0.95
C PHE D 472 -2.88 18.37 -1.10
N THR D 473 -3.76 18.29 -0.10
CA THR D 473 -5.00 19.06 -0.11
C THR D 473 -4.67 20.53 -0.03
N LYS D 474 -5.52 21.34 -0.64
CA LYS D 474 -5.40 22.79 -0.58
C LYS D 474 -5.64 23.24 0.85
N PRO D 475 -4.72 24.05 1.41
CA PRO D 475 -4.98 24.62 2.72
C PRO D 475 -6.29 25.40 2.74
N GLN D 476 -7.05 25.27 3.82
CA GLN D 476 -8.37 25.94 3.97
C GLN D 476 -8.30 27.43 3.63
N ASP D 477 -7.30 28.07 4.21
CA ASP D 477 -7.01 29.53 4.02
C ASP D 477 -6.14 29.85 2.82
N GLY D 478 -5.96 28.90 1.92
CA GLY D 478 -4.89 28.96 0.93
C GLY D 478 -5.03 30.07 -0.07
N ASP D 479 -6.27 30.34 -0.49
CA ASP D 479 -6.53 31.43 -1.43
C ASP D 479 -6.19 32.80 -0.87
N VAL D 480 -6.27 32.94 0.45
CA VAL D 480 -6.01 34.20 1.13
C VAL D 480 -4.52 34.39 1.41
N ILE D 481 -3.90 33.40 2.06
CA ILE D 481 -2.49 33.51 2.47
C ILE D 481 -1.47 33.45 1.32
N ALA D 482 -1.84 32.78 0.23
CA ALA D 482 -0.99 32.66 -0.94
C ALA D 482 -1.81 32.74 -2.22
N PRO D 483 -2.37 33.93 -2.50
CA PRO D 483 -3.31 34.08 -3.61
C PRO D 483 -2.69 33.90 -4.98
N LEU D 484 -1.38 34.16 -5.06
CA LEU D 484 -0.63 34.04 -6.31
C LEU D 484 -0.22 32.60 -6.62
N ILE D 485 -0.31 31.67 -5.65
CA ILE D 485 0.11 30.30 -5.87
C ILE D 485 -1.04 29.32 -6.17
N THR D 486 -2.22 29.53 -5.57
CA THR D 486 -3.33 28.61 -5.70
C THR D 486 -3.91 28.43 -7.12
N PRO D 487 -3.88 29.47 -7.97
CA PRO D 487 -4.27 29.18 -9.36
C PRO D 487 -3.30 28.25 -10.14
N GLN D 488 -2.00 28.20 -9.82
CA GLN D 488 -1.06 27.23 -10.44
C GLN D 488 -1.60 25.75 -10.48
N LYS D 489 -2.25 25.28 -9.41
CA LYS D 489 -2.77 23.91 -9.35
C LYS D 489 -4.17 23.78 -10.01
N LYS D 490 -4.23 23.09 -11.17
CA LYS D 490 -5.50 22.77 -11.88
C LYS D 490 -6.48 21.96 -10.96
N GLU D 491 -5.93 20.99 -10.21
CA GLU D 491 -6.72 20.14 -9.29
C GLU D 491 -7.49 20.93 -8.19
N TRP D 492 -7.09 22.17 -7.90
CA TRP D 492 -7.76 23.04 -6.89
C TRP D 492 -8.86 23.99 -7.44
N ASN D 493 -9.21 23.89 -8.72
CA ASN D 493 -10.16 24.85 -9.41
C ASN D 493 -11.29 24.13 -10.19
N THR E 8 25.99 35.67 -32.54
CA THR E 8 25.78 36.24 -31.15
C THR E 8 25.32 37.75 -31.08
N MET E 9 24.90 38.09 -29.87
CA MET E 9 24.39 39.41 -29.45
C MET E 9 25.23 40.51 -30.01
N LYS E 10 24.58 41.60 -30.31
CA LYS E 10 25.26 42.72 -30.96
C LYS E 10 24.89 44.01 -30.23
N VAL E 11 25.89 44.82 -29.95
CA VAL E 11 25.72 46.02 -29.16
C VAL E 11 25.71 47.16 -30.15
N ILE E 12 24.85 48.13 -29.90
CA ILE E 12 24.66 49.27 -30.78
C ILE E 12 24.39 50.53 -29.96
N ASN E 13 25.04 51.63 -30.34
CA ASN E 13 25.03 52.88 -29.54
C ASN E 13 24.08 53.93 -30.10
N ASP E 14 22.95 54.04 -29.41
CA ASP E 14 21.90 55.00 -29.71
C ASP E 14 22.12 56.21 -28.81
N PRO E 15 22.00 57.42 -29.33
CA PRO E 15 22.21 58.59 -28.46
C PRO E 15 21.09 58.78 -27.44
N ILE E 16 19.91 58.26 -27.68
CA ILE E 16 18.83 58.39 -26.73
C ILE E 16 18.97 57.35 -25.64
N HIS E 17 19.12 56.08 -26.02
CA HIS E 17 19.04 54.99 -25.06
C HIS E 17 20.37 54.43 -24.59
N GLY E 18 21.45 54.80 -25.25
CA GLY E 18 22.77 54.33 -24.88
C GLY E 18 23.08 53.04 -25.61
N HIS E 19 23.92 52.19 -25.00
CA HIS E 19 24.28 50.94 -25.61
C HIS E 19 23.21 49.91 -25.38
N ILE E 20 22.61 49.42 -26.46
CA ILE E 20 21.54 48.44 -26.36
C ILE E 20 21.98 47.17 -27.02
N GLU E 21 21.49 46.04 -26.53
CA GLU E 21 21.79 44.73 -27.11
C GLU E 21 20.70 44.30 -28.04
N LEU E 22 21.10 43.75 -29.16
CA LEU E 22 20.17 43.19 -30.14
C LEU E 22 20.46 41.71 -30.23
N HIS E 23 19.45 40.93 -29.86
CA HIS E 23 19.47 39.48 -30.02
C HIS E 23 19.64 39.12 -31.50
N PRO E 24 20.38 38.05 -31.81
CA PRO E 24 20.70 37.70 -33.20
C PRO E 24 19.52 37.64 -34.14
N LEU E 25 18.40 37.09 -33.67
CA LEU E 25 17.15 37.11 -34.42
C LEU E 25 16.76 38.52 -34.85
N LEU E 26 16.90 39.48 -33.94
CA LEU E 26 16.58 40.88 -34.26
C LEU E 26 17.54 41.43 -35.29
N VAL E 27 18.84 41.15 -35.13
CA VAL E 27 19.85 41.59 -36.09
C VAL E 27 19.49 41.09 -37.47
N ARG E 28 19.01 39.86 -37.54
CA ARG E 28 18.70 39.23 -38.80
C ARG E 28 17.52 39.87 -39.51
N ILE E 29 16.54 40.30 -38.73
CA ILE E 29 15.39 41.06 -39.22
C ILE E 29 15.84 42.46 -39.67
N ILE E 30 16.68 43.09 -38.85
CA ILE E 30 17.20 44.43 -39.13
C ILE E 30 17.98 44.49 -40.45
N ASP E 31 18.82 43.48 -40.70
CA ASP E 31 19.66 43.46 -41.90
C ASP E 31 18.95 42.89 -43.15
N THR E 32 17.90 43.60 -43.54
CA THR E 32 17.07 43.23 -44.67
C THR E 32 16.65 44.51 -45.38
N PRO E 33 16.48 44.47 -46.71
CA PRO E 33 16.07 45.67 -47.41
C PRO E 33 14.81 46.32 -46.88
N GLN E 34 13.89 45.53 -46.36
CA GLN E 34 12.58 46.04 -45.95
C GLN E 34 12.68 46.92 -44.69
N PHE E 35 13.64 46.58 -43.84
CA PHE E 35 13.91 47.31 -42.62
C PHE E 35 14.88 48.44 -42.86
N GLN E 36 15.97 48.19 -43.57
CA GLN E 36 16.96 49.24 -43.82
C GLN E 36 16.37 50.39 -44.64
N ARG E 37 15.33 50.10 -45.40
CA ARG E 37 14.52 51.12 -46.04
C ARG E 37 14.16 52.30 -45.14
N LEU E 38 13.94 52.04 -43.86
CA LEU E 38 13.60 53.10 -42.91
C LEU E 38 14.70 54.10 -42.66
N ARG E 39 15.94 53.81 -43.04
CA ARG E 39 17.01 54.81 -43.00
C ARG E 39 16.75 55.99 -43.93
N TYR E 40 15.93 55.80 -44.95
CA TYR E 40 15.70 56.81 -45.95
C TYR E 40 14.29 57.43 -45.89
N ILE E 41 13.68 57.39 -44.70
CA ILE E 41 12.38 58.05 -44.47
C ILE E 41 12.47 58.88 -43.19
N LYS E 42 12.27 60.20 -43.31
CA LYS E 42 12.43 61.08 -42.15
C LYS E 42 11.25 61.02 -41.19
N GLN E 43 11.55 61.10 -39.90
CA GLN E 43 10.57 60.89 -38.83
C GLN E 43 9.48 61.94 -38.90
N LEU E 44 9.92 63.19 -38.94
CA LEU E 44 9.02 64.33 -38.88
C LEU E 44 8.66 64.91 -40.23
N GLY E 45 8.87 64.17 -41.32
CA GLY E 45 8.50 64.61 -42.67
C GLY E 45 9.14 65.95 -42.97
N GLY E 46 8.29 66.88 -43.39
CA GLY E 46 8.71 68.27 -43.62
C GLY E 46 9.27 69.05 -42.44
N GLY E 47 9.13 68.57 -41.23
CA GLY E 47 9.67 69.25 -40.07
C GLY E 47 11.14 69.61 -40.15
N TYR E 48 11.93 68.78 -40.82
CA TYR E 48 13.34 69.11 -41.04
C TYR E 48 13.54 70.45 -41.74
N TYR E 49 12.58 70.87 -42.55
CA TYR E 49 12.69 72.14 -43.26
C TYR E 49 12.35 73.36 -42.39
N VAL E 50 11.93 73.11 -41.15
CA VAL E 50 11.73 74.14 -40.14
C VAL E 50 12.65 73.96 -38.91
N PHE E 51 12.83 72.74 -38.44
CA PHE E 51 13.75 72.46 -37.34
C PHE E 51 14.96 71.74 -37.95
N PRO E 52 16.06 72.46 -38.21
CA PRO E 52 17.17 71.84 -38.91
C PRO E 52 17.87 70.72 -38.10
N GLY E 53 17.52 70.54 -36.84
CA GLY E 53 18.03 69.39 -36.11
C GLY E 53 17.42 68.06 -36.53
N ALA E 54 16.17 68.10 -37.04
CA ALA E 54 15.28 66.94 -37.23
C ALA E 54 15.48 66.11 -38.51
N SER E 55 16.76 65.85 -38.77
CA SER E 55 17.28 64.93 -39.78
C SER E 55 16.95 63.46 -39.53
N HIS E 56 16.55 63.14 -38.30
CA HIS E 56 16.35 61.76 -37.86
C HIS E 56 15.27 61.03 -38.64
N ASN E 57 15.57 59.75 -38.87
CA ASN E 57 14.77 58.84 -39.67
C ASN E 57 14.10 57.75 -38.85
N ARG E 58 13.15 57.07 -39.47
CA ARG E 58 12.41 55.97 -38.84
C ARG E 58 13.24 54.80 -38.37
N PHE E 59 14.33 54.51 -39.06
CA PHE E 59 15.25 53.42 -38.70
C PHE E 59 15.57 53.44 -37.22
N GLU E 60 16.15 54.55 -36.79
CA GLU E 60 16.65 54.64 -35.44
C GLU E 60 15.54 54.72 -34.37
N HIS E 61 14.39 55.30 -34.72
CA HIS E 61 13.18 55.24 -33.88
C HIS E 61 12.74 53.80 -33.72
N SER E 62 12.70 53.10 -34.85
CA SER E 62 12.26 51.72 -34.89
C SER E 62 13.15 50.89 -33.92
N LEU E 63 14.47 51.04 -33.97
CA LEU E 63 15.33 50.34 -33.01
C LEU E 63 14.95 50.64 -31.56
N GLY E 64 14.77 51.92 -31.28
CA GLY E 64 14.50 52.35 -29.91
C GLY E 64 13.18 51.85 -29.36
N VAL E 65 12.17 51.74 -30.22
CA VAL E 65 10.88 51.21 -29.79
C VAL E 65 11.03 49.74 -29.47
N GLY E 66 11.77 49.04 -30.31
CA GLY E 66 12.11 47.66 -30.05
C GLY E 66 12.79 47.49 -28.72
N TYR E 67 13.75 48.36 -28.44
CA TYR E 67 14.51 48.26 -27.22
C TYR E 67 13.65 48.48 -25.98
N LEU E 68 12.85 49.53 -26.02
CA LEU E 68 11.98 49.89 -24.91
C LEU E 68 10.87 48.88 -24.70
N ALA E 69 10.36 48.32 -25.78
CA ALA E 69 9.41 47.20 -25.66
C ALA E 69 10.02 46.08 -24.80
N GLY E 70 11.26 45.74 -25.10
CA GLY E 70 12.03 44.80 -24.33
C GLY E 70 12.18 45.18 -22.86
N CYS E 71 12.49 46.44 -22.59
CA CYS E 71 12.68 46.87 -21.20
C CYS E 71 11.44 46.69 -20.38
N LEU E 72 10.29 47.07 -20.94
CA LEU E 72 9.07 47.07 -20.17
C LEU E 72 8.64 45.64 -19.90
N VAL E 73 8.60 44.80 -20.93
CA VAL E 73 8.18 43.42 -20.74
C VAL E 73 9.15 42.67 -19.82
N HIS E 74 10.44 42.93 -19.98
CA HIS E 74 11.45 42.29 -19.16
C HIS E 74 11.31 42.71 -17.67
N ALA E 75 11.05 43.97 -17.44
CA ALA E 75 10.86 44.49 -16.08
C ALA E 75 9.64 43.92 -15.44
N LEU E 76 8.52 43.86 -16.16
CA LEU E 76 7.30 43.31 -15.60
C LEU E 76 7.55 41.89 -15.13
N GLY E 77 8.37 41.15 -15.88
CA GLY E 77 8.72 39.77 -15.57
C GLY E 77 9.57 39.55 -14.34
N GLU E 78 10.56 40.42 -14.14
CA GLU E 78 11.37 40.39 -12.91
C GLU E 78 10.51 40.65 -11.68
N LYS E 79 9.77 41.76 -11.70
CA LYS E 79 8.91 42.18 -10.58
C LYS E 79 7.79 41.14 -10.28
N GLN E 80 7.27 40.43 -11.30
CA GLN E 80 6.15 39.47 -11.11
C GLN E 80 6.35 38.15 -11.88
N PRO E 81 7.09 37.21 -11.30
CA PRO E 81 7.29 35.91 -11.95
C PRO E 81 5.99 35.17 -12.26
N GLU E 82 4.99 35.29 -11.40
CA GLU E 82 3.69 34.64 -11.59
C GLU E 82 3.09 34.79 -12.98
N LEU E 83 3.41 35.87 -13.67
CA LEU E 83 2.90 36.13 -15.03
C LEU E 83 3.42 35.17 -16.10
N GLN E 84 4.57 34.54 -15.82
CA GLN E 84 5.18 33.52 -16.67
C GLN E 84 5.45 34.05 -18.06
N ILE E 85 6.23 35.13 -18.07
CA ILE E 85 6.64 35.77 -19.29
C ILE E 85 7.89 35.01 -19.72
N SER E 86 7.85 34.36 -20.89
CA SER E 86 9.00 33.59 -21.41
C SER E 86 9.89 34.46 -22.26
N GLU E 87 11.14 34.03 -22.48
CA GLU E 87 12.06 34.78 -23.39
C GLU E 87 11.54 34.75 -24.82
N ARG E 88 10.68 33.80 -25.11
CA ARG E 88 9.92 33.80 -26.34
C ARG E 88 8.95 34.98 -26.43
N ASP E 89 8.20 35.23 -25.37
CA ASP E 89 7.33 36.40 -25.29
C ASP E 89 8.13 37.68 -25.47
N VAL E 90 9.28 37.76 -24.84
CA VAL E 90 10.10 38.95 -24.89
C VAL E 90 10.56 39.24 -26.31
N LEU E 91 11.14 38.24 -26.97
CA LEU E 91 11.53 38.39 -28.36
C LEU E 91 10.40 38.84 -29.27
N CYS E 92 9.23 38.24 -29.09
CA CYS E 92 8.06 38.61 -29.89
C CYS E 92 7.65 40.06 -29.69
N VAL E 93 7.70 40.53 -28.45
CA VAL E 93 7.36 41.91 -28.13
C VAL E 93 8.42 42.85 -28.73
N GLN E 94 9.69 42.49 -28.60
CA GLN E 94 10.77 43.28 -29.20
C GLN E 94 10.62 43.37 -30.71
N ILE E 95 10.34 42.24 -31.35
CA ILE E 95 10.17 42.19 -32.80
C ILE E 95 9.01 43.11 -33.25
N ALA E 96 7.92 43.08 -32.52
CA ALA E 96 6.78 43.92 -32.84
C ALA E 96 7.17 45.39 -32.74
N GLY E 97 7.83 45.73 -31.65
CA GLY E 97 8.32 47.08 -31.47
C GLY E 97 9.26 47.54 -32.57
N LEU E 98 10.17 46.67 -32.94
CA LEU E 98 11.16 46.94 -33.96
C LEU E 98 10.50 47.19 -35.33
N CYS E 99 9.49 46.39 -35.62
CA CYS E 99 8.82 46.43 -36.93
C CYS E 99 7.52 47.25 -36.96
N HIS E 100 7.23 48.01 -35.89
CA HIS E 100 5.90 48.64 -35.78
C HIS E 100 5.67 49.71 -36.82
N ASP E 101 6.76 50.33 -37.31
CA ASP E 101 6.68 51.42 -38.29
C ASP E 101 7.25 51.04 -39.65
N LEU E 102 7.34 49.75 -39.93
CA LEU E 102 7.82 49.27 -41.23
C LEU E 102 7.10 49.82 -42.46
N GLY E 103 5.83 50.18 -42.27
CA GLY E 103 4.97 50.62 -43.36
C GLY E 103 4.74 52.12 -43.53
N HIS E 104 5.60 52.93 -42.94
CA HIS E 104 5.50 54.37 -43.19
C HIS E 104 5.93 54.68 -44.61
N GLY E 105 5.27 55.65 -45.20
CA GLY E 105 5.66 56.11 -46.54
C GLY E 105 6.67 57.24 -46.57
N PRO E 106 6.95 57.77 -47.77
CA PRO E 106 7.77 58.95 -47.91
C PRO E 106 7.26 60.09 -47.04
N PHE E 107 8.16 60.70 -46.29
CA PHE E 107 7.84 61.77 -45.36
C PHE E 107 6.82 61.37 -44.30
N SER E 108 6.93 60.12 -43.87
CA SER E 108 6.18 59.58 -42.74
C SER E 108 4.67 59.86 -42.84
N HIS E 109 4.22 60.84 -42.05
CA HIS E 109 2.79 61.03 -41.81
C HIS E 109 2.13 61.82 -42.92
N MET E 110 2.94 62.47 -43.73
CA MET E 110 2.46 63.14 -44.92
C MET E 110 1.83 62.13 -45.87
N PHE E 111 2.45 60.96 -45.99
CA PHE E 111 2.01 59.94 -46.95
C PHE E 111 0.64 59.33 -46.64
N ASP E 112 0.49 58.76 -45.43
CA ASP E 112 -0.80 58.18 -45.03
C ASP E 112 -1.83 59.26 -44.67
N GLY E 113 -1.35 60.44 -44.28
CA GLY E 113 -2.20 61.51 -43.76
C GLY E 113 -2.73 62.50 -44.78
N ARG E 114 -1.89 62.93 -45.73
CA ARG E 114 -2.30 63.87 -46.78
C ARG E 114 -2.39 63.25 -48.16
N PHE E 115 -1.31 62.59 -48.58
CA PHE E 115 -1.16 62.17 -49.98
C PHE E 115 -2.12 61.08 -50.44
N ILE E 116 -2.06 59.91 -49.81
CA ILE E 116 -2.91 58.80 -50.21
C ILE E 116 -4.39 59.14 -50.14
N PRO E 117 -4.86 59.82 -49.06
CA PRO E 117 -6.26 60.23 -49.06
C PRO E 117 -6.69 61.10 -50.23
N LEU E 118 -5.78 61.89 -50.78
CA LEU E 118 -6.06 62.72 -51.97
C LEU E 118 -5.92 61.97 -53.27
N ALA E 119 -4.86 61.19 -53.40
CA ALA E 119 -4.60 60.45 -54.65
C ALA E 119 -5.56 59.30 -54.86
N ARG E 120 -5.97 58.63 -53.79
CA ARG E 120 -6.86 57.46 -53.88
C ARG E 120 -7.90 57.50 -52.75
N PRO E 121 -8.95 58.34 -52.94
CA PRO E 121 -9.98 58.52 -51.91
C PRO E 121 -10.81 57.25 -51.61
N GLU E 122 -10.92 56.35 -52.58
CA GLU E 122 -11.61 55.07 -52.39
C GLU E 122 -10.99 54.15 -51.31
N VAL E 123 -9.69 54.22 -51.05
CA VAL E 123 -9.05 53.26 -50.12
C VAL E 123 -9.02 53.83 -48.71
N LYS E 124 -9.25 52.97 -47.72
CA LYS E 124 -8.88 53.24 -46.32
C LYS E 124 -7.50 52.57 -46.11
N TRP E 125 -6.42 53.38 -46.10
CA TRP E 125 -5.05 52.86 -45.90
C TRP E 125 -4.31 53.58 -44.79
N THR E 126 -3.72 52.80 -43.87
CA THR E 126 -2.98 53.36 -42.73
C THR E 126 -1.53 52.87 -42.74
N HIS E 127 -0.64 53.62 -42.11
CA HIS E 127 0.76 53.23 -42.03
C HIS E 127 0.90 51.89 -41.28
N GLU E 128 0.02 51.67 -40.29
CA GLU E 128 0.00 50.42 -39.54
C GLU E 128 -0.26 49.20 -40.41
N GLN E 129 -1.30 49.26 -41.24
CA GLN E 129 -1.62 48.15 -42.14
C GLN E 129 -0.46 47.82 -43.02
N GLY E 130 0.23 48.87 -43.47
CA GLY E 130 1.43 48.74 -44.25
C GLY E 130 2.50 47.98 -43.48
N SER E 131 2.67 48.30 -42.20
CA SER E 131 3.63 47.60 -41.36
C SER E 131 3.39 46.08 -41.32
N VAL E 132 2.14 45.67 -41.19
CA VAL E 132 1.78 44.26 -41.23
C VAL E 132 2.17 43.62 -42.55
N MET E 133 1.80 44.25 -43.65
CA MET E 133 2.10 43.73 -44.98
C MET E 133 3.59 43.64 -45.23
N MET E 134 4.30 44.70 -44.86
CA MET E 134 5.74 44.78 -45.08
C MET E 134 6.47 43.81 -44.15
N PHE E 135 5.93 43.55 -42.96
CA PHE E 135 6.48 42.53 -42.08
C PHE E 135 6.40 41.15 -42.72
N GLU E 136 5.21 40.81 -43.18
CA GLU E 136 4.99 39.57 -43.93
C GLU E 136 6.01 39.46 -45.08
N HIS E 137 6.14 40.51 -45.88
CA HIS E 137 7.08 40.50 -47.01
C HIS E 137 8.50 40.30 -46.54
N LEU E 138 8.87 40.96 -45.44
CA LEU E 138 10.23 40.85 -44.89
C LEU E 138 10.55 39.43 -44.47
N ILE E 139 9.62 38.83 -43.73
CA ILE E 139 9.71 37.45 -43.27
C ILE E 139 9.92 36.48 -44.43
N ASN E 140 9.02 36.55 -45.42
CA ASN E 140 9.00 35.58 -46.50
C ASN E 140 10.19 35.72 -47.44
N SER E 141 10.53 36.94 -47.81
CA SER E 141 11.63 37.16 -48.75
C SER E 141 13.03 36.94 -48.14
N ASN E 142 13.19 36.99 -46.81
CA ASN E 142 14.52 36.78 -46.20
C ASN E 142 14.66 35.51 -45.35
N GLY E 143 13.79 34.51 -45.57
CA GLY E 143 13.87 33.22 -44.88
C GLY E 143 14.02 33.28 -43.37
N ILE E 144 13.13 34.04 -42.74
CA ILE E 144 13.22 34.31 -41.30
C ILE E 144 12.58 33.19 -40.48
N LYS E 145 11.55 32.56 -41.02
CA LYS E 145 10.83 31.52 -40.29
C LYS E 145 11.74 30.44 -39.67
N PRO E 146 12.72 29.88 -40.44
CA PRO E 146 13.68 28.92 -39.84
C PRO E 146 14.49 29.50 -38.70
N VAL E 147 14.86 30.78 -38.81
CA VAL E 147 15.66 31.46 -37.79
C VAL E 147 14.81 31.71 -36.54
N MET E 148 13.53 32.03 -36.71
CA MET E 148 12.64 32.15 -35.56
C MET E 148 12.58 30.83 -34.78
N GLU E 149 12.39 29.74 -35.51
CA GLU E 149 12.36 28.41 -34.91
C GLU E 149 13.64 28.10 -34.19
N GLN E 150 14.76 28.46 -34.79
CA GLN E 150 16.07 28.25 -34.18
C GLN E 150 16.18 28.81 -32.77
N TYR E 151 15.56 29.96 -32.52
CA TYR E 151 15.60 30.58 -31.20
C TYR E 151 14.32 30.37 -30.40
N GLY E 152 13.58 29.32 -30.69
CA GLY E 152 12.47 28.90 -29.84
C GLY E 152 11.12 29.51 -30.11
N LEU E 153 10.98 30.32 -31.15
CA LEU E 153 9.65 30.84 -31.52
C LEU E 153 8.86 29.77 -32.28
N ILE E 154 7.56 29.98 -32.36
CA ILE E 154 6.66 29.14 -33.13
C ILE E 154 6.00 30.05 -34.16
N PRO E 155 6.52 30.08 -35.40
CA PRO E 155 6.07 31.06 -36.38
C PRO E 155 4.57 31.17 -36.59
N GLU E 156 3.85 30.03 -36.67
CA GLU E 156 2.37 30.05 -36.82
C GLU E 156 1.75 31.07 -35.82
N GLU E 157 1.92 30.79 -34.52
CA GLU E 157 1.38 31.58 -33.43
C GLU E 157 2.00 32.95 -33.31
N ASP E 158 3.34 33.01 -33.36
CA ASP E 158 4.05 34.24 -33.03
C ASP E 158 3.97 35.31 -34.09
N ILE E 159 4.00 34.94 -35.37
CA ILE E 159 3.84 35.94 -36.42
C ILE E 159 2.46 36.58 -36.31
N CYS E 160 1.45 35.79 -35.94
CA CYS E 160 0.14 36.35 -35.68
C CYS E 160 0.17 37.35 -34.51
N PHE E 161 0.78 36.94 -33.40
CA PHE E 161 0.96 37.79 -32.21
C PHE E 161 1.69 39.08 -32.51
N ILE E 162 2.71 39.01 -33.35
CA ILE E 162 3.47 40.21 -33.72
C ILE E 162 2.56 41.16 -34.52
N LYS E 163 1.91 40.64 -35.54
CA LYS E 163 1.00 41.46 -36.34
C LYS E 163 -0.12 42.06 -35.51
N GLU E 164 -0.66 41.28 -34.57
CA GLU E 164 -1.74 41.75 -33.72
C GLU E 164 -1.30 42.89 -32.79
N GLN E 165 -0.06 42.83 -32.30
CA GLN E 165 0.46 43.93 -31.49
C GLN E 165 0.43 45.23 -32.27
N ILE E 166 0.74 45.14 -33.57
CA ILE E 166 0.89 46.32 -34.42
C ILE E 166 -0.42 46.97 -34.83
N VAL E 167 -1.36 46.19 -35.34
CA VAL E 167 -2.66 46.72 -35.83
C VAL E 167 -3.89 46.33 -35.03
N GLY E 168 -3.74 45.58 -33.95
CA GLY E 168 -4.92 45.07 -33.23
C GLY E 168 -5.51 43.84 -33.94
N PRO E 169 -6.73 43.42 -33.56
CA PRO E 169 -7.11 42.00 -33.76
C PRO E 169 -7.35 41.50 -35.20
N LEU E 178 -16.00 38.95 -25.61
CA LEU E 178 -15.08 37.79 -25.64
C LEU E 178 -13.73 38.10 -26.32
N TRP E 179 -12.77 37.23 -26.07
CA TRP E 179 -11.36 37.50 -26.35
C TRP E 179 -11.05 37.50 -27.85
N PRO E 180 -10.76 38.67 -28.43
CA PRO E 180 -10.56 38.73 -29.88
C PRO E 180 -9.21 38.23 -30.41
N TYR E 181 -8.18 38.10 -29.59
CA TYR E 181 -6.83 37.82 -30.10
C TYR E 181 -6.60 36.31 -30.27
N LYS E 182 -6.00 35.92 -31.39
CA LYS E 182 -5.63 34.54 -31.65
C LYS E 182 -4.15 34.29 -31.29
N GLY E 183 -3.34 35.35 -31.16
CA GLY E 183 -1.89 35.21 -30.95
C GLY E 183 -1.46 34.76 -29.56
N ARG E 184 -2.14 35.27 -28.53
CA ARG E 184 -1.91 34.89 -27.13
C ARG E 184 -3.24 34.76 -26.39
N PRO E 185 -3.26 34.04 -25.25
CA PRO E 185 -4.45 33.96 -24.41
C PRO E 185 -4.69 35.20 -23.51
N GLU E 186 -5.83 35.22 -22.84
CA GLU E 186 -6.22 36.34 -21.94
C GLU E 186 -5.27 36.59 -20.78
N ASN E 187 -4.62 35.52 -20.31
CA ASN E 187 -3.67 35.60 -19.18
C ASN E 187 -2.34 36.29 -19.56
N LYS E 188 -2.21 36.67 -20.84
CA LYS E 188 -1.11 37.52 -21.26
C LYS E 188 -1.56 38.74 -22.07
N SER E 189 -2.75 39.26 -21.79
CA SER E 189 -3.28 40.43 -22.52
C SER E 189 -2.44 41.70 -22.33
N PHE E 190 -1.74 41.80 -21.22
CA PHE E 190 -0.83 42.91 -20.98
C PHE E 190 0.24 43.03 -22.04
N LEU E 191 0.66 41.94 -22.66
CA LEU E 191 1.65 42.03 -23.72
C LEU E 191 1.19 42.90 -24.92
N TYR E 192 -0.12 42.95 -25.14
CA TYR E 192 -0.70 43.79 -26.19
C TYR E 192 -0.72 45.30 -25.88
N GLU E 193 -0.49 45.66 -24.64
CA GLU E 193 -0.44 47.07 -24.21
C GLU E 193 0.99 47.67 -24.20
N ILE E 194 1.97 47.01 -24.81
CA ILE E 194 3.35 47.48 -24.76
C ILE E 194 3.76 48.33 -25.96
N VAL E 195 3.65 47.77 -27.16
CA VAL E 195 4.09 48.47 -28.37
C VAL E 195 3.04 49.45 -28.89
N SER E 196 1.77 49.07 -28.87
CA SER E 196 0.70 49.93 -29.34
C SER E 196 -0.57 49.68 -28.52
N ASN E 197 -0.80 50.60 -27.58
CA ASN E 197 -1.81 50.46 -26.53
C ASN E 197 -3.15 50.98 -27.01
N LYS E 198 -4.04 50.10 -27.43
CA LYS E 198 -5.35 50.50 -27.94
C LYS E 198 -6.25 51.03 -26.81
N ARG E 199 -6.00 50.61 -25.56
CA ARG E 199 -6.89 50.93 -24.45
C ARG E 199 -6.83 52.41 -24.06
N ASN E 200 -5.61 52.92 -23.87
CA ASN E 200 -5.38 54.29 -23.40
C ASN E 200 -4.27 55.07 -24.12
N GLY E 201 -3.39 54.40 -24.86
CA GLY E 201 -2.39 55.09 -25.63
C GLY E 201 -1.02 55.16 -24.98
N ILE E 202 -0.90 54.70 -23.73
CA ILE E 202 0.39 54.74 -23.05
C ILE E 202 1.20 53.52 -23.54
N ASP E 203 2.10 53.78 -24.49
CA ASP E 203 2.89 52.74 -25.12
C ASP E 203 4.35 53.19 -25.29
N VAL E 204 5.25 52.25 -25.56
CA VAL E 204 6.67 52.57 -25.66
C VAL E 204 7.04 53.32 -26.96
N ASP E 205 6.17 53.28 -27.95
CA ASP E 205 6.33 54.06 -29.17
C ASP E 205 6.40 55.53 -28.80
N LYS E 206 5.44 56.00 -28.01
CA LYS E 206 5.43 57.40 -27.56
C LYS E 206 6.70 57.73 -26.79
N TRP E 207 7.10 56.83 -25.92
CA TRP E 207 8.22 57.10 -25.04
C TRP E 207 9.52 57.31 -25.80
N ASP E 208 9.71 56.56 -26.88
CA ASP E 208 10.90 56.75 -27.69
C ASP E 208 10.82 58.04 -28.45
N TYR E 209 9.70 58.33 -29.10
CA TYR E 209 9.64 59.52 -29.94
C TYR E 209 9.66 60.82 -29.12
N PHE E 210 9.09 60.82 -27.93
CA PHE E 210 9.19 61.99 -27.05
C PHE E 210 10.66 62.34 -26.86
N ALA E 211 11.43 61.35 -26.42
CA ALA E 211 12.82 61.54 -26.09
C ALA E 211 13.64 61.87 -27.34
N ARG E 212 13.39 61.15 -28.42
CA ARG E 212 14.18 61.27 -29.63
C ARG E 212 13.86 62.55 -30.40
N ASP E 213 12.57 62.85 -30.57
CA ASP E 213 12.19 64.04 -31.30
C ASP E 213 12.69 65.25 -30.52
N CYS E 214 12.50 65.28 -29.23
CA CYS E 214 13.08 66.34 -28.42
C CYS E 214 14.60 66.53 -28.63
N HIS E 215 15.34 65.43 -28.65
CA HIS E 215 16.81 65.46 -28.79
C HIS E 215 17.21 66.23 -30.03
N HIS E 216 16.56 65.88 -31.13
CA HIS E 216 16.84 66.44 -32.45
C HIS E 216 16.12 67.79 -32.66
N LEU E 217 14.95 67.98 -32.08
CA LEU E 217 14.19 69.23 -32.31
C LEU E 217 14.81 70.43 -31.64
N GLY E 218 15.42 70.25 -30.48
CA GLY E 218 15.91 71.38 -29.65
C GLY E 218 14.91 71.85 -28.62
N ILE E 219 14.15 70.89 -28.10
CA ILE E 219 13.15 71.06 -27.07
C ILE E 219 13.46 69.99 -26.00
N GLN E 220 13.50 70.36 -24.69
CA GLN E 220 13.64 69.36 -23.63
C GLN E 220 12.23 68.73 -23.37
N ASN E 221 12.29 67.47 -22.97
CA ASN E 221 11.16 66.57 -22.86
C ASN E 221 10.71 66.56 -21.39
N ASN E 222 9.40 66.73 -21.13
CA ASN E 222 8.97 66.77 -19.73
C ASN E 222 8.78 65.40 -19.02
N PHE E 223 8.88 64.27 -19.74
CA PHE E 223 8.32 62.98 -19.29
C PHE E 223 9.36 61.87 -19.06
N ASP E 224 9.21 61.15 -17.95
CA ASP E 224 10.18 60.13 -17.51
C ASP E 224 9.63 58.71 -17.69
N TYR E 225 9.97 58.07 -18.81
CA TYR E 225 9.51 56.69 -19.08
C TYR E 225 10.08 55.71 -18.07
N LYS E 226 11.34 55.93 -17.68
CA LYS E 226 11.99 55.02 -16.77
C LYS E 226 11.28 54.90 -15.45
N ARG E 227 10.75 56.03 -14.97
CA ARG E 227 10.00 56.07 -13.74
C ARG E 227 8.69 55.33 -13.87
N PHE E 228 8.02 55.49 -15.01
CA PHE E 228 6.77 54.77 -15.26
C PHE E 228 6.98 53.25 -15.19
N ILE E 229 8.06 52.77 -15.81
CA ILE E 229 8.44 51.37 -15.76
C ILE E 229 8.67 50.91 -14.34
N LYS E 230 9.31 51.69 -13.49
CA LYS E 230 9.49 51.29 -12.09
C LYS E 230 8.21 51.21 -11.31
N PHE E 231 7.20 51.99 -11.68
CA PHE E 231 5.91 51.95 -11.00
C PHE E 231 4.83 51.30 -11.87
N ALA E 232 5.21 50.36 -12.72
CA ALA E 232 4.25 49.62 -13.53
C ALA E 232 4.08 48.26 -12.92
N ARG E 233 2.92 47.68 -13.16
CA ARG E 233 2.54 46.44 -12.50
C ARG E 233 1.33 45.83 -13.21
N VAL E 234 1.23 44.51 -13.21
CA VAL E 234 0.10 43.83 -13.84
C VAL E 234 -0.87 43.40 -12.78
N CYS E 235 -2.15 43.68 -12.98
CA CYS E 235 -3.23 43.29 -12.07
C CYS E 235 -4.41 42.84 -12.86
N GLU E 236 -5.32 42.15 -12.18
CA GLU E 236 -6.53 41.68 -12.82
C GLU E 236 -7.56 42.80 -12.88
N VAL E 237 -8.03 43.10 -14.09
CA VAL E 237 -9.15 44.02 -14.31
C VAL E 237 -10.16 43.34 -15.25
N ASP E 238 -11.35 43.05 -14.71
CA ASP E 238 -12.45 42.44 -15.50
C ASP E 238 -11.95 41.16 -16.16
N ASN E 239 -11.47 40.22 -15.35
CA ASN E 239 -11.08 38.86 -15.84
C ASN E 239 -9.96 38.86 -16.89
N GLU E 240 -9.06 39.83 -16.80
CA GLU E 240 -8.06 40.05 -17.84
C GLU E 240 -6.87 40.77 -17.19
N LEU E 241 -5.66 40.28 -17.41
CA LEU E 241 -4.47 40.86 -16.79
C LEU E 241 -3.93 42.08 -17.57
N ARG E 242 -3.99 43.28 -16.99
CA ARG E 242 -3.51 44.52 -17.65
C ARG E 242 -2.43 45.27 -16.89
N ILE E 243 -1.71 46.12 -17.60
CA ILE E 243 -0.73 47.02 -16.99
C ILE E 243 -1.43 48.12 -16.21
N CYS E 244 -1.04 48.29 -14.96
CA CYS E 244 -1.55 49.34 -14.09
C CYS E 244 -0.43 50.22 -13.59
N ALA E 245 -0.74 51.49 -13.36
CA ALA E 245 0.22 52.44 -12.82
C ALA E 245 -0.13 52.74 -11.38
N ARG E 246 0.84 53.24 -10.64
CA ARG E 246 0.60 53.54 -9.24
C ARG E 246 -0.28 54.75 -9.07
N ASP E 247 -1.14 54.72 -8.06
CA ASP E 247 -2.08 55.80 -7.83
C ASP E 247 -1.44 57.20 -7.90
N LYS E 248 -0.36 57.42 -7.15
CA LYS E 248 0.23 58.75 -7.08
C LYS E 248 0.78 59.22 -8.47
N GLU E 249 1.12 58.29 -9.38
CA GLU E 249 1.62 58.67 -10.72
C GLU E 249 0.57 59.24 -11.68
N VAL E 250 -0.70 59.28 -11.29
CA VAL E 250 -1.76 59.77 -12.17
C VAL E 250 -1.43 61.15 -12.72
N GLY E 251 -0.87 62.02 -11.88
CA GLY E 251 -0.43 63.34 -12.31
C GLY E 251 0.53 63.31 -13.49
N ASN E 252 1.55 62.47 -13.39
CA ASN E 252 2.54 62.29 -14.46
C ASN E 252 1.97 61.77 -15.75
N LEU E 253 0.87 61.03 -15.68
CA LEU E 253 0.20 60.54 -16.88
C LEU E 253 -0.59 61.63 -17.59
N TYR E 254 -1.30 62.49 -16.86
CA TYR E 254 -1.92 63.65 -17.49
C TYR E 254 -0.82 64.52 -18.14
N ASP E 255 0.34 64.61 -17.49
CA ASP E 255 1.49 65.36 -18.04
C ASP E 255 2.12 64.70 -19.27
N MET E 256 1.98 63.39 -19.39
CA MET E 256 2.46 62.70 -20.59
C MET E 256 1.68 63.17 -21.80
N PHE E 257 0.36 63.21 -21.68
CA PHE E 257 -0.46 63.59 -22.82
C PHE E 257 -0.39 65.09 -23.09
N HIS E 258 -0.14 65.88 -22.04
CA HIS E 258 0.14 67.30 -22.21
C HIS E 258 1.42 67.49 -23.02
N THR E 259 2.47 66.76 -22.64
CA THR E 259 3.73 66.78 -23.37
C THR E 259 3.48 66.46 -24.84
N ARG E 260 2.67 65.45 -25.11
CA ARG E 260 2.39 65.07 -26.48
C ARG E 260 1.74 66.19 -27.25
N ASN E 261 0.65 66.73 -26.71
CA ASN E 261 -0.07 67.84 -27.35
C ASN E 261 0.85 69.02 -27.53
N SER E 262 1.69 69.29 -26.54
CA SER E 262 2.69 70.35 -26.62
C SER E 262 3.67 70.16 -27.79
N LEU E 263 4.17 68.94 -27.99
CA LEU E 263 5.03 68.66 -29.14
C LEU E 263 4.30 68.78 -30.47
N HIS E 264 3.00 68.51 -30.49
CA HIS E 264 2.22 68.70 -31.71
C HIS E 264 2.10 70.18 -32.02
N ARG E 265 1.83 70.99 -31.01
CA ARG E 265 1.69 72.42 -31.24
C ARG E 265 2.96 73.08 -31.65
N ARG E 266 4.06 72.70 -31.01
CA ARG E 266 5.29 73.39 -31.27
C ARG E 266 5.94 72.96 -32.53
N ALA E 267 5.95 71.66 -32.83
CA ALA E 267 6.76 71.10 -33.87
C ALA E 267 5.97 70.36 -34.93
N TYR E 268 5.29 69.29 -34.55
CA TYR E 268 4.72 68.38 -35.57
C TYR E 268 3.67 69.04 -36.48
N GLN E 269 2.88 69.94 -35.91
CA GLN E 269 1.87 70.71 -36.64
C GLN E 269 2.28 72.18 -36.86
N HIS E 270 3.59 72.47 -36.84
CA HIS E 270 4.09 73.83 -37.06
C HIS E 270 3.58 74.38 -38.38
N LYS E 271 3.09 75.62 -38.35
CA LYS E 271 2.36 76.18 -39.50
C LYS E 271 3.12 76.12 -40.84
N VAL E 272 4.43 76.30 -40.82
CA VAL E 272 5.26 76.19 -42.01
C VAL E 272 5.65 74.75 -42.31
N GLY E 273 5.87 73.95 -41.29
CA GLY E 273 6.14 72.53 -41.51
C GLY E 273 5.01 71.90 -42.29
N ASN E 274 3.78 72.19 -41.86
CA ASN E 274 2.60 71.69 -42.52
C ASN E 274 2.41 72.24 -43.94
N ILE E 275 2.80 73.48 -44.19
CA ILE E 275 2.64 74.00 -45.55
C ILE E 275 3.67 73.37 -46.48
N ILE E 276 4.86 73.08 -45.96
CA ILE E 276 5.82 72.33 -46.75
C ILE E 276 5.33 70.91 -47.05
N ASP E 277 4.71 70.28 -46.05
CA ASP E 277 4.08 68.99 -46.27
C ASP E 277 3.04 69.10 -47.37
N THR E 278 2.13 70.08 -47.31
CA THR E 278 1.07 70.18 -48.33
C THR E 278 1.68 70.41 -49.72
N MET E 279 2.79 71.16 -49.79
CA MET E 279 3.45 71.42 -51.08
C MET E 279 4.16 70.22 -51.66
N ILE E 280 4.82 69.43 -50.82
CA ILE E 280 5.41 68.19 -51.28
C ILE E 280 4.31 67.24 -51.77
N THR E 281 3.25 67.11 -50.98
CA THR E 281 2.10 66.29 -51.36
C THR E 281 1.54 66.72 -52.69
N ASP E 282 1.42 68.03 -52.87
CA ASP E 282 0.97 68.61 -54.11
C ASP E 282 1.85 68.19 -55.31
N ALA E 283 3.16 68.24 -55.10
CA ALA E 283 4.13 67.85 -56.12
C ALA E 283 4.06 66.38 -56.42
N PHE E 284 3.88 65.53 -55.41
CA PHE E 284 3.69 64.10 -55.64
C PHE E 284 2.47 63.86 -56.50
N LEU E 285 1.35 64.50 -56.15
CA LEU E 285 0.12 64.36 -56.93
C LEU E 285 0.34 64.68 -58.41
N LYS E 286 1.09 65.74 -58.71
CA LYS E 286 1.36 66.13 -60.11
C LYS E 286 2.35 65.24 -60.81
N ALA E 287 3.22 64.57 -60.06
CA ALA E 287 4.16 63.60 -60.62
C ALA E 287 3.64 62.17 -60.61
N ASP E 288 2.45 61.92 -60.06
CA ASP E 288 2.00 60.54 -59.78
C ASP E 288 1.85 59.74 -61.04
N ASP E 289 1.19 60.36 -62.04
CA ASP E 289 0.99 59.76 -63.35
C ASP E 289 2.26 59.33 -64.09
N TYR E 290 3.38 60.03 -63.86
CA TYR E 290 4.56 59.85 -64.69
C TYR E 290 5.76 59.14 -64.05
N ILE E 291 5.69 58.77 -62.77
CA ILE E 291 6.79 58.03 -62.15
C ILE E 291 6.45 56.57 -62.01
N GLU E 292 7.32 55.72 -62.55
CA GLU E 292 7.19 54.25 -62.49
C GLU E 292 8.13 53.67 -61.42
N ILE E 293 7.64 52.67 -60.67
CA ILE E 293 8.43 51.94 -59.68
C ILE E 293 8.22 50.44 -59.91
N THR E 294 9.32 49.70 -60.07
CA THR E 294 9.23 48.28 -60.44
C THR E 294 8.93 47.47 -59.21
N GLY E 295 7.95 46.60 -59.32
CA GLY E 295 7.55 45.72 -58.24
C GLY E 295 7.73 44.25 -58.59
N ALA E 296 6.85 43.44 -58.01
CA ALA E 296 6.94 42.00 -58.10
C ALA E 296 6.63 41.56 -59.50
N GLY E 297 7.48 40.68 -60.03
CA GLY E 297 7.38 40.19 -61.40
C GLY E 297 7.61 41.25 -62.45
N GLY E 298 8.24 42.36 -62.09
CA GLY E 298 8.42 43.48 -63.00
C GLY E 298 7.21 44.35 -63.32
N LYS E 299 6.06 44.13 -62.69
CA LYS E 299 4.86 45.00 -62.90
C LYS E 299 5.24 46.45 -62.51
N LYS E 300 4.75 47.43 -63.23
CA LYS E 300 5.09 48.86 -62.94
C LYS E 300 4.01 49.48 -62.05
N TYR E 301 4.45 50.11 -60.96
CA TYR E 301 3.54 50.78 -60.05
C TYR E 301 3.80 52.27 -59.99
N ARG E 302 2.76 53.04 -59.73
CA ARG E 302 2.84 54.49 -59.51
C ARG E 302 3.03 54.75 -58.02
N ILE E 303 3.33 55.99 -57.64
CA ILE E 303 3.56 56.31 -56.23
C ILE E 303 2.34 55.95 -55.37
N SER E 304 1.16 56.30 -55.83
CA SER E 304 -0.09 56.00 -55.13
C SER E 304 -0.46 54.51 -55.09
N THR E 305 0.05 53.72 -56.03
CA THR E 305 -0.24 52.27 -56.08
C THR E 305 0.86 51.35 -55.53
N ALA E 306 2.01 51.91 -55.18
CA ALA E 306 3.09 51.10 -54.61
C ALA E 306 2.67 50.43 -53.32
N ILE E 307 1.73 51.02 -52.60
CA ILE E 307 1.17 50.40 -51.40
C ILE E 307 0.48 49.05 -51.64
N ASP E 308 0.05 48.79 -52.86
CA ASP E 308 -0.55 47.51 -53.19
C ASP E 308 0.43 46.36 -53.39
N ASP E 309 1.71 46.66 -53.62
CA ASP E 309 2.74 45.63 -53.76
C ASP E 309 4.01 45.96 -52.98
N MET E 310 4.33 45.13 -52.00
CA MET E 310 5.39 45.44 -51.04
C MET E 310 6.80 45.42 -51.60
N GLU E 311 7.02 44.74 -52.70
CA GLU E 311 8.34 44.77 -53.33
C GLU E 311 8.59 46.13 -53.97
N ALA E 312 7.53 46.73 -54.51
CA ALA E 312 7.57 48.09 -55.01
C ALA E 312 7.72 49.09 -53.90
N TYR E 313 6.88 48.95 -52.87
CA TYR E 313 6.87 49.86 -51.72
C TYR E 313 8.22 49.91 -51.01
N THR E 314 8.97 48.81 -51.04
CA THR E 314 10.33 48.79 -50.51
C THR E 314 11.24 49.88 -51.11
N LYS E 315 11.03 50.18 -52.39
CA LYS E 315 11.84 51.14 -53.11
C LYS E 315 11.27 52.57 -53.03
N LEU E 316 10.16 52.76 -52.32
CA LEU E 316 9.49 54.06 -52.24
C LEU E 316 9.79 54.76 -50.92
N THR E 317 10.66 55.75 -50.97
CA THR E 317 11.13 56.46 -49.78
C THR E 317 11.19 57.96 -50.05
N ASP E 318 11.82 58.73 -49.16
CA ASP E 318 12.04 60.17 -49.37
C ASP E 318 12.84 60.50 -50.64
N ASN E 319 13.58 59.52 -51.17
CA ASN E 319 14.19 59.62 -52.48
C ASN E 319 13.31 60.31 -53.50
N ILE E 320 12.04 59.94 -53.47
CA ILE E 320 11.10 60.35 -54.51
C ILE E 320 11.13 61.89 -54.68
N PHE E 321 11.27 62.60 -53.57
CA PHE E 321 11.41 64.05 -53.55
C PHE E 321 12.53 64.48 -54.48
N LEU E 322 13.72 63.93 -54.26
CA LEU E 322 14.89 64.29 -55.06
C LEU E 322 14.83 63.77 -56.49
N GLU E 323 14.18 62.63 -56.70
CA GLU E 323 14.01 62.10 -58.06
C GLU E 323 13.21 63.10 -58.88
N ILE E 324 12.13 63.61 -58.30
CA ILE E 324 11.32 64.66 -58.92
C ILE E 324 12.12 65.92 -59.11
N LEU E 325 12.84 66.35 -58.09
CA LEU E 325 13.63 67.60 -58.14
C LEU E 325 14.71 67.61 -59.22
N TYR E 326 15.42 66.50 -59.33
CA TYR E 326 16.53 66.41 -60.28
C TYR E 326 16.11 66.04 -61.71
N SER E 327 14.85 65.65 -61.90
CA SER E 327 14.41 65.14 -63.20
C SER E 327 14.44 66.18 -64.30
N THR E 328 14.49 65.68 -65.53
CA THR E 328 14.43 66.51 -66.74
C THR E 328 13.23 66.23 -67.66
N ASP E 329 12.45 65.21 -67.38
CA ASP E 329 11.27 64.87 -68.19
C ASP E 329 10.30 66.07 -68.19
N PRO E 330 9.92 66.57 -69.37
CA PRO E 330 8.91 67.65 -69.40
C PRO E 330 7.55 67.32 -68.76
N LYS E 331 7.19 66.04 -68.64
CA LYS E 331 5.95 65.63 -67.97
C LYS E 331 5.99 65.91 -66.46
N LEU E 332 7.18 65.92 -65.88
CA LEU E 332 7.37 66.23 -64.47
C LEU E 332 7.58 67.73 -64.16
N LYS E 333 7.63 68.61 -65.17
CA LYS E 333 7.94 70.04 -64.99
C LYS E 333 7.04 70.71 -63.97
N ASP E 334 5.74 70.41 -64.01
CA ASP E 334 4.78 70.94 -63.03
C ASP E 334 5.13 70.57 -61.59
N ALA E 335 5.43 69.29 -61.37
CA ALA E 335 5.80 68.80 -60.05
C ALA E 335 7.15 69.34 -59.60
N ARG E 336 8.12 69.32 -60.50
CA ARG E 336 9.45 69.84 -60.20
C ARG E 336 9.45 71.34 -59.85
N GLU E 337 8.54 72.10 -60.45
CA GLU E 337 8.45 73.54 -60.15
C GLU E 337 8.01 73.83 -58.72
N ILE E 338 7.11 73.01 -58.21
CA ILE E 338 6.64 73.15 -56.84
C ILE E 338 7.81 72.91 -55.90
N LEU E 339 8.52 71.80 -56.09
CA LEU E 339 9.65 71.48 -55.25
C LEU E 339 10.75 72.55 -55.34
N LYS E 340 10.94 73.13 -56.52
CA LYS E 340 11.89 74.23 -56.66
C LYS E 340 11.45 75.48 -55.89
N GLN E 341 10.14 75.75 -55.80
CA GLN E 341 9.64 76.83 -54.98
C GLN E 341 9.91 76.63 -53.49
N ILE E 342 10.03 75.38 -53.05
CA ILE E 342 10.39 75.08 -51.65
C ILE E 342 11.87 75.38 -51.38
N GLU E 343 12.73 75.17 -52.39
CA GLU E 343 14.17 75.47 -52.26
C GLU E 343 14.33 76.97 -52.05
N TYR E 344 13.76 77.75 -52.96
CA TYR E 344 13.81 79.21 -52.93
C TYR E 344 12.97 79.82 -51.83
N ARG E 345 12.12 79.05 -51.17
CA ARG E 345 11.35 79.49 -50.01
C ARG E 345 10.20 80.42 -50.39
N ASN E 346 9.64 80.22 -51.60
CA ASN E 346 8.39 80.88 -52.01
C ASN E 346 7.26 79.99 -51.61
N LEU E 347 7.02 79.97 -50.30
CA LEU E 347 6.03 79.12 -49.71
C LEU E 347 4.73 79.87 -49.74
N PHE E 348 3.65 79.08 -49.72
CA PHE E 348 2.32 79.64 -49.58
C PHE E 348 2.28 80.41 -48.27
N LYS E 349 1.60 81.54 -48.24
CA LYS E 349 1.67 82.45 -47.10
C LYS E 349 0.60 82.18 -46.05
N TYR E 350 1.01 82.23 -44.78
CA TYR E 350 0.10 81.95 -43.68
C TYR E 350 -0.73 83.19 -43.44
N VAL E 351 -2.04 83.02 -43.37
CA VAL E 351 -2.94 84.14 -43.14
C VAL E 351 -3.35 84.23 -41.67
N GLY E 352 -3.74 83.10 -41.09
CA GLY E 352 -4.12 83.07 -39.67
C GLY E 352 -4.69 81.74 -39.20
N GLU E 353 -4.99 81.68 -37.91
CA GLU E 353 -5.45 80.48 -37.26
C GLU E 353 -6.75 80.80 -36.56
N THR E 354 -7.63 79.80 -36.46
CA THR E 354 -8.88 79.95 -35.73
C THR E 354 -9.42 78.57 -35.31
N GLN E 355 -10.40 78.60 -34.41
CA GLN E 355 -11.04 77.41 -33.87
C GLN E 355 -12.54 77.55 -33.91
N PRO E 356 -13.29 76.44 -34.00
CA PRO E 356 -14.72 76.49 -33.73
C PRO E 356 -15.05 76.79 -32.27
N THR E 357 -16.28 77.22 -32.01
CA THR E 357 -16.74 77.52 -30.64
C THR E 357 -17.88 76.59 -30.30
N GLY E 358 -18.24 76.58 -29.02
CA GLY E 358 -19.23 75.64 -28.47
C GLY E 358 -18.73 74.20 -28.53
N GLN E 359 -19.57 73.31 -29.06
CA GLN E 359 -19.16 71.93 -29.36
C GLN E 359 -19.50 71.63 -30.85
N ILE E 360 -19.00 72.46 -31.78
CA ILE E 360 -19.19 72.25 -33.25
C ILE E 360 -17.93 71.56 -33.82
N LYS E 361 -17.96 70.25 -34.15
CA LYS E 361 -16.84 69.63 -34.89
C LYS E 361 -17.09 69.88 -36.38
N ILE E 362 -16.01 70.05 -37.14
CA ILE E 362 -16.06 70.14 -38.59
C ILE E 362 -15.81 68.75 -39.19
N LYS E 363 -16.82 68.17 -39.85
CA LYS E 363 -16.72 66.79 -40.40
C LYS E 363 -15.65 66.71 -41.52
N ARG E 364 -14.90 65.59 -41.59
CA ARG E 364 -13.78 65.44 -42.57
C ARG E 364 -14.26 65.49 -44.04
N GLU E 365 -15.45 64.97 -44.31
CA GLU E 365 -16.23 65.23 -45.56
C GLU E 365 -16.27 66.72 -46.03
N ASP E 366 -16.38 67.68 -45.11
CA ASP E 366 -16.50 69.11 -45.44
C ASP E 366 -15.18 69.87 -45.72
N TYR E 367 -14.02 69.23 -45.52
CA TYR E 367 -12.71 69.87 -45.73
C TYR E 367 -12.55 70.43 -47.16
N GLU E 368 -12.92 69.63 -48.17
CA GLU E 368 -12.88 70.05 -49.60
C GLU E 368 -13.62 71.39 -49.81
N SER E 369 -14.75 71.59 -49.11
CA SER E 369 -15.62 72.78 -49.29
C SER E 369 -15.16 74.12 -48.68
N LEU E 370 -14.19 74.09 -47.76
CA LEU E 370 -13.86 75.29 -46.95
C LEU E 370 -13.15 76.43 -47.69
N PRO E 371 -12.24 76.12 -48.64
CA PRO E 371 -11.70 77.22 -49.45
C PRO E 371 -12.78 78.01 -50.21
N LYS E 372 -13.77 77.30 -50.78
CA LYS E 372 -14.94 77.95 -51.42
C LYS E 372 -15.58 78.94 -50.46
N GLU E 373 -15.74 78.55 -49.20
CA GLU E 373 -16.38 79.41 -48.19
C GLU E 373 -15.61 80.69 -47.86
N VAL E 374 -14.27 80.60 -47.81
CA VAL E 374 -13.45 81.76 -47.44
C VAL E 374 -13.57 82.83 -48.53
N ALA E 375 -13.40 82.43 -49.79
CA ALA E 375 -13.56 83.36 -50.92
C ALA E 375 -14.98 83.94 -51.06
N SER E 376 -15.97 83.17 -50.61
CA SER E 376 -17.37 83.61 -50.64
C SER E 376 -17.67 84.74 -49.67
N ALA E 377 -16.92 84.84 -48.58
CA ALA E 377 -17.18 85.89 -47.59
C ALA E 377 -17.14 87.27 -48.23
N LYS E 378 -18.05 88.14 -47.83
CA LYS E 378 -18.14 89.47 -48.40
C LYS E 378 -17.77 90.47 -47.30
N PRO E 379 -16.47 90.76 -47.10
CA PRO E 379 -16.08 91.78 -46.06
C PRO E 379 -16.40 93.19 -46.55
N LYS E 380 -17.04 94.02 -45.73
CA LYS E 380 -17.68 95.28 -46.25
C LYS E 380 -16.66 96.41 -46.49
N VAL E 381 -15.61 96.12 -47.24
CA VAL E 381 -14.44 97.01 -47.46
C VAL E 381 -14.12 97.01 -48.93
N LEU E 382 -13.67 98.13 -49.49
CA LEU E 382 -13.24 98.18 -50.91
C LEU E 382 -11.92 97.39 -51.12
N LEU E 383 -11.92 96.47 -52.07
CA LEU E 383 -10.74 95.65 -52.34
C LEU E 383 -10.27 95.90 -53.78
N ASP E 384 -8.99 96.07 -53.97
CA ASP E 384 -8.29 95.99 -55.22
C ASP E 384 -8.49 94.69 -56.06
N VAL E 385 -8.27 93.61 -55.32
CA VAL E 385 -8.11 92.26 -55.87
C VAL E 385 -9.20 91.35 -55.28
N LYS E 386 -10.07 90.78 -56.15
CA LYS E 386 -10.93 89.63 -55.79
C LYS E 386 -10.04 88.37 -55.82
N LEU E 387 -10.26 87.42 -54.89
CA LEU E 387 -9.52 86.12 -54.87
C LEU E 387 -10.48 84.94 -55.04
N LYS E 388 -10.15 84.02 -55.97
CA LYS E 388 -10.97 82.80 -56.20
C LYS E 388 -10.62 81.71 -55.16
N ALA E 389 -11.50 80.73 -55.02
CA ALA E 389 -11.37 79.68 -53.99
C ALA E 389 -10.11 78.83 -54.10
N GLU E 390 -9.68 78.56 -55.33
CA GLU E 390 -8.44 77.81 -55.58
C GLU E 390 -7.17 78.51 -55.08
N ASP E 391 -7.27 79.81 -54.72
CA ASP E 391 -6.17 80.58 -54.14
C ASP E 391 -5.94 80.31 -52.64
N PHE E 392 -6.96 79.78 -51.96
CA PHE E 392 -6.91 79.52 -50.53
C PHE E 392 -6.64 78.03 -50.24
N ILE E 393 -5.85 77.79 -49.18
CA ILE E 393 -5.71 76.47 -48.57
C ILE E 393 -6.25 76.57 -47.16
N VAL E 394 -7.17 75.66 -46.82
CA VAL E 394 -7.64 75.54 -45.46
C VAL E 394 -7.21 74.17 -44.97
N ASP E 395 -6.58 74.15 -43.80
CA ASP E 395 -5.99 72.95 -43.25
C ASP E 395 -6.65 72.79 -41.89
N VAL E 396 -7.35 71.69 -41.68
CA VAL E 396 -8.01 71.43 -40.42
C VAL E 396 -7.25 70.34 -39.67
N ILE E 397 -6.92 70.60 -38.41
CA ILE E 397 -6.03 69.77 -37.65
C ILE E 397 -6.69 69.41 -36.34
N ASN E 398 -6.76 68.12 -36.03
CA ASN E 398 -7.38 67.68 -34.79
C ASN E 398 -6.29 67.53 -33.74
N MET E 399 -6.46 68.19 -32.60
CA MET E 399 -5.55 68.05 -31.48
C MET E 399 -6.32 67.36 -30.36
N ASP E 400 -5.79 66.24 -29.85
CA ASP E 400 -6.49 65.48 -28.81
C ASP E 400 -5.50 64.81 -27.86
N TYR E 401 -6.05 64.01 -26.95
CA TYR E 401 -5.26 63.17 -26.07
C TYR E 401 -5.27 61.69 -26.56
N GLY E 402 -5.34 61.52 -27.87
CA GLY E 402 -5.15 60.24 -28.51
C GLY E 402 -6.38 59.37 -28.55
N MET E 403 -7.53 59.87 -28.10
CA MET E 403 -8.76 59.09 -28.08
C MET E 403 -9.94 59.99 -28.34
N GLN E 404 -9.86 60.74 -29.44
CA GLN E 404 -10.88 61.73 -29.78
C GLN E 404 -11.29 62.48 -28.51
N GLU E 405 -12.59 62.55 -28.23
CA GLU E 405 -13.12 63.40 -27.17
C GLU E 405 -12.90 62.90 -25.77
N LYS E 406 -12.44 61.66 -25.64
CA LYS E 406 -12.29 60.98 -24.36
C LYS E 406 -10.96 61.30 -23.64
N ASN E 407 -11.05 61.25 -22.31
CA ASN E 407 -9.93 61.35 -21.41
C ASN E 407 -9.28 59.99 -21.29
N PRO E 408 -8.05 59.81 -21.76
CA PRO E 408 -7.47 58.49 -21.71
C PRO E 408 -7.16 58.00 -20.32
N ILE E 409 -7.02 58.91 -19.36
CA ILE E 409 -6.75 58.51 -17.99
C ILE E 409 -7.98 57.83 -17.37
N ASP E 410 -9.17 58.14 -17.86
CA ASP E 410 -10.37 57.37 -17.50
C ASP E 410 -10.29 55.92 -17.97
N HIS E 411 -9.41 55.60 -18.92
CA HIS E 411 -9.13 54.23 -19.35
C HIS E 411 -7.77 53.65 -18.88
N VAL E 412 -7.28 54.11 -17.72
CA VAL E 412 -6.08 53.57 -17.09
C VAL E 412 -6.53 52.94 -15.78
N SER E 413 -5.81 51.90 -15.38
CA SER E 413 -6.04 51.23 -14.12
C SER E 413 -4.85 51.51 -13.20
N PHE E 414 -5.16 51.66 -11.91
CA PHE E 414 -4.18 52.08 -10.93
C PHE E 414 -4.10 51.08 -9.79
N TYR E 415 -2.98 51.08 -9.05
CA TYR E 415 -2.89 50.30 -7.80
C TYR E 415 -2.38 51.15 -6.64
N CYS E 416 -2.67 50.77 -5.41
CA CYS E 416 -2.24 51.50 -4.20
C CYS E 416 -1.11 50.83 -3.50
N LYS E 417 -0.38 51.58 -2.70
CA LYS E 417 0.76 50.98 -1.98
C LYS E 417 0.33 49.87 -1.06
N THR E 418 -0.76 50.13 -0.34
CA THR E 418 -1.31 49.19 0.62
C THR E 418 -1.90 47.91 0.06
N ALA E 419 -2.19 47.86 -1.24
CA ALA E 419 -2.73 46.66 -1.90
C ALA E 419 -2.35 46.66 -3.37
N PRO E 420 -1.14 46.20 -3.67
CA PRO E 420 -0.59 46.31 -5.01
C PRO E 420 -1.15 45.33 -6.04
N ASN E 421 -2.02 44.38 -5.65
CA ASN E 421 -2.69 43.54 -6.63
C ASN E 421 -4.11 43.96 -6.97
N ARG E 422 -4.66 44.91 -6.19
CA ARG E 422 -6.00 45.39 -6.40
C ARG E 422 -6.02 46.64 -7.24
N ALA E 423 -6.61 46.49 -8.44
CA ALA E 423 -6.74 47.60 -9.38
C ALA E 423 -7.89 48.48 -8.99
N ILE E 424 -7.82 49.76 -9.40
CA ILE E 424 -8.85 50.76 -9.12
C ILE E 424 -8.90 51.77 -10.25
N ARG E 425 -9.83 52.72 -10.16
CA ARG E 425 -9.97 53.81 -11.12
C ARG E 425 -9.74 55.13 -10.40
N ILE E 426 -9.30 56.13 -11.16
CA ILE E 426 -9.18 57.48 -10.63
C ILE E 426 -9.89 58.42 -11.61
N THR E 427 -10.88 59.16 -11.12
CA THR E 427 -11.66 60.10 -11.95
C THR E 427 -10.87 61.41 -12.12
N LYS E 428 -11.42 62.35 -12.88
CA LYS E 428 -10.75 63.65 -13.07
C LYS E 428 -10.83 64.52 -11.79
N ASN E 429 -12.00 64.50 -11.13
CA ASN E 429 -12.19 65.21 -9.82
C ASN E 429 -11.16 64.89 -8.76
N GLN E 430 -10.87 63.59 -8.69
CA GLN E 430 -9.92 63.01 -7.72
C GLN E 430 -8.48 63.50 -7.91
N VAL E 431 -8.15 64.16 -9.04
CA VAL E 431 -6.77 64.59 -9.30
C VAL E 431 -6.48 66.08 -9.14
N SER E 432 -7.20 66.92 -9.88
CA SER E 432 -6.91 68.35 -9.92
C SER E 432 -7.97 69.18 -10.66
N GLN E 433 -8.22 70.38 -10.17
CA GLN E 433 -9.11 71.32 -10.84
C GLN E 433 -8.40 72.01 -12.03
N LEU E 434 -7.07 71.96 -12.09
CA LEU E 434 -6.31 72.69 -13.13
C LEU E 434 -6.03 71.87 -14.38
N LEU E 435 -6.71 70.74 -14.55
CA LEU E 435 -6.56 69.92 -15.72
C LEU E 435 -7.45 70.45 -16.84
N PRO E 436 -7.27 69.97 -18.07
CA PRO E 436 -8.11 70.41 -19.17
C PRO E 436 -9.59 70.11 -18.98
N GLU E 437 -10.44 70.98 -19.52
CA GLU E 437 -11.90 70.81 -19.45
C GLU E 437 -12.38 69.83 -20.54
N LYS E 438 -11.87 70.01 -21.77
CA LYS E 438 -12.11 69.10 -22.90
C LYS E 438 -10.79 68.41 -23.25
N PHE E 439 -10.84 67.41 -24.12
CA PHE E 439 -9.63 66.66 -24.52
C PHE E 439 -9.44 66.55 -26.03
N ALA E 440 -10.08 67.45 -26.76
CA ALA E 440 -10.09 67.44 -28.20
C ALA E 440 -10.53 68.79 -28.70
N GLU E 441 -9.85 69.29 -29.74
CA GLU E 441 -10.23 70.51 -30.38
C GLU E 441 -9.82 70.41 -31.84
N GLN E 442 -10.22 71.44 -32.60
CA GLN E 442 -9.74 71.59 -33.96
C GLN E 442 -8.99 72.90 -34.11
N LEU E 443 -7.99 72.89 -34.98
CA LEU E 443 -7.33 74.10 -35.44
C LEU E 443 -7.52 74.24 -36.91
N ILE E 444 -7.88 75.46 -37.33
CA ILE E 444 -8.11 75.76 -38.72
C ILE E 444 -7.10 76.83 -39.12
N ARG E 445 -6.12 76.43 -39.94
CA ARG E 445 -5.16 77.36 -40.54
C ARG E 445 -5.61 77.66 -41.93
N VAL E 446 -5.44 78.92 -42.33
CA VAL E 446 -5.71 79.37 -43.69
C VAL E 446 -4.42 79.94 -44.26
N TYR E 447 -4.03 79.47 -45.44
CA TYR E 447 -2.89 80.03 -46.14
C TYR E 447 -3.40 80.57 -47.46
N CYS E 448 -2.61 81.44 -48.12
CA CYS E 448 -2.95 81.97 -49.45
C CYS E 448 -1.83 81.63 -50.46
N LYS E 449 -2.22 81.05 -51.60
CA LYS E 449 -1.25 80.65 -52.63
C LYS E 449 -0.62 81.85 -53.38
N LYS E 450 -1.30 83.00 -53.42
CA LYS E 450 -0.75 84.22 -54.03
C LYS E 450 0.08 85.01 -53.01
N VAL E 451 1.34 85.26 -53.34
CA VAL E 451 2.36 85.73 -52.39
C VAL E 451 2.39 87.26 -52.19
N ASP E 452 2.14 88.02 -53.24
CA ASP E 452 2.29 89.51 -53.26
C ASP E 452 1.57 90.30 -52.16
N ARG E 453 2.05 91.52 -51.90
CA ARG E 453 1.56 92.39 -50.83
C ARG E 453 0.03 92.63 -50.94
N LYS E 454 -0.49 92.91 -52.16
CA LYS E 454 -1.92 93.24 -52.35
C LYS E 454 -2.84 92.02 -52.07
N SER E 455 -2.50 90.84 -52.59
CA SER E 455 -3.30 89.60 -52.37
C SER E 455 -3.33 89.13 -50.92
N LEU E 456 -2.21 89.29 -50.23
CA LEU E 456 -2.10 88.87 -48.85
C LEU E 456 -3.02 89.72 -47.96
N TYR E 457 -3.06 91.03 -48.20
CA TYR E 457 -3.98 91.89 -47.47
C TYR E 457 -5.45 91.47 -47.68
N ALA E 458 -5.79 91.19 -48.93
CA ALA E 458 -7.15 90.76 -49.27
C ALA E 458 -7.49 89.47 -48.57
N ALA E 459 -6.56 88.52 -48.64
CA ALA E 459 -6.73 87.21 -48.02
C ALA E 459 -7.05 87.33 -46.54
N ARG E 460 -6.32 88.23 -45.86
CA ARG E 460 -6.57 88.52 -44.45
C ARG E 460 -7.99 89.00 -44.19
N GLN E 461 -8.49 89.89 -45.05
CA GLN E 461 -9.85 90.43 -44.90
C GLN E 461 -10.89 89.31 -45.12
N TYR E 462 -10.76 88.54 -46.20
CA TYR E 462 -11.61 87.39 -46.41
C TYR E 462 -11.61 86.45 -45.21
N PHE E 463 -10.42 86.13 -44.70
CA PHE E 463 -10.29 85.19 -43.60
C PHE E 463 -10.97 85.69 -42.32
N VAL E 464 -10.65 86.91 -41.89
CA VAL E 464 -11.16 87.43 -40.62
C VAL E 464 -12.68 87.56 -40.67
N GLN E 465 -13.21 87.85 -41.86
CA GLN E 465 -14.67 87.92 -42.07
C GLN E 465 -15.27 86.53 -41.97
N TRP E 466 -14.67 85.58 -42.67
CA TRP E 466 -15.11 84.17 -42.60
C TRP E 466 -15.22 83.67 -41.16
N CYS E 467 -14.25 84.09 -40.32
CA CYS E 467 -14.27 83.76 -38.90
C CYS E 467 -15.50 84.36 -38.23
N ALA E 468 -15.75 85.64 -38.45
CA ALA E 468 -16.95 86.30 -37.92
C ALA E 468 -18.22 85.63 -38.43
N ASP E 469 -18.27 85.36 -39.75
CA ASP E 469 -19.43 84.73 -40.39
C ASP E 469 -19.78 83.37 -39.77
N ARG E 470 -18.80 82.55 -39.46
CA ARG E 470 -19.08 81.21 -38.91
C ARG E 470 -19.00 81.11 -37.37
N ASN E 471 -18.94 82.28 -36.71
CA ASN E 471 -18.84 82.39 -35.27
C ASN E 471 -17.67 81.58 -34.67
N PHE E 472 -16.53 81.69 -35.36
CA PHE E 472 -15.27 81.13 -34.90
C PHE E 472 -14.55 82.11 -33.99
N THR E 473 -13.50 81.63 -33.32
CA THR E 473 -12.73 82.47 -32.39
C THR E 473 -12.04 83.55 -33.19
N LYS E 474 -11.84 84.69 -32.53
CA LYS E 474 -11.14 85.81 -33.11
C LYS E 474 -9.67 85.43 -33.30
N PRO E 475 -9.14 85.62 -34.52
CA PRO E 475 -7.70 85.43 -34.68
C PRO E 475 -6.90 86.27 -33.72
N GLN E 476 -5.83 85.70 -33.14
CA GLN E 476 -5.00 86.40 -32.12
C GLN E 476 -4.55 87.78 -32.61
N ASP E 477 -4.07 87.81 -33.85
CA ASP E 477 -3.60 89.03 -34.54
C ASP E 477 -4.70 89.82 -35.26
N GLY E 478 -5.97 89.52 -34.97
CA GLY E 478 -7.06 89.94 -35.81
C GLY E 478 -7.29 91.42 -35.88
N ASP E 479 -7.10 92.10 -34.74
CA ASP E 479 -7.25 93.55 -34.67
C ASP E 479 -6.24 94.29 -35.52
N VAL E 480 -5.07 93.68 -35.73
CA VAL E 480 -4.00 94.30 -36.49
C VAL E 480 -4.15 94.03 -37.99
N ILE E 481 -4.31 92.75 -38.36
CA ILE E 481 -4.39 92.35 -39.78
C ILE E 481 -5.66 92.77 -40.51
N ALA E 482 -6.75 92.89 -39.76
CA ALA E 482 -8.04 93.29 -40.32
C ALA E 482 -8.78 94.21 -39.35
N PRO E 483 -8.26 95.43 -39.15
CA PRO E 483 -8.78 96.34 -38.14
C PRO E 483 -10.19 96.84 -38.44
N LEU E 484 -10.56 96.85 -39.71
CA LEU E 484 -11.87 97.29 -40.14
C LEU E 484 -12.96 96.22 -39.97
N ILE E 485 -12.58 94.95 -39.77
CA ILE E 485 -13.54 93.86 -39.67
C ILE E 485 -13.88 93.45 -38.23
N THR E 486 -12.92 93.51 -37.32
CA THR E 486 -13.11 93.03 -35.95
C THR E 486 -14.17 93.77 -35.10
N PRO E 487 -14.39 95.08 -35.33
CA PRO E 487 -15.55 95.66 -34.64
C PRO E 487 -16.93 95.14 -35.10
N GLN E 488 -17.10 94.69 -36.36
CA GLN E 488 -18.38 94.06 -36.82
C GLN E 488 -18.94 92.98 -35.86
N LYS E 489 -18.08 92.13 -35.29
CA LYS E 489 -18.54 91.06 -34.38
C LYS E 489 -18.70 91.55 -32.92
N LYS E 490 -19.97 91.63 -32.45
CA LYS E 490 -20.31 91.99 -31.03
C LYS E 490 -19.64 91.00 -30.03
N GLU E 491 -19.66 89.69 -30.35
CA GLU E 491 -19.06 88.62 -29.51
C GLU E 491 -17.55 88.82 -29.20
N TRP E 492 -16.83 89.62 -30.01
CA TRP E 492 -15.38 89.89 -29.84
C TRP E 492 -15.04 91.16 -29.03
N ASN E 493 -16.04 91.85 -28.44
CA ASN E 493 -15.85 93.17 -27.76
C ASN E 493 -16.49 93.22 -26.34
N THR F 8 12.45 90.10 -42.36
CA THR F 8 13.97 90.28 -42.38
C THR F 8 14.68 89.39 -41.44
N MET F 9 15.25 89.80 -40.27
CA MET F 9 16.03 88.88 -39.39
C MET F 9 15.20 87.63 -39.13
N LYS F 10 15.88 86.53 -38.95
CA LYS F 10 15.15 85.26 -38.85
C LYS F 10 15.76 84.46 -37.72
N VAL F 11 14.91 83.90 -36.86
CA VAL F 11 15.37 83.10 -35.74
C VAL F 11 15.17 81.67 -36.15
N ILE F 12 16.12 80.82 -35.79
CA ILE F 12 16.11 79.42 -36.16
C ILE F 12 16.66 78.58 -35.01
N ASN F 13 15.99 77.47 -34.70
CA ASN F 13 16.30 76.64 -33.53
C ASN F 13 17.13 75.39 -33.84
N ASP F 14 18.40 75.50 -33.51
CA ASP F 14 19.39 74.43 -33.67
C ASP F 14 19.48 73.71 -32.33
N PRO F 15 19.52 72.38 -32.33
CA PRO F 15 19.64 71.69 -31.06
C PRO F 15 20.99 71.84 -30.38
N ILE F 16 22.04 72.16 -31.12
CA ILE F 16 23.35 72.36 -30.52
C ILE F 16 23.44 73.75 -29.95
N HIS F 17 23.11 74.76 -30.76
CA HIS F 17 23.40 76.15 -30.38
C HIS F 17 22.22 76.93 -29.84
N GLY F 18 21.02 76.38 -29.97
CA GLY F 18 19.84 77.05 -29.49
C GLY F 18 19.26 77.94 -30.57
N HIS F 19 18.57 79.01 -30.14
CA HIS F 19 17.98 79.94 -31.09
C HIS F 19 19.02 80.90 -31.59
N ILE F 20 19.27 80.88 -32.90
CA ILE F 20 20.29 81.73 -33.50
C ILE F 20 19.62 82.67 -34.46
N GLU F 21 20.19 83.86 -34.61
CA GLU F 21 19.64 84.87 -35.53
C GLU F 21 20.39 84.85 -36.83
N LEU F 22 19.67 84.91 -37.93
CA LEU F 22 20.26 84.95 -39.25
C LEU F 22 19.88 86.26 -39.90
N HIS F 23 20.91 87.06 -40.17
CA HIS F 23 20.77 88.31 -40.91
C HIS F 23 20.18 88.04 -42.32
N PRO F 24 19.31 88.92 -42.81
CA PRO F 24 18.61 88.69 -44.07
C PRO F 24 19.48 88.28 -45.25
N LEU F 25 20.66 88.89 -45.36
CA LEU F 25 21.64 88.50 -46.35
C LEU F 25 21.99 87.04 -46.26
N LEU F 26 22.15 86.52 -45.04
CA LEU F 26 22.45 85.10 -44.84
C LEU F 26 21.28 84.25 -45.25
N VAL F 27 20.08 84.64 -44.85
CA VAL F 27 18.84 83.93 -45.23
C VAL F 27 18.78 83.79 -46.74
N ARG F 28 19.15 84.84 -47.43
CA ARG F 28 19.06 84.89 -48.87
C ARG F 28 20.03 83.93 -49.55
N ILE F 29 21.21 83.80 -48.97
CA ILE F 29 22.21 82.82 -49.41
C ILE F 29 21.73 81.41 -49.09
N ILE F 30 21.20 81.22 -47.89
CA ILE F 30 20.69 79.93 -47.44
C ILE F 30 19.57 79.39 -48.33
N ASP F 31 18.64 80.25 -48.74
CA ASP F 31 17.49 79.82 -49.55
C ASP F 31 17.80 79.79 -51.05
N THR F 32 18.72 78.91 -51.41
CA THR F 32 19.19 78.74 -52.77
C THR F 32 19.46 77.26 -52.98
N PRO F 33 19.26 76.75 -54.20
CA PRO F 33 19.53 75.33 -54.44
C PRO F 33 20.90 74.88 -54.06
N GLN F 34 21.90 75.75 -54.17
CA GLN F 34 23.30 75.37 -53.97
C GLN F 34 23.61 75.10 -52.50
N PHE F 35 22.90 75.81 -51.63
CA PHE F 35 23.02 75.66 -50.20
C PHE F 35 22.09 74.59 -49.67
N GLN F 36 20.83 74.60 -50.09
CA GLN F 36 19.85 73.61 -49.60
C GLN F 36 20.26 72.20 -50.01
N ARG F 37 21.04 72.08 -51.08
CA ARG F 37 21.70 70.85 -51.45
C ARG F 37 22.36 70.12 -50.28
N LEU F 38 22.90 70.86 -49.34
CA LEU F 38 23.56 70.25 -48.18
C LEU F 38 22.63 69.52 -47.23
N ARG F 39 21.31 69.70 -47.34
CA ARG F 39 20.35 68.87 -46.61
C ARG F 39 20.42 67.41 -47.01
N TYR F 40 20.92 67.13 -48.20
CA TYR F 40 20.91 65.77 -48.72
C TYR F 40 22.32 65.15 -48.80
N ILE F 41 23.24 65.62 -47.97
CA ILE F 41 24.58 65.04 -47.84
C ILE F 41 24.91 64.81 -46.37
N LYS F 42 25.14 63.56 -45.98
CA LYS F 42 25.36 63.22 -44.57
C LYS F 42 26.76 63.60 -44.09
N GLN F 43 26.83 64.08 -42.86
CA GLN F 43 28.06 64.64 -42.29
C GLN F 43 29.14 63.59 -42.22
N LEU F 44 28.79 62.47 -41.63
CA LEU F 44 29.73 61.39 -41.35
C LEU F 44 29.75 60.29 -42.40
N GLY F 45 29.20 60.54 -43.59
CA GLY F 45 29.20 59.56 -44.68
C GLY F 45 28.58 58.26 -44.22
N GLY F 46 29.31 57.18 -44.43
CA GLY F 46 28.94 55.85 -43.97
C GLY F 46 28.78 55.65 -42.46
N GLY F 47 29.24 56.58 -41.63
CA GLY F 47 29.10 56.46 -40.20
C GLY F 47 27.69 56.19 -39.70
N TYR F 48 26.69 56.72 -40.40
CA TYR F 48 25.28 56.42 -40.07
C TYR F 48 24.99 54.92 -40.07
N TYR F 49 25.70 54.14 -40.87
CA TYR F 49 25.48 52.71 -40.93
C TYR F 49 26.13 51.94 -39.76
N VAL F 50 26.87 52.66 -38.91
CA VAL F 50 27.40 52.12 -37.67
C VAL F 50 26.86 52.84 -36.42
N PHE F 51 26.74 54.16 -36.47
CA PHE F 51 26.13 54.92 -35.37
C PHE F 51 24.76 55.39 -35.86
N PRO F 52 23.68 54.69 -35.50
CA PRO F 52 22.38 55.05 -36.05
C PRO F 52 21.86 56.42 -35.61
N GLY F 53 22.54 57.08 -34.68
CA GLY F 53 22.18 58.46 -34.38
C GLY F 53 22.55 59.46 -35.47
N ALA F 54 23.62 59.15 -36.22
CA ALA F 54 24.36 60.09 -37.11
C ALA F 54 23.76 60.33 -38.51
N SER F 55 22.46 60.52 -38.50
CA SER F 55 21.62 60.98 -39.62
C SER F 55 21.91 62.41 -40.09
N HIS F 56 22.61 63.18 -39.25
CA HIS F 56 22.84 64.61 -39.48
C HIS F 56 23.61 64.88 -40.76
N ASN F 57 23.18 65.98 -41.40
CA ASN F 57 23.67 66.42 -42.69
C ASN F 57 24.49 67.70 -42.60
N ARG F 58 25.18 68.01 -43.69
CA ARG F 58 26.01 69.22 -43.80
C ARG F 58 25.28 70.54 -43.64
N PHE F 59 24.02 70.58 -44.06
CA PHE F 59 23.18 71.78 -43.92
C PHE F 59 23.28 72.39 -42.55
N GLU F 60 22.91 71.59 -41.56
CA GLU F 60 22.82 72.08 -40.20
C GLU F 60 24.19 72.39 -39.56
N HIS F 61 25.22 71.64 -39.94
CA HIS F 61 26.62 71.96 -39.57
C HIS F 61 27.00 73.31 -40.15
N SER F 62 26.68 73.48 -41.43
CA SER F 62 27.01 74.69 -42.14
C SER F 62 26.38 75.89 -41.41
N LEU F 63 25.10 75.83 -41.02
CA LEU F 63 24.51 76.91 -40.24
C LEU F 63 25.27 77.20 -38.97
N GLY F 64 25.61 76.15 -38.24
CA GLY F 64 26.27 76.29 -36.95
C GLY F 64 27.65 76.90 -37.04
N VAL F 65 28.39 76.58 -38.10
CA VAL F 65 29.71 77.16 -38.31
C VAL F 65 29.57 78.63 -38.59
N GLY F 66 28.59 78.96 -39.41
CA GLY F 66 28.25 80.34 -39.66
C GLY F 66 27.95 81.09 -38.39
N TYR F 67 27.15 80.48 -37.52
CA TYR F 67 26.75 81.12 -36.28
C TYR F 67 27.92 81.37 -35.36
N LEU F 68 28.74 80.34 -35.17
CA LEU F 68 29.91 80.43 -34.29
C LEU F 68 30.97 81.36 -34.84
N ALA F 69 31.13 81.39 -36.16
CA ALA F 69 32.01 82.40 -36.77
C ALA F 69 31.59 83.80 -36.32
N GLY F 70 30.29 84.07 -36.39
CA GLY F 70 29.71 85.30 -35.88
C GLY F 70 29.99 85.55 -34.43
N CYS F 71 29.84 84.54 -33.58
CA CYS F 71 30.06 84.74 -32.14
C CYS F 71 31.48 85.15 -31.84
N LEU F 72 32.44 84.51 -32.49
CA LEU F 72 33.83 84.75 -32.16
C LEU F 72 34.24 86.13 -32.63
N VAL F 73 33.95 86.46 -33.88
CA VAL F 73 34.30 87.79 -34.40
C VAL F 73 33.58 88.88 -33.65
N HIS F 74 32.31 88.67 -33.32
CA HIS F 74 31.53 89.65 -32.60
C HIS F 74 32.08 89.88 -31.18
N ALA F 75 32.50 88.80 -30.52
CA ALA F 75 33.07 88.88 -29.19
C ALA F 75 34.39 89.60 -29.19
N LEU F 76 35.25 89.27 -30.15
CA LEU F 76 36.55 89.95 -30.22
C LEU F 76 36.35 91.43 -30.33
N GLY F 77 35.33 91.85 -31.07
CA GLY F 77 34.98 93.25 -31.28
C GLY F 77 34.47 94.00 -30.06
N GLU F 78 33.64 93.36 -29.26
CA GLU F 78 33.19 93.94 -27.99
C GLU F 78 34.36 94.15 -27.04
N LYS F 79 35.14 93.10 -26.80
CA LYS F 79 36.29 93.12 -25.88
C LYS F 79 37.39 94.11 -26.36
N GLN F 80 37.57 94.32 -27.67
CA GLN F 80 38.64 95.20 -28.21
C GLN F 80 38.17 96.09 -29.38
N PRO F 81 37.56 97.24 -29.05
CA PRO F 81 37.11 98.15 -30.11
C PRO F 81 38.25 98.63 -31.02
N GLU F 82 39.45 98.80 -30.48
CA GLU F 82 40.62 99.23 -31.26
C GLU F 82 40.84 98.50 -32.58
N LEU F 83 40.39 97.24 -32.64
CA LEU F 83 40.54 96.42 -33.85
C LEU F 83 39.71 96.90 -35.05
N GLN F 84 38.64 97.66 -34.76
CA GLN F 84 37.78 98.27 -35.77
C GLN F 84 37.16 97.23 -36.68
N ILE F 85 36.48 96.30 -36.05
CA ILE F 85 35.77 95.25 -36.73
C ILE F 85 34.43 95.84 -37.08
N SER F 86 34.11 95.94 -38.37
CA SER F 86 32.83 96.51 -38.85
C SER F 86 31.77 95.44 -38.98
N GLU F 87 30.49 95.81 -39.00
CA GLU F 87 29.41 94.82 -39.24
C GLU F 87 29.51 94.21 -40.62
N ARG F 88 30.21 94.90 -41.51
CA ARG F 88 30.60 94.34 -42.78
C ARG F 88 31.57 93.16 -42.63
N ASP F 89 32.59 93.33 -41.80
CA ASP F 89 33.52 92.24 -41.49
C ASP F 89 32.77 91.05 -40.90
N VAL F 90 31.83 91.33 -40.00
CA VAL F 90 31.11 90.27 -39.32
C VAL F 90 30.29 89.45 -40.31
N LEU F 91 29.50 90.13 -41.15
CA LEU F 91 28.75 89.44 -42.18
C LEU F 91 29.62 88.59 -43.08
N CYS F 92 30.75 89.12 -43.50
CA CYS F 92 31.68 88.37 -44.36
C CYS F 92 32.21 87.13 -43.69
N VAL F 93 32.51 87.21 -42.40
CA VAL F 93 33.01 86.07 -41.65
C VAL F 93 31.89 85.05 -41.49
N GLN F 94 30.68 85.50 -41.17
CA GLN F 94 29.53 84.60 -41.08
C GLN F 94 29.26 83.89 -42.39
N ILE F 95 29.29 84.63 -43.50
CA ILE F 95 29.06 84.06 -44.82
C ILE F 95 30.09 82.98 -45.15
N ALA F 96 31.35 83.23 -44.81
CA ALA F 96 32.40 82.27 -45.06
C ALA F 96 32.14 81.01 -44.27
N GLY F 97 31.83 81.18 -42.99
CA GLY F 97 31.47 80.06 -42.15
C GLY F 97 30.30 79.24 -42.67
N LEU F 98 29.27 79.95 -43.10
CA LEU F 98 28.06 79.35 -43.61
C LEU F 98 28.33 78.51 -44.86
N CYS F 99 29.17 79.05 -45.73
CA CYS F 99 29.46 78.44 -47.04
C CYS F 99 30.75 77.62 -47.08
N HIS F 100 31.36 77.34 -45.93
CA HIS F 100 32.70 76.73 -45.93
C HIS F 100 32.70 75.31 -46.46
N ASP F 101 31.55 74.62 -46.33
CA ASP F 101 31.41 73.21 -46.75
C ASP F 101 30.47 73.04 -47.93
N LEU F 102 30.22 74.12 -48.68
CA LEU F 102 29.37 74.05 -49.88
C LEU F 102 29.75 73.02 -50.91
N GLY F 103 31.04 72.68 -50.96
CA GLY F 103 31.59 71.77 -51.97
C GLY F 103 31.84 70.34 -51.57
N HIS F 104 31.23 69.89 -50.49
CA HIS F 104 31.33 68.46 -50.15
C HIS F 104 30.53 67.65 -51.13
N GLY F 105 31.05 66.46 -51.44
CA GLY F 105 30.33 65.54 -52.31
C GLY F 105 29.42 64.56 -51.59
N PRO F 106 28.84 63.61 -52.34
CA PRO F 106 28.09 62.52 -51.75
C PRO F 106 28.90 61.81 -50.67
N PHE F 107 28.28 61.62 -49.52
CA PHE F 107 28.91 61.00 -48.36
C PHE F 107 30.16 61.74 -47.89
N SER F 108 30.09 63.07 -47.99
CA SER F 108 31.11 63.95 -47.45
C SER F 108 32.54 63.57 -47.84
N HIS F 109 33.25 62.96 -46.89
CA HIS F 109 34.70 62.80 -46.99
C HIS F 109 35.07 61.57 -47.81
N MET F 110 34.09 60.71 -48.04
CA MET F 110 34.26 59.60 -48.94
C MET F 110 34.54 60.09 -50.35
N PHE F 111 33.85 61.15 -50.75
CA PHE F 111 33.93 61.66 -52.12
C PHE F 111 35.31 62.26 -52.48
N ASP F 112 35.76 63.25 -51.71
CA ASP F 112 37.06 63.85 -51.95
C ASP F 112 38.21 62.95 -51.50
N GLY F 113 37.94 62.06 -50.54
CA GLY F 113 38.96 61.24 -49.89
C GLY F 113 39.23 59.89 -50.52
N ARG F 114 38.18 59.18 -50.93
CA ARG F 114 38.33 57.86 -51.58
C ARG F 114 37.99 57.87 -53.06
N PHE F 115 36.81 58.37 -53.39
CA PHE F 115 36.24 58.19 -54.73
C PHE F 115 36.98 58.93 -55.84
N ILE F 116 37.03 60.24 -55.77
CA ILE F 116 37.67 61.05 -56.81
C ILE F 116 39.14 60.66 -57.00
N PRO F 117 39.90 60.45 -55.93
CA PRO F 117 41.28 59.98 -56.14
C PRO F 117 41.41 58.68 -56.92
N LEU F 118 40.42 57.80 -56.81
CA LEU F 118 40.42 56.55 -57.60
C LEU F 118 39.86 56.70 -58.99
N ALA F 119 38.76 57.43 -59.14
CA ALA F 119 38.13 57.61 -60.44
C ALA F 119 38.93 58.51 -61.37
N ARG F 120 39.59 59.53 -60.83
CA ARG F 120 40.35 60.50 -61.62
C ARG F 120 41.66 60.87 -60.93
N PRO F 121 42.66 59.96 -61.02
CA PRO F 121 43.95 60.14 -60.35
C PRO F 121 44.75 61.35 -60.84
N GLU F 122 44.53 61.77 -62.09
CA GLU F 122 45.17 62.97 -62.65
C GLU F 122 44.83 64.29 -61.92
N VAL F 123 43.66 64.42 -61.29
CA VAL F 123 43.26 65.71 -60.71
C VAL F 123 43.67 65.79 -59.25
N LYS F 124 44.12 66.97 -58.80
CA LYS F 124 44.17 67.31 -57.37
C LYS F 124 42.87 68.08 -57.07
N TRP F 125 41.90 67.44 -56.43
CA TRP F 125 40.59 68.06 -56.07
C TRP F 125 40.25 67.91 -54.60
N THR F 126 39.89 69.03 -53.96
CA THR F 126 39.53 69.04 -52.53
C THR F 126 38.10 69.56 -52.33
N HIS F 127 37.48 69.19 -51.22
CA HIS F 127 36.14 69.67 -50.92
C HIS F 127 36.14 71.21 -50.79
N GLU F 128 37.24 71.76 -50.26
CA GLU F 128 37.41 73.20 -50.11
C GLU F 128 37.35 73.93 -51.45
N GLN F 129 38.11 73.48 -52.42
CA GLN F 129 38.11 74.11 -53.75
C GLN F 129 36.72 74.12 -54.33
N GLY F 130 36.01 73.02 -54.10
CA GLY F 130 34.61 72.90 -54.50
C GLY F 130 33.77 73.97 -53.84
N SER F 131 33.98 74.20 -52.56
CA SER F 131 33.26 75.26 -51.85
C SER F 131 33.41 76.63 -52.50
N VAL F 132 34.62 76.98 -52.90
CA VAL F 132 34.87 78.23 -53.62
C VAL F 132 34.09 78.30 -54.92
N MET F 133 34.18 77.25 -55.72
CA MET F 133 33.48 77.18 -57.00
C MET F 133 31.98 77.26 -56.84
N MET F 134 31.46 76.50 -55.89
CA MET F 134 30.03 76.43 -55.64
C MET F 134 29.52 77.73 -55.02
N PHE F 135 30.37 78.42 -54.26
CA PHE F 135 30.02 79.75 -53.74
C PHE F 135 29.84 80.73 -54.89
N GLU F 136 30.84 80.79 -55.77
CA GLU F 136 30.75 81.59 -56.98
C GLU F 136 29.45 81.29 -57.73
N HIS F 137 29.16 80.01 -57.97
CA HIS F 137 27.95 79.61 -58.69
C HIS F 137 26.71 80.07 -57.96
N LEU F 138 26.70 79.96 -56.64
CA LEU F 138 25.53 80.37 -55.82
C LEU F 138 25.27 81.85 -55.96
N ILE F 139 26.33 82.64 -55.81
CA ILE F 139 26.29 84.09 -55.96
C ILE F 139 25.71 84.50 -57.31
N ASN F 140 26.31 83.99 -58.38
CA ASN F 140 25.97 84.42 -59.74
C ASN F 140 24.57 84.00 -60.16
N SER F 141 24.20 82.74 -59.89
CA SER F 141 22.90 82.24 -60.31
C SER F 141 21.71 82.78 -59.48
N ASN F 142 21.94 83.29 -58.26
CA ASN F 142 20.83 83.81 -57.43
C ASN F 142 20.86 85.32 -57.19
N GLY F 143 21.57 86.09 -58.02
CA GLY F 143 21.60 87.55 -57.93
C GLY F 143 21.90 88.12 -56.56
N ILE F 144 22.97 87.63 -55.95
CA ILE F 144 23.31 87.98 -54.56
C ILE F 144 24.11 89.27 -54.50
N LYS F 145 24.91 89.55 -55.52
CA LYS F 145 25.74 90.74 -55.50
C LYS F 145 24.99 92.05 -55.17
N PRO F 146 23.82 92.32 -55.81
CA PRO F 146 23.02 93.50 -55.41
C PRO F 146 22.58 93.50 -53.96
N VAL F 147 22.27 92.32 -53.43
CA VAL F 147 21.83 92.17 -52.04
C VAL F 147 23.00 92.41 -51.08
N MET F 148 24.18 91.95 -51.45
CA MET F 148 25.38 92.25 -50.66
C MET F 148 25.58 93.77 -50.54
N GLU F 149 25.50 94.44 -51.68
CA GLU F 149 25.62 95.90 -51.73
C GLU F 149 24.58 96.57 -50.87
N GLN F 150 23.36 96.07 -50.93
CA GLN F 150 22.25 96.60 -50.14
C GLN F 150 22.57 96.67 -48.64
N TYR F 151 23.31 95.69 -48.13
CA TYR F 151 23.67 95.67 -46.70
C TYR F 151 25.12 96.10 -46.45
N GLY F 152 25.68 96.90 -47.35
CA GLY F 152 26.95 97.56 -47.11
C GLY F 152 28.21 96.80 -47.46
N LEU F 153 28.10 95.63 -48.06
CA LEU F 153 29.30 94.91 -48.54
C LEU F 153 29.79 95.51 -49.86
N ILE F 154 31.03 95.19 -50.21
CA ILE F 154 31.62 95.58 -51.49
C ILE F 154 32.02 94.27 -52.17
N PRO F 155 31.16 93.75 -53.07
CA PRO F 155 31.37 92.42 -53.64
C PRO F 155 32.76 92.14 -54.20
N GLU F 156 33.36 93.08 -54.94
CA GLU F 156 34.74 92.88 -55.45
C GLU F 156 35.67 92.36 -54.35
N GLU F 157 35.86 93.17 -53.33
CA GLU F 157 36.73 92.87 -52.16
C GLU F 157 36.23 91.71 -51.32
N ASP F 158 34.95 91.73 -50.99
CA ASP F 158 34.42 90.81 -49.99
C ASP F 158 34.26 89.38 -50.48
N ILE F 159 33.86 89.20 -51.72
CA ILE F 159 33.79 87.84 -52.27
C ILE F 159 35.18 87.22 -52.28
N CYS F 160 36.20 88.01 -52.56
CA CYS F 160 37.57 87.53 -52.46
C CYS F 160 37.90 87.12 -51.02
N PHE F 161 37.61 88.00 -50.07
CA PHE F 161 37.82 87.73 -48.63
C PHE F 161 37.09 86.47 -48.15
N ILE F 162 35.88 86.25 -48.63
CA ILE F 162 35.12 85.06 -48.25
C ILE F 162 35.82 83.81 -48.80
N LYS F 163 36.15 83.81 -50.08
CA LYS F 163 36.84 82.69 -50.69
C LYS F 163 38.17 82.41 -50.02
N GLU F 164 38.90 83.46 -49.67
CA GLU F 164 40.20 83.32 -49.02
C GLU F 164 40.10 82.71 -47.64
N GLN F 165 39.04 83.03 -46.90
CA GLN F 165 38.82 82.39 -45.60
C GLN F 165 38.70 80.89 -45.76
N ILE F 166 38.05 80.46 -46.84
CA ILE F 166 37.74 79.05 -47.05
C ILE F 166 38.92 78.21 -47.50
N VAL F 167 39.64 78.65 -48.52
CA VAL F 167 40.77 77.87 -49.08
C VAL F 167 42.16 78.47 -48.88
N GLY F 168 42.27 79.62 -48.20
CA GLY F 168 43.57 80.30 -48.11
C GLY F 168 43.88 81.08 -49.38
N PRO F 169 45.13 81.52 -49.52
CA PRO F 169 45.41 82.65 -50.46
C PRO F 169 45.24 82.43 -51.98
N LEU F 178 56.00 88.30 -47.39
CA LEU F 178 54.99 89.32 -47.59
C LEU F 178 53.56 88.87 -47.45
N TRP F 179 52.66 89.85 -47.31
CA TRP F 179 51.24 89.56 -47.02
C TRP F 179 50.51 88.96 -48.24
N PRO F 180 50.16 87.68 -48.16
CA PRO F 180 49.57 87.03 -49.34
C PRO F 180 48.10 87.35 -49.64
N TYR F 181 47.32 87.88 -48.70
CA TYR F 181 45.88 88.01 -48.90
C TYR F 181 45.54 89.33 -49.60
N LYS F 182 44.62 89.27 -50.58
CA LYS F 182 44.12 90.43 -51.28
C LYS F 182 42.79 90.91 -50.69
N GLY F 183 42.12 90.06 -49.91
CA GLY F 183 40.76 90.38 -49.39
C GLY F 183 40.72 91.39 -48.26
N ARG F 184 41.67 91.31 -47.34
CA ARG F 184 41.82 92.25 -46.23
C ARG F 184 43.30 92.54 -45.99
N PRO F 185 43.60 93.68 -45.33
CA PRO F 185 44.98 94.02 -44.96
C PRO F 185 45.50 93.27 -43.70
N GLU F 186 46.78 93.44 -43.40
CA GLU F 186 47.46 92.79 -42.27
C GLU F 186 46.87 93.13 -40.89
N ASN F 187 46.31 94.33 -40.77
CA ASN F 187 45.67 94.80 -39.53
C ASN F 187 44.35 94.11 -39.21
N LYS F 188 43.91 93.21 -40.10
CA LYS F 188 42.79 92.33 -39.82
C LYS F 188 43.08 90.87 -40.13
N SER F 189 44.34 90.44 -39.97
CA SER F 189 44.71 89.04 -40.25
C SER F 189 44.01 88.03 -39.34
N PHE F 190 43.66 88.45 -38.15
CA PHE F 190 42.91 87.59 -37.24
C PHE F 190 41.59 87.11 -37.82
N LEU F 191 40.97 87.87 -38.68
CA LEU F 191 39.72 87.41 -39.30
C LEU F 191 39.88 86.11 -40.10
N TYR F 192 41.09 85.89 -40.64
CA TYR F 192 41.40 84.65 -41.35
C TYR F 192 41.58 83.41 -40.47
N GLU F 193 41.73 83.61 -39.17
CA GLU F 193 41.87 82.51 -38.20
C GLU F 193 40.53 82.06 -37.56
N ILE F 194 39.38 82.48 -38.10
CA ILE F 194 38.10 82.14 -37.49
C ILE F 194 37.43 80.92 -38.09
N VAL F 195 37.18 80.94 -39.39
CA VAL F 195 36.48 79.83 -40.04
C VAL F 195 37.39 78.65 -40.37
N SER F 196 38.60 78.93 -40.85
CA SER F 196 39.56 77.88 -41.19
C SER F 196 40.99 78.35 -40.92
N ASN F 197 41.52 77.91 -39.79
CA ASN F 197 42.75 78.42 -39.20
C ASN F 197 43.94 77.66 -39.75
N LYS F 198 44.63 78.26 -40.72
CA LYS F 198 45.79 77.61 -41.35
C LYS F 198 46.99 77.54 -40.39
N ARG F 199 47.05 78.42 -39.40
CA ARG F 199 48.22 78.52 -38.52
C ARG F 199 48.35 77.33 -37.57
N ASN F 200 47.25 77.02 -36.88
CA ASN F 200 47.23 75.99 -35.84
C ASN F 200 46.01 75.04 -35.85
N GLY F 201 44.93 75.41 -36.53
CA GLY F 201 43.79 74.53 -36.65
C GLY F 201 42.67 74.83 -35.70
N ILE F 202 42.85 75.76 -34.76
CA ILE F 202 41.80 76.11 -33.83
C ILE F 202 40.83 77.05 -34.53
N ASP F 203 39.74 76.49 -35.01
CA ASP F 203 38.73 77.21 -35.77
C ASP F 203 37.31 76.82 -35.35
N VAL F 204 36.32 77.61 -35.73
CA VAL F 204 34.94 77.36 -35.29
C VAL F 204 34.30 76.17 -36.02
N ASP F 205 34.86 75.75 -37.14
CA ASP F 205 34.41 74.56 -37.84
C ASP F 205 34.54 73.38 -36.89
N LYS F 206 35.71 73.22 -36.26
CA LYS F 206 35.91 72.13 -35.29
C LYS F 206 34.90 72.22 -34.15
N TRP F 207 34.71 73.42 -33.64
CA TRP F 207 33.89 73.60 -32.47
C TRP F 207 32.45 73.16 -32.69
N ASP F 208 31.94 73.42 -33.89
CA ASP F 208 30.59 72.98 -34.19
C ASP F 208 30.52 71.48 -34.34
N TYR F 209 31.45 70.90 -35.09
CA TYR F 209 31.35 69.47 -35.34
C TYR F 209 31.62 68.61 -34.11
N PHE F 210 32.51 69.07 -33.23
CA PHE F 210 32.72 68.37 -31.95
C PHE F 210 31.38 68.21 -31.25
N ALA F 211 30.70 69.34 -31.06
CA ALA F 211 29.46 69.39 -30.32
C ALA F 211 28.36 68.63 -31.05
N ARG F 212 28.27 68.82 -32.35
CA ARG F 212 27.19 68.27 -33.14
C ARG F 212 27.36 66.78 -33.37
N ASP F 213 28.56 66.36 -33.75
CA ASP F 213 28.79 64.94 -34.01
C ASP F 213 28.60 64.19 -32.71
N CYS F 214 29.14 64.68 -31.61
CA CYS F 214 28.87 64.07 -30.32
C CYS F 214 27.36 63.92 -30.00
N HIS F 215 26.58 64.96 -30.26
CA HIS F 215 25.15 64.96 -29.96
C HIS F 215 24.46 63.79 -30.61
N HIS F 216 24.75 63.62 -31.90
CA HIS F 216 24.14 62.58 -32.73
C HIS F 216 24.85 61.23 -32.57
N LEU F 217 26.15 61.21 -32.31
CA LEU F 217 26.88 59.93 -32.23
C LEU F 217 26.54 59.13 -30.98
N GLY F 218 26.28 59.82 -29.86
CA GLY F 218 26.09 59.15 -28.57
C GLY F 218 27.39 59.09 -27.76
N ILE F 219 28.22 60.12 -27.91
CA ILE F 219 29.45 60.32 -27.19
C ILE F 219 29.38 61.75 -26.62
N GLN F 220 29.70 61.97 -25.32
CA GLN F 220 29.80 63.33 -24.77
C GLN F 220 31.19 63.91 -25.17
N ASN F 221 31.16 65.23 -25.34
CA ASN F 221 32.23 66.03 -25.91
C ASN F 221 33.03 66.62 -24.74
N ASN F 222 34.36 66.51 -24.77
CA ASN F 222 35.16 67.01 -23.65
C ASN F 222 35.43 68.55 -23.62
N PHE F 223 35.08 69.29 -24.68
CA PHE F 223 35.66 70.61 -24.96
C PHE F 223 34.67 71.77 -24.94
N ASP F 224 35.06 72.88 -24.31
CA ASP F 224 34.19 74.05 -24.09
C ASP F 224 34.60 75.22 -24.99
N TYR F 225 33.94 75.36 -26.15
CA TYR F 225 34.22 76.48 -27.07
C TYR F 225 33.89 77.83 -26.43
N LYS F 226 32.81 77.86 -25.67
CA LYS F 226 32.37 79.12 -25.09
C LYS F 226 33.40 79.72 -24.16
N ARG F 227 34.10 78.86 -23.44
CA ARG F 227 35.15 79.29 -22.53
C ARG F 227 36.34 79.82 -23.31
N PHE F 228 36.68 79.17 -24.42
CA PHE F 228 37.78 79.65 -25.26
C PHE F 228 37.50 81.06 -25.77
N ILE F 229 36.28 81.30 -26.22
CA ILE F 229 35.84 82.61 -26.67
C ILE F 229 35.99 83.65 -25.55
N LYS F 230 35.63 83.33 -24.31
CA LYS F 230 35.81 84.29 -23.23
C LYS F 230 37.24 84.61 -22.94
N PHE F 231 38.16 83.68 -23.20
CA PHE F 231 39.59 83.92 -22.96
C PHE F 231 40.35 84.07 -24.26
N ALA F 232 39.71 84.60 -25.30
CA ALA F 232 40.38 84.86 -26.56
C ALA F 232 40.64 86.34 -26.65
N ARG F 233 41.66 86.70 -27.41
CA ARG F 233 42.14 88.06 -27.46
C ARG F 233 43.05 88.24 -28.68
N VAL F 234 43.07 89.43 -29.26
CA VAL F 234 43.96 89.71 -30.38
C VAL F 234 45.16 90.48 -29.88
N CYS F 235 46.35 90.06 -30.28
CA CYS F 235 47.61 90.71 -29.91
C CYS F 235 48.50 90.74 -31.12
N GLU F 236 49.54 91.58 -31.03
CA GLU F 236 50.51 91.66 -32.09
C GLU F 236 51.54 90.56 -31.95
N VAL F 237 51.69 89.75 -33.01
CA VAL F 237 52.76 88.76 -33.10
C VAL F 237 53.45 88.94 -34.45
N ASP F 238 54.73 89.37 -34.42
CA ASP F 238 55.54 89.53 -35.63
C ASP F 238 54.82 90.45 -36.61
N ASN F 239 54.53 91.68 -36.16
CA ASN F 239 53.95 92.74 -37.02
C ASN F 239 52.59 92.39 -37.66
N GLU F 240 51.80 91.59 -36.96
CA GLU F 240 50.58 91.01 -37.54
C GLU F 240 49.64 90.69 -36.37
N LEU F 241 48.37 91.13 -36.49
CA LEU F 241 47.43 90.91 -35.38
C LEU F 241 46.75 89.52 -35.42
N ARG F 242 47.05 88.66 -34.43
CA ARG F 242 46.47 87.29 -34.38
C ARG F 242 45.68 86.99 -33.12
N ILE F 243 44.83 85.97 -33.19
CA ILE F 243 44.10 85.47 -32.02
C ILE F 243 45.03 84.75 -31.05
N CYS F 244 45.00 85.14 -29.80
CA CYS F 244 45.79 84.52 -28.73
C CYS F 244 44.89 84.00 -27.63
N ALA F 245 45.31 82.93 -26.98
CA ALA F 245 44.58 82.34 -25.86
C ALA F 245 45.32 82.64 -24.57
N ARG F 246 44.61 82.56 -23.47
CA ARG F 246 45.21 82.84 -22.18
C ARG F 246 46.17 81.74 -21.76
N ASP F 247 47.25 82.13 -21.12
CA ASP F 247 48.29 81.18 -20.70
C ASP F 247 47.71 79.93 -20.03
N LYS F 248 46.89 80.10 -19.01
CA LYS F 248 46.40 78.96 -18.25
C LYS F 248 45.53 78.00 -19.13
N GLU F 249 44.92 78.49 -20.21
CA GLU F 249 44.10 77.63 -21.11
C GLU F 249 44.88 76.63 -21.97
N VAL F 250 46.21 76.67 -21.93
CA VAL F 250 47.02 75.79 -22.77
C VAL F 250 46.63 74.34 -22.60
N GLY F 251 46.36 73.93 -21.36
CA GLY F 251 45.90 72.57 -21.08
C GLY F 251 44.67 72.18 -21.87
N ASN F 252 43.66 73.04 -21.87
CA ASN F 252 42.41 72.82 -22.59
C ASN F 252 42.59 72.72 -24.10
N LEU F 253 43.63 73.36 -24.63
CA LEU F 253 43.92 73.28 -26.05
C LEU F 253 44.55 71.95 -26.44
N TYR F 254 45.48 71.42 -25.64
CA TYR F 254 45.98 70.06 -25.89
C TYR F 254 44.80 69.08 -25.81
N ASP F 255 43.86 69.33 -24.90
CA ASP F 255 42.66 68.49 -24.75
C ASP F 255 41.68 68.63 -25.94
N MET F 256 41.71 69.76 -26.62
CA MET F 256 40.90 69.94 -27.82
C MET F 256 41.35 68.96 -28.89
N PHE F 257 42.65 68.91 -29.13
CA PHE F 257 43.17 68.06 -30.18
C PHE F 257 43.11 66.58 -29.80
N HIS F 258 43.20 66.31 -28.50
CA HIS F 258 42.98 64.94 -28.00
C HIS F 258 41.54 64.52 -28.29
N THR F 259 40.58 65.39 -27.97
CA THR F 259 39.18 65.16 -28.28
C THR F 259 39.01 64.85 -29.76
N ARG F 260 39.66 65.61 -30.61
CA ARG F 260 39.56 65.39 -32.04
C ARG F 260 40.03 64.01 -32.44
N ASN F 261 41.26 63.67 -32.03
CA ASN F 261 41.84 62.36 -32.35
C ASN F 261 40.97 61.25 -31.78
N SER F 262 40.44 61.46 -30.58
CA SER F 262 39.52 60.52 -29.97
C SER F 262 38.25 60.29 -30.81
N LEU F 263 37.65 61.35 -31.34
CA LEU F 263 36.50 61.19 -32.23
C LEU F 263 36.85 60.50 -33.54
N HIS F 264 38.08 60.66 -34.02
CA HIS F 264 38.52 59.95 -35.22
C HIS F 264 38.63 58.47 -34.93
N ARG F 265 39.21 58.12 -33.78
CA ARG F 265 39.37 56.72 -33.44
C ARG F 265 38.07 56.04 -33.19
N ARG F 266 37.17 56.69 -32.49
CA ARG F 266 35.94 56.03 -32.12
C ARG F 266 34.95 55.94 -33.22
N ALA F 267 34.80 57.02 -33.99
CA ALA F 267 33.68 57.15 -34.92
C ALA F 267 34.14 57.35 -36.36
N TYR F 268 34.83 58.43 -36.65
CA TYR F 268 35.06 58.81 -38.06
C TYR F 268 35.85 57.78 -38.87
N GLN F 269 36.83 57.13 -38.22
CA GLN F 269 37.64 56.07 -38.80
C GLN F 269 37.26 54.67 -38.30
N HIS F 270 36.03 54.49 -37.81
CA HIS F 270 35.58 53.20 -37.31
C HIS F 270 35.74 52.11 -38.36
N LYS F 271 36.29 50.97 -37.97
CA LYS F 271 36.71 49.94 -38.94
C LYS F 271 35.60 49.50 -39.93
N VAL F 272 34.36 49.42 -39.46
CA VAL F 272 33.22 49.08 -40.31
C VAL F 272 32.67 50.30 -41.03
N GLY F 273 32.70 51.47 -40.41
CA GLY F 273 32.30 52.68 -41.10
C GLY F 273 33.11 52.88 -42.36
N ASN F 274 34.42 52.72 -42.21
CA ASN F 274 35.34 52.84 -43.33
C ASN F 274 35.14 51.75 -44.39
N ILE F 275 34.79 50.53 -44.00
CA ILE F 275 34.58 49.50 -45.01
C ILE F 275 33.28 49.76 -45.77
N ILE F 276 32.28 50.31 -45.10
CA ILE F 276 31.08 50.72 -45.82
C ILE F 276 31.37 51.86 -46.79
N ASP F 277 32.20 52.82 -46.36
CA ASP F 277 32.67 53.85 -47.26
C ASP F 277 33.36 53.24 -48.47
N THR F 278 34.31 52.33 -48.28
CA THR F 278 35.04 51.75 -49.43
C THR F 278 34.08 51.01 -50.35
N MET F 279 33.04 50.38 -49.79
CA MET F 279 32.06 49.64 -50.61
C MET F 279 31.14 50.54 -51.41
N ILE F 280 30.71 51.64 -50.82
CA ILE F 280 29.92 52.62 -51.55
C ILE F 280 30.78 53.21 -52.68
N THR F 281 32.02 53.59 -52.35
CA THR F 281 32.95 54.12 -53.33
C THR F 281 33.15 53.13 -54.47
N ASP F 282 33.29 51.87 -54.13
CA ASP F 282 33.41 50.80 -55.10
C ASP F 282 32.20 50.76 -56.06
N ALA F 283 31.01 50.87 -55.50
CA ALA F 283 29.78 50.88 -56.26
C ALA F 283 29.68 52.09 -57.16
N PHE F 284 30.08 53.26 -56.67
CA PHE F 284 30.09 54.46 -57.52
C PHE F 284 31.02 54.24 -58.69
N LEU F 285 32.23 53.73 -58.45
CA LEU F 285 33.17 53.46 -59.53
C LEU F 285 32.57 52.58 -60.62
N LYS F 286 31.84 51.53 -60.22
CA LYS F 286 31.20 50.63 -61.20
C LYS F 286 29.99 51.20 -61.90
N ALA F 287 29.34 52.18 -61.28
CA ALA F 287 28.24 52.89 -61.90
C ALA F 287 28.64 54.16 -62.63
N ASP F 288 29.92 54.53 -62.60
CA ASP F 288 30.35 55.87 -63.05
C ASP F 288 30.08 56.08 -64.51
N ASP F 289 30.46 55.07 -65.31
CA ASP F 289 30.23 55.07 -66.76
C ASP F 289 28.80 55.24 -67.20
N TYR F 290 27.83 54.76 -66.40
CA TYR F 290 26.44 54.65 -66.86
C TYR F 290 25.44 55.65 -66.24
N ILE F 291 25.85 56.50 -65.30
CA ILE F 291 24.93 57.49 -64.74
C ILE F 291 25.22 58.85 -65.31
N GLU F 292 24.17 59.46 -65.86
CA GLU F 292 24.24 60.82 -66.44
C GLU F 292 23.62 61.85 -65.48
N ILE F 293 24.24 63.03 -65.40
CA ILE F 293 23.73 64.16 -64.63
C ILE F 293 23.78 65.41 -65.49
N THR F 294 22.63 66.07 -65.66
CA THR F 294 22.53 67.20 -66.58
C THR F 294 23.11 68.44 -65.92
N GLY F 295 23.97 69.12 -66.66
CA GLY F 295 24.60 70.33 -66.18
C GLY F 295 24.26 71.54 -67.05
N ALA F 296 25.22 72.46 -67.12
CA ALA F 296 25.02 73.75 -67.75
C ALA F 296 24.89 73.57 -69.24
N GLY F 297 23.87 74.20 -69.81
CA GLY F 297 23.55 74.08 -71.23
C GLY F 297 23.10 72.70 -71.66
N GLY F 298 22.67 71.87 -70.71
CA GLY F 298 22.29 70.50 -70.99
C GLY F 298 23.42 69.50 -71.26
N LYS F 299 24.70 69.88 -71.14
CA LYS F 299 25.82 68.91 -71.29
C LYS F 299 25.65 67.78 -70.24
N LYS F 300 25.97 66.55 -70.60
CA LYS F 300 25.80 65.40 -69.67
C LYS F 300 27.13 65.12 -68.96
N TYR F 301 27.06 65.02 -67.63
CA TYR F 301 28.23 64.74 -66.81
C TYR F 301 28.08 63.42 -66.08
N ARG F 302 29.21 62.76 -65.85
CA ARG F 302 29.27 61.52 -65.05
C ARG F 302 29.54 61.92 -63.57
N ILE F 303 29.42 60.98 -62.66
CA ILE F 303 29.62 61.27 -61.24
C ILE F 303 31.00 61.87 -60.98
N SER F 304 32.04 61.28 -61.58
CA SER F 304 33.40 61.78 -61.43
C SER F 304 33.68 63.11 -62.11
N THR F 305 32.88 63.49 -63.11
CA THR F 305 33.08 64.76 -63.82
C THR F 305 32.11 65.89 -63.43
N ALA F 306 31.14 65.61 -62.57
CA ALA F 306 30.23 66.65 -62.10
C ALA F 306 30.97 67.75 -61.36
N ILE F 307 32.11 67.43 -60.76
CA ILE F 307 32.94 68.45 -60.12
C ILE F 307 33.46 69.55 -61.06
N ASP F 308 33.50 69.26 -62.36
CA ASP F 308 33.92 70.25 -63.33
C ASP F 308 32.86 71.29 -63.70
N ASP F 309 31.58 71.00 -63.42
CA ASP F 309 30.49 71.93 -63.70
C ASP F 309 29.50 72.03 -62.52
N MET F 310 29.43 73.21 -61.92
CA MET F 310 28.72 73.38 -60.67
C MET F 310 27.19 73.26 -60.77
N GLU F 311 26.64 73.45 -61.94
CA GLU F 311 25.20 73.25 -62.10
C GLU F 311 24.85 71.77 -62.02
N ALA F 312 25.75 70.93 -62.55
CA ALA F 312 25.64 69.49 -62.41
C ALA F 312 25.88 69.05 -60.99
N TYR F 313 26.97 69.55 -60.40
CA TYR F 313 27.35 69.18 -59.02
C TYR F 313 26.27 69.51 -58.01
N THR F 314 25.48 70.55 -58.27
CA THR F 314 24.32 70.88 -57.44
C THR F 314 23.34 69.70 -57.25
N LYS F 315 23.20 68.90 -58.30
CA LYS F 315 22.28 67.77 -58.31
C LYS F 315 22.93 66.48 -57.82
N LEU F 316 24.20 66.52 -57.43
CA LEU F 316 24.94 65.32 -57.02
C LEU F 316 25.08 65.24 -55.52
N THR F 317 24.29 64.38 -54.90
CA THR F 317 24.21 64.27 -53.45
C THR F 317 24.17 62.79 -53.06
N ASP F 318 23.87 62.48 -51.79
CA ASP F 318 23.67 61.09 -51.32
C ASP F 318 22.57 60.34 -52.06
N ASN F 319 21.65 61.07 -52.71
CA ASN F 319 20.70 60.48 -53.64
C ASN F 319 21.28 59.38 -54.49
N ILE F 320 22.48 59.65 -54.98
CA ILE F 320 23.13 58.78 -55.98
C ILE F 320 23.14 57.32 -55.49
N PHE F 321 23.36 57.14 -54.19
CA PHE F 321 23.31 55.84 -53.54
C PHE F 321 22.00 55.14 -53.86
N LEU F 322 20.89 55.80 -53.56
CA LEU F 322 19.56 55.23 -53.77
C LEU F 322 19.20 55.12 -55.25
N GLU F 323 19.68 56.02 -56.08
CA GLU F 323 19.43 55.96 -57.51
C GLU F 323 20.02 54.65 -58.05
N ILE F 324 21.25 54.35 -57.64
CA ILE F 324 21.92 53.09 -57.98
C ILE F 324 21.16 51.92 -57.41
N LEU F 325 20.79 51.98 -56.14
CA LEU F 325 20.10 50.88 -55.47
C LEU F 325 18.76 50.50 -56.07
N TYR F 326 17.97 51.52 -56.43
CA TYR F 326 16.63 51.30 -56.97
C TYR F 326 16.62 51.03 -58.47
N SER F 327 17.73 51.22 -59.16
CA SER F 327 17.75 51.13 -60.62
C SER F 327 17.48 49.74 -61.13
N THR F 328 17.04 49.70 -62.40
CA THR F 328 16.79 48.46 -63.13
C THR F 328 17.67 48.26 -64.38
N ASP F 329 18.44 49.26 -64.78
CA ASP F 329 19.33 49.16 -65.94
C ASP F 329 20.31 48.00 -65.73
N PRO F 330 20.37 47.03 -66.67
CA PRO F 330 21.38 45.96 -66.55
C PRO F 330 22.85 46.43 -66.50
N LYS F 331 23.15 47.62 -67.03
CA LYS F 331 24.51 48.17 -66.98
C LYS F 331 24.92 48.53 -65.55
N LEU F 332 23.96 48.84 -64.69
CA LEU F 332 24.20 49.14 -63.28
C LEU F 332 24.17 47.92 -62.34
N LYS F 333 23.89 46.72 -62.86
CA LYS F 333 23.74 45.50 -62.01
C LYS F 333 24.95 45.25 -61.12
N ASP F 334 26.16 45.44 -61.66
CA ASP F 334 27.39 45.31 -60.85
C ASP F 334 27.43 46.25 -59.66
N ALA F 335 27.13 47.51 -59.91
CA ALA F 335 27.11 48.52 -58.84
C ALA F 335 25.99 48.29 -57.85
N ARG F 336 24.80 48.00 -58.36
CA ARG F 336 23.64 47.72 -57.53
C ARG F 336 23.85 46.51 -56.61
N GLU F 337 24.59 45.52 -57.07
CA GLU F 337 24.85 44.32 -56.25
C GLU F 337 25.70 44.60 -55.03
N ILE F 338 26.65 45.52 -55.17
CA ILE F 338 27.49 45.90 -54.06
C ILE F 338 26.64 46.57 -53.01
N LEU F 339 25.84 47.55 -53.41
CA LEU F 339 24.97 48.24 -52.47
C LEU F 339 23.97 47.30 -51.83
N LYS F 340 23.48 46.32 -52.57
CA LYS F 340 22.60 45.30 -51.98
C LYS F 340 23.32 44.45 -50.93
N GLN F 341 24.60 44.17 -51.12
CA GLN F 341 25.40 43.47 -50.11
C GLN F 341 25.56 44.28 -48.82
N ILE F 342 25.49 45.60 -48.90
CA ILE F 342 25.50 46.45 -47.70
C ILE F 342 24.17 46.36 -46.93
N GLU F 343 23.06 46.20 -47.66
CA GLU F 343 21.73 46.04 -47.01
C GLU F 343 21.73 44.75 -46.18
N TYR F 344 22.09 43.66 -46.84
CA TYR F 344 22.14 42.33 -46.22
C TYR F 344 23.31 42.17 -45.24
N ARG F 345 24.24 43.10 -45.22
CA ARG F 345 25.34 43.12 -44.25
C ARG F 345 26.40 42.06 -44.54
N ASN F 346 26.58 41.73 -45.82
CA ASN F 346 27.71 40.91 -46.28
C ASN F 346 28.84 41.82 -46.61
N LEU F 347 29.44 42.35 -45.56
CA LEU F 347 30.50 43.32 -45.67
C LEU F 347 31.79 42.57 -45.78
N PHE F 348 32.78 43.23 -46.39
CA PHE F 348 34.13 42.73 -46.43
C PHE F 348 34.60 42.55 -44.99
N LYS F 349 35.34 41.48 -44.71
CA LYS F 349 35.66 41.11 -43.34
C LYS F 349 36.95 41.74 -42.85
N TYR F 350 36.93 42.20 -41.60
CA TYR F 350 38.08 42.84 -40.98
C TYR F 350 39.02 41.77 -40.53
N VAL F 351 40.29 41.89 -40.89
CA VAL F 351 41.29 40.89 -40.51
C VAL F 351 42.08 41.38 -39.28
N GLY F 352 42.55 42.62 -39.32
CA GLY F 352 43.29 43.18 -38.21
C GLY F 352 43.89 44.55 -38.47
N GLU F 353 44.52 45.10 -37.44
CA GLU F 353 45.06 46.44 -37.48
C GLU F 353 46.52 46.36 -37.09
N THR F 354 47.33 47.25 -37.63
CA THR F 354 48.75 47.35 -37.27
C THR F 354 49.30 48.73 -37.59
N GLN F 355 50.49 49.01 -37.07
CA GLN F 355 51.18 50.28 -37.24
C GLN F 355 52.63 50.05 -37.63
N PRO F 356 53.25 51.00 -38.33
CA PRO F 356 54.71 50.97 -38.47
C PRO F 356 55.44 51.22 -37.16
N THR F 357 56.72 50.85 -37.11
CA THR F 357 57.56 51.08 -35.93
C THR F 357 58.70 52.00 -36.32
N GLY F 358 59.40 52.50 -35.31
CA GLY F 358 60.49 53.47 -35.50
C GLY F 358 59.96 54.80 -36.03
N GLN F 359 60.59 55.31 -37.09
CA GLN F 359 60.10 56.49 -37.82
C GLN F 359 59.97 56.10 -39.32
N ILE F 360 59.21 55.05 -39.64
CA ILE F 360 58.91 54.64 -41.05
C ILE F 360 57.51 55.18 -41.42
N LYS F 361 57.40 56.25 -42.24
CA LYS F 361 56.08 56.63 -42.82
C LYS F 361 55.90 55.79 -44.10
N ILE F 362 54.66 55.41 -44.38
CA ILE F 362 54.30 54.74 -45.63
C ILE F 362 53.83 55.78 -46.64
N LYS F 363 54.59 55.97 -47.73
CA LYS F 363 54.28 57.03 -48.74
C LYS F 363 52.93 56.72 -49.45
N ARG F 364 52.13 57.77 -49.76
CA ARG F 364 50.79 57.60 -50.37
C ARG F 364 50.84 56.94 -51.78
N GLU F 365 51.88 57.23 -52.54
CA GLU F 365 52.30 56.45 -53.74
C GLU F 365 52.27 54.89 -53.58
N ASP F 366 52.69 54.38 -52.41
CA ASP F 366 52.79 52.91 -52.18
C ASP F 366 51.49 52.19 -51.75
N TYR F 367 50.39 52.94 -51.52
CA TYR F 367 49.12 52.34 -51.08
C TYR F 367 48.58 51.30 -52.07
N GLU F 368 48.62 51.60 -53.38
CA GLU F 368 48.21 50.66 -54.46
C GLU F 368 48.93 49.31 -54.32
N SER F 369 50.21 49.32 -53.94
CA SER F 369 51.07 48.10 -53.88
C SER F 369 50.88 47.14 -52.69
N LEU F 370 50.20 47.59 -51.62
CA LEU F 370 50.18 46.84 -50.35
C LEU F 370 49.37 45.53 -50.35
N PRO F 371 48.21 45.49 -51.05
CA PRO F 371 47.54 44.19 -51.19
C PRO F 371 48.41 43.11 -51.84
N LYS F 372 49.16 43.47 -52.89
CA LYS F 372 50.14 42.56 -53.52
C LYS F 372 51.08 41.99 -52.47
N GLU F 373 51.55 42.84 -51.56
CA GLU F 373 52.48 42.41 -50.51
C GLU F 373 51.92 41.42 -49.51
N VAL F 374 50.65 41.61 -49.11
CA VAL F 374 50.02 40.73 -48.11
C VAL F 374 49.90 39.31 -48.67
N ALA F 375 49.38 39.19 -49.88
CA ALA F 375 49.27 37.88 -50.54
C ALA F 375 50.63 37.21 -50.83
N SER F 376 51.65 38.03 -51.01
CA SER F 376 53.02 37.55 -51.24
C SER F 376 53.63 36.89 -50.02
N LYS F 386 44.88 29.24 -51.06
CA LYS F 386 45.72 30.36 -51.51
C LYS F 386 44.80 31.57 -51.82
N LEU F 387 45.22 32.80 -51.49
CA LEU F 387 44.46 34.03 -51.78
C LEU F 387 45.25 34.97 -52.69
N LYS F 388 44.63 35.49 -53.76
CA LYS F 388 45.29 36.45 -54.67
C LYS F 388 45.18 37.89 -54.09
N ALA F 389 46.00 38.80 -54.61
CA ALA F 389 46.11 40.17 -54.09
C ALA F 389 44.81 40.98 -54.17
N GLU F 390 44.03 40.76 -55.24
CA GLU F 390 42.75 41.43 -55.40
C GLU F 390 41.71 41.07 -54.32
N ASP F 391 41.98 40.02 -53.53
CA ASP F 391 41.13 39.60 -52.40
C ASP F 391 41.30 40.47 -51.14
N PHE F 392 42.44 41.16 -51.05
CA PHE F 392 42.77 41.98 -49.89
C PHE F 392 42.51 43.47 -50.14
N ILE F 393 42.04 44.16 -49.09
CA ILE F 393 41.98 45.62 -49.05
C ILE F 393 42.90 46.06 -47.92
N VAL F 394 43.83 46.96 -48.23
CA VAL F 394 44.65 47.58 -47.21
C VAL F 394 44.31 49.05 -47.21
N ASP F 395 44.03 49.58 -46.03
CA ASP F 395 43.52 50.93 -45.86
C ASP F 395 44.50 51.59 -44.91
N VAL F 396 45.17 52.64 -45.37
CA VAL F 396 46.14 53.33 -44.53
C VAL F 396 45.56 54.67 -44.10
N ILE F 397 45.60 54.94 -42.80
CA ILE F 397 44.89 56.08 -42.21
C ILE F 397 45.88 56.88 -41.39
N ASN F 398 45.95 58.18 -41.66
CA ASN F 398 46.86 59.05 -40.91
C ASN F 398 46.07 59.66 -39.76
N MET F 399 46.59 59.52 -38.55
CA MET F 399 46.01 60.16 -37.38
C MET F 399 47.00 61.18 -36.88
N ASP F 400 46.58 62.43 -36.73
CA ASP F 400 47.48 63.51 -36.30
C ASP F 400 46.76 64.57 -35.48
N TYR F 401 47.47 65.64 -35.15
CA TYR F 401 46.88 66.80 -34.51
C TYR F 401 46.67 67.95 -35.54
N GLY F 402 46.40 67.57 -36.78
CA GLY F 402 45.97 68.50 -37.80
C GLY F 402 47.10 69.18 -38.52
N MET F 403 48.37 68.84 -38.22
CA MET F 403 49.50 69.50 -38.85
C MET F 403 50.63 68.52 -39.02
N GLN F 404 50.33 67.40 -39.67
CA GLN F 404 51.26 66.30 -39.85
C GLN F 404 52.02 66.10 -38.52
N GLU F 405 53.37 66.07 -38.59
CA GLU F 405 54.19 65.69 -37.47
C GLU F 405 54.33 66.75 -36.37
N LYS F 406 53.83 67.95 -36.64
CA LYS F 406 53.97 69.09 -35.74
C LYS F 406 52.91 69.16 -34.64
N ASN F 407 53.34 69.74 -33.52
CA ASN F 407 52.50 70.07 -32.38
C ASN F 407 51.85 71.41 -32.69
N PRO F 408 50.53 71.46 -32.85
CA PRO F 408 49.90 72.73 -33.18
C PRO F 408 49.95 73.74 -32.08
N ILE F 409 50.10 73.31 -30.84
CA ILE F 409 50.20 74.26 -29.73
C ILE F 409 51.50 75.04 -29.78
N ASP F 410 52.54 74.49 -30.41
CA ASP F 410 53.75 75.26 -30.72
C ASP F 410 53.47 76.40 -31.70
N HIS F 411 52.36 76.36 -32.42
CA HIS F 411 51.90 77.46 -33.28
C HIS F 411 50.68 78.26 -32.73
N VAL F 412 50.55 78.34 -31.41
CA VAL F 412 49.52 79.15 -30.76
C VAL F 412 50.28 80.23 -29.98
N SER F 413 49.64 81.38 -29.89
CA SER F 413 50.18 82.49 -29.11
C SER F 413 49.30 82.70 -27.89
N PHE F 414 49.96 83.06 -26.79
CA PHE F 414 49.31 83.15 -25.50
C PHE F 414 49.49 84.51 -24.88
N TYR F 415 48.61 84.90 -23.95
CA TYR F 415 48.81 86.13 -23.14
C TYR F 415 48.66 85.88 -21.65
N CYS F 416 49.25 86.73 -20.82
CA CYS F 416 49.14 86.59 -19.34
C CYS F 416 48.20 87.60 -18.76
N LYS F 417 47.70 87.31 -17.58
CA LYS F 417 46.77 88.23 -16.91
C LYS F 417 47.38 89.59 -16.68
N THR F 418 48.63 89.59 -16.22
CA THR F 418 49.36 90.79 -15.89
C THR F 418 49.74 91.68 -17.07
N ALA F 419 49.68 91.15 -18.30
CA ALA F 419 50.02 91.92 -19.51
C ALA F 419 49.28 91.34 -20.70
N PRO F 420 48.01 91.73 -20.86
CA PRO F 420 47.14 91.10 -21.84
C PRO F 420 47.37 91.51 -23.29
N ASN F 421 48.26 92.45 -23.57
CA ASN F 421 48.61 92.76 -24.97
C ASN F 421 49.92 92.15 -25.44
N ARG F 422 50.69 91.57 -24.49
CA ARG F 422 51.95 90.94 -24.81
C ARG F 422 51.79 89.45 -25.02
N ALA F 423 52.04 89.04 -26.25
CA ALA F 423 51.96 87.64 -26.65
C ALA F 423 53.23 86.93 -26.24
N ILE F 424 53.11 85.61 -26.07
CA ILE F 424 54.22 84.73 -25.67
C ILE F 424 54.01 83.36 -26.29
N ARG F 425 54.99 82.47 -26.07
CA ARG F 425 54.90 81.07 -26.51
C ARG F 425 54.94 80.18 -25.29
N ILE F 426 54.34 78.99 -25.40
CA ILE F 426 54.43 78.00 -24.35
C ILE F 426 54.87 76.68 -25.01
N THR F 427 56.01 76.15 -24.55
CA THR F 427 56.57 74.90 -25.10
C THR F 427 55.85 73.70 -24.50
N LYS F 428 56.22 72.49 -24.93
CA LYS F 428 55.60 71.29 -24.36
C LYS F 428 56.06 71.01 -22.93
N ASN F 429 57.37 71.22 -22.67
CA ASN F 429 57.95 71.07 -21.29
C ASN F 429 57.25 71.87 -20.24
N GLN F 430 56.93 73.11 -20.61
CA GLN F 430 56.26 74.09 -19.74
C GLN F 430 54.85 73.66 -19.31
N VAL F 431 54.26 72.63 -19.92
CA VAL F 431 52.88 72.23 -19.61
C VAL F 431 52.72 70.95 -18.78
N SER F 432 53.25 69.84 -19.27
CA SER F 432 53.04 68.53 -18.64
C SER F 432 53.90 67.42 -19.25
N GLN F 433 54.34 66.50 -18.41
CA GLN F 433 55.07 65.32 -18.87
C GLN F 433 54.11 64.26 -19.45
N LEU F 434 52.80 64.36 -19.17
CA LEU F 434 51.85 63.32 -19.61
C LEU F 434 51.21 63.59 -20.96
N LEU F 435 51.76 64.52 -21.72
CA LEU F 435 51.26 64.82 -23.06
C LEU F 435 51.87 63.85 -24.05
N PRO F 436 51.35 63.82 -25.28
CA PRO F 436 51.88 62.89 -26.29
C PRO F 436 53.33 63.15 -26.63
N GLU F 437 54.05 62.08 -26.98
CA GLU F 437 55.47 62.13 -27.38
C GLU F 437 55.58 62.57 -28.86
N LYS F 438 54.78 61.94 -29.71
CA LYS F 438 54.66 62.27 -31.15
C LYS F 438 53.27 62.84 -31.39
N PHE F 439 53.01 63.39 -32.56
CA PHE F 439 51.72 63.97 -32.91
C PHE F 439 51.12 63.48 -34.23
N ALA F 440 51.60 62.32 -34.65
CA ALA F 440 51.21 61.75 -35.93
C ALA F 440 51.57 60.28 -35.97
N GLU F 441 50.68 59.47 -36.50
CA GLU F 441 50.94 58.07 -36.70
C GLU F 441 50.14 57.60 -37.90
N GLN F 442 50.38 56.34 -38.27
CA GLN F 442 49.58 55.68 -39.27
C GLN F 442 48.89 54.46 -38.68
N LEU F 443 47.70 54.17 -39.18
CA LEU F 443 47.01 52.92 -38.92
C LEU F 443 46.81 52.19 -40.20
N ILE F 444 47.09 50.89 -40.18
CA ILE F 444 46.94 50.04 -41.34
C ILE F 444 45.93 48.96 -41.00
N ARG F 445 44.74 49.05 -41.60
CA ARG F 445 43.72 48.03 -41.51
C ARG F 445 43.79 47.16 -42.73
N VAL F 446 43.59 45.87 -42.53
CA VAL F 446 43.49 44.91 -43.62
C VAL F 446 42.12 44.23 -43.54
N TYR F 447 41.41 44.22 -44.65
CA TYR F 447 40.14 43.48 -44.72
C TYR F 447 40.30 42.45 -45.82
N CYS F 448 39.42 41.44 -45.83
CA CYS F 448 39.39 40.40 -46.88
C CYS F 448 38.04 40.37 -47.58
N LYS F 449 38.05 40.44 -48.92
CA LYS F 449 36.82 40.45 -49.71
C LYS F 449 36.09 39.09 -49.73
N LYS F 450 36.80 37.98 -49.49
CA LYS F 450 36.17 36.65 -49.37
C LYS F 450 35.70 36.40 -47.93
N VAL F 451 34.41 36.11 -47.79
CA VAL F 451 33.73 36.13 -46.48
C VAL F 451 33.82 34.82 -45.67
N ASP F 452 33.82 33.67 -46.36
CA ASP F 452 33.76 32.33 -45.73
C ASP F 452 34.80 32.01 -44.65
N ARG F 453 34.47 31.02 -43.80
CA ARG F 453 35.30 30.65 -42.64
C ARG F 453 36.75 30.30 -43.06
N LYS F 454 36.92 29.50 -44.15
CA LYS F 454 38.26 29.02 -44.59
C LYS F 454 39.15 30.18 -45.10
N SER F 455 38.60 31.08 -45.93
CA SER F 455 39.37 32.24 -46.48
C SER F 455 39.79 33.24 -45.41
N LEU F 456 38.92 33.45 -44.43
CA LEU F 456 39.18 34.40 -43.37
C LEU F 456 40.35 33.92 -42.50
N TYR F 457 40.39 32.64 -42.19
CA TYR F 457 41.54 32.07 -41.47
C TYR F 457 42.85 32.27 -42.23
N ALA F 458 42.82 32.00 -43.51
CA ALA F 458 43.99 32.17 -44.37
C ALA F 458 44.45 33.61 -44.38
N ALA F 459 43.49 34.51 -44.56
CA ALA F 459 43.75 35.94 -44.59
C ALA F 459 44.47 36.40 -43.33
N ARG F 460 44.02 35.90 -42.19
CA ARG F 460 44.67 36.18 -40.90
C ARG F 460 46.11 35.75 -40.88
N GLN F 461 46.41 34.56 -41.41
CA GLN F 461 47.78 34.05 -41.45
C GLN F 461 48.66 34.92 -42.36
N TYR F 462 48.18 35.19 -43.57
CA TYR F 462 48.88 36.13 -44.46
C TYR F 462 49.16 37.46 -43.77
N PHE F 463 48.14 38.02 -43.13
CA PHE F 463 48.26 39.33 -42.50
C PHE F 463 49.30 39.35 -41.37
N VAL F 464 49.17 38.42 -40.43
CA VAL F 464 50.05 38.42 -39.25
C VAL F 464 51.50 38.19 -39.66
N GLN F 465 51.70 37.41 -40.74
CA GLN F 465 53.03 37.19 -41.29
C GLN F 465 53.56 38.47 -41.93
N TRP F 466 52.74 39.10 -42.76
CA TRP F 466 53.08 40.39 -43.38
C TRP F 466 53.55 41.42 -42.35
N CYS F 467 52.89 41.43 -41.18
CA CYS F 467 53.28 42.29 -40.07
C CYS F 467 54.70 41.94 -39.59
N ALA F 468 54.95 40.67 -39.34
CA ALA F 468 56.29 40.22 -38.97
C ALA F 468 57.33 40.55 -40.04
N ASP F 469 56.98 40.28 -41.30
CA ASP F 469 57.87 40.54 -42.44
C ASP F 469 58.28 42.01 -42.55
N ARG F 470 57.37 42.94 -42.32
CA ARG F 470 57.71 44.37 -42.44
C ARG F 470 58.05 45.07 -41.11
N ASN F 471 58.26 44.27 -40.06
CA ASN F 471 58.59 44.76 -38.72
C ASN F 471 57.57 45.78 -38.20
N PHE F 472 56.30 45.49 -38.43
CA PHE F 472 55.18 46.25 -37.89
C PHE F 472 54.81 45.74 -36.51
N THR F 473 53.96 46.48 -35.80
CA THR F 473 53.54 46.11 -34.45
C THR F 473 52.74 44.85 -34.51
N LYS F 474 52.83 44.06 -33.45
CA LYS F 474 52.07 42.82 -33.33
C LYS F 474 50.59 43.18 -33.21
N PRO F 475 49.73 42.58 -34.05
CA PRO F 475 48.30 42.83 -33.89
C PRO F 475 47.84 42.47 -32.48
N GLN F 476 46.96 43.29 -31.90
CA GLN F 476 46.45 43.11 -30.52
C GLN F 476 45.95 41.68 -30.29
N ASP F 477 45.16 41.19 -31.24
CA ASP F 477 44.59 39.82 -31.22
C ASP F 477 45.49 38.74 -31.83
N GLY F 478 46.76 39.06 -32.05
CA GLY F 478 47.61 38.26 -32.92
C GLY F 478 47.88 36.86 -32.44
N ASP F 479 48.06 36.72 -31.13
CA ASP F 479 48.31 35.40 -30.53
C ASP F 479 47.14 34.45 -30.70
N VAL F 480 45.92 34.99 -30.81
CA VAL F 480 44.72 34.21 -30.93
C VAL F 480 44.44 33.84 -32.40
N ILE F 481 44.41 34.85 -33.26
CA ILE F 481 44.07 34.65 -34.70
C ILE F 481 45.12 33.89 -35.51
N ALA F 482 46.38 34.01 -35.10
CA ALA F 482 47.50 33.34 -35.78
C ALA F 482 48.51 32.84 -34.76
N PRO F 483 48.14 31.84 -33.98
CA PRO F 483 48.97 31.37 -32.86
C PRO F 483 50.26 30.71 -33.31
N LEU F 484 50.24 30.16 -34.53
CA LEU F 484 51.42 29.51 -35.10
C LEU F 484 52.44 30.48 -35.69
N ILE F 485 52.06 31.74 -35.91
CA ILE F 485 52.96 32.72 -36.53
C ILE F 485 53.67 33.65 -35.53
N THR F 486 53.00 34.02 -34.44
CA THR F 486 53.55 34.98 -33.48
C THR F 486 54.83 34.58 -32.75
N PRO F 487 55.06 33.28 -32.50
CA PRO F 487 56.41 32.93 -32.00
C PRO F 487 57.56 33.13 -32.99
N MET G 9 11.50 47.18 -1.11
CA MET G 9 12.31 47.92 -2.24
C MET G 9 11.91 49.35 -2.17
N LYS G 10 12.88 50.18 -2.38
CA LYS G 10 12.63 51.64 -2.29
C LYS G 10 13.29 52.29 -3.50
N VAL G 11 12.53 53.15 -4.18
CA VAL G 11 12.99 53.76 -5.40
C VAL G 11 13.40 55.16 -5.03
N ILE G 12 14.50 55.61 -5.62
CA ILE G 12 15.08 56.90 -5.31
C ILE G 12 15.67 57.52 -6.58
N ASN G 13 15.42 58.82 -6.78
CA ASN G 13 15.76 59.53 -8.02
C ASN G 13 17.03 60.37 -7.93
N ASP G 14 18.07 59.80 -8.51
CA ASP G 14 19.39 60.43 -8.60
C ASP G 14 19.48 61.11 -9.95
N PRO G 15 20.00 62.34 -10.02
CA PRO G 15 20.10 62.99 -11.33
C PRO G 15 21.13 62.36 -12.25
N ILE G 16 22.12 61.66 -11.72
CA ILE G 16 23.09 61.01 -12.56
C ILE G 16 22.57 59.70 -13.06
N HIS G 17 22.07 58.85 -12.18
CA HIS G 17 21.73 57.47 -12.55
C HIS G 17 20.28 57.20 -12.81
N GLY G 18 19.42 58.15 -12.46
CA GLY G 18 17.99 58.00 -12.69
C GLY G 18 17.34 57.34 -11.49
N HIS G 19 16.25 56.62 -11.72
CA HIS G 19 15.57 55.94 -10.64
C HIS G 19 16.27 54.64 -10.32
N ILE G 20 16.78 54.51 -9.10
CA ILE G 20 17.48 53.32 -8.69
C ILE G 20 16.72 52.67 -7.58
N GLU G 21 16.81 51.33 -7.49
CA GLU G 21 16.19 50.58 -6.42
C GLU G 21 17.18 50.30 -5.33
N LEU G 22 16.73 50.45 -4.09
CA LEU G 22 17.53 50.12 -2.93
C LEU G 22 16.83 48.98 -2.22
N HIS G 23 17.54 47.85 -2.15
CA HIS G 23 17.12 46.70 -1.36
C HIS G 23 16.94 47.08 0.11
N PRO G 24 15.95 46.52 0.80
CA PRO G 24 15.65 46.95 2.18
C PRO G 24 16.82 46.97 3.12
N LEU G 25 17.70 45.96 3.01
CA LEU G 25 18.93 45.92 3.77
C LEU G 25 19.76 47.19 3.58
N LEU G 26 19.85 47.65 2.34
CA LEU G 26 20.59 48.88 2.02
C LEU G 26 19.91 50.09 2.64
N VAL G 27 18.59 50.16 2.51
CA VAL G 27 17.81 51.26 3.11
C VAL G 27 18.11 51.34 4.60
N ARG G 28 18.21 50.19 5.23
CA ARG G 28 18.41 50.11 6.66
C ARG G 28 19.77 50.62 7.10
N ILE G 29 20.78 50.35 6.28
CA ILE G 29 22.13 50.87 6.46
C ILE G 29 22.15 52.37 6.21
N ILE G 30 21.49 52.80 5.15
CA ILE G 30 21.39 54.21 4.77
C ILE G 30 20.77 55.07 5.86
N ASP G 31 19.70 54.58 6.48
CA ASP G 31 18.97 55.36 7.50
C ASP G 31 19.56 55.20 8.91
N THR G 32 20.80 55.66 9.04
CA THR G 32 21.57 55.58 10.26
C THR G 32 22.39 56.86 10.37
N PRO G 33 22.64 57.34 11.59
CA PRO G 33 23.44 58.55 11.72
C PRO G 33 24.79 58.49 11.05
N GLN G 34 25.39 57.31 10.99
CA GLN G 34 26.76 57.17 10.49
C GLN G 34 26.84 57.40 8.98
N PHE G 35 25.77 57.02 8.30
CA PHE G 35 25.64 57.19 6.87
C PHE G 35 25.07 58.55 6.52
N GLN G 36 24.01 58.97 7.18
CA GLN G 36 23.39 60.28 6.88
C GLN G 36 24.36 61.42 7.15
N ARG G 37 25.32 61.20 8.03
CA ARG G 37 26.45 62.10 8.21
C ARG G 37 27.06 62.59 6.91
N LEU G 38 27.10 61.74 5.89
CA LEU G 38 27.68 62.12 4.61
C LEU G 38 26.90 63.17 3.85
N ARG G 39 25.66 63.48 4.24
CA ARG G 39 24.95 64.63 3.68
C ARG G 39 25.61 65.96 4.01
N TYR G 40 26.42 65.99 5.07
CA TYR G 40 27.01 67.24 5.53
C TYR G 40 28.53 67.30 5.31
N ILE G 41 29.02 66.56 4.31
CA ILE G 41 30.42 66.60 3.90
C ILE G 41 30.51 66.77 2.38
N LYS G 42 31.10 67.86 1.92
CA LYS G 42 31.14 68.16 0.48
C LYS G 42 32.17 67.32 -0.26
N GLN G 43 31.81 66.91 -1.47
CA GLN G 43 32.60 65.96 -2.27
C GLN G 43 33.96 66.55 -2.58
N LEU G 44 33.93 67.77 -3.12
CA LEU G 44 35.11 68.44 -3.62
C LEU G 44 35.73 69.43 -2.65
N GLY G 45 35.40 69.32 -1.36
CA GLY G 45 35.98 70.18 -0.31
C GLY G 45 35.76 71.64 -0.67
N GLY G 46 36.87 72.38 -0.64
CA GLY G 46 36.91 73.77 -1.04
C GLY G 46 36.53 74.10 -2.49
N GLY G 47 36.45 73.10 -3.37
CA GLY G 47 36.08 73.35 -4.75
C GLY G 47 34.77 74.10 -4.95
N TYR G 48 33.81 73.93 -4.04
CA TYR G 48 32.57 74.71 -4.09
C TYR G 48 32.82 76.23 -4.07
N TYR G 49 33.92 76.66 -3.46
CA TYR G 49 34.24 78.09 -3.41
C TYR G 49 34.88 78.62 -4.70
N VAL G 50 35.12 77.74 -5.66
CA VAL G 50 35.55 78.10 -7.00
C VAL G 50 34.56 77.66 -8.09
N PHE G 51 33.98 76.48 -7.98
CA PHE G 51 32.93 76.04 -8.91
C PHE G 51 31.62 76.07 -8.14
N PRO G 52 30.81 77.12 -8.29
CA PRO G 52 29.61 77.24 -7.47
C PRO G 52 28.55 76.16 -7.76
N GLY G 53 28.74 75.35 -8.79
CA GLY G 53 27.86 74.19 -8.97
C GLY G 53 28.07 73.07 -7.97
N ALA G 54 29.30 72.95 -7.46
CA ALA G 54 29.82 71.78 -6.71
C ALA G 54 29.48 71.70 -5.22
N SER G 55 28.22 71.99 -4.96
CA SER G 55 27.52 71.81 -3.68
C SER G 55 27.37 70.36 -3.23
N HIS G 56 27.55 69.43 -4.17
CA HIS G 56 27.30 68.01 -3.93
C HIS G 56 28.17 67.43 -2.84
N ASN G 57 27.51 66.52 -2.09
CA ASN G 57 28.06 65.87 -0.91
C ASN G 57 28.31 64.38 -1.11
N ARG G 58 29.05 63.80 -0.18
CA ARG G 58 29.39 62.38 -0.21
C ARG G 58 28.21 61.42 -0.17
N PHE G 59 27.13 61.81 0.50
CA PHE G 59 25.91 61.01 0.58
C PHE G 59 25.50 60.48 -0.78
N GLU G 60 25.26 61.39 -1.69
CA GLU G 60 24.72 61.03 -2.98
C GLU G 60 25.71 60.28 -3.88
N HIS G 61 27.00 60.58 -3.75
CA HIS G 61 28.08 59.80 -4.39
C HIS G 61 28.05 58.38 -3.86
N SER G 62 27.95 58.27 -2.53
CA SER G 62 27.97 56.99 -1.86
C SER G 62 26.80 56.14 -2.41
N LEU G 63 25.59 56.67 -2.52
CA LEU G 63 24.50 55.91 -3.13
C LEU G 63 24.83 55.42 -4.53
N GLY G 64 25.38 56.32 -5.34
CA GLY G 64 25.66 56.01 -6.74
C GLY G 64 26.71 54.94 -6.91
N VAL G 65 27.72 54.93 -6.03
CA VAL G 65 28.74 53.89 -6.09
C VAL G 65 28.14 52.56 -5.74
N GLY G 66 27.30 52.56 -4.72
CA GLY G 66 26.53 51.39 -4.36
C GLY G 66 25.73 50.86 -5.52
N TYR G 67 25.05 51.75 -6.22
CA TYR G 67 24.21 51.37 -7.33
C TYR G 67 25.00 50.75 -8.47
N LEU G 68 26.08 51.41 -8.85
CA LEU G 68 26.93 50.95 -9.94
C LEU G 68 27.67 49.69 -9.60
N ALA G 69 28.07 49.53 -8.35
CA ALA G 69 28.63 48.26 -7.91
C ALA G 69 27.65 47.12 -8.22
N GLY G 70 26.39 47.33 -7.87
CA GLY G 70 25.31 46.42 -8.20
C GLY G 70 25.18 46.14 -9.69
N CYS G 71 25.23 47.18 -10.52
CA CYS G 71 25.07 46.97 -11.95
C CYS G 71 26.14 46.10 -12.53
N LEU G 72 27.38 46.32 -12.12
CA LEU G 72 28.50 45.62 -12.72
C LEU G 72 28.47 44.17 -12.31
N VAL G 73 28.34 43.90 -11.01
CA VAL G 73 28.30 42.51 -10.53
C VAL G 73 27.10 41.78 -11.09
N HIS G 74 25.95 42.45 -11.16
CA HIS G 74 24.74 41.85 -11.67
C HIS G 74 24.88 41.49 -13.18
N ALA G 75 25.50 42.39 -13.94
CA ALA G 75 25.72 42.18 -15.35
C ALA G 75 26.68 41.03 -15.61
N LEU G 76 27.78 40.98 -14.85
CA LEU G 76 28.73 39.90 -15.02
C LEU G 76 28.03 38.56 -14.84
N GLY G 77 27.09 38.50 -13.88
CA GLY G 77 26.32 37.31 -13.57
C GLY G 77 25.34 36.85 -14.63
N GLU G 78 24.64 37.79 -15.26
CA GLU G 78 23.76 37.46 -16.40
C GLU G 78 24.57 36.87 -17.55
N LYS G 79 25.62 37.59 -17.98
CA LYS G 79 26.46 37.18 -19.11
C LYS G 79 27.20 35.83 -18.83
N GLN G 80 27.56 35.53 -17.57
CA GLN G 80 28.33 34.30 -17.24
C GLN G 80 27.81 33.59 -15.97
N PRO G 81 26.77 32.76 -16.11
CA PRO G 81 26.26 32.02 -14.97
C PRO G 81 27.29 31.13 -14.29
N GLU G 82 28.20 30.54 -15.05
CA GLU G 82 29.27 29.68 -14.52
C GLU G 82 30.01 30.24 -13.30
N LEU G 83 30.08 31.56 -13.20
CA LEU G 83 30.76 32.22 -12.07
C LEU G 83 30.07 32.04 -10.71
N GLN G 84 28.78 31.73 -10.75
CA GLN G 84 27.97 31.41 -9.56
C GLN G 84 27.96 32.57 -8.60
N ILE G 85 27.54 33.72 -9.11
CA ILE G 85 27.42 34.92 -8.34
C ILE G 85 26.05 34.84 -7.70
N SER G 86 25.99 34.80 -6.36
CA SER G 86 24.71 34.71 -5.62
C SER G 86 24.17 36.09 -5.31
N GLU G 87 22.88 36.20 -5.01
CA GLU G 87 22.28 37.49 -4.58
C GLU G 87 22.89 37.96 -3.26
N ARG G 88 23.47 37.02 -2.52
CA ARG G 88 24.28 37.34 -1.37
C ARG G 88 25.55 38.11 -1.76
N ASP G 89 26.26 37.62 -2.78
CA ASP G 89 27.43 38.32 -3.31
C ASP G 89 27.05 39.72 -3.77
N VAL G 90 25.92 39.84 -4.43
CA VAL G 90 25.50 41.12 -4.98
C VAL G 90 25.25 42.12 -3.87
N LEU G 91 24.46 41.74 -2.87
CA LEU G 91 24.23 42.61 -1.72
C LEU G 91 25.52 43.05 -1.05
N CYS G 92 26.44 42.11 -0.85
CA CYS G 92 27.71 42.44 -0.23
C CYS G 92 28.52 43.46 -1.03
N VAL G 93 28.51 43.32 -2.35
CA VAL G 93 29.22 44.25 -3.21
C VAL G 93 28.54 45.61 -3.18
N GLN G 94 27.21 45.63 -3.23
CA GLN G 94 26.47 46.89 -3.11
C GLN G 94 26.74 47.59 -1.79
N ILE G 95 26.73 46.83 -0.71
CA ILE G 95 26.97 47.38 0.63
C ILE G 95 28.38 48.01 0.71
N ALA G 96 29.36 47.34 0.14
CA ALA G 96 30.72 47.86 0.13
C ALA G 96 30.77 49.16 -0.63
N GLY G 97 30.17 49.17 -1.81
CA GLY G 97 30.09 50.38 -2.60
C GLY G 97 29.42 51.54 -1.87
N LEU G 98 28.31 51.23 -1.22
CA LEU G 98 27.52 52.19 -0.49
C LEU G 98 28.31 52.83 0.66
N CYS G 99 29.07 51.98 1.35
CA CYS G 99 29.82 52.39 2.54
C CYS G 99 31.31 52.69 2.29
N HIS G 100 31.73 52.77 1.04
CA HIS G 100 33.17 52.86 0.74
C HIS G 100 33.78 54.16 1.22
N ASP G 101 32.97 55.23 1.30
CA ASP G 101 33.44 56.56 1.71
C ASP G 101 32.88 57.00 3.05
N LEU G 102 32.42 56.06 3.86
CA LEU G 102 31.91 56.38 5.21
C LEU G 102 32.85 57.15 6.12
N GLY G 103 34.16 56.99 5.88
CA GLY G 103 35.19 57.59 6.71
C GLY G 103 35.86 58.85 6.22
N HIS G 104 35.23 59.56 5.28
CA HIS G 104 35.77 60.85 4.87
C HIS G 104 35.55 61.85 5.97
N GLY G 105 36.51 62.75 6.13
CA GLY G 105 36.38 63.83 7.10
C GLY G 105 35.76 65.11 6.56
N PRO G 106 35.74 66.17 7.38
CA PRO G 106 35.32 67.47 6.92
C PRO G 106 36.09 67.90 5.67
N PHE G 107 35.36 68.35 4.67
CA PHE G 107 35.93 68.76 3.40
C PHE G 107 36.70 67.64 2.70
N SER G 108 36.19 66.42 2.85
CA SER G 108 36.67 65.25 2.14
C SER G 108 38.19 65.07 2.22
N HIS G 109 38.86 65.41 1.12
CA HIS G 109 40.27 65.04 0.92
C HIS G 109 41.21 66.01 1.62
N MET G 110 40.68 67.16 1.99
CA MET G 110 41.43 68.10 2.80
C MET G 110 41.79 67.47 4.14
N PHE G 111 40.86 66.71 4.71
CA PHE G 111 41.03 66.13 6.05
C PHE G 111 42.13 65.07 6.14
N ASP G 112 42.03 64.01 5.33
CA ASP G 112 43.06 62.97 5.32
C ASP G 112 44.33 63.42 4.60
N GLY G 113 44.20 64.39 3.70
CA GLY G 113 45.29 64.82 2.83
C GLY G 113 46.16 65.95 3.34
N ARG G 114 45.56 66.97 3.95
CA ARG G 114 46.30 68.11 4.50
C ARG G 114 46.28 68.16 6.02
N PHE G 115 45.09 68.11 6.61
CA PHE G 115 44.92 68.41 8.03
C PHE G 115 45.55 67.41 8.99
N ILE G 116 45.10 66.16 8.94
CA ILE G 116 45.59 65.13 9.85
C ILE G 116 47.11 64.95 9.75
N PRO G 117 47.67 64.92 8.53
CA PRO G 117 49.14 64.84 8.44
C PRO G 117 49.88 65.97 9.13
N LEU G 118 49.29 67.16 9.21
CA LEU G 118 49.90 68.29 9.92
C LEU G 118 49.62 68.28 11.41
N ALA G 119 48.38 68.00 11.80
CA ALA G 119 48.01 68.01 13.21
C ALA G 119 48.59 66.83 14.00
N ARG G 120 48.71 65.67 13.36
CA ARG G 120 49.20 64.45 14.01
C ARG G 120 50.13 63.67 13.07
N PRO G 121 51.39 64.14 12.95
CA PRO G 121 52.36 63.54 12.03
C PRO G 121 52.74 62.09 12.38
N GLU G 122 52.64 61.72 13.66
CA GLU G 122 52.90 60.35 14.11
C GLU G 122 51.96 59.27 13.50
N VAL G 123 50.72 59.61 13.14
CA VAL G 123 49.76 58.58 12.68
C VAL G 123 49.81 58.43 11.17
N LYS G 124 49.71 57.20 10.67
CA LYS G 124 49.35 56.92 9.28
C LYS G 124 47.82 56.68 9.28
N TRP G 125 47.04 57.66 8.82
CA TRP G 125 45.55 57.56 8.76
C TRP G 125 45.00 57.89 7.39
N THR G 126 44.14 57.02 6.86
CA THR G 126 43.52 57.22 5.54
C THR G 126 42.00 57.26 5.65
N HIS G 127 41.34 57.89 4.68
CA HIS G 127 39.88 57.94 4.68
C HIS G 127 39.30 56.52 4.58
N GLU G 128 40.00 55.64 3.87
CA GLU G 128 39.59 54.24 3.73
C GLU G 128 39.53 53.51 5.07
N GLN G 129 40.60 53.63 5.86
CA GLN G 129 40.63 52.97 7.17
C GLN G 129 39.48 53.44 8.02
N GLY G 130 39.18 54.73 7.92
CA GLY G 130 38.05 55.32 8.59
C GLY G 130 36.76 54.67 8.16
N SER G 131 36.61 54.43 6.86
CA SER G 131 35.41 53.75 6.34
C SER G 131 35.19 52.38 7.01
N VAL G 132 36.26 51.60 7.15
CA VAL G 132 36.18 50.31 7.83
C VAL G 132 35.71 50.46 9.27
N MET G 133 36.33 51.39 10.01
CA MET G 133 35.97 51.62 11.39
C MET G 133 34.54 52.09 11.55
N MET G 134 34.16 53.04 10.71
CA MET G 134 32.84 53.63 10.75
C MET G 134 31.78 52.62 10.30
N PHE G 135 32.13 51.72 9.40
CA PHE G 135 31.24 50.63 9.00
C PHE G 135 30.96 49.72 10.18
N GLU G 136 32.02 49.28 10.85
CA GLU G 136 31.89 48.49 12.07
C GLU G 136 30.97 49.21 13.07
N HIS G 137 31.22 50.49 13.32
CA HIS G 137 30.41 51.27 14.27
C HIS G 137 28.96 51.33 13.81
N LEU G 138 28.73 51.50 12.52
CA LEU G 138 27.36 51.59 11.98
C LEU G 138 26.60 50.30 12.20
N ILE G 139 27.26 49.19 11.87
CA ILE G 139 26.72 47.85 12.05
C ILE G 139 26.31 47.60 13.50
N ASN G 140 27.25 47.82 14.41
CA ASN G 140 27.05 47.46 15.82
C ASN G 140 26.04 48.34 16.51
N SER G 141 26.11 49.65 16.29
CA SER G 141 25.20 50.57 16.96
C SER G 141 23.76 50.54 16.41
N ASN G 142 23.53 50.05 15.18
CA ASN G 142 22.16 50.00 14.62
C ASN G 142 21.58 48.59 14.41
N GLY G 143 22.12 47.60 15.10
CA GLY G 143 21.61 46.22 15.04
C GLY G 143 21.38 45.66 13.65
N ILE G 144 22.40 45.76 12.82
CA ILE G 144 22.31 45.39 11.40
C ILE G 144 22.54 43.89 11.21
N LYS G 145 23.39 43.29 12.06
CA LYS G 145 23.72 41.89 11.90
C LYS G 145 22.49 40.95 11.77
N PRO G 146 21.45 41.10 12.63
CA PRO G 146 20.22 40.31 12.45
C PRO G 146 19.53 40.52 11.12
N VAL G 147 19.56 41.76 10.62
CA VAL G 147 18.94 42.11 9.34
C VAL G 147 19.73 41.52 8.18
N MET G 148 21.05 41.50 8.29
CA MET G 148 21.87 40.84 7.27
C MET G 148 21.49 39.36 7.17
N GLU G 149 21.40 38.70 8.31
CA GLU G 149 21.01 37.29 8.38
C GLU G 149 19.64 37.07 7.76
N GLN G 150 18.72 37.97 8.05
CA GLN G 150 17.37 37.90 7.51
C GLN G 150 17.35 37.80 5.98
N TYR G 151 18.25 38.48 5.30
CA TYR G 151 18.32 38.44 3.83
C TYR G 151 19.44 37.55 3.31
N GLY G 152 19.84 36.56 4.09
CA GLY G 152 20.70 35.50 3.61
C GLY G 152 22.20 35.71 3.71
N LEU G 153 22.64 36.82 4.30
CA LEU G 153 24.08 37.01 4.52
C LEU G 153 24.56 36.21 5.72
N ILE G 154 25.87 36.04 5.79
CA ILE G 154 26.53 35.43 6.94
C ILE G 154 27.50 36.47 7.50
N PRO G 155 27.08 37.22 8.52
CA PRO G 155 27.87 38.35 9.01
C PRO G 155 29.36 38.07 9.28
N GLU G 156 29.70 36.94 9.91
CA GLU G 156 31.13 36.60 10.13
C GLU G 156 31.96 36.81 8.84
N GLU G 157 31.62 36.04 7.82
CA GLU G 157 32.29 36.05 6.50
C GLU G 157 32.09 37.35 5.75
N ASP G 158 30.85 37.82 5.67
CA ASP G 158 30.51 38.91 4.77
C ASP G 158 30.97 40.27 5.25
N ILE G 159 30.92 40.53 6.55
CA ILE G 159 31.45 41.80 7.06
C ILE G 159 32.94 41.87 6.76
N CYS G 160 33.64 40.75 6.86
CA CYS G 160 35.05 40.71 6.47
C CYS G 160 35.22 41.05 4.97
N PHE G 161 34.44 40.38 4.13
CA PHE G 161 34.43 40.62 2.68
C PHE G 161 34.12 42.07 2.32
N ILE G 162 33.21 42.70 3.03
CA ILE G 162 32.86 44.09 2.79
C ILE G 162 34.06 44.98 3.13
N LYS G 163 34.61 44.80 4.32
CA LYS G 163 35.78 45.57 4.75
C LYS G 163 36.96 45.39 3.80
N GLU G 164 37.17 44.16 3.34
CA GLU G 164 38.26 43.85 2.43
C GLU G 164 38.12 44.53 1.08
N GLN G 165 36.89 44.64 0.59
CA GLN G 165 36.64 45.37 -0.66
C GLN G 165 37.11 46.81 -0.53
N ILE G 166 36.89 47.40 0.65
CA ILE G 166 37.14 48.81 0.89
C ILE G 166 38.62 49.16 1.06
N VAL G 167 39.32 48.44 1.93
CA VAL G 167 40.75 48.73 2.22
C VAL G 167 41.75 47.68 1.76
N GLY G 168 41.32 46.61 1.11
CA GLY G 168 42.23 45.52 0.77
C GLY G 168 42.47 44.62 2.02
N PRO G 169 43.45 43.73 1.95
CA PRO G 169 43.38 42.48 2.75
C PRO G 169 43.50 42.56 4.29
N TRP G 179 46.91 33.41 -1.64
CA TRP G 179 45.66 34.18 -1.61
C TRP G 179 45.48 34.94 -0.29
N PRO G 180 45.59 36.28 -0.32
CA PRO G 180 45.52 37.02 0.93
C PRO G 180 44.12 37.22 1.55
N TYR G 181 43.04 37.05 0.81
CA TYR G 181 41.72 37.44 1.31
C TYR G 181 41.07 36.29 2.10
N LYS G 182 40.45 36.64 3.23
CA LYS G 182 39.71 35.69 4.06
C LYS G 182 38.21 35.76 3.75
N GLY G 183 37.74 36.83 3.12
CA GLY G 183 36.30 37.05 2.89
C GLY G 183 35.65 36.17 1.82
N ARG G 184 36.37 35.96 0.72
CA ARG G 184 35.94 35.08 -0.37
C ARG G 184 37.13 34.26 -0.90
N PRO G 185 36.86 33.13 -1.57
CA PRO G 185 37.92 32.34 -2.21
C PRO G 185 38.42 32.91 -3.55
N GLU G 186 39.48 32.30 -4.09
CA GLU G 186 40.10 32.73 -5.36
C GLU G 186 39.18 32.71 -6.57
N ASN G 187 38.21 31.79 -6.56
CA ASN G 187 37.23 31.64 -7.66
C ASN G 187 36.20 32.77 -7.71
N LYS G 188 36.29 33.71 -6.75
CA LYS G 188 35.51 34.94 -6.82
C LYS G 188 36.36 36.20 -6.62
N SER G 189 37.63 36.16 -7.02
CA SER G 189 38.51 37.32 -6.86
C SER G 189 38.06 38.55 -7.65
N PHE G 190 37.34 38.34 -8.74
CA PHE G 190 36.78 39.44 -9.50
C PHE G 190 35.88 40.35 -8.68
N LEU G 191 35.21 39.82 -7.67
CA LEU G 191 34.37 40.67 -6.82
C LEU G 191 35.15 41.79 -6.11
N TYR G 192 36.42 41.54 -5.85
CA TYR G 192 37.30 42.55 -5.23
C TYR G 192 37.73 43.69 -6.18
N GLU G 193 37.53 43.51 -7.48
CA GLU G 193 37.86 44.52 -8.48
C GLU G 193 36.69 45.45 -8.86
N ILE G 194 35.59 45.45 -8.08
CA ILE G 194 34.43 46.26 -8.43
C ILE G 194 34.39 47.61 -7.75
N VAL G 195 34.41 47.63 -6.43
CA VAL G 195 34.29 48.88 -5.67
C VAL G 195 35.62 49.64 -5.57
N SER G 196 36.72 48.92 -5.35
CA SER G 196 38.04 49.55 -5.22
C SER G 196 39.11 48.60 -5.76
N ASN G 197 39.53 48.88 -7.00
CA ASN G 197 40.35 47.97 -7.79
C ASN G 197 41.83 48.23 -7.51
N LYS G 198 42.43 47.39 -6.67
CA LYS G 198 43.84 47.54 -6.32
C LYS G 198 44.77 47.22 -7.50
N ARG G 199 44.31 46.41 -8.45
CA ARG G 199 45.16 45.93 -9.54
C ARG G 199 45.52 47.03 -10.54
N ASN G 200 44.50 47.74 -11.00
CA ASN G 200 44.64 48.77 -12.04
C ASN G 200 43.89 50.09 -11.81
N GLY G 201 42.91 50.11 -10.93
CA GLY G 201 42.21 51.33 -10.60
C GLY G 201 40.89 51.51 -11.32
N ILE G 202 40.54 50.62 -12.24
CA ILE G 202 39.27 50.73 -12.93
C ILE G 202 38.18 50.17 -12.02
N ASP G 203 37.47 51.07 -11.35
CA ASP G 203 36.45 50.71 -10.37
C ASP G 203 35.21 51.61 -10.53
N VAL G 204 34.10 51.21 -9.93
CA VAL G 204 32.84 51.95 -10.08
C VAL G 204 32.82 53.26 -9.28
N ASP G 205 33.72 53.41 -8.30
CA ASP G 205 33.89 54.65 -7.58
C ASP G 205 34.22 55.74 -8.57
N LYS G 206 35.22 55.50 -9.42
CA LYS G 206 35.62 56.48 -10.45
C LYS G 206 34.44 56.81 -11.35
N TRP G 207 33.72 55.78 -11.77
CA TRP G 207 32.67 55.96 -12.76
C TRP G 207 31.57 56.87 -12.26
N ASP G 208 31.25 56.77 -10.97
CA ASP G 208 30.23 57.65 -10.43
C ASP G 208 30.74 59.06 -10.31
N TYR G 209 31.95 59.24 -9.79
CA TYR G 209 32.42 60.60 -9.57
C TYR G 209 32.73 61.35 -10.86
N PHE G 210 33.20 60.65 -11.88
CA PHE G 210 33.37 61.27 -13.20
C PHE G 210 32.08 61.92 -13.62
N ALA G 211 31.02 61.14 -13.63
CA ALA G 211 29.72 61.59 -14.10
C ALA G 211 29.14 62.65 -13.20
N ARG G 212 29.24 62.45 -11.90
CA ARG G 212 28.61 63.32 -10.93
C ARG G 212 29.36 64.63 -10.78
N ASP G 213 30.69 64.57 -10.67
CA ASP G 213 31.47 65.80 -10.51
C ASP G 213 31.30 66.63 -11.77
N CYS G 214 31.39 66.01 -12.93
CA CYS G 214 31.10 66.74 -14.17
C CYS G 214 29.71 67.44 -14.16
N HIS G 215 28.69 66.74 -13.72
CA HIS G 215 27.32 67.28 -13.72
C HIS G 215 27.25 68.60 -12.97
N HIS G 216 27.84 68.59 -11.79
CA HIS G 216 27.83 69.72 -10.88
C HIS G 216 28.93 70.75 -11.22
N LEU G 217 30.07 70.31 -11.75
CA LEU G 217 31.17 71.24 -12.03
C LEU G 217 30.90 72.15 -13.21
N GLY G 218 30.19 71.67 -14.22
CA GLY G 218 30.02 72.39 -15.49
C GLY G 218 31.05 72.02 -16.54
N ILE G 219 31.43 70.75 -16.53
CA ILE G 219 32.33 70.13 -17.49
C ILE G 219 31.60 68.86 -18.00
N GLN G 220 31.53 68.61 -19.30
CA GLN G 220 31.02 67.31 -19.82
C GLN G 220 32.17 66.25 -19.70
N ASN G 221 31.71 65.03 -19.48
CA ASN G 221 32.51 63.88 -19.10
C ASN G 221 32.82 63.09 -20.40
N ASN G 222 34.11 62.75 -20.62
CA ASN G 222 34.44 62.03 -21.84
C ASN G 222 34.20 60.50 -21.87
N PHE G 223 33.80 59.90 -20.74
CA PHE G 223 33.90 58.44 -20.53
C PHE G 223 32.59 57.71 -20.34
N ASP G 224 32.41 56.57 -20.98
CA ASP G 224 31.16 55.80 -20.97
C ASP G 224 31.27 54.52 -20.14
N TYR G 225 30.85 54.59 -18.87
CA TYR G 225 30.89 53.39 -17.98
C TYR G 225 29.97 52.30 -18.50
N LYS G 226 28.83 52.68 -19.02
CA LYS G 226 27.85 51.71 -19.47
C LYS G 226 28.39 50.81 -20.55
N ARG G 227 29.19 51.38 -21.44
CA ARG G 227 29.81 50.64 -22.52
C ARG G 227 30.86 49.68 -21.98
N PHE G 228 31.62 50.12 -20.98
CA PHE G 228 32.61 49.23 -20.36
C PHE G 228 31.95 48.00 -19.76
N ILE G 229 30.83 48.20 -19.06
CA ILE G 229 30.04 47.12 -18.51
C ILE G 229 29.58 46.14 -19.59
N LYS G 230 29.13 46.63 -20.75
CA LYS G 230 28.71 45.72 -21.81
C LYS G 230 29.87 44.90 -22.38
N PHE G 231 31.08 45.43 -22.34
CA PHE G 231 32.24 44.71 -22.84
C PHE G 231 33.15 44.23 -21.71
N ALA G 232 32.58 43.92 -20.55
CA ALA G 232 33.34 43.38 -19.45
C ALA G 232 33.06 41.91 -19.38
N ARG G 233 34.00 41.17 -18.83
CA ARG G 233 33.96 39.72 -18.84
C ARG G 233 34.96 39.15 -17.86
N VAL G 234 34.67 38.01 -17.27
CA VAL G 234 35.60 37.38 -16.33
C VAL G 234 36.31 36.24 -17.03
N CYS G 235 37.62 36.19 -16.89
CA CYS G 235 38.46 35.12 -17.46
C CYS G 235 39.52 34.73 -16.50
N GLU G 236 40.13 33.58 -16.74
CA GLU G 236 41.20 33.10 -15.88
C GLU G 236 42.51 33.78 -16.24
N VAL G 237 43.14 34.41 -15.27
CA VAL G 237 44.51 34.95 -15.40
C VAL G 237 45.34 34.48 -14.21
N ASP G 238 46.34 33.63 -14.48
CA ASP G 238 47.26 33.13 -13.45
C ASP G 238 46.47 32.49 -12.32
N ASN G 239 45.67 31.46 -12.67
CA ASN G 239 44.93 30.66 -11.68
C ASN G 239 43.94 31.44 -10.81
N GLU G 240 43.37 32.50 -11.35
CA GLU G 240 42.56 33.44 -10.58
C GLU G 240 41.59 34.14 -11.55
N LEU G 241 40.32 34.19 -11.21
CA LEU G 241 39.30 34.77 -12.09
C LEU G 241 39.21 36.30 -11.98
N ARG G 242 39.59 37.05 -13.01
CA ARG G 242 39.55 38.53 -13.00
C ARG G 242 38.70 39.16 -14.08
N ILE G 243 38.30 40.41 -13.86
CA ILE G 243 37.58 41.19 -14.86
C ILE G 243 38.52 41.57 -16.02
N CYS G 244 38.09 41.27 -17.24
CA CYS G 244 38.82 41.65 -18.43
C CYS G 244 37.97 42.50 -19.35
N ALA G 245 38.63 43.38 -20.10
CA ALA G 245 37.95 44.24 -21.08
C ALA G 245 38.26 43.74 -22.47
N ARG G 246 37.43 44.14 -23.42
CA ARG G 246 37.64 43.71 -24.79
C ARG G 246 38.83 44.38 -25.42
N ASP G 247 39.55 43.65 -26.24
CA ASP G 247 40.75 44.18 -26.88
C ASP G 247 40.55 45.57 -27.47
N LYS G 248 39.54 45.76 -28.31
CA LYS G 248 39.37 47.04 -28.99
C LYS G 248 39.09 48.21 -27.99
N GLU G 249 38.56 47.93 -26.80
CA GLU G 249 38.30 48.98 -25.78
C GLU G 249 39.55 49.58 -25.11
N VAL G 250 40.73 49.06 -25.40
CA VAL G 250 41.95 49.54 -24.76
C VAL G 250 42.11 51.05 -24.90
N GLY G 251 41.77 51.58 -26.07
CA GLY G 251 41.77 53.03 -26.30
C GLY G 251 40.93 53.81 -25.30
N ASN G 252 39.71 53.36 -25.07
CA ASN G 252 38.80 53.98 -24.10
C ASN G 252 39.30 53.94 -22.68
N LEU G 253 40.11 52.95 -22.35
CA LEU G 253 40.70 52.87 -21.01
C LEU G 253 41.83 53.87 -20.81
N TYR G 254 42.70 54.06 -21.80
CA TYR G 254 43.69 55.14 -21.71
C TYR G 254 42.95 56.48 -21.58
N ASP G 255 41.83 56.62 -22.27
CA ASP G 255 41.00 57.84 -22.21
C ASP G 255 40.30 58.02 -20.85
N MET G 256 40.06 56.93 -20.14
CA MET G 256 39.49 57.02 -18.80
C MET G 256 40.46 57.72 -17.88
N PHE G 257 41.72 57.29 -17.90
CA PHE G 257 42.70 57.86 -17.00
C PHE G 257 43.09 59.27 -17.43
N HIS G 258 43.02 59.56 -18.73
CA HIS G 258 43.20 60.92 -19.22
C HIS G 258 42.10 61.81 -18.67
N THR G 259 40.85 61.35 -18.76
CA THR G 259 39.72 62.07 -18.20
C THR G 259 39.97 62.38 -16.73
N ARG G 260 40.45 61.40 -15.99
CA ARG G 260 40.72 61.59 -14.58
C ARG G 260 41.73 62.69 -14.34
N ASN G 261 42.89 62.58 -14.98
CA ASN G 261 43.96 63.57 -14.84
C ASN G 261 43.45 64.94 -15.26
N SER G 262 42.66 64.98 -16.33
CA SER G 262 42.03 66.21 -16.77
C SER G 262 41.13 66.85 -15.71
N LEU G 263 40.30 66.07 -15.03
CA LEU G 263 39.48 66.59 -13.94
C LEU G 263 40.31 67.06 -12.74
N HIS G 264 41.47 66.44 -12.52
CA HIS G 264 42.36 66.90 -11.46
C HIS G 264 42.94 68.25 -11.82
N ARG G 265 43.38 68.42 -13.06
CA ARG G 265 43.95 69.68 -13.48
C ARG G 265 42.96 70.80 -13.49
N ARG G 266 41.76 70.54 -13.97
CA ARG G 266 40.81 71.60 -14.12
C ARG G 266 40.16 72.00 -12.82
N ALA G 267 39.80 71.02 -12.00
CA ALA G 267 38.92 71.24 -10.86
C ALA G 267 39.54 70.84 -9.55
N TYR G 268 39.84 69.57 -9.37
CA TYR G 268 40.19 69.07 -8.03
C TYR G 268 41.44 69.72 -7.42
N GLN G 269 42.43 69.99 -8.27
CA GLN G 269 43.68 70.66 -7.89
C GLN G 269 43.73 72.13 -8.35
N HIS G 270 42.58 72.76 -8.59
CA HIS G 270 42.52 74.15 -9.03
C HIS G 270 43.27 75.05 -8.06
N LYS G 271 44.11 75.93 -8.59
CA LYS G 271 45.04 76.70 -7.75
C LYS G 271 44.40 77.46 -6.58
N VAL G 272 43.20 77.99 -6.78
CA VAL G 272 42.47 78.68 -5.72
C VAL G 272 41.67 77.71 -4.86
N GLY G 273 41.15 76.64 -5.45
CA GLY G 273 40.49 75.62 -4.65
C GLY G 273 41.42 75.08 -3.58
N ASN G 274 42.65 74.78 -4.00
CA ASN G 274 43.67 74.29 -3.10
C ASN G 274 44.10 75.31 -2.06
N ILE G 275 44.12 76.59 -2.40
CA ILE G 275 44.52 77.58 -1.39
C ILE G 275 43.40 77.77 -0.37
N ILE G 276 42.15 77.65 -0.80
CA ILE G 276 41.06 77.66 0.17
C ILE G 276 41.12 76.44 1.09
N ASP G 277 41.44 75.28 0.52
CA ASP G 277 41.68 74.10 1.33
C ASP G 277 42.78 74.36 2.36
N THR G 278 43.93 74.88 1.94
CA THR G 278 45.04 75.10 2.90
C THR G 278 44.62 76.12 3.98
N MET G 279 43.80 77.10 3.62
CA MET G 279 43.32 78.10 4.60
C MET G 279 42.33 77.55 5.60
N ILE G 280 41.42 76.71 5.15
CA ILE G 280 40.51 76.03 6.06
C ILE G 280 41.32 75.12 7.00
N THR G 281 42.23 74.34 6.44
CA THR G 281 43.10 73.48 7.21
C THR G 281 43.87 74.27 8.26
N ASP G 282 44.37 75.42 7.85
CA ASP G 282 45.07 76.34 8.74
C ASP G 282 44.19 76.76 9.93
N ALA G 283 42.95 77.10 9.63
CA ALA G 283 41.97 77.50 10.63
C ALA G 283 41.64 76.37 11.57
N PHE G 284 41.49 75.16 11.04
CA PHE G 284 41.25 73.99 11.91
C PHE G 284 42.41 73.81 12.85
N LEU G 285 43.64 73.87 12.34
CA LEU G 285 44.83 73.74 13.19
C LEU G 285 44.82 74.73 14.35
N LYS G 286 44.44 75.99 14.09
CA LYS G 286 44.39 77.01 15.15
C LYS G 286 43.22 76.87 16.11
N ALA G 287 42.16 76.22 15.66
CA ALA G 287 41.02 75.92 16.53
C ALA G 287 41.10 74.55 17.20
N ASP G 288 42.12 73.75 16.90
CA ASP G 288 42.12 72.32 17.30
C ASP G 288 42.09 72.14 18.78
N ASP G 289 42.97 72.90 19.45
CA ASP G 289 43.08 72.93 20.92
C ASP G 289 41.80 73.27 21.65
N TYR G 290 40.93 74.10 21.06
CA TYR G 290 39.80 74.68 21.80
C TYR G 290 38.41 74.13 21.43
N ILE G 291 38.28 73.24 20.45
CA ILE G 291 36.97 72.68 20.12
C ILE G 291 36.85 71.27 20.66
N GLU G 292 35.79 71.05 21.45
CA GLU G 292 35.45 69.74 22.02
C GLU G 292 34.34 69.06 21.24
N ILE G 293 34.46 67.73 21.09
CA ILE G 293 33.42 66.89 20.47
C ILE G 293 33.20 65.67 21.36
N THR G 294 31.95 65.46 21.78
CA THR G 294 31.62 64.40 22.74
C THR G 294 31.57 63.07 22.01
N GLY G 295 32.27 62.09 22.57
CA GLY G 295 32.31 60.75 22.01
C GLY G 295 31.74 59.71 22.96
N ALA G 296 32.29 58.51 22.86
CA ALA G 296 31.78 57.35 23.56
C ALA G 296 32.08 57.50 25.03
N GLY G 297 31.05 57.23 25.84
CA GLY G 297 31.10 57.39 27.29
C GLY G 297 31.28 58.82 27.76
N GLY G 298 30.97 59.79 26.89
CA GLY G 298 31.18 61.19 27.21
C GLY G 298 32.61 61.72 27.19
N LYS G 299 33.62 60.92 26.80
CA LYS G 299 35.01 61.41 26.69
C LYS G 299 35.04 62.57 25.67
N LYS G 300 35.84 63.60 25.92
CA LYS G 300 35.89 64.77 25.02
C LYS G 300 37.06 64.58 24.03
N TYR G 301 36.76 64.75 22.74
CA TYR G 301 37.75 64.62 21.69
C TYR G 301 37.95 65.95 20.97
N ARG G 302 39.17 66.18 20.48
CA ARG G 302 39.50 67.33 19.65
C ARG G 302 39.30 66.94 18.17
N ILE G 303 39.34 67.91 17.27
CA ILE G 303 39.12 67.62 15.85
C ILE G 303 40.12 66.58 15.32
N SER G 304 41.39 66.73 15.67
CA SER G 304 42.42 65.79 15.28
C SER G 304 42.32 64.41 15.91
N THR G 305 41.67 64.29 17.07
CA THR G 305 41.52 63.00 17.77
C THR G 305 40.16 62.32 17.61
N ALA G 306 39.20 62.98 16.96
CA ALA G 306 37.90 62.36 16.73
C ALA G 306 38.01 61.11 15.88
N ILE G 307 39.04 61.03 15.04
CA ILE G 307 39.30 59.81 14.27
C ILE G 307 39.57 58.56 15.12
N ASP G 308 39.99 58.74 16.37
CA ASP G 308 40.20 57.61 17.26
C ASP G 308 38.92 57.00 17.86
N ASP G 309 37.82 57.75 17.85
CA ASP G 309 36.54 57.26 18.38
C ASP G 309 35.37 57.59 17.44
N MET G 310 34.75 56.55 16.90
CA MET G 310 33.76 56.71 15.84
C MET G 310 32.47 57.38 16.24
N GLU G 311 32.12 57.34 17.52
CA GLU G 311 30.93 58.04 17.97
C GLU G 311 31.14 59.55 17.93
N ALA G 312 32.37 59.97 18.22
CA ALA G 312 32.76 61.35 18.08
C ALA G 312 32.85 61.75 16.62
N TYR G 313 33.54 60.94 15.83
CA TYR G 313 33.72 61.20 14.40
C TYR G 313 32.41 61.34 13.65
N THR G 314 31.38 60.65 14.09
CA THR G 314 30.04 60.79 13.53
C THR G 314 29.53 62.25 13.52
N LYS G 315 29.92 63.01 14.56
CA LYS G 315 29.49 64.38 14.73
C LYS G 315 30.45 65.39 14.07
N LEU G 316 31.51 64.91 13.42
CA LEU G 316 32.53 65.78 12.83
C LEU G 316 32.37 65.88 11.33
N THR G 317 31.82 67.01 10.87
CA THR G 317 31.51 67.20 9.45
C THR G 317 31.93 68.61 9.03
N ASP G 318 31.50 69.06 7.84
CA ASP G 318 31.74 70.45 7.38
C ASP G 318 31.15 71.51 8.30
N ASN G 319 30.19 71.14 9.15
CA ASN G 319 29.72 71.97 10.24
C ASN G 319 30.82 72.74 10.92
N ILE G 320 31.92 72.05 11.16
CA ILE G 320 33.01 72.57 11.98
C ILE G 320 33.46 73.95 11.46
N PHE G 321 33.46 74.11 10.13
CA PHE G 321 33.76 75.37 9.47
C PHE G 321 32.87 76.48 10.03
N LEU G 322 31.57 76.27 9.98
CA LEU G 322 30.61 77.27 10.44
C LEU G 322 30.61 77.45 11.96
N GLU G 323 30.90 76.38 12.70
CA GLU G 323 30.98 76.48 14.16
C GLU G 323 32.11 77.45 14.52
N ILE G 324 33.25 77.30 13.86
CA ILE G 324 34.39 78.22 14.01
C ILE G 324 34.01 79.62 13.57
N LEU G 325 33.38 79.75 12.41
CA LEU G 325 33.02 81.06 11.85
C LEU G 325 32.06 81.86 12.71
N TYR G 326 31.05 81.19 13.25
CA TYR G 326 30.03 81.85 14.05
C TYR G 326 30.41 82.04 15.52
N SER G 327 31.51 81.43 15.97
CA SER G 327 31.85 81.44 17.39
C SER G 327 32.20 82.81 17.91
N THR G 328 32.08 82.94 19.23
CA THR G 328 32.48 84.16 19.96
C THR G 328 33.59 83.96 21.00
N ASP G 329 33.99 82.71 21.25
CA ASP G 329 35.07 82.40 22.20
C ASP G 329 36.36 83.14 21.76
N PRO G 330 36.95 83.96 22.66
CA PRO G 330 38.22 84.60 22.31
C PRO G 330 39.39 83.64 21.95
N LYS G 331 39.34 82.39 22.43
CA LYS G 331 40.36 81.40 22.09
C LYS G 331 40.31 81.00 20.62
N LEU G 332 39.15 81.10 20.00
CA LEU G 332 38.98 80.81 18.56
C LEU G 332 39.20 82.01 17.64
N LYS G 333 39.49 83.21 18.16
CA LYS G 333 39.62 84.43 17.33
C LYS G 333 40.63 84.27 16.20
N ASP G 334 41.76 83.63 16.46
CA ASP G 334 42.77 83.35 15.42
C ASP G 334 42.21 82.51 14.27
N ALA G 335 41.52 81.43 14.62
CA ALA G 335 40.94 80.55 13.61
C ALA G 335 39.78 81.22 12.87
N ARG G 336 38.91 81.90 13.61
CA ARG G 336 37.79 82.61 13.03
C ARG G 336 38.22 83.71 12.07
N GLU G 337 39.35 84.35 12.32
CA GLU G 337 39.84 85.42 11.43
C GLU G 337 40.25 84.90 10.06
N ILE G 338 40.82 83.70 10.01
CA ILE G 338 41.20 83.10 8.77
C ILE G 338 39.95 82.83 7.94
N LEU G 339 38.97 82.17 8.55
CA LEU G 339 37.74 81.88 7.84
C LEU G 339 37.02 83.14 7.39
N LYS G 340 37.08 84.20 8.19
CA LYS G 340 36.50 85.47 7.76
C LYS G 340 37.24 86.07 6.55
N GLN G 341 38.55 85.87 6.45
CA GLN G 341 39.30 86.30 5.26
C GLN G 341 38.90 85.53 4.00
N ILE G 342 38.39 84.31 4.15
CA ILE G 342 37.86 83.56 3.01
C ILE G 342 36.51 84.13 2.52
N GLU G 343 35.70 84.65 3.45
CA GLU G 343 34.42 85.28 3.09
C GLU G 343 34.70 86.51 2.23
N TYR G 344 35.54 87.39 2.76
CA TYR G 344 35.92 88.63 2.08
C TYR G 344 36.85 88.42 0.88
N ARG G 345 37.37 87.21 0.70
CA ARG G 345 38.17 86.85 -0.48
C ARG G 345 39.57 87.46 -0.44
N ASN G 346 40.11 87.67 0.76
CA ASN G 346 41.53 88.00 0.96
C ASN G 346 42.30 86.72 1.08
N LEU G 347 42.43 86.05 -0.05
CA LEU G 347 43.08 84.78 -0.11
C LEU G 347 44.55 85.01 -0.31
N PHE G 348 45.32 84.02 0.10
CA PHE G 348 46.75 84.01 -0.15
C PHE G 348 46.94 84.06 -1.67
N LYS G 349 47.94 84.83 -2.13
CA LYS G 349 48.07 85.12 -3.55
C LYS G 349 48.93 84.10 -4.28
N TYR G 350 48.48 83.72 -5.47
CA TYR G 350 49.19 82.74 -6.30
C TYR G 350 50.33 83.45 -6.96
N VAL G 351 51.52 82.87 -6.86
CA VAL G 351 52.71 83.47 -7.49
C VAL G 351 53.01 82.80 -8.83
N GLY G 352 53.00 81.46 -8.84
CA GLY G 352 53.25 80.70 -10.06
C GLY G 352 53.37 79.21 -9.87
N GLU G 353 53.55 78.51 -10.99
CA GLU G 353 53.58 77.06 -11.00
C GLU G 353 54.87 76.65 -11.69
N THR G 354 55.40 75.50 -11.28
CA THR G 354 56.59 74.94 -11.92
C THR G 354 56.66 73.42 -11.67
N GLN G 355 57.55 72.77 -12.43
CA GLN G 355 57.76 71.34 -12.37
C GLN G 355 59.24 71.03 -12.29
N PRO G 356 59.61 69.87 -11.70
CA PRO G 356 60.99 69.41 -11.84
C PRO G 356 61.31 68.97 -13.28
N THR G 357 62.60 68.87 -13.59
CA THR G 357 63.03 68.41 -14.91
C THR G 357 63.84 67.14 -14.76
N GLY G 358 64.07 66.47 -15.88
CA GLY G 358 64.71 65.15 -15.91
C GLY G 358 63.84 64.09 -15.25
N GLN G 359 64.44 63.32 -14.33
CA GLN G 359 63.71 62.40 -13.46
C GLN G 359 64.09 62.70 -11.98
N ILE G 360 63.85 63.95 -11.54
CA ILE G 360 64.02 64.36 -10.12
C ILE G 360 62.63 64.35 -9.42
N LYS G 361 62.33 63.36 -8.56
CA LYS G 361 61.10 63.44 -7.71
C LYS G 361 61.49 64.25 -6.46
N ILE G 362 60.55 65.03 -5.94
CA ILE G 362 60.73 65.73 -4.67
C ILE G 362 60.13 64.89 -3.53
N LYS G 363 60.98 64.38 -2.63
CA LYS G 363 60.55 63.48 -1.54
C LYS G 363 59.58 64.22 -0.57
N ARG G 364 58.55 63.51 -0.06
CA ARG G 364 57.51 64.12 0.82
C ARG G 364 58.09 64.67 2.15
N GLU G 365 59.11 63.99 2.69
CA GLU G 365 60.03 64.53 3.74
C GLU G 365 60.52 66.00 3.51
N ASP G 366 60.83 66.38 2.27
CA ASP G 366 61.38 67.73 1.97
C ASP G 366 60.34 68.87 1.82
N TYR G 367 59.04 68.57 1.85
CA TYR G 367 58.00 69.59 1.66
C TYR G 367 58.09 70.73 2.71
N GLU G 368 58.29 70.37 3.99
CA GLU G 368 58.47 71.34 5.10
C GLU G 368 59.56 72.37 4.77
N SER G 369 60.65 71.92 4.13
CA SER G 369 61.85 72.77 3.85
C SER G 369 61.76 73.78 2.69
N LEU G 370 60.76 73.64 1.81
CA LEU G 370 60.75 74.41 0.53
C LEU G 370 60.45 75.91 0.67
N PRO G 371 59.55 76.32 1.60
CA PRO G 371 59.41 77.76 1.82
C PRO G 371 60.73 78.45 2.23
N LYS G 372 61.52 77.81 3.12
CA LYS G 372 62.85 78.30 3.50
C LYS G 372 63.68 78.56 2.25
N GLU G 373 63.64 77.63 1.29
CA GLU G 373 64.42 77.75 0.05
C GLU G 373 64.04 78.92 -0.84
N VAL G 374 62.74 79.21 -0.95
CA VAL G 374 62.26 80.27 -1.83
C VAL G 374 62.76 81.62 -1.31
N ALA G 375 62.57 81.88 -0.02
CA ALA G 375 63.08 83.13 0.61
C ALA G 375 64.60 83.26 0.57
N SER G 376 65.30 82.13 0.58
CA SER G 376 66.76 82.09 0.51
C SER G 376 67.32 82.55 -0.83
N ALA G 377 66.55 82.39 -1.91
CA ALA G 377 67.04 82.78 -3.24
C ALA G 377 67.49 84.26 -3.26
N VAL G 385 61.52 95.30 -0.27
CA VAL G 385 61.00 94.49 0.82
C VAL G 385 61.66 93.09 0.78
N LYS G 386 62.35 92.70 1.87
CA LYS G 386 62.74 91.32 2.08
C LYS G 386 61.50 90.53 2.58
N LEU G 387 61.36 89.27 2.18
CA LEU G 387 60.28 88.36 2.67
C LEU G 387 60.86 87.15 3.41
N LYS G 388 60.34 86.85 4.62
CA LYS G 388 60.78 85.69 5.41
C LYS G 388 60.07 84.40 4.92
N ALA G 389 60.61 83.25 5.29
CA ALA G 389 60.12 81.93 4.81
C ALA G 389 58.68 81.61 5.17
N GLU G 390 58.26 82.04 6.37
CA GLU G 390 56.87 81.83 6.81
C GLU G 390 55.84 82.60 5.96
N ASP G 391 56.29 83.53 5.11
CA ASP G 391 55.42 84.26 4.17
C ASP G 391 55.03 83.44 2.93
N PHE G 392 55.81 82.41 2.61
CA PHE G 392 55.59 81.57 1.44
C PHE G 392 54.90 80.25 1.78
N ILE G 393 54.01 79.81 0.89
CA ILE G 393 53.43 78.47 0.92
C ILE G 393 53.85 77.77 -0.36
N VAL G 394 54.44 76.59 -0.22
CA VAL G 394 54.77 75.76 -1.36
C VAL G 394 53.94 74.51 -1.24
N ASP G 395 53.25 74.16 -2.31
CA ASP G 395 52.28 73.08 -2.33
C ASP G 395 52.77 72.14 -3.43
N VAL G 396 53.10 70.91 -3.09
CA VAL G 396 53.56 69.96 -4.09
C VAL G 396 52.47 68.93 -4.34
N ILE G 397 52.14 68.72 -5.61
CA ILE G 397 50.98 67.93 -6.00
C ILE G 397 51.42 66.86 -6.97
N ASN G 398 51.08 65.61 -6.67
CA ASN G 398 51.44 64.50 -7.57
C ASN G 398 50.29 64.26 -8.49
N MET G 399 50.54 64.25 -9.79
CA MET G 399 49.54 63.90 -10.79
C MET G 399 49.99 62.61 -11.44
N ASP G 400 49.12 61.61 -11.46
CA ASP G 400 49.47 60.29 -12.02
C ASP G 400 48.27 59.61 -12.65
N TYR G 401 48.47 58.36 -13.08
CA TYR G 401 47.37 57.51 -13.55
C TYR G 401 46.98 56.48 -12.46
N GLY G 402 47.09 56.89 -11.20
CA GLY G 402 46.57 56.14 -10.08
C GLY G 402 47.51 55.08 -9.57
N MET G 403 48.71 54.96 -10.11
CA MET G 403 49.63 53.90 -9.69
C MET G 403 51.05 54.40 -9.77
N GLN G 404 51.29 55.53 -9.12
CA GLN G 404 52.59 56.21 -9.19
C GLN G 404 53.09 56.16 -10.65
N GLU G 405 54.33 55.70 -10.85
CA GLU G 405 55.02 55.79 -12.11
C GLU G 405 54.54 54.79 -13.16
N LYS G 406 53.71 53.84 -12.75
CA LYS G 406 53.26 52.76 -13.62
C LYS G 406 52.05 53.12 -14.50
N ASN G 407 52.03 52.47 -15.67
CA ASN G 407 50.93 52.51 -16.61
C ASN G 407 49.91 51.48 -16.15
N PRO G 408 48.70 51.92 -15.74
CA PRO G 408 47.74 50.95 -15.24
C PRO G 408 47.22 50.02 -16.31
N ILE G 409 47.28 50.42 -17.57
CA ILE G 409 46.81 49.56 -18.64
C ILE G 409 47.72 48.34 -18.82
N ASP G 410 48.98 48.46 -18.43
CA ASP G 410 49.87 47.29 -18.34
C ASP G 410 49.39 46.29 -17.29
N HIS G 411 48.53 46.70 -16.36
CA HIS G 411 47.89 45.80 -15.39
C HIS G 411 46.38 45.52 -15.67
N VAL G 412 45.97 45.56 -16.93
CA VAL G 412 44.62 45.20 -17.34
C VAL G 412 44.74 43.95 -18.20
N SER G 413 43.70 43.12 -18.12
CA SER G 413 43.63 41.92 -18.93
C SER G 413 42.52 42.09 -19.97
N PHE G 414 42.75 41.55 -21.16
CA PHE G 414 41.88 41.76 -22.30
C PHE G 414 41.42 40.45 -22.89
N TYR G 415 40.31 40.46 -23.64
CA TYR G 415 39.89 39.28 -24.41
C TYR G 415 39.57 39.63 -25.86
N CYS G 416 39.63 38.66 -26.77
CA CYS G 416 39.32 38.88 -28.19
C CYS G 416 37.99 38.33 -28.57
N LYS G 417 37.43 38.83 -29.68
CA LYS G 417 36.11 38.37 -30.12
C LYS G 417 36.13 36.89 -30.43
N THR G 418 37.17 36.44 -31.11
CA THR G 418 37.31 35.06 -31.54
C THR G 418 37.54 34.05 -30.42
N ALA G 419 37.91 34.50 -29.21
CA ALA G 419 38.13 33.62 -28.06
C ALA G 419 37.91 34.38 -26.77
N PRO G 420 36.65 34.49 -26.37
CA PRO G 420 36.28 35.35 -25.26
C PRO G 420 36.59 34.83 -23.86
N ASN G 421 37.11 33.62 -23.72
CA ASN G 421 37.58 33.13 -22.42
C ASN G 421 39.08 33.18 -22.25
N ARG G 422 39.81 33.49 -23.32
CA ARG G 422 41.27 33.57 -23.27
C ARG G 422 41.72 35.00 -23.06
N ALA G 423 42.31 35.24 -21.90
CA ALA G 423 42.84 36.54 -21.53
C ALA G 423 44.19 36.77 -22.20
N ILE G 424 44.53 38.03 -22.39
CA ILE G 424 45.79 38.46 -22.99
C ILE G 424 46.23 39.78 -22.40
N ARG G 425 47.41 40.25 -22.81
CA ARG G 425 47.93 41.57 -22.43
C ARG G 425 48.05 42.44 -23.68
N ILE G 426 47.96 43.74 -23.48
CA ILE G 426 48.20 44.68 -24.56
C ILE G 426 49.23 45.72 -24.03
N THR G 427 50.37 45.81 -24.71
CA THR G 427 51.44 46.75 -24.34
C THR G 427 51.12 48.16 -24.82
N LYS G 428 51.98 49.13 -24.52
CA LYS G 428 51.76 50.49 -25.00
C LYS G 428 52.02 50.63 -26.53
N ASN G 429 53.05 49.96 -27.02
CA ASN G 429 53.41 49.91 -28.45
C ASN G 429 52.24 49.47 -29.35
N GLN G 430 51.56 48.42 -28.86
CA GLN G 430 50.44 47.81 -29.54
C GLN G 430 49.22 48.72 -29.70
N VAL G 431 49.17 49.89 -29.02
CA VAL G 431 48.01 50.78 -29.09
C VAL G 431 48.16 52.05 -29.94
N SER G 432 49.16 52.87 -29.59
CA SER G 432 49.29 54.19 -30.24
C SER G 432 50.59 54.89 -29.86
N GLN G 433 51.16 55.62 -30.81
CA GLN G 433 52.33 56.45 -30.56
C GLN G 433 51.95 57.77 -29.85
N LEU G 434 50.67 58.15 -29.86
CA LEU G 434 50.25 59.44 -29.32
C LEU G 434 49.85 59.40 -27.84
N LEU G 435 50.17 58.31 -27.16
CA LEU G 435 49.85 58.19 -25.74
C LEU G 435 50.94 58.84 -24.92
N PRO G 436 50.71 59.01 -23.61
CA PRO G 436 51.71 59.64 -22.76
C PRO G 436 53.02 58.90 -22.68
N GLU G 437 54.11 59.64 -22.51
CA GLU G 437 55.47 59.07 -22.40
C GLU G 437 55.71 58.60 -20.95
N LYS G 438 55.34 59.45 -19.97
CA LYS G 438 55.38 59.12 -18.55
C LYS G 438 53.97 59.04 -18.01
N PHE G 439 53.80 58.56 -16.78
CA PHE G 439 52.47 58.46 -16.15
C PHE G 439 52.40 59.08 -14.77
N ALA G 440 53.32 59.99 -14.49
CA ALA G 440 53.42 60.61 -13.18
C ALA G 440 54.29 61.85 -13.30
N GLU G 441 53.86 62.91 -12.63
CA GLU G 441 54.63 64.13 -12.56
C GLU G 441 54.31 64.84 -11.27
N GLN G 442 55.05 65.91 -11.01
CA GLN G 442 54.78 66.77 -9.87
C GLN G 442 54.48 68.18 -10.33
N LEU G 443 53.59 68.85 -9.60
CA LEU G 443 53.35 70.28 -9.77
C LEU G 443 53.69 70.97 -8.49
N ILE G 444 54.41 72.08 -8.61
CA ILE G 444 54.81 72.88 -7.47
C ILE G 444 54.21 74.25 -7.64
N ARG G 445 53.22 74.57 -6.80
CA ARG G 445 52.61 75.89 -6.74
C ARG G 445 53.24 76.64 -5.59
N VAL G 446 53.48 77.93 -5.78
CA VAL G 446 53.96 78.81 -4.74
C VAL G 446 52.93 79.93 -4.56
N TYR G 447 52.50 80.16 -3.33
CA TYR G 447 51.63 81.28 -3.03
C TYR G 447 52.35 82.16 -2.03
N CYS G 448 51.90 83.41 -1.87
CA CYS G 448 52.46 84.34 -0.87
C CYS G 448 51.37 84.82 0.10
N LYS G 449 51.64 84.69 1.40
CA LYS G 449 50.65 85.10 2.43
C LYS G 449 50.49 86.61 2.55
N LYS G 450 51.47 87.41 2.14
CA LYS G 450 51.34 88.88 2.10
C LYS G 450 50.69 89.33 0.77
N VAL G 451 49.58 90.06 0.88
CA VAL G 451 48.69 90.30 -0.27
C VAL G 451 49.06 91.54 -1.12
N ASP G 452 49.59 92.60 -0.48
CA ASP G 452 49.85 93.90 -1.13
C ASP G 452 50.71 93.90 -2.42
N ARG G 453 50.58 94.96 -3.20
CA ARG G 453 51.24 95.09 -4.51
C ARG G 453 52.77 94.91 -4.41
N LYS G 454 53.42 95.54 -3.41
CA LYS G 454 54.90 95.51 -3.27
C LYS G 454 55.41 94.10 -2.91
N SER G 455 54.77 93.40 -1.96
CA SER G 455 55.17 92.03 -1.55
C SER G 455 55.00 90.99 -2.65
N LEU G 456 53.93 91.14 -3.42
CA LEU G 456 53.62 90.21 -4.48
C LEU G 456 54.68 90.29 -5.58
N TYR G 457 55.11 91.49 -5.94
CA TYR G 457 56.20 91.66 -6.90
C TYR G 457 57.49 90.98 -6.41
N ALA G 458 57.81 91.18 -5.14
CA ALA G 458 59.00 90.58 -4.56
C ALA G 458 58.92 89.07 -4.59
N ALA G 459 57.76 88.56 -4.19
CA ALA G 459 57.51 87.12 -4.16
C ALA G 459 57.74 86.49 -5.53
N ARG G 460 57.27 87.16 -6.58
CA ARG G 460 57.51 86.73 -7.96
C ARG G 460 58.98 86.62 -8.29
N GLN G 461 59.77 87.61 -7.87
CA GLN G 461 61.20 87.60 -8.13
C GLN G 461 61.89 86.43 -7.39
N TYR G 462 61.61 86.29 -6.10
CA TYR G 462 62.09 85.14 -5.34
C TYR G 462 61.74 83.82 -6.02
N PHE G 463 60.47 83.69 -6.43
CA PHE G 463 60.00 82.44 -7.01
C PHE G 463 60.70 82.10 -8.32
N VAL G 464 60.73 83.06 -9.26
CA VAL G 464 61.29 82.78 -10.59
C VAL G 464 62.79 82.47 -10.49
N GLN G 465 63.46 83.09 -9.52
CA GLN G 465 64.86 82.81 -9.25
C GLN G 465 65.03 81.41 -8.68
N TRP G 466 64.23 81.07 -7.68
CA TRP G 466 64.22 79.72 -7.11
C TRP G 466 64.07 78.63 -8.17
N CYS G 467 63.23 78.90 -9.17
CA CYS G 467 63.05 77.99 -10.32
C CYS G 467 64.37 77.85 -11.08
N ALA G 468 65.00 78.96 -11.42
CA ALA G 468 66.30 78.93 -12.09
C ALA G 468 67.35 78.21 -11.24
N ASP G 469 67.39 78.54 -9.95
CA ASP G 469 68.34 77.95 -9.00
C ASP G 469 68.23 76.42 -8.94
N ARG G 470 67.02 75.86 -8.94
CA ARG G 470 66.87 74.40 -8.84
C ARG G 470 66.66 73.68 -10.18
N ASN G 471 66.92 74.40 -11.27
CA ASN G 471 66.77 73.88 -12.64
C ASN G 471 65.38 73.29 -12.90
N PHE G 472 64.36 74.02 -12.43
CA PHE G 472 62.96 73.71 -12.69
C PHE G 472 62.52 74.37 -13.99
N THR G 473 61.33 73.99 -14.47
CA THR G 473 60.79 74.54 -15.72
C THR G 473 60.51 76.00 -15.53
N LYS G 474 60.65 76.74 -16.62
CA LYS G 474 60.36 78.18 -16.62
C LYS G 474 58.85 78.36 -16.40
N PRO G 475 58.47 79.21 -15.43
CA PRO G 475 57.04 79.51 -15.29
C PRO G 475 56.46 80.05 -16.58
N GLN G 476 55.23 79.62 -16.93
CA GLN G 476 54.57 80.02 -18.19
C GLN G 476 54.57 81.53 -18.38
N ASP G 477 54.21 82.24 -17.31
CA ASP G 477 54.17 83.72 -17.26
C ASP G 477 55.50 84.39 -16.89
N GLY G 478 56.58 83.64 -16.92
CA GLY G 478 57.81 84.05 -16.26
C GLY G 478 58.46 85.28 -16.84
N ASP G 479 58.41 85.40 -18.15
CA ASP G 479 58.97 86.55 -18.86
C ASP G 479 58.28 87.86 -18.48
N VAL G 480 57.01 87.78 -18.12
CA VAL G 480 56.21 88.95 -17.78
C VAL G 480 56.38 89.32 -16.32
N ILE G 481 56.16 88.36 -15.41
CA ILE G 481 56.22 88.62 -13.96
C ILE G 481 57.60 88.91 -13.41
N ALA G 482 58.64 88.38 -14.04
CA ALA G 482 60.03 88.58 -13.62
C ALA G 482 60.93 88.74 -14.85
N PRO G 483 60.77 89.84 -15.58
CA PRO G 483 61.48 90.02 -16.85
C PRO G 483 62.98 90.17 -16.71
N LEU G 484 63.41 90.64 -15.53
CA LEU G 484 64.83 90.80 -15.24
C LEU G 484 65.54 89.51 -14.84
N ILE G 485 64.80 88.45 -14.51
CA ILE G 485 65.40 87.20 -14.05
C ILE G 485 65.51 86.12 -15.13
N THR G 486 64.54 86.06 -16.05
CA THR G 486 64.51 84.99 -17.06
C THR G 486 65.68 84.96 -18.07
N PRO G 487 66.28 86.10 -18.40
CA PRO G 487 67.55 85.98 -19.17
C PRO G 487 68.72 85.35 -18.43
N THR H 8 39.08 94.23 -11.86
CA THR H 8 38.49 93.83 -13.19
C THR H 8 37.49 92.59 -13.17
N MET H 9 36.82 92.46 -14.31
CA MET H 9 35.80 91.44 -14.62
C MET H 9 36.27 90.09 -14.17
N LYS H 10 35.32 89.29 -13.74
CA LYS H 10 35.62 87.96 -13.26
C LYS H 10 34.70 86.95 -13.93
N VAL H 11 35.28 85.85 -14.39
CA VAL H 11 34.53 84.83 -15.09
C VAL H 11 34.32 83.72 -14.10
N ILE H 12 33.13 83.14 -14.13
CA ILE H 12 32.73 82.12 -13.16
C ILE H 12 31.87 81.07 -13.85
N ASN H 13 32.12 79.79 -13.57
CA ASN H 13 31.51 78.67 -14.30
C ASN H 13 30.36 77.99 -13.54
N ASP H 14 29.17 78.34 -14.00
CA ASP H 14 27.92 77.79 -13.48
C ASP H 14 27.52 76.64 -14.37
N PRO H 15 27.07 75.52 -13.79
CA PRO H 15 26.67 74.40 -14.65
C PRO H 15 25.39 74.64 -15.43
N ILE H 16 24.53 75.56 -14.98
CA ILE H 16 23.33 75.86 -15.70
C ILE H 16 23.62 76.83 -16.83
N HIS H 17 24.29 77.94 -16.53
CA HIS H 17 24.42 79.03 -17.49
C HIS H 17 25.74 79.10 -18.22
N GLY H 18 26.72 78.33 -17.76
CA GLY H 18 28.03 78.31 -18.39
C GLY H 18 28.93 79.37 -17.78
N HIS H 19 29.87 79.89 -18.57
CA HIS H 19 30.78 80.89 -18.08
C HIS H 19 30.11 82.24 -18.13
N ILE H 20 29.95 82.87 -16.97
CA ILE H 20 29.30 84.17 -16.90
C ILE H 20 30.28 85.18 -16.39
N GLU H 21 30.13 86.44 -16.82
CA GLU H 21 31.00 87.52 -16.37
C GLU H 21 30.34 88.29 -15.23
N LEU H 22 31.13 88.60 -14.23
CA LEU H 22 30.69 89.42 -13.12
C LEU H 22 31.49 90.69 -13.11
N HIS H 23 30.79 91.80 -13.31
CA HIS H 23 31.37 93.14 -13.20
C HIS H 23 31.94 93.35 -11.77
N PRO H 24 33.07 94.05 -11.65
CA PRO H 24 33.75 94.19 -10.35
C PRO H 24 32.88 94.63 -9.19
N LEU H 25 31.97 95.56 -9.45
CA LEU H 25 30.97 95.97 -8.46
C LEU H 25 30.19 94.79 -7.93
N LEU H 26 29.79 93.87 -8.81
CA LEU H 26 29.06 92.68 -8.39
C LEU H 26 29.94 91.77 -7.57
N VAL H 27 31.17 91.57 -8.00
CA VAL H 27 32.14 90.76 -7.25
C VAL H 27 32.26 91.27 -5.84
N ARG H 28 32.28 92.58 -5.70
CA ARG H 28 32.47 93.23 -4.42
C ARG H 28 31.31 93.02 -3.48
N ILE H 29 30.10 93.01 -4.03
CA ILE H 29 28.89 92.68 -3.30
C ILE H 29 28.87 91.20 -2.93
N ILE H 30 29.25 90.35 -3.87
CA ILE H 30 29.30 88.90 -3.67
C ILE H 30 30.25 88.50 -2.55
N ASP H 31 31.42 89.13 -2.48
CA ASP H 31 32.44 88.77 -1.47
C ASP H 31 32.24 89.52 -0.14
N THR H 32 31.11 89.22 0.49
CA THR H 32 30.70 89.81 1.74
C THR H 32 30.00 88.73 2.56
N PRO H 33 30.12 88.78 3.90
CA PRO H 33 29.46 87.76 4.70
C PRO H 33 27.98 87.63 4.45
N GLN H 34 27.31 88.72 4.10
CA GLN H 34 25.85 88.74 3.97
C GLN H 34 25.38 87.96 2.74
N PHE H 35 26.22 87.96 1.71
CA PHE H 35 25.95 87.24 0.48
C PHE H 35 26.48 85.83 0.56
N GLN H 36 27.70 85.63 1.03
CA GLN H 36 28.28 84.27 1.10
C GLN H 36 27.49 83.38 2.06
N ARG H 37 26.79 83.99 3.00
CA ARG H 37 25.81 83.31 3.82
C ARG H 37 24.89 82.38 3.03
N LEU H 38 24.53 82.76 1.82
CA LEU H 38 23.65 81.94 1.00
C LEU H 38 24.24 80.62 0.55
N ARG H 39 25.56 80.43 0.67
CA ARG H 39 26.16 79.10 0.45
C ARG H 39 25.68 78.07 1.44
N TYR H 40 25.20 78.50 2.60
CA TYR H 40 24.83 77.58 3.67
C TYR H 40 23.31 77.52 3.89
N ILE H 41 22.52 77.83 2.86
CA ILE H 41 21.06 77.70 2.90
C ILE H 41 20.58 76.96 1.66
N LYS H 42 19.95 75.80 1.84
CA LYS H 42 19.54 74.95 0.72
C LYS H 42 18.30 75.49 0.02
N GLN H 43 18.29 75.36 -1.31
CA GLN H 43 17.26 75.96 -2.16
C GLN H 43 15.90 75.38 -1.85
N LEU H 44 15.85 74.04 -1.84
CA LEU H 44 14.63 73.30 -1.69
C LEU H 44 14.34 72.84 -0.28
N GLY H 45 15.00 73.42 0.72
CA GLY H 45 14.78 73.08 2.13
C GLY H 45 14.93 71.61 2.36
N GLY H 46 13.90 71.03 2.97
CA GLY H 46 13.86 69.57 3.17
C GLY H 46 13.86 68.68 1.95
N GLY H 47 13.66 69.23 0.76
CA GLY H 47 13.65 68.43 -0.46
C GLY H 47 14.88 67.60 -0.68
N TYR H 48 16.04 68.05 -0.21
CA TYR H 48 17.26 67.23 -0.28
C TYR H 48 17.08 65.86 0.40
N TYR H 49 16.22 65.78 1.40
CA TYR H 49 16.00 64.52 2.11
C TYR H 49 15.06 63.57 1.36
N VAL H 50 14.52 64.01 0.23
CA VAL H 50 13.76 63.17 -0.69
C VAL H 50 14.41 63.07 -2.09
N PHE H 51 14.93 64.16 -2.62
CA PHE H 51 15.66 64.15 -3.88
C PHE H 51 17.14 64.33 -3.55
N PRO H 52 17.92 63.26 -3.49
CA PRO H 52 19.30 63.40 -3.05
C PRO H 52 20.18 64.20 -4.01
N GLY H 53 19.69 64.56 -5.18
CA GLY H 53 20.42 65.47 -6.04
C GLY H 53 20.45 66.91 -5.55
N ALA H 54 19.39 67.31 -4.82
CA ALA H 54 19.04 68.71 -4.49
C ALA H 54 19.77 69.36 -3.30
N SER H 55 21.08 69.11 -3.30
CA SER H 55 22.08 69.75 -2.44
C SER H 55 22.27 71.24 -2.67
N HIS H 56 21.79 71.74 -3.82
CA HIS H 56 22.01 73.11 -4.25
C HIS H 56 21.45 74.14 -3.28
N ASN H 57 22.23 75.22 -3.16
CA ASN H 57 22.00 76.31 -2.25
C ASN H 57 21.61 77.62 -2.94
N ARG H 58 21.12 78.56 -2.16
CA ARG H 58 20.71 79.87 -2.66
C ARG H 58 21.79 80.70 -3.32
N PHE H 59 23.04 80.54 -2.87
CA PHE H 59 24.19 81.24 -3.45
C PHE H 59 24.18 81.17 -4.95
N GLU H 60 24.23 79.96 -5.46
CA GLU H 60 24.38 79.74 -6.88
C GLU H 60 23.14 80.13 -7.69
N HIS H 61 21.95 79.98 -7.11
CA HIS H 61 20.70 80.51 -7.69
C HIS H 61 20.78 82.02 -7.79
N SER H 62 21.23 82.64 -6.70
CA SER H 62 21.33 84.07 -6.63
C SER H 62 22.26 84.57 -7.77
N LEU H 63 23.41 83.97 -7.97
CA LEU H 63 24.27 84.35 -9.11
C LEU H 63 23.54 84.26 -10.44
N GLY H 64 22.85 83.16 -10.65
CA GLY H 64 22.17 82.91 -11.91
C GLY H 64 21.05 83.88 -12.20
N VAL H 65 20.33 84.30 -11.17
CA VAL H 65 19.26 85.29 -11.34
C VAL H 65 19.86 86.61 -11.73
N GLY H 66 20.95 86.95 -11.07
CA GLY H 66 21.72 88.13 -11.43
C GLY H 66 22.14 88.11 -12.87
N TYR H 67 22.66 86.97 -13.32
CA TYR H 67 23.14 86.83 -14.67
C TYR H 67 22.04 87.00 -15.69
N LEU H 68 20.93 86.30 -15.48
CA LEU H 68 19.79 86.35 -16.38
C LEU H 68 19.11 87.68 -16.39
N ALA H 69 19.06 88.35 -15.25
CA ALA H 69 18.57 89.73 -15.21
C ALA H 69 19.37 90.59 -16.20
N GLY H 70 20.69 90.44 -16.16
CA GLY H 70 21.59 91.08 -17.10
C GLY H 70 21.30 90.73 -18.53
N CYS H 71 21.07 89.47 -18.84
CA CYS H 71 20.81 89.07 -20.23
C CYS H 71 19.59 89.72 -20.79
N LEU H 72 18.52 89.76 -20.01
CA LEU H 72 17.25 90.25 -20.51
C LEU H 72 17.33 91.74 -20.73
N VAL H 73 17.80 92.48 -19.74
CA VAL H 73 17.89 93.94 -19.88
C VAL H 73 18.88 94.32 -20.98
N HIS H 74 19.98 93.60 -21.07
CA HIS H 74 20.99 93.86 -22.09
C HIS H 74 20.43 93.60 -23.51
N ALA H 75 19.67 92.53 -23.66
CA ALA H 75 19.06 92.19 -24.93
C ALA H 75 18.02 93.20 -25.34
N LEU H 76 17.16 93.62 -24.43
CA LEU H 76 16.16 94.61 -24.74
C LEU H 76 16.82 95.87 -25.29
N GLY H 77 17.98 96.22 -24.73
CA GLY H 77 18.76 97.39 -25.13
C GLY H 77 19.39 97.33 -26.50
N GLU H 78 19.93 96.17 -26.87
CA GLU H 78 20.45 95.96 -28.24
C GLU H 78 19.34 96.10 -29.26
N LYS H 79 18.25 95.35 -29.09
CA LYS H 79 17.11 95.34 -30.01
C LYS H 79 16.43 96.72 -30.10
N GLN H 80 16.40 97.53 -29.03
CA GLN H 80 15.69 98.83 -29.01
C GLN H 80 16.50 99.94 -28.31
N PRO H 81 17.42 100.58 -29.04
CA PRO H 81 18.19 101.68 -28.46
C PRO H 81 17.33 102.83 -27.95
N GLU H 82 16.22 103.12 -28.61
CA GLU H 82 15.30 104.20 -28.21
C GLU H 82 14.93 104.22 -26.73
N LEU H 83 14.94 103.05 -26.08
CA LEU H 83 14.63 102.93 -24.66
C LEU H 83 15.65 103.60 -23.71
N GLN H 84 16.87 103.79 -24.21
CA GLN H 84 17.96 104.47 -23.51
C GLN H 84 18.28 103.79 -22.20
N ILE H 85 18.59 102.51 -22.31
CA ILE H 85 18.97 101.70 -21.19
C ILE H 85 20.46 101.94 -21.03
N SER H 86 20.90 102.50 -19.90
CA SER H 86 22.31 102.78 -19.62
C SER H 86 22.98 101.62 -18.94
N GLU H 87 24.34 101.56 -18.98
CA GLU H 87 25.05 100.49 -18.25
C GLU H 87 24.86 100.63 -16.74
N ARG H 88 24.47 101.82 -16.32
CA ARG H 88 24.02 102.03 -14.96
C ARG H 88 22.72 101.26 -14.66
N ASP H 89 21.75 101.36 -15.55
CA ASP H 89 20.51 100.58 -15.43
C ASP H 89 20.81 99.09 -15.37
N VAL H 90 21.73 98.64 -16.22
CA VAL H 90 22.04 97.23 -16.30
C VAL H 90 22.64 96.73 -15.00
N LEU H 91 23.64 97.42 -14.48
CA LEU H 91 24.22 97.07 -13.19
C LEU H 91 23.18 97.01 -12.08
N CYS H 92 22.30 98.01 -12.03
CA CYS H 92 21.26 98.03 -11.00
C CYS H 92 20.32 96.85 -11.10
N VAL H 93 19.97 96.44 -12.31
CA VAL H 93 19.11 95.28 -12.52
C VAL H 93 19.84 94.01 -12.12
N GLN H 94 21.10 93.89 -12.52
CA GLN H 94 21.91 92.74 -12.12
C GLN H 94 22.04 92.63 -10.61
N ILE H 95 22.31 93.76 -9.95
CA ILE H 95 22.45 93.80 -8.49
C ILE H 95 21.17 93.34 -7.81
N ALA H 96 20.03 93.79 -8.31
CA ALA H 96 18.75 93.40 -7.75
C ALA H 96 18.56 91.90 -7.88
N GLY H 97 18.82 91.39 -9.08
CA GLY H 97 18.75 89.97 -9.32
C GLY H 97 19.65 89.15 -8.40
N LEU H 98 20.86 89.62 -8.25
CA LEU H 98 21.87 88.97 -7.44
C LEU H 98 21.46 88.89 -5.96
N CYS H 99 20.88 89.99 -5.49
CA CYS H 99 20.49 90.14 -4.07
C CYS H 99 19.01 89.84 -3.78
N HIS H 100 18.28 89.30 -4.73
CA HIS H 100 16.81 89.19 -4.56
C HIS H 100 16.42 88.23 -3.47
N ASP H 101 17.29 87.23 -3.19
CA ASP H 101 17.01 86.20 -2.18
C ASP H 101 17.94 86.29 -0.98
N LEU H 102 18.53 87.45 -0.77
CA LEU H 102 19.41 87.67 0.40
C LEU H 102 18.80 87.37 1.76
N GLY H 103 17.48 87.50 1.84
CA GLY H 103 16.74 87.35 3.09
C GLY H 103 16.03 86.03 3.34
N HIS H 104 16.41 84.98 2.63
CA HIS H 104 15.85 83.67 2.94
C HIS H 104 16.43 83.16 4.23
N GLY H 105 15.60 82.45 4.99
CA GLY H 105 16.06 81.84 6.24
C GLY H 105 16.57 80.41 6.09
N PRO H 106 16.88 79.76 7.23
CA PRO H 106 17.22 78.36 7.22
C PRO H 106 16.17 77.53 6.52
N PHE H 107 16.61 76.67 5.61
CA PHE H 107 15.75 75.84 4.81
C PHE H 107 14.76 76.64 3.96
N SER H 108 15.22 77.78 3.48
CA SER H 108 14.51 78.61 2.51
C SER H 108 13.05 78.89 2.92
N HIS H 109 12.13 78.18 2.29
CA HIS H 109 10.71 78.51 2.34
C HIS H 109 10.04 77.95 3.57
N MET H 110 10.72 77.02 4.23
CA MET H 110 10.27 76.51 5.50
C MET H 110 10.26 77.63 6.53
N PHE H 111 11.26 78.50 6.48
CA PHE H 111 11.42 79.57 7.47
C PHE H 111 10.33 80.64 7.43
N ASP H 112 10.15 81.28 6.27
CA ASP H 112 9.09 82.29 6.14
C ASP H 112 7.70 81.66 6.03
N GLY H 113 7.64 80.41 5.58
CA GLY H 113 6.38 79.74 5.28
C GLY H 113 5.74 78.95 6.42
N ARG H 114 6.55 78.20 7.17
CA ARG H 114 6.06 77.43 8.33
C ARG H 114 6.49 77.98 9.67
N PHE H 115 7.79 78.20 9.84
CA PHE H 115 8.37 78.47 11.15
C PHE H 115 7.96 79.80 11.78
N ILE H 116 8.31 80.89 11.12
CA ILE H 116 8.02 82.23 11.65
C ILE H 116 6.52 82.42 11.90
N PRO H 117 5.64 81.99 10.97
CA PRO H 117 4.22 82.12 11.27
C PRO H 117 3.76 81.41 12.52
N LEU H 118 4.42 80.31 12.89
CA LEU H 118 4.10 79.59 14.14
C LEU H 118 4.77 80.18 15.37
N ALA H 119 6.05 80.52 15.26
CA ALA H 119 6.80 81.06 16.38
C ALA H 119 6.38 82.47 16.76
N ARG H 120 6.02 83.29 15.78
CA ARG H 120 5.64 84.69 16.01
C ARG H 120 4.45 85.08 15.13
N PRO H 121 3.24 84.66 15.55
CA PRO H 121 2.03 84.90 14.76
C PRO H 121 1.65 86.37 14.58
N GLU H 122 2.06 87.22 15.53
CA GLU H 122 1.84 88.66 15.46
C GLU H 122 2.51 89.35 14.23
N VAL H 123 3.64 88.84 13.71
CA VAL H 123 4.37 89.56 12.65
C VAL H 123 3.91 89.08 11.28
N LYS H 124 3.80 90.01 10.33
CA LYS H 124 3.76 89.68 8.89
C LYS H 124 5.21 89.84 8.38
N TRP H 125 5.91 88.72 8.17
CA TRP H 125 7.31 88.72 7.68
C TRP H 125 7.51 87.85 6.46
N THR H 126 8.14 88.40 5.41
CA THR H 126 8.39 87.68 4.16
C THR H 126 9.90 87.60 3.87
N HIS H 127 10.30 86.61 3.09
CA HIS H 127 11.71 86.48 2.72
C HIS H 127 12.16 87.72 1.91
N GLU H 128 11.25 88.28 1.12
CA GLU H 128 11.52 89.48 0.34
C GLU H 128 11.89 90.67 1.21
N GLN H 129 11.09 90.95 2.23
CA GLN H 129 11.37 92.07 3.14
C GLN H 129 12.74 91.92 3.76
N GLY H 130 13.07 90.68 4.09
CA GLY H 130 14.37 90.34 4.61
C GLY H 130 15.46 90.68 3.64
N SER H 131 15.25 90.38 2.35
CA SER H 131 16.21 90.73 1.31
C SER H 131 16.53 92.23 1.28
N VAL H 132 15.52 93.07 1.39
CA VAL H 132 15.71 94.51 1.45
C VAL H 132 16.55 94.91 2.65
N MET H 133 16.20 94.39 3.83
CA MET H 133 16.93 94.71 5.05
C MET H 133 18.37 94.24 4.99
N MET H 134 18.56 93.02 4.52
CA MET H 134 19.88 92.42 4.43
C MET H 134 20.72 93.10 3.37
N PHE H 135 20.09 93.59 2.31
CA PHE H 135 20.79 94.38 1.29
C PHE H 135 21.33 95.66 1.90
N GLU H 136 20.46 96.40 2.59
CA GLU H 136 20.86 97.59 3.33
C GLU H 136 22.05 97.28 4.24
N HIS H 137 21.95 96.21 5.03
CA HIS H 137 23.02 95.83 5.96
C HIS H 137 24.30 95.52 5.20
N LEU H 138 24.19 94.83 4.06
CA LEU H 138 25.37 94.47 3.25
C LEU H 138 26.08 95.70 2.74
N ILE H 139 25.30 96.63 2.18
CA ILE H 139 25.79 97.91 1.68
C ILE H 139 26.55 98.67 2.75
N ASN H 140 25.91 98.89 3.89
CA ASN H 140 26.45 99.75 4.93
C ASN H 140 27.67 99.15 5.62
N SER H 141 27.61 97.88 5.95
CA SER H 141 28.73 97.24 6.67
C SER H 141 29.96 96.97 5.77
N ASN H 142 29.83 96.93 4.44
CA ASN H 142 30.98 96.67 3.57
C ASN H 142 31.40 97.85 2.68
N GLY H 143 31.01 99.07 3.04
CA GLY H 143 31.42 100.29 2.31
C GLY H 143 31.23 100.24 0.81
N ILE H 144 30.03 99.88 0.38
CA ILE H 144 29.72 99.66 -1.03
C ILE H 144 29.34 100.97 -1.71
N LYS H 145 28.72 101.89 -0.98
CA LYS H 145 28.28 103.13 -1.59
C LYS H 145 29.39 103.88 -2.40
N PRO H 146 30.62 104.03 -1.85
CA PRO H 146 31.72 104.62 -2.64
C PRO H 146 32.06 103.84 -3.91
N VAL H 147 31.96 102.52 -3.84
CA VAL H 147 32.25 101.65 -4.98
C VAL H 147 31.16 101.77 -6.05
N MET H 148 29.90 101.91 -5.63
CA MET H 148 28.83 102.18 -6.57
C MET H 148 29.09 103.46 -7.34
N GLU H 149 29.44 104.51 -6.61
CA GLU H 149 29.78 105.81 -7.22
C GLU H 149 30.92 105.68 -8.19
N GLN H 150 31.93 104.91 -7.82
CA GLN H 150 33.10 104.68 -8.67
C GLN H 150 32.72 104.17 -10.06
N TYR H 151 31.69 103.33 -10.16
CA TYR H 151 31.25 102.79 -11.45
C TYR H 151 30.00 103.49 -11.99
N GLY H 152 29.77 104.72 -11.58
CA GLY H 152 28.74 105.54 -12.20
C GLY H 152 27.34 105.45 -11.66
N LEU H 153 27.12 104.70 -10.59
CA LEU H 153 25.80 104.67 -9.95
C LEU H 153 25.59 105.91 -9.09
N ILE H 154 24.34 106.18 -8.74
CA ILE H 154 23.99 107.23 -7.80
C ILE H 154 23.25 106.56 -6.64
N PRO H 155 23.96 106.26 -5.55
CA PRO H 155 23.37 105.49 -4.46
C PRO H 155 22.00 105.94 -3.95
N GLU H 156 21.77 107.23 -3.78
CA GLU H 156 20.47 107.79 -3.35
C GLU H 156 19.33 107.10 -4.18
N GLU H 157 19.33 107.34 -5.51
CA GLU H 157 18.36 106.85 -6.44
C GLU H 157 18.41 105.34 -6.63
N ASP H 158 19.61 104.81 -6.84
CA ASP H 158 19.76 103.43 -7.27
C ASP H 158 19.51 102.40 -6.18
N ILE H 159 19.91 102.69 -4.95
CA ILE H 159 19.60 101.77 -3.87
C ILE H 159 18.09 101.66 -3.70
N CYS H 160 17.38 102.77 -3.88
CA CYS H 160 15.93 102.73 -3.87
C CYS H 160 15.39 101.84 -5.00
N PHE H 161 15.87 102.06 -6.22
CA PHE H 161 15.51 101.26 -7.40
C PHE H 161 15.78 99.78 -7.21
N ILE H 162 16.89 99.43 -6.59
CA ILE H 162 17.22 98.03 -6.34
C ILE H 162 16.21 97.43 -5.36
N LYS H 163 15.99 98.10 -4.24
CA LYS H 163 15.02 97.62 -3.26
C LYS H 163 13.63 97.49 -3.83
N GLU H 164 13.24 98.46 -4.67
CA GLU H 164 11.92 98.45 -5.30
C GLU H 164 11.73 97.28 -6.26
N GLN H 165 12.79 96.90 -6.98
CA GLN H 165 12.72 95.72 -7.85
C GLN H 165 12.38 94.48 -7.04
N ILE H 166 12.94 94.39 -5.82
CA ILE H 166 12.83 93.22 -4.98
C ILE H 166 11.47 93.06 -4.30
N VAL H 167 11.00 94.10 -3.64
CA VAL H 167 9.72 94.03 -2.89
C VAL H 167 8.57 94.87 -3.43
N GLY H 168 8.77 95.58 -4.55
CA GLY H 168 7.73 96.49 -5.04
C GLY H 168 7.77 97.82 -4.27
N PRO H 169 6.73 98.65 -4.43
CA PRO H 169 6.92 100.11 -4.19
C PRO H 169 7.16 100.60 -2.75
N LEU H 178 -1.48 107.01 -9.39
CA LEU H 178 -0.22 107.53 -9.83
C LEU H 178 0.82 106.48 -10.16
N TRP H 179 1.96 106.91 -10.71
CA TRP H 179 3.21 106.14 -10.73
C TRP H 179 3.79 105.96 -9.32
N PRO H 180 3.74 104.72 -8.79
CA PRO H 180 4.18 104.53 -7.41
C PRO H 180 5.70 104.50 -7.15
N TYR H 181 6.53 104.31 -8.17
CA TYR H 181 7.96 104.07 -7.93
C TYR H 181 8.74 105.40 -7.85
N LYS H 182 9.65 105.50 -6.89
CA LYS H 182 10.55 106.64 -6.75
C LYS H 182 11.90 106.37 -7.39
N GLY H 183 12.24 105.11 -7.64
CA GLY H 183 13.58 104.74 -8.14
C GLY H 183 13.88 105.08 -9.59
N ARG H 184 12.88 104.88 -10.45
CA ARG H 184 12.96 105.23 -11.87
C ARG H 184 11.63 105.85 -12.33
N PRO H 185 11.65 106.59 -13.45
CA PRO H 185 10.42 107.13 -14.04
C PRO H 185 9.61 106.11 -14.85
N GLU H 186 8.41 106.52 -15.31
CA GLU H 186 7.49 105.67 -16.07
C GLU H 186 8.07 105.15 -17.40
N ASN H 187 8.95 105.94 -18.00
CA ASN H 187 9.59 105.57 -19.28
C ASN H 187 10.62 104.44 -19.15
N LYS H 188 10.84 103.97 -17.92
CA LYS H 188 11.62 102.77 -17.69
C LYS H 188 10.92 101.75 -16.79
N SER H 189 9.59 101.71 -16.83
CA SER H 189 8.84 100.76 -16.00
C SER H 189 9.11 99.29 -16.30
N PHE H 190 9.51 99.01 -17.54
CA PHE H 190 9.89 97.66 -17.92
C PHE H 190 11.03 97.10 -17.09
N LEU H 191 11.91 97.94 -16.59
CA LEU H 191 13.00 97.44 -15.73
C LEU H 191 12.49 96.74 -14.45
N TYR H 192 11.32 97.16 -13.97
CA TYR H 192 10.69 96.53 -12.81
C TYR H 192 10.07 95.15 -13.07
N GLU H 193 9.90 94.78 -14.34
CA GLU H 193 9.37 93.48 -14.73
C GLU H 193 10.45 92.40 -15.01
N ILE H 194 11.70 92.64 -14.60
CA ILE H 194 12.77 91.69 -14.91
C ILE H 194 13.07 90.71 -13.78
N VAL H 195 13.40 91.23 -12.61
CA VAL H 195 13.79 90.37 -11.48
C VAL H 195 12.57 89.80 -10.73
N SER H 196 11.55 90.61 -10.53
CA SER H 196 10.34 90.16 -9.82
C SER H 196 9.12 90.89 -10.38
N ASN H 197 8.41 90.18 -11.24
CA ASN H 197 7.35 90.73 -12.08
C ASN H 197 6.02 90.70 -11.33
N LYS H 198 5.62 91.82 -10.77
CA LYS H 198 4.36 91.91 -10.03
C LYS H 198 3.14 91.81 -10.94
N ARG H 199 3.28 92.14 -12.22
CA ARG H 199 2.15 92.21 -13.14
C ARG H 199 1.59 90.83 -13.48
N ASN H 200 2.48 89.93 -13.88
CA ASN H 200 2.11 88.57 -14.34
C ASN H 200 2.97 87.41 -13.83
N GLY H 201 4.15 87.69 -13.30
CA GLY H 201 4.98 86.66 -12.71
C GLY H 201 6.06 86.13 -13.62
N ILE H 202 6.10 86.55 -14.88
CA ILE H 202 7.13 86.11 -15.79
C ILE H 202 8.40 86.91 -15.51
N ASP H 203 9.30 86.31 -14.74
CA ASP H 203 10.54 86.96 -14.30
C ASP H 203 11.73 86.01 -14.41
N VAL H 204 12.94 86.54 -14.33
CA VAL H 204 14.14 85.72 -14.51
C VAL H 204 14.45 84.83 -13.30
N ASP H 205 13.86 85.14 -12.15
CA ASP H 205 13.97 84.30 -10.96
C ASP H 205 13.43 82.93 -11.31
N LYS H 206 12.22 82.87 -11.88
CA LYS H 206 11.63 81.59 -12.30
C LYS H 206 12.53 80.86 -13.28
N TRP H 207 13.04 81.60 -14.25
CA TRP H 207 13.80 80.98 -15.31
C TRP H 207 15.05 80.28 -14.82
N ASP H 208 15.69 80.86 -13.82
CA ASP H 208 16.87 80.21 -13.26
C ASP H 208 16.49 78.99 -12.46
N TYR H 209 15.48 79.11 -11.60
CA TYR H 209 15.16 77.97 -10.73
C TYR H 209 14.54 76.79 -11.48
N PHE H 210 13.79 77.06 -12.55
CA PHE H 210 13.30 75.98 -13.40
C PHE H 210 14.46 75.13 -13.86
N ALA H 211 15.44 75.79 -14.46
CA ALA H 211 16.58 75.11 -15.05
C ALA H 211 17.45 74.46 -13.98
N ARG H 212 17.67 75.17 -12.89
CA ARG H 212 18.59 74.72 -11.86
C ARG H 212 17.98 73.61 -11.01
N ASP H 213 16.75 73.79 -10.58
CA ASP H 213 16.10 72.77 -9.75
C ASP H 213 15.97 71.51 -10.56
N CYS H 214 15.53 71.61 -11.80
CA CYS H 214 15.51 70.45 -12.68
C CYS H 214 16.88 69.72 -12.77
N HIS H 215 17.95 70.48 -12.93
CA HIS H 215 19.29 69.90 -13.09
C HIS H 215 19.64 68.99 -11.95
N HIS H 216 19.40 69.50 -10.74
CA HIS H 216 19.72 68.81 -9.50
C HIS H 216 18.62 67.81 -9.10
N LEU H 217 17.36 68.07 -9.42
CA LEU H 217 16.27 67.18 -8.99
C LEU H 217 16.26 65.85 -9.73
N GLY H 218 16.64 65.85 -11.01
CA GLY H 218 16.48 64.67 -11.87
C GLY H 218 15.18 64.66 -12.65
N ILE H 219 14.75 65.85 -13.05
CA ILE H 219 13.58 66.09 -13.88
C ILE H 219 14.07 67.02 -15.02
N GLN H 220 13.74 66.73 -16.29
CA GLN H 220 14.02 67.67 -17.39
C GLN H 220 12.91 68.77 -17.39
N ASN H 221 13.35 69.94 -17.82
CA ASN H 221 12.62 71.20 -17.74
C ASN H 221 11.95 71.43 -19.11
N ASN H 222 10.65 71.75 -19.11
CA ASN H 222 9.96 71.94 -20.40
C ASN H 222 10.18 73.32 -21.10
N PHE H 223 10.83 74.29 -20.46
CA PHE H 223 10.69 75.71 -20.83
C PHE H 223 11.97 76.39 -21.30
N ASP H 224 11.87 77.18 -22.38
CA ASP H 224 13.04 77.80 -23.03
C ASP H 224 13.07 79.32 -22.77
N TYR H 225 13.82 79.75 -21.75
CA TYR H 225 13.96 81.18 -21.44
C TYR H 225 14.65 81.93 -22.56
N LYS H 226 15.64 81.30 -23.18
CA LYS H 226 16.39 81.96 -24.22
C LYS H 226 15.54 82.38 -25.39
N ARG H 227 14.56 81.55 -25.72
CA ARG H 227 13.64 81.85 -26.80
C ARG H 227 12.73 83.00 -26.43
N PHE H 228 12.29 83.04 -25.17
CA PHE H 228 11.46 84.16 -24.71
C PHE H 228 12.19 85.50 -24.86
N ILE H 229 13.46 85.51 -24.46
CA ILE H 229 14.31 86.68 -24.62
C ILE H 229 14.42 87.10 -26.08
N LYS H 230 14.56 86.18 -27.01
CA LYS H 230 14.62 86.55 -28.43
C LYS H 230 13.34 87.14 -28.94
N PHE H 231 12.19 86.76 -28.37
CA PHE H 231 10.90 87.30 -28.79
C PHE H 231 10.32 88.25 -27.75
N ALA H 232 11.17 88.96 -27.01
CA ALA H 232 10.71 89.93 -26.05
C ALA H 232 10.93 91.30 -26.64
N ARG H 233 10.13 92.25 -26.20
CA ARG H 233 10.10 93.57 -26.81
C ARG H 233 9.36 94.54 -25.88
N VAL H 234 9.75 95.82 -25.90
CA VAL H 234 9.07 96.81 -25.07
C VAL H 234 8.14 97.61 -25.94
N CYS H 235 6.90 97.80 -25.49
CA CYS H 235 5.89 98.59 -26.20
C CYS H 235 5.13 99.42 -25.21
N GLU H 236 4.40 100.40 -25.72
CA GLU H 236 3.57 101.22 -24.87
C GLU H 236 2.24 100.54 -24.57
N VAL H 237 1.94 100.37 -23.28
CA VAL H 237 0.62 99.91 -22.84
C VAL H 237 0.12 100.85 -21.75
N ASP H 238 -0.96 101.58 -22.04
CA ASP H 238 -1.60 102.50 -21.08
C ASP H 238 -0.57 103.49 -20.55
N ASN H 239 0.05 104.25 -21.45
CA ASN H 239 0.99 105.34 -21.09
C ASN H 239 2.21 104.90 -20.28
N GLU H 240 2.67 103.68 -20.53
CA GLU H 240 3.70 103.06 -19.69
C GLU H 240 4.42 102.00 -20.53
N LEU H 241 5.74 102.02 -20.54
CA LEU H 241 6.51 101.08 -21.37
C LEU H 241 6.71 99.71 -20.69
N ARG H 242 6.11 98.65 -21.21
CA ARG H 242 6.22 97.29 -20.63
C ARG H 242 6.80 96.23 -21.57
N ILE H 243 7.31 95.16 -20.97
CA ILE H 243 7.76 93.99 -21.74
C ILE H 243 6.57 93.26 -22.35
N CYS H 244 6.63 93.03 -23.65
CA CYS H 244 5.61 92.26 -24.37
C CYS H 244 6.23 91.05 -25.05
N ALA H 245 5.45 90.00 -25.19
CA ALA H 245 5.89 88.78 -25.86
C ALA H 245 5.18 88.69 -27.20
N ARG H 246 5.74 87.92 -28.11
CA ARG H 246 5.14 87.79 -29.42
C ARG H 246 3.87 86.98 -29.38
N ASP H 247 2.91 87.36 -30.21
CA ASP H 247 1.60 86.72 -30.21
C ASP H 247 1.70 85.18 -30.23
N LYS H 248 2.45 84.62 -31.17
CA LYS H 248 2.51 83.17 -31.31
C LYS H 248 3.11 82.47 -30.04
N GLU H 249 3.93 83.16 -29.24
CA GLU H 249 4.51 82.59 -28.01
C GLU H 249 3.52 82.37 -26.85
N VAL H 250 2.27 82.80 -27.00
CA VAL H 250 1.29 82.67 -25.92
C VAL H 250 1.21 81.24 -25.40
N GLY H 251 1.24 80.27 -26.31
CA GLY H 251 1.27 78.86 -25.96
C GLY H 251 2.37 78.50 -24.98
N ASN H 252 3.58 78.93 -25.28
CA ASN H 252 4.75 78.68 -24.42
C ASN H 252 4.65 79.31 -23.05
N LEU H 253 3.89 80.40 -22.93
CA LEU H 253 3.70 81.04 -21.65
C LEU H 253 2.72 80.27 -20.76
N TYR H 254 1.61 79.76 -21.32
CA TYR H 254 0.75 78.86 -20.55
C TYR H 254 1.56 77.64 -20.10
N ASP H 255 2.47 77.17 -20.95
CA ASP H 255 3.33 76.02 -20.63
C ASP H 255 4.37 76.35 -19.55
N MET H 256 4.75 77.62 -19.43
CA MET H 256 5.67 78.04 -18.36
C MET H 256 5.01 77.82 -17.01
N PHE H 257 3.77 78.28 -16.88
CA PHE H 257 3.10 78.18 -15.60
C PHE H 257 2.67 76.74 -15.30
N HIS H 258 2.42 75.96 -16.35
CA HIS H 258 2.17 74.52 -16.19
C HIS H 258 3.43 73.85 -15.64
N THR H 259 4.58 74.16 -16.24
CA THR H 259 5.85 73.66 -15.76
C THR H 259 6.04 73.98 -14.27
N ARG H 260 5.71 75.20 -13.89
CA ARG H 260 5.85 75.61 -12.51
C ARG H 260 5.00 74.76 -11.59
N ASN H 261 3.71 74.67 -11.89
CA ASN H 261 2.77 73.89 -11.08
C ASN H 261 3.23 72.44 -11.04
N SER H 262 3.69 71.93 -12.16
CA SER H 262 4.25 70.57 -12.24
C SER H 262 5.44 70.36 -11.30
N LEU H 263 6.37 71.31 -11.23
CA LEU H 263 7.48 71.20 -10.28
C LEU H 263 7.02 71.29 -8.83
N HIS H 264 5.93 72.02 -8.57
CA HIS H 264 5.38 72.06 -7.21
C HIS H 264 4.81 70.72 -6.84
N ARG H 265 4.07 70.11 -7.76
CA ARG H 265 3.48 68.82 -7.47
C ARG H 265 4.49 67.73 -7.30
N ARG H 266 5.49 67.71 -8.14
CA ARG H 266 6.44 66.62 -8.12
C ARG H 266 7.43 66.72 -7.00
N ALA H 267 7.94 67.93 -6.75
CA ALA H 267 9.10 68.12 -5.89
C ALA H 267 8.83 69.04 -4.72
N TYR H 268 8.51 70.30 -4.99
CA TYR H 268 8.49 71.30 -3.91
C TYR H 268 7.47 71.01 -2.80
N GLN H 269 6.31 70.47 -3.17
CA GLN H 269 5.26 70.06 -2.25
C GLN H 269 5.16 68.55 -2.07
N HIS H 270 6.25 67.82 -2.34
CA HIS H 270 6.26 66.35 -2.19
C HIS H 270 5.85 65.96 -0.79
N LYS H 271 4.96 64.98 -0.69
CA LYS H 271 4.31 64.66 0.60
C LYS H 271 5.29 64.39 1.77
N VAL H 272 6.43 63.74 1.47
CA VAL H 272 7.46 63.49 2.47
C VAL H 272 8.39 64.68 2.64
N GLY H 273 8.68 65.40 1.56
CA GLY H 273 9.47 66.61 1.68
C GLY H 273 8.83 67.57 2.65
N ASN H 274 7.53 67.76 2.51
CA ASN H 274 6.76 68.63 3.38
C ASN H 274 6.70 68.12 4.82
N ILE H 275 6.65 66.81 5.03
CA ILE H 275 6.61 66.31 6.40
C ILE H 275 7.97 66.49 7.07
N ILE H 276 9.04 66.36 6.31
CA ILE H 276 10.36 66.66 6.86
C ILE H 276 10.48 68.14 7.18
N ASP H 277 9.95 69.00 6.34
CA ASP H 277 9.88 70.43 6.65
C ASP H 277 9.13 70.65 7.95
N THR H 278 7.93 70.07 8.11
CA THR H 278 7.16 70.31 9.35
C THR H 278 7.92 69.79 10.57
N MET H 279 8.67 68.70 10.43
CA MET H 279 9.45 68.13 11.54
C MET H 279 10.64 68.98 11.93
N ILE H 280 11.35 69.51 10.94
CA ILE H 280 12.44 70.42 11.23
C ILE H 280 11.88 71.68 11.91
N THR H 281 10.80 72.23 11.37
CA THR H 281 10.13 73.39 11.95
C THR H 281 9.74 73.12 13.38
N ASP H 282 9.20 71.94 13.62
CA ASP H 282 8.83 71.50 14.96
C ASP H 282 10.04 71.52 15.93
N ALA H 283 11.17 71.01 15.45
CA ALA H 283 12.40 70.98 16.22
C ALA H 283 12.92 72.37 16.50
N PHE H 284 12.85 73.27 15.52
CA PHE H 284 13.26 74.66 15.75
C PHE H 284 12.40 75.28 16.83
N LEU H 285 11.09 75.09 16.74
CA LEU H 285 10.18 75.63 17.76
C LEU H 285 10.56 75.18 19.17
N LYS H 286 10.92 73.91 19.34
CA LYS H 286 11.32 73.38 20.66
C LYS H 286 12.69 73.82 21.11
N ALA H 287 13.55 74.18 20.18
CA ALA H 287 14.87 74.73 20.50
C ALA H 287 14.92 76.24 20.55
N ASP H 288 13.81 76.92 20.25
CA ASP H 288 13.84 78.39 20.04
C ASP H 288 14.25 79.13 21.28
N ASP H 289 13.64 78.74 22.39
CA ASP H 289 13.91 79.29 23.72
C ASP H 289 15.37 79.19 24.16
N TYR H 290 16.10 78.16 23.73
CA TYR H 290 17.42 77.86 24.29
C TYR H 290 18.62 78.15 23.38
N ILE H 291 18.43 78.57 22.15
CA ILE H 291 19.58 78.87 21.27
C ILE H 291 19.73 80.37 21.15
N GLU H 292 20.93 80.85 21.51
CA GLU H 292 21.33 82.23 21.40
C GLU H 292 22.20 82.51 20.18
N ILE H 293 21.97 83.66 19.53
CA ILE H 293 22.76 84.12 18.38
C ILE H 293 23.13 85.59 18.60
N THR H 294 24.42 85.88 18.54
CA THR H 294 24.93 87.20 18.87
C THR H 294 24.70 88.14 17.71
N GLY H 295 24.12 89.29 18.00
CA GLY H 295 23.85 90.30 17.00
C GLY H 295 24.58 91.60 17.29
N ALA H 296 23.96 92.69 16.87
CA ALA H 296 24.58 94.00 16.89
C ALA H 296 24.70 94.46 18.33
N GLY H 297 25.89 94.97 18.66
CA GLY H 297 26.24 95.40 20.00
C GLY H 297 26.29 94.27 21.02
N GLY H 298 26.42 93.04 20.56
CA GLY H 298 26.39 91.87 21.44
C GLY H 298 25.04 91.46 22.02
N LYS H 299 23.92 92.10 21.63
CA LYS H 299 22.58 91.65 22.09
C LYS H 299 22.35 90.20 21.67
N LYS H 300 21.71 89.38 22.51
CA LYS H 300 21.46 87.97 22.19
C LYS H 300 20.06 87.83 21.55
N TYR H 301 20.01 87.15 20.40
CA TYR H 301 18.77 86.93 19.69
C TYR H 301 18.46 85.43 19.63
N ARG H 302 17.17 85.11 19.63
CA ARG H 302 16.69 83.74 19.44
C ARG H 302 16.45 83.52 17.93
N ILE H 303 16.22 82.27 17.54
CA ILE H 303 16.01 81.96 16.11
C ILE H 303 14.87 82.77 15.52
N SER H 304 13.75 82.84 16.23
CA SER H 304 12.58 83.61 15.80
C SER H 304 12.78 85.12 15.80
N THR H 305 13.71 85.64 16.58
CA THR H 305 13.96 87.08 16.66
C THR H 305 15.20 87.58 15.88
N ALA H 306 15.97 86.67 15.30
CA ALA H 306 17.13 87.08 14.51
C ALA H 306 16.71 87.90 13.29
N ILE H 307 15.49 87.71 12.81
CA ILE H 307 14.97 88.54 11.73
C ILE H 307 14.87 90.03 12.05
N ASP H 308 14.82 90.38 13.33
CA ASP H 308 14.78 91.78 13.73
C ASP H 308 16.14 92.50 13.69
N ASP H 309 17.25 91.74 13.66
CA ASP H 309 18.60 92.32 13.59
C ASP H 309 19.48 91.58 12.58
N MET H 310 19.89 92.30 11.53
CA MET H 310 20.54 91.67 10.39
C MET H 310 21.94 91.14 10.66
N GLU H 311 22.61 91.65 11.67
CA GLU H 311 23.92 91.12 12.02
C GLU H 311 23.80 89.72 12.63
N ALA H 312 22.71 89.53 13.39
CA ALA H 312 22.37 88.22 13.91
C ALA H 312 21.91 87.30 12.82
N TYR H 313 21.00 87.78 11.97
CA TYR H 313 20.44 86.98 10.87
C TYR H 313 21.50 86.47 9.92
N THR H 314 22.58 87.23 9.75
CA THR H 314 23.73 86.80 8.95
C THR H 314 24.29 85.43 9.38
N LYS H 315 24.24 85.17 10.69
CA LYS H 315 24.78 83.93 11.24
C LYS H 315 23.74 82.81 11.32
N LEU H 316 22.50 83.07 10.87
CA LEU H 316 21.41 82.10 10.96
C LEU H 316 21.16 81.41 9.64
N THR H 317 21.61 80.17 9.53
CA THR H 317 21.55 79.41 8.29
C THR H 317 21.11 77.97 8.60
N ASP H 318 21.21 77.07 7.60
CA ASP H 318 20.95 75.64 7.82
C ASP H 318 21.83 74.98 8.87
N ASN H 319 22.96 75.59 9.20
CA ASN H 319 23.76 75.22 10.36
C ASN H 319 22.94 74.84 11.55
N ILE H 320 21.91 75.64 11.81
CA ILE H 320 21.12 75.52 13.03
C ILE H 320 20.62 74.08 13.22
N PHE H 321 20.27 73.42 12.12
CA PHE H 321 19.87 72.03 12.11
C PHE H 321 20.93 71.17 12.78
N LEU H 322 22.16 71.26 12.30
CA LEU H 322 23.26 70.46 12.84
C LEU H 322 23.68 70.90 14.24
N GLU H 323 23.56 72.18 14.55
CA GLU H 323 23.88 72.66 15.90
C GLU H 323 22.96 71.99 16.90
N ILE H 324 21.67 71.93 16.58
CA ILE H 324 20.68 71.22 17.39
C ILE H 324 20.99 69.73 17.45
N LEU H 325 21.27 69.13 16.30
CA LEU H 325 21.54 67.68 16.22
C LEU H 325 22.75 67.23 17.02
N TYR H 326 23.83 67.99 16.96
CA TYR H 326 25.07 67.63 17.63
C TYR H 326 25.12 68.06 19.10
N SER H 327 24.17 68.86 19.56
CA SER H 327 24.22 69.41 20.90
C SER H 327 24.10 68.37 21.98
N THR H 328 24.59 68.75 23.17
CA THR H 328 24.49 67.95 24.38
C THR H 328 23.71 68.61 25.53
N ASP H 329 23.31 69.88 25.37
CA ASP H 329 22.54 70.59 26.38
C ASP H 329 21.23 69.84 26.65
N PRO H 330 20.94 69.48 27.92
CA PRO H 330 19.66 68.82 28.21
C PRO H 330 18.40 69.65 27.86
N LYS H 331 18.53 70.99 27.77
CA LYS H 331 17.40 71.84 27.39
C LYS H 331 17.01 71.63 25.92
N LEU H 332 17.97 71.21 25.08
CA LEU H 332 17.70 70.91 23.68
C LEU H 332 17.29 69.47 23.37
N LYS H 333 17.23 68.59 24.39
CA LYS H 333 16.93 67.15 24.18
C LYS H 333 15.64 66.91 23.41
N ASP H 334 14.61 67.68 23.70
CA ASP H 334 13.32 67.60 22.98
C ASP H 334 13.48 67.86 21.48
N ALA H 335 14.19 68.96 21.15
CA ALA H 335 14.41 69.33 19.77
C ALA H 335 15.34 68.36 19.06
N ARG H 336 16.41 67.98 19.74
CA ARG H 336 17.37 67.03 19.19
C ARG H 336 16.75 65.66 18.90
N GLU H 337 15.77 65.25 19.69
CA GLU H 337 15.10 63.96 19.46
C GLU H 337 14.31 63.91 18.18
N ILE H 338 13.69 65.03 17.84
CA ILE H 338 12.94 65.12 16.60
C ILE H 338 13.89 64.96 15.43
N LEU H 339 14.95 65.73 15.43
CA LEU H 339 15.93 65.64 14.35
C LEU H 339 16.56 64.27 14.26
N LYS H 340 16.78 63.60 15.39
CA LYS H 340 17.29 62.23 15.37
C LYS H 340 16.28 61.26 14.74
N GLN H 341 14.98 61.48 14.95
CA GLN H 341 13.95 60.67 14.28
C GLN H 341 13.94 60.84 12.78
N ILE H 342 14.41 61.98 12.27
CA ILE H 342 14.56 62.18 10.82
C ILE H 342 15.76 61.39 10.26
N GLU H 343 16.82 61.23 11.06
CA GLU H 343 17.98 60.44 10.64
C GLU H 343 17.56 58.98 10.46
N TYR H 344 16.94 58.44 11.50
CA TYR H 344 16.47 57.06 11.53
C TYR H 344 15.23 56.83 10.68
N ARG H 345 14.61 57.88 10.18
CA ARG H 345 13.51 57.80 9.20
C ARG H 345 12.20 57.35 9.84
N ASN H 346 12.01 57.68 11.10
CA ASN H 346 10.73 57.50 11.81
C ASN H 346 9.93 58.76 11.62
N LEU H 347 9.45 58.92 10.39
CA LEU H 347 8.74 60.12 10.01
C LEU H 347 7.28 59.91 10.34
N PHE H 348 6.59 61.03 10.51
CA PHE H 348 5.15 61.03 10.65
C PHE H 348 4.57 60.38 9.40
N LYS H 349 3.52 59.57 9.55
CA LYS H 349 3.00 58.76 8.47
C LYS H 349 1.93 59.45 7.66
N TYR H 350 2.00 59.30 6.34
CA TYR H 350 1.04 59.91 5.42
C TYR H 350 -0.20 59.06 5.42
N VAL H 351 -1.35 59.69 5.61
CA VAL H 351 -2.62 58.98 5.62
C VAL H 351 -3.31 59.09 4.26
N GLY H 352 -3.38 60.29 3.71
CA GLY H 352 -4.00 60.51 2.41
C GLY H 352 -4.14 61.97 2.01
N GLU H 353 -4.66 62.17 0.81
CA GLU H 353 -4.77 63.48 0.20
C GLU H 353 -6.22 63.65 -0.21
N THR H 354 -6.70 64.89 -0.17
CA THR H 354 -8.04 65.23 -0.65
C THR H 354 -8.14 66.71 -1.02
N GLN H 355 -9.22 67.06 -1.69
CA GLN H 355 -9.49 68.43 -2.15
C GLN H 355 -10.91 68.82 -1.80
N PRO H 356 -11.18 70.12 -1.64
CA PRO H 356 -12.58 70.57 -1.60
C PRO H 356 -13.29 70.42 -2.94
N THR H 357 -14.61 70.47 -2.94
CA THR H 357 -15.42 70.39 -4.15
C THR H 357 -16.20 71.67 -4.29
N GLY H 358 -16.80 71.83 -5.48
CA GLY H 358 -17.50 73.07 -5.85
C GLY H 358 -16.49 74.24 -5.98
N GLN H 359 -16.84 75.36 -5.35
CA GLN H 359 -15.93 76.49 -5.21
C GLN H 359 -15.85 76.87 -3.70
N ILE H 360 -15.48 75.90 -2.84
CA ILE H 360 -15.29 76.13 -1.39
C ILE H 360 -13.78 76.32 -1.11
N LYS H 361 -13.30 77.55 -0.84
CA LYS H 361 -11.91 77.72 -0.36
C LYS H 361 -11.92 77.51 1.18
N ILE H 362 -10.84 76.95 1.69
CA ILE H 362 -10.63 76.82 3.13
C ILE H 362 -9.80 78.02 3.64
N LYS H 363 -10.41 78.87 4.47
CA LYS H 363 -9.75 80.10 4.96
C LYS H 363 -8.51 79.77 5.84
N ARG H 364 -7.42 80.55 5.74
CA ARG H 364 -6.15 80.28 6.46
C ARG H 364 -6.32 80.34 8.00
N GLU H 365 -7.19 81.23 8.49
CA GLU H 365 -7.75 81.19 9.87
C GLU H 365 -8.20 79.78 10.38
N ASP H 366 -8.81 78.96 9.53
CA ASP H 366 -9.33 77.63 9.92
C ASP H 366 -8.32 76.46 9.97
N TYR H 367 -7.08 76.67 9.52
CA TYR H 367 -6.06 75.61 9.47
C TYR H 367 -5.78 75.02 10.87
N GLU H 368 -5.64 75.89 11.90
CA GLU H 368 -5.44 75.45 13.29
C GLU H 368 -6.51 74.43 13.73
N SER H 369 -7.77 74.65 13.30
CA SER H 369 -8.94 73.83 13.72
C SER H 369 -9.11 72.42 13.10
N LEU H 370 -8.41 72.14 12.00
CA LEU H 370 -8.69 70.93 11.19
C LEU H 370 -8.28 69.60 11.83
N PRO H 371 -7.14 69.54 12.55
CA PRO H 371 -6.88 68.30 13.29
C PRO H 371 -7.99 67.91 14.27
N LYS H 372 -8.53 68.90 15.01
CA LYS H 372 -9.67 68.68 15.91
C LYS H 372 -10.81 68.01 15.14
N GLU H 373 -11.07 68.47 13.93
CA GLU H 373 -12.17 67.93 13.10
C GLU H 373 -11.99 66.48 12.68
N VAL H 374 -10.75 66.09 12.35
CA VAL H 374 -10.48 64.73 11.87
C VAL H 374 -10.75 63.74 13.00
N ALA H 375 -10.20 64.01 14.19
CA ALA H 375 -10.44 63.15 15.37
C ALA H 375 -11.91 63.11 15.82
N SER H 376 -12.64 64.20 15.56
CA SER H 376 -14.05 64.29 15.87
C SER H 376 -14.94 63.38 15.04
N ALA H 377 -14.51 63.05 13.82
CA ALA H 377 -15.32 62.22 12.93
C ALA H 377 -15.65 60.88 13.59
N LYS H 378 -16.87 60.42 13.41
CA LYS H 378 -17.32 59.20 14.05
C LYS H 378 -17.56 58.16 12.95
N PRO H 379 -16.51 57.42 12.49
CA PRO H 379 -16.69 56.41 11.44
C PRO H 379 -17.42 55.19 11.96
N LYS H 380 -18.44 54.66 11.28
CA LYS H 380 -19.15 53.43 11.73
C LYS H 380 -18.30 52.14 11.49
N VAL H 381 -17.11 52.12 12.07
CA VAL H 381 -16.20 50.97 12.07
C VAL H 381 -15.74 50.65 13.45
N LEU H 382 -15.60 49.38 13.83
CA LEU H 382 -15.06 49.04 15.18
C LEU H 382 -13.56 49.38 15.27
N LEU H 383 -13.15 50.17 16.26
CA LEU H 383 -11.77 50.55 16.42
C LEU H 383 -11.29 50.10 17.77
N ASP H 384 -10.10 49.49 17.79
CA ASP H 384 -9.33 49.25 19.03
C ASP H 384 -8.89 50.53 19.75
N VAL H 385 -8.42 51.51 18.95
CA VAL H 385 -7.70 52.67 19.43
C VAL H 385 -8.43 53.97 19.04
N LYS H 386 -8.82 54.78 20.04
CA LYS H 386 -9.24 56.17 19.81
C LYS H 386 -7.95 57.02 19.59
N LEU H 387 -8.01 58.02 18.71
CA LEU H 387 -6.90 58.98 18.49
C LEU H 387 -7.32 60.42 18.80
N LYS H 388 -6.51 61.14 19.60
CA LYS H 388 -6.79 62.54 19.94
C LYS H 388 -6.29 63.48 18.81
N ALA H 389 -6.77 64.72 18.83
CA ALA H 389 -6.49 65.70 17.75
C ALA H 389 -5.03 66.03 17.57
N GLU H 390 -4.28 66.09 18.67
CA GLU H 390 -2.83 66.33 18.62
C GLU H 390 -2.02 65.23 17.88
N ASP H 391 -2.65 64.09 17.62
CA ASP H 391 -2.05 63.00 16.82
C ASP H 391 -2.05 63.25 15.31
N PHE H 392 -2.94 64.13 14.85
CA PHE H 392 -3.09 64.43 13.42
C PHE H 392 -2.38 65.73 13.02
N ILE H 393 -1.81 65.73 11.83
CA ILE H 393 -1.33 66.93 11.14
C ILE H 393 -2.14 67.09 9.88
N VAL H 394 -2.74 68.25 9.69
CA VAL H 394 -3.41 68.57 8.44
C VAL H 394 -2.66 69.73 7.84
N ASP H 395 -2.32 69.60 6.57
CA ASP H 395 -1.43 70.52 5.87
C ASP H 395 -2.24 70.96 4.65
N VAL H 396 -2.54 72.25 4.56
CA VAL H 396 -3.33 72.74 3.43
C VAL H 396 -2.41 73.53 2.51
N ILE H 397 -2.43 73.20 1.22
CA ILE H 397 -1.46 73.69 0.26
C ILE H 397 -2.20 74.32 -0.90
N ASN H 398 -1.85 75.57 -1.22
CA ASN H 398 -2.50 76.25 -2.34
C ASN H 398 -1.63 76.05 -3.56
N MET H 399 -2.24 75.56 -4.65
CA MET H 399 -1.56 75.44 -5.93
C MET H 399 -2.23 76.43 -6.88
N ASP H 400 -1.43 77.29 -7.51
CA ASP H 400 -1.99 78.29 -8.43
C ASP H 400 -1.03 78.61 -9.58
N TYR H 401 -1.41 79.61 -10.39
CA TYR H 401 -0.55 80.13 -11.43
C TYR H 401 0.08 81.49 -10.99
N GLY H 402 0.33 81.60 -9.69
CA GLY H 402 1.11 82.70 -9.14
C GLY H 402 0.33 83.97 -8.89
N MET H 403 -0.99 83.95 -9.09
CA MET H 403 -1.81 85.15 -8.89
C MET H 403 -3.17 84.74 -8.38
N GLN H 404 -3.17 83.97 -7.29
CA GLN H 404 -4.40 83.42 -6.72
C GLN H 404 -5.29 82.92 -7.87
N GLU H 405 -6.55 83.34 -7.90
CA GLU H 405 -7.55 82.79 -8.81
C GLU H 405 -7.42 83.24 -10.25
N LYS H 406 -6.55 84.22 -10.50
CA LYS H 406 -6.40 84.84 -11.82
C LYS H 406 -5.46 84.09 -12.77
N ASN H 407 -5.78 84.23 -14.06
CA ASN H 407 -4.98 83.74 -15.16
C ASN H 407 -3.93 84.79 -15.44
N PRO H 408 -2.64 84.50 -15.23
CA PRO H 408 -1.64 85.51 -15.44
C PRO H 408 -1.46 85.91 -16.88
N ILE H 409 -1.83 85.05 -17.82
CA ILE H 409 -1.71 85.38 -19.22
C ILE H 409 -2.70 86.48 -19.62
N ASP H 410 -3.80 86.61 -18.91
CA ASP H 410 -4.69 87.77 -19.05
C ASP H 410 -4.00 89.08 -18.66
N HIS H 411 -2.89 89.01 -17.90
CA HIS H 411 -2.06 90.18 -17.59
C HIS H 411 -0.70 90.24 -18.34
N VAL H 412 -0.65 89.67 -19.55
CA VAL H 412 0.53 89.77 -20.42
C VAL H 412 0.11 90.58 -21.63
N SER H 413 1.08 91.30 -22.18
CA SER H 413 0.87 92.06 -23.39
C SER H 413 1.67 91.42 -24.53
N PHE H 414 1.07 91.46 -25.72
CA PHE H 414 1.63 90.76 -26.87
C PHE H 414 1.84 91.71 -28.03
N TYR H 415 2.71 91.36 -28.98
CA TYR H 415 2.85 92.11 -30.24
C TYR H 415 2.79 91.20 -31.46
N CYS H 416 2.43 91.74 -32.62
CA CYS H 416 2.33 90.95 -33.87
C CYS H 416 3.47 91.21 -34.79
N LYS H 417 3.73 90.28 -35.69
CA LYS H 417 4.85 90.45 -36.63
C LYS H 417 4.68 91.69 -37.49
N THR H 418 3.46 91.88 -37.98
CA THR H 418 3.14 92.99 -38.87
C THR H 418 3.17 94.38 -38.22
N ALA H 419 3.16 94.46 -36.89
CA ALA H 419 3.22 95.74 -36.17
C ALA H 419 3.82 95.53 -34.80
N PRO H 420 5.16 95.52 -34.75
CA PRO H 420 5.86 95.16 -33.53
C PRO H 420 5.90 96.23 -32.43
N ASN H 421 5.36 97.43 -32.67
CA ASN H 421 5.22 98.41 -31.59
C ASN H 421 3.82 98.50 -30.99
N ARG H 422 2.85 97.84 -31.62
CA ARG H 422 1.48 97.85 -31.15
C ARG H 422 1.18 96.64 -30.28
N ALA H 423 0.94 96.92 -29.00
CA ALA H 423 0.60 95.90 -28.03
C ALA H 423 -0.85 95.51 -28.15
N ILE H 424 -1.16 94.28 -27.72
CA ILE H 424 -2.52 93.73 -27.77
C ILE H 424 -2.71 92.76 -26.61
N ARG H 425 -3.92 92.22 -26.48
CA ARG H 425 -4.23 91.20 -25.47
C ARG H 425 -4.64 89.92 -26.16
N ILE H 426 -4.46 88.80 -25.48
CA ILE H 426 -4.93 87.52 -25.98
C ILE H 426 -5.70 86.84 -24.84
N THR H 427 -6.98 86.55 -25.08
CA THR H 427 -7.86 85.92 -24.08
C THR H 427 -7.60 84.42 -24.04
N LYS H 428 -8.30 83.69 -23.15
CA LYS H 428 -8.14 82.25 -23.09
C LYS H 428 -8.78 81.53 -24.29
N ASN H 429 -9.95 82.00 -24.71
CA ASN H 429 -10.70 81.48 -25.88
C ASN H 429 -9.84 81.46 -27.16
N GLN H 430 -9.11 82.57 -27.35
CA GLN H 430 -8.26 82.80 -28.49
C GLN H 430 -7.09 81.82 -28.61
N VAL H 431 -6.79 81.03 -27.56
CA VAL H 431 -5.64 80.13 -27.60
C VAL H 431 -5.94 78.63 -27.77
N SER H 432 -6.74 78.06 -26.87
CA SER H 432 -7.00 76.62 -26.85
C SER H 432 -8.12 76.22 -25.90
N GLN H 433 -8.89 75.20 -26.28
CA GLN H 433 -9.90 74.63 -25.41
C GLN H 433 -9.28 73.71 -24.34
N LEU H 434 -8.04 73.27 -24.53
CA LEU H 434 -7.43 72.28 -23.63
C LEU H 434 -6.64 72.89 -22.48
N LEU H 435 -6.82 74.18 -22.23
CA LEU H 435 -6.13 74.85 -21.14
C LEU H 435 -6.94 74.69 -19.87
N PRO H 436 -6.36 75.04 -18.72
CA PRO H 436 -7.08 74.87 -17.45
C PRO H 436 -8.35 75.66 -17.34
N GLU H 437 -9.33 75.13 -16.61
CA GLU H 437 -10.62 75.79 -16.37
C GLU H 437 -10.49 76.83 -15.25
N LYS H 438 -9.86 76.41 -14.15
CA LYS H 438 -9.55 77.30 -12.99
C LYS H 438 -8.05 77.45 -12.93
N PHE H 439 -7.55 78.37 -12.10
CA PHE H 439 -6.11 78.60 -11.94
C PHE H 439 -5.62 78.56 -10.49
N ALA H 440 -6.43 77.96 -9.62
CA ALA H 440 -6.11 77.85 -8.22
C ALA H 440 -6.92 76.74 -7.60
N GLU H 441 -6.28 75.97 -6.74
CA GLU H 441 -6.95 74.89 -6.01
C GLU H 441 -6.23 74.67 -4.71
N GLN H 442 -6.81 73.81 -3.88
CA GLN H 442 -6.21 73.46 -2.59
C GLN H 442 -5.97 71.98 -2.53
N LEU H 443 -4.89 71.59 -1.84
CA LEU H 443 -4.65 70.20 -1.50
C LEU H 443 -4.58 70.08 -0.01
N ILE H 444 -5.22 69.03 0.52
CA ILE H 444 -5.25 68.79 1.94
C ILE H 444 -4.62 67.43 2.18
N ARG H 445 -3.44 67.43 2.78
CA ARG H 445 -2.76 66.20 3.21
C ARG H 445 -2.99 66.02 4.68
N VAL H 446 -3.21 64.78 5.09
CA VAL H 446 -3.33 64.42 6.49
C VAL H 446 -2.23 63.39 6.81
N TYR H 447 -1.48 63.65 7.86
CA TYR H 447 -0.49 62.70 8.33
C TYR H 447 -0.87 62.33 9.77
N CYS H 448 -0.33 61.22 10.28
CA CYS H 448 -0.55 60.78 11.67
C CYS H 448 0.79 60.67 12.42
N LYS H 449 0.88 61.31 13.59
CA LYS H 449 2.11 61.29 14.38
C LYS H 449 2.41 59.93 15.04
N LYS H 450 1.38 59.08 15.26
CA LYS H 450 1.60 57.72 15.77
C LYS H 450 1.86 56.75 14.59
N VAL H 451 2.99 56.06 14.66
CA VAL H 451 3.57 55.33 13.54
C VAL H 451 3.02 53.87 13.36
N ASP H 452 2.75 53.19 14.49
CA ASP H 452 2.37 51.77 14.52
C ASP H 452 1.20 51.33 13.63
N ARG H 453 1.16 50.01 13.33
CA ARG H 453 0.17 49.43 12.40
C ARG H 453 -1.28 49.73 12.85
N LYS H 454 -1.59 49.59 14.14
CA LYS H 454 -2.97 49.77 14.68
C LYS H 454 -3.44 51.24 14.57
N SER H 455 -2.60 52.20 14.96
CA SER H 455 -2.94 53.65 14.89
C SER H 455 -3.13 54.16 13.46
N LEU H 456 -2.32 53.66 12.56
CA LEU H 456 -2.38 54.07 11.16
C LEU H 456 -3.68 53.63 10.53
N TYR H 457 -4.12 52.40 10.82
CA TYR H 457 -5.45 51.95 10.34
C TYR H 457 -6.58 52.85 10.85
N ALA H 458 -6.52 53.18 12.13
CA ALA H 458 -7.54 54.04 12.73
C ALA H 458 -7.54 55.40 12.07
N ALA H 459 -6.34 55.96 11.90
CA ALA H 459 -6.16 57.26 11.27
C ALA H 459 -6.80 57.32 9.90
N ARG H 460 -6.61 56.26 9.12
CA ARG H 460 -7.22 56.11 7.81
C ARG H 460 -8.74 56.17 7.88
N GLN H 461 -9.34 55.49 8.86
CA GLN H 461 -10.79 55.48 9.01
C GLN H 461 -11.31 56.89 9.38
N TYR H 462 -10.68 57.51 10.38
CA TYR H 462 -11.01 58.89 10.72
C TYR H 462 -10.92 59.81 9.50
N PHE H 463 -9.83 59.70 8.75
CA PHE H 463 -9.60 60.57 7.60
C PHE H 463 -10.66 60.39 6.51
N VAL H 464 -10.89 59.16 6.09
CA VAL H 464 -11.80 58.91 4.97
C VAL H 464 -13.23 59.33 5.34
N GLN H 465 -13.57 59.20 6.61
CA GLN H 465 -14.87 59.65 7.12
C GLN H 465 -14.95 61.16 7.09
N TRP H 466 -13.92 61.82 7.62
CA TRP H 466 -13.83 63.28 7.58
C TRP H 466 -14.04 63.85 6.17
N CYS H 467 -13.48 63.14 5.17
CA CYS H 467 -13.68 63.51 3.76
C CYS H 467 -15.15 63.42 3.39
N ALA H 468 -15.79 62.30 3.70
CA ALA H 468 -17.23 62.16 3.47
C ALA H 468 -18.04 63.21 4.20
N ASP H 469 -17.71 63.43 5.48
CA ASP H 469 -18.40 64.41 6.32
C ASP H 469 -18.36 65.82 5.73
N ARG H 470 -17.23 66.25 5.18
CA ARG H 470 -17.13 67.62 4.65
C ARG H 470 -17.34 67.73 3.12
N ASN H 471 -17.84 66.65 2.52
CA ASN H 471 -18.09 66.57 1.08
C ASN H 471 -16.86 66.91 0.23
N PHE H 472 -15.71 66.38 0.66
CA PHE H 472 -14.46 66.47 -0.07
C PHE H 472 -14.35 65.32 -1.07
N THR H 473 -13.37 65.40 -1.96
CA THR H 473 -13.17 64.37 -2.97
C THR H 473 -12.77 63.09 -2.30
N LYS H 474 -13.16 61.97 -2.91
CA LYS H 474 -12.79 60.66 -2.42
C LYS H 474 -11.29 60.49 -2.58
N PRO H 475 -10.59 60.09 -1.49
CA PRO H 475 -9.18 59.78 -1.64
C PRO H 475 -8.95 58.71 -2.71
N GLN H 476 -7.91 58.87 -3.53
CA GLN H 476 -7.62 57.95 -4.66
C GLN H 476 -7.59 56.48 -4.18
N ASP H 477 -6.91 56.26 -3.06
CA ASP H 477 -6.78 54.94 -2.41
C ASP H 477 -7.91 54.57 -1.46
N GLY H 478 -9.00 55.32 -1.49
CA GLY H 478 -9.98 55.29 -0.42
C GLY H 478 -10.71 53.98 -0.26
N ASP H 479 -11.01 53.33 -1.38
CA ASP H 479 -11.68 52.03 -1.36
C ASP H 479 -10.84 50.94 -0.70
N VAL H 480 -9.53 51.09 -0.77
CA VAL H 480 -8.59 50.10 -0.23
C VAL H 480 -8.32 50.36 1.25
N ILE H 481 -7.94 51.59 1.60
CA ILE H 481 -7.57 51.93 2.99
C ILE H 481 -8.72 51.97 3.97
N ALA H 482 -9.93 52.26 3.48
CA ALA H 482 -11.13 52.32 4.31
C ALA H 482 -12.32 51.76 3.56
N PRO H 483 -12.31 50.45 3.31
CA PRO H 483 -13.33 49.82 2.46
C PRO H 483 -14.72 49.83 3.08
N LEU H 484 -14.78 49.89 4.42
CA LEU H 484 -16.05 49.95 5.12
C LEU H 484 -16.71 51.33 5.15
N ILE H 485 -15.96 52.37 4.81
CA ILE H 485 -16.48 53.75 4.87
C ILE H 485 -16.94 54.31 3.52
N THR H 486 -16.27 53.95 2.44
CA THR H 486 -16.56 54.54 1.12
C THR H 486 -17.96 54.24 0.55
N PRO H 487 -18.58 53.08 0.87
CA PRO H 487 -19.98 52.94 0.46
C PRO H 487 -20.97 53.90 1.16
N GLN H 488 -20.71 54.35 2.40
CA GLN H 488 -21.56 55.39 3.06
C GLN H 488 -21.93 56.61 2.16
N LYS H 489 -20.97 57.12 1.37
CA LYS H 489 -21.20 58.29 0.50
C LYS H 489 -21.80 57.88 -0.86
N LYS H 490 -23.08 58.24 -1.10
CA LYS H 490 -23.78 58.05 -2.40
C LYS H 490 -23.02 58.76 -3.57
N GLU H 491 -22.53 59.98 -3.31
CA GLU H 491 -21.79 60.80 -4.29
C GLU H 491 -20.50 60.11 -4.86
N TRP H 492 -19.95 59.10 -4.14
CA TRP H 492 -18.74 58.38 -4.56
C TRP H 492 -18.99 57.07 -5.36
N ASN H 493 -20.25 56.77 -5.72
CA ASN H 493 -20.62 55.47 -6.36
C ASN H 493 -21.42 55.52 -7.69
N MET I 9 -24.33 -38.55 13.62
CA MET I 9 -25.12 -39.78 14.09
C MET I 9 -24.21 -40.60 14.94
N LYS I 10 -24.77 -41.19 15.97
CA LYS I 10 -24.02 -42.05 16.85
C LYS I 10 -24.77 -43.36 17.02
N VAL I 11 -24.04 -44.48 16.91
CA VAL I 11 -24.63 -45.80 17.04
C VAL I 11 -24.29 -46.26 18.42
N ILE I 12 -25.25 -46.92 19.05
CA ILE I 12 -25.11 -47.37 20.44
C ILE I 12 -25.79 -48.72 20.61
N ASN I 13 -25.13 -49.64 21.32
CA ASN I 13 -25.56 -51.04 21.42
C ASN I 13 -26.26 -51.36 22.74
N ASP I 14 -27.57 -51.45 22.62
CA ASP I 14 -28.47 -51.80 23.73
C ASP I 14 -28.74 -53.29 23.64
N PRO I 15 -28.70 -54.01 24.77
CA PRO I 15 -28.99 -55.44 24.69
C PRO I 15 -30.43 -55.78 24.37
N ILE I 16 -31.36 -54.89 24.63
CA ILE I 16 -32.76 -55.14 24.30
C ILE I 16 -33.01 -54.84 22.86
N HIS I 17 -32.62 -53.66 22.39
CA HIS I 17 -33.01 -53.20 21.07
C HIS I 17 -31.98 -53.35 19.97
N GLY I 18 -30.75 -53.66 20.35
CA GLY I 18 -29.69 -53.82 19.38
C GLY I 18 -28.99 -52.51 19.12
N HIS I 19 -28.45 -52.35 17.91
CA HIS I 19 -27.76 -51.12 17.56
C HIS I 19 -28.76 -50.08 17.15
N ILE I 20 -28.80 -48.98 17.88
CA ILE I 20 -29.75 -47.90 17.60
C ILE I 20 -29.00 -46.66 17.26
N GLU I 21 -29.60 -45.82 16.41
CA GLU I 21 -28.97 -44.57 15.99
C GLU I 21 -29.51 -43.43 16.81
N LEU I 22 -28.62 -42.53 17.24
CA LEU I 22 -29.00 -41.35 17.97
C LEU I 22 -28.60 -40.15 17.13
N HIS I 23 -29.61 -39.39 16.71
CA HIS I 23 -29.41 -38.12 16.03
C HIS I 23 -28.60 -37.15 16.92
N PRO I 24 -27.71 -36.34 16.33
CA PRO I 24 -26.81 -35.49 17.09
C PRO I 24 -27.46 -34.64 18.17
N LEU I 25 -28.64 -34.09 17.85
CA LEU I 25 -29.44 -33.36 18.82
C LEU I 25 -29.72 -34.19 20.06
N LEU I 26 -30.05 -35.47 19.87
CA LEU I 26 -30.30 -36.37 21.00
C LEU I 26 -29.04 -36.61 21.79
N VAL I 27 -27.93 -36.85 21.10
CA VAL I 27 -26.64 -37.06 21.75
C VAL I 27 -26.33 -35.87 22.65
N ARG I 28 -26.64 -34.68 22.16
CA ARG I 28 -26.33 -33.46 22.88
C ARG I 28 -27.14 -33.31 24.17
N ILE I 29 -28.39 -33.76 24.12
CA ILE I 29 -29.27 -33.81 25.28
C ILE I 29 -28.78 -34.89 26.25
N ILE I 30 -28.42 -36.04 25.71
CA ILE I 30 -27.92 -37.17 26.50
C ILE I 30 -26.67 -36.82 27.30
N ASP I 31 -25.73 -36.11 26.68
CA ASP I 31 -24.45 -35.78 27.31
C ASP I 31 -24.52 -34.51 28.16
N THR I 32 -25.34 -34.58 29.20
CA THR I 32 -25.59 -33.48 30.12
C THR I 32 -25.75 -34.08 31.51
N PRO I 33 -25.34 -33.35 32.56
CA PRO I 33 -25.48 -33.88 33.91
C PRO I 33 -26.90 -34.31 34.26
N GLN I 34 -27.90 -33.63 33.70
CA GLN I 34 -29.28 -33.87 34.09
C GLN I 34 -29.80 -35.22 33.59
N PHE I 35 -29.27 -35.64 32.44
CA PHE I 35 -29.61 -36.91 31.84
C PHE I 35 -28.71 -38.02 32.35
N GLN I 36 -27.40 -37.78 32.40
CA GLN I 36 -26.48 -38.84 32.87
C GLN I 36 -26.75 -39.21 34.33
N ARG I 37 -27.34 -38.29 35.07
CA ARG I 37 -27.88 -38.58 36.40
C ARG I 37 -28.66 -39.87 36.47
N LEU I 38 -29.39 -40.21 35.42
CA LEU I 38 -30.18 -41.43 35.40
C LEU I 38 -29.37 -42.72 35.41
N ARG I 39 -28.07 -42.67 35.15
CA ARG I 39 -27.19 -43.83 35.35
C ARG I 39 -27.12 -44.27 36.80
N TYR I 40 -27.41 -43.38 37.73
CA TYR I 40 -27.25 -43.67 39.13
C TYR I 40 -28.61 -43.79 39.87
N ILE I 41 -29.66 -44.14 39.15
CA ILE I 41 -30.98 -44.42 39.72
C ILE I 41 -31.51 -45.74 39.20
N LYS I 42 -31.74 -46.72 40.08
CA LYS I 42 -32.15 -48.05 39.66
C LYS I 42 -33.63 -48.11 39.25
N GLN I 43 -33.91 -48.89 38.21
CA GLN I 43 -35.24 -48.95 37.59
C GLN I 43 -36.26 -49.45 38.57
N LEU I 44 -35.94 -50.59 39.16
CA LEU I 44 -36.87 -51.31 40.04
C LEU I 44 -36.64 -51.03 41.52
N GLY I 45 -35.94 -49.95 41.87
CA GLY I 45 -35.74 -49.54 43.27
C GLY I 45 -35.10 -50.69 44.04
N GLY I 46 -35.75 -51.02 45.15
CA GLY I 46 -35.36 -52.15 45.98
C GLY I 46 -35.42 -53.54 45.35
N GLY I 47 -36.04 -53.68 44.20
CA GLY I 47 -36.11 -54.98 43.54
C GLY I 47 -34.78 -55.67 43.31
N TYR I 48 -33.72 -54.89 43.11
CA TYR I 48 -32.37 -55.47 43.01
C TYR I 48 -31.98 -56.31 44.22
N TYR I 49 -32.53 -55.98 45.39
CA TYR I 49 -32.21 -56.72 46.59
C TYR I 49 -33.00 -58.04 46.72
N VAL I 50 -33.89 -58.31 45.76
CA VAL I 50 -34.57 -59.59 45.64
C VAL I 50 -34.26 -60.30 44.30
N PHE I 51 -34.22 -59.57 43.20
CA PHE I 51 -33.84 -60.13 41.90
C PHE I 51 -32.44 -59.61 41.59
N PRO I 52 -31.39 -60.40 41.84
CA PRO I 52 -30.04 -59.87 41.68
C PRO I 52 -29.66 -59.55 40.22
N GLY I 53 -30.51 -59.91 39.25
CA GLY I 53 -30.28 -59.46 37.89
C GLY I 53 -30.55 -57.98 37.67
N ALA I 54 -31.48 -57.41 38.47
CA ALA I 54 -32.11 -56.09 38.24
C ALA I 54 -31.34 -54.85 38.70
N SER I 55 -30.05 -54.89 38.37
CA SER I 55 -29.09 -53.79 38.46
C SER I 55 -29.38 -52.60 37.54
N HIS I 56 -30.23 -52.82 36.54
CA HIS I 56 -30.50 -51.83 35.50
C HIS I 56 -31.09 -50.54 36.05
N ASN I 57 -30.63 -49.45 35.40
CA ASN I 57 -30.94 -48.10 35.76
C ASN I 57 -31.82 -47.39 34.73
N ARG I 58 -32.35 -46.24 35.13
CA ARG I 58 -33.20 -45.42 34.27
C ARG I 58 -32.58 -44.92 32.99
N PHE I 59 -31.27 -44.67 33.01
CA PHE I 59 -30.53 -44.23 31.84
C PHE I 59 -30.87 -45.06 30.62
N GLU I 60 -30.61 -46.35 30.72
CA GLU I 60 -30.75 -47.23 29.58
C GLU I 60 -32.20 -47.47 29.16
N HIS I 61 -33.14 -47.44 30.11
CA HIS I 61 -34.59 -47.45 29.82
C HIS I 61 -34.94 -46.19 29.03
N SER I 62 -34.43 -45.06 29.51
CA SER I 62 -34.72 -43.78 28.91
C SER I 62 -34.26 -43.82 27.42
N LEU I 63 -33.05 -44.30 27.13
CA LEU I 63 -32.63 -44.44 25.73
C LEU I 63 -33.61 -45.28 24.91
N GLY I 64 -34.00 -46.41 25.46
CA GLY I 64 -34.85 -47.35 24.74
C GLY I 64 -36.23 -46.80 24.44
N VAL I 65 -36.77 -46.00 25.37
CA VAL I 65 -38.08 -45.39 25.14
C VAL I 65 -37.97 -44.38 24.03
N GLY I 66 -36.89 -43.61 24.06
CA GLY I 66 -36.58 -42.69 22.99
C GLY I 66 -36.53 -43.39 21.66
N TYR I 67 -35.84 -44.53 21.62
CA TYR I 67 -35.67 -45.26 20.38
C TYR I 67 -36.98 -45.77 19.84
N LEU I 68 -37.77 -46.40 20.71
CA LEU I 68 -39.06 -46.96 20.32
C LEU I 68 -40.07 -45.90 19.95
N ALA I 69 -40.03 -44.76 20.62
CA ALA I 69 -40.85 -43.62 20.20
C ALA I 69 -40.58 -43.29 18.72
N GLY I 70 -39.30 -43.23 18.39
CA GLY I 70 -38.86 -43.06 17.02
C GLY I 70 -39.37 -44.11 16.07
N CYS I 71 -39.29 -45.38 16.45
CA CYS I 71 -39.74 -46.45 15.57
C CYS I 71 -41.20 -46.35 15.22
N LEU I 72 -42.03 -46.04 16.22
CA LEU I 72 -43.46 -46.06 16.00
C LEU I 72 -43.85 -44.88 15.13
N VAL I 73 -43.39 -43.67 15.48
CA VAL I 73 -43.74 -42.50 14.68
C VAL I 73 -43.17 -42.61 13.27
N HIS I 74 -41.97 -43.13 13.14
CA HIS I 74 -41.34 -43.29 11.84
C HIS I 74 -42.11 -44.29 10.96
N ALA I 75 -42.56 -45.38 11.57
CA ALA I 75 -43.34 -46.41 10.86
C ALA I 75 -44.68 -45.88 10.42
N LEU I 76 -45.37 -45.16 11.30
CA LEU I 76 -46.67 -44.60 10.93
C LEU I 76 -46.52 -43.74 9.70
N GLY I 77 -45.41 -43.00 9.62
CA GLY I 77 -45.10 -42.11 8.49
C GLY I 77 -44.82 -42.78 7.17
N GLU I 78 -44.07 -43.89 7.20
CA GLU I 78 -43.85 -44.70 5.98
C GLU I 78 -45.17 -45.23 5.44
N LYS I 79 -45.94 -45.92 6.30
CA LYS I 79 -47.21 -46.54 5.92
C LYS I 79 -48.27 -45.49 5.47
N GLN I 80 -48.25 -44.27 6.01
CA GLN I 80 -49.27 -43.23 5.69
C GLN I 80 -48.65 -41.82 5.49
N PRO I 81 -48.15 -41.54 4.28
CA PRO I 81 -47.59 -40.22 4.02
C PRO I 81 -48.58 -39.07 4.23
N GLU I 82 -49.85 -39.29 3.93
CA GLU I 82 -50.91 -38.27 4.09
C GLU I 82 -50.90 -37.56 5.45
N LEU I 83 -50.41 -38.23 6.49
CA LEU I 83 -50.35 -37.65 7.83
C LEU I 83 -49.36 -36.48 7.97
N GLN I 84 -48.38 -36.43 7.07
CA GLN I 84 -47.40 -35.34 6.98
C GLN I 84 -46.63 -35.21 8.27
N ILE I 85 -46.00 -36.32 8.64
CA ILE I 85 -45.16 -36.39 9.80
C ILE I 85 -43.80 -35.91 9.33
N SER I 86 -43.30 -34.80 9.89
CA SER I 86 -42.00 -34.22 9.50
C SER I 86 -40.88 -34.80 10.35
N GLU I 87 -39.62 -34.69 9.89
CA GLU I 87 -38.48 -35.14 10.71
C GLU I 87 -38.36 -34.29 11.98
N ARG I 88 -38.95 -33.10 11.95
CA ARG I 88 -39.12 -32.30 13.13
C ARG I 88 -40.05 -32.97 14.16
N ASP I 89 -41.19 -33.48 13.71
CA ASP I 89 -42.10 -34.23 14.57
C ASP I 89 -41.39 -35.44 15.17
N VAL I 90 -40.60 -36.13 14.36
CA VAL I 90 -39.94 -37.34 14.80
C VAL I 90 -38.94 -37.03 15.92
N LEU I 91 -38.08 -36.05 15.69
CA LEU I 91 -37.15 -35.62 16.73
C LEU I 91 -37.83 -35.24 18.02
N CYS I 92 -38.92 -34.48 17.93
CA CYS I 92 -39.66 -34.07 19.12
C CYS I 92 -40.22 -35.26 19.89
N VAL I 93 -40.73 -36.26 19.18
CA VAL I 93 -41.26 -37.45 19.81
C VAL I 93 -40.14 -38.26 20.44
N GLN I 94 -39.02 -38.40 19.74
CA GLN I 94 -37.85 -39.08 20.32
C GLN I 94 -37.34 -38.39 21.56
N ILE I 95 -37.24 -37.07 21.52
CA ILE I 95 -36.77 -36.28 22.67
C ILE I 95 -37.69 -36.48 23.87
N ALA I 96 -38.99 -36.50 23.65
CA ALA I 96 -39.94 -36.71 24.72
C ALA I 96 -39.74 -38.07 25.34
N GLY I 97 -39.64 -39.07 24.48
CA GLY I 97 -39.37 -40.43 24.94
C GLY I 97 -38.09 -40.55 25.75
N LEU I 98 -37.05 -39.91 25.25
CA LEU I 98 -35.74 -39.94 25.88
C LEU I 98 -35.76 -39.30 27.27
N CYS I 99 -36.49 -38.20 27.38
CA CYS I 99 -36.54 -37.41 28.62
C CYS I 99 -37.78 -37.69 29.50
N HIS I 100 -38.54 -38.74 29.20
CA HIS I 100 -39.84 -38.92 29.88
C HIS I 100 -39.68 -39.23 31.36
N ASP I 101 -38.54 -39.83 31.73
CA ASP I 101 -38.28 -40.25 33.12
C ASP I 101 -37.16 -39.44 33.77
N LEU I 102 -36.87 -38.27 33.23
CA LEU I 102 -35.83 -37.39 33.81
C LEU I 102 -36.01 -37.04 35.27
N GLY I 103 -37.25 -37.04 35.74
CA GLY I 103 -37.61 -36.62 37.09
C GLY I 103 -37.84 -37.71 38.12
N HIS I 104 -37.37 -38.93 37.86
CA HIS I 104 -37.47 -39.96 38.88
C HIS I 104 -36.49 -39.66 40.00
N GLY I 105 -36.90 -39.98 41.22
CA GLY I 105 -36.01 -39.83 42.37
C GLY I 105 -35.18 -41.05 42.71
N PRO I 106 -34.44 -40.99 43.83
CA PRO I 106 -33.72 -42.14 44.31
C PRO I 106 -34.64 -43.35 44.45
N PHE I 107 -34.19 -44.49 43.93
CA PHE I 107 -34.96 -45.71 43.94
C PHE I 107 -36.32 -45.58 43.22
N SER I 108 -36.31 -44.79 42.16
CA SER I 108 -37.43 -44.66 41.23
C SER I 108 -38.76 -44.40 41.93
N HIS I 109 -39.59 -45.45 42.03
CA HIS I 109 -40.99 -45.30 42.40
C HIS I 109 -41.16 -45.24 43.91
N MET I 110 -40.13 -45.62 44.64
CA MET I 110 -40.11 -45.46 46.07
C MET I 110 -40.20 -43.98 46.44
N PHE I 111 -39.51 -43.14 45.67
CA PHE I 111 -39.42 -41.71 45.96
C PHE I 111 -40.74 -40.96 45.82
N ASP I 112 -41.36 -41.01 44.64
CA ASP I 112 -42.65 -40.37 44.42
C ASP I 112 -43.80 -41.12 45.08
N GLY I 113 -43.63 -42.42 45.29
CA GLY I 113 -44.69 -43.31 45.76
C GLY I 113 -44.80 -43.47 47.26
N ARG I 114 -43.67 -43.62 47.95
CA ARG I 114 -43.65 -43.78 49.43
C ARG I 114 -43.09 -42.57 50.16
N PHE I 115 -41.89 -42.14 49.76
CA PHE I 115 -41.14 -41.16 50.54
C PHE I 115 -41.73 -39.76 50.60
N ILE I 116 -41.86 -39.11 49.45
CA ILE I 116 -42.38 -37.74 49.40
C ILE I 116 -43.77 -37.65 50.01
N PRO I 117 -44.69 -38.59 49.72
CA PRO I 117 -45.98 -38.52 50.40
C PRO I 117 -45.93 -38.56 51.92
N LEU I 118 -44.92 -39.21 52.48
CA LEU I 118 -44.74 -39.23 53.94
C LEU I 118 -43.99 -38.02 54.47
N ALA I 119 -42.92 -37.62 53.80
CA ALA I 119 -42.10 -36.50 54.25
C ALA I 119 -42.79 -35.16 54.07
N ARG I 120 -43.58 -35.00 53.01
CA ARG I 120 -44.27 -33.74 52.71
C ARG I 120 -45.70 -34.00 52.22
N PRO I 121 -46.61 -34.30 53.16
CA PRO I 121 -48.00 -34.64 52.81
C PRO I 121 -48.79 -33.50 52.14
N GLU I 122 -48.40 -32.26 52.41
CA GLU I 122 -49.01 -31.08 51.77
C GLU I 122 -48.86 -31.03 50.23
N VAL I 123 -47.80 -31.60 49.65
CA VAL I 123 -47.55 -31.45 48.20
C VAL I 123 -48.18 -32.59 47.42
N LYS I 124 -48.75 -32.30 46.26
CA LYS I 124 -49.03 -33.31 45.22
C LYS I 124 -47.83 -33.25 44.24
N TRP I 125 -46.92 -34.23 44.33
CA TRP I 125 -45.73 -34.31 43.45
C TRP I 125 -45.59 -35.65 42.76
N THR I 126 -45.39 -35.62 41.44
CA THR I 126 -45.24 -36.84 40.63
C THR I 126 -43.89 -36.87 39.93
N HIS I 127 -43.42 -38.06 39.59
CA HIS I 127 -42.15 -38.18 38.86
C HIS I 127 -42.25 -37.48 37.49
N GLU I 128 -43.43 -37.51 36.89
CA GLU I 128 -43.69 -36.84 35.61
C GLU I 128 -43.47 -35.34 35.69
N GLN I 129 -44.06 -34.68 36.69
CA GLN I 129 -43.90 -33.23 36.86
C GLN I 129 -42.43 -32.88 36.97
N GLY I 130 -41.70 -33.73 37.69
CA GLY I 130 -40.28 -33.61 37.83
C GLY I 130 -39.58 -33.66 36.49
N SER I 131 -40.00 -34.59 35.63
CA SER I 131 -39.44 -34.71 34.29
C SER I 131 -39.57 -33.39 33.49
N VAL I 132 -40.72 -32.76 33.56
CA VAL I 132 -40.93 -31.47 32.90
C VAL I 132 -39.97 -30.41 33.43
N MET I 133 -39.88 -30.30 34.76
CA MET I 133 -38.99 -29.33 35.38
C MET I 133 -37.55 -29.56 35.05
N MET I 134 -37.13 -30.82 35.13
CA MET I 134 -35.76 -31.22 34.89
C MET I 134 -35.41 -31.08 33.41
N PHE I 135 -36.39 -31.27 32.53
CA PHE I 135 -36.20 -31.03 31.09
C PHE I 135 -35.90 -29.56 30.84
N GLU I 136 -36.75 -28.69 31.38
CA GLU I 136 -36.53 -27.25 31.32
C GLU I 136 -35.12 -26.91 31.82
N HIS I 137 -34.74 -27.43 32.98
CA HIS I 137 -33.40 -27.15 33.56
C HIS I 137 -32.31 -27.65 32.63
N LEU I 138 -32.49 -28.82 32.03
CA LEU I 138 -31.49 -29.40 31.12
C LEU I 138 -31.28 -28.53 29.90
N ILE I 139 -32.39 -28.11 29.30
CA ILE I 139 -32.41 -27.22 28.15
C ILE I 139 -31.65 -25.93 28.44
N ASN I 140 -32.04 -25.24 29.51
CA ASN I 140 -31.52 -23.91 29.80
C ASN I 140 -30.07 -23.92 30.22
N SER I 141 -29.69 -24.85 31.08
CA SER I 141 -28.32 -24.90 31.57
C SER I 141 -27.29 -25.43 30.53
N ASN I 142 -27.72 -26.15 29.50
CA ASN I 142 -26.78 -26.68 28.49
C ASN I 142 -26.93 -26.08 27.08
N GLY I 143 -27.54 -24.90 26.97
CA GLY I 143 -27.67 -24.18 25.68
C GLY I 143 -28.19 -25.01 24.53
N ILE I 144 -29.31 -25.68 24.75
CA ILE I 144 -29.87 -26.62 23.77
C ILE I 144 -30.75 -25.89 22.75
N LYS I 145 -31.41 -24.81 23.17
CA LYS I 145 -32.30 -24.11 22.27
C LYS I 145 -31.67 -23.75 20.89
N PRO I 146 -30.44 -23.19 20.86
CA PRO I 146 -29.77 -22.95 19.56
C PRO I 146 -29.56 -24.20 18.72
N VAL I 147 -29.26 -25.31 19.39
CA VAL I 147 -29.03 -26.60 18.73
C VAL I 147 -30.34 -27.16 18.17
N MET I 148 -31.43 -26.98 18.90
CA MET I 148 -32.75 -27.37 18.39
C MET I 148 -33.04 -26.62 17.07
N GLU I 149 -32.83 -25.32 17.09
CA GLU I 149 -33.02 -24.47 15.91
C GLU I 149 -32.16 -24.92 14.76
N GLN I 150 -30.92 -25.27 15.06
CA GLN I 150 -29.98 -25.75 14.05
C GLN I 150 -30.52 -26.93 13.25
N TYR I 151 -31.27 -27.83 13.89
CA TYR I 151 -31.85 -28.99 13.20
C TYR I 151 -33.34 -28.81 12.88
N GLY I 152 -33.79 -27.58 12.76
CA GLY I 152 -35.12 -27.29 12.23
C GLY I 152 -36.27 -27.27 13.22
N LEU I 153 -36.01 -27.42 14.52
CA LEU I 153 -37.07 -27.28 15.51
C LEU I 153 -37.39 -25.81 15.77
N ILE I 154 -38.55 -25.57 16.36
CA ILE I 154 -38.97 -24.24 16.78
C ILE I 154 -39.17 -24.32 18.29
N PRO I 155 -38.18 -23.91 19.08
CA PRO I 155 -38.23 -24.12 20.53
C PRO I 155 -39.51 -23.66 21.24
N GLU I 156 -40.04 -22.48 20.90
CA GLU I 156 -41.31 -22.02 21.50
C GLU I 156 -42.38 -23.14 21.49
N GLU I 157 -42.75 -23.57 20.28
CA GLU I 157 -43.75 -24.62 20.05
C GLU I 157 -43.32 -25.99 20.52
N ASP I 158 -42.10 -26.39 20.17
CA ASP I 158 -41.68 -27.77 20.37
C ASP I 158 -41.37 -28.14 21.80
N ILE I 159 -40.78 -27.21 22.56
CA ILE I 159 -40.56 -27.50 23.98
C ILE I 159 -41.89 -27.70 24.67
N CYS I 160 -42.90 -26.93 24.28
CA CYS I 160 -44.24 -27.15 24.81
C CYS I 160 -44.77 -28.54 24.44
N PHE I 161 -44.66 -28.90 23.17
CA PHE I 161 -45.06 -30.22 22.65
C PHE I 161 -44.35 -31.37 23.37
N ILE I 162 -43.07 -31.20 23.67
CA ILE I 162 -42.32 -32.23 24.37
C ILE I 162 -42.87 -32.38 25.80
N LYS I 163 -42.99 -31.28 26.51
CA LYS I 163 -43.53 -31.30 27.87
C LYS I 163 -44.93 -31.88 27.91
N GLU I 164 -45.76 -31.54 26.94
CA GLU I 164 -47.14 -32.03 26.87
C GLU I 164 -47.21 -33.54 26.65
N GLN I 165 -46.28 -34.08 25.86
CA GLN I 165 -46.21 -35.54 25.69
C GLN I 165 -46.00 -36.22 27.01
N ILE I 166 -45.16 -35.61 27.87
CA ILE I 166 -44.74 -36.20 29.14
C ILE I 166 -45.80 -36.17 30.22
N VAL I 167 -46.39 -35.00 30.47
CA VAL I 167 -47.39 -34.83 31.56
C VAL I 167 -48.82 -34.55 31.12
N GLY I 168 -49.09 -34.50 29.81
CA GLY I 168 -50.42 -34.11 29.36
C GLY I 168 -50.61 -32.61 29.39
N PRO I 169 -51.86 -32.13 29.25
CA PRO I 169 -52.06 -30.71 28.83
C PRO I 169 -51.66 -29.57 29.78
N LEU I 178 -63.19 -28.97 23.79
CA LEU I 178 -62.20 -28.33 22.87
C LEU I 178 -60.82 -28.97 22.96
N TRP I 179 -59.99 -28.68 21.97
CA TRP I 179 -58.63 -29.23 21.87
C TRP I 179 -57.71 -28.63 22.95
N PRO I 180 -57.31 -29.43 23.94
CA PRO I 180 -56.52 -28.88 25.03
C PRO I 180 -55.03 -28.60 24.76
N TYR I 181 -54.43 -29.16 23.70
CA TYR I 181 -52.98 -29.05 23.51
C TYR I 181 -52.61 -27.79 22.74
N LYS I 182 -51.56 -27.10 23.19
CA LYS I 182 -51.00 -25.93 22.51
C LYS I 182 -49.82 -26.31 21.64
N GLY I 183 -49.22 -27.47 21.86
CA GLY I 183 -47.98 -27.88 21.17
C GLY I 183 -48.14 -28.29 19.71
N ARG I 184 -49.23 -29.01 19.42
CA ARG I 184 -49.58 -29.41 18.05
C ARG I 184 -51.08 -29.27 17.82
N PRO I 185 -51.51 -29.20 16.56
CA PRO I 185 -52.96 -29.19 16.24
C PRO I 185 -53.63 -30.58 16.30
N GLU I 186 -54.95 -30.59 16.15
CA GLU I 186 -55.76 -31.84 16.21
C GLU I 186 -55.41 -32.89 15.17
N ASN I 187 -54.95 -32.41 14.00
CA ASN I 187 -54.56 -33.31 12.88
C ASN I 187 -53.25 -34.07 13.14
N LYS I 188 -52.62 -33.82 14.29
CA LYS I 188 -51.51 -34.63 14.74
C LYS I 188 -51.64 -35.12 16.18
N SER I 189 -52.89 -35.34 16.64
CA SER I 189 -53.13 -35.83 17.99
C SER I 189 -52.54 -37.21 18.28
N PHE I 190 -52.39 -38.02 17.23
CA PHE I 190 -51.75 -39.32 17.37
C PHE I 190 -50.34 -39.24 17.95
N LEU I 191 -49.62 -38.15 17.69
CA LEU I 191 -48.28 -38.02 18.25
C LEU I 191 -48.25 -38.04 19.79
N TYR I 192 -49.35 -37.59 20.41
CA TYR I 192 -49.49 -37.62 21.86
C TYR I 192 -49.75 -39.00 22.46
N GLU I 193 -50.11 -39.97 21.63
CA GLU I 193 -50.34 -41.34 22.06
C GLU I 193 -49.11 -42.26 21.94
N ILE I 194 -47.90 -41.71 21.75
CA ILE I 194 -46.71 -42.53 21.56
C ILE I 194 -45.91 -42.75 22.83
N VAL I 195 -45.46 -41.68 23.46
CA VAL I 195 -44.59 -41.81 24.64
C VAL I 195 -45.38 -42.07 25.94
N SER I 196 -46.51 -41.38 26.09
CA SER I 196 -47.34 -41.55 27.29
C SER I 196 -48.82 -41.37 26.93
N ASN I 197 -49.50 -42.50 26.78
CA ASN I 197 -50.84 -42.59 26.20
C ASN I 197 -51.89 -42.39 27.27
N LYS I 198 -52.44 -41.18 27.35
CA LYS I 198 -53.46 -40.87 28.35
C LYS I 198 -54.78 -41.57 28.06
N ARG I 199 -55.04 -41.93 26.82
CA ARG I 199 -56.34 -42.48 26.41
C ARG I 199 -56.55 -43.90 26.94
N ASN I 200 -55.58 -44.77 26.71
CA ASN I 200 -55.66 -46.19 27.04
C ASN I 200 -54.42 -46.83 27.69
N GLY I 201 -53.27 -46.17 27.60
CA GLY I 201 -52.07 -46.65 28.27
C GLY I 201 -51.14 -47.44 27.39
N ILE I 202 -51.52 -47.71 26.14
CA ILE I 202 -50.64 -48.43 25.23
C ILE I 202 -49.63 -47.45 24.68
N ASP I 203 -48.44 -47.45 25.26
CA ASP I 203 -47.37 -46.53 24.92
C ASP I 203 -46.01 -47.25 24.86
N VAL I 204 -45.01 -46.61 24.25
CA VAL I 204 -43.71 -47.25 24.07
C VAL I 204 -42.89 -47.36 25.36
N ASP I 205 -43.25 -46.59 26.37
CA ASP I 205 -42.65 -46.71 27.69
C ASP I 205 -42.85 -48.11 28.20
N LYS I 206 -44.10 -48.60 28.16
CA LYS I 206 -44.40 -49.98 28.59
C LYS I 206 -43.59 -50.98 27.78
N TRP I 207 -43.54 -50.78 26.49
CA TRP I 207 -42.92 -51.75 25.62
C TRP I 207 -41.46 -51.95 25.91
N ASP I 208 -40.77 -50.87 26.26
CA ASP I 208 -39.37 -51.00 26.61
C ASP I 208 -39.20 -51.68 27.95
N TYR I 209 -39.97 -51.27 28.95
CA TYR I 209 -39.76 -51.84 30.28
C TYR I 209 -40.18 -53.31 30.39
N PHE I 210 -41.21 -53.70 29.64
CA PHE I 210 -41.57 -55.12 29.58
C PHE I 210 -40.37 -55.93 29.18
N ALA I 211 -39.78 -55.56 28.05
CA ALA I 211 -38.67 -56.29 27.48
C ALA I 211 -37.43 -56.19 28.36
N ARG I 212 -37.16 -55.00 28.87
CA ARG I 212 -35.93 -54.76 29.62
C ARG I 212 -36.00 -55.34 31.01
N ASP I 213 -37.10 -55.13 31.71
CA ASP I 213 -37.22 -55.65 33.08
C ASP I 213 -37.18 -57.16 33.00
N CYS I 214 -37.92 -57.76 32.08
CA CYS I 214 -37.82 -59.20 31.88
C CYS I 214 -36.37 -59.69 31.66
N HIS I 215 -35.61 -59.00 30.83
CA HIS I 215 -34.24 -59.40 30.49
C HIS I 215 -33.40 -59.55 31.73
N HIS I 216 -33.48 -58.54 32.58
CA HIS I 216 -32.70 -58.45 33.81
C HIS I 216 -33.36 -59.24 34.96
N LEU I 217 -34.68 -59.34 35.00
CA LEU I 217 -35.33 -60.03 36.12
C LEU I 217 -35.15 -61.53 36.10
N GLY I 218 -35.10 -62.13 34.92
CA GLY I 218 -35.16 -63.60 34.78
C GLY I 218 -36.55 -64.15 34.60
N ILE I 219 -37.36 -63.38 33.89
CA ILE I 219 -38.73 -63.75 33.48
C ILE I 219 -38.79 -63.48 31.97
N GLN I 220 -39.32 -64.41 31.15
CA GLN I 220 -39.57 -64.12 29.72
C GLN I 220 -40.91 -63.34 29.61
N ASN I 221 -40.92 -62.50 28.59
CA ASN I 221 -41.94 -61.47 28.32
C ASN I 221 -42.95 -62.06 27.33
N ASN I 222 -44.24 -61.94 27.61
CA ASN I 222 -45.24 -62.51 26.68
C ASN I 222 -45.57 -61.68 25.39
N PHE I 223 -45.07 -60.45 25.28
CA PHE I 223 -45.69 -59.42 24.41
C PHE I 223 -44.79 -58.92 23.28
N ASP I 224 -45.35 -58.79 22.07
CA ASP I 224 -44.58 -58.43 20.87
C ASP I 224 -44.90 -57.01 20.40
N TYR I 225 -44.08 -56.04 20.81
CA TYR I 225 -44.28 -54.63 20.39
C TYR I 225 -44.11 -54.47 18.89
N LYS I 226 -43.16 -55.20 18.32
CA LYS I 226 -42.88 -55.07 16.91
C LYS I 226 -44.07 -55.40 16.04
N ARG I 227 -44.83 -56.39 16.47
CA ARG I 227 -46.03 -56.81 15.76
C ARG I 227 -47.10 -55.75 15.86
N PHE I 228 -47.23 -55.14 17.04
CA PHE I 228 -48.20 -54.05 17.20
C PHE I 228 -47.92 -52.89 16.25
N ILE I 229 -46.65 -52.52 16.14
CA ILE I 229 -46.21 -51.50 15.20
C ILE I 229 -46.57 -51.86 13.76
N LYS I 230 -46.41 -53.12 13.35
CA LYS I 230 -46.80 -53.49 11.99
C LYS I 230 -48.28 -53.41 11.74
N PHE I 231 -49.10 -53.58 12.77
CA PHE I 231 -50.55 -53.50 12.63
C PHE I 231 -51.11 -52.23 13.28
N ALA I 232 -50.33 -51.15 13.28
CA ALA I 232 -50.81 -49.88 13.79
C ALA I 232 -51.11 -49.00 12.61
N ARG I 233 -52.02 -48.06 12.82
CA ARG I 233 -52.53 -47.25 11.76
C ARG I 233 -53.29 -46.04 12.33
N VAL I 234 -53.28 -44.91 11.63
CA VAL I 234 -53.97 -43.73 12.09
C VAL I 234 -55.26 -43.57 11.33
N CYS I 235 -56.36 -43.34 12.05
CA CYS I 235 -57.68 -43.14 11.46
C CYS I 235 -58.39 -42.05 12.18
N GLU I 236 -59.45 -41.54 11.57
CA GLU I 236 -60.25 -40.50 12.19
C GLU I 236 -61.22 -41.09 13.20
N VAL I 237 -61.15 -40.61 14.44
CA VAL I 237 -62.14 -40.93 15.48
C VAL I 237 -62.60 -39.64 16.13
N ASP I 238 -63.89 -39.29 15.92
CA ASP I 238 -64.49 -38.09 16.53
C ASP I 238 -63.67 -36.85 16.17
N ASN I 239 -63.53 -36.60 14.88
CA ASN I 239 -62.85 -35.38 14.35
C ASN I 239 -61.40 -35.19 14.80
N GLU I 240 -60.69 -36.30 15.01
CA GLU I 240 -59.36 -36.27 15.60
C GLU I 240 -58.63 -37.53 15.13
N LEU I 241 -57.40 -37.39 14.67
CA LEU I 241 -56.63 -38.52 14.13
C LEU I 241 -55.90 -39.31 15.23
N ARG I 242 -56.31 -40.56 15.49
CA ARG I 242 -55.70 -41.41 16.53
C ARG I 242 -55.09 -42.72 16.03
N ILE I 243 -54.19 -43.29 16.82
CA ILE I 243 -53.63 -44.60 16.54
C ILE I 243 -54.70 -45.67 16.78
N CYS I 244 -54.88 -46.54 15.77
CA CYS I 244 -55.78 -47.67 15.86
C CYS I 244 -55.04 -48.96 15.63
N ALA I 245 -55.51 -50.03 16.28
CA ALA I 245 -54.93 -51.36 16.10
C ALA I 245 -55.89 -52.18 15.27
N ARG I 246 -55.37 -53.24 14.66
CA ARG I 246 -56.19 -54.08 13.83
C ARG I 246 -57.15 -54.90 14.65
N ASP I 247 -58.36 -55.11 14.13
CA ASP I 247 -59.38 -55.84 14.86
C ASP I 247 -58.88 -57.13 15.49
N LYS I 248 -58.24 -58.00 14.70
CA LYS I 248 -57.84 -59.31 15.22
C LYS I 248 -56.78 -59.20 16.37
N GLU I 249 -56.02 -58.10 16.44
CA GLU I 249 -55.03 -57.90 17.52
C GLU I 249 -55.61 -57.61 18.91
N VAL I 250 -56.93 -57.46 19.03
CA VAL I 250 -57.53 -57.12 20.31
C VAL I 250 -57.12 -58.10 21.40
N GLY I 251 -57.04 -59.39 21.06
CA GLY I 251 -56.56 -60.41 21.98
C GLY I 251 -55.20 -60.10 22.59
N ASN I 252 -54.26 -59.76 21.72
CA ASN I 252 -52.90 -59.41 22.15
C ASN I 252 -52.83 -58.18 23.05
N LEU I 253 -53.79 -57.28 22.92
CA LEU I 253 -53.84 -56.11 23.77
C LEU I 253 -54.34 -56.44 25.18
N TYR I 254 -55.36 -57.29 25.32
CA TYR I 254 -55.75 -57.76 26.65
C TYR I 254 -54.55 -58.49 27.29
N ASP I 255 -53.78 -59.22 26.48
CA ASP I 255 -52.60 -59.94 26.95
C ASP I 255 -51.44 -58.99 27.34
N MET I 256 -51.41 -57.80 26.76
CA MET I 256 -50.42 -56.80 27.14
C MET I 256 -50.64 -56.38 28.59
N PHE I 257 -51.88 -56.07 28.93
CA PHE I 257 -52.18 -55.59 30.27
C PHE I 257 -52.12 -56.73 31.29
N HIS I 258 -52.40 -57.96 30.85
CA HIS I 258 -52.19 -59.13 31.69
C HIS I 258 -50.71 -59.28 32.01
N THR I 259 -49.86 -59.18 30.99
CA THR I 259 -48.42 -59.21 31.16
C THR I 259 -47.98 -58.17 32.20
N ARG I 260 -48.53 -56.97 32.10
CA ARG I 260 -48.18 -55.92 33.02
C ARG I 260 -48.53 -56.29 34.45
N ASN I 261 -49.78 -56.67 34.69
CA ASN I 261 -50.23 -57.06 36.01
C ASN I 261 -49.41 -58.23 36.53
N SER I 262 -49.11 -59.17 35.65
CA SER I 262 -48.23 -60.29 35.99
C SER I 262 -46.84 -59.86 36.47
N LEU I 263 -46.22 -58.91 35.80
CA LEU I 263 -44.93 -58.38 36.25
C LEU I 263 -45.03 -57.62 37.58
N HIS I 264 -46.18 -57.01 37.85
CA HIS I 264 -46.39 -56.35 39.14
C HIS I 264 -46.46 -57.39 40.23
N ARG I 265 -47.20 -58.47 40.00
CA ARG I 265 -47.33 -59.50 41.00
C ARG I 265 -46.05 -60.22 41.27
N ARG I 266 -45.31 -60.53 40.24
CA ARG I 266 -44.12 -61.32 40.42
C ARG I 266 -42.96 -60.56 40.98
N ALA I 267 -42.76 -59.33 40.47
CA ALA I 267 -41.52 -58.60 40.70
C ALA I 267 -41.75 -57.26 41.35
N TYR I 268 -42.45 -56.36 40.69
CA TYR I 268 -42.47 -54.96 41.14
C TYR I 268 -43.08 -54.77 42.55
N GLN I 269 -44.11 -55.55 42.86
CA GLN I 269 -44.76 -55.56 44.17
C GLN I 269 -44.38 -56.78 45.03
N HIS I 270 -43.23 -57.41 44.75
CA HIS I 270 -42.78 -58.57 45.53
C HIS I 270 -42.71 -58.24 47.01
N LYS I 271 -43.24 -59.13 47.83
CA LYS I 271 -43.44 -58.85 49.26
C LYS I 271 -42.18 -58.35 50.01
N VAL I 272 -41.03 -58.90 49.67
CA VAL I 272 -39.75 -58.48 50.26
C VAL I 272 -39.18 -57.25 49.54
N GLY I 273 -39.37 -57.15 48.24
CA GLY I 273 -38.95 -55.97 47.51
C GLY I 273 -39.58 -54.73 48.13
N ASN I 274 -40.88 -54.81 48.37
CA ASN I 274 -41.63 -53.73 48.97
C ASN I 274 -41.22 -53.44 50.41
N ILE I 275 -40.85 -54.46 51.18
CA ILE I 275 -40.43 -54.18 52.54
C ILE I 275 -39.06 -53.51 52.55
N ILE I 276 -38.20 -53.87 51.62
CA ILE I 276 -36.94 -53.15 51.50
C ILE I 276 -37.16 -51.71 51.07
N ASP I 277 -38.09 -51.49 50.17
CA ASP I 277 -38.48 -50.12 49.83
C ASP I 277 -38.94 -49.37 51.06
N THR I 278 -39.87 -49.94 51.86
CA THR I 278 -40.38 -49.21 53.04
C THR I 278 -39.24 -48.93 54.03
N MET I 279 -38.27 -49.84 54.14
CA MET I 279 -37.14 -49.65 55.06
C MET I 279 -36.16 -48.58 54.60
N ILE I 280 -35.88 -48.52 53.31
CA ILE I 280 -35.06 -47.46 52.78
C ILE I 280 -35.78 -46.11 52.98
N THR I 281 -37.07 -46.06 52.64
CA THR I 281 -37.88 -44.87 52.83
C THR I 281 -37.84 -44.42 54.28
N ASP I 282 -37.95 -45.38 55.18
CA ASP I 282 -37.87 -45.13 56.62
C ASP I 282 -36.54 -44.46 57.00
N ALA I 283 -35.45 -44.99 56.46
CA ALA I 283 -34.11 -44.46 56.70
C ALA I 283 -33.95 -43.07 56.13
N PHE I 284 -34.49 -42.81 54.94
CA PHE I 284 -34.45 -41.46 54.37
C PHE I 284 -35.17 -40.50 55.30
N LEU I 285 -36.37 -40.87 55.75
CA LEU I 285 -37.13 -40.01 56.66
C LEU I 285 -36.32 -39.64 57.90
N LYS I 286 -35.59 -40.59 58.48
CA LYS I 286 -34.77 -40.31 59.67
C LYS I 286 -33.51 -39.53 59.41
N ALA I 287 -33.02 -39.60 58.17
CA ALA I 287 -31.86 -38.79 57.75
C ALA I 287 -32.23 -37.45 57.12
N ASP I 288 -33.52 -37.17 56.95
CA ASP I 288 -33.95 -36.03 56.11
C ASP I 288 -33.48 -34.71 56.67
N ASP I 289 -33.68 -34.56 57.98
CA ASP I 289 -33.27 -33.36 58.72
C ASP I 289 -31.78 -33.03 58.63
N TYR I 290 -30.93 -34.05 58.51
CA TYR I 290 -29.49 -33.85 58.66
C TYR I 290 -28.65 -33.92 57.38
N ILE I 291 -29.23 -34.23 56.22
CA ILE I 291 -28.45 -34.26 54.97
C ILE I 291 -28.72 -33.03 54.16
N GLU I 292 -27.65 -32.30 53.83
CA GLU I 292 -27.68 -31.11 52.99
C GLU I 292 -27.25 -31.40 51.56
N ILE I 293 -27.92 -30.78 50.58
CA ILE I 293 -27.58 -30.88 49.15
C ILE I 293 -27.57 -29.45 48.57
N THR I 294 -26.46 -29.06 47.94
CA THR I 294 -26.29 -27.70 47.46
C THR I 294 -27.03 -27.53 46.15
N GLY I 295 -27.81 -26.47 46.09
CA GLY I 295 -28.58 -26.15 44.90
C GLY I 295 -28.19 -24.81 44.30
N ALA I 296 -29.17 -24.17 43.69
CA ALA I 296 -28.97 -22.96 42.91
C ALA I 296 -28.67 -21.83 43.87
N GLY I 297 -27.62 -21.07 43.52
CA GLY I 297 -27.14 -19.96 44.35
C GLY I 297 -26.52 -20.41 45.66
N GLY I 298 -26.15 -21.69 45.78
CA GLY I 298 -25.64 -22.24 47.03
C GLY I 298 -26.64 -22.48 48.15
N LYS I 299 -27.97 -22.26 47.94
CA LYS I 299 -28.97 -22.56 48.99
C LYS I 299 -28.88 -24.06 49.33
N LYS I 300 -29.04 -24.41 50.62
CA LYS I 300 -28.96 -25.82 51.04
C LYS I 300 -30.37 -26.44 51.06
N TYR I 301 -30.50 -27.59 50.43
CA TYR I 301 -31.77 -28.30 50.36
C TYR I 301 -31.65 -29.67 51.07
N ARG I 302 -32.77 -30.10 51.65
CA ARG I 302 -32.88 -31.41 52.25
C ARG I 302 -33.39 -32.41 51.20
N ILE I 303 -33.37 -33.69 51.51
CA ILE I 303 -33.79 -34.71 50.54
C ILE I 303 -35.23 -34.47 50.07
N SER I 304 -36.12 -34.18 51.00
CA SER I 304 -37.52 -33.90 50.69
C SER I 304 -37.76 -32.59 49.95
N THR I 305 -36.85 -31.63 50.06
CA THR I 305 -36.99 -30.33 49.38
C THR I 305 -36.16 -30.14 48.10
N ALA I 306 -35.31 -31.12 47.78
CA ALA I 306 -34.53 -31.03 46.55
C ALA I 306 -35.42 -30.99 45.32
N ILE I 307 -36.62 -31.55 45.41
CA ILE I 307 -37.59 -31.46 44.31
C ILE I 307 -38.02 -30.04 43.96
N ASP I 308 -37.87 -29.10 44.88
CA ASP I 308 -38.18 -27.71 44.61
C ASP I 308 -37.13 -26.95 43.79
N ASP I 309 -35.90 -27.46 43.74
CA ASP I 309 -34.82 -26.84 42.97
C ASP I 309 -34.03 -27.87 42.15
N MET I 310 -34.10 -27.76 40.83
CA MET I 310 -33.57 -28.78 39.94
C MET I 310 -32.06 -28.92 39.92
N GLU I 311 -31.35 -27.89 40.30
CA GLU I 311 -29.89 -27.99 40.38
C GLU I 311 -29.49 -28.89 41.55
N ALA I 312 -30.26 -28.80 42.63
CA ALA I 312 -30.10 -29.68 43.77
C ALA I 312 -30.53 -31.10 43.43
N TYR I 313 -31.70 -31.24 42.83
CA TYR I 313 -32.25 -32.53 42.46
C TYR I 313 -31.35 -33.32 41.53
N THR I 314 -30.59 -32.63 40.69
CA THR I 314 -29.58 -33.25 39.83
C THR I 314 -28.58 -34.13 40.62
N LYS I 315 -28.25 -33.70 41.83
CA LYS I 315 -27.29 -34.40 42.67
C LYS I 315 -27.93 -35.43 43.59
N LEU I 316 -29.26 -35.62 43.50
CA LEU I 316 -29.99 -36.54 44.38
C LEU I 316 -30.33 -37.82 43.67
N THR I 317 -29.59 -38.88 43.98
CA THR I 317 -29.72 -40.17 43.30
C THR I 317 -29.66 -41.30 44.34
N ASP I 318 -29.54 -42.54 43.88
CA ASP I 318 -29.34 -43.71 44.77
C ASP I 318 -28.09 -43.60 45.65
N ASN I 319 -27.14 -42.76 45.27
CA ASN I 319 -26.02 -42.39 46.12
C ASN I 319 -26.41 -42.21 47.57
N ILE I 320 -27.55 -41.54 47.76
CA ILE I 320 -27.96 -41.11 49.08
C ILE I 320 -27.99 -42.29 50.06
N PHE I 321 -28.39 -43.46 49.57
CA PHE I 321 -28.38 -44.71 50.32
C PHE I 321 -27.00 -44.95 50.90
N LEU I 322 -25.98 -44.96 50.05
CA LEU I 322 -24.61 -45.22 50.49
C LEU I 322 -24.02 -44.09 51.32
N GLU I 323 -24.42 -42.85 51.04
CA GLU I 323 -23.95 -41.70 51.83
C GLU I 323 -24.39 -41.89 53.28
N ILE I 324 -25.66 -42.28 53.46
CA ILE I 324 -26.21 -42.60 54.78
C ILE I 324 -25.48 -43.79 55.40
N LEU I 325 -25.31 -44.85 54.61
CA LEU I 325 -24.67 -46.08 55.11
C LEU I 325 -23.23 -45.90 55.58
N TYR I 326 -22.45 -45.14 54.82
CA TYR I 326 -21.05 -44.93 55.13
C TYR I 326 -20.78 -43.82 56.15
N SER I 327 -21.80 -43.03 56.49
CA SER I 327 -21.61 -41.86 57.34
C SER I 327 -21.18 -42.20 58.74
N THR I 328 -20.56 -41.22 59.40
CA THR I 328 -20.17 -41.29 60.80
C THR I 328 -20.83 -40.25 61.72
N ASP I 329 -21.58 -39.30 61.15
CA ASP I 329 -22.26 -38.28 61.95
C ASP I 329 -23.23 -38.98 62.93
N PRO I 330 -23.11 -38.68 64.24
CA PRO I 330 -24.06 -39.26 65.20
C PRO I 330 -25.54 -38.92 64.95
N LYS I 331 -25.83 -37.80 64.25
CA LYS I 331 -27.20 -37.42 63.92
C LYS I 331 -27.83 -38.40 62.93
N LEU I 332 -27.02 -39.05 62.11
CA LEU I 332 -27.50 -40.06 61.15
C LEU I 332 -27.54 -41.50 61.68
N LYS I 333 -27.13 -41.73 62.93
CA LYS I 333 -27.03 -43.11 63.50
C LYS I 333 -28.33 -43.89 63.38
N ASP I 334 -29.46 -43.23 63.65
CA ASP I 334 -30.78 -43.87 63.49
C ASP I 334 -31.05 -44.34 62.07
N ALA I 335 -30.78 -43.48 61.11
CA ALA I 335 -30.98 -43.82 59.70
C ALA I 335 -30.00 -44.89 59.23
N ARG I 336 -28.73 -44.73 59.59
CA ARG I 336 -27.70 -45.68 59.25
C ARG I 336 -27.97 -47.08 59.80
N GLU I 337 -28.58 -47.17 60.98
CA GLU I 337 -28.89 -48.48 61.58
C GLU I 337 -29.91 -49.27 60.81
N ILE I 338 -30.89 -48.57 60.23
CA ILE I 338 -31.90 -49.22 59.42
C ILE I 338 -31.23 -49.81 58.19
N LEU I 339 -30.45 -49.02 57.48
CA LEU I 339 -29.75 -49.52 56.31
C LEU I 339 -28.81 -50.64 56.62
N LYS I 340 -28.16 -50.60 57.78
CA LYS I 340 -27.31 -51.72 58.20
C LYS I 340 -28.12 -52.99 58.44
N GLN I 341 -29.35 -52.88 58.96
CA GLN I 341 -30.23 -54.04 59.10
C GLN I 341 -30.62 -54.67 57.78
N ILE I 342 -30.63 -53.89 56.69
CA ILE I 342 -30.88 -54.42 55.35
C ILE I 342 -29.66 -55.23 54.83
N GLU I 343 -28.45 -54.81 55.21
CA GLU I 343 -27.24 -55.55 54.83
C GLU I 343 -27.25 -56.92 55.46
N TYR I 344 -27.44 -56.93 56.77
CA TYR I 344 -27.49 -58.18 57.56
C TYR I 344 -28.75 -58.99 57.34
N ARG I 345 -29.76 -58.42 56.67
CA ARG I 345 -30.98 -59.13 56.30
C ARG I 345 -31.91 -59.38 57.46
N ASN I 346 -31.89 -58.47 58.45
CA ASN I 346 -32.88 -58.43 59.54
C ASN I 346 -34.02 -57.57 59.08
N LEU I 347 -34.79 -58.12 58.16
CA LEU I 347 -35.87 -57.39 57.55
C LEU I 347 -37.10 -57.58 58.40
N PHE I 348 -38.01 -56.62 58.29
CA PHE I 348 -39.31 -56.74 58.91
C PHE I 348 -39.98 -58.00 58.37
N LYS I 349 -40.67 -58.74 59.22
CA LYS I 349 -41.18 -60.06 58.86
C LYS I 349 -42.57 -60.02 58.26
N TYR I 350 -42.78 -60.80 57.20
CA TYR I 350 -44.05 -60.85 56.49
C TYR I 350 -44.97 -61.73 57.29
N VAL I 351 -46.17 -61.24 57.56
CA VAL I 351 -47.16 -62.00 58.32
C VAL I 351 -48.16 -62.67 57.38
N GLY I 352 -48.68 -61.92 56.42
CA GLY I 352 -49.64 -62.46 55.45
C GLY I 352 -50.26 -61.43 54.53
N GLU I 353 -51.09 -61.94 53.61
CA GLU I 353 -51.71 -61.13 52.59
C GLU I 353 -53.21 -61.36 52.66
N THR I 354 -53.97 -60.35 52.29
CA THR I 354 -55.43 -60.44 52.22
C THR I 354 -56.00 -59.39 51.29
N GLN I 355 -57.28 -59.55 50.94
CA GLN I 355 -58.00 -58.67 50.03
C GLN I 355 -59.34 -58.31 50.64
N PRO I 356 -59.91 -57.15 50.27
CA PRO I 356 -61.32 -56.90 50.59
C PRO I 356 -62.28 -57.80 49.80
N THR I 357 -63.51 -57.90 50.26
CA THR I 357 -64.54 -58.68 49.58
C THR I 357 -65.66 -57.74 49.18
N GLY I 358 -66.56 -58.25 48.31
CA GLY I 358 -67.64 -57.45 47.75
C GLY I 358 -67.07 -56.38 46.80
N GLN I 359 -67.55 -55.14 46.99
CA GLN I 359 -67.00 -53.97 46.31
C GLN I 359 -66.65 -52.90 47.41
N ILE I 360 -65.80 -53.27 48.36
CA ILE I 360 -65.26 -52.32 49.39
C ILE I 360 -63.85 -51.86 48.95
N LYS I 361 -63.67 -50.64 48.45
CA LYS I 361 -62.29 -50.08 48.24
C LYS I 361 -61.86 -49.47 49.59
N ILE I 362 -60.58 -49.56 49.90
CA ILE I 362 -59.99 -48.91 51.06
C ILE I 362 -59.41 -47.55 50.65
N LYS I 363 -59.98 -46.46 51.15
CA LYS I 363 -59.57 -45.09 50.77
C LYS I 363 -58.11 -44.80 51.21
N ARG I 364 -57.33 -44.07 50.40
CA ARG I 364 -55.89 -43.79 50.69
C ARG I 364 -55.68 -42.98 51.99
N GLU I 365 -56.59 -42.06 52.28
CA GLU I 365 -56.76 -41.43 53.63
C GLU I 365 -56.70 -42.42 54.84
N ASP I 366 -57.27 -43.62 54.71
CA ASP I 366 -57.32 -44.60 55.82
C ASP I 366 -56.06 -45.48 56.04
N TYR I 367 -55.07 -45.39 55.15
CA TYR I 367 -53.84 -46.21 55.25
C TYR I 367 -53.10 -45.99 56.58
N GLU I 368 -52.95 -44.72 57.00
CA GLU I 368 -52.31 -44.36 58.29
C GLU I 368 -52.95 -45.12 59.46
N SER I 369 -54.29 -45.29 59.42
CA SER I 369 -55.07 -45.92 60.54
C SER I 369 -55.02 -47.44 60.70
N LEU I 370 -54.54 -48.17 59.69
CA LEU I 370 -54.68 -49.65 59.66
C LEU I 370 -53.80 -50.42 60.63
N PRO I 371 -52.55 -49.98 60.88
CA PRO I 371 -51.78 -50.63 61.95
C PRO I 371 -52.48 -50.57 63.32
N LYS I 372 -53.07 -49.41 63.66
CA LYS I 372 -53.88 -49.26 64.90
C LYS I 372 -54.93 -50.36 64.95
N GLU I 373 -55.60 -50.61 63.83
CA GLU I 373 -56.67 -51.62 63.76
C GLU I 373 -56.22 -53.05 64.01
N VAL I 374 -55.04 -53.42 63.49
CA VAL I 374 -54.53 -54.79 63.62
C VAL I 374 -54.25 -55.09 65.08
N ALA I 375 -53.52 -54.20 65.75
CA ALA I 375 -53.23 -54.34 67.19
C ALA I 375 -54.49 -54.32 68.08
N SER I 376 -55.52 -53.61 67.62
CA SER I 376 -56.78 -53.53 68.33
C SER I 376 -57.57 -54.83 68.35
N ALA I 377 -57.37 -55.68 67.36
CA ALA I 377 -58.10 -56.96 67.30
C ALA I 377 -57.87 -57.77 68.57
N LYS I 378 -58.91 -58.42 69.05
CA LYS I 378 -58.84 -59.19 70.29
C LYS I 378 -59.06 -60.66 69.90
N PRO I 379 -57.99 -61.39 69.49
CA PRO I 379 -58.14 -62.82 69.14
C PRO I 379 -58.34 -63.68 70.34
N LYS I 380 -59.34 -64.58 70.35
CA LYS I 380 -59.61 -65.41 71.58
C LYS I 380 -58.57 -66.56 71.71
N VAL I 381 -57.29 -66.21 71.74
CA VAL I 381 -56.16 -67.13 71.84
C VAL I 381 -55.21 -66.67 72.92
N LEU I 382 -54.57 -67.58 73.64
CA LEU I 382 -53.57 -67.20 74.66
C LEU I 382 -52.29 -66.65 74.00
N LEU I 383 -51.86 -65.46 74.41
CA LEU I 383 -50.67 -64.84 73.87
C LEU I 383 -49.70 -64.57 74.97
N ASP I 384 -48.43 -64.88 74.73
CA ASP I 384 -47.31 -64.39 75.58
C ASP I 384 -47.13 -62.87 75.60
N VAL I 385 -47.22 -62.28 74.41
CA VAL I 385 -46.77 -60.92 74.10
C VAL I 385 -47.94 -60.09 73.56
N LYS I 386 -48.28 -58.97 74.21
CA LYS I 386 -49.13 -57.92 73.59
C LYS I 386 -48.24 -57.11 72.60
N LEU I 387 -48.77 -56.71 71.44
CA LEU I 387 -48.06 -55.89 70.44
C LEU I 387 -48.78 -54.56 70.20
N LYS I 388 -48.03 -53.44 70.25
CA LYS I 388 -48.60 -52.11 70.00
C LYS I 388 -48.65 -51.82 68.48
N ALA I 389 -49.42 -50.82 68.08
CA ALA I 389 -49.67 -50.50 66.67
C ALA I 389 -48.44 -50.13 65.87
N GLU I 390 -47.50 -49.44 66.50
CA GLU I 390 -46.22 -49.11 65.87
C GLU I 390 -45.35 -50.31 65.49
N ASP I 391 -45.70 -51.50 65.98
CA ASP I 391 -45.03 -52.78 65.63
C ASP I 391 -45.46 -53.33 64.27
N PHE I 392 -46.61 -52.92 63.78
CA PHE I 392 -47.18 -53.40 62.53
C PHE I 392 -46.97 -52.43 61.37
N ILE I 393 -46.71 -52.98 60.18
CA ILE I 393 -46.76 -52.25 58.92
C ILE I 393 -47.87 -52.85 58.07
N VAL I 394 -48.78 -52.02 57.60
CA VAL I 394 -49.80 -52.45 56.67
C VAL I 394 -49.53 -51.69 55.38
N ASP I 395 -49.49 -52.41 54.28
CA ASP I 395 -49.12 -51.87 52.99
C ASP I 395 -50.29 -52.21 52.08
N VAL I 396 -50.95 -51.21 51.52
CA VAL I 396 -52.06 -51.45 50.62
C VAL I 396 -51.63 -51.14 49.20
N ILE I 397 -51.89 -52.07 48.29
CA ILE I 397 -51.35 -52.02 46.93
C ILE I 397 -52.50 -52.17 45.95
N ASN I 398 -52.59 -51.22 45.03
CA ASN I 398 -53.65 -51.29 44.01
C ASN I 398 -53.07 -51.97 42.79
N MET I 399 -53.76 -52.99 42.31
CA MET I 399 -53.40 -53.66 41.06
C MET I 399 -54.52 -53.37 40.07
N ASP I 400 -54.19 -52.86 38.90
CA ASP I 400 -55.21 -52.53 37.88
C ASP I 400 -54.68 -52.71 36.47
N TYR I 401 -55.50 -52.31 35.49
CA TYR I 401 -55.09 -52.27 34.09
C TYR I 401 -54.78 -50.82 33.65
N GLY I 402 -54.28 -50.02 34.60
CA GLY I 402 -53.76 -48.70 34.31
C GLY I 402 -54.78 -47.62 34.26
N MET I 403 -56.05 -47.91 34.54
CA MET I 403 -57.11 -46.88 34.47
C MET I 403 -58.13 -47.16 35.55
N GLN I 404 -57.65 -47.29 36.79
CA GLN I 404 -58.50 -47.67 37.91
C GLN I 404 -59.45 -48.78 37.46
N GLU I 405 -60.76 -48.61 37.69
CA GLU I 405 -61.74 -49.66 37.50
C GLU I 405 -62.10 -49.94 36.06
N LYS I 406 -61.64 -49.10 35.14
CA LYS I 406 -61.97 -49.21 33.72
C LYS I 406 -61.10 -50.18 32.92
N ASN I 407 -61.75 -50.74 31.90
CA ASN I 407 -61.13 -51.60 30.91
C ASN I 407 -60.50 -50.70 29.86
N PRO I 408 -59.17 -50.71 29.73
CA PRO I 408 -58.55 -49.80 28.77
C PRO I 408 -58.83 -50.17 27.33
N ILE I 409 -59.18 -51.42 27.05
CA ILE I 409 -59.48 -51.83 25.69
C ILE I 409 -60.80 -51.22 25.22
N ASP I 410 -61.70 -50.89 26.14
CA ASP I 410 -62.88 -50.08 25.81
C ASP I 410 -62.50 -48.67 25.32
N HIS I 411 -61.28 -48.22 25.60
CA HIS I 411 -60.75 -46.95 25.06
C HIS I 411 -59.67 -47.12 23.94
N VAL I 412 -59.76 -48.20 23.17
CA VAL I 412 -58.91 -48.41 22.00
C VAL I 412 -59.80 -48.38 20.78
N SER I 413 -59.25 -47.93 19.67
CA SER I 413 -59.94 -47.89 18.40
C SER I 413 -59.28 -48.91 17.46
N PHE I 414 -60.11 -49.55 16.64
CA PHE I 414 -59.68 -50.65 15.81
C PHE I 414 -60.01 -50.40 14.35
N TYR I 415 -59.32 -51.09 13.43
CA TYR I 415 -59.70 -51.07 12.01
C TYR I 415 -59.80 -52.48 11.43
N CYS I 416 -60.57 -52.65 10.35
CA CYS I 416 -60.73 -53.97 9.70
C CYS I 416 -59.96 -54.07 8.44
N LYS I 417 -59.66 -55.29 8.00
CA LYS I 417 -58.89 -55.48 6.78
C LYS I 417 -59.59 -54.88 5.57
N THR I 418 -60.89 -55.11 5.49
CA THR I 418 -61.71 -54.66 4.38
C THR I 418 -61.91 -53.14 4.29
N ALA I 419 -61.62 -52.39 5.35
CA ALA I 419 -61.76 -50.92 5.35
C ALA I 419 -60.80 -50.33 6.38
N PRO I 420 -59.54 -50.16 5.97
CA PRO I 420 -58.50 -49.78 6.91
C PRO I 420 -58.48 -48.30 7.32
N ASN I 421 -59.36 -47.45 6.78
CA ASN I 421 -59.49 -46.08 7.30
C ASN I 421 -60.68 -45.87 8.21
N ARG I 422 -61.55 -46.87 8.33
CA ARG I 422 -62.73 -46.78 9.17
C ARG I 422 -62.47 -47.40 10.53
N ALA I 423 -62.47 -46.55 11.55
CA ALA I 423 -62.28 -46.97 12.92
C ALA I 423 -63.56 -47.54 13.48
N ILE I 424 -63.43 -48.41 14.48
CA ILE I 424 -64.55 -49.06 15.16
C ILE I 424 -64.20 -49.34 16.61
N ARG I 425 -65.14 -49.90 17.36
CA ARG I 425 -64.94 -50.29 18.75
C ARG I 425 -65.14 -51.78 18.88
N ILE I 426 -64.49 -52.37 19.89
CA ILE I 426 -64.71 -53.78 20.19
C ILE I 426 -64.99 -53.87 21.71
N THR I 427 -66.16 -54.41 22.06
CA THR I 427 -66.56 -54.57 23.46
C THR I 427 -65.89 -55.79 24.09
N LYS I 428 -66.13 -56.04 25.37
CA LYS I 428 -65.56 -57.23 26.02
C LYS I 428 -66.25 -58.53 25.55
N ASN I 429 -67.58 -58.49 25.39
CA ASN I 429 -68.37 -59.63 24.87
C ASN I 429 -67.88 -60.17 23.54
N GLN I 430 -67.55 -59.23 22.66
CA GLN I 430 -67.08 -59.50 21.31
C GLN I 430 -65.74 -60.23 21.26
N VAL I 431 -65.01 -60.34 22.37
CA VAL I 431 -63.68 -60.98 22.37
C VAL I 431 -63.59 -62.39 22.97
N SER I 432 -63.99 -62.53 24.24
CA SER I 432 -63.80 -63.79 24.96
C SER I 432 -64.51 -63.81 26.31
N GLN I 433 -65.03 -64.97 26.69
CA GLN I 433 -65.63 -65.16 28.00
C GLN I 433 -64.55 -65.35 29.08
N LEU I 434 -63.30 -65.66 28.69
CA LEU I 434 -62.25 -65.98 29.67
C LEU I 434 -61.41 -64.79 30.10
N LEU I 435 -61.89 -63.58 29.81
CA LEU I 435 -61.19 -62.38 30.21
C LEU I 435 -61.57 -62.01 31.64
N PRO I 436 -60.85 -61.08 32.25
CA PRO I 436 -61.16 -60.67 33.63
C PRO I 436 -62.54 -60.08 33.79
N GLU I 437 -63.14 -60.29 34.96
CA GLU I 437 -64.48 -59.75 35.28
C GLU I 437 -64.37 -58.27 35.71
N LYS I 438 -63.41 -58.00 36.60
CA LYS I 438 -63.05 -56.65 37.06
C LYS I 438 -61.68 -56.30 36.54
N PHE I 439 -61.27 -55.05 36.68
CA PHE I 439 -59.95 -54.58 36.21
C PHE I 439 -59.13 -53.86 37.27
N ALA I 440 -59.48 -54.08 38.53
CA ALA I 440 -58.85 -53.40 39.64
C ALA I 440 -59.14 -54.14 40.92
N GLU I 441 -58.11 -54.26 41.76
CA GLU I 441 -58.26 -54.88 43.07
C GLU I 441 -57.24 -54.31 44.02
N GLN I 442 -57.34 -54.67 45.27
CA GLN I 442 -56.40 -54.23 46.29
C GLN I 442 -55.76 -55.44 46.95
N LEU I 443 -54.49 -55.30 47.32
CA LEU I 443 -53.78 -56.27 48.14
C LEU I 443 -53.33 -55.62 49.40
N ILE I 444 -53.53 -56.30 50.52
CA ILE I 444 -53.16 -55.78 51.82
C ILE I 444 -52.16 -56.75 52.42
N ARG I 445 -50.91 -56.32 52.51
CA ARG I 445 -49.84 -57.07 53.17
C ARG I 445 -49.65 -56.50 54.55
N VAL I 446 -49.40 -57.38 55.51
CA VAL I 446 -49.08 -56.99 56.87
C VAL I 446 -47.72 -57.57 57.23
N TYR I 447 -46.82 -56.74 57.73
CA TYR I 447 -45.53 -57.19 58.21
C TYR I 447 -45.44 -56.82 59.69
N CYS I 448 -44.51 -57.44 60.43
CA CYS I 448 -44.25 -57.13 61.83
C CYS I 448 -42.81 -56.68 62.05
N LYS I 449 -42.61 -55.54 62.71
CA LYS I 449 -41.28 -55.00 62.95
C LYS I 449 -40.47 -55.78 63.99
N LYS I 450 -41.11 -56.52 64.89
CA LYS I 450 -40.42 -57.40 65.87
C LYS I 450 -40.18 -58.78 65.24
N VAL I 451 -38.90 -59.19 65.23
CA VAL I 451 -38.45 -60.33 64.41
C VAL I 451 -38.60 -61.71 65.08
N ASP I 452 -38.42 -61.78 66.40
CA ASP I 452 -38.37 -63.06 67.18
C ASP I 452 -39.57 -64.03 67.00
N ARG I 453 -39.33 -65.30 67.32
CA ARG I 453 -40.33 -66.38 67.16
C ARG I 453 -41.66 -66.06 67.89
N LYS I 454 -41.59 -65.58 69.13
CA LYS I 454 -42.81 -65.33 69.96
C LYS I 454 -43.66 -64.17 69.40
N SER I 455 -43.04 -63.05 69.01
CA SER I 455 -43.75 -61.87 68.43
C SER I 455 -44.42 -62.16 67.09
N LEU I 456 -43.74 -62.96 66.28
CA LEU I 456 -44.24 -63.30 64.97
C LEU I 456 -45.50 -64.16 65.09
N TYR I 457 -45.52 -65.11 66.01
CA TYR I 457 -46.74 -65.90 66.27
C TYR I 457 -47.90 -65.01 66.69
N ALA I 458 -47.64 -64.06 67.58
CA ALA I 458 -48.67 -63.15 68.06
C ALA I 458 -49.21 -62.31 66.92
N ALA I 459 -48.28 -61.78 66.12
CA ALA I 459 -48.62 -60.96 64.96
C ALA I 459 -49.57 -61.68 64.02
N ARG I 460 -49.29 -62.96 63.78
CA ARG I 460 -50.15 -63.82 62.97
C ARG I 460 -51.55 -63.92 63.52
N GLN I 461 -51.69 -64.07 64.84
CA GLN I 461 -53.00 -64.17 65.48
C GLN I 461 -53.77 -62.84 65.35
N TYR I 462 -53.11 -61.73 65.67
CA TYR I 462 -53.71 -60.41 65.45
C TYR I 462 -54.18 -60.25 64.01
N PHE I 463 -53.31 -60.60 63.05
CA PHE I 463 -53.62 -60.42 61.65
C PHE I 463 -54.81 -61.24 61.19
N VAL I 464 -54.80 -62.55 61.46
CA VAL I 464 -55.86 -63.43 60.97
C VAL I 464 -57.20 -63.06 61.57
N GLN I 465 -57.18 -62.56 62.81
CA GLN I 465 -58.39 -62.06 63.47
C GLN I 465 -58.88 -60.80 62.80
N TRP I 466 -57.97 -59.85 62.59
CA TRP I 466 -58.30 -58.62 61.86
C TRP I 466 -58.97 -58.88 60.52
N CYS I 467 -58.52 -59.92 59.82
CA CYS I 467 -59.13 -60.35 58.56
C CYS I 467 -60.58 -60.79 58.80
N ALA I 468 -60.78 -61.66 59.79
CA ALA I 468 -62.14 -62.08 60.14
C ALA I 468 -63.01 -60.89 60.57
N ASP I 469 -62.45 -60.01 61.40
CA ASP I 469 -63.17 -58.83 61.90
C ASP I 469 -63.66 -57.92 60.77
N ARG I 470 -62.84 -57.70 59.74
CA ARG I 470 -63.25 -56.80 58.64
C ARG I 470 -63.84 -57.50 57.41
N ASN I 471 -64.16 -58.78 57.57
CA ASN I 471 -64.72 -59.63 56.51
C ASN I 471 -63.88 -59.62 55.23
N PHE I 472 -62.56 -59.71 55.43
CA PHE I 472 -61.59 -59.87 54.36
C PHE I 472 -61.42 -61.34 54.00
N THR I 473 -60.74 -61.60 52.88
CA THR I 473 -60.53 -62.98 52.43
C THR I 473 -59.65 -63.68 53.42
N LYS I 474 -59.85 -64.99 53.54
CA LYS I 474 -59.04 -65.83 54.40
C LYS I 474 -57.62 -65.87 53.82
N PRO I 475 -56.60 -65.59 54.64
CA PRO I 475 -55.24 -65.75 54.16
C PRO I 475 -55.00 -67.20 53.68
N GLN I 476 -54.27 -67.35 52.57
CA GLN I 476 -54.02 -68.67 51.96
C GLN I 476 -53.45 -69.67 52.98
N ASP I 477 -52.48 -69.18 53.77
CA ASP I 477 -51.83 -69.97 54.84
C ASP I 477 -52.56 -69.94 56.20
N GLY I 478 -53.79 -69.47 56.21
CA GLY I 478 -54.43 -69.06 57.44
C GLY I 478 -54.70 -70.18 58.42
N ASP I 479 -55.07 -71.34 57.89
CA ASP I 479 -55.33 -72.52 58.72
C ASP I 479 -54.09 -73.01 59.45
N VAL I 480 -52.92 -72.75 58.87
CA VAL I 480 -51.65 -73.19 59.43
C VAL I 480 -51.12 -72.20 60.46
N ILE I 481 -51.01 -70.92 60.05
CA ILE I 481 -50.44 -69.88 60.92
C ILE I 481 -51.28 -69.48 62.12
N ALA I 482 -52.61 -69.63 62.00
CA ALA I 482 -53.54 -69.30 63.07
C ALA I 482 -54.68 -70.31 63.11
N PRO I 483 -54.37 -71.56 63.49
CA PRO I 483 -55.34 -72.65 63.42
C PRO I 483 -56.49 -72.49 64.40
N LEU I 484 -56.25 -71.76 65.50
CA LEU I 484 -57.28 -71.53 66.50
C LEU I 484 -58.26 -70.41 66.13
N ILE I 485 -57.94 -69.59 65.13
CA ILE I 485 -58.79 -68.46 64.76
C ILE I 485 -59.69 -68.72 63.55
N THR I 486 -59.23 -69.50 62.59
CA THR I 486 -59.98 -69.71 61.33
C THR I 486 -61.35 -70.43 61.47
N PRO I 487 -61.51 -71.32 62.46
CA PRO I 487 -62.89 -71.81 62.67
C PRO I 487 -63.90 -70.76 63.18
N GLN I 488 -63.48 -69.72 63.92
CA GLN I 488 -64.38 -68.60 64.33
C GLN I 488 -65.27 -68.04 63.18
N LYS I 489 -64.72 -67.88 61.97
CA LYS I 489 -65.47 -67.34 60.82
C LYS I 489 -66.27 -68.45 60.09
N LYS I 490 -67.61 -68.39 60.19
CA LYS I 490 -68.55 -69.29 59.43
C LYS I 490 -68.32 -69.19 57.89
N GLU I 491 -68.13 -67.97 57.39
CA GLU I 491 -67.90 -67.68 55.95
C GLU I 491 -66.67 -68.39 55.36
N TRP I 492 -65.71 -68.83 56.20
CA TRP I 492 -64.49 -69.55 55.76
C TRP I 492 -64.57 -71.09 55.80
N ASN I 493 -65.76 -71.68 56.04
CA ASN I 493 -65.95 -73.15 56.22
C ASN I 493 -67.07 -73.72 55.33
N ASP J 7 -32.74 -73.14 60.45
CA ASP J 7 -32.47 -72.20 59.27
C ASP J 7 -32.34 -72.90 57.94
N THR J 8 -32.89 -72.30 56.85
CA THR J 8 -33.11 -73.12 55.66
C THR J 8 -32.71 -72.51 54.26
N MET J 9 -32.64 -73.49 53.32
CA MET J 9 -32.22 -73.26 51.94
C MET J 9 -32.99 -72.11 51.34
N LYS J 10 -32.37 -71.44 50.42
CA LYS J 10 -32.98 -70.28 49.80
C LYS J 10 -32.85 -70.36 48.29
N VAL J 11 -33.92 -70.05 47.59
CA VAL J 11 -33.93 -70.08 46.14
C VAL J 11 -33.82 -68.64 45.71
N ILE J 12 -33.05 -68.42 44.65
CA ILE J 12 -32.80 -67.09 44.12
C ILE J 12 -32.74 -67.13 42.60
N ASN J 13 -33.37 -66.15 41.94
CA ASN J 13 -33.54 -66.13 40.48
C ASN J 13 -32.55 -65.22 39.76
N ASP J 14 -31.56 -65.88 39.17
CA ASP J 14 -30.53 -65.23 38.37
C ASP J 14 -30.95 -65.31 36.91
N PRO J 15 -30.82 -64.24 36.14
CA PRO J 15 -31.23 -64.33 34.73
C PRO J 15 -30.32 -65.20 33.89
N ILE J 16 -29.08 -65.41 34.30
CA ILE J 16 -28.18 -66.27 33.56
C ILE J 16 -28.44 -67.71 33.89
N HIS J 17 -28.46 -68.05 35.17
CA HIS J 17 -28.47 -69.46 35.59
C HIS J 17 -29.81 -69.99 36.00
N GLY J 18 -30.80 -69.12 36.16
CA GLY J 18 -32.13 -69.54 36.54
C GLY J 18 -32.29 -69.56 38.04
N HIS J 19 -33.16 -70.44 38.53
CA HIS J 19 -33.36 -70.55 39.97
C HIS J 19 -32.28 -71.42 40.57
N ILE J 20 -31.49 -70.84 41.46
CA ILE J 20 -30.38 -71.55 42.09
C ILE J 20 -30.63 -71.64 43.56
N GLU J 21 -30.16 -72.72 44.18
CA GLU J 21 -30.32 -72.93 45.62
C GLU J 21 -29.08 -72.49 46.35
N LEU J 22 -29.27 -71.80 47.46
CA LEU J 22 -28.19 -71.37 48.31
C LEU J 22 -28.35 -72.05 49.66
N HIS J 23 -27.39 -72.89 49.98
CA HIS J 23 -27.29 -73.53 51.28
C HIS J 23 -27.20 -72.46 52.40
N PRO J 24 -27.83 -72.70 53.56
CA PRO J 24 -27.89 -71.69 54.61
C PRO J 24 -26.57 -71.05 54.99
N LEU J 25 -25.51 -71.86 55.05
CA LEU J 25 -24.17 -71.36 55.27
C LEU J 25 -23.79 -70.30 54.25
N LEU J 26 -24.12 -70.51 52.99
CA LEU J 26 -23.84 -69.55 51.94
C LEU J 26 -24.65 -68.28 52.14
N VAL J 27 -25.93 -68.43 52.46
CA VAL J 27 -26.80 -67.29 52.72
C VAL J 27 -26.19 -66.43 53.81
N ARG J 28 -25.64 -67.08 54.82
CA ARG J 28 -25.09 -66.39 55.97
C ARG J 28 -23.85 -65.57 55.64
N ILE J 29 -23.04 -66.11 54.74
CA ILE J 29 -21.88 -65.41 54.21
C ILE J 29 -22.32 -64.24 53.32
N ILE J 30 -23.31 -64.50 52.47
CA ILE J 30 -23.86 -63.51 51.56
C ILE J 30 -24.43 -62.30 52.29
N ASP J 31 -25.15 -62.51 53.38
CA ASP J 31 -25.80 -61.42 54.13
C ASP J 31 -24.86 -60.78 55.17
N THR J 32 -23.81 -60.17 54.65
CA THR J 32 -22.78 -59.51 55.45
C THR J 32 -22.34 -58.27 54.69
N PRO J 33 -21.94 -57.20 55.39
CA PRO J 33 -21.51 -56.01 54.68
C PRO J 33 -20.39 -56.23 53.69
N GLN J 34 -19.52 -57.20 53.96
CA GLN J 34 -18.33 -57.41 53.13
C GLN J 34 -18.66 -57.98 51.77
N PHE J 35 -19.74 -58.78 51.75
CA PHE J 35 -20.23 -59.38 50.52
C PHE J 35 -21.21 -58.47 49.82
N GLN J 36 -22.17 -57.90 50.55
CA GLN J 36 -23.16 -57.01 49.93
C GLN J 36 -22.51 -55.78 49.32
N ARG J 37 -21.36 -55.41 49.81
CA ARG J 37 -20.50 -54.41 49.18
C ARG J 37 -20.37 -54.57 47.68
N LEU J 38 -20.34 -55.80 47.20
CA LEU J 38 -20.20 -56.06 45.77
C LEU J 38 -21.39 -55.63 44.93
N ARG J 39 -22.54 -55.34 45.54
CA ARG J 39 -23.66 -54.73 44.82
C ARG J 39 -23.32 -53.34 44.27
N TYR J 40 -22.33 -52.68 44.86
CA TYR J 40 -22.01 -51.31 44.49
C TYR J 40 -20.66 -51.19 43.76
N ILE J 41 -20.24 -52.26 43.10
CA ILE J 41 -19.04 -52.26 42.26
C ILE J 41 -19.36 -52.87 40.90
N LYS J 42 -19.22 -52.09 39.83
CA LYS J 42 -19.60 -52.56 38.49
C LYS J 42 -18.57 -53.53 37.90
N GLN J 43 -19.09 -54.55 37.19
CA GLN J 43 -18.27 -55.65 36.69
C GLN J 43 -17.24 -55.15 35.71
N LEU J 44 -17.74 -54.41 34.72
CA LEU J 44 -16.92 -53.94 33.61
C LEU J 44 -16.39 -52.53 33.77
N GLY J 45 -16.38 -52.01 35.00
CA GLY J 45 -15.83 -50.66 35.29
C GLY J 45 -16.53 -49.64 34.42
N GLY J 46 -15.69 -48.85 33.74
CA GLY J 46 -16.13 -47.87 32.77
C GLY J 46 -16.93 -48.38 31.56
N GLY J 47 -16.95 -49.67 31.30
CA GLY J 47 -17.69 -50.21 30.19
C GLY J 47 -19.14 -49.82 30.12
N TYR J 48 -19.77 -49.62 31.28
CA TYR J 48 -21.16 -49.13 31.30
C TYR J 48 -21.33 -47.81 30.56
N TYR J 49 -20.29 -47.00 30.52
CA TYR J 49 -20.37 -45.70 29.84
C TYR J 49 -20.23 -45.82 28.31
N VAL J 50 -20.00 -47.04 27.82
CA VAL J 50 -20.00 -47.35 26.39
C VAL J 50 -21.07 -48.39 26.01
N PHE J 51 -21.26 -49.43 26.81
CA PHE J 51 -22.32 -50.40 26.60
C PHE J 51 -23.37 -50.16 27.67
N PRO J 52 -24.46 -49.43 27.35
CA PRO J 52 -25.41 -49.08 28.39
C PRO J 52 -26.17 -50.27 28.98
N GLY J 53 -26.01 -51.46 28.43
CA GLY J 53 -26.55 -52.65 29.10
C GLY J 53 -25.82 -53.06 30.35
N ALA J 54 -24.51 -52.76 30.41
CA ALA J 54 -23.52 -53.32 31.37
C ALA J 54 -23.47 -52.67 32.75
N SER J 55 -24.67 -52.45 33.28
CA SER J 55 -24.96 -52.04 34.65
C SER J 55 -24.61 -53.06 35.72
N HIS J 56 -24.39 -54.31 35.29
CA HIS J 56 -24.17 -55.43 36.20
C HIS J 56 -22.95 -55.25 37.08
N ASN J 57 -23.13 -55.72 38.32
CA ASN J 57 -22.17 -55.61 39.40
C ASN J 57 -21.57 -56.94 39.80
N ARG J 58 -20.50 -56.88 40.58
CA ARG J 58 -19.80 -58.06 41.09
C ARG J 58 -20.63 -59.01 41.94
N PHE J 59 -21.58 -58.47 42.68
CA PHE J 59 -22.48 -59.26 43.51
C PHE J 59 -23.03 -60.45 42.77
N GLU J 60 -23.73 -60.18 41.69
CA GLU J 60 -24.44 -61.21 40.96
C GLU J 60 -23.52 -62.18 40.21
N HIS J 61 -22.36 -61.69 39.75
CA HIS J 61 -21.29 -62.55 39.20
C HIS J 61 -20.80 -63.49 40.28
N SER J 62 -20.56 -62.92 41.46
CA SER J 62 -20.04 -63.69 42.57
C SER J 62 -21.01 -64.84 42.89
N LEU J 63 -22.32 -64.58 42.97
CA LEU J 63 -23.28 -65.67 43.17
C LEU J 63 -23.15 -66.75 42.11
N GLY J 64 -23.09 -66.34 40.87
CA GLY J 64 -23.07 -67.28 39.75
C GLY J 64 -21.82 -68.14 39.72
N VAL J 65 -20.68 -67.59 40.12
CA VAL J 65 -19.45 -68.37 40.17
C VAL J 65 -19.58 -69.41 41.26
N GLY J 66 -20.13 -68.99 42.40
CA GLY J 66 -20.44 -69.90 43.46
C GLY J 66 -21.32 -71.04 43.01
N TYR J 67 -22.36 -70.71 42.26
CA TYR J 67 -23.31 -71.71 41.80
C TYR J 67 -22.67 -72.70 40.87
N LEU J 68 -21.93 -72.21 39.88
CA LEU J 68 -21.27 -73.05 38.90
C LEU J 68 -20.16 -73.88 39.50
N ALA J 69 -19.45 -73.33 40.46
CA ALA J 69 -18.48 -74.13 41.23
C ALA J 69 -19.17 -75.37 41.80
N GLY J 70 -20.32 -75.16 42.42
CA GLY J 70 -21.16 -76.24 42.91
C GLY J 70 -21.56 -77.24 41.85
N CYS J 71 -21.98 -76.77 40.68
CA CYS J 71 -22.41 -77.68 39.63
C CYS J 71 -21.32 -78.59 39.18
N LEU J 72 -20.12 -78.06 39.01
CA LEU J 72 -19.03 -78.84 38.45
C LEU J 72 -18.59 -79.88 39.46
N VAL J 73 -18.33 -79.46 40.69
CA VAL J 73 -17.88 -80.41 41.72
C VAL J 73 -18.96 -81.47 41.99
N HIS J 74 -20.22 -81.05 42.02
CA HIS J 74 -21.32 -81.96 42.26
C HIS J 74 -21.44 -83.00 41.12
N ALA J 75 -21.28 -82.56 39.88
CA ALA J 75 -21.35 -83.43 38.73
C ALA J 75 -20.21 -84.43 38.71
N LEU J 76 -18.99 -83.97 38.99
CA LEU J 76 -17.85 -84.87 39.02
C LEU J 76 -18.11 -85.99 39.99
N GLY J 77 -18.75 -85.67 41.11
CA GLY J 77 -19.09 -86.64 42.17
C GLY J 77 -20.12 -87.68 41.81
N GLU J 78 -21.17 -87.27 41.11
CA GLU J 78 -22.18 -88.22 40.59
C GLU J 78 -21.53 -89.21 39.61
N LYS J 79 -20.84 -88.69 38.60
CA LYS J 79 -20.20 -89.50 37.54
C LYS J 79 -19.09 -90.42 38.11
N GLN J 80 -18.38 -90.02 39.17
CA GLN J 80 -17.26 -90.81 39.74
C GLN J 80 -17.27 -90.85 41.28
N PRO J 81 -18.04 -91.77 41.87
CA PRO J 81 -18.08 -91.91 43.30
C PRO J 81 -16.72 -92.18 43.95
N GLU J 82 -15.87 -92.95 43.26
CA GLU J 82 -14.53 -93.28 43.75
C GLU J 82 -13.72 -92.11 44.29
N LEU J 83 -13.98 -90.92 43.77
CA LEU J 83 -13.27 -89.70 44.19
C LEU J 83 -13.58 -89.26 45.63
N GLN J 84 -14.72 -89.69 46.16
CA GLN J 84 -15.12 -89.46 47.55
C GLN J 84 -15.18 -87.97 47.87
N ILE J 85 -16.00 -87.29 47.07
CA ILE J 85 -16.24 -85.88 47.21
C ILE J 85 -17.34 -85.77 48.24
N SER J 86 -17.07 -85.14 49.38
CA SER J 86 -18.05 -84.97 50.47
C SER J 86 -18.84 -83.70 50.29
N GLU J 87 -20.02 -83.60 50.93
CA GLU J 87 -20.79 -82.34 50.90
C GLU J 87 -20.05 -81.21 51.59
N ARG J 88 -19.11 -81.57 52.43
CA ARG J 88 -18.15 -80.63 52.97
C ARG J 88 -17.26 -80.03 51.88
N ASP J 89 -16.71 -80.87 51.02
CA ASP J 89 -15.92 -80.41 49.86
C ASP J 89 -16.75 -79.49 49.00
N VAL J 90 -17.99 -79.85 48.75
CA VAL J 90 -18.85 -79.07 47.88
C VAL J 90 -19.09 -77.68 48.44
N LEU J 91 -19.49 -77.60 49.70
CA LEU J 91 -19.66 -76.31 50.35
C LEU J 91 -18.42 -75.43 50.28
N CYS J 92 -17.26 -76.03 50.54
CA CYS J 92 -16.00 -75.29 50.50
C CYS J 92 -15.70 -74.73 49.11
N VAL J 93 -15.99 -75.52 48.08
CA VAL J 93 -15.78 -75.08 46.72
C VAL J 93 -16.78 -73.98 46.37
N GLN J 94 -18.02 -74.13 46.75
CA GLN J 94 -19.03 -73.08 46.55
C GLN J 94 -18.65 -71.78 47.24
N ILE J 95 -18.20 -71.88 48.49
CA ILE J 95 -17.80 -70.71 49.27
C ILE J 95 -16.64 -69.97 48.57
N ALA J 96 -15.67 -70.72 48.06
CA ALA J 96 -14.54 -70.13 47.38
C ALA J 96 -15.01 -69.38 46.15
N GLY J 97 -15.86 -70.04 45.37
CA GLY J 97 -16.45 -69.42 44.21
C GLY J 97 -17.21 -68.15 44.50
N LEU J 98 -18.01 -68.22 45.55
CA LEU J 98 -18.83 -67.10 45.98
C LEU J 98 -18.00 -65.89 46.39
N CYS J 99 -16.91 -66.17 47.10
CA CYS J 99 -16.03 -65.13 47.64
C CYS J 99 -14.79 -64.81 46.81
N HIS J 100 -14.71 -65.33 45.59
CA HIS J 100 -13.45 -65.23 44.81
C HIS J 100 -13.11 -63.81 44.43
N ASP J 101 -14.14 -62.95 44.30
CA ASP J 101 -13.97 -61.55 43.87
C ASP J 101 -14.30 -60.56 44.99
N LEU J 102 -14.28 -61.00 46.23
CA LEU J 102 -14.53 -60.12 47.38
C LEU J 102 -13.66 -58.88 47.46
N GLY J 103 -12.45 -58.96 46.90
CA GLY J 103 -11.46 -57.90 46.99
C GLY J 103 -11.30 -56.99 45.79
N HIS J 104 -12.29 -56.95 44.91
CA HIS J 104 -12.23 -55.99 43.82
C HIS J 104 -12.47 -54.59 44.36
N GLY J 105 -11.77 -53.62 43.76
CA GLY J 105 -11.98 -52.22 44.14
C GLY J 105 -13.04 -51.49 43.31
N PRO J 106 -13.16 -50.17 43.54
CA PRO J 106 -14.01 -49.35 42.71
C PRO J 106 -13.70 -49.52 41.23
N PHE J 107 -14.74 -49.74 40.45
CA PHE J 107 -14.63 -49.97 39.01
C PHE J 107 -13.76 -51.19 38.67
N SER J 108 -13.86 -52.22 39.52
CA SER J 108 -13.26 -53.52 39.29
C SER J 108 -11.77 -53.43 38.93
N HIS J 109 -11.48 -53.61 37.64
CA HIS J 109 -10.13 -53.85 37.17
C HIS J 109 -9.36 -52.55 36.97
N MET J 110 -10.08 -51.44 36.96
CA MET J 110 -9.47 -50.13 36.97
C MET J 110 -8.64 -49.94 38.23
N PHE J 111 -9.16 -50.42 39.35
CA PHE J 111 -8.53 -50.20 40.66
C PHE J 111 -7.19 -50.92 40.83
N ASP J 112 -7.17 -52.25 40.67
CA ASP J 112 -5.93 -53.01 40.77
C ASP J 112 -5.04 -52.82 39.54
N GLY J 113 -5.64 -52.48 38.41
CA GLY J 113 -4.94 -52.41 37.12
C GLY J 113 -4.33 -51.07 36.76
N ARG J 114 -5.04 -49.97 37.01
CA ARG J 114 -4.54 -48.62 36.70
C ARG J 114 -4.22 -47.81 37.94
N PHE J 115 -5.18 -47.71 38.86
CA PHE J 115 -5.10 -46.75 39.96
C PHE J 115 -4.00 -47.03 40.99
N ILE J 116 -4.09 -48.17 41.65
CA ILE J 116 -3.12 -48.51 42.70
C ILE J 116 -1.68 -48.52 42.17
N PRO J 117 -1.44 -49.10 40.97
CA PRO J 117 -0.08 -49.01 40.44
C PRO J 117 0.47 -47.61 40.26
N LEU J 118 -0.42 -46.64 40.00
CA LEU J 118 0.00 -45.24 39.88
C LEU J 118 0.09 -44.52 41.21
N ALA J 119 -0.89 -44.72 42.09
CA ALA J 119 -0.91 -44.05 43.38
C ALA J 119 0.14 -44.56 44.35
N ARG J 120 0.43 -45.87 44.29
CA ARG J 120 1.39 -46.50 45.21
C ARG J 120 2.25 -47.52 44.47
N PRO J 121 3.26 -47.02 43.72
CA PRO J 121 4.12 -47.89 42.89
C PRO J 121 4.96 -48.88 43.70
N GLU J 122 5.27 -48.56 44.95
CA GLU J 122 5.98 -49.47 45.86
C GLU J 122 5.27 -50.81 46.14
N VAL J 123 3.93 -50.87 46.12
CA VAL J 123 3.22 -52.09 46.52
C VAL J 123 2.95 -52.99 45.33
N LYS J 124 3.08 -54.31 45.51
CA LYS J 124 2.51 -55.30 44.60
C LYS J 124 1.15 -55.70 45.23
N TRP J 125 0.03 -55.19 44.68
CA TRP J 125 -1.33 -55.51 45.19
C TRP J 125 -2.25 -56.01 44.10
N THR J 126 -2.93 -57.14 44.35
CA THR J 126 -3.86 -57.74 43.38
C THR J 126 -5.26 -57.84 43.97
N HIS J 127 -6.28 -57.88 43.11
CA HIS J 127 -7.65 -58.03 43.57
C HIS J 127 -7.82 -59.36 44.33
N GLU J 128 -7.09 -60.39 43.88
CA GLU J 128 -7.11 -61.70 44.52
C GLU J 128 -6.66 -61.66 45.98
N GLN J 129 -5.51 -61.03 46.22
CA GLN J 129 -5.00 -60.93 47.59
C GLN J 129 -6.00 -60.26 48.49
N GLY J 130 -6.66 -59.24 47.93
CA GLY J 130 -7.73 -58.54 48.60
C GLY J 130 -8.85 -59.45 48.96
N SER J 131 -9.24 -60.34 48.04
CA SER J 131 -10.28 -61.33 48.31
C SER J 131 -9.96 -62.19 49.55
N VAL J 132 -8.74 -62.66 49.65
CA VAL J 132 -8.30 -63.42 50.83
C VAL J 132 -8.44 -62.61 52.10
N MET J 133 -7.93 -61.39 52.10
CA MET J 133 -8.00 -60.51 53.26
C MET J 133 -9.43 -60.19 53.66
N MET J 134 -10.24 -59.86 52.67
CA MET J 134 -11.63 -59.49 52.88
C MET J 134 -12.45 -60.70 53.31
N PHE J 135 -12.08 -61.89 52.85
CA PHE J 135 -12.72 -63.13 53.32
C PHE J 135 -12.46 -63.34 54.80
N GLU J 136 -11.19 -63.25 55.18
CA GLU J 136 -10.80 -63.30 56.60
C GLU J 136 -11.62 -62.30 57.41
N HIS J 137 -11.68 -61.05 56.95
CA HIS J 137 -12.43 -60.00 57.67
C HIS J 137 -13.90 -60.37 57.76
N LEU J 138 -14.47 -60.91 56.69
CA LEU J 138 -15.89 -61.29 56.67
C LEU J 138 -16.19 -62.37 57.69
N ILE J 139 -15.35 -63.41 57.69
CA ILE J 139 -15.42 -64.52 58.63
C ILE J 139 -15.39 -64.02 60.07
N ASN J 140 -14.36 -63.25 60.42
CA ASN J 140 -14.13 -62.86 61.80
C ASN J 140 -15.16 -61.88 62.33
N SER J 141 -15.51 -60.88 61.53
CA SER J 141 -16.47 -59.87 61.98
C SER J 141 -17.93 -60.36 62.04
N ASN J 142 -18.29 -61.43 61.32
CA ASN J 142 -19.68 -61.94 61.33
C ASN J 142 -19.88 -63.31 61.98
N GLY J 143 -18.94 -63.73 62.82
CA GLY J 143 -19.05 -65.01 63.56
C GLY J 143 -19.43 -66.22 62.74
N ILE J 144 -18.70 -66.43 61.66
CA ILE J 144 -19.01 -67.49 60.68
C ILE J 144 -18.43 -68.82 61.10
N LYS J 145 -17.29 -68.81 61.79
CA LYS J 145 -16.65 -70.06 62.18
C LYS J 145 -17.59 -71.06 62.90
N PRO J 146 -18.40 -70.62 63.89
CA PRO J 146 -19.39 -71.51 64.51
C PRO J 146 -20.42 -72.07 63.54
N VAL J 147 -20.82 -71.26 62.56
CA VAL J 147 -21.79 -71.67 61.56
C VAL J 147 -21.18 -72.68 60.59
N MET J 148 -19.92 -72.51 60.24
CA MET J 148 -19.21 -73.51 59.44
C MET J 148 -19.21 -74.86 60.16
N GLU J 149 -18.85 -74.85 61.43
CA GLU J 149 -18.84 -76.06 62.25
C GLU J 149 -20.20 -76.70 62.31
N GLN J 150 -21.24 -75.88 62.44
CA GLN J 150 -22.62 -76.36 62.47
C GLN J 150 -22.97 -77.25 61.29
N TYR J 151 -22.45 -76.92 60.11
CA TYR J 151 -22.74 -77.70 58.90
C TYR J 151 -21.59 -78.62 58.51
N GLY J 152 -20.76 -79.01 59.47
CA GLY J 152 -19.78 -80.06 59.25
C GLY J 152 -18.43 -79.66 58.69
N LEU J 153 -18.18 -78.37 58.52
CA LEU J 153 -16.84 -77.93 58.11
C LEU J 153 -15.88 -77.93 59.29
N ILE J 154 -14.60 -77.89 58.99
CA ILE J 154 -13.54 -77.78 59.98
C ILE J 154 -12.79 -76.49 59.65
N PRO J 155 -13.12 -75.38 60.33
CA PRO J 155 -12.58 -74.07 59.95
C PRO J 155 -11.06 -74.00 59.79
N GLU J 156 -10.28 -74.60 60.70
CA GLU J 156 -8.81 -74.62 60.55
C GLU J 156 -8.40 -75.00 59.11
N GLU J 157 -8.76 -76.22 58.72
CA GLU J 157 -8.45 -76.77 57.38
C GLU J 157 -9.16 -76.08 56.25
N ASP J 158 -10.46 -75.86 56.40
CA ASP J 158 -11.29 -75.41 55.29
C ASP J 158 -11.10 -73.96 54.92
N ILE J 159 -10.92 -73.09 55.90
CA ILE J 159 -10.63 -71.69 55.58
C ILE J 159 -9.33 -71.60 54.80
N CYS J 160 -8.35 -72.43 55.13
CA CYS J 160 -7.13 -72.49 54.36
C CYS J 160 -7.40 -72.95 52.91
N PHE J 161 -8.16 -74.04 52.77
CA PHE J 161 -8.57 -74.57 51.46
C PHE J 161 -9.33 -73.54 50.61
N ILE J 162 -10.19 -72.75 51.24
CA ILE J 162 -10.92 -71.73 50.52
C ILE J 162 -9.97 -70.66 50.02
N LYS J 163 -9.12 -70.14 50.90
CA LYS J 163 -8.15 -69.13 50.52
C LYS J 163 -7.21 -69.63 49.44
N GLU J 164 -6.80 -70.88 49.52
CA GLU J 164 -5.89 -71.48 48.53
C GLU J 164 -6.55 -71.59 47.15
N GLN J 165 -7.84 -71.89 47.10
CA GLN J 165 -8.56 -71.92 45.83
C GLN J 165 -8.46 -70.56 45.14
N ILE J 166 -8.55 -69.49 45.94
CA ILE J 166 -8.63 -68.12 45.43
C ILE J 166 -7.31 -67.56 44.92
N VAL J 167 -6.25 -67.66 45.74
CA VAL J 167 -4.93 -67.12 45.35
C VAL J 167 -3.83 -68.13 45.10
N GLY J 168 -4.11 -69.43 45.18
CA GLY J 168 -3.05 -70.43 45.05
C GLY J 168 -2.26 -70.60 46.33
N PRO J 169 -1.14 -71.30 46.28
CA PRO J 169 -0.59 -71.90 47.54
C PRO J 169 0.01 -70.93 48.61
N LEU J 170 -0.58 -70.92 49.80
CA LEU J 170 -0.02 -70.05 50.91
C LEU J 170 1.40 -70.51 51.38
N LEU J 178 6.99 -81.37 44.88
CA LEU J 178 6.20 -81.80 46.09
C LEU J 178 4.93 -80.98 46.28
N TRP J 179 3.98 -81.55 47.02
CA TRP J 179 2.60 -81.02 47.08
C TRP J 179 2.53 -79.71 47.88
N PRO J 180 2.28 -78.58 47.19
CA PRO J 180 2.30 -77.31 47.89
C PRO J 180 1.09 -76.96 48.78
N TYR J 181 -0.05 -77.63 48.61
CA TYR J 181 -1.27 -77.19 49.30
C TYR J 181 -1.38 -77.83 50.70
N LYS J 182 -1.78 -77.03 51.68
CA LYS J 182 -2.02 -77.49 53.04
C LYS J 182 -3.51 -77.76 53.26
N GLY J 183 -4.38 -77.21 52.41
CA GLY J 183 -5.84 -77.31 52.62
C GLY J 183 -6.47 -78.68 52.34
N ARG J 184 -5.99 -79.34 51.29
CA ARG J 184 -6.42 -80.70 50.94
C ARG J 184 -5.24 -81.55 50.48
N PRO J 185 -5.37 -82.88 50.50
CA PRO J 185 -4.32 -83.76 49.99
C PRO J 185 -4.31 -83.89 48.43
N GLU J 186 -3.29 -84.59 47.92
CA GLU J 186 -3.10 -84.79 46.48
C GLU J 186 -4.24 -85.50 45.76
N ASN J 187 -4.91 -86.40 46.50
CA ASN J 187 -6.05 -87.19 45.96
C ASN J 187 -7.31 -86.35 45.75
N LYS J 188 -7.26 -85.06 46.10
CA LYS J 188 -8.31 -84.13 45.76
C LYS J 188 -7.81 -82.85 45.09
N SER J 189 -6.69 -82.95 44.35
CA SER J 189 -6.13 -81.78 43.65
C SER J 189 -7.06 -81.17 42.61
N PHE J 190 -7.94 -81.98 42.04
CA PHE J 190 -8.93 -81.50 41.10
C PHE J 190 -9.82 -80.41 41.68
N LEU J 191 -10.08 -80.43 42.97
CA LEU J 191 -10.89 -79.37 43.57
C LEU J 191 -10.31 -77.96 43.39
N TYR J 192 -8.98 -77.88 43.30
CA TYR J 192 -8.28 -76.62 43.06
C TYR J 192 -8.39 -76.09 41.63
N GLU J 193 -8.83 -76.92 40.70
CA GLU J 193 -9.02 -76.52 39.31
C GLU J 193 -10.45 -76.05 38.97
N ILE J 194 -11.29 -75.78 39.98
CA ILE J 194 -12.68 -75.41 39.72
C ILE J 194 -12.92 -73.90 39.71
N VAL J 195 -12.58 -73.22 40.80
CA VAL J 195 -12.84 -71.79 40.90
C VAL J 195 -11.79 -70.92 40.19
N SER J 196 -10.53 -71.29 40.34
CA SER J 196 -9.44 -70.51 39.71
C SER J 196 -8.30 -71.47 39.33
N ASN J 197 -8.27 -71.79 38.04
CA ASN J 197 -7.45 -72.88 37.51
C ASN J 197 -6.07 -72.36 37.15
N LYS J 198 -5.09 -72.61 38.02
CA LYS J 198 -3.72 -72.13 37.77
C LYS J 198 -3.04 -72.88 36.63
N ARG J 199 -3.48 -74.09 36.33
CA ARG J 199 -2.80 -74.95 35.34
C ARG J 199 -3.00 -74.45 33.91
N ASN J 200 -4.25 -74.19 33.55
CA ASN J 200 -4.63 -73.83 32.17
C ASN J 200 -5.65 -72.68 32.04
N GLY J 201 -6.36 -72.34 33.11
CA GLY J 201 -7.27 -71.21 33.06
C GLY J 201 -8.71 -71.58 32.83
N ILE J 202 -9.01 -72.85 32.57
CA ILE J 202 -10.39 -73.27 32.37
C ILE J 202 -11.03 -73.42 33.73
N ASP J 203 -11.78 -72.40 34.14
CA ASP J 203 -12.42 -72.33 35.45
C ASP J 203 -13.86 -71.80 35.34
N VAL J 204 -14.65 -71.97 36.37
CA VAL J 204 -16.05 -71.57 36.34
C VAL J 204 -16.25 -70.05 36.43
N ASP J 205 -15.23 -69.33 36.87
CA ASP J 205 -15.24 -67.87 36.87
C ASP J 205 -15.44 -67.40 35.45
N LYS J 206 -14.65 -67.91 34.52
CA LYS J 206 -14.79 -67.55 33.10
C LYS J 206 -16.19 -67.87 32.60
N TRP J 207 -16.67 -69.05 32.94
CA TRP J 207 -17.93 -69.52 32.40
C TRP J 207 -19.10 -68.62 32.79
N ASP J 208 -19.07 -68.10 34.00
CA ASP J 208 -20.12 -67.19 34.41
C ASP J 208 -19.99 -65.87 33.70
N TYR J 209 -18.80 -65.30 33.65
CA TYR J 209 -18.67 -63.97 33.08
C TYR J 209 -18.88 -63.95 31.57
N PHE J 210 -18.50 -65.01 30.87
CA PHE J 210 -18.81 -65.12 29.43
C PHE J 210 -20.30 -64.93 29.24
N ALA J 211 -21.08 -65.74 29.94
CA ALA J 211 -22.51 -65.75 29.78
C ALA J 211 -23.14 -64.46 30.26
N ARG J 212 -22.68 -63.96 31.40
CA ARG J 212 -23.28 -62.80 32.03
C ARG J 212 -22.92 -61.52 31.32
N ASP J 213 -21.63 -61.34 30.99
CA ASP J 213 -21.20 -60.13 30.32
C ASP J 213 -21.89 -60.07 28.96
N CYS J 214 -21.90 -61.17 28.23
CA CYS J 214 -22.66 -61.20 26.98
C CYS J 214 -24.13 -60.78 27.14
N HIS J 215 -24.81 -61.28 28.17
CA HIS J 215 -26.23 -61.00 28.39
C HIS J 215 -26.49 -59.52 28.45
N HIS J 216 -25.67 -58.84 29.24
CA HIS J 216 -25.79 -57.42 29.50
C HIS J 216 -25.12 -56.58 28.39
N LEU J 217 -24.05 -57.07 27.77
CA LEU J 217 -23.35 -56.28 26.75
C LEU J 217 -24.12 -56.12 25.46
N GLY J 218 -24.88 -57.14 25.07
CA GLY J 218 -25.54 -57.19 23.75
C GLY J 218 -24.70 -57.89 22.70
N ILE J 219 -23.98 -58.91 23.14
CA ILE J 219 -23.18 -59.79 22.33
C ILE J 219 -23.60 -61.24 22.69
N GLN J 220 -23.87 -62.12 21.72
CA GLN J 220 -24.13 -63.54 22.02
C GLN J 220 -22.75 -64.24 22.22
N ASN J 221 -22.81 -65.25 23.09
CA ASN J 221 -21.66 -65.96 23.64
C ASN J 221 -21.45 -67.23 22.83
N ASN J 222 -20.22 -67.49 22.39
CA ASN J 222 -20.00 -68.70 21.56
C ASN J 222 -19.86 -70.05 22.32
N PHE J 223 -19.81 -70.04 23.67
CA PHE J 223 -19.26 -71.16 24.45
C PHE J 223 -20.26 -71.84 25.38
N ASP J 224 -20.25 -73.18 25.40
CA ASP J 224 -21.21 -73.99 26.15
C ASP J 224 -20.56 -74.66 27.37
N TYR J 225 -20.68 -74.02 28.54
CA TYR J 225 -20.12 -74.58 29.79
C TYR J 225 -20.80 -75.87 30.16
N LYS J 226 -22.10 -75.96 29.94
CA LYS J 226 -22.85 -77.13 30.34
C LYS J 226 -22.36 -78.38 29.65
N ARG J 227 -21.98 -78.24 28.39
CA ARG J 227 -21.45 -79.34 27.62
C ARG J 227 -20.09 -79.76 28.14
N PHE J 228 -19.26 -78.79 28.52
CA PHE J 228 -17.96 -79.11 29.10
C PHE J 228 -18.10 -79.95 30.38
N ILE J 229 -19.04 -79.55 31.23
CA ILE J 229 -19.36 -80.30 32.43
C ILE J 229 -19.79 -81.73 32.12
N LYS J 230 -20.59 -81.95 31.09
CA LYS J 230 -20.97 -83.32 30.74
C LYS J 230 -19.82 -84.15 30.24
N PHE J 231 -18.81 -83.53 29.65
CA PHE J 231 -17.63 -84.26 29.17
C PHE J 231 -16.41 -84.01 30.04
N ALA J 232 -16.60 -83.75 31.31
CA ALA J 232 -15.48 -83.55 32.22
C ALA J 232 -15.34 -84.80 33.04
N ARG J 233 -14.12 -85.05 33.51
CA ARG J 233 -13.79 -86.31 34.15
C ARG J 233 -12.45 -86.19 34.88
N VAL J 234 -12.29 -86.91 35.97
CA VAL J 234 -11.04 -86.87 36.72
C VAL J 234 -10.22 -88.09 36.42
N CYS J 235 -8.94 -87.92 36.12
CA CYS J 235 -8.01 -89.01 35.83
C CYS J 235 -6.69 -88.73 36.46
N GLU J 236 -5.86 -89.75 36.55
CA GLU J 236 -4.53 -89.59 37.10
C GLU J 236 -3.57 -89.03 36.07
N VAL J 237 -2.94 -87.90 36.40
CA VAL J 237 -1.85 -87.33 35.59
C VAL J 237 -0.66 -87.04 36.51
N ASP J 238 0.44 -87.77 36.31
CA ASP J 238 1.68 -87.55 37.07
C ASP J 238 1.37 -87.63 38.57
N ASN J 239 0.85 -88.77 39.01
CA ASN J 239 0.60 -89.09 40.41
C ASN J 239 -0.33 -88.08 41.15
N GLU J 240 -1.29 -87.53 40.42
CA GLU J 240 -2.13 -86.45 40.92
C GLU J 240 -3.45 -86.47 40.14
N LEU J 241 -4.58 -86.40 40.84
CA LEU J 241 -5.89 -86.48 40.18
C LEU J 241 -6.37 -85.13 39.63
N ARG J 242 -6.45 -84.97 38.30
CA ARG J 242 -6.88 -83.70 37.66
C ARG J 242 -8.11 -83.83 36.78
N ILE J 243 -8.78 -82.70 36.54
CA ILE J 243 -9.89 -82.63 35.59
C ILE J 243 -9.37 -82.76 34.16
N CYS J 244 -9.96 -83.69 33.42
CA CYS J 244 -9.66 -83.89 32.01
C CYS J 244 -10.89 -83.70 31.15
N ALA J 245 -10.70 -83.24 29.93
CA ALA J 245 -11.78 -83.08 28.97
C ALA J 245 -11.68 -84.15 27.91
N ARG J 246 -12.79 -84.41 27.22
CA ARG J 246 -12.78 -85.45 26.22
C ARG J 246 -11.99 -85.05 24.99
N ASP J 247 -11.29 -86.00 24.40
CA ASP J 247 -10.45 -85.72 23.24
C ASP J 247 -11.15 -84.86 22.19
N LYS J 248 -12.34 -85.25 21.74
CA LYS J 248 -13.01 -84.55 20.66
C LYS J 248 -13.35 -83.07 21.05
N GLU J 249 -13.51 -82.76 22.34
CA GLU J 249 -13.80 -81.38 22.77
C GLU J 249 -12.64 -80.38 22.65
N VAL J 250 -11.46 -80.82 22.25
CA VAL J 250 -10.30 -79.93 22.15
C VAL J 250 -10.61 -78.71 21.32
N GLY J 251 -11.34 -78.88 20.22
CA GLY J 251 -11.78 -77.77 19.39
C GLY J 251 -12.53 -76.69 20.15
N ASN J 252 -13.51 -77.11 20.94
CA ASN J 252 -14.30 -76.21 21.78
C ASN J 252 -13.50 -75.45 22.83
N LEU J 253 -12.38 -76.03 23.26
CA LEU J 253 -11.52 -75.36 24.22
C LEU J 253 -10.67 -74.26 23.56
N TYR J 254 -10.13 -74.49 22.36
CA TYR J 254 -9.49 -73.40 21.64
C TYR J 254 -10.50 -72.28 21.39
N ASP J 255 -11.75 -72.65 21.13
CA ASP J 255 -12.84 -71.68 20.90
C ASP J 255 -13.24 -70.93 22.19
N MET J 256 -13.00 -71.53 23.35
CA MET J 256 -13.25 -70.84 24.62
C MET J 256 -12.31 -69.66 24.75
N PHE J 257 -11.03 -69.88 24.49
CA PHE J 257 -10.07 -68.81 24.64
C PHE J 257 -10.18 -67.78 23.54
N HIS J 258 -10.64 -68.20 22.36
CA HIS J 258 -10.96 -67.27 21.28
C HIS J 258 -12.11 -66.36 21.71
N THR J 259 -13.17 -66.96 22.27
CA THR J 259 -14.29 -66.20 22.80
C THR J 259 -13.78 -65.16 23.80
N ARG J 260 -12.89 -65.56 24.69
CA ARG J 260 -12.37 -64.65 25.68
C ARG J 260 -11.67 -63.47 25.04
N ASN J 261 -10.71 -63.74 24.17
CA ASN J 261 -9.96 -62.69 23.47
C ASN J 261 -10.91 -61.80 22.70
N SER J 262 -11.90 -62.40 22.06
CA SER J 262 -12.94 -61.65 21.36
C SER J 262 -13.71 -60.69 22.26
N LEU J 263 -14.10 -61.11 23.45
CA LEU J 263 -14.75 -60.20 24.41
C LEU J 263 -13.82 -59.11 24.91
N HIS J 264 -12.53 -59.38 24.97
CA HIS J 264 -11.57 -58.33 25.34
C HIS J 264 -11.49 -57.29 24.26
N ARG J 265 -11.43 -57.73 23.00
CA ARG J 265 -11.35 -56.79 21.91
C ARG J 265 -12.58 -55.97 21.74
N ARG J 266 -13.73 -56.58 21.86
CA ARG J 266 -14.96 -55.87 21.60
C ARG J 266 -15.37 -54.97 22.70
N ALA J 267 -15.25 -55.43 23.95
CA ALA J 267 -15.86 -54.77 25.08
C ALA J 267 -14.86 -54.37 26.14
N TYR J 268 -14.18 -55.32 26.75
CA TYR J 268 -13.40 -55.01 27.96
C TYR J 268 -12.27 -54.00 27.75
N GLN J 269 -11.62 -54.07 26.59
CA GLN J 269 -10.58 -53.14 26.18
C GLN J 269 -11.04 -52.13 25.14
N HIS J 270 -12.34 -51.86 25.05
CA HIS J 270 -12.89 -50.90 24.08
C HIS J 270 -12.22 -49.55 24.25
N LYS J 271 -11.81 -48.95 23.13
CA LYS J 271 -10.96 -47.76 23.16
C LYS J 271 -11.50 -46.59 24.01
N VAL J 272 -12.80 -46.39 24.02
CA VAL J 272 -13.43 -45.37 24.84
C VAL J 272 -13.70 -45.85 26.25
N GLY J 273 -14.03 -47.13 26.42
CA GLY J 273 -14.17 -47.69 27.76
C GLY J 273 -12.91 -47.46 28.57
N ASN J 274 -11.78 -47.78 27.94
CA ASN J 274 -10.49 -47.61 28.56
C ASN J 274 -10.13 -46.14 28.82
N ILE J 275 -10.54 -45.23 27.95
CA ILE J 275 -10.22 -43.83 28.21
C ILE J 275 -11.07 -43.29 29.35
N ILE J 276 -12.30 -43.76 29.48
CA ILE J 276 -13.09 -43.41 30.64
C ILE J 276 -12.49 -43.96 31.92
N ASP J 277 -11.99 -45.19 31.86
CA ASP J 277 -11.24 -45.76 32.98
C ASP J 277 -10.05 -44.86 33.34
N THR J 278 -9.23 -44.49 32.36
CA THR J 278 -8.03 -43.66 32.68
C THR J 278 -8.45 -42.31 33.26
N MET J 279 -9.58 -41.76 32.82
CA MET J 279 -10.07 -40.47 33.33
C MET J 279 -10.60 -40.55 34.75
N ILE J 280 -11.33 -41.61 35.06
CA ILE J 280 -11.77 -41.82 36.42
C ILE J 280 -10.55 -42.02 37.33
N THR J 281 -9.62 -42.86 36.90
CA THR J 281 -8.38 -43.09 37.64
C THR J 281 -7.65 -41.78 37.90
N ASP J 282 -7.59 -40.95 36.87
CA ASP J 282 -6.98 -39.63 36.96
C ASP J 282 -7.64 -38.77 38.06
N ALA J 283 -8.97 -38.79 38.08
CA ALA J 283 -9.75 -38.06 39.06
C ALA J 283 -9.54 -38.59 40.46
N PHE J 284 -9.46 -39.91 40.62
CA PHE J 284 -9.16 -40.49 41.94
C PHE J 284 -7.81 -40.01 42.40
N LEU J 285 -6.80 -40.07 41.54
CA LEU J 285 -5.47 -39.60 41.91
C LEU J 285 -5.48 -38.16 42.42
N LYS J 286 -6.24 -37.28 41.79
CA LYS J 286 -6.31 -35.87 42.22
C LYS J 286 -7.14 -35.65 43.47
N ALA J 287 -8.06 -36.56 43.75
CA ALA J 287 -8.83 -36.52 44.97
C ALA J 287 -8.24 -37.33 46.12
N ASP J 288 -7.14 -38.05 45.89
CA ASP J 288 -6.66 -39.05 46.85
C ASP J 288 -6.27 -38.44 48.17
N ASP J 289 -5.52 -37.32 48.08
CA ASP J 289 -5.09 -36.54 49.23
C ASP J 289 -6.21 -36.04 50.13
N TYR J 290 -7.38 -35.75 49.56
CA TYR J 290 -8.43 -35.03 50.31
C TYR J 290 -9.65 -35.86 50.73
N ILE J 291 -9.74 -37.12 50.37
CA ILE J 291 -10.91 -37.93 50.79
C ILE J 291 -10.50 -38.88 51.88
N GLU J 292 -11.23 -38.79 53.01
CA GLU J 292 -11.05 -39.66 54.16
C GLU J 292 -12.09 -40.78 54.21
N ILE J 293 -11.66 -41.98 54.61
CA ILE J 293 -12.54 -43.13 54.83
C ILE J 293 -12.21 -43.77 56.17
N THR J 294 -13.23 -43.90 57.03
CA THR J 294 -13.02 -44.35 58.40
C THR J 294 -12.86 -45.86 58.41
N GLY J 295 -11.82 -46.32 59.08
CA GLY J 295 -11.53 -47.73 59.22
C GLY J 295 -11.54 -48.19 60.65
N ALA J 296 -10.71 -49.19 60.93
CA ALA J 296 -10.69 -49.87 62.21
C ALA J 296 -10.17 -48.96 63.27
N GLY J 297 -10.89 -48.90 64.40
CA GLY J 297 -10.58 -48.02 65.51
C GLY J 297 -10.72 -46.54 65.19
N GLY J 298 -11.47 -46.21 64.13
CA GLY J 298 -11.59 -44.83 63.69
C GLY J 298 -10.40 -44.20 62.97
N LYS J 299 -9.33 -44.94 62.70
CA LYS J 299 -8.19 -44.41 61.90
C LYS J 299 -8.70 -43.95 60.52
N LYS J 300 -8.18 -42.86 60.00
CA LYS J 300 -8.62 -42.32 58.69
C LYS J 300 -7.70 -42.85 57.58
N TYR J 301 -8.32 -43.40 56.53
CA TYR J 301 -7.60 -43.90 55.38
C TYR J 301 -7.94 -43.13 54.13
N ARG J 302 -6.98 -43.04 53.21
CA ARG J 302 -7.18 -42.43 51.89
C ARG J 302 -7.60 -43.54 50.92
N ILE J 303 -8.03 -43.18 49.72
CA ILE J 303 -8.47 -44.17 48.74
C ILE J 303 -7.38 -45.19 48.44
N SER J 304 -6.16 -44.72 48.23
CA SER J 304 -5.02 -45.60 47.97
C SER J 304 -4.58 -46.46 49.15
N THR J 305 -4.90 -46.05 50.38
CA THR J 305 -4.51 -46.81 51.58
C THR J 305 -5.62 -47.65 52.22
N ALA J 306 -6.85 -47.54 51.72
CA ALA J 306 -7.94 -48.35 52.24
C ALA J 306 -7.67 -49.84 52.06
N ILE J 307 -6.88 -50.21 51.07
CA ILE J 307 -6.48 -51.61 50.91
C ILE J 307 -5.67 -52.19 52.09
N ASP J 308 -5.06 -51.34 52.88
CA ASP J 308 -4.34 -51.79 54.06
C ASP J 308 -5.22 -52.13 55.26
N ASP J 309 -6.46 -51.67 55.28
CA ASP J 309 -7.41 -52.00 56.36
C ASP J 309 -8.80 -52.36 55.83
N MET J 310 -9.20 -53.61 56.06
CA MET J 310 -10.41 -54.14 55.43
C MET J 310 -11.73 -53.53 55.91
N GLU J 311 -11.74 -52.96 57.09
CA GLU J 311 -12.95 -52.28 57.56
C GLU J 311 -13.19 -51.01 56.78
N ALA J 312 -12.09 -50.34 56.42
CA ALA J 312 -12.14 -49.18 55.54
C ALA J 312 -12.49 -49.58 54.14
N TYR J 313 -11.82 -50.59 53.62
CA TYR J 313 -12.04 -51.07 52.25
C TYR J 313 -13.48 -51.51 52.00
N THR J 314 -14.15 -51.99 53.03
CA THR J 314 -15.56 -52.34 52.96
C THR J 314 -16.45 -51.16 52.46
N LYS J 315 -16.06 -49.94 52.86
CA LYS J 315 -16.81 -48.75 52.52
C LYS J 315 -16.34 -48.11 51.21
N LEU J 316 -15.36 -48.71 50.52
CA LEU J 316 -14.78 -48.15 49.30
C LEU J 316 -15.30 -48.87 48.07
N THR J 317 -16.21 -48.21 47.37
CA THR J 317 -16.90 -48.79 46.21
C THR J 317 -16.99 -47.74 45.11
N ASP J 318 -17.79 -48.01 44.07
CA ASP J 318 -18.06 -47.04 42.98
C ASP J 318 -18.68 -45.73 43.48
N ASN J 319 -19.29 -45.75 44.68
CA ASN J 319 -19.70 -44.53 45.37
C ASN J 319 -18.72 -43.40 45.21
N ILE J 320 -17.44 -43.73 45.35
CA ILE J 320 -16.38 -42.73 45.42
C ILE J 320 -16.47 -41.75 44.22
N PHE J 321 -16.83 -42.30 43.06
CA PHE J 321 -17.05 -41.52 41.84
C PHE J 321 -18.06 -40.41 42.11
N LEU J 322 -19.23 -40.78 42.61
CA LEU J 322 -20.29 -39.81 42.88
C LEU J 322 -19.99 -38.89 44.05
N GLU J 323 -19.25 -39.38 45.04
CA GLU J 323 -18.85 -38.54 46.18
C GLU J 323 -17.99 -37.39 45.67
N ILE J 324 -17.04 -37.71 44.79
CA ILE J 324 -16.21 -36.70 44.12
C ILE J 324 -17.06 -35.79 43.27
N LEU J 325 -17.95 -36.35 42.46
CA LEU J 325 -18.79 -35.56 41.54
C LEU J 325 -19.71 -34.57 42.23
N TYR J 326 -20.34 -34.99 43.32
CA TYR J 326 -21.28 -34.15 44.03
C TYR J 326 -20.63 -33.18 45.03
N SER J 327 -19.33 -33.34 45.31
CA SER J 327 -18.68 -32.56 46.35
C SER J 327 -18.60 -31.08 46.05
N THR J 328 -18.45 -30.31 47.12
CA THR J 328 -18.25 -28.86 47.07
C THR J 328 -16.91 -28.34 47.62
N ASP J 329 -16.12 -29.22 48.24
CA ASP J 329 -14.81 -28.83 48.79
C ASP J 329 -13.94 -28.26 47.66
N PRO J 330 -13.42 -27.04 47.82
CA PRO J 330 -12.49 -26.49 46.80
C PRO J 330 -11.23 -27.34 46.54
N LYS J 331 -10.80 -28.14 47.51
CA LYS J 331 -9.64 -29.03 47.33
C LYS J 331 -9.92 -30.14 46.32
N LEU J 332 -11.18 -30.53 46.16
CA LEU J 332 -11.59 -31.54 45.18
C LEU J 332 -11.94 -30.97 43.79
N LYS J 333 -11.89 -29.65 43.58
CA LYS J 333 -12.30 -29.03 42.31
C LYS J 333 -11.58 -29.61 41.11
N ASP J 334 -10.29 -29.87 41.23
CA ASP J 334 -9.52 -30.52 40.15
C ASP J 334 -10.06 -31.90 39.77
N ALA J 335 -10.33 -32.73 40.77
CA ALA J 335 -10.86 -34.07 40.53
C ALA J 335 -12.28 -34.02 40.02
N ARG J 336 -13.11 -33.18 40.63
CA ARG J 336 -14.49 -33.01 40.20
C ARG J 336 -14.62 -32.53 38.77
N GLU J 337 -13.69 -31.70 38.31
CA GLU J 337 -13.73 -31.19 36.93
C GLU J 337 -13.52 -32.26 35.89
N ILE J 338 -12.67 -33.24 36.20
CA ILE J 338 -12.44 -34.35 35.30
C ILE J 338 -13.72 -35.14 35.15
N LEU J 339 -14.32 -35.51 36.27
CA LEU J 339 -15.57 -36.27 36.24
C LEU J 339 -16.68 -35.49 35.56
N LYS J 340 -16.72 -34.18 35.73
CA LYS J 340 -17.70 -33.35 35.00
C LYS J 340 -17.47 -33.38 33.49
N GLN J 341 -16.21 -33.44 33.05
CA GLN J 341 -15.91 -33.61 31.62
C GLN J 341 -16.39 -34.95 31.06
N ILE J 342 -16.51 -35.97 31.89
CA ILE J 342 -17.07 -37.26 31.50
C ILE J 342 -18.62 -37.15 31.30
N GLU J 343 -19.28 -36.33 32.11
CA GLU J 343 -20.72 -36.11 31.97
C GLU J 343 -21.01 -35.46 30.62
N TYR J 344 -20.32 -34.35 30.37
CA TYR J 344 -20.46 -33.59 29.12
C TYR J 344 -19.84 -34.28 27.91
N ARG J 345 -19.08 -35.35 28.13
CA ARG J 345 -18.52 -36.17 27.05
C ARG J 345 -17.38 -35.49 26.31
N ASN J 346 -16.63 -34.63 27.02
CA ASN J 346 -15.37 -34.08 26.53
C ASN J 346 -14.27 -35.00 26.95
N LEU J 347 -14.24 -36.15 26.28
CA LEU J 347 -13.29 -37.18 26.57
C LEU J 347 -12.04 -36.91 25.81
N PHE J 348 -10.94 -37.45 26.32
CA PHE J 348 -9.68 -37.43 25.62
C PHE J 348 -9.89 -38.12 24.28
N LYS J 349 -9.27 -37.59 23.22
CA LYS J 349 -9.55 -38.05 21.87
C LYS J 349 -8.65 -39.19 21.43
N TYR J 350 -9.23 -40.18 20.76
CA TYR J 350 -8.48 -41.33 20.27
C TYR J 350 -7.78 -40.94 19.02
N VAL J 351 -6.49 -41.21 18.96
CA VAL J 351 -5.71 -40.87 17.75
C VAL J 351 -5.54 -42.09 16.86
N GLY J 352 -5.18 -43.23 17.44
CA GLY J 352 -5.02 -44.46 16.67
C GLY J 352 -4.44 -45.63 17.46
N GLU J 353 -4.32 -46.75 16.78
CA GLU J 353 -3.88 -47.99 17.40
C GLU J 353 -2.72 -48.52 16.58
N THR J 354 -1.81 -49.22 17.23
CA THR J 354 -0.69 -49.88 16.56
C THR J 354 -0.14 -51.03 17.41
N GLN J 355 0.70 -51.84 16.78
CA GLN J 355 1.30 -53.01 17.40
C GLN J 355 2.79 -53.04 17.12
N PRO J 356 3.58 -53.68 17.99
CA PRO J 356 4.97 -53.98 17.61
C PRO J 356 5.03 -55.07 16.52
N THR J 357 6.18 -55.17 15.87
CA THR J 357 6.44 -56.14 14.83
C THR J 357 7.57 -57.05 15.28
N GLY J 358 7.75 -58.15 14.54
CA GLY J 358 8.67 -59.23 14.92
C GLY J 358 8.26 -59.91 16.22
N GLN J 359 9.22 -60.06 17.13
CA GLN J 359 8.95 -60.52 18.50
C GLN J 359 9.57 -59.49 19.48
N ILE J 360 9.15 -58.21 19.38
CA ILE J 360 9.57 -57.14 20.33
C ILE J 360 8.44 -56.93 21.37
N LYS J 361 8.61 -57.39 22.62
CA LYS J 361 7.66 -57.01 23.70
C LYS J 361 8.11 -55.65 24.25
N ILE J 362 7.16 -54.82 24.64
CA ILE J 362 7.42 -53.55 25.31
C ILE J 362 7.34 -53.76 26.84
N LYS J 363 8.47 -53.61 27.54
CA LYS J 363 8.56 -53.88 28.99
C LYS J 363 7.67 -52.85 29.77
N ARG J 364 7.03 -53.30 30.86
CA ARG J 364 6.09 -52.45 31.65
C ARG J 364 6.78 -51.22 32.30
N GLU J 365 8.03 -51.38 32.71
CA GLU J 365 8.96 -50.27 33.02
C GLU J 365 8.97 -49.08 31.99
N ASP J 366 8.88 -49.38 30.70
CA ASP J 366 8.94 -48.33 29.64
C ASP J 366 7.62 -47.57 29.34
N TYR J 367 6.50 -47.96 29.94
CA TYR J 367 5.19 -47.33 29.68
C TYR J 367 5.21 -45.83 30.04
N GLU J 368 5.80 -45.47 31.21
CA GLU J 368 5.94 -44.07 31.64
C GLU J 368 6.60 -43.20 30.54
N SER J 369 7.60 -43.75 29.85
CA SER J 369 8.42 -43.03 28.85
C SER J 369 7.79 -42.75 27.46
N LEU J 370 6.70 -43.44 27.11
CA LEU J 370 6.18 -43.43 25.73
C LEU J 370 5.52 -42.12 25.26
N PRO J 371 4.77 -41.42 26.15
CA PRO J 371 4.29 -40.09 25.74
C PRO J 371 5.42 -39.13 25.36
N LYS J 372 6.53 -39.12 26.11
CA LYS J 372 7.73 -38.33 25.77
C LYS J 372 8.15 -38.64 24.34
N GLU J 373 8.14 -39.92 23.97
CA GLU J 373 8.57 -40.34 22.61
C GLU J 373 7.68 -39.85 21.48
N VAL J 374 6.37 -39.84 21.71
CA VAL J 374 5.42 -39.43 20.65
C VAL J 374 5.62 -37.96 20.33
N ALA J 375 5.67 -37.11 21.35
CA ALA J 375 5.93 -35.67 21.15
C ALA J 375 7.30 -35.37 20.55
N SER J 376 8.28 -36.23 20.82
CA SER J 376 9.63 -36.10 20.28
C SER J 376 9.71 -36.32 18.78
N ALA J 377 8.81 -37.11 18.22
CA ALA J 377 8.84 -37.41 16.79
C ALA J 377 8.79 -36.13 15.97
N LYS J 378 9.57 -36.07 14.90
CA LYS J 378 9.65 -34.88 14.09
C LYS J 378 9.07 -35.20 12.72
N PRO J 379 7.73 -35.11 12.54
CA PRO J 379 7.12 -35.41 11.22
C PRO J 379 7.38 -34.26 10.24
N LYS J 380 7.83 -34.55 9.01
CA LYS J 380 8.20 -33.45 8.07
C LYS J 380 6.95 -32.80 7.43
N VAL J 381 6.02 -32.34 8.26
CA VAL J 381 4.71 -31.81 7.88
C VAL J 381 4.47 -30.50 8.59
N LEU J 382 3.79 -29.55 7.95
CA LEU J 382 3.46 -28.25 8.58
C LEU J 382 2.43 -28.42 9.70
N LEU J 383 2.74 -27.92 10.90
CA LEU J 383 1.85 -28.04 12.05
C LEU J 383 1.47 -26.66 12.53
N ASP J 384 0.18 -26.48 12.80
CA ASP J 384 -0.33 -25.31 13.57
C ASP J 384 0.16 -25.20 14.98
N VAL J 385 0.18 -26.31 15.68
CA VAL J 385 0.37 -26.45 17.14
C VAL J 385 1.53 -27.38 17.42
N LYS J 386 2.52 -26.99 18.18
CA LYS J 386 3.51 -27.96 18.82
C LYS J 386 2.80 -28.55 20.06
N LEU J 387 2.97 -29.86 20.33
CA LEU J 387 2.32 -30.54 21.48
C LEU J 387 3.39 -31.12 22.43
N LYS J 388 3.26 -30.83 23.74
CA LYS J 388 4.18 -31.36 24.76
C LYS J 388 3.76 -32.78 25.18
N ALA J 389 4.68 -33.51 25.80
CA ALA J 389 4.47 -34.93 26.15
C ALA J 389 3.29 -35.20 27.08
N GLU J 390 3.07 -34.28 28.02
CA GLU J 390 1.91 -34.38 28.94
C GLU J 390 0.54 -34.31 28.26
N ASP J 391 0.52 -33.91 26.97
CA ASP J 391 -0.71 -33.89 26.13
C ASP J 391 -1.12 -35.27 25.62
N PHE J 392 -0.18 -36.20 25.57
CA PHE J 392 -0.41 -37.56 25.05
C PHE J 392 -0.62 -38.59 26.15
N ILE J 393 -1.52 -39.53 25.89
CA ILE J 393 -1.68 -40.76 26.69
C ILE J 393 -1.37 -41.93 25.80
N VAL J 394 -0.47 -42.79 26.22
CA VAL J 394 -0.19 -44.03 25.53
C VAL J 394 -0.58 -45.15 26.49
N ASP J 395 -1.36 -46.08 25.98
CA ASP J 395 -1.96 -47.14 26.77
C ASP J 395 -1.51 -48.43 26.10
N VAL J 396 -0.77 -49.27 26.82
CA VAL J 396 -0.31 -50.53 26.26
C VAL J 396 -1.10 -51.67 26.88
N ILE J 397 -1.63 -52.55 26.04
CA ILE J 397 -2.58 -53.57 26.46
C ILE J 397 -2.11 -54.91 25.98
N ASN J 398 -2.02 -55.86 26.90
CA ASN J 398 -1.57 -57.22 26.53
C ASN J 398 -2.80 -58.05 26.28
N MET J 399 -2.85 -58.69 25.12
CA MET J 399 -3.92 -59.63 24.79
C MET J 399 -3.29 -61.01 24.68
N ASP J 400 -3.82 -61.98 25.42
CA ASP J 400 -3.25 -63.33 25.40
C ASP J 400 -4.33 -64.40 25.60
N TYR J 401 -3.88 -65.65 25.73
CA TYR J 401 -4.74 -66.76 26.08
C TYR J 401 -4.58 -67.14 27.57
N GLY J 402 -4.28 -66.14 28.40
CA GLY J 402 -4.30 -66.28 29.84
C GLY J 402 -3.03 -66.84 30.42
N MET J 403 -2.01 -67.08 29.61
CA MET J 403 -0.75 -67.64 30.12
C MET J 403 0.42 -67.06 29.34
N GLN J 404 0.46 -65.72 29.27
CA GLN J 404 1.45 -65.02 28.48
C GLN J 404 1.59 -65.73 27.13
N GLU J 405 2.84 -66.05 26.73
CA GLU J 405 3.12 -66.55 25.41
C GLU J 405 2.72 -67.98 25.15
N LYS J 406 2.32 -68.68 26.18
CA LYS J 406 1.98 -70.12 26.13
C LYS J 406 0.55 -70.41 25.67
N ASN J 407 0.44 -71.57 25.01
CA ASN J 407 -0.82 -72.15 24.59
C ASN J 407 -1.39 -72.91 25.78
N PRO J 408 -2.53 -72.49 26.33
CA PRO J 408 -3.04 -73.17 27.49
C PRO J 408 -3.55 -74.56 27.21
N ILE J 409 -3.89 -74.86 25.97
CA ILE J 409 -4.35 -76.20 25.62
C ILE J 409 -3.21 -77.21 25.70
N ASP J 410 -1.97 -76.77 25.54
CA ASP J 410 -0.81 -77.61 25.84
C ASP J 410 -0.75 -78.00 27.33
N HIS J 411 -1.44 -77.28 28.20
CA HIS J 411 -1.58 -77.64 29.62
C HIS J 411 -2.97 -78.20 30.03
N VAL J 412 -3.66 -78.86 29.09
CA VAL J 412 -4.92 -79.55 29.37
C VAL J 412 -4.67 -81.02 29.18
N SER J 413 -5.40 -81.82 29.95
CA SER J 413 -5.34 -83.26 29.84
C SER J 413 -6.67 -83.76 29.29
N PHE J 414 -6.58 -84.82 28.46
CA PHE J 414 -7.72 -85.31 27.73
C PHE J 414 -7.94 -86.79 27.99
N TYR J 415 -9.15 -87.29 27.74
CA TYR J 415 -9.41 -88.75 27.77
C TYR J 415 -10.13 -89.22 26.52
N CYS J 416 -10.01 -90.50 26.20
CA CYS J 416 -10.67 -91.09 24.99
C CYS J 416 -11.86 -91.90 25.34
N LYS J 417 -12.75 -92.08 24.39
CA LYS J 417 -13.98 -92.88 24.65
C LYS J 417 -13.65 -94.30 25.08
N THR J 418 -12.70 -94.88 24.35
CA THR J 418 -12.29 -96.26 24.56
C THR J 418 -11.55 -96.53 25.88
N ALA J 419 -11.07 -95.51 26.56
CA ALA J 419 -10.37 -95.65 27.86
C ALA J 419 -10.49 -94.37 28.64
N PRO J 420 -11.63 -94.22 29.34
CA PRO J 420 -11.94 -92.97 30.01
C PRO J 420 -11.18 -92.68 31.30
N ASN J 421 -10.35 -93.58 31.79
CA ASN J 421 -9.48 -93.28 32.93
C ASN J 421 -8.04 -92.99 32.54
N ARG J 422 -7.68 -93.16 31.28
CA ARG J 422 -6.34 -92.89 30.80
C ARG J 422 -6.25 -91.50 30.18
N ALA J 423 -5.49 -90.64 30.84
CA ALA J 423 -5.25 -89.28 30.37
C ALA J 423 -4.22 -89.27 29.27
N ILE J 424 -4.28 -88.23 28.42
CA ILE J 424 -3.36 -88.04 27.30
C ILE J 424 -3.17 -86.56 27.04
N ARG J 425 -2.32 -86.23 26.07
CA ARG J 425 -2.09 -84.86 25.63
C ARG J 425 -2.50 -84.71 24.18
N ILE J 426 -2.85 -83.50 23.79
CA ILE J 426 -3.12 -83.21 22.39
C ILE J 426 -2.32 -81.93 22.04
N THR J 427 -1.43 -82.05 21.04
CA THR J 427 -0.61 -80.93 20.57
C THR J 427 -1.40 -80.02 19.65
N LYS J 428 -0.78 -78.94 19.17
CA LYS J 428 -1.46 -78.03 18.24
C LYS J 428 -1.59 -78.67 16.84
N ASN J 429 -0.55 -79.37 16.39
CA ASN J 429 -0.56 -80.11 15.09
C ASN J 429 -1.75 -81.07 14.94
N GLN J 430 -2.00 -81.79 16.04
CA GLN J 430 -3.03 -82.80 16.13
C GLN J 430 -4.46 -82.24 15.99
N VAL J 431 -4.65 -80.91 16.04
CA VAL J 431 -6.00 -80.33 15.99
C VAL J 431 -6.38 -79.64 14.67
N SER J 432 -5.60 -78.64 14.26
CA SER J 432 -5.96 -77.81 13.11
C SER J 432 -4.86 -76.84 12.68
N GLN J 433 -4.73 -76.64 11.37
CA GLN J 433 -3.83 -75.64 10.83
C GLN J 433 -4.39 -74.23 10.95
N LEU J 434 -5.69 -74.07 11.19
CA LEU J 434 -6.33 -72.75 11.23
C LEU J 434 -6.37 -72.12 12.61
N LEU J 435 -5.60 -72.65 13.55
CA LEU J 435 -5.52 -72.07 14.88
C LEU J 435 -4.50 -70.97 14.90
N PRO J 436 -4.46 -70.19 16.00
CA PRO J 436 -3.50 -69.08 16.08
C PRO J 436 -2.08 -69.52 16.03
N GLU J 437 -1.22 -68.65 15.45
CA GLU J 437 0.24 -68.93 15.33
C GLU J 437 0.92 -68.56 16.65
N LYS J 438 0.57 -67.39 17.22
CA LYS J 438 1.06 -66.94 18.53
C LYS J 438 -0.09 -66.91 19.48
N PHE J 439 0.17 -66.70 20.78
CA PHE J 439 -0.90 -66.63 21.79
C PHE J 439 -0.84 -65.38 22.67
N ALA J 440 -0.14 -64.37 22.18
CA ALA J 440 0.06 -63.15 22.95
C ALA J 440 0.51 -62.04 22.02
N GLU J 441 -0.03 -60.85 22.24
CA GLU J 441 0.36 -59.68 21.49
C GLU J 441 0.15 -58.46 22.36
N GLN J 442 0.60 -57.32 21.85
CA GLN J 442 0.38 -56.04 22.50
C GLN J 442 -0.40 -55.11 21.59
N LEU J 443 -1.24 -54.28 22.19
CA LEU J 443 -1.90 -53.18 21.50
C LEU J 443 -1.50 -51.89 22.13
N ILE J 444 -1.17 -50.90 21.29
CA ILE J 444 -0.75 -49.60 21.75
C ILE J 444 -1.73 -48.58 21.21
N ARG J 445 -2.54 -48.02 22.09
CA ARG J 445 -3.46 -46.93 21.77
C ARG J 445 -2.83 -45.63 22.18
N VAL J 446 -3.02 -44.60 21.37
CA VAL J 446 -2.59 -43.26 21.69
C VAL J 446 -3.80 -42.34 21.68
N TYR J 447 -3.98 -41.57 22.74
CA TYR J 447 -5.04 -40.59 22.79
C TYR J 447 -4.39 -39.23 23.00
N CYS J 448 -5.12 -38.14 22.72
CA CYS J 448 -4.64 -36.78 22.93
C CYS J 448 -5.55 -36.02 23.89
N LYS J 449 -4.98 -35.40 24.94
CA LYS J 449 -5.77 -34.67 25.92
C LYS J 449 -6.37 -33.35 25.41
N LYS J 450 -5.77 -32.74 24.37
CA LYS J 450 -6.33 -31.54 23.72
C LYS J 450 -7.33 -31.93 22.63
N VAL J 451 -8.54 -31.42 22.75
CA VAL J 451 -9.71 -31.91 21.99
C VAL J 451 -9.89 -31.23 20.62
N ASP J 452 -9.55 -29.94 20.51
CA ASP J 452 -9.83 -29.11 19.30
C ASP J 452 -9.32 -29.65 17.95
N ARG J 453 -9.91 -29.15 16.86
CA ARG J 453 -9.64 -29.61 15.49
C ARG J 453 -8.13 -29.53 15.15
N LYS J 454 -7.46 -28.39 15.48
CA LYS J 454 -6.04 -28.16 15.12
C LYS J 454 -5.08 -29.13 15.88
N SER J 455 -5.29 -29.31 17.19
CA SER J 455 -4.44 -30.21 18.03
C SER J 455 -4.57 -31.68 17.64
N LEU J 456 -5.78 -32.08 17.28
CA LEU J 456 -6.06 -33.46 16.93
C LEU J 456 -5.33 -33.82 15.64
N TYR J 457 -5.34 -32.92 14.65
CA TYR J 457 -4.59 -33.14 13.41
C TYR J 457 -3.09 -33.32 13.70
N ALA J 458 -2.54 -32.45 14.56
CA ALA J 458 -1.15 -32.52 14.91
C ALA J 458 -0.81 -33.82 15.59
N ALA J 459 -1.66 -34.20 16.54
CA ALA J 459 -1.50 -35.44 17.29
C ALA J 459 -1.40 -36.64 16.36
N ARG J 460 -2.28 -36.66 15.35
CA ARG J 460 -2.24 -37.71 14.33
C ARG J 460 -0.92 -37.77 13.61
N GLN J 461 -0.36 -36.63 13.24
CA GLN J 461 0.93 -36.58 12.54
C GLN J 461 2.06 -37.08 13.45
N TYR J 462 2.13 -36.59 14.68
CA TYR J 462 3.08 -37.11 15.65
C TYR J 462 2.96 -38.62 15.80
N PHE J 463 1.74 -39.11 15.95
CA PHE J 463 1.52 -40.54 16.18
C PHE J 463 1.96 -41.40 14.99
N VAL J 464 1.51 -41.07 13.79
CA VAL J 464 1.80 -41.90 12.62
C VAL J 464 3.30 -41.91 12.33
N GLN J 465 3.98 -40.80 12.63
CA GLN J 465 5.43 -40.72 12.50
C GLN J 465 6.11 -41.61 13.54
N TRP J 466 5.69 -41.48 14.79
CA TRP J 466 6.19 -42.34 15.87
C TRP J 466 6.11 -43.83 15.53
N CYS J 467 5.03 -44.22 14.86
CA CYS J 467 4.85 -45.61 14.38
C CYS J 467 5.94 -45.95 13.36
N ALA J 468 6.14 -45.09 12.36
CA ALA J 468 7.21 -45.29 11.40
C ALA J 468 8.58 -45.33 12.06
N ASP J 469 8.82 -44.38 12.98
CA ASP J 469 10.10 -44.29 13.70
C ASP J 469 10.44 -45.57 14.47
N ARG J 470 9.46 -46.19 15.12
CA ARG J 470 9.74 -47.40 15.92
C ARG J 470 9.45 -48.73 15.20
N ASN J 471 9.23 -48.64 13.89
CA ASN J 471 8.95 -49.80 13.04
C ASN J 471 7.76 -50.62 13.55
N PHE J 472 6.71 -49.90 13.96
CA PHE J 472 5.43 -50.49 14.35
C PHE J 472 4.54 -50.65 13.12
N THR J 473 3.44 -51.36 13.28
CA THR J 473 2.50 -51.60 12.19
C THR J 473 1.87 -50.29 11.78
N LYS J 474 1.54 -50.19 10.51
CA LYS J 474 0.84 -49.04 9.97
C LYS J 474 -0.55 -48.96 10.59
N PRO J 475 -0.93 -47.81 11.14
CA PRO J 475 -2.31 -47.66 11.59
C PRO J 475 -3.30 -47.93 10.48
N GLN J 476 -4.39 -48.63 10.78
CA GLN J 476 -5.38 -49.05 9.75
C GLN J 476 -5.87 -47.85 8.94
N ASP J 477 -6.17 -46.76 9.65
CA ASP J 477 -6.62 -45.47 9.08
C ASP J 477 -5.50 -44.54 8.64
N GLY J 478 -4.28 -45.04 8.57
CA GLY J 478 -3.10 -44.19 8.51
C GLY J 478 -2.98 -43.34 7.27
N ASP J 479 -3.38 -43.91 6.14
CA ASP J 479 -3.35 -43.19 4.86
C ASP J 479 -4.29 -41.99 4.84
N VAL J 480 -5.35 -42.07 5.63
CA VAL J 480 -6.37 -41.01 5.67
C VAL J 480 -5.97 -39.92 6.67
N ILE J 481 -5.67 -40.31 7.91
CA ILE J 481 -5.36 -39.35 8.98
C ILE J 481 -4.03 -38.63 8.84
N ALA J 482 -3.07 -39.27 8.19
CA ALA J 482 -1.73 -38.70 7.98
C ALA J 482 -1.22 -39.06 6.60
N PRO J 483 -1.85 -38.51 5.54
CA PRO J 483 -1.54 -38.92 4.17
C PRO J 483 -0.15 -38.49 3.72
N LEU J 484 0.39 -37.45 4.34
CA LEU J 484 1.72 -36.96 4.02
C LEU J 484 2.85 -37.77 4.68
N ILE J 485 2.54 -38.60 5.68
CA ILE J 485 3.56 -39.35 6.40
C ILE J 485 3.73 -40.80 5.94
N THR J 486 2.64 -41.44 5.54
CA THR J 486 2.67 -42.88 5.19
C THR J 486 3.53 -43.26 3.97
N PRO J 487 3.68 -42.37 2.97
CA PRO J 487 4.66 -42.72 1.94
C PRO J 487 6.15 -42.73 2.40
N GLN J 488 6.54 -41.96 3.43
CA GLN J 488 7.90 -42.05 4.01
C GLN J 488 8.41 -43.50 4.28
N LYS J 489 7.54 -44.38 4.81
CA LYS J 489 7.92 -45.77 5.13
C LYS J 489 7.80 -46.70 3.90
N LYS J 490 8.96 -47.16 3.37
CA LYS J 490 9.03 -48.15 2.25
C LYS J 490 8.29 -49.48 2.64
N GLU J 491 8.48 -49.94 3.90
CA GLU J 491 7.84 -51.17 4.40
C GLU J 491 6.28 -51.19 4.32
N TRP J 492 5.63 -50.01 4.22
CA TRP J 492 4.15 -49.87 4.15
C TRP J 492 3.63 -49.75 2.70
N ASP K 7 -54.41 -56.84 -4.42
CA ASP K 7 -53.34 -57.64 -3.67
C ASP K 7 -52.45 -56.69 -2.92
N THR K 8 -52.29 -56.94 -1.63
CA THR K 8 -51.36 -56.16 -0.80
C THR K 8 -50.31 -56.95 0.07
N MET K 9 -49.40 -56.19 0.63
CA MET K 9 -48.32 -56.62 1.52
C MET K 9 -48.78 -57.64 2.50
N LYS K 10 -47.93 -58.60 2.80
CA LYS K 10 -48.30 -59.69 3.65
C LYS K 10 -47.22 -59.86 4.73
N VAL K 11 -47.67 -60.00 5.98
CA VAL K 11 -46.76 -60.04 7.09
C VAL K 11 -46.65 -61.47 7.50
N ILE K 12 -45.45 -61.89 7.85
CA ILE K 12 -45.16 -63.27 8.18
C ILE K 12 -44.13 -63.34 9.31
N ASN K 13 -44.37 -64.23 10.28
CA ASN K 13 -43.61 -64.28 11.53
C ASN K 13 -42.58 -65.40 11.56
N ASP K 14 -41.34 -64.98 11.36
CA ASP K 14 -40.17 -65.85 11.37
C ASP K 14 -39.56 -65.76 12.78
N PRO K 15 -39.17 -66.91 13.36
CA PRO K 15 -38.58 -66.83 14.68
C PRO K 15 -37.20 -66.19 14.73
N ILE K 16 -36.48 -66.17 13.62
CA ILE K 16 -35.19 -65.53 13.59
C ILE K 16 -35.35 -64.04 13.40
N HIS K 17 -36.10 -63.63 12.40
CA HIS K 17 -36.13 -62.22 12.00
C HIS K 17 -37.32 -61.43 12.49
N GLY K 18 -38.32 -62.10 13.03
CA GLY K 18 -39.50 -61.43 13.52
C GLY K 18 -40.53 -61.29 12.42
N HIS K 19 -41.36 -60.25 12.52
CA HIS K 19 -42.39 -60.02 11.52
C HIS K 19 -41.78 -59.32 10.32
N ILE K 20 -41.85 -59.98 9.16
CA ILE K 20 -41.27 -59.42 7.95
C ILE K 20 -42.38 -59.20 6.95
N GLU K 21 -42.23 -58.18 6.11
CA GLU K 21 -43.20 -57.90 5.06
C GLU K 21 -42.78 -58.51 3.75
N LEU K 22 -43.73 -59.09 3.04
CA LEU K 22 -43.50 -59.62 1.71
C LEU K 22 -44.35 -58.85 0.74
N HIS K 23 -43.70 -58.14 -0.15
CA HIS K 23 -44.35 -57.45 -1.29
C HIS K 23 -45.15 -58.46 -2.14
N PRO K 24 -46.31 -58.06 -2.65
CA PRO K 24 -47.19 -58.98 -3.38
C PRO K 24 -46.54 -59.81 -4.46
N LEU K 25 -45.63 -59.19 -5.21
CA LEU K 25 -44.82 -59.91 -6.21
C LEU K 25 -44.08 -61.07 -5.59
N LEU K 26 -43.51 -60.87 -4.41
CA LEU K 26 -42.80 -61.94 -3.70
C LEU K 26 -43.75 -63.03 -3.27
N VAL K 27 -44.90 -62.64 -2.72
CA VAL K 27 -45.93 -63.61 -2.32
C VAL K 27 -46.30 -64.49 -3.48
N ARG K 28 -46.39 -63.89 -4.66
CA ARG K 28 -46.82 -64.59 -5.85
C ARG K 28 -45.81 -65.62 -6.32
N ILE K 29 -44.53 -65.29 -6.15
CA ILE K 29 -43.43 -66.22 -6.43
C ILE K 29 -43.42 -67.33 -5.38
N ILE K 30 -43.59 -66.95 -4.12
CA ILE K 30 -43.61 -67.90 -3.01
C ILE K 30 -44.71 -68.95 -3.14
N ASP K 31 -45.90 -68.54 -3.55
CA ASP K 31 -47.05 -69.45 -3.66
C ASP K 31 -47.10 -70.19 -5.02
N THR K 32 -46.07 -71.00 -5.23
CA THR K 32 -45.90 -71.78 -6.45
C THR K 32 -45.29 -73.11 -6.05
N PRO K 33 -45.62 -74.19 -6.79
CA PRO K 33 -45.05 -75.49 -6.44
C PRO K 33 -43.54 -75.52 -6.38
N GLN K 34 -42.87 -74.70 -7.19
CA GLN K 34 -41.42 -74.76 -7.30
C GLN K 34 -40.73 -74.22 -6.05
N PHE K 35 -41.39 -73.25 -5.41
CA PHE K 35 -40.89 -72.65 -4.20
C PHE K 35 -41.37 -73.42 -2.97
N GLN K 36 -42.64 -73.77 -2.91
CA GLN K 36 -43.17 -74.52 -1.75
C GLN K 36 -42.51 -75.86 -1.60
N ARG K 37 -41.99 -76.40 -2.69
CA ARG K 37 -41.12 -77.57 -2.66
C ARG K 37 -40.05 -77.52 -1.58
N LEU K 38 -39.51 -76.35 -1.31
CA LEU K 38 -38.48 -76.20 -0.29
C LEU K 38 -38.94 -76.46 1.13
N ARG K 39 -40.24 -76.52 1.40
CA ARG K 39 -40.75 -76.97 2.69
C ARG K 39 -40.39 -78.43 2.99
N TYR K 40 -40.12 -79.21 1.96
CA TYR K 40 -39.88 -80.63 2.14
C TYR K 40 -38.41 -81.03 1.87
N ILE K 41 -37.49 -80.10 2.06
CA ILE K 41 -36.06 -80.35 1.97
C ILE K 41 -35.35 -79.76 3.19
N LYS K 42 -34.71 -80.62 3.99
CA LYS K 42 -34.09 -80.17 5.24
C LYS K 42 -32.78 -79.44 5.01
N GLN K 43 -32.55 -78.40 5.80
CA GLN K 43 -31.43 -77.47 5.63
C GLN K 43 -30.11 -78.21 5.79
N LEU K 44 -30.02 -78.93 6.92
CA LEU K 44 -28.79 -79.59 7.30
C LEU K 44 -28.72 -81.07 6.92
N GLY K 45 -29.57 -81.51 5.99
CA GLY K 45 -29.57 -82.89 5.52
C GLY K 45 -29.70 -83.86 6.66
N GLY K 46 -28.77 -84.80 6.70
CA GLY K 46 -28.69 -85.76 7.81
C GLY K 46 -28.43 -85.21 9.20
N GLY K 47 -28.05 -83.95 9.33
CA GLY K 47 -27.81 -83.36 10.64
C GLY K 47 -28.95 -83.50 11.62
N TYR K 48 -30.19 -83.51 11.13
CA TYR K 48 -31.35 -83.76 12.00
C TYR K 48 -31.24 -85.08 12.77
N TYR K 49 -30.55 -86.07 12.20
CA TYR K 49 -30.39 -87.36 12.86
C TYR K 49 -29.31 -87.35 13.96
N VAL K 50 -28.62 -86.23 14.11
CA VAL K 50 -27.69 -86.00 15.21
C VAL K 50 -28.10 -84.82 16.11
N PHE K 51 -28.56 -83.72 15.53
CA PHE K 51 -29.08 -82.60 16.31
C PHE K 51 -30.60 -82.60 16.14
N PRO K 52 -31.34 -83.14 17.12
CA PRO K 52 -32.78 -83.26 16.92
C PRO K 52 -33.53 -81.92 16.86
N GLY K 53 -32.83 -80.80 17.12
CA GLY K 53 -33.45 -79.51 16.89
C GLY K 53 -33.62 -79.15 15.43
N ALA K 54 -32.71 -79.67 14.57
CA ALA K 54 -32.48 -79.24 13.18
C ALA K 54 -33.42 -79.80 12.10
N SER K 55 -34.71 -79.78 12.46
CA SER K 55 -35.85 -80.04 11.60
C SER K 55 -36.07 -79.02 10.50
N HIS K 56 -35.44 -77.86 10.61
CA HIS K 56 -35.64 -76.73 9.71
C HIS K 56 -35.30 -77.05 8.27
N ASN K 57 -36.13 -76.49 7.39
CA ASN K 57 -36.09 -76.69 5.96
C ASN K 57 -35.65 -75.45 5.18
N ARG K 58 -35.34 -75.64 3.92
CA ARG K 58 -34.92 -74.57 3.02
C ARG K 58 -35.92 -73.46 2.81
N PHE K 59 -37.21 -73.78 2.86
CA PHE K 59 -38.28 -72.80 2.72
C PHE K 59 -38.03 -71.58 3.57
N GLU K 60 -37.93 -71.81 4.86
CA GLU K 60 -37.84 -70.71 5.80
C GLU K 60 -36.50 -69.96 5.76
N HIS K 61 -35.42 -70.66 5.42
CA HIS K 61 -34.12 -70.02 5.14
C HIS K 61 -34.26 -69.11 3.93
N SER K 62 -34.90 -69.64 2.89
CA SER K 62 -35.08 -68.92 1.65
C SER K 62 -35.83 -67.61 1.95
N LEU K 63 -36.92 -67.64 2.72
CA LEU K 63 -37.59 -66.38 3.09
C LEU K 63 -36.64 -65.40 3.77
N GLY K 64 -35.88 -65.90 4.73
CA GLY K 64 -35.01 -65.05 5.51
C GLY K 64 -33.89 -64.40 4.72
N VAL K 65 -33.37 -65.12 3.73
CA VAL K 65 -32.34 -64.56 2.86
C VAL K 65 -32.94 -63.46 2.02
N GLY K 66 -34.14 -63.70 1.52
CA GLY K 66 -34.89 -62.69 0.82
C GLY K 66 -35.07 -61.45 1.65
N TYR K 67 -35.45 -61.64 2.90
CA TYR K 67 -35.71 -60.51 3.79
C TYR K 67 -34.47 -59.69 4.05
N LEU K 68 -33.37 -60.37 4.39
CA LEU K 68 -32.10 -59.73 4.68
C LEU K 68 -31.50 -59.07 3.48
N ALA K 69 -31.66 -59.67 2.30
CA ALA K 69 -31.26 -59.01 1.07
C ALA K 69 -31.93 -57.63 0.97
N GLY K 70 -33.23 -57.60 1.23
CA GLY K 70 -34.00 -56.37 1.31
C GLY K 70 -33.46 -55.38 2.33
N CYS K 71 -33.13 -55.85 3.52
CA CYS K 71 -32.63 -54.94 4.57
C CYS K 71 -31.36 -54.25 4.16
N LEU K 72 -30.43 -55.00 3.57
CA LEU K 72 -29.13 -54.46 3.27
C LEU K 72 -29.24 -53.46 2.15
N VAL K 73 -29.89 -53.84 1.05
CA VAL K 73 -30.04 -52.92 -0.08
C VAL K 73 -30.86 -51.69 0.32
N HIS K 74 -31.88 -51.87 1.11
CA HIS K 74 -32.73 -50.76 1.55
C HIS K 74 -31.93 -49.79 2.45
N ALA K 75 -31.09 -50.33 3.33
CA ALA K 75 -30.27 -49.52 4.21
C ALA K 75 -29.23 -48.75 3.45
N LEU K 76 -28.56 -49.39 2.49
CA LEU K 76 -27.55 -48.70 1.69
C LEU K 76 -28.17 -47.50 1.02
N GLY K 77 -29.42 -47.64 0.57
CA GLY K 77 -30.18 -46.59 -0.11
C GLY K 77 -30.56 -45.40 0.74
N GLU K 78 -30.98 -45.65 1.98
CA GLU K 78 -31.26 -44.56 2.93
C GLU K 78 -30.00 -43.75 3.21
N LYS K 79 -28.92 -44.44 3.62
CA LYS K 79 -27.66 -43.81 3.97
C LYS K 79 -27.01 -43.06 2.77
N GLN K 80 -27.20 -43.54 1.52
CA GLN K 80 -26.57 -42.93 0.32
C GLN K 80 -27.53 -42.82 -0.87
N PRO K 81 -28.32 -41.75 -0.92
CA PRO K 81 -29.24 -41.56 -2.05
C PRO K 81 -28.53 -41.48 -3.39
N GLU K 82 -27.33 -40.90 -3.44
CA GLU K 82 -26.54 -40.76 -4.68
C GLU K 82 -26.42 -42.04 -5.50
N LEU K 83 -26.51 -43.20 -4.85
CA LEU K 83 -26.42 -44.49 -5.54
C LEU K 83 -27.61 -44.80 -6.46
N GLN K 84 -28.74 -44.14 -6.20
CA GLN K 84 -29.95 -44.23 -7.03
C GLN K 84 -30.46 -45.64 -7.10
N ILE K 85 -30.70 -46.20 -5.94
CA ILE K 85 -31.23 -47.53 -5.79
C ILE K 85 -32.73 -47.36 -5.90
N SER K 86 -33.36 -47.96 -6.91
CA SER K 86 -34.81 -47.87 -7.13
C SER K 86 -35.53 -48.99 -6.42
N GLU K 87 -36.85 -48.84 -6.19
CA GLU K 87 -37.64 -49.94 -5.59
C GLU K 87 -37.69 -51.15 -6.52
N ARG K 88 -37.43 -50.90 -7.79
CA ARG K 88 -37.21 -51.97 -8.74
C ARG K 88 -35.95 -52.79 -8.41
N ASP K 89 -34.85 -52.10 -8.14
CA ASP K 89 -33.61 -52.77 -7.70
C ASP K 89 -33.86 -53.58 -6.44
N VAL K 90 -34.59 -53.01 -5.51
CA VAL K 90 -34.84 -53.66 -4.23
C VAL K 90 -35.61 -54.96 -4.43
N LEU K 91 -36.71 -54.90 -5.16
CA LEU K 91 -37.47 -56.11 -5.47
C LEU K 91 -36.63 -57.18 -6.14
N CYS K 92 -35.81 -56.79 -7.10
CA CYS K 92 -34.95 -57.74 -7.79
C CYS K 92 -33.95 -58.41 -6.86
N VAL K 93 -33.39 -57.65 -5.92
CA VAL K 93 -32.46 -58.20 -4.95
C VAL K 93 -33.18 -59.12 -4.00
N GLN K 94 -34.36 -58.72 -3.53
CA GLN K 94 -35.18 -59.59 -2.67
C GLN K 94 -35.53 -60.90 -3.37
N ILE K 95 -35.96 -60.82 -4.63
CA ILE K 95 -36.33 -61.99 -5.40
C ILE K 95 -35.15 -62.96 -5.54
N ALA K 96 -33.96 -62.42 -5.79
CA ALA K 96 -32.78 -63.23 -5.92
C ALA K 96 -32.49 -63.95 -4.62
N GLY K 97 -32.54 -63.20 -3.53
CA GLY K 97 -32.37 -63.78 -2.21
C GLY K 97 -33.37 -64.89 -1.89
N LEU K 98 -34.62 -64.62 -2.22
CA LEU K 98 -35.70 -65.55 -1.97
C LEU K 98 -35.52 -66.86 -2.74
N CYS K 99 -35.08 -66.74 -3.98
CA CYS K 99 -34.94 -67.87 -4.90
C CYS K 99 -33.52 -68.45 -5.00
N HIS K 100 -32.60 -68.03 -4.12
CA HIS K 100 -31.18 -68.38 -4.30
C HIS K 100 -30.93 -69.87 -4.11
N ASP K 101 -31.78 -70.53 -3.32
CA ASP K 101 -31.62 -71.97 -3.00
C ASP K 101 -32.73 -72.82 -3.60
N LEU K 102 -33.41 -72.31 -4.62
CA LEU K 102 -34.45 -73.08 -5.30
C LEU K 102 -34.06 -74.44 -5.84
N GLY K 103 -32.77 -74.59 -6.16
CA GLY K 103 -32.23 -75.80 -6.77
C GLY K 103 -31.52 -76.80 -5.88
N HIS K 104 -31.73 -76.72 -4.57
CA HIS K 104 -31.17 -77.74 -3.70
C HIS K 104 -31.93 -79.04 -3.89
N GLY K 105 -31.19 -80.14 -3.79
CA GLY K 105 -31.81 -81.46 -3.87
C GLY K 105 -32.25 -82.06 -2.53
N PRO K 106 -32.71 -83.32 -2.55
CA PRO K 106 -32.99 -84.03 -1.33
C PRO K 106 -31.80 -84.00 -0.38
N PHE K 107 -32.07 -83.67 0.87
CA PHE K 107 -31.05 -83.54 1.90
C PHE K 107 -29.97 -82.51 1.56
N SER K 108 -30.40 -81.44 0.91
CA SER K 108 -29.57 -80.27 0.63
C SER K 108 -28.21 -80.62 0.01
N HIS K 109 -27.16 -80.58 0.84
CA HIS K 109 -25.79 -80.60 0.35
C HIS K 109 -25.31 -82.01 0.08
N MET K 110 -26.04 -82.98 0.60
CA MET K 110 -25.79 -84.37 0.30
C MET K 110 -25.98 -84.63 -1.19
N PHE K 111 -27.00 -84.01 -1.76
CA PHE K 111 -27.36 -84.25 -3.16
C PHE K 111 -26.32 -83.75 -4.17
N ASP K 112 -25.98 -82.47 -4.13
CA ASP K 112 -24.97 -81.91 -5.04
C ASP K 112 -23.55 -82.32 -4.62
N GLY K 113 -23.36 -82.63 -3.34
CA GLY K 113 -22.05 -82.89 -2.76
C GLY K 113 -21.57 -84.33 -2.78
N ARG K 114 -22.46 -85.27 -2.46
CA ARG K 114 -22.12 -86.71 -2.45
C ARG K 114 -22.77 -87.49 -3.57
N PHE K 115 -24.10 -87.37 -3.69
CA PHE K 115 -24.88 -88.26 -4.54
C PHE K 115 -24.63 -88.10 -6.05
N ILE K 116 -24.92 -86.93 -6.59
CA ILE K 116 -24.77 -86.68 -8.02
C ILE K 116 -23.34 -86.94 -8.49
N PRO K 117 -22.31 -86.50 -7.75
CA PRO K 117 -20.95 -86.84 -8.18
C PRO K 117 -20.66 -88.33 -8.29
N LEU K 118 -21.33 -89.15 -7.48
CA LEU K 118 -21.18 -90.61 -7.57
C LEU K 118 -22.07 -91.24 -8.63
N ALA K 119 -23.32 -90.82 -8.72
CA ALA K 119 -24.25 -91.40 -9.68
C ALA K 119 -23.95 -90.99 -11.12
N ARG K 120 -23.48 -89.77 -11.33
CA ARG K 120 -23.20 -89.24 -12.67
C ARG K 120 -21.90 -88.43 -12.68
N PRO K 121 -20.75 -89.13 -12.69
CA PRO K 121 -19.44 -88.48 -12.62
C PRO K 121 -19.12 -87.57 -13.82
N GLU K 122 -19.71 -87.86 -14.98
CA GLU K 122 -19.54 -87.05 -16.18
C GLU K 122 -20.05 -85.59 -16.04
N VAL K 123 -21.05 -85.30 -15.20
CA VAL K 123 -21.64 -83.95 -15.16
C VAL K 123 -20.95 -83.11 -14.10
N LYS K 124 -20.73 -81.82 -14.40
CA LYS K 124 -20.45 -80.80 -13.38
C LYS K 124 -21.81 -80.15 -13.06
N TRP K 125 -22.42 -80.49 -11.92
CA TRP K 125 -23.73 -79.93 -11.49
C TRP K 125 -23.69 -79.37 -10.09
N THR K 126 -24.17 -78.12 -9.93
CA THR K 126 -24.19 -77.44 -8.64
C THR K 126 -25.62 -77.07 -8.24
N HIS K 127 -25.85 -76.92 -6.94
CA HIS K 127 -27.18 -76.51 -6.46
C HIS K 127 -27.55 -75.13 -7.03
N GLU K 128 -26.55 -74.26 -7.19
CA GLU K 128 -26.75 -72.93 -7.76
C GLU K 128 -27.30 -72.98 -9.18
N GLN K 129 -26.69 -73.77 -10.05
CA GLN K 129 -27.16 -73.89 -11.43
C GLN K 129 -28.61 -74.34 -11.46
N GLY K 130 -28.93 -75.24 -10.55
CA GLY K 130 -30.28 -75.72 -10.37
C GLY K 130 -31.22 -74.60 -10.02
N SER K 131 -30.78 -73.71 -9.12
CA SER K 131 -31.58 -72.55 -8.75
C SER K 131 -31.96 -71.68 -9.96
N VAL K 132 -31.01 -71.43 -10.84
CA VAL K 132 -31.28 -70.68 -12.06
C VAL K 132 -32.32 -71.37 -12.93
N MET K 133 -32.13 -72.67 -13.16
CA MET K 133 -33.06 -73.45 -13.97
C MET K 133 -34.45 -73.49 -13.38
N MET K 134 -34.51 -73.73 -12.09
CA MET K 134 -35.77 -73.85 -11.38
C MET K 134 -36.47 -72.48 -11.28
N PHE K 135 -35.69 -71.40 -11.21
CA PHE K 135 -36.25 -70.05 -11.25
C PHE K 135 -36.93 -69.81 -12.59
N GLU K 136 -36.22 -70.08 -13.68
CA GLU K 136 -36.79 -70.00 -15.03
C GLU K 136 -38.09 -70.81 -15.10
N HIS K 137 -38.07 -72.04 -14.63
CA HIS K 137 -39.26 -72.92 -14.66
C HIS K 137 -40.39 -72.31 -13.85
N LEU K 138 -40.07 -71.75 -12.68
CA LEU K 138 -41.07 -71.13 -11.81
C LEU K 138 -41.76 -69.95 -12.49
N ILE K 139 -40.94 -69.08 -13.07
CA ILE K 139 -41.39 -67.91 -13.81
C ILE K 139 -42.35 -68.31 -14.94
N ASN K 140 -41.91 -69.22 -15.80
CA ASN K 140 -42.65 -69.56 -17.01
C ASN K 140 -43.93 -70.32 -16.71
N SER K 141 -43.87 -71.30 -15.82
CA SER K 141 -45.06 -72.10 -15.53
C SER K 141 -46.12 -71.37 -14.68
N ASN K 142 -45.77 -70.29 -13.95
CA ASN K 142 -46.77 -69.57 -13.14
C ASN K 142 -47.09 -68.15 -13.60
N GLY K 143 -46.82 -67.83 -14.87
CA GLY K 143 -47.16 -66.52 -15.46
C GLY K 143 -46.73 -65.32 -14.65
N ILE K 144 -45.47 -65.30 -14.27
CA ILE K 144 -44.92 -64.26 -13.37
C ILE K 144 -44.53 -63.00 -14.14
N LYS K 145 -44.08 -63.18 -15.39
CA LYS K 145 -43.63 -62.04 -16.16
C LYS K 145 -44.62 -60.86 -16.22
N PRO K 146 -45.93 -61.10 -16.47
CA PRO K 146 -46.92 -60.00 -16.39
C PRO K 146 -47.00 -59.31 -15.05
N VAL K 147 -46.84 -60.10 -13.98
CA VAL K 147 -46.90 -59.57 -12.61
C VAL K 147 -45.66 -58.74 -12.30
N MET K 148 -44.50 -59.16 -12.81
CA MET K 148 -43.28 -58.36 -12.67
C MET K 148 -43.48 -56.98 -13.31
N GLU K 149 -44.01 -56.99 -14.54
CA GLU K 149 -44.29 -55.75 -15.27
C GLU K 149 -45.25 -54.88 -14.51
N GLN K 150 -46.27 -55.48 -13.92
CA GLN K 150 -47.27 -54.76 -13.13
C GLN K 150 -46.65 -53.91 -12.03
N TYR K 151 -45.58 -54.39 -11.40
CA TYR K 151 -44.91 -53.65 -10.33
C TYR K 151 -43.62 -52.98 -10.79
N GLY K 152 -43.51 -52.68 -12.08
CA GLY K 152 -42.44 -51.83 -12.58
C GLY K 152 -41.14 -52.50 -12.96
N LEU K 153 -41.06 -53.83 -12.91
CA LEU K 153 -39.87 -54.53 -13.39
C LEU K 153 -39.86 -54.61 -14.92
N ILE K 154 -38.69 -54.89 -15.48
CA ILE K 154 -38.53 -55.13 -16.90
C ILE K 154 -37.95 -56.54 -17.04
N PRO K 155 -38.82 -57.54 -17.29
CA PRO K 155 -38.39 -58.93 -17.24
C PRO K 155 -37.14 -59.29 -18.04
N GLU K 156 -37.00 -58.78 -19.26
CA GLU K 156 -35.78 -59.03 -20.08
C GLU K 156 -34.51 -58.80 -19.21
N GLU K 157 -34.32 -57.56 -18.75
CA GLU K 157 -33.17 -57.16 -17.94
C GLU K 157 -33.14 -57.79 -16.58
N ASP K 158 -34.26 -57.76 -15.88
CA ASP K 158 -34.28 -58.13 -14.46
C ASP K 158 -34.16 -59.60 -14.20
N ILE K 159 -34.77 -60.44 -15.02
CA ILE K 159 -34.60 -61.88 -14.87
C ILE K 159 -33.14 -62.25 -15.05
N CYS K 160 -32.46 -61.58 -15.97
CA CYS K 160 -31.02 -61.79 -16.13
C CYS K 160 -30.26 -61.37 -14.85
N PHE K 161 -30.57 -60.18 -14.34
CA PHE K 161 -29.98 -59.66 -13.11
C PHE K 161 -30.21 -60.59 -11.91
N ILE K 162 -31.39 -61.17 -11.81
CA ILE K 162 -31.69 -62.09 -10.73
C ILE K 162 -30.82 -63.35 -10.86
N LYS K 163 -30.82 -63.95 -12.04
CA LYS K 163 -30.00 -65.13 -12.28
C LYS K 163 -28.53 -64.88 -12.04
N GLU K 164 -28.05 -63.71 -12.45
CA GLU K 164 -26.64 -63.34 -12.27
C GLU K 164 -26.26 -63.20 -10.80
N GLN K 165 -27.17 -62.67 -9.99
CA GLN K 165 -26.93 -62.60 -8.54
C GLN K 165 -26.66 -63.98 -7.97
N ILE K 166 -27.40 -64.97 -8.47
CA ILE K 166 -27.38 -66.33 -7.93
C ILE K 166 -26.13 -67.13 -8.32
N VAL K 167 -25.81 -67.18 -9.61
CA VAL K 167 -24.67 -67.97 -10.10
C VAL K 167 -23.49 -67.18 -10.65
N GLY K 168 -23.52 -65.84 -10.62
CA GLY K 168 -22.47 -65.06 -11.26
C GLY K 168 -22.63 -64.95 -12.74
N PRO K 169 -21.58 -64.50 -13.46
CA PRO K 169 -21.84 -64.04 -14.86
C PRO K 169 -22.19 -65.10 -15.94
N LEU K 170 -23.41 -65.03 -16.50
CA LEU K 170 -23.86 -66.06 -17.48
C LEU K 170 -22.99 -66.20 -18.78
N LEU K 178 -12.95 -56.37 -18.64
CA LEU K 178 -14.21 -55.67 -18.82
C LEU K 178 -15.32 -56.10 -17.88
N TRP K 179 -16.39 -55.31 -17.87
CA TRP K 179 -17.58 -55.58 -17.02
C TRP K 179 -18.36 -56.81 -17.54
N PRO K 180 -18.33 -57.91 -16.79
CA PRO K 180 -18.97 -59.13 -17.28
C PRO K 180 -20.50 -59.20 -17.17
N TYR K 181 -21.16 -58.36 -16.37
CA TYR K 181 -22.59 -58.52 -16.11
C TYR K 181 -23.43 -57.79 -17.18
N LYS K 182 -24.48 -58.45 -17.66
CA LYS K 182 -25.43 -57.87 -18.61
C LYS K 182 -26.66 -57.33 -17.87
N GLY K 183 -26.90 -57.76 -16.62
CA GLY K 183 -28.12 -57.40 -15.88
C GLY K 183 -28.20 -55.96 -15.37
N ARG K 184 -27.07 -55.45 -14.88
CA ARG K 184 -26.93 -54.07 -14.41
C ARG K 184 -25.59 -53.49 -14.86
N PRO K 185 -25.47 -52.15 -14.89
CA PRO K 185 -24.19 -51.49 -15.16
C PRO K 185 -23.21 -51.46 -13.99
N GLU K 186 -21.99 -50.99 -14.24
CA GLU K 186 -20.91 -50.92 -13.24
C GLU K 186 -21.23 -50.03 -12.03
N ASN K 187 -22.05 -48.99 -12.26
CA ASN K 187 -22.47 -48.05 -11.20
C ASN K 187 -23.44 -48.67 -10.20
N LYS K 188 -23.84 -49.93 -10.41
CA LYS K 188 -24.59 -50.69 -9.44
C LYS K 188 -24.00 -52.06 -9.15
N SER K 189 -22.68 -52.20 -9.25
CA SER K 189 -22.02 -53.48 -8.99
C SER K 189 -22.17 -53.98 -7.55
N PHE K 190 -22.35 -53.07 -6.62
CA PHE K 190 -22.60 -53.44 -5.23
C PHE K 190 -23.83 -54.31 -5.06
N LEU K 191 -24.83 -54.17 -5.92
CA LEU K 191 -26.01 -55.02 -5.81
C LEU K 191 -25.69 -56.53 -5.95
N TYR K 192 -24.63 -56.84 -6.70
CA TYR K 192 -24.17 -58.22 -6.86
C TYR K 192 -23.45 -58.82 -5.65
N GLU K 193 -23.06 -57.97 -4.70
CA GLU K 193 -22.41 -58.41 -3.46
C GLU K 193 -23.39 -58.63 -2.28
N ILE K 194 -24.69 -58.70 -2.52
CA ILE K 194 -25.67 -58.83 -1.44
C ILE K 194 -26.10 -60.27 -1.18
N VAL K 195 -26.64 -60.94 -2.19
CA VAL K 195 -27.14 -62.30 -2.01
C VAL K 195 -26.06 -63.37 -2.07
N SER K 196 -25.11 -63.23 -3.00
CA SER K 196 -24.03 -64.18 -3.15
C SER K 196 -22.76 -63.47 -3.62
N ASN K 197 -21.88 -63.20 -2.66
CA ASN K 197 -20.72 -62.33 -2.80
C ASN K 197 -19.54 -63.12 -3.33
N LYS K 198 -19.29 -63.01 -4.64
CA LYS K 198 -18.17 -63.73 -5.26
C LYS K 198 -16.82 -63.18 -4.85
N ARG K 199 -16.75 -61.91 -4.43
CA ARG K 199 -15.49 -61.24 -4.15
C ARG K 199 -14.83 -61.78 -2.87
N ASN K 200 -15.60 -61.83 -1.80
CA ASN K 200 -15.10 -62.21 -0.47
C ASN K 200 -15.97 -63.18 0.35
N GLY K 201 -17.24 -63.33 -0.01
CA GLY K 201 -18.10 -64.28 0.65
C GLY K 201 -19.00 -63.68 1.71
N ILE K 202 -18.85 -62.40 2.02
CA ILE K 202 -19.70 -61.77 3.01
C ILE K 202 -21.02 -61.42 2.34
N ASP K 203 -22.01 -62.27 2.55
CA ASP K 203 -23.33 -62.15 1.92
C ASP K 203 -24.45 -62.44 2.93
N VAL K 204 -25.69 -62.07 2.60
CA VAL K 204 -26.79 -62.24 3.53
C VAL K 204 -27.26 -63.70 3.67
N ASP K 205 -26.88 -64.55 2.73
CA ASP K 205 -27.13 -65.99 2.84
C ASP K 205 -26.48 -66.49 4.10
N LYS K 206 -25.20 -66.18 4.30
CA LYS K 206 -24.48 -66.60 5.51
C LYS K 206 -25.18 -66.08 6.75
N TRP K 207 -25.56 -64.82 6.72
CA TRP K 207 -26.10 -64.18 7.90
C TRP K 207 -27.38 -64.82 8.38
N ASP K 208 -28.21 -65.28 7.45
CA ASP K 208 -29.43 -65.96 7.85
C ASP K 208 -29.12 -67.33 8.40
N TYR K 209 -28.27 -68.09 7.72
CA TYR K 209 -28.05 -69.47 8.17
C TYR K 209 -27.27 -69.53 9.48
N PHE K 210 -26.36 -68.60 9.72
CA PHE K 210 -25.68 -68.53 11.02
C PHE K 210 -26.71 -68.47 12.13
N ALA K 211 -27.61 -67.49 12.01
CA ALA K 211 -28.61 -67.24 13.03
C ALA K 211 -29.60 -68.38 13.12
N ARG K 212 -30.04 -68.87 11.98
CA ARG K 212 -31.09 -69.89 11.93
C ARG K 212 -30.58 -71.26 12.34
N ASP K 213 -29.44 -71.66 11.80
CA ASP K 213 -28.90 -72.98 12.13
C ASP K 213 -28.57 -72.99 13.62
N CYS K 214 -27.94 -71.95 14.12
CA CYS K 214 -27.72 -71.86 15.56
C CYS K 214 -29.02 -72.02 16.40
N HIS K 215 -30.09 -71.35 15.97
CA HIS K 215 -31.36 -71.37 16.71
C HIS K 215 -31.84 -72.78 16.92
N HIS K 216 -31.84 -73.54 15.83
CA HIS K 216 -32.33 -74.90 15.79
C HIS K 216 -31.27 -75.91 16.29
N LEU K 217 -29.97 -75.64 16.08
CA LEU K 217 -28.95 -76.60 16.47
C LEU K 217 -28.76 -76.71 17.97
N GLY K 218 -28.91 -75.59 18.69
CA GLY K 218 -28.55 -75.52 20.12
C GLY K 218 -27.13 -75.05 20.35
N ILE K 219 -26.69 -74.13 19.49
CA ILE K 219 -25.42 -73.45 19.56
C ILE K 219 -25.73 -71.93 19.47
N GLN K 220 -25.17 -71.09 20.35
CA GLN K 220 -25.31 -69.62 20.18
C GLN K 220 -24.28 -69.15 19.13
N ASN K 221 -24.71 -68.10 18.43
CA ASN K 221 -24.06 -67.56 17.23
C ASN K 221 -23.19 -66.37 17.68
N ASN K 222 -21.93 -66.32 17.25
CA ASN K 222 -21.06 -65.23 17.70
C ASN K 222 -21.21 -63.86 16.96
N PHE K 223 -22.00 -63.81 15.86
CA PHE K 223 -21.87 -62.75 14.84
C PHE K 223 -23.11 -61.87 14.69
N ASP K 224 -22.90 -60.55 14.58
CA ASP K 224 -23.98 -59.56 14.54
C ASP K 224 -24.14 -58.95 13.14
N TYR K 225 -25.07 -59.50 12.34
CA TYR K 225 -25.32 -58.97 10.99
C TYR K 225 -25.84 -57.54 11.03
N LYS K 226 -26.69 -57.26 12.01
CA LYS K 226 -27.30 -55.94 12.10
C LYS K 226 -26.29 -54.84 12.26
N ARG K 227 -25.23 -55.13 13.01
CA ARG K 227 -24.15 -54.19 13.22
C ARG K 227 -23.37 -53.97 11.94
N PHE K 228 -23.14 -55.04 11.18
CA PHE K 228 -22.44 -54.92 9.90
C PHE K 228 -23.20 -54.00 8.94
N ILE K 229 -24.52 -54.17 8.88
CA ILE K 229 -25.38 -53.31 8.09
C ILE K 229 -25.27 -51.85 8.52
N LYS K 230 -25.21 -51.56 9.80
CA LYS K 230 -25.05 -50.17 10.24
C LYS K 230 -23.73 -49.58 9.85
N PHE K 231 -22.69 -50.38 9.73
CA PHE K 231 -21.36 -49.90 9.33
C PHE K 231 -21.00 -50.33 7.91
N ALA K 232 -21.99 -50.46 7.05
CA ALA K 232 -21.74 -50.78 5.65
C ALA K 232 -21.93 -49.54 4.85
N ARG K 233 -21.25 -49.48 3.71
CA ARG K 233 -21.19 -48.26 2.92
C ARG K 233 -20.66 -48.59 1.53
N VAL K 234 -21.09 -47.84 0.52
CA VAL K 234 -20.60 -48.06 -0.84
C VAL K 234 -19.57 -47.01 -1.17
N CYS K 235 -18.44 -47.42 -1.72
CA CYS K 235 -17.36 -46.52 -2.13
C CYS K 235 -16.81 -46.98 -3.44
N GLU K 236 -16.07 -46.09 -4.09
CA GLU K 236 -15.43 -46.42 -5.34
C GLU K 236 -14.14 -47.19 -5.10
N VAL K 237 -14.03 -48.38 -5.68
CA VAL K 237 -12.78 -49.15 -5.70
C VAL K 237 -12.50 -49.60 -7.13
N ASP K 238 -11.42 -49.06 -7.72
CA ASP K 238 -11.00 -49.43 -9.08
C ASP K 238 -12.16 -49.20 -10.05
N ASN K 239 -12.64 -47.97 -10.12
CA ASN K 239 -13.69 -47.54 -11.07
C ASN K 239 -15.02 -48.34 -11.01
N GLU K 240 -15.37 -48.79 -9.82
CA GLU K 240 -16.48 -49.72 -9.62
C GLU K 240 -16.99 -49.52 -8.18
N LEU K 241 -18.31 -49.35 -8.02
CA LEU K 241 -18.88 -49.10 -6.71
C LEU K 241 -19.13 -50.38 -5.90
N ARG K 242 -18.40 -50.60 -4.79
CA ARG K 242 -18.54 -51.81 -3.95
C ARG K 242 -18.90 -51.54 -2.51
N ILE K 243 -19.45 -52.57 -1.84
CA ILE K 243 -19.72 -52.51 -0.41
C ILE K 243 -18.42 -52.54 0.39
N CYS K 244 -18.26 -51.56 1.29
CA CYS K 244 -17.11 -51.49 2.18
C CYS K 244 -17.55 -51.49 3.62
N ALA K 245 -16.70 -52.04 4.48
CA ALA K 245 -16.96 -52.08 5.91
C ALA K 245 -16.04 -51.08 6.60
N ARG K 246 -16.43 -50.69 7.80
CA ARG K 246 -15.62 -49.73 8.54
C ARG K 246 -14.33 -50.34 9.03
N ASP K 247 -13.27 -49.56 9.02
CA ASP K 247 -11.96 -50.04 9.43
C ASP K 247 -11.98 -50.85 10.72
N LYS K 248 -12.54 -50.29 11.79
CA LYS K 248 -12.50 -50.95 13.09
C LYS K 248 -13.26 -52.32 13.07
N GLU K 249 -14.23 -52.51 12.17
CA GLU K 249 -14.97 -53.80 12.08
C GLU K 249 -14.19 -54.98 11.52
N VAL K 250 -12.94 -54.77 11.07
CA VAL K 250 -12.15 -55.84 10.48
C VAL K 250 -12.08 -57.05 11.39
N GLY K 251 -11.92 -56.82 12.69
CA GLY K 251 -11.92 -57.89 13.69
C GLY K 251 -13.16 -58.77 13.64
N ASN K 252 -14.33 -58.14 13.60
CA ASN K 252 -15.60 -58.86 13.50
C ASN K 252 -15.76 -59.68 12.25
N LEU K 253 -15.09 -59.28 11.16
CA LEU K 253 -15.13 -60.03 9.92
C LEU K 253 -14.27 -61.29 9.98
N TYR K 254 -13.07 -61.22 10.56
CA TYR K 254 -12.30 -62.44 10.79
C TYR K 254 -13.12 -63.39 11.70
N ASP K 255 -13.85 -62.83 12.65
CA ASP K 255 -14.70 -63.61 13.57
C ASP K 255 -15.92 -64.22 12.85
N MET K 256 -16.37 -63.60 11.77
CA MET K 256 -17.47 -64.15 10.98
C MET K 256 -17.04 -65.47 10.36
N PHE K 257 -15.86 -65.48 9.75
CA PHE K 257 -15.41 -66.68 9.08
C PHE K 257 -14.96 -67.74 10.07
N HIS K 258 -14.50 -67.32 11.25
CA HIS K 258 -14.23 -68.26 12.35
C HIS K 258 -15.53 -68.94 12.78
N THR K 259 -16.58 -68.14 12.98
CA THR K 259 -17.90 -68.66 13.30
C THR K 259 -18.33 -69.69 12.28
N ARG K 260 -18.12 -69.41 11.01
CA ARG K 260 -18.51 -70.33 9.96
C ARG K 260 -17.77 -71.65 10.09
N ASN K 261 -16.44 -71.60 10.16
CA ASN K 261 -15.62 -72.80 10.29
C ASN K 261 -16.01 -73.56 11.55
N SER K 262 -16.27 -72.83 12.62
CA SER K 262 -16.74 -73.43 13.87
C SER K 262 -18.06 -74.20 13.71
N LEU K 263 -19.03 -73.64 12.99
CA LEU K 263 -20.27 -74.36 12.71
C LEU K 263 -20.07 -75.58 11.82
N HIS K 264 -19.07 -75.53 10.95
CA HIS K 264 -18.75 -76.71 10.12
C HIS K 264 -18.19 -77.80 10.98
N ARG K 265 -17.29 -77.46 11.89
CA ARG K 265 -16.69 -78.45 12.76
C ARG K 265 -17.66 -79.07 13.70
N ARG K 266 -18.51 -78.26 14.29
CA ARG K 266 -19.40 -78.76 15.31
C ARG K 266 -20.56 -79.53 14.76
N ALA K 267 -21.17 -79.02 13.68
CA ALA K 267 -22.45 -79.52 13.22
C ALA K 267 -22.42 -80.02 11.79
N TYR K 268 -22.13 -79.16 10.83
CA TYR K 268 -22.33 -79.52 9.42
C TYR K 268 -21.50 -80.73 8.95
N GLN K 269 -20.27 -80.83 9.45
CA GLN K 269 -19.36 -81.94 9.18
C GLN K 269 -19.22 -82.91 10.36
N HIS K 270 -20.22 -82.96 11.24
CA HIS K 270 -20.19 -83.86 12.42
C HIS K 270 -19.99 -85.30 11.96
N LYS K 271 -19.09 -86.01 12.62
CA LYS K 271 -18.66 -87.34 12.14
C LYS K 271 -19.79 -88.34 11.87
N VAL K 272 -20.83 -88.31 12.70
CA VAL K 272 -22.01 -89.18 12.52
C VAL K 272 -23.00 -88.57 11.54
N GLY K 273 -23.14 -87.25 11.53
CA GLY K 273 -23.99 -86.60 10.54
C GLY K 273 -23.56 -86.98 9.14
N ASN K 274 -22.26 -86.90 8.91
CA ASN K 274 -21.67 -87.25 7.63
C ASN K 274 -21.81 -88.74 7.30
N ILE K 275 -21.75 -89.62 8.29
CA ILE K 275 -21.90 -91.04 7.98
C ILE K 275 -23.36 -91.35 7.65
N ILE K 276 -24.29 -90.67 8.28
CA ILE K 276 -25.69 -90.81 7.89
C ILE K 276 -25.92 -90.28 6.50
N ASP K 277 -25.30 -89.16 6.15
CA ASP K 277 -25.34 -88.66 4.78
C ASP K 277 -24.81 -89.71 3.82
N THR K 278 -23.63 -90.30 4.09
CA THR K 278 -23.08 -91.28 3.14
C THR K 278 -24.00 -92.50 3.02
N MET K 279 -24.67 -92.88 4.10
CA MET K 279 -25.60 -94.02 4.09
C MET K 279 -26.87 -93.75 3.31
N ILE K 280 -27.43 -92.58 3.46
CA ILE K 280 -28.59 -92.19 2.66
C ILE K 280 -28.20 -92.15 1.18
N THR K 281 -27.06 -91.51 0.89
CA THR K 281 -26.54 -91.45 -0.47
C THR K 281 -26.37 -92.84 -1.05
N ASP K 282 -25.83 -93.73 -0.25
CA ASP K 282 -25.67 -95.13 -0.62
C ASP K 282 -26.99 -95.80 -0.99
N ALA K 283 -28.01 -95.55 -0.19
CA ALA K 283 -29.35 -96.08 -0.42
C ALA K 283 -29.96 -95.51 -1.68
N PHE K 284 -29.78 -94.22 -1.92
CA PHE K 284 -30.27 -93.61 -3.17
C PHE K 284 -29.62 -94.29 -4.35
N LEU K 285 -28.29 -94.45 -4.31
CA LEU K 285 -27.58 -95.11 -5.41
C LEU K 285 -28.16 -96.50 -5.72
N LYS K 286 -28.49 -97.27 -4.68
CA LYS K 286 -29.06 -98.62 -4.88
C LYS K 286 -30.53 -98.61 -5.35
N ALA K 287 -31.24 -97.54 -5.05
CA ALA K 287 -32.60 -97.37 -5.52
C ALA K 287 -32.72 -96.59 -6.83
N ASP K 288 -31.60 -96.10 -7.38
CA ASP K 288 -31.65 -95.12 -8.50
C ASP K 288 -32.27 -95.74 -9.73
N ASP K 289 -31.83 -96.97 -10.04
CA ASP K 289 -32.32 -97.73 -11.17
C ASP K 289 -33.83 -97.99 -11.16
N TYR K 290 -34.45 -98.10 -9.97
CA TYR K 290 -35.82 -98.58 -9.87
C TYR K 290 -36.88 -97.53 -9.50
N ILE K 291 -36.51 -96.29 -9.22
CA ILE K 291 -37.52 -95.27 -8.89
C ILE K 291 -37.74 -94.36 -10.07
N GLU K 292 -39.00 -94.25 -10.48
CA GLU K 292 -39.44 -93.36 -11.57
C GLU K 292 -40.08 -92.08 -11.03
N ILE K 293 -39.80 -90.95 -11.68
CA ILE K 293 -40.40 -89.65 -11.37
C ILE K 293 -40.89 -89.01 -12.67
N THR K 294 -42.16 -88.65 -12.71
CA THR K 294 -42.79 -88.17 -13.94
C THR K 294 -42.42 -86.72 -14.13
N GLY K 295 -41.96 -86.40 -15.34
CA GLY K 295 -41.58 -85.05 -15.69
C GLY K 295 -42.42 -84.50 -16.83
N ALA K 296 -41.78 -83.64 -17.62
CA ALA K 296 -42.45 -82.89 -18.66
C ALA K 296 -42.86 -83.82 -19.77
N GLY K 297 -44.12 -83.68 -20.20
CA GLY K 297 -44.72 -84.53 -21.21
C GLY K 297 -44.87 -85.99 -20.80
N GLY K 298 -44.84 -86.26 -19.49
CA GLY K 298 -44.88 -87.64 -19.00
C GLY K 298 -43.63 -88.48 -19.14
N LYS K 299 -42.51 -87.95 -19.64
CA LYS K 299 -41.24 -88.72 -19.72
C LYS K 299 -40.86 -89.16 -18.28
N LYS K 300 -40.32 -90.37 -18.11
CA LYS K 300 -39.93 -90.89 -16.79
C LYS K 300 -38.45 -90.58 -16.51
N TYR K 301 -38.19 -90.01 -15.34
CA TYR K 301 -36.83 -89.70 -14.92
C TYR K 301 -36.45 -90.49 -13.68
N ARG K 302 -35.16 -90.80 -13.56
CA ARG K 302 -34.59 -91.44 -12.37
C ARG K 302 -34.11 -90.33 -11.42
N ILE K 303 -33.77 -90.70 -10.19
CA ILE K 303 -33.34 -89.70 -9.20
C ILE K 303 -32.15 -88.89 -9.71
N SER K 304 -31.14 -89.58 -10.28
CA SER K 304 -29.97 -88.92 -10.82
C SER K 304 -30.23 -88.08 -12.08
N THR K 305 -31.30 -88.35 -12.82
CA THR K 305 -31.62 -87.59 -14.04
C THR K 305 -32.74 -86.54 -13.88
N ALA K 306 -33.38 -86.48 -12.72
CA ALA K 306 -34.40 -85.46 -12.49
C ALA K 306 -33.84 -84.05 -12.60
N ILE K 307 -32.55 -83.89 -12.34
CA ILE K 307 -31.90 -82.59 -12.53
C ILE K 307 -31.92 -82.06 -13.98
N ASP K 308 -32.09 -82.95 -14.93
CA ASP K 308 -32.19 -82.54 -16.34
C ASP K 308 -33.55 -81.98 -16.75
N ASP K 309 -34.60 -82.24 -15.97
CA ASP K 309 -35.93 -81.72 -16.26
C ASP K 309 -36.61 -81.16 -15.00
N MET K 310 -36.86 -79.85 -14.99
CA MET K 310 -37.31 -79.15 -13.80
C MET K 310 -38.71 -79.50 -13.32
N GLU K 311 -39.55 -80.00 -14.19
CA GLU K 311 -40.88 -80.43 -13.76
C GLU K 311 -40.79 -81.70 -12.95
N ALA K 312 -39.84 -82.56 -13.30
CA ALA K 312 -39.52 -83.74 -12.52
C ALA K 312 -38.86 -83.38 -11.21
N TYR K 313 -37.84 -82.52 -11.29
CA TYR K 313 -37.09 -82.09 -10.11
C TYR K 313 -37.97 -81.45 -9.05
N THR K 314 -39.04 -80.78 -9.47
CA THR K 314 -40.02 -80.21 -8.55
C THR K 314 -40.59 -81.26 -7.55
N LYS K 315 -40.74 -82.49 -8.02
CA LYS K 315 -41.31 -83.57 -7.23
C LYS K 315 -40.25 -84.35 -6.46
N LEU K 316 -38.97 -83.97 -6.57
CA LEU K 316 -37.87 -84.71 -5.94
C LEU K 316 -37.39 -84.00 -4.69
N THR K 317 -37.77 -84.53 -3.53
CA THR K 317 -37.47 -83.91 -2.25
C THR K 317 -37.03 -84.97 -1.24
N ASP K 318 -36.94 -84.61 0.04
CA ASP K 318 -36.65 -85.59 1.12
C ASP K 318 -37.66 -86.74 1.21
N ASN K 319 -38.85 -86.55 0.65
CA ASN K 319 -39.81 -87.63 0.46
C ASN K 319 -39.16 -88.93 0.05
N ILE K 320 -38.20 -88.82 -0.87
CA ILE K 320 -37.61 -89.99 -1.51
C ILE K 320 -37.09 -90.99 -0.46
N PHE K 321 -36.56 -90.45 0.64
CA PHE K 321 -36.10 -91.24 1.78
C PHE K 321 -37.22 -92.16 2.25
N LEU K 322 -38.36 -91.57 2.58
CA LEU K 322 -39.50 -92.33 3.09
C LEU K 322 -40.15 -93.22 2.04
N GLU K 323 -40.12 -92.81 0.78
CA GLU K 323 -40.67 -93.64 -0.30
C GLU K 323 -39.89 -94.93 -0.37
N ILE K 324 -38.57 -94.84 -0.30
CA ILE K 324 -37.68 -96.01 -0.24
C ILE K 324 -37.94 -96.81 1.00
N LEU K 325 -38.02 -96.15 2.15
CA LEU K 325 -38.21 -96.85 3.45
C LEU K 325 -39.51 -97.63 3.54
N TYR K 326 -40.60 -97.04 3.05
CA TYR K 326 -41.92 -97.67 3.15
C TYR K 326 -42.20 -98.66 2.03
N SER K 327 -41.37 -98.72 1.00
CA SER K 327 -41.65 -99.52 -0.19
C SER K 327 -41.68 -101.00 0.08
N THR K 328 -42.36 -101.73 -0.81
CA THR K 328 -42.43 -103.19 -0.77
C THR K 328 -41.84 -103.89 -2.02
N ASP K 329 -41.49 -103.13 -3.06
CA ASP K 329 -40.91 -103.69 -4.27
C ASP K 329 -39.61 -104.44 -3.91
N PRO K 330 -39.52 -105.74 -4.30
CA PRO K 330 -38.26 -106.48 -4.05
C PRO K 330 -37.00 -105.87 -4.70
N LYS K 331 -37.15 -105.08 -5.77
CA LYS K 331 -36.01 -104.43 -6.41
C LYS K 331 -35.39 -103.35 -5.51
N LEU K 332 -36.19 -102.77 -4.61
CA LEU K 332 -35.70 -101.77 -3.65
C LEU K 332 -35.20 -102.35 -2.31
N LYS K 333 -35.25 -103.67 -2.12
CA LYS K 333 -34.88 -104.30 -0.84
C LYS K 333 -33.48 -103.92 -0.36
N ASP K 334 -32.51 -103.89 -1.28
CA ASP K 334 -31.15 -103.45 -0.95
C ASP K 334 -31.09 -102.03 -0.40
N ALA K 335 -31.76 -101.11 -1.08
CA ALA K 335 -31.79 -99.72 -0.64
C ALA K 335 -32.57 -99.54 0.66
N ARG K 336 -33.72 -100.18 0.74
CA ARG K 336 -34.55 -100.14 1.95
C ARG K 336 -33.84 -100.69 3.18
N GLU K 337 -32.98 -101.68 3.00
CA GLU K 337 -32.24 -102.26 4.15
C GLU K 337 -31.25 -101.31 4.76
N ILE K 338 -30.62 -100.49 3.93
CA ILE K 338 -29.69 -99.48 4.41
C ILE K 338 -30.44 -98.49 5.26
N LEU K 339 -31.54 -97.95 4.74
CA LEU K 339 -32.33 -96.99 5.49
C LEU K 339 -32.87 -97.58 6.78
N LYS K 340 -33.24 -98.86 6.76
CA LYS K 340 -33.67 -99.52 7.99
C LYS K 340 -32.55 -99.63 9.02
N GLN K 341 -31.31 -99.82 8.57
CA GLN K 341 -30.15 -99.80 9.48
C GLN K 341 -29.91 -98.46 10.13
N ILE K 342 -30.34 -97.37 9.49
CA ILE K 342 -30.28 -96.04 10.09
C ILE K 342 -31.32 -95.87 11.21
N GLU K 343 -32.48 -96.50 11.05
CA GLU K 343 -33.54 -96.45 12.09
C GLU K 343 -33.01 -97.13 13.35
N TYR K 344 -32.54 -98.36 13.18
CA TYR K 344 -32.01 -99.17 14.27
C TYR K 344 -30.65 -98.69 14.77
N ARG K 345 -30.00 -97.77 14.06
CA ARG K 345 -28.76 -97.14 14.50
C ARG K 345 -27.55 -98.10 14.39
N ASN K 346 -27.59 -99.01 13.42
CA ASN K 346 -26.43 -99.80 13.01
C ASN K 346 -25.67 -99.06 11.96
N LEU K 347 -25.02 -98.00 12.42
CA LEU K 347 -24.29 -97.11 11.55
C LEU K 347 -22.91 -97.66 11.39
N PHE K 348 -22.29 -97.27 10.28
CA PHE K 348 -20.89 -97.58 10.04
C PHE K 348 -20.10 -96.94 11.18
N LYS K 349 -19.06 -97.62 11.67
CA LYS K 349 -18.35 -97.20 12.87
C LYS K 349 -17.20 -96.27 12.60
N TYR K 350 -17.06 -95.23 13.41
CA TYR K 350 -16.00 -94.24 13.26
C TYR K 350 -14.74 -94.84 13.85
N VAL K 351 -13.65 -94.79 13.07
CA VAL K 351 -12.38 -95.32 13.53
C VAL K 351 -11.48 -94.20 14.07
N GLY K 352 -11.36 -93.10 13.32
CA GLY K 352 -10.55 -91.97 13.75
C GLY K 352 -10.41 -90.88 12.70
N GLU K 353 -9.72 -89.81 13.10
CA GLU K 353 -9.56 -88.64 12.28
C GLU K 353 -8.08 -88.35 12.17
N THR K 354 -7.68 -87.77 11.04
CA THR K 354 -6.28 -87.35 10.83
C THR K 354 -6.21 -86.26 9.77
N GLN K 355 -5.04 -85.63 9.70
CA GLN K 355 -4.76 -84.55 8.76
C GLN K 355 -3.43 -84.78 8.07
N PRO K 356 -3.24 -84.25 6.86
CA PRO K 356 -1.88 -84.20 6.30
C PRO K 356 -0.98 -83.23 7.05
N THR K 357 0.32 -83.36 6.84
CA THR K 357 1.33 -82.48 7.44
C THR K 357 2.07 -81.76 6.34
N GLY K 358 2.86 -80.76 6.74
CA GLY K 358 3.63 -79.94 5.79
C GLY K 358 2.70 -79.07 4.94
N GLN K 359 2.92 -79.11 3.61
CA GLN K 359 2.00 -78.46 2.67
C GLN K 359 1.52 -79.50 1.62
N ILE K 360 1.03 -80.66 2.06
CA ILE K 360 0.56 -81.76 1.16
C ILE K 360 -0.98 -81.71 1.06
N LYS K 361 -1.57 -81.21 -0.05
CA LYS K 361 -3.03 -81.35 -0.27
C LYS K 361 -3.26 -82.73 -0.92
N ILE K 362 -4.38 -83.36 -0.57
CA ILE K 362 -4.79 -84.60 -1.19
C ILE K 362 -5.74 -84.31 -2.35
N LYS K 363 -5.30 -84.63 -3.59
CA LYS K 363 -6.08 -84.32 -4.80
C LYS K 363 -7.42 -85.09 -4.83
N ARG K 364 -8.51 -84.46 -5.32
CA ARG K 364 -9.87 -85.08 -5.32
C ARG K 364 -9.94 -86.35 -6.19
N GLU K 365 -9.20 -86.37 -7.29
CA GLU K 365 -8.86 -87.61 -8.06
C GLU K 365 -8.43 -88.85 -7.20
N ASP K 366 -7.67 -88.63 -6.13
CA ASP K 366 -7.16 -89.74 -5.28
C ASP K 366 -8.12 -90.30 -4.19
N TYR K 367 -9.28 -89.67 -3.99
CA TYR K 367 -10.24 -90.10 -2.95
C TYR K 367 -10.70 -91.55 -3.14
N GLU K 368 -11.03 -91.94 -4.39
CA GLU K 368 -11.43 -93.33 -4.73
C GLU K 368 -10.39 -94.34 -4.22
N SER K 369 -9.10 -94.00 -4.33
CA SER K 369 -7.97 -94.93 -3.98
C SER K 369 -7.65 -95.16 -2.50
N LEU K 370 -8.16 -94.32 -1.60
CA LEU K 370 -7.72 -94.31 -0.18
C LEU K 370 -8.16 -95.51 0.66
N PRO K 371 -9.39 -96.03 0.47
CA PRO K 371 -9.73 -97.28 1.16
C PRO K 371 -8.79 -98.43 0.83
N LYS K 372 -8.41 -98.58 -0.45
CA LYS K 372 -7.41 -99.58 -0.87
C LYS K 372 -6.15 -99.43 -0.03
N GLU K 373 -5.71 -98.20 0.18
CA GLU K 373 -4.47 -97.92 0.95
C GLU K 373 -4.53 -98.33 2.41
N VAL K 374 -5.69 -98.11 3.05
CA VAL K 374 -5.83 -98.41 4.49
C VAL K 374 -5.71 -99.91 4.71
N ALA K 375 -6.45 -100.69 3.93
CA ALA K 375 -6.38 -102.17 4.00
C ALA K 375 -5.00 -102.73 3.64
N SER K 376 -4.28 -102.02 2.78
CA SER K 376 -2.94 -102.41 2.38
C SER K 376 -1.90 -102.30 3.47
N ALA K 377 -2.12 -101.40 4.43
CA ALA K 377 -1.15 -101.21 5.53
C ALA K 377 -0.89 -102.50 6.26
N LYS K 378 0.36 -102.75 6.61
CA LYS K 378 0.74 -104.00 7.28
C LYS K 378 1.20 -103.65 8.69
N PRO K 379 0.27 -103.52 9.66
CA PRO K 379 0.67 -103.18 11.05
C PRO K 379 1.31 -104.35 11.75
N LYS K 380 2.46 -104.18 12.41
CA LYS K 380 3.17 -105.33 13.07
C LYS K 380 2.47 -105.76 14.39
N VAL K 381 1.19 -106.10 14.29
CA VAL K 381 0.33 -106.50 15.42
C VAL K 381 -0.41 -107.78 15.04
N LEU K 382 -0.63 -108.69 15.98
CA LEU K 382 -1.42 -109.91 15.68
C LEU K 382 -2.91 -109.59 15.48
N LEU K 383 -3.50 -110.00 14.38
CA LEU K 383 -4.90 -109.74 14.09
C LEU K 383 -5.58 -111.07 13.87
N ASP K 384 -6.77 -111.25 14.47
CA ASP K 384 -7.68 -112.34 14.10
C ASP K 384 -8.22 -112.29 12.66
N VAL K 385 -8.59 -111.09 12.23
CA VAL K 385 -9.42 -110.83 11.06
C VAL K 385 -8.65 -109.90 10.08
N LYS K 386 -8.44 -110.36 8.84
CA LYS K 386 -8.02 -109.47 7.74
C LYS K 386 -9.28 -108.68 7.26
N LEU K 387 -9.12 -107.42 6.88
CA LEU K 387 -10.19 -106.58 6.31
C LEU K 387 -9.89 -106.13 4.88
N LYS K 388 -10.83 -106.32 3.95
CA LYS K 388 -10.65 -105.89 2.54
C LYS K 388 -11.01 -104.39 2.40
N ALA K 389 -10.59 -103.79 1.29
CA ALA K 389 -10.73 -102.35 1.05
C ALA K 389 -12.16 -101.83 1.04
N GLU K 390 -13.07 -102.62 0.51
CA GLU K 390 -14.51 -102.29 0.49
C GLU K 390 -15.14 -102.19 1.89
N ASP K 391 -14.44 -102.64 2.93
CA ASP K 391 -14.86 -102.50 4.34
C ASP K 391 -14.63 -101.11 4.92
N PHE K 392 -13.72 -100.35 4.31
CA PHE K 392 -13.35 -99.02 4.79
C PHE K 392 -14.04 -97.91 3.97
N ILE K 393 -14.42 -96.84 4.67
CA ILE K 393 -14.84 -95.57 4.07
C ILE K 393 -13.84 -94.52 4.51
N VAL K 394 -13.27 -93.81 3.55
CA VAL K 394 -12.43 -92.67 3.84
C VAL K 394 -13.13 -91.46 3.27
N ASP K 395 -13.28 -90.44 4.09
CA ASP K 395 -14.07 -89.26 3.78
C ASP K 395 -13.10 -88.09 3.95
N VAL K 396 -12.83 -87.35 2.88
CA VAL K 396 -11.91 -86.23 2.96
C VAL K 396 -12.70 -84.94 2.88
N ILE K 397 -12.46 -84.03 3.82
CA ILE K 397 -13.29 -82.86 4.02
C ILE K 397 -12.40 -81.63 4.02
N ASN K 398 -12.73 -80.66 3.17
CA ASN K 398 -11.95 -79.43 3.09
C ASN K 398 -12.61 -78.41 3.99
N MET K 399 -11.83 -77.83 4.90
CA MET K 399 -12.30 -76.74 5.76
C MET K 399 -11.52 -75.50 5.35
N ASP K 400 -12.24 -74.41 5.05
CA ASP K 400 -11.58 -73.17 4.61
C ASP K 400 -12.35 -71.92 5.07
N TYR K 401 -11.89 -70.76 4.60
CA TYR K 401 -12.60 -69.51 4.80
C TYR K 401 -13.37 -69.08 3.53
N GLY K 402 -13.82 -70.07 2.77
CA GLY K 402 -14.71 -69.86 1.65
C GLY K 402 -14.03 -69.50 0.36
N MET K 403 -12.69 -69.48 0.34
CA MET K 403 -11.96 -69.09 -0.86
C MET K 403 -10.68 -69.89 -0.95
N GLN K 404 -10.82 -71.22 -0.86
CA GLN K 404 -9.66 -72.12 -0.84
C GLN K 404 -8.60 -71.52 0.08
N GLU K 405 -7.36 -71.42 -0.41
CA GLU K 405 -6.22 -71.06 0.41
C GLU K 405 -6.13 -69.59 0.76
N LYS K 406 -6.98 -68.77 0.17
CA LYS K 406 -6.94 -67.32 0.35
C LYS K 406 -7.69 -66.81 1.60
N ASN K 407 -7.18 -65.71 2.11
CA ASN K 407 -7.78 -64.95 3.19
C ASN K 407 -8.81 -64.03 2.57
N PRO K 408 -10.10 -64.22 2.86
CA PRO K 408 -11.10 -63.38 2.23
C PRO K 408 -11.06 -61.94 2.68
N ILE K 409 -10.51 -61.66 3.85
CA ILE K 409 -10.41 -60.29 4.32
C ILE K 409 -9.41 -59.48 3.49
N ASP K 410 -8.45 -60.15 2.87
CA ASP K 410 -7.60 -59.51 1.85
C ASP K 410 -8.40 -59.05 0.64
N HIS K 411 -9.60 -59.59 0.43
CA HIS K 411 -10.53 -59.12 -0.61
C HIS K 411 -11.75 -58.30 -0.10
N VAL K 412 -11.58 -57.59 1.01
CA VAL K 412 -12.59 -56.67 1.53
C VAL K 412 -12.02 -55.28 1.44
N SER K 413 -12.91 -54.31 1.25
CA SER K 413 -12.55 -52.91 1.22
C SER K 413 -13.13 -52.22 2.44
N PHE K 414 -12.37 -51.28 2.98
CA PHE K 414 -12.70 -50.63 4.22
C PHE K 414 -12.77 -49.12 4.09
N TYR K 415 -13.46 -48.43 4.99
CA TYR K 415 -13.42 -46.95 5.04
C TYR K 415 -13.13 -46.45 6.45
N CYS K 416 -12.62 -45.22 6.56
CA CYS K 416 -12.31 -44.62 7.89
C CYS K 416 -13.31 -43.59 8.28
N LYS K 417 -13.41 -43.32 9.56
CA LYS K 417 -14.38 -42.33 10.05
C LYS K 417 -14.13 -40.96 9.45
N THR K 418 -12.86 -40.58 9.41
CA THR K 418 -12.44 -39.28 8.92
C THR K 418 -12.61 -39.05 7.42
N ALA K 419 -12.82 -40.11 6.63
CA ALA K 419 -13.02 -40.01 5.18
C ALA K 419 -13.83 -41.20 4.69
N PRO K 420 -15.15 -41.10 4.83
CA PRO K 420 -16.03 -42.24 4.57
C PRO K 420 -16.28 -42.57 3.10
N ASN K 421 -15.77 -41.78 2.16
CA ASN K 421 -15.86 -42.18 0.74
C ASN K 421 -14.58 -42.78 0.18
N ARG K 422 -13.50 -42.72 0.95
CA ARG K 422 -12.21 -43.24 0.52
C ARG K 422 -12.01 -44.65 1.05
N ALA K 423 -11.98 -45.60 0.11
CA ALA K 423 -11.75 -47.00 0.41
C ALA K 423 -10.28 -47.26 0.62
N ILE K 424 -9.98 -48.31 1.39
CA ILE K 424 -8.61 -48.71 1.71
C ILE K 424 -8.56 -50.23 1.88
N ARG K 425 -7.36 -50.75 2.12
CA ARG K 425 -7.15 -52.16 2.41
C ARG K 425 -6.59 -52.34 3.79
N ILE K 426 -6.85 -53.49 4.39
CA ILE K 426 -6.22 -53.83 5.66
C ILE K 426 -5.60 -55.23 5.54
N THR K 427 -4.29 -55.32 5.76
CA THR K 427 -3.55 -56.59 5.68
C THR K 427 -3.76 -57.41 6.93
N LYS K 428 -3.17 -58.61 6.99
CA LYS K 428 -3.29 -59.44 8.21
C LYS K 428 -2.43 -58.88 9.36
N ASN K 429 -1.23 -58.41 9.03
CA ASN K 429 -0.30 -57.77 10.03
C ASN K 429 -0.94 -56.63 10.80
N GLN K 430 -1.68 -55.81 10.05
CA GLN K 430 -2.35 -54.62 10.57
C GLN K 430 -3.46 -54.94 11.59
N VAL K 431 -3.88 -56.22 11.74
CA VAL K 431 -4.96 -56.57 12.65
C VAL K 431 -4.57 -57.26 13.96
N SER K 432 -3.89 -58.39 13.86
CA SER K 432 -3.60 -59.23 15.03
C SER K 432 -2.63 -60.37 14.74
N GLN K 433 -1.76 -60.66 15.69
CA GLN K 433 -0.89 -61.84 15.63
C GLN K 433 -1.63 -63.13 15.96
N LEU K 434 -2.80 -63.04 16.59
CA LEU K 434 -3.54 -64.25 17.04
C LEU K 434 -4.54 -64.78 16.02
N LEU K 435 -4.43 -64.33 14.78
CA LEU K 435 -5.30 -64.82 13.72
C LEU K 435 -4.71 -66.11 13.15
N PRO K 436 -5.50 -66.82 12.33
CA PRO K 436 -5.01 -68.05 11.72
C PRO K 436 -3.79 -67.85 10.83
N GLU K 437 -2.93 -68.86 10.78
CA GLU K 437 -1.71 -68.82 9.96
C GLU K 437 -2.07 -69.21 8.50
N LYS K 438 -2.86 -70.27 8.34
CA LYS K 438 -3.39 -70.71 7.05
C LYS K 438 -4.89 -70.51 7.05
N PHE K 439 -5.54 -70.68 5.90
CA PHE K 439 -6.99 -70.50 5.77
C PHE K 439 -7.68 -71.69 5.09
N ALA K 440 -7.01 -72.83 5.08
CA ALA K 440 -7.54 -74.02 4.43
C ALA K 440 -6.79 -75.25 4.92
N GLU K 441 -7.53 -76.31 5.20
CA GLU K 441 -6.95 -77.56 5.64
C GLU K 441 -7.85 -78.70 5.25
N GLN K 442 -7.39 -79.91 5.46
CA GLN K 442 -8.15 -81.10 5.15
C GLN K 442 -8.33 -81.94 6.40
N LEU K 443 -9.48 -82.60 6.50
CA LEU K 443 -9.74 -83.62 7.51
C LEU K 443 -10.03 -84.92 6.84
N ILE K 444 -9.42 -85.98 7.37
CA ILE K 444 -9.61 -87.31 6.83
C ILE K 444 -10.21 -88.17 7.94
N ARG K 445 -11.47 -88.54 7.76
CA ARG K 445 -12.15 -89.47 8.66
C ARG K 445 -12.14 -90.83 8.02
N VAL K 446 -11.95 -91.85 8.83
CA VAL K 446 -12.03 -93.25 8.40
C VAL K 446 -13.12 -93.93 9.22
N TYR K 447 -14.04 -94.59 8.54
CA TYR K 447 -15.05 -95.39 9.22
C TYR K 447 -14.88 -96.83 8.73
N CYS K 448 -15.45 -97.78 9.47
CA CYS K 448 -15.43 -99.21 9.10
C CYS K 448 -16.86 -99.76 8.96
N LYS K 449 -17.17 -100.39 7.82
CA LYS K 449 -18.50 -100.92 7.56
C LYS K 449 -18.85 -102.16 8.41
N LYS K 450 -17.85 -102.91 8.89
CA LYS K 450 -18.07 -104.03 9.81
C LYS K 450 -18.11 -103.55 11.27
N VAL K 451 -19.21 -103.85 11.95
CA VAL K 451 -19.55 -103.24 13.24
C VAL K 451 -18.94 -103.95 14.47
N ASP K 452 -18.81 -105.27 14.42
CA ASP K 452 -18.38 -106.11 15.57
C ASP K 452 -17.07 -105.73 16.29
N ARG K 453 -16.93 -106.18 17.54
CA ARG K 453 -15.79 -105.86 18.41
C ARG K 453 -14.44 -106.23 17.74
N LYS K 454 -14.34 -107.41 17.14
CA LYS K 454 -13.05 -107.90 16.54
C LYS K 454 -12.63 -107.06 15.31
N SER K 455 -13.57 -106.78 14.40
CA SER K 455 -13.28 -105.97 13.18
C SER K 455 -12.90 -104.53 13.48
N LEU K 456 -13.54 -103.96 14.48
CA LEU K 456 -13.30 -102.57 14.86
C LEU K 456 -11.88 -102.42 15.41
N TYR K 457 -11.44 -103.35 16.23
CA TYR K 457 -10.05 -103.35 16.71
C TYR K 457 -9.04 -103.41 15.54
N ALA K 458 -9.32 -104.31 14.58
CA ALA K 458 -8.45 -104.45 13.43
C ALA K 458 -8.40 -103.18 12.63
N ALA K 459 -9.57 -102.61 12.39
CA ALA K 459 -9.70 -101.37 11.63
C ALA K 459 -8.86 -100.26 12.23
N ARG K 460 -8.88 -100.15 13.56
CA ARG K 460 -8.04 -99.19 14.27
C ARG K 460 -6.57 -99.39 14.02
N GLN K 461 -6.11 -100.64 14.02
CA GLN K 461 -4.71 -100.95 13.76
C GLN K 461 -4.31 -100.57 12.31
N TYR K 462 -5.11 -101.00 11.35
CA TYR K 462 -4.90 -100.59 9.96
C TYR K 462 -4.84 -99.07 9.83
N PHE K 463 -5.78 -98.37 10.45
CA PHE K 463 -5.86 -96.92 10.33
C PHE K 463 -4.64 -96.23 10.93
N VAL K 464 -4.29 -96.55 12.17
CA VAL K 464 -3.19 -95.86 12.85
C VAL K 464 -1.87 -96.11 12.13
N GLN K 465 -1.73 -97.29 11.53
CA GLN K 465 -0.56 -97.62 10.72
C GLN K 465 -0.54 -96.80 9.45
N TRP K 466 -1.66 -96.77 8.75
CA TRP K 466 -1.81 -95.94 7.54
C TRP K 466 -1.41 -94.48 7.78
N CYS K 467 -1.76 -93.96 8.96
CA CYS K 467 -1.35 -92.61 9.37
C CYS K 467 0.16 -92.51 9.46
N ALA K 468 0.80 -93.45 10.15
CA ALA K 468 2.26 -93.49 10.23
C ALA K 468 2.89 -93.64 8.85
N ASP K 469 2.35 -94.54 8.04
CA ASP K 469 2.85 -94.81 6.68
C ASP K 469 2.85 -93.54 5.81
N ARG K 470 1.80 -92.73 5.87
CA ARG K 470 1.72 -91.54 5.02
C ARG K 470 2.16 -90.23 5.69
N ASN K 471 2.82 -90.36 6.85
CA ASN K 471 3.29 -89.23 7.63
C ASN K 471 2.20 -88.19 7.93
N PHE K 472 1.02 -88.71 8.29
CA PHE K 472 -0.10 -87.91 8.76
C PHE K 472 0.00 -87.66 10.25
N THR K 473 -0.84 -86.76 10.76
CA THR K 473 -0.84 -86.44 12.19
C THR K 473 -1.27 -87.65 12.96
N LYS K 474 -0.74 -87.76 14.18
CA LYS K 474 -1.12 -88.84 15.09
C LYS K 474 -2.58 -88.62 15.48
N PRO K 475 -3.42 -89.67 15.34
CA PRO K 475 -4.77 -89.54 15.84
C PRO K 475 -4.78 -89.18 17.32
N GLN K 476 -5.70 -88.28 17.73
CA GLN K 476 -5.75 -87.78 19.11
C GLN K 476 -5.78 -88.94 20.13
N ASP K 477 -6.63 -89.93 19.84
CA ASP K 477 -6.80 -91.15 20.64
C ASP K 477 -5.83 -92.28 20.32
N GLY K 478 -4.78 -92.00 19.57
CA GLY K 478 -3.99 -93.02 18.92
C GLY K 478 -3.25 -93.94 19.85
N ASP K 479 -2.74 -93.37 20.94
CA ASP K 479 -2.04 -94.15 21.96
C ASP K 479 -2.91 -95.18 22.64
N VAL K 480 -4.21 -94.90 22.71
CA VAL K 480 -5.17 -95.77 23.37
C VAL K 480 -5.68 -96.85 22.42
N ILE K 481 -6.18 -96.44 21.25
CA ILE K 481 -6.78 -97.38 20.27
C ILE K 481 -5.81 -98.32 19.60
N ALA K 482 -4.56 -97.89 19.46
CA ALA K 482 -3.49 -98.70 18.83
C ALA K 482 -2.17 -98.51 19.56
N PRO K 483 -2.09 -98.99 20.81
CA PRO K 483 -0.93 -98.73 21.66
C PRO K 483 0.35 -99.39 21.16
N LEU K 484 0.20 -100.46 20.41
CA LEU K 484 1.32 -101.22 19.85
C LEU K 484 1.91 -100.56 18.59
N ILE K 485 1.19 -99.63 17.95
CA ILE K 485 1.64 -99.02 16.71
C ILE K 485 2.30 -97.65 16.88
N THR K 486 1.82 -96.84 17.83
CA THR K 486 2.29 -95.48 17.99
C THR K 486 3.79 -95.30 18.37
N PRO K 487 4.39 -96.26 19.11
CA PRO K 487 5.83 -96.14 19.27
C PRO K 487 6.66 -96.34 17.99
N GLN K 488 6.19 -97.11 16.99
CA GLN K 488 6.89 -97.21 15.67
C GLN K 488 7.35 -95.84 15.06
N LYS K 489 6.49 -94.81 15.13
CA LYS K 489 6.81 -93.49 14.57
C LYS K 489 7.64 -92.61 15.53
N LYS K 490 8.92 -92.36 15.19
CA LYS K 490 9.82 -91.43 15.94
C LYS K 490 9.21 -90.00 16.03
N GLU K 491 8.63 -89.52 14.91
CA GLU K 491 7.99 -88.18 14.83
C GLU K 491 6.88 -87.93 15.87
N TRP K 492 6.27 -89.01 16.43
CA TRP K 492 5.17 -88.93 17.41
C TRP K 492 5.61 -88.99 18.90
N ASN K 493 6.93 -88.95 19.19
CA ASN K 493 7.47 -89.15 20.56
C ASN K 493 8.43 -88.06 21.08
N LYS L 10 -25.91 -91.75 26.94
CA LYS L 10 -25.73 -91.04 25.67
C LYS L 10 -26.21 -89.58 25.84
N VAL L 11 -25.42 -88.63 25.40
CA VAL L 11 -25.70 -87.24 25.55
C VAL L 11 -26.22 -86.75 24.23
N ILE L 12 -27.24 -85.89 24.30
CA ILE L 12 -27.92 -85.41 23.11
C ILE L 12 -28.32 -83.94 23.33
N ASN L 13 -28.10 -83.10 22.30
CA ASN L 13 -28.28 -81.66 22.39
C ASN L 13 -29.59 -81.15 21.77
N ASP L 14 -30.51 -80.85 22.68
CA ASP L 14 -31.82 -80.29 22.36
C ASP L 14 -31.72 -78.77 22.50
N PRO L 15 -32.27 -78.02 21.56
CA PRO L 15 -32.21 -76.58 21.69
C PRO L 15 -33.05 -76.00 22.82
N ILE L 16 -34.07 -76.70 23.27
CA ILE L 16 -34.87 -76.23 24.38
C ILE L 16 -34.20 -76.56 25.68
N HIS L 17 -33.82 -77.81 25.88
CA HIS L 17 -33.38 -78.27 27.19
C HIS L 17 -31.88 -78.38 27.38
N GLY L 18 -31.14 -78.26 26.30
CA GLY L 18 -29.69 -78.33 26.37
C GLY L 18 -29.21 -79.75 26.22
N HIS L 19 -28.07 -80.06 26.81
CA HIS L 19 -27.51 -81.40 26.75
C HIS L 19 -28.21 -82.28 27.77
N ILE L 20 -28.88 -83.32 27.31
CA ILE L 20 -29.58 -84.23 28.19
C ILE L 20 -28.98 -85.59 28.07
N GLU L 21 -29.03 -86.38 29.15
CA GLU L 21 -28.56 -87.74 29.15
C GLU L 21 -29.71 -88.70 28.91
N LEU L 22 -29.45 -89.71 28.09
CA LEU L 22 -30.40 -90.76 27.83
C LEU L 22 -29.79 -92.06 28.36
N HIS L 23 -30.45 -92.63 29.36
CA HIS L 23 -30.13 -93.96 29.86
C HIS L 23 -30.22 -95.00 28.76
N PRO L 24 -29.32 -95.99 28.73
CA PRO L 24 -29.26 -96.97 27.64
C PRO L 24 -30.57 -97.61 27.27
N LEU L 25 -31.36 -97.96 28.28
CA LEU L 25 -32.71 -98.47 28.08
C LEU L 25 -33.54 -97.54 27.23
N LEU L 26 -33.45 -96.24 27.49
CA LEU L 26 -34.19 -95.24 26.69
C LEU L 26 -33.67 -95.19 25.27
N VAL L 27 -32.35 -95.19 25.11
CA VAL L 27 -31.74 -95.20 23.78
C VAL L 27 -32.27 -96.36 22.97
N ARG L 28 -32.42 -97.50 23.63
CA ARG L 28 -32.84 -98.72 22.98
C ARG L 28 -34.28 -98.66 22.49
N ILE L 29 -35.13 -98.00 23.27
CA ILE L 29 -36.51 -97.72 22.89
C ILE L 29 -36.56 -96.71 21.76
N ILE L 30 -35.75 -95.66 21.88
CA ILE L 30 -35.66 -94.60 20.87
C ILE L 30 -35.26 -95.12 19.49
N ASP L 31 -34.28 -96.02 19.45
CA ASP L 31 -33.76 -96.54 18.18
C ASP L 31 -34.56 -97.74 17.64
N THR L 32 -35.84 -97.46 17.33
CA THR L 32 -36.78 -98.44 16.86
C THR L 32 -37.68 -97.76 15.82
N PRO L 33 -38.14 -98.48 14.81
CA PRO L 33 -39.00 -97.86 13.81
C PRO L 33 -40.22 -97.16 14.38
N GLN L 34 -40.75 -97.67 15.48
CA GLN L 34 -42.02 -97.17 16.02
C GLN L 34 -41.86 -95.78 16.64
N PHE L 35 -40.67 -95.54 17.18
CA PHE L 35 -40.33 -94.27 17.77
C PHE L 35 -39.76 -93.31 16.74
N GLN L 36 -38.84 -93.76 15.90
CA GLN L 36 -38.24 -92.87 14.89
C GLN L 36 -39.28 -92.37 13.91
N ARG L 37 -40.36 -93.12 13.75
CA ARG L 37 -41.53 -92.66 13.02
C ARG L 37 -41.96 -91.23 13.36
N LEU L 38 -41.80 -90.83 14.62
CA LEU L 38 -42.18 -89.50 15.04
C LEU L 38 -41.34 -88.37 14.45
N ARG L 39 -40.19 -88.68 13.84
CA ARG L 39 -39.43 -87.69 13.07
C ARG L 39 -40.20 -87.16 11.86
N TYR L 40 -41.16 -87.95 11.38
CA TYR L 40 -41.87 -87.60 10.16
C TYR L 40 -43.34 -87.20 10.42
N ILE L 41 -43.64 -86.70 11.61
CA ILE L 41 -44.95 -86.17 11.96
C ILE L 41 -44.81 -84.80 12.61
N LYS L 42 -45.35 -83.76 12.01
CA LYS L 42 -45.18 -82.40 12.51
C LYS L 42 -46.05 -82.10 13.72
N GLN L 43 -45.48 -81.35 14.67
CA GLN L 43 -46.09 -81.10 15.98
C GLN L 43 -47.40 -80.37 15.82
N LEU L 44 -47.34 -79.26 15.08
CA LEU L 44 -48.47 -78.37 14.93
C LEU L 44 -49.29 -78.58 13.67
N GLY L 45 -49.15 -79.76 13.03
CA GLY L 45 -49.90 -80.10 11.83
C GLY L 45 -49.69 -79.04 10.77
N GLY L 46 -50.82 -78.55 10.26
CA GLY L 46 -50.85 -77.44 9.31
C GLY L 46 -50.28 -76.11 9.76
N GLY L 47 -50.01 -75.92 11.04
CA GLY L 47 -49.43 -74.68 11.52
C GLY L 47 -48.15 -74.24 10.82
N TYR L 48 -47.34 -75.20 10.38
CA TYR L 48 -46.15 -74.86 9.58
C TYR L 48 -46.48 -74.03 8.34
N TYR L 49 -47.68 -74.19 7.79
CA TYR L 49 -48.07 -73.44 6.61
C TYR L 49 -48.52 -72.00 6.92
N VAL L 50 -48.56 -71.66 8.19
CA VAL L 50 -48.78 -70.28 8.66
C VAL L 50 -47.60 -69.71 9.46
N PHE L 51 -47.00 -70.51 10.33
CA PHE L 51 -45.79 -70.09 11.06
C PHE L 51 -44.62 -70.86 10.46
N PRO L 52 -43.85 -70.26 9.56
CA PRO L 52 -42.81 -71.03 8.88
C PRO L 52 -41.67 -71.48 9.80
N GLY L 53 -41.65 -71.04 11.05
CA GLY L 53 -40.70 -71.60 12.01
C GLY L 53 -41.01 -73.02 12.44
N ALA L 54 -42.32 -73.38 12.43
CA ALA L 54 -42.88 -74.58 13.08
C ALA L 54 -42.79 -75.91 12.32
N SER L 55 -41.58 -76.12 11.78
CA SER L 55 -41.10 -77.35 11.18
C SER L 55 -40.96 -78.52 12.14
N HIS L 56 -40.95 -78.23 13.45
CA HIS L 56 -40.68 -79.21 14.48
C HIS L 56 -41.68 -80.35 14.50
N ASN L 57 -41.13 -81.53 14.79
CA ASN L 57 -41.82 -82.79 14.79
C ASN L 57 -41.97 -83.39 16.18
N ARG L 58 -42.83 -84.40 16.28
CA ARG L 58 -43.09 -85.11 17.53
C ARG L 58 -41.90 -85.79 18.18
N PHE L 59 -40.96 -86.26 17.36
CA PHE L 59 -39.73 -86.89 17.85
C PHE L 59 -39.09 -86.10 18.95
N GLU L 60 -38.74 -84.88 18.62
CA GLU L 60 -37.99 -84.06 19.54
C GLU L 60 -38.79 -83.59 20.76
N HIS L 61 -40.10 -83.40 20.60
CA HIS L 61 -41.03 -83.16 21.73
C HIS L 61 -41.02 -84.37 22.65
N SER L 62 -41.14 -85.54 22.03
CA SER L 62 -41.21 -86.78 22.77
C SER L 62 -39.92 -86.91 23.63
N LEU L 63 -38.73 -86.67 23.08
CA LEU L 63 -37.53 -86.70 23.92
C LEU L 63 -37.61 -85.75 25.09
N GLY L 64 -38.05 -84.54 24.83
CA GLY L 64 -38.09 -83.51 25.86
C GLY L 64 -39.06 -83.81 26.99
N VAL L 65 -40.18 -84.44 26.65
CA VAL L 65 -41.15 -84.83 27.68
C VAL L 65 -40.55 -85.91 28.56
N GLY L 66 -39.88 -86.85 27.91
CA GLY L 66 -39.13 -87.87 28.62
C GLY L 66 -38.13 -87.27 29.57
N TYR L 67 -37.39 -86.28 29.09
CA TYR L 67 -36.35 -85.66 29.91
C TYR L 67 -36.93 -84.96 31.12
N LEU L 68 -37.96 -84.14 30.89
CA LEU L 68 -38.60 -83.39 31.96
C LEU L 68 -39.32 -84.26 32.94
N ALA L 69 -39.91 -85.36 32.47
CA ALA L 69 -40.47 -86.35 33.38
C ALA L 69 -39.40 -86.82 34.39
N GLY L 70 -38.23 -87.12 33.86
CA GLY L 70 -37.07 -87.47 34.66
C GLY L 70 -36.68 -86.39 35.64
N CYS L 71 -36.65 -85.14 35.22
CA CYS L 71 -36.23 -84.06 36.12
C CYS L 71 -37.15 -83.93 37.29
N LEU L 72 -38.45 -84.01 37.06
CA LEU L 72 -39.40 -83.75 38.12
C LEU L 72 -39.36 -84.89 39.11
N VAL L 73 -39.46 -86.12 38.64
CA VAL L 73 -39.43 -87.27 39.56
C VAL L 73 -38.10 -87.35 40.30
N HIS L 74 -37.00 -87.07 39.62
CA HIS L 74 -35.69 -87.11 40.23
C HIS L 74 -35.54 -86.02 41.33
N ALA L 75 -36.07 -84.84 41.06
CA ALA L 75 -36.03 -83.74 42.01
C ALA L 75 -36.86 -84.04 43.23
N LEU L 76 -38.07 -84.55 43.03
CA LEU L 76 -38.94 -84.89 44.16
C LEU L 76 -38.22 -85.84 45.10
N GLY L 77 -37.46 -86.77 44.52
CA GLY L 77 -36.68 -87.78 45.26
C GLY L 77 -35.53 -87.26 46.08
N GLU L 78 -34.79 -86.31 45.53
CA GLU L 78 -33.70 -85.63 46.27
C GLU L 78 -34.27 -84.89 47.47
N LYS L 79 -35.25 -84.01 47.23
CA LYS L 79 -35.88 -83.19 48.27
C LYS L 79 -36.59 -84.05 49.35
N GLN L 80 -37.14 -85.21 49.00
CA GLN L 80 -37.90 -86.06 49.96
C GLN L 80 -37.56 -87.56 49.84
N PRO L 81 -36.49 -88.01 50.49
CA PRO L 81 -36.13 -89.42 50.44
C PRO L 81 -37.23 -90.35 50.97
N GLU L 82 -37.97 -89.91 51.99
CA GLU L 82 -39.07 -90.68 52.57
C GLU L 82 -40.04 -91.30 51.56
N LEU L 83 -40.18 -90.70 50.41
CA LEU L 83 -41.06 -91.21 49.34
C LEU L 83 -40.61 -92.52 48.70
N GLN L 84 -39.33 -92.81 48.82
CA GLN L 84 -38.71 -94.07 48.35
C GLN L 84 -38.91 -94.25 46.88
N ILE L 85 -38.48 -93.26 46.12
CA ILE L 85 -38.54 -93.27 44.69
C ILE L 85 -37.30 -94.01 44.24
N SER L 86 -37.46 -95.14 43.57
CA SER L 86 -36.32 -95.96 43.09
C SER L 86 -35.91 -95.53 41.69
N GLU L 87 -34.69 -95.88 41.27
CA GLU L 87 -34.24 -95.60 39.88
C GLU L 87 -35.07 -96.37 38.88
N ARG L 88 -35.72 -97.44 39.35
CA ARG L 88 -36.73 -98.13 38.58
C ARG L 88 -37.95 -97.26 38.31
N ASP L 89 -38.46 -96.58 39.35
CA ASP L 89 -39.56 -95.64 39.19
C ASP L 89 -39.19 -94.55 38.21
N VAL L 90 -37.97 -94.04 38.30
CA VAL L 90 -37.53 -92.96 37.46
C VAL L 90 -37.51 -93.37 35.99
N LEU L 91 -36.89 -94.50 35.70
CA LEU L 91 -36.90 -95.02 34.33
C LEU L 91 -38.29 -95.22 33.77
N CYS L 92 -39.19 -95.77 34.57
CA CYS L 92 -40.57 -95.98 34.15
C CYS L 92 -41.27 -94.68 33.81
N VAL L 93 -41.04 -93.65 34.60
CA VAL L 93 -41.64 -92.34 34.37
C VAL L 93 -41.04 -91.72 33.10
N GLN L 94 -39.72 -91.82 32.95
CA GLN L 94 -39.06 -91.33 31.73
C GLN L 94 -39.58 -92.03 30.48
N ILE L 95 -39.71 -93.36 30.55
CA ILE L 95 -40.20 -94.15 29.42
C ILE L 95 -41.61 -93.72 29.03
N ALA L 96 -42.47 -93.48 30.02
CA ALA L 96 -43.82 -93.05 29.76
C ALA L 96 -43.81 -91.72 29.06
N GLY L 97 -43.03 -90.79 29.59
CA GLY L 97 -42.87 -89.48 28.97
C GLY L 97 -42.38 -89.55 27.54
N LEU L 98 -41.38 -90.39 27.31
CA LEU L 98 -40.77 -90.56 26.01
C LEU L 98 -41.78 -91.09 24.98
N CYS L 99 -42.59 -92.04 25.43
CA CYS L 99 -43.54 -92.73 24.55
C CYS L 99 -44.97 -92.20 24.61
N HIS L 100 -45.19 -91.05 25.25
CA HIS L 100 -46.57 -90.60 25.52
C HIS L 100 -47.32 -90.23 24.25
N ASP L 101 -46.58 -89.83 23.20
CA ASP L 101 -47.17 -89.39 21.93
C ASP L 101 -46.85 -90.34 20.78
N LEU L 102 -46.49 -91.58 21.10
CA LEU L 102 -46.22 -92.59 20.07
C LEU L 102 -47.33 -92.83 19.05
N GLY L 103 -48.57 -92.57 19.46
CA GLY L 103 -49.74 -92.83 18.65
C GLY L 103 -50.38 -91.67 17.91
N HIS L 104 -49.65 -90.57 17.74
CA HIS L 104 -50.17 -89.48 16.93
C HIS L 104 -50.16 -89.88 15.47
N GLY L 105 -51.17 -89.43 14.75
CA GLY L 105 -51.22 -89.66 13.31
C GLY L 105 -50.58 -88.59 12.44
N PRO L 106 -50.73 -88.71 11.12
CA PRO L 106 -50.29 -87.67 10.23
C PRO L 106 -50.88 -86.32 10.60
N PHE L 107 -50.02 -85.30 10.66
CA PHE L 107 -50.38 -83.96 11.06
C PHE L 107 -50.99 -83.90 12.45
N SER L 108 -50.46 -84.74 13.34
CA SER L 108 -50.78 -84.72 14.76
C SER L 108 -52.28 -84.71 15.05
N HIS L 109 -52.78 -83.53 15.42
CA HIS L 109 -54.11 -83.40 16.01
C HIS L 109 -55.19 -83.34 14.94
N MET L 110 -54.78 -83.11 13.71
CA MET L 110 -55.68 -83.20 12.57
C MET L 110 -56.22 -84.60 12.44
N PHE L 111 -55.37 -85.60 12.67
CA PHE L 111 -55.73 -87.00 12.47
C PHE L 111 -56.78 -87.53 13.45
N ASP L 112 -56.51 -87.43 14.76
CA ASP L 112 -57.48 -87.86 15.76
C ASP L 112 -58.65 -86.88 15.90
N GLY L 113 -58.41 -85.61 15.56
CA GLY L 113 -59.37 -84.52 15.78
C GLY L 113 -60.35 -84.26 14.66
N ARG L 114 -59.89 -84.28 13.40
CA ARG L 114 -60.74 -84.04 12.23
C ARG L 114 -60.97 -85.27 11.39
N PHE L 115 -59.89 -85.93 10.99
CA PHE L 115 -59.96 -86.98 9.96
C PHE L 115 -60.70 -88.24 10.37
N ILE L 116 -60.20 -88.93 11.40
CA ILE L 116 -60.80 -90.18 11.84
C ILE L 116 -62.27 -90.01 12.22
N PRO L 117 -62.63 -88.94 12.95
CA PRO L 117 -64.05 -88.74 13.24
C PRO L 117 -64.94 -88.63 12.01
N LEU L 118 -64.40 -88.12 10.89
CA LEU L 118 -65.16 -88.05 9.64
C LEU L 118 -65.13 -89.33 8.83
N ALA L 119 -63.96 -89.95 8.72
CA ALA L 119 -63.81 -91.17 7.93
C ALA L 119 -64.47 -92.38 8.58
N ARG L 120 -64.44 -92.46 9.90
CA ARG L 120 -65.00 -93.60 10.65
C ARG L 120 -65.73 -93.13 11.90
N PRO L 121 -66.98 -92.62 11.71
CA PRO L 121 -67.77 -92.07 12.82
C PRO L 121 -68.14 -93.07 13.91
N GLU L 122 -68.23 -94.34 13.56
CA GLU L 122 -68.50 -95.42 14.52
C GLU L 122 -67.44 -95.58 15.64
N VAL L 123 -66.17 -95.24 15.40
CA VAL L 123 -65.12 -95.51 16.39
C VAL L 123 -64.92 -94.31 17.30
N LYS L 124 -64.69 -94.55 18.59
CA LYS L 124 -64.10 -93.56 19.51
C LYS L 124 -62.59 -93.89 19.54
N TRP L 125 -61.77 -93.09 18.85
CA TRP L 125 -60.29 -93.29 18.80
C TRP L 125 -59.53 -92.04 19.17
N THR L 126 -58.57 -92.18 20.09
CA THR L 126 -57.75 -91.05 20.57
C THR L 126 -56.27 -91.32 20.29
N HIS L 127 -55.48 -90.25 20.19
CA HIS L 127 -54.04 -90.39 19.96
C HIS L 127 -53.40 -91.15 21.15
N GLU L 128 -53.93 -90.95 22.35
CA GLU L 128 -53.46 -91.64 23.55
C GLU L 128 -53.60 -93.14 23.45
N GLN L 129 -54.78 -93.62 23.07
CA GLN L 129 -55.00 -95.07 22.94
C GLN L 129 -54.01 -95.67 21.97
N GLY L 130 -53.75 -94.92 20.91
CA GLY L 130 -52.77 -95.29 19.92
C GLY L 130 -51.39 -95.43 20.53
N SER L 131 -51.02 -94.50 21.40
CA SER L 131 -49.74 -94.56 22.10
C SER L 131 -49.57 -95.87 22.89
N VAL L 132 -50.61 -96.28 23.60
CA VAL L 132 -50.58 -97.55 24.31
C VAL L 132 -50.35 -98.73 23.38
N MET L 133 -51.13 -98.78 22.31
CA MET L 133 -51.01 -99.87 21.33
C MET L 133 -49.65 -99.90 20.67
N MET L 134 -49.17 -98.73 20.27
CA MET L 134 -47.90 -98.60 19.58
C MET L 134 -46.74 -98.88 20.53
N PHE L 135 -46.90 -98.57 21.82
CA PHE L 135 -45.91 -98.92 22.84
C PHE L 135 -45.78 -100.43 22.93
N GLU L 136 -46.93 -101.11 23.10
CA GLU L 136 -46.96 -102.57 23.10
C GLU L 136 -46.25 -103.12 21.86
N HIS L 137 -46.57 -102.61 20.68
CA HIS L 137 -45.96 -103.07 19.43
C HIS L 137 -44.46 -102.84 19.44
N LEU L 138 -44.04 -101.68 19.94
CA LEU L 138 -42.61 -101.35 20.00
C LEU L 138 -41.84 -102.31 20.88
N ILE L 139 -42.39 -102.54 22.07
CA ILE L 139 -41.83 -103.48 23.05
C ILE L 139 -41.65 -104.88 22.44
N ASN L 140 -42.74 -105.42 21.89
CA ASN L 140 -42.74 -106.80 21.43
C ASN L 140 -41.89 -107.03 20.20
N SER L 141 -41.97 -106.13 19.22
CA SER L 141 -41.21 -106.31 17.99
C SER L 141 -39.69 -106.02 18.14
N ASN L 142 -39.26 -105.28 19.17
CA ASN L 142 -37.82 -104.98 19.34
C ASN L 142 -37.16 -105.62 20.58
N GLY L 143 -37.77 -106.68 21.12
CA GLY L 143 -37.19 -107.43 22.24
C GLY L 143 -36.72 -106.60 23.43
N ILE L 144 -37.61 -105.73 23.90
CA ILE L 144 -37.27 -104.77 24.95
C ILE L 144 -37.39 -105.38 26.36
N LYS L 145 -38.33 -106.31 26.51
CA LYS L 145 -38.57 -106.90 27.81
C LYS L 145 -37.29 -107.43 28.53
N PRO L 146 -36.41 -108.20 27.83
CA PRO L 146 -35.14 -108.60 28.44
C PRO L 146 -34.25 -107.46 28.87
N VAL L 147 -34.26 -106.37 28.09
CA VAL L 147 -33.44 -105.18 28.37
C VAL L 147 -34.01 -104.44 29.57
N MET L 148 -35.33 -104.38 29.70
CA MET L 148 -35.93 -103.80 30.89
C MET L 148 -35.48 -104.55 32.15
N GLU L 149 -35.54 -105.87 32.09
CA GLU L 149 -35.10 -106.72 33.19
C GLU L 149 -33.65 -106.47 33.54
N GLN L 150 -32.83 -106.35 32.51
CA GLN L 150 -31.40 -106.08 32.67
C GLN L 150 -31.12 -104.87 33.55
N TYR L 151 -31.94 -103.83 33.46
CA TYR L 151 -31.76 -102.62 34.27
C TYR L 151 -32.73 -102.54 35.45
N GLY L 152 -33.21 -103.68 35.92
CA GLY L 152 -33.95 -103.74 37.16
C GLY L 152 -35.44 -103.53 37.11
N LEU L 153 -36.02 -103.37 35.93
CA LEU L 153 -37.48 -103.28 35.82
C LEU L 153 -38.13 -104.66 35.91
N ILE L 154 -39.42 -104.67 36.18
CA ILE L 154 -40.23 -105.88 36.18
C ILE L 154 -41.32 -105.68 35.14
N PRO L 155 -41.11 -106.20 33.92
CA PRO L 155 -42.01 -105.91 32.80
C PRO L 155 -43.51 -106.10 33.08
N GLU L 156 -43.90 -107.19 33.74
CA GLU L 156 -45.32 -107.39 34.09
C GLU L 156 -45.95 -106.12 34.69
N GLU L 157 -45.42 -105.70 35.84
CA GLU L 157 -45.86 -104.51 36.59
C GLU L 157 -45.60 -103.22 35.86
N ASP L 158 -44.39 -103.04 35.35
CA ASP L 158 -43.95 -101.75 34.86
C ASP L 158 -44.55 -101.36 33.51
N ILE L 159 -44.72 -102.31 32.61
CA ILE L 159 -45.40 -102.01 31.36
C ILE L 159 -46.81 -101.55 31.62
N CYS L 160 -47.47 -102.14 32.61
CA CYS L 160 -48.79 -101.68 33.02
C CYS L 160 -48.72 -100.23 33.54
N PHE L 161 -47.79 -99.97 34.44
CA PHE L 161 -47.56 -98.62 35.00
C PHE L 161 -47.27 -97.57 33.92
N ILE L 162 -46.50 -97.95 32.90
CA ILE L 162 -46.20 -97.04 31.81
C ILE L 162 -47.47 -96.72 31.03
N LYS L 163 -48.20 -97.75 30.62
CA LYS L 163 -49.45 -97.56 29.90
C LYS L 163 -50.46 -96.74 30.70
N GLU L 164 -50.53 -96.99 31.99
CA GLU L 164 -51.46 -96.26 32.86
C GLU L 164 -51.12 -94.78 32.98
N GLN L 165 -49.83 -94.45 32.99
CA GLN L 165 -49.42 -93.04 32.98
C GLN L 165 -49.98 -92.33 31.76
N ILE L 166 -49.97 -93.03 30.62
CA ILE L 166 -50.34 -92.45 29.33
C ILE L 166 -51.82 -92.24 29.13
N VAL L 167 -52.63 -93.28 29.37
CA VAL L 167 -54.10 -93.20 29.17
C VAL L 167 -54.96 -93.26 30.42
N GLY L 168 -54.37 -93.33 31.61
CA GLY L 168 -55.17 -93.51 32.82
C GLY L 168 -55.59 -94.95 33.02
N PRO L 169 -56.53 -95.17 33.96
CA PRO L 169 -56.79 -96.58 34.37
C PRO L 169 -57.46 -97.53 33.32
N LEU L 178 -62.31 -96.61 45.47
CA LEU L 178 -61.09 -97.45 45.60
C LEU L 178 -59.99 -97.07 44.63
N TRP L 179 -58.78 -97.56 44.92
CA TRP L 179 -57.58 -97.26 44.10
C TRP L 179 -57.65 -97.98 42.73
N PRO L 180 -57.83 -97.20 41.66
CA PRO L 180 -58.01 -97.83 40.35
C PRO L 180 -56.74 -98.39 39.66
N TYR L 181 -55.53 -97.99 40.08
CA TYR L 181 -54.33 -98.35 39.34
C TYR L 181 -53.78 -99.71 39.79
N LYS L 182 -53.37 -100.53 38.83
CA LYS L 182 -52.74 -101.82 39.09
C LYS L 182 -51.21 -101.69 39.01
N GLY L 183 -50.69 -100.63 38.38
CA GLY L 183 -49.25 -100.50 38.14
C GLY L 183 -48.39 -100.15 39.35
N ARG L 184 -48.90 -99.26 40.20
CA ARG L 184 -48.26 -98.87 41.46
C ARG L 184 -49.28 -98.76 42.59
N PRO L 185 -48.83 -98.81 43.85
CA PRO L 185 -49.74 -98.60 44.99
C PRO L 185 -50.05 -97.11 45.27
N GLU L 186 -50.97 -96.88 46.20
CA GLU L 186 -51.42 -95.52 46.58
C GLU L 186 -50.32 -94.60 47.11
N ASN L 187 -49.32 -95.20 47.76
CA ASN L 187 -48.18 -94.45 48.35
C ASN L 187 -47.21 -93.91 47.29
N LYS L 188 -47.49 -94.21 46.01
CA LYS L 188 -46.78 -93.60 44.91
C LYS L 188 -47.69 -93.01 43.84
N SER L 189 -48.88 -92.56 44.23
CA SER L 189 -49.83 -91.96 43.29
C SER L 189 -49.32 -90.69 42.60
N PHE L 190 -48.41 -89.97 43.26
CA PHE L 190 -47.79 -88.82 42.66
C PHE L 190 -47.08 -89.12 41.35
N LEU L 191 -46.57 -90.33 41.17
CA LEU L 191 -45.92 -90.67 39.92
C LEU L 191 -46.86 -90.56 38.70
N TYR L 192 -48.15 -90.77 38.93
CA TYR L 192 -49.16 -90.64 37.88
C TYR L 192 -49.48 -89.20 37.48
N GLU L 193 -49.07 -88.23 38.29
CA GLU L 193 -49.27 -86.82 38.01
C GLU L 193 -48.11 -86.13 37.26
N ILE L 194 -47.16 -86.91 36.70
CA ILE L 194 -45.99 -86.32 36.05
C ILE L 194 -46.14 -86.18 34.55
N VAL L 195 -46.38 -87.29 33.85
CA VAL L 195 -46.44 -87.26 32.39
C VAL L 195 -47.81 -86.79 31.86
N SER L 196 -48.88 -87.24 32.48
CA SER L 196 -50.23 -86.86 32.05
C SER L 196 -51.16 -86.80 33.27
N ASN L 197 -51.39 -85.58 33.74
CA ASN L 197 -52.01 -85.29 35.02
C ASN L 197 -53.53 -85.24 34.85
N LYS L 198 -54.20 -86.33 35.22
CA LYS L 198 -55.66 -86.40 35.09
C LYS L 198 -56.37 -85.49 36.10
N ARG L 199 -55.72 -85.17 37.21
CA ARG L 199 -56.35 -84.43 38.30
C ARG L 199 -56.61 -82.97 37.93
N ASN L 200 -55.57 -82.30 37.44
CA ASN L 200 -55.60 -80.87 37.14
C ASN L 200 -54.97 -80.42 35.81
N GLY L 201 -54.14 -81.26 35.20
CA GLY L 201 -53.56 -80.96 33.91
C GLY L 201 -52.16 -80.39 33.96
N ILE L 202 -51.62 -80.14 35.15
CA ILE L 202 -50.26 -79.64 35.28
C ILE L 202 -49.31 -80.81 35.12
N ASP L 203 -48.76 -80.97 33.92
CA ASP L 203 -47.89 -82.10 33.58
C ASP L 203 -46.70 -81.63 32.75
N VAL L 204 -45.67 -82.47 32.63
CA VAL L 204 -44.45 -82.08 31.93
C VAL L 204 -44.62 -82.05 30.40
N ASP L 205 -45.65 -82.69 29.88
CA ASP L 205 -46.00 -82.61 28.46
C ASP L 205 -46.24 -81.16 28.11
N LYS L 206 -47.07 -80.46 28.88
CA LYS L 206 -47.33 -79.04 28.64
C LYS L 206 -46.04 -78.24 28.70
N TRP L 207 -45.22 -78.52 29.70
CA TRP L 207 -44.05 -77.71 29.93
C TRP L 207 -43.07 -77.77 28.76
N ASP L 208 -42.95 -78.92 28.12
CA ASP L 208 -42.09 -79.03 26.97
C ASP L 208 -42.67 -78.30 25.80
N TYR L 209 -43.95 -78.51 25.51
CA TYR L 209 -44.52 -77.92 24.31
C TYR L 209 -44.66 -76.40 24.41
N PHE L 210 -44.91 -75.87 25.59
CA PHE L 210 -44.91 -74.41 25.77
C PHE L 210 -43.59 -73.85 25.29
N ALA L 211 -42.51 -74.39 25.83
CA ALA L 211 -41.17 -73.90 25.54
C ALA L 211 -40.78 -74.15 24.10
N ARG L 212 -41.10 -75.34 23.60
CA ARG L 212 -40.69 -75.75 22.26
C ARG L 212 -41.48 -75.07 21.18
N ASP L 213 -42.80 -75.05 21.33
CA ASP L 213 -43.66 -74.44 20.31
C ASP L 213 -43.32 -72.96 20.25
N CYS L 214 -43.20 -72.31 21.40
CA CYS L 214 -42.75 -70.92 21.40
C CYS L 214 -41.41 -70.70 20.64
N HIS L 215 -40.44 -71.56 20.87
CA HIS L 215 -39.12 -71.43 20.26
C HIS L 215 -39.22 -71.35 18.75
N HIS L 216 -39.99 -72.28 18.20
CA HIS L 216 -40.17 -72.43 16.76
C HIS L 216 -41.25 -71.47 16.22
N LEU L 217 -42.27 -71.13 17.00
CA LEU L 217 -43.36 -70.28 16.50
C LEU L 217 -42.94 -68.84 16.31
N GLY L 218 -42.05 -68.34 17.17
CA GLY L 218 -41.69 -66.91 17.19
C GLY L 218 -42.53 -66.11 18.18
N ILE L 219 -42.87 -66.75 19.29
CA ILE L 219 -43.59 -66.19 20.40
C ILE L 219 -42.77 -66.53 21.66
N GLN L 220 -42.51 -65.57 22.57
CA GLN L 220 -41.87 -65.87 23.86
C GLN L 220 -42.97 -66.43 24.82
N ASN L 221 -42.48 -67.31 25.68
CA ASN L 221 -43.27 -68.15 26.56
C ASN L 221 -43.35 -67.48 27.93
N ASN L 222 -44.55 -67.36 28.50
CA ASN L 222 -44.65 -66.66 29.80
C ASN L 222 -44.31 -67.49 31.06
N PHE L 223 -44.07 -68.81 30.93
CA PHE L 223 -44.13 -69.75 32.06
C PHE L 223 -42.82 -70.45 32.40
N ASP L 224 -42.50 -70.54 33.71
CA ASP L 224 -41.22 -71.08 34.19
C ASP L 224 -41.41 -72.46 34.84
N TYR L 225 -41.19 -73.54 34.07
CA TYR L 225 -41.31 -74.90 34.60
C TYR L 225 -40.28 -75.17 35.69
N LYS L 226 -39.08 -74.66 35.49
CA LYS L 226 -38.00 -74.91 36.42
C LYS L 226 -38.31 -74.43 37.82
N ARG L 227 -39.00 -73.28 37.90
CA ARG L 227 -39.41 -72.72 39.16
C ARG L 227 -40.47 -73.57 39.83
N PHE L 228 -41.40 -74.09 39.04
CA PHE L 228 -42.44 -74.97 39.57
C PHE L 228 -41.82 -76.22 40.21
N ILE L 229 -40.83 -76.81 39.54
CA ILE L 229 -40.10 -77.94 40.06
C ILE L 229 -39.42 -77.60 41.39
N LYS L 230 -38.82 -76.43 41.54
CA LYS L 230 -38.21 -76.08 42.81
C LYS L 230 -39.20 -75.90 43.93
N PHE L 231 -40.43 -75.53 43.62
CA PHE L 231 -41.48 -75.37 44.64
C PHE L 231 -42.52 -76.48 44.57
N ALA L 232 -42.12 -77.66 44.14
CA ALA L 232 -43.03 -78.80 44.12
C ALA L 232 -42.65 -79.70 45.26
N ARG L 233 -43.64 -80.45 45.74
CA ARG L 233 -43.49 -81.20 46.96
C ARG L 233 -44.63 -82.21 47.08
N VAL L 234 -44.37 -83.35 47.71
CA VAL L 234 -45.40 -84.38 47.86
C VAL L 234 -45.93 -84.34 49.27
N CYS L 235 -47.25 -84.34 49.41
CA CYS L 235 -47.91 -84.35 50.72
C CYS L 235 -49.10 -85.25 50.68
N GLU L 236 -49.61 -85.60 51.84
CA GLU L 236 -50.78 -86.45 51.94
C GLU L 236 -52.06 -85.66 51.72
N VAL L 237 -52.86 -86.07 50.74
CA VAL L 237 -54.21 -85.54 50.54
C VAL L 237 -55.19 -86.71 50.40
N ASP L 238 -56.09 -86.86 51.37
CA ASP L 238 -57.13 -87.89 51.37
C ASP L 238 -56.49 -89.26 51.22
N ASN L 239 -55.60 -89.60 52.15
CA ASN L 239 -54.97 -90.97 52.21
C ASN L 239 -54.17 -91.36 50.98
N GLU L 240 -53.58 -90.38 50.32
CA GLU L 240 -52.94 -90.58 49.01
C GLU L 240 -51.90 -89.50 48.83
N LEU L 241 -50.69 -89.86 48.45
CA LEU L 241 -49.57 -88.92 48.29
C LEU L 241 -49.59 -88.21 46.93
N ARG L 242 -49.84 -86.90 46.91
CA ARG L 242 -49.89 -86.12 45.65
C ARG L 242 -48.89 -84.97 45.57
N ILE L 243 -48.61 -84.52 44.36
CA ILE L 243 -47.77 -83.34 44.12
C ILE L 243 -48.56 -82.08 44.54
N CYS L 244 -47.92 -81.26 45.38
CA CYS L 244 -48.47 -79.99 45.80
C CYS L 244 -47.54 -78.86 45.42
N ALA L 245 -48.12 -77.69 45.15
CA ALA L 245 -47.34 -76.49 44.85
C ALA L 245 -47.39 -75.55 46.03
N ARG L 246 -46.44 -74.65 46.11
CA ARG L 246 -46.41 -73.71 47.21
C ARG L 246 -47.53 -72.71 47.12
N ASP L 247 -48.07 -72.33 48.27
CA ASP L 247 -49.18 -71.39 48.31
C ASP L 247 -48.98 -70.16 47.42
N LYS L 248 -47.86 -69.47 47.58
CA LYS L 248 -47.64 -68.22 46.85
C LYS L 248 -47.58 -68.45 45.30
N GLU L 249 -47.23 -69.66 44.84
CA GLU L 249 -47.18 -69.95 43.39
C GLU L 249 -48.54 -70.07 42.69
N VAL L 250 -49.65 -69.97 43.43
CA VAL L 250 -50.97 -70.13 42.84
C VAL L 250 -51.17 -69.19 41.66
N GLY L 251 -50.68 -67.95 41.78
CA GLY L 251 -50.72 -67.00 40.69
C GLY L 251 -50.09 -67.51 39.39
N ASN L 252 -48.90 -68.06 39.50
CA ASN L 252 -48.19 -68.63 38.36
C ASN L 252 -48.90 -69.79 37.70
N LEU L 253 -49.71 -70.52 38.46
CA LEU L 253 -50.49 -71.61 37.90
C LEU L 253 -51.68 -71.13 37.09
N TYR L 254 -52.41 -70.10 37.56
CA TYR L 254 -53.45 -69.50 36.73
C TYR L 254 -52.81 -68.96 35.43
N ASP L 255 -51.58 -68.43 35.54
CA ASP L 255 -50.85 -67.91 34.39
C ASP L 255 -50.37 -69.02 33.43
N MET L 256 -50.19 -70.23 33.95
CA MET L 256 -49.85 -71.37 33.09
C MET L 256 -50.98 -71.65 32.13
N PHE L 257 -52.19 -71.73 32.66
CA PHE L 257 -53.34 -72.05 31.83
C PHE L 257 -53.73 -70.90 30.91
N HIS L 258 -53.46 -69.67 31.36
CA HIS L 258 -53.62 -68.50 30.50
C HIS L 258 -52.66 -68.60 29.31
N THR L 259 -51.40 -68.90 29.60
CA THR L 259 -50.40 -69.11 28.55
C THR L 259 -50.89 -70.16 27.54
N ARG L 260 -51.44 -71.25 28.04
CA ARG L 260 -51.95 -72.29 27.17
C ARG L 260 -53.03 -71.79 26.25
N ASN L 261 -54.06 -71.18 26.82
CA ASN L 261 -55.17 -70.63 26.04
C ASN L 261 -54.67 -69.60 25.06
N SER L 262 -53.72 -68.78 25.48
CA SER L 262 -53.08 -67.81 24.61
C SER L 262 -52.39 -68.45 23.40
N LEU L 263 -51.65 -69.54 23.60
CA LEU L 263 -51.05 -70.26 22.48
C LEU L 263 -52.08 -70.90 21.55
N HIS L 264 -53.23 -71.29 22.09
CA HIS L 264 -54.30 -71.82 21.26
C HIS L 264 -54.86 -70.73 20.39
N ARG L 265 -55.09 -69.56 20.96
CA ARG L 265 -55.65 -68.47 20.19
C ARG L 265 -54.72 -67.96 19.14
N ARG L 266 -53.45 -67.83 19.46
CA ARG L 266 -52.53 -67.24 18.53
C ARG L 266 -52.12 -68.17 17.43
N ALA L 267 -51.84 -69.43 17.77
CA ALA L 267 -51.18 -70.35 16.87
C ALA L 267 -51.99 -71.59 16.59
N TYR L 268 -52.26 -72.41 17.60
CA TYR L 268 -52.79 -73.75 17.35
C TYR L 268 -54.15 -73.77 16.65
N GLN L 269 -55.01 -72.80 17.00
CA GLN L 269 -56.33 -72.62 16.37
C GLN L 269 -56.36 -71.44 15.39
N HIS L 270 -55.22 -71.02 14.85
CA HIS L 270 -55.15 -69.90 13.90
C HIS L 270 -56.08 -70.16 12.72
N LYS L 271 -56.86 -69.15 12.35
CA LYS L 271 -57.94 -69.33 11.38
C LYS L 271 -57.53 -69.97 10.05
N VAL L 272 -56.34 -69.65 9.56
CA VAL L 272 -55.80 -70.24 8.33
C VAL L 272 -55.12 -71.57 8.60
N GLY L 273 -54.46 -71.71 9.74
CA GLY L 273 -53.90 -73.00 10.11
C GLY L 273 -54.96 -74.08 10.10
N ASN L 274 -56.08 -73.76 10.72
CA ASN L 274 -57.21 -74.67 10.79
C ASN L 274 -57.84 -74.93 9.41
N ILE L 275 -57.87 -73.96 8.52
CA ILE L 275 -58.45 -74.21 7.20
C ILE L 275 -57.51 -75.09 6.38
N ILE L 276 -56.21 -74.94 6.55
CA ILE L 276 -55.28 -75.85 5.91
C ILE L 276 -55.43 -77.27 6.45
N ASP L 277 -55.62 -77.39 7.77
CA ASP L 277 -55.94 -78.68 8.36
C ASP L 277 -57.19 -79.28 7.71
N THR L 278 -58.29 -78.51 7.63
CA THR L 278 -59.53 -79.07 7.06
C THR L 278 -59.33 -79.47 5.61
N MET L 279 -58.50 -78.75 4.86
CA MET L 279 -58.23 -79.06 3.45
C MET L 279 -57.38 -80.30 3.27
N ILE L 280 -56.37 -80.48 4.11
CA ILE L 280 -55.60 -81.71 4.08
C ILE L 280 -56.51 -82.90 4.45
N THR L 281 -57.29 -82.75 5.51
CA THR L 281 -58.23 -83.77 5.93
C THR L 281 -59.19 -84.12 4.79
N ASP L 282 -59.66 -83.11 4.10
CA ASP L 282 -60.51 -83.28 2.94
C ASP L 282 -59.85 -84.15 1.85
N ALA L 283 -58.59 -83.85 1.58
CA ALA L 283 -57.80 -84.58 0.60
C ALA L 283 -57.56 -86.01 1.02
N PHE L 284 -57.29 -86.24 2.30
CA PHE L 284 -57.15 -87.61 2.81
C PHE L 284 -58.44 -88.38 2.59
N LEU L 285 -59.57 -87.78 2.95
CA LEU L 285 -60.86 -88.43 2.75
C LEU L 285 -61.08 -88.86 1.29
N LYS L 286 -60.70 -88.01 0.33
CA LYS L 286 -60.86 -88.35 -1.10
C LYS L 286 -59.85 -89.37 -1.61
N ALA L 287 -58.71 -89.47 -0.95
CA ALA L 287 -57.70 -90.46 -1.27
C ALA L 287 -57.82 -91.76 -0.47
N ASP L 288 -58.76 -91.82 0.48
CA ASP L 288 -58.77 -92.92 1.48
C ASP L 288 -58.99 -94.27 0.82
N ASP L 289 -59.98 -94.30 -0.07
CA ASP L 289 -60.32 -95.49 -0.86
C ASP L 289 -59.18 -96.07 -1.68
N TYR L 290 -58.25 -95.23 -2.15
CA TYR L 290 -57.26 -95.67 -3.15
C TYR L 290 -55.82 -95.83 -2.66
N ILE L 291 -55.52 -95.52 -1.40
CA ILE L 291 -54.16 -95.70 -0.88
C ILE L 291 -54.09 -96.92 -0.01
N GLU L 292 -53.16 -97.82 -0.36
CA GLU L 292 -52.89 -99.06 0.39
C GLU L 292 -51.63 -98.90 1.26
N ILE L 293 -51.69 -99.48 2.46
CA ILE L 293 -50.54 -99.55 3.39
C ILE L 293 -50.42 -100.98 3.91
N THR L 294 -49.25 -101.58 3.72
CA THR L 294 -49.06 -102.99 4.07
C THR L 294 -48.84 -103.11 5.56
N GLY L 295 -49.59 -104.01 6.18
CA GLY L 295 -49.48 -104.26 7.60
C GLY L 295 -49.05 -105.68 7.90
N ALA L 296 -49.52 -106.18 9.04
CA ALA L 296 -49.09 -107.44 9.59
C ALA L 296 -49.64 -108.56 8.72
N GLY L 297 -48.75 -109.50 8.39
CA GLY L 297 -49.06 -110.62 7.52
C GLY L 297 -49.35 -110.22 6.08
N GLY L 298 -48.93 -109.02 5.68
CA GLY L 298 -49.24 -108.51 4.36
C GLY L 298 -50.67 -108.05 4.09
N LYS L 299 -51.57 -108.04 5.09
CA LYS L 299 -52.94 -107.50 4.91
C LYS L 299 -52.83 -106.02 4.47
N LYS L 300 -53.71 -105.58 3.55
CA LYS L 300 -53.65 -104.18 3.05
C LYS L 300 -54.63 -103.32 3.87
N TYR L 301 -54.13 -102.19 4.36
CA TYR L 301 -54.93 -101.27 5.15
C TYR L 301 -55.06 -99.93 4.42
N ARG L 302 -56.19 -99.25 4.64
CA ARG L 302 -56.42 -97.90 4.13
C ARG L 302 -55.97 -96.90 5.21
N ILE L 303 -55.92 -95.61 4.87
CA ILE L 303 -55.46 -94.60 5.82
C ILE L 303 -56.32 -94.61 7.10
N SER L 304 -57.63 -94.68 6.94
CA SER L 304 -58.55 -94.73 8.07
C SER L 304 -58.51 -96.02 8.89
N THR L 305 -58.04 -97.12 8.30
CA THR L 305 -57.96 -98.41 9.00
C THR L 305 -56.57 -98.80 9.50
N ALA L 306 -55.55 -98.01 9.18
CA ALA L 306 -54.20 -98.31 9.66
C ALA L 306 -54.12 -98.27 11.19
N ILE L 307 -55.00 -97.50 11.81
CA ILE L 307 -55.09 -97.49 13.28
C ILE L 307 -55.44 -98.84 13.91
N ASP L 308 -56.05 -99.73 13.16
CA ASP L 308 -56.38 -101.06 13.66
C ASP L 308 -55.20 -102.04 13.69
N ASP L 309 -54.13 -101.75 12.95
CA ASP L 309 -52.92 -102.59 12.95
C ASP L 309 -51.63 -101.77 13.03
N MET L 310 -50.90 -101.95 14.11
CA MET L 310 -49.76 -101.09 14.42
C MET L 310 -48.57 -101.23 13.49
N GLU L 311 -48.44 -102.35 12.80
CA GLU L 311 -47.36 -102.49 11.84
C GLU L 311 -47.62 -101.61 10.61
N ALA L 312 -48.89 -101.50 10.25
CA ALA L 312 -49.32 -100.60 9.21
C ALA L 312 -49.19 -99.15 9.65
N TYR L 313 -49.70 -98.84 10.84
CA TYR L 313 -49.67 -97.48 11.39
C TYR L 313 -48.26 -96.93 11.51
N THR L 314 -47.28 -97.79 11.74
CA THR L 314 -45.87 -97.39 11.76
C THR L 314 -45.44 -96.65 10.47
N LYS L 315 -46.01 -97.08 9.33
CA LYS L 315 -45.67 -96.51 8.03
C LYS L 315 -46.55 -95.33 7.65
N LEU L 316 -47.49 -94.93 8.51
CA LEU L 316 -48.42 -93.84 8.22
C LEU L 316 -48.02 -92.55 8.90
N THR L 317 -47.47 -91.63 8.13
CA THR L 317 -46.94 -90.37 8.67
C THR L 317 -47.33 -89.21 7.75
N ASP L 318 -46.74 -88.03 7.96
CA ASP L 318 -46.96 -86.87 7.06
C ASP L 318 -46.56 -87.11 5.62
N ASN L 319 -45.71 -88.11 5.38
CA ASN L 319 -45.43 -88.60 4.03
C ASN L 319 -46.64 -88.64 3.15
N ILE L 320 -47.74 -89.11 3.72
CA ILE L 320 -48.97 -89.38 2.96
C ILE L 320 -49.38 -88.14 2.14
N PHE L 321 -49.19 -86.96 2.71
CA PHE L 321 -49.42 -85.69 2.05
C PHE L 321 -48.67 -85.64 0.72
N LEU L 322 -47.37 -85.86 0.78
CA LEU L 322 -46.53 -85.79 -0.42
C LEU L 322 -46.77 -86.96 -1.37
N GLU L 323 -47.12 -88.14 -0.84
CA GLU L 323 -47.43 -89.29 -1.69
C GLU L 323 -48.62 -88.95 -2.56
N ILE L 324 -49.65 -88.34 -1.97
CA ILE L 324 -50.83 -87.87 -2.69
C ILE L 324 -50.45 -86.78 -3.67
N LEU L 325 -49.66 -85.80 -3.23
CA LEU L 325 -49.28 -84.67 -4.09
C LEU L 325 -48.48 -85.07 -5.32
N TYR L 326 -47.54 -85.98 -5.15
CA TYR L 326 -46.67 -86.40 -6.25
C TYR L 326 -47.27 -87.49 -7.13
N SER L 327 -48.39 -88.08 -6.74
CA SER L 327 -48.95 -89.22 -7.46
C SER L 327 -49.42 -88.86 -8.85
N THR L 328 -49.52 -89.89 -9.69
CA THR L 328 -50.07 -89.80 -11.04
C THR L 328 -51.32 -90.67 -11.28
N ASP L 329 -51.70 -91.51 -10.32
CA ASP L 329 -52.89 -92.35 -10.45
C ASP L 329 -54.12 -91.46 -10.67
N PRO L 330 -54.89 -91.70 -11.76
CA PRO L 330 -56.11 -90.91 -11.97
C PRO L 330 -57.16 -91.02 -10.85
N LYS L 331 -57.14 -92.11 -10.06
CA LYS L 331 -58.06 -92.26 -8.93
C LYS L 331 -57.78 -91.24 -7.82
N LEU L 332 -56.53 -90.79 -7.71
CA LEU L 332 -56.14 -89.79 -6.73
C LEU L 332 -56.27 -88.32 -7.21
N LYS L 333 -56.67 -88.09 -8.47
CA LYS L 333 -56.72 -86.72 -9.05
C LYS L 333 -57.53 -85.75 -8.21
N ASP L 334 -58.67 -86.18 -7.69
CA ASP L 334 -59.49 -85.36 -6.79
C ASP L 334 -58.76 -84.92 -5.54
N ALA L 335 -58.10 -85.86 -4.88
CA ALA L 335 -57.33 -85.57 -3.67
C ALA L 335 -56.11 -84.70 -3.97
N ARG L 336 -55.39 -85.05 -5.02
CA ARG L 336 -54.21 -84.30 -5.45
C ARG L 336 -54.53 -82.84 -5.81
N GLU L 337 -55.72 -82.59 -6.35
CA GLU L 337 -56.12 -81.23 -6.73
C GLU L 337 -56.29 -80.32 -5.52
N ILE L 338 -56.80 -80.87 -4.43
CA ILE L 338 -56.97 -80.12 -3.20
C ILE L 338 -55.60 -79.70 -2.69
N LEU L 339 -54.70 -80.66 -2.58
CA LEU L 339 -53.35 -80.37 -2.10
C LEU L 339 -52.63 -79.38 -3.01
N LYS L 340 -52.86 -79.46 -4.32
CA LYS L 340 -52.28 -78.48 -5.23
C LYS L 340 -52.84 -77.07 -4.99
N GLN L 341 -54.12 -76.96 -4.62
CA GLN L 341 -54.70 -75.66 -4.25
C GLN L 341 -54.08 -75.06 -3.00
N ILE L 342 -53.54 -75.89 -2.11
CA ILE L 342 -52.82 -75.40 -0.94
C ILE L 342 -51.43 -74.83 -1.32
N GLU L 343 -50.81 -75.40 -2.35
CA GLU L 343 -49.51 -74.89 -2.83
C GLU L 343 -49.71 -73.49 -3.39
N TYR L 344 -50.66 -73.36 -4.31
CA TYR L 344 -50.99 -72.09 -4.96
C TYR L 344 -51.71 -71.11 -4.03
N ARG L 345 -52.15 -71.55 -2.85
CA ARG L 345 -52.75 -70.68 -1.84
C ARG L 345 -54.15 -70.23 -2.21
N ASN L 346 -54.89 -71.08 -2.95
CA ASN L 346 -56.32 -70.89 -3.19
C ASN L 346 -57.06 -71.59 -2.09
N LEU L 347 -56.98 -71.00 -0.91
CA LEU L 347 -57.57 -71.56 0.27
C LEU L 347 -59.00 -71.11 0.35
N PHE L 348 -59.78 -71.89 1.07
CA PHE L 348 -61.15 -71.52 1.39
C PHE L 348 -61.09 -70.20 2.16
N LYS L 349 -62.03 -69.30 1.90
CA LYS L 349 -61.95 -67.94 2.43
C LYS L 349 -62.63 -67.80 3.77
N TYR L 350 -61.99 -67.06 4.67
CA TYR L 350 -62.51 -66.83 6.01
C TYR L 350 -63.55 -65.75 5.92
N VAL L 351 -64.73 -66.01 6.49
CA VAL L 351 -65.81 -65.04 6.47
C VAL L 351 -65.88 -64.26 7.77
N GLY L 352 -65.80 -64.96 8.91
CA GLY L 352 -65.82 -64.32 10.22
C GLY L 352 -65.91 -65.28 11.39
N GLU L 353 -65.88 -64.71 12.58
CA GLU L 353 -65.84 -65.46 13.82
C GLU L 353 -66.99 -64.97 14.68
N THR L 354 -67.53 -65.86 15.50
CA THR L 354 -68.56 -65.50 16.47
C THR L 354 -68.61 -66.51 17.61
N GLN L 355 -69.35 -66.15 18.66
CA GLN L 355 -69.50 -66.95 19.87
C GLN L 355 -70.97 -67.02 20.25
N PRO L 356 -71.38 -68.09 20.96
CA PRO L 356 -72.69 -68.06 21.61
C PRO L 356 -72.77 -67.06 22.77
N THR L 357 -73.98 -66.71 23.16
CA THR L 357 -74.19 -65.81 24.30
C THR L 357 -74.93 -66.55 25.40
N GLY L 358 -74.96 -65.94 26.58
CA GLY L 358 -75.53 -66.56 27.78
C GLY L 358 -74.71 -67.77 28.22
N GLN L 359 -75.40 -68.89 28.46
CA GLN L 359 -74.77 -70.18 28.71
C GLN L 359 -75.38 -71.22 27.71
N ILE L 360 -75.28 -70.95 26.40
CA ILE L 360 -75.70 -71.90 25.33
C ILE L 360 -74.46 -72.65 24.81
N LYS L 361 -74.25 -73.93 25.16
CA LYS L 361 -73.19 -74.75 24.49
C LYS L 361 -73.82 -75.32 23.21
N ILE L 362 -73.01 -75.44 22.16
CA ILE L 362 -73.41 -76.10 20.91
C ILE L 362 -72.97 -77.55 20.95
N LYS L 363 -73.93 -78.49 20.98
CA LYS L 363 -73.62 -79.94 21.12
C LYS L 363 -72.85 -80.45 19.86
N ARG L 364 -71.89 -81.36 20.05
CA ARG L 364 -71.03 -81.88 18.95
C ARG L 364 -71.83 -82.63 17.85
N GLU L 365 -72.88 -83.33 18.25
CA GLU L 365 -73.97 -83.82 17.36
C GLU L 365 -74.49 -82.78 16.30
N ASP L 366 -74.62 -81.51 16.68
CA ASP L 366 -75.17 -80.46 15.79
C ASP L 366 -74.19 -79.83 14.78
N TYR L 367 -72.90 -80.16 14.85
CA TYR L 367 -71.87 -79.57 13.96
C TYR L 367 -72.18 -79.84 12.47
N GLU L 368 -72.57 -81.09 12.14
CA GLU L 368 -72.96 -81.47 10.75
C GLU L 368 -74.03 -80.51 10.19
N SER L 369 -74.99 -80.11 11.03
CA SER L 369 -76.17 -79.28 10.61
C SER L 369 -75.94 -77.78 10.35
N LEU L 370 -74.82 -77.22 10.81
CA LEU L 370 -74.62 -75.76 10.83
C LEU L 370 -74.42 -75.08 9.48
N PRO L 371 -73.70 -75.73 8.53
CA PRO L 371 -73.67 -75.15 7.17
C PRO L 371 -75.06 -75.00 6.54
N LYS L 372 -75.93 -76.00 6.71
CA LYS L 372 -77.34 -75.91 6.26
C LYS L 372 -77.97 -74.65 6.81
N GLU L 373 -77.74 -74.35 8.09
CA GLU L 373 -78.34 -73.17 8.74
C GLU L 373 -77.87 -71.83 8.19
N VAL L 374 -76.59 -71.72 7.84
CA VAL L 374 -76.04 -70.46 7.34
C VAL L 374 -76.67 -70.12 6.00
N ALA L 375 -76.70 -71.08 5.08
CA ALA L 375 -77.34 -70.88 3.77
C ALA L 375 -78.85 -70.63 3.86
N SER L 376 -79.48 -71.17 4.89
CA SER L 376 -80.91 -70.97 5.14
C SER L 376 -81.28 -69.55 5.53
N ALA L 377 -80.35 -68.82 6.14
CA ALA L 377 -80.64 -67.45 6.58
C ALA L 377 -81.10 -66.60 5.41
N LYS L 378 -82.08 -65.75 5.66
CA LYS L 378 -82.66 -64.92 4.61
C LYS L 378 -82.33 -63.47 4.96
N PRO L 379 -81.14 -62.96 4.56
CA PRO L 379 -80.78 -61.55 4.85
C PRO L 379 -81.55 -60.61 3.93
N LYS L 380 -82.18 -59.55 4.46
CA LYS L 380 -83.02 -58.65 3.61
C LYS L 380 -82.13 -57.68 2.77
N VAL L 381 -81.22 -58.25 1.98
CA VAL L 381 -80.24 -57.53 1.16
C VAL L 381 -80.25 -58.10 -0.24
N LEU L 382 -80.08 -57.25 -1.26
CA LEU L 382 -80.05 -57.76 -2.66
C LEU L 382 -78.77 -58.55 -2.93
N LEU L 383 -78.89 -59.78 -3.43
CA LEU L 383 -77.76 -60.63 -3.73
C LEU L 383 -77.79 -61.00 -5.19
N ASP L 384 -76.63 -60.92 -5.83
CA ASP L 384 -76.38 -61.55 -7.14
C ASP L 384 -76.47 -63.07 -7.14
N VAL L 385 -75.90 -63.70 -6.11
CA VAL L 385 -75.60 -65.11 -6.05
C VAL L 385 -76.29 -65.77 -4.85
N LYS L 386 -77.13 -66.77 -5.06
CA LYS L 386 -77.58 -67.68 -3.96
C LYS L 386 -76.43 -68.69 -3.70
N LEU L 387 -76.18 -69.06 -2.44
CA LEU L 387 -75.15 -70.06 -2.06
C LEU L 387 -75.77 -71.28 -1.36
N LYS L 388 -75.43 -72.49 -1.80
CA LYS L 388 -75.94 -73.74 -1.19
C LYS L 388 -75.09 -74.10 0.06
N ALA L 389 -75.63 -74.99 0.90
CA ALA L 389 -75.00 -75.34 2.19
C ALA L 389 -73.62 -75.98 2.07
N GLU L 390 -73.41 -76.78 1.02
CA GLU L 390 -72.11 -77.39 0.75
C GLU L 390 -70.99 -76.38 0.45
N ASP L 391 -71.35 -75.11 0.20
CA ASP L 391 -70.38 -74.01 -0.01
C ASP L 391 -69.77 -73.48 1.29
N PHE L 392 -70.44 -73.71 2.42
CA PHE L 392 -70.00 -73.22 3.72
C PHE L 392 -69.30 -74.29 4.55
N ILE L 393 -68.27 -73.87 5.29
CA ILE L 393 -67.64 -74.67 6.34
C ILE L 393 -67.84 -73.94 7.65
N VAL L 394 -68.39 -74.62 8.64
CA VAL L 394 -68.51 -74.07 9.98
C VAL L 394 -67.66 -74.94 10.87
N ASP L 395 -66.81 -74.32 11.65
CA ASP L 395 -65.80 -74.99 12.45
C ASP L 395 -66.05 -74.51 13.87
N VAL L 396 -66.38 -75.42 14.78
CA VAL L 396 -66.64 -75.05 16.16
C VAL L 396 -65.48 -75.51 17.02
N ILE L 397 -64.94 -74.62 17.83
CA ILE L 397 -63.70 -74.83 18.56
C ILE L 397 -63.93 -74.56 20.02
N ASN L 398 -63.58 -75.51 20.87
CA ASN L 398 -63.75 -75.34 22.31
C ASN L 398 -62.45 -74.84 22.87
N MET L 399 -62.50 -73.73 23.61
CA MET L 399 -61.35 -73.20 24.32
C MET L 399 -61.64 -73.33 25.81
N ASP L 400 -60.74 -73.96 26.56
CA ASP L 400 -60.94 -74.14 28.00
C ASP L 400 -59.62 -74.14 28.77
N TYR L 401 -59.70 -74.42 30.08
CA TYR L 401 -58.53 -74.62 30.90
C TYR L 401 -58.24 -76.12 31.15
N GLY L 402 -58.59 -76.94 30.16
CA GLY L 402 -58.23 -78.34 30.15
C GLY L 402 -59.15 -79.25 30.92
N MET L 403 -60.26 -78.71 31.46
CA MET L 403 -61.19 -79.54 32.23
C MET L 403 -62.60 -79.05 32.02
N GLN L 404 -62.99 -78.94 30.74
CA GLN L 404 -64.29 -78.37 30.37
C GLN L 404 -64.54 -77.13 31.23
N GLU L 405 -65.72 -77.06 31.86
CA GLU L 405 -66.19 -75.88 32.54
C GLU L 405 -65.49 -75.59 33.87
N LYS L 406 -64.71 -76.54 34.36
CA LYS L 406 -64.07 -76.46 35.67
C LYS L 406 -62.75 -75.69 35.69
N ASN L 407 -62.51 -75.08 36.85
CA ASN L 407 -61.28 -74.40 37.18
C ASN L 407 -60.28 -75.44 37.67
N PRO L 408 -59.20 -75.69 36.94
CA PRO L 408 -58.28 -76.72 37.37
C PRO L 408 -57.53 -76.38 38.64
N ILE L 409 -57.40 -75.11 38.97
CA ILE L 409 -56.73 -74.72 40.20
C ILE L 409 -57.53 -75.13 41.43
N ASP L 410 -58.85 -75.24 41.30
CA ASP L 410 -59.67 -75.85 42.34
C ASP L 410 -59.32 -77.33 42.59
N HIS L 411 -58.64 -77.97 41.64
CA HIS L 411 -58.12 -79.34 41.81
C HIS L 411 -56.58 -79.43 42.00
N VAL L 412 -55.97 -78.38 42.58
CA VAL L 412 -54.55 -78.39 42.94
C VAL L 412 -54.49 -78.33 44.46
N SER L 413 -53.44 -78.94 44.99
CA SER L 413 -53.18 -78.91 46.41
C SER L 413 -51.92 -78.09 46.66
N PHE L 414 -51.92 -77.36 47.78
CA PHE L 414 -50.89 -76.40 48.08
C PHE L 414 -50.26 -76.67 49.43
N TYR L 415 -49.05 -76.16 49.67
CA TYR L 415 -48.44 -76.19 51.01
C TYR L 415 -47.92 -74.83 51.43
N CYS L 416 -47.79 -74.59 52.74
CA CYS L 416 -47.29 -73.30 53.27
C CYS L 416 -45.89 -73.40 53.76
N LYS L 417 -45.20 -72.28 53.83
CA LYS L 417 -43.81 -72.26 54.31
C LYS L 417 -43.69 -72.81 55.71
N THR L 418 -44.59 -72.38 56.57
CA THR L 418 -44.58 -72.74 57.98
C THR L 418 -44.92 -74.20 58.28
N ALA L 419 -45.50 -74.93 57.31
CA ALA L 419 -45.82 -76.36 57.48
C ALA L 419 -45.84 -77.04 56.12
N PRO L 420 -44.65 -77.44 55.65
CA PRO L 420 -44.51 -77.94 54.29
C PRO L 420 -45.02 -79.36 54.04
N ASN L 421 -45.47 -80.07 55.05
CA ASN L 421 -46.11 -81.38 54.85
C ASN L 421 -47.63 -81.34 54.93
N ARG L 422 -48.20 -80.22 55.30
CA ARG L 422 -49.64 -80.06 55.41
C ARG L 422 -50.22 -79.43 54.16
N ALA L 423 -51.01 -80.21 53.43
CA ALA L 423 -51.66 -79.74 52.22
C ALA L 423 -52.88 -78.92 52.55
N ILE L 424 -53.25 -78.03 51.63
CA ILE L 424 -54.43 -77.14 51.76
C ILE L 424 -55.03 -76.87 50.40
N ARG L 425 -56.12 -76.11 50.37
CA ARG L 425 -56.77 -75.69 49.13
C ARG L 425 -56.74 -74.18 49.03
N ILE L 426 -56.79 -73.66 47.82
CA ILE L 426 -56.93 -72.23 47.61
C ILE L 426 -58.06 -72.00 46.59
N THR L 427 -59.08 -71.26 47.01
CA THR L 427 -60.25 -70.95 46.15
C THR L 427 -59.91 -69.83 45.18
N LYS L 428 -60.86 -69.47 44.32
CA LYS L 428 -60.64 -68.36 43.38
C LYS L 428 -60.65 -67.00 44.09
N ASN L 429 -61.56 -66.82 45.04
CA ASN L 429 -61.66 -65.58 45.88
C ASN L 429 -60.35 -65.20 46.57
N GLN L 430 -59.70 -66.25 47.10
CA GLN L 430 -58.46 -66.13 47.84
C GLN L 430 -57.27 -65.64 46.99
N VAL L 431 -57.41 -65.59 45.66
CA VAL L 431 -56.29 -65.19 44.78
C VAL L 431 -56.38 -63.79 44.17
N SER L 432 -57.44 -63.53 43.42
CA SER L 432 -57.57 -62.28 42.66
C SER L 432 -58.94 -62.07 42.04
N GLN L 433 -59.40 -60.83 42.00
CA GLN L 433 -60.63 -60.46 41.31
C GLN L 433 -60.43 -60.40 39.79
N LEU L 434 -59.20 -60.33 39.30
CA LEU L 434 -58.93 -60.14 37.87
C LEU L 434 -58.76 -61.45 37.10
N LEU L 435 -59.14 -62.56 37.70
CA LEU L 435 -59.06 -63.85 37.03
C LEU L 435 -60.30 -64.06 36.19
N PRO L 436 -60.29 -65.10 35.34
CA PRO L 436 -61.46 -65.36 34.49
C PRO L 436 -62.71 -65.69 35.26
N GLU L 437 -63.86 -65.31 34.70
CA GLU L 437 -65.19 -65.58 35.31
C GLU L 437 -65.62 -67.02 34.98
N LYS L 438 -65.47 -67.41 33.72
CA LYS L 438 -65.74 -68.78 33.23
C LYS L 438 -64.42 -69.39 32.80
N PHE L 439 -64.41 -70.70 32.53
CA PHE L 439 -63.19 -71.40 32.11
C PHE L 439 -63.35 -72.21 30.83
N ALA L 440 -64.39 -71.88 30.06
CA ALA L 440 -64.68 -72.60 28.83
C ALA L 440 -65.58 -71.77 27.95
N GLU L 441 -65.30 -71.77 26.66
CA GLU L 441 -66.12 -71.06 25.69
C GLU L 441 -66.02 -71.77 24.35
N GLN L 442 -66.81 -71.32 23.41
CA GLN L 442 -66.78 -71.83 22.05
C GLN L 442 -66.47 -70.72 21.07
N LEU L 443 -65.75 -71.06 20.02
CA LEU L 443 -65.54 -70.17 18.87
C LEU L 443 -66.10 -70.81 17.65
N ILE L 444 -66.83 -70.04 16.85
CA ILE L 444 -67.44 -70.51 15.64
C ILE L 444 -66.89 -69.70 14.49
N ARG L 445 -66.06 -70.35 13.66
CA ARG L 445 -65.53 -69.75 12.44
C ARG L 445 -66.34 -70.25 11.28
N VAL L 446 -66.60 -69.37 10.33
CA VAL L 446 -67.27 -69.71 9.08
C VAL L 446 -66.34 -69.37 7.92
N TYR L 447 -66.14 -70.32 7.03
CA TYR L 447 -65.36 -70.07 5.82
C TYR L 447 -66.28 -70.34 4.64
N CYS L 448 -65.93 -69.84 3.45
CA CYS L 448 -66.67 -70.11 2.21
C CYS L 448 -65.78 -70.78 1.16
N LYS L 449 -66.23 -71.90 0.60
CA LYS L 449 -65.46 -72.63 -0.40
C LYS L 449 -65.36 -71.93 -1.77
N LYS L 450 -66.30 -71.05 -2.10
CA LYS L 450 -66.24 -70.24 -3.33
C LYS L 450 -65.41 -68.96 -3.09
N VAL L 451 -64.37 -68.77 -3.89
CA VAL L 451 -63.32 -67.79 -3.62
C VAL L 451 -63.61 -66.36 -4.14
N ASP L 452 -64.28 -66.26 -5.30
CA ASP L 452 -64.51 -64.97 -6.02
C ASP L 452 -65.14 -63.83 -5.22
N ARG L 453 -64.94 -62.59 -5.71
CA ARG L 453 -65.40 -61.37 -5.03
C ARG L 453 -66.92 -61.39 -4.75
N LYS L 454 -67.73 -61.81 -5.73
CA LYS L 454 -69.22 -61.80 -5.58
C LYS L 454 -69.72 -62.81 -4.53
N SER L 455 -69.21 -64.05 -4.55
CA SER L 455 -69.59 -65.10 -3.57
C SER L 455 -69.20 -64.79 -2.13
N LEU L 456 -68.03 -64.17 -1.98
CA LEU L 456 -67.52 -63.82 -0.67
C LEU L 456 -68.40 -62.76 -0.01
N TYR L 457 -68.81 -61.75 -0.78
CA TYR L 457 -69.77 -60.75 -0.27
C TYR L 457 -71.07 -61.39 0.20
N ALA L 458 -71.60 -62.31 -0.60
CA ALA L 458 -72.84 -62.99 -0.27
C ALA L 458 -72.67 -63.79 1.01
N ALA L 459 -71.57 -64.53 1.08
CA ALA L 459 -71.25 -65.35 2.24
C ALA L 459 -71.24 -64.52 3.52
N ARG L 460 -70.65 -63.34 3.45
CA ARG L 460 -70.65 -62.39 4.56
C ARG L 460 -72.05 -62.02 5.02
N GLN L 461 -72.94 -61.75 4.06
CA GLN L 461 -74.32 -61.39 4.39
C GLN L 461 -75.07 -62.56 5.05
N TYR L 462 -74.97 -63.75 4.46
CA TYR L 462 -75.52 -64.95 5.08
C TYR L 462 -75.00 -65.13 6.50
N PHE L 463 -73.70 -65.00 6.68
CA PHE L 463 -73.07 -65.22 7.98
C PHE L 463 -73.55 -64.22 9.04
N VAL L 464 -73.47 -62.93 8.73
CA VAL L 464 -73.80 -61.91 9.72
C VAL L 464 -75.27 -62.00 10.12
N GLN L 465 -76.12 -62.42 9.17
CA GLN L 465 -77.55 -62.64 9.44
C GLN L 465 -77.73 -63.84 10.35
N TRP L 466 -77.08 -64.94 10.00
CA TRP L 466 -77.08 -66.15 10.84
C TRP L 466 -76.72 -65.86 12.30
N CYS L 467 -75.74 -64.96 12.49
CA CYS L 467 -75.36 -64.51 13.83
C CYS L 467 -76.53 -63.81 14.52
N ALA L 468 -77.14 -62.86 13.83
CA ALA L 468 -78.32 -62.18 14.37
C ALA L 468 -79.46 -63.17 14.66
N ASP L 469 -79.72 -64.08 13.71
CA ASP L 469 -80.78 -65.08 13.84
C ASP L 469 -80.61 -65.96 15.08
N ARG L 470 -79.38 -66.39 15.39
CA ARG L 470 -79.18 -67.27 16.55
C ARG L 470 -78.72 -66.55 17.83
N ASN L 471 -78.84 -65.23 17.83
CA ASN L 471 -78.46 -64.38 18.96
C ASN L 471 -77.02 -64.62 19.43
N PHE L 472 -76.12 -64.74 18.44
CA PHE L 472 -74.69 -64.83 18.67
C PHE L 472 -74.08 -63.43 18.75
N THR L 473 -72.82 -63.37 19.18
CA THR L 473 -72.12 -62.09 19.32
C THR L 473 -71.92 -61.49 17.95
N LYS L 474 -71.90 -60.17 17.91
CA LYS L 474 -71.65 -59.43 16.69
C LYS L 474 -70.22 -59.70 16.22
N PRO L 475 -70.03 -60.09 14.95
CA PRO L 475 -68.67 -60.18 14.43
C PRO L 475 -67.92 -58.87 14.58
N GLN L 476 -66.64 -58.92 14.97
CA GLN L 476 -65.82 -57.72 15.22
C GLN L 476 -65.89 -56.73 14.05
N ASP L 477 -65.73 -57.29 12.85
CA ASP L 477 -65.78 -56.56 11.56
C ASP L 477 -67.18 -56.38 10.98
N GLY L 478 -68.21 -56.64 11.76
CA GLY L 478 -69.55 -56.84 11.23
C GLY L 478 -70.16 -55.63 10.57
N ASP L 479 -69.90 -54.46 11.15
CA ASP L 479 -70.41 -53.20 10.59
C ASP L 479 -69.85 -52.89 9.22
N VAL L 480 -68.64 -53.38 8.94
CA VAL L 480 -67.97 -53.12 7.68
C VAL L 480 -68.38 -54.13 6.62
N ILE L 481 -68.27 -55.44 6.94
CA ILE L 481 -68.55 -56.51 5.97
C ILE L 481 -70.01 -56.67 5.60
N ALA L 482 -70.91 -56.31 6.52
CA ALA L 482 -72.36 -56.40 6.28
C ALA L 482 -73.07 -55.20 6.90
N PRO L 483 -72.85 -54.01 6.34
CA PRO L 483 -73.36 -52.77 6.93
C PRO L 483 -74.88 -52.67 6.91
N LEU L 484 -75.51 -53.36 5.96
CA LEU L 484 -76.96 -53.35 5.85
C LEU L 484 -77.66 -54.30 6.83
N ILE L 485 -76.93 -55.23 7.44
CA ILE L 485 -77.53 -56.22 8.33
C ILE L 485 -77.41 -55.89 9.83
N THR L 486 -76.32 -55.26 10.23
CA THR L 486 -76.06 -55.00 11.66
C THR L 486 -77.06 -54.06 12.37
N PRO L 487 -77.66 -53.09 11.67
CA PRO L 487 -78.76 -52.37 12.34
C PRO L 487 -80.02 -53.21 12.66
N GLN L 488 -80.34 -54.25 11.88
CA GLN L 488 -81.46 -55.20 12.22
C GLN L 488 -81.46 -55.68 13.71
N LYS L 489 -80.30 -56.00 14.28
CA LYS L 489 -80.22 -56.49 15.68
C LYS L 489 -80.17 -55.33 16.70
N LYS L 490 -81.27 -55.16 17.47
CA LYS L 490 -81.37 -54.16 18.57
C LYS L 490 -80.24 -54.35 19.63
N GLU L 491 -79.97 -55.62 20.00
CA GLU L 491 -78.92 -55.98 20.99
C GLU L 491 -77.50 -55.47 20.63
N TRP L 492 -77.23 -55.15 19.35
CA TRP L 492 -75.90 -54.68 18.86
C TRP L 492 -75.83 -53.12 18.78
N MET M 9 42.42 7.69 -46.91
CA MET M 9 41.68 6.37 -46.72
C MET M 9 42.47 5.60 -45.68
N LYS M 10 41.74 4.80 -44.95
CA LYS M 10 42.37 3.94 -43.98
C LYS M 10 41.81 2.55 -44.09
N VAL M 11 42.67 1.53 -44.07
CA VAL M 11 42.22 0.15 -44.09
C VAL M 11 42.34 -0.32 -42.66
N ILE M 12 41.38 -1.11 -42.23
CA ILE M 12 41.33 -1.62 -40.88
C ILE M 12 40.80 -3.06 -40.88
N ASN M 13 41.43 -3.93 -40.09
CA ASN M 13 41.15 -5.37 -40.11
C ASN M 13 40.27 -5.84 -38.95
N ASP M 14 39.02 -6.07 -39.30
CA ASP M 14 37.99 -6.57 -38.39
C ASP M 14 37.93 -8.08 -38.58
N PRO M 15 37.86 -8.86 -37.49
CA PRO M 15 37.78 -10.30 -37.67
C PRO M 15 36.47 -10.79 -38.26
N ILE M 16 35.40 -10.03 -38.14
CA ILE M 16 34.13 -10.43 -38.72
C ILE M 16 34.10 -10.08 -40.18
N HIS M 17 34.41 -8.84 -40.53
CA HIS M 17 34.19 -8.35 -41.90
C HIS M 17 35.42 -8.32 -42.78
N GLY M 18 36.59 -8.51 -42.19
CA GLY M 18 37.82 -8.52 -42.95
C GLY M 18 38.39 -7.11 -43.04
N HIS M 19 39.12 -6.84 -44.13
CA HIS M 19 39.70 -5.52 -44.31
C HIS M 19 38.68 -4.56 -44.87
N ILE M 20 38.37 -3.52 -44.12
CA ILE M 20 37.36 -2.55 -44.53
C ILE M 20 38.02 -1.21 -44.70
N GLU M 21 37.49 -0.42 -45.64
CA GLU M 21 38.03 0.91 -45.91
C GLU M 21 37.23 1.97 -45.21
N LEU M 22 37.92 2.92 -44.60
CA LEU M 22 37.27 3.99 -43.88
C LEU M 22 37.65 5.29 -44.58
N HIS M 23 36.62 5.94 -45.12
CA HIS M 23 36.75 7.26 -45.71
C HIS M 23 37.26 8.27 -44.65
N PRO M 24 38.11 9.22 -45.06
CA PRO M 24 38.74 10.12 -44.09
C PRO M 24 37.80 10.83 -43.14
N LEU M 25 36.65 11.25 -43.65
CA LEU M 25 35.59 11.82 -42.82
C LEU M 25 35.20 10.88 -41.69
N LEU M 26 35.08 9.58 -41.97
CA LEU M 26 34.75 8.60 -40.95
C LEU M 26 35.87 8.48 -39.93
N VAL M 27 37.10 8.42 -40.41
CA VAL M 27 38.27 8.35 -39.53
C VAL M 27 38.25 9.51 -38.55
N ARG M 28 37.88 10.68 -39.06
CA ARG M 28 37.89 11.89 -38.27
C ARG M 28 36.84 11.88 -37.16
N ILE M 29 35.69 11.29 -37.45
CA ILE M 29 34.64 11.07 -36.48
C ILE M 29 35.08 10.02 -35.44
N ILE M 30 35.67 8.94 -35.94
CA ILE M 30 36.16 7.86 -35.10
C ILE M 30 37.21 8.32 -34.08
N ASP M 31 38.14 9.17 -34.49
CA ASP M 31 39.23 9.63 -33.63
C ASP M 31 38.84 10.84 -32.76
N THR M 32 37.86 10.61 -31.90
CA THR M 32 37.31 11.62 -31.00
C THR M 32 36.99 10.94 -29.69
N PRO M 33 37.10 11.65 -28.56
CA PRO M 33 36.80 11.03 -27.28
C PRO M 33 35.41 10.42 -27.20
N GLN M 34 34.44 10.99 -27.91
CA GLN M 34 33.05 10.56 -27.78
C GLN M 34 32.82 9.19 -28.41
N PHE M 35 33.59 8.90 -29.46
CA PHE M 35 33.52 7.65 -30.16
C PHE M 35 34.46 6.63 -29.53
N GLN M 36 35.70 7.01 -29.23
CA GLN M 36 36.66 6.07 -28.62
C GLN M 36 36.19 5.58 -27.27
N ARG M 37 35.36 6.37 -26.61
CA ARG M 37 34.64 5.94 -25.41
C ARG M 37 34.04 4.55 -25.53
N LEU M 38 33.55 4.19 -26.70
CA LEU M 38 32.94 2.87 -26.91
C LEU M 38 33.90 1.70 -26.81
N ARG M 39 35.21 1.94 -26.82
CA ARG M 39 36.18 0.88 -26.51
C ARG M 39 36.06 0.37 -25.08
N TYR M 40 35.49 1.17 -24.19
CA TYR M 40 35.43 0.82 -22.79
C TYR M 40 34.00 0.50 -22.31
N ILE M 41 33.14 0.06 -23.22
CA ILE M 41 31.79 -0.39 -22.90
C ILE M 41 31.53 -1.75 -23.57
N LYS M 42 31.29 -2.78 -22.76
CA LYS M 42 31.13 -4.13 -23.30
C LYS M 42 29.77 -4.35 -23.97
N GLN M 43 29.78 -5.10 -25.06
CA GLN M 43 28.60 -5.29 -25.92
C GLN M 43 27.49 -5.96 -25.15
N LEU M 44 27.84 -7.09 -24.54
CA LEU M 44 26.88 -7.95 -23.87
C LEU M 44 26.79 -7.72 -22.36
N GLY M 45 27.27 -6.57 -21.87
CA GLY M 45 27.20 -6.23 -20.45
C GLY M 45 27.82 -7.33 -19.61
N GLY M 46 27.04 -7.77 -18.63
CA GLY M 46 27.41 -8.90 -17.78
C GLY M 46 27.66 -10.25 -18.44
N GLY M 47 27.27 -10.41 -19.71
CA GLY M 47 27.47 -11.66 -20.40
C GLY M 47 28.90 -12.17 -20.41
N TYR M 48 29.88 -11.26 -20.40
CA TYR M 48 31.29 -11.68 -20.27
C TYR M 48 31.55 -12.53 -19.04
N TYR M 49 30.78 -12.33 -17.98
CA TYR M 49 30.96 -13.08 -16.75
C TYR M 49 30.34 -14.50 -16.81
N VAL M 50 29.68 -14.81 -17.91
CA VAL M 50 29.18 -16.16 -18.21
C VAL M 50 29.80 -16.76 -19.49
N PHE M 51 29.95 -15.97 -20.54
CA PHE M 51 30.64 -16.42 -21.76
C PHE M 51 31.98 -15.72 -21.80
N PRO M 52 33.06 -16.39 -21.37
CA PRO M 52 34.34 -15.70 -21.29
C PRO M 52 34.93 -15.27 -22.64
N GLY M 53 34.31 -15.68 -23.75
CA GLY M 53 34.72 -15.12 -25.04
C GLY M 53 34.32 -13.69 -25.27
N ALA M 54 33.20 -13.27 -24.63
CA ALA M 54 32.45 -12.02 -24.93
C ALA M 54 32.97 -10.73 -24.30
N SER M 55 34.30 -10.59 -24.40
CA SER M 55 35.07 -9.38 -24.10
C SER M 55 34.80 -8.20 -25.02
N HIS M 56 34.17 -8.47 -26.17
CA HIS M 56 33.96 -7.46 -27.21
C HIS M 56 33.13 -6.29 -26.74
N ASN M 57 33.54 -5.12 -27.26
CA ASN M 57 33.00 -3.83 -26.92
C ASN M 57 32.24 -3.17 -28.06
N ARG M 58 31.50 -2.13 -27.74
CA ARG M 58 30.71 -1.37 -28.71
C ARG M 58 31.48 -0.73 -29.84
N PHE M 59 32.72 -0.33 -29.56
CA PHE M 59 33.59 0.27 -30.57
C PHE M 59 33.59 -0.53 -31.87
N GLU M 60 33.98 -1.78 -31.75
CA GLU M 60 34.16 -2.61 -32.93
C GLU M 60 32.84 -3.01 -33.61
N HIS M 61 31.77 -3.14 -32.85
CA HIS M 61 30.40 -3.30 -33.39
C HIS M 61 30.04 -2.06 -34.18
N SER M 62 30.29 -0.90 -33.59
CA SER M 62 29.96 0.36 -34.19
C SER M 62 30.67 0.46 -35.57
N LEU M 63 31.96 0.14 -35.66
CA LEU M 63 32.63 0.13 -36.97
C LEU M 63 31.93 -0.78 -37.96
N GLY M 64 31.60 -1.98 -37.54
CA GLY M 64 31.01 -2.97 -38.42
C GLY M 64 29.64 -2.58 -38.94
N VAL M 65 28.85 -1.91 -38.11
CA VAL M 65 27.54 -1.44 -38.54
C VAL M 65 27.70 -0.37 -39.58
N GLY M 66 28.65 0.52 -39.34
CA GLY M 66 29.03 1.52 -40.31
C GLY M 66 29.41 0.91 -41.63
N TYR M 67 30.24 -0.13 -41.58
CA TYR M 67 30.71 -0.77 -42.79
C TYR M 67 29.59 -1.41 -43.58
N LEU M 68 28.75 -2.16 -42.89
CA LEU M 68 27.63 -2.86 -43.52
C LEU M 68 26.57 -1.91 -44.03
N ALA M 69 26.35 -0.82 -43.32
CA ALA M 69 25.48 0.24 -43.84
C ALA M 69 25.95 0.68 -45.22
N GLY M 70 27.25 0.92 -45.33
CA GLY M 70 27.90 1.22 -46.59
C GLY M 70 27.70 0.16 -47.66
N CYS M 71 27.85 -1.10 -47.30
CA CYS M 71 27.70 -2.17 -48.29
C CYS M 71 26.33 -2.22 -48.87
N LEU M 72 25.32 -2.08 -48.04
CA LEU M 72 23.95 -2.24 -48.49
C LEU M 72 23.56 -1.08 -49.38
N VAL M 73 23.80 0.15 -48.91
CA VAL M 73 23.46 1.32 -49.73
C VAL M 73 24.25 1.36 -51.02
N HIS M 74 25.53 0.98 -50.96
CA HIS M 74 26.38 0.96 -52.15
C HIS M 74 25.89 -0.09 -53.17
N ALA M 75 25.48 -1.26 -52.68
CA ALA M 75 24.97 -2.31 -53.53
C ALA M 75 23.67 -1.92 -54.19
N LEU M 76 22.75 -1.34 -53.43
CA LEU M 76 21.47 -0.91 -53.99
C LEU M 76 21.72 0.03 -55.15
N GLY M 77 22.74 0.89 -55.02
CA GLY M 77 23.11 1.88 -56.03
C GLY M 77 23.69 1.33 -57.30
N GLU M 78 24.55 0.31 -57.19
CA GLU M 78 25.07 -0.39 -58.38
C GLU M 78 23.95 -1.05 -59.16
N LYS M 79 23.14 -1.86 -58.47
CA LYS M 79 22.04 -2.61 -59.10
C LYS M 79 20.95 -1.67 -59.69
N GLN M 80 20.71 -0.49 -59.10
CA GLN M 80 19.64 0.44 -59.55
C GLN M 80 20.09 1.92 -59.59
N PRO M 81 20.74 2.34 -60.67
CA PRO M 81 21.16 3.74 -60.78
C PRO M 81 20.00 4.73 -60.71
N GLU M 82 18.83 4.36 -61.24
CA GLU M 82 17.63 5.23 -61.21
C GLU M 82 17.31 5.85 -59.85
N LEU M 83 17.71 5.19 -58.77
CA LEU M 83 17.49 5.70 -57.41
C LEU M 83 18.27 6.97 -57.06
N GLN M 84 19.36 7.19 -57.79
CA GLN M 84 20.20 8.40 -57.68
C GLN M 84 20.76 8.54 -56.30
N ILE M 85 21.46 7.49 -55.87
CA ILE M 85 22.10 7.45 -54.60
C ILE M 85 23.45 8.11 -54.82
N SER M 86 23.71 9.23 -54.14
CA SER M 86 24.99 9.96 -54.28
C SER M 86 26.00 9.47 -53.26
N GLU M 87 27.29 9.72 -53.48
CA GLU M 87 28.33 9.37 -52.48
C GLU M 87 28.16 10.18 -51.20
N ARG M 88 27.44 11.28 -51.31
CA ARG M 88 26.98 12.01 -50.15
C ARG M 88 25.98 11.19 -49.32
N ASP M 89 24.99 10.59 -49.97
CA ASP M 89 24.06 9.69 -49.30
C ASP M 89 24.79 8.55 -48.62
N VAL M 90 25.76 7.99 -49.31
CA VAL M 90 26.50 6.85 -48.79
C VAL M 90 27.25 7.22 -47.52
N LEU M 91 28.01 8.29 -47.56
CA LEU M 91 28.70 8.77 -46.37
C LEU M 91 27.76 9.00 -45.19
N CYS M 92 26.62 9.64 -45.46
CA CYS M 92 25.64 9.90 -44.40
C CYS M 92 25.10 8.62 -43.79
N VAL M 93 24.86 7.61 -44.60
CA VAL M 93 24.36 6.32 -44.11
C VAL M 93 25.46 5.63 -43.31
N GLN M 94 26.69 5.65 -43.80
CA GLN M 94 27.82 5.10 -43.06
C GLN M 94 28.00 5.77 -41.71
N ILE M 95 27.95 7.10 -41.70
CA ILE M 95 28.10 7.87 -40.46
C ILE M 95 27.01 7.50 -39.45
N ALA M 96 25.79 7.35 -39.91
CA ALA M 96 24.69 6.97 -39.03
C ALA M 96 24.95 5.62 -38.43
N GLY M 97 25.32 4.68 -39.27
CA GLY M 97 25.68 3.34 -38.83
C GLY M 97 26.81 3.33 -37.80
N LEU M 98 27.83 4.11 -38.08
CA LEU M 98 29.00 4.20 -37.23
C LEU M 98 28.65 4.75 -35.84
N CYS M 99 27.78 5.76 -35.83
CA CYS M 99 27.41 6.47 -34.60
C CYS M 99 26.09 6.00 -33.98
N HIS M 100 25.52 4.89 -34.44
CA HIS M 100 24.17 4.51 -34.02
C HIS M 100 24.10 4.14 -32.55
N ASP M 101 25.22 3.67 -31.99
CA ASP M 101 25.29 3.22 -30.59
C ASP M 101 26.16 4.12 -29.72
N LEU M 102 26.39 5.35 -30.16
CA LEU M 102 27.17 6.32 -29.38
C LEU M 102 26.70 6.58 -27.96
N GLY M 103 25.40 6.39 -27.73
CA GLY M 103 24.76 6.68 -26.46
C GLY M 103 24.49 5.52 -25.52
N HIS M 104 25.16 4.38 -25.72
CA HIS M 104 25.03 3.30 -24.78
C HIS M 104 25.75 3.65 -23.49
N GLY M 105 25.17 3.22 -22.38
CA GLY M 105 25.81 3.42 -21.08
C GLY M 105 26.74 2.30 -20.64
N PRO M 106 27.24 2.39 -19.40
CA PRO M 106 28.00 1.30 -18.82
C PRO M 106 27.24 -0.02 -18.89
N PHE M 107 27.92 -1.05 -19.35
CA PHE M 107 27.33 -2.37 -19.53
C PHE M 107 26.12 -2.37 -20.48
N SER M 108 26.21 -1.54 -21.50
CA SER M 108 25.27 -1.50 -22.60
C SER M 108 23.80 -1.44 -22.14
N HIS M 109 23.13 -2.60 -22.23
CA HIS M 109 21.67 -2.63 -22.11
C HIS M 109 21.22 -2.67 -20.66
N MET M 110 22.16 -2.94 -19.77
CA MET M 110 21.90 -2.85 -18.35
C MET M 110 21.55 -1.42 -17.97
N PHE M 111 22.26 -0.45 -18.58
CA PHE M 111 22.11 0.95 -18.23
C PHE M 111 20.75 1.55 -18.59
N ASP M 112 20.36 1.48 -19.86
CA ASP M 112 19.05 1.97 -20.29
C ASP M 112 17.91 1.05 -19.87
N GLY M 113 18.22 -0.23 -19.67
CA GLY M 113 17.21 -1.27 -19.43
C GLY M 113 16.86 -1.52 -17.98
N ARG M 114 17.86 -1.55 -17.10
CA ARG M 114 17.64 -1.77 -15.65
C ARG M 114 17.89 -0.56 -14.80
N PHE M 115 19.08 0.04 -14.96
CA PHE M 115 19.56 1.05 -14.02
C PHE M 115 18.77 2.37 -14.03
N ILE M 116 18.76 3.05 -15.17
CA ILE M 116 18.10 4.34 -15.28
C ILE M 116 16.61 4.24 -14.92
N PRO M 117 15.90 3.21 -15.40
CA PRO M 117 14.50 3.09 -14.97
C PRO M 117 14.28 2.98 -13.47
N LEU M 118 15.25 2.42 -12.75
CA LEU M 118 15.17 2.34 -11.29
C LEU M 118 15.65 3.60 -10.58
N ALA M 119 16.76 4.16 -11.03
CA ALA M 119 17.32 5.35 -10.41
C ALA M 119 16.51 6.61 -10.65
N ARG M 120 15.91 6.73 -11.84
CA ARG M 120 15.13 7.90 -12.23
C ARG M 120 13.87 7.50 -13.00
N PRO M 121 12.84 7.04 -12.25
CA PRO M 121 11.60 6.55 -12.86
C PRO M 121 10.80 7.62 -13.63
N GLU M 122 10.97 8.89 -13.25
CA GLU M 122 10.33 10.02 -13.96
C GLU M 122 10.75 10.16 -15.45
N VAL M 123 11.96 9.76 -15.84
CA VAL M 123 12.43 10.01 -17.22
C VAL M 123 12.11 8.82 -18.11
N LYS M 124 11.71 9.10 -19.35
CA LYS M 124 11.74 8.11 -20.44
C LYS M 124 13.08 8.37 -21.18
N TRP M 125 14.09 7.51 -20.97
CA TRP M 125 15.42 7.64 -21.62
C TRP M 125 15.85 6.36 -22.31
N THR M 126 16.27 6.48 -23.58
CA THR M 126 16.71 5.33 -24.37
C THR M 126 18.16 5.50 -24.83
N HIS M 127 18.84 4.41 -25.11
CA HIS M 127 20.22 4.48 -25.60
C HIS M 127 20.27 5.24 -26.94
N GLU M 128 19.23 5.09 -27.75
CA GLU M 128 19.11 5.80 -29.02
C GLU M 128 19.11 7.31 -28.86
N GLN M 129 18.28 7.83 -27.97
CA GLN M 129 18.23 9.28 -27.72
C GLN M 129 19.59 9.80 -27.34
N GLY M 130 20.27 9.00 -26.53
CA GLY M 130 21.63 9.30 -26.12
C GLY M 130 22.55 9.40 -27.32
N SER M 131 22.42 8.48 -28.26
CA SER M 131 23.21 8.51 -29.49
C SER M 131 23.06 9.83 -30.25
N VAL M 132 21.84 10.32 -30.37
CA VAL M 132 21.59 11.61 -31.02
C VAL M 132 22.30 12.75 -30.28
N MET M 133 22.14 12.79 -28.96
CA MET M 133 22.76 13.83 -28.16
C MET M 133 24.27 13.80 -28.22
N MET M 134 24.81 12.59 -28.11
CA MET M 134 26.25 12.38 -28.11
C MET M 134 26.83 12.64 -29.50
N PHE M 135 26.06 12.37 -30.55
CA PHE M 135 26.48 12.72 -31.91
C PHE M 135 26.62 14.23 -32.05
N GLU M 136 25.58 14.96 -31.65
CA GLU M 136 25.63 16.41 -31.62
C GLU M 136 26.87 16.90 -30.87
N HIS M 137 27.11 16.36 -29.67
CA HIS M 137 28.26 16.77 -28.86
C HIS M 137 29.56 16.46 -29.58
N LEU M 138 29.65 15.31 -30.23
CA LEU M 138 30.85 14.90 -30.96
C LEU M 138 31.16 15.86 -32.09
N ILE M 139 30.14 16.17 -32.88
CA ILE M 139 30.22 17.10 -33.99
C ILE M 139 30.74 18.47 -33.53
N ASN M 140 30.08 19.04 -32.53
CA ASN M 140 30.36 20.41 -32.10
C ASN M 140 31.71 20.55 -31.42
N SER M 141 32.03 19.63 -30.53
CA SER M 141 33.30 19.72 -29.80
C SER M 141 34.55 19.37 -30.64
N ASN M 142 34.41 18.65 -31.76
CA ASN M 142 35.58 18.31 -32.60
C ASN M 142 35.63 18.96 -33.98
N GLY M 143 34.90 20.06 -34.17
CA GLY M 143 34.91 20.82 -35.43
C GLY M 143 34.72 20.00 -36.68
N ILE M 144 33.68 19.19 -36.70
CA ILE M 144 33.42 18.23 -37.79
C ILE M 144 32.67 18.90 -38.94
N LYS M 145 31.82 19.87 -38.62
CA LYS M 145 31.03 20.52 -39.66
C LYS M 145 31.85 21.01 -40.89
N PRO M 146 33.00 21.70 -40.68
CA PRO M 146 33.86 22.07 -41.81
C PRO M 146 34.38 20.89 -42.62
N VAL M 147 34.68 19.79 -41.93
CA VAL M 147 35.19 18.58 -42.58
C VAL M 147 34.07 17.90 -43.39
N MET M 148 32.85 17.91 -42.87
CA MET M 148 31.72 17.40 -43.64
C MET M 148 31.58 18.17 -44.96
N GLU M 149 31.62 19.49 -44.86
CA GLU M 149 31.54 20.37 -46.03
C GLU M 149 32.64 20.08 -47.02
N GLN M 150 33.84 19.86 -46.50
CA GLN M 150 35.00 19.54 -47.33
C GLN M 150 34.76 18.35 -48.26
N TYR M 151 34.03 17.35 -47.80
CA TYR M 151 33.73 16.16 -48.61
C TYR M 151 32.33 16.17 -49.18
N GLY M 152 31.74 17.35 -49.35
CA GLY M 152 30.50 17.49 -50.11
C GLY M 152 29.20 17.32 -49.36
N LEU M 153 29.25 17.14 -48.04
CA LEU M 153 28.01 17.10 -47.26
C LEU M 153 27.46 18.51 -47.02
N ILE M 154 26.20 18.59 -46.64
CA ILE M 154 25.57 19.84 -46.24
C ILE M 154 25.08 19.66 -44.82
N PRO M 155 25.88 20.10 -43.83
CA PRO M 155 25.58 19.83 -42.42
C PRO M 155 24.14 20.13 -41.96
N GLU M 156 23.55 21.25 -42.37
CA GLU M 156 22.14 21.55 -42.00
C GLU M 156 21.25 20.31 -42.24
N GLU M 157 21.14 19.90 -43.50
CA GLU M 157 20.33 18.76 -43.94
C GLU M 157 20.83 17.42 -43.44
N ASP M 158 22.12 17.19 -43.56
CA ASP M 158 22.68 15.85 -43.34
C ASP M 158 22.76 15.45 -41.88
N ILE M 159 23.09 16.38 -41.00
CA ILE M 159 23.09 16.06 -39.58
C ILE M 159 21.68 15.68 -39.14
N CYS M 160 20.68 16.35 -39.69
CA CYS M 160 19.30 15.96 -39.42
C CYS M 160 19.01 14.52 -39.92
N PHE M 161 19.39 14.25 -41.16
CA PHE M 161 19.25 12.92 -41.78
C PHE M 161 19.96 11.82 -40.98
N ILE M 162 21.13 12.11 -40.45
CA ILE M 162 21.87 11.14 -39.65
C ILE M 162 21.10 10.86 -38.36
N LYS M 163 20.72 11.91 -37.65
CA LYS M 163 19.96 11.75 -36.41
C LYS M 163 18.64 11.00 -36.64
N GLU M 164 17.97 11.31 -37.74
CA GLU M 164 16.69 10.67 -38.07
C GLU M 164 16.86 9.18 -38.35
N GLN M 165 17.95 8.78 -38.98
CA GLN M 165 18.23 7.36 -39.19
C GLN M 165 18.28 6.63 -37.87
N ILE M 166 18.87 7.28 -36.86
CA ILE M 166 19.12 6.66 -35.56
C ILE M 166 17.88 6.51 -34.68
N VAL M 167 17.13 7.60 -34.49
CA VAL M 167 15.94 7.58 -33.62
C VAL M 167 14.58 7.73 -34.30
N GLY M 168 14.54 7.81 -35.64
CA GLY M 168 13.27 8.07 -36.33
C GLY M 168 12.89 9.55 -36.29
N LYS M 182 12.43 15.28 -42.30
CA LYS M 182 12.93 16.53 -42.84
C LYS M 182 14.30 16.33 -43.50
N GLY M 183 14.99 15.21 -43.21
CA GLY M 183 16.37 15.00 -43.69
C GLY M 183 16.52 14.64 -45.16
N ARG M 184 15.61 13.83 -45.67
CA ARG M 184 15.54 13.44 -47.08
C ARG M 184 14.08 13.40 -47.55
N PRO M 185 13.85 13.47 -48.87
CA PRO M 185 12.48 13.33 -49.41
C PRO M 185 11.99 11.87 -49.50
N GLU M 186 10.71 11.71 -49.86
CA GLU M 186 10.06 10.38 -49.96
C GLU M 186 10.69 9.44 -50.98
N ASN M 187 11.27 10.03 -52.04
CA ASN M 187 11.94 9.24 -53.11
C ASN M 187 13.27 8.61 -52.66
N LYS M 188 13.68 8.87 -51.41
CA LYS M 188 14.79 8.18 -50.80
C LYS M 188 14.47 7.60 -49.43
N SER M 189 13.21 7.22 -49.20
CA SER M 189 12.81 6.62 -47.93
C SER M 189 13.52 5.32 -47.59
N PHE M 190 13.95 4.58 -48.60
CA PHE M 190 14.71 3.37 -48.38
C PHE M 190 15.98 3.60 -47.58
N LEU M 191 16.59 4.77 -47.68
CA LEU M 191 17.80 5.04 -46.89
C LEU M 191 17.56 4.94 -45.38
N TYR M 192 16.34 5.23 -44.95
CA TYR M 192 15.96 5.12 -43.53
C TYR M 192 15.78 3.67 -43.03
N GLU M 193 15.69 2.71 -43.94
CA GLU M 193 15.55 1.30 -43.60
C GLU M 193 16.90 0.53 -43.53
N ILE M 194 18.04 1.23 -43.50
CA ILE M 194 19.34 0.56 -43.53
C ILE M 194 19.94 0.38 -42.13
N VAL M 195 20.14 1.46 -41.39
CA VAL M 195 20.78 1.36 -40.08
C VAL M 195 19.82 0.94 -38.97
N SER M 196 18.60 1.46 -38.98
CA SER M 196 17.59 1.13 -37.97
C SER M 196 16.20 1.15 -38.59
N ASN M 197 15.71 -0.04 -38.89
CA ASN M 197 14.50 -0.27 -39.70
C ASN M 197 13.26 -0.26 -38.83
N LYS M 198 12.56 0.86 -38.80
CA LYS M 198 11.34 0.98 -37.98
C LYS M 198 10.19 0.15 -38.54
N ARG M 199 10.21 -0.16 -39.84
CA ARG M 199 9.09 -0.85 -40.47
C ARG M 199 8.96 -2.30 -40.06
N ASN M 200 10.07 -3.03 -40.14
CA ASN M 200 10.11 -4.48 -39.86
C ASN M 200 11.30 -4.98 -39.02
N GLY M 201 12.35 -4.19 -38.88
CA GLY M 201 13.47 -4.57 -38.03
C GLY M 201 14.64 -5.18 -38.75
N ILE M 202 14.53 -5.42 -40.06
CA ILE M 202 15.63 -5.99 -40.82
C ILE M 202 16.60 -4.84 -41.14
N ASP M 203 17.66 -4.75 -40.35
CA ASP M 203 18.65 -3.68 -40.46
C ASP M 203 20.07 -4.23 -40.31
N VAL M 204 21.06 -3.44 -40.70
CA VAL M 204 22.45 -3.91 -40.68
C VAL M 204 23.04 -3.98 -39.26
N ASP M 205 22.41 -3.32 -38.31
CA ASP M 205 22.79 -3.43 -36.90
C ASP M 205 22.68 -4.87 -36.48
N LYS M 206 21.53 -5.50 -36.76
CA LYS M 206 21.34 -6.93 -36.44
C LYS M 206 22.40 -7.78 -37.11
N TRP M 207 22.66 -7.51 -38.38
CA TRP M 207 23.54 -8.36 -39.15
C TRP M 207 24.95 -8.38 -38.60
N ASP M 208 25.42 -7.25 -38.10
CA ASP M 208 26.74 -7.22 -37.51
C ASP M 208 26.75 -7.97 -36.19
N TYR M 209 25.78 -7.70 -35.33
CA TYR M 209 25.83 -8.30 -34.00
C TYR M 209 25.59 -9.81 -34.02
N PHE M 210 24.76 -10.29 -34.94
CA PHE M 210 24.59 -11.73 -35.11
C PHE M 210 25.96 -12.38 -35.31
N ALA M 211 26.67 -11.88 -36.30
CA ALA M 211 27.95 -12.44 -36.69
C ALA M 211 28.99 -12.25 -35.60
N ARG M 212 29.03 -11.06 -35.02
CA ARG M 212 30.06 -10.71 -34.06
C ARG M 212 29.83 -11.38 -32.72
N ASP M 213 28.61 -11.33 -32.21
CA ASP M 213 28.32 -11.93 -30.91
C ASP M 213 28.55 -13.42 -31.03
N CYS M 214 28.07 -14.05 -32.09
CA CYS M 214 28.39 -15.46 -32.31
C CYS M 214 29.91 -15.76 -32.28
N HIS M 215 30.70 -14.94 -32.95
CA HIS M 215 32.15 -15.16 -33.05
C HIS M 215 32.78 -15.27 -31.67
N HIS M 216 32.42 -14.32 -30.82
CA HIS M 216 32.96 -14.21 -29.47
C HIS M 216 32.22 -15.13 -28.48
N LEU M 217 30.93 -15.39 -28.67
CA LEU M 217 30.17 -16.20 -27.72
C LEU M 217 30.54 -17.67 -27.76
N GLY M 218 30.88 -18.19 -28.93
CA GLY M 218 31.08 -19.64 -29.12
C GLY M 218 29.84 -20.36 -29.58
N ILE M 219 29.06 -19.67 -30.40
CA ILE M 219 27.87 -20.19 -31.06
C ILE M 219 28.02 -19.83 -32.56
N GLN M 220 27.78 -20.78 -33.48
CA GLN M 220 27.74 -20.44 -34.92
C GLN M 220 26.34 -19.84 -35.24
N ASN M 221 26.39 -18.94 -36.22
CA ASN M 221 25.31 -18.04 -36.61
C ASN M 221 24.55 -18.68 -37.80
N ASN M 222 23.22 -18.74 -37.72
CA ASN M 222 22.48 -19.38 -38.83
C ASN M 222 22.23 -18.51 -40.09
N PHE M 223 22.58 -17.23 -40.09
CA PHE M 223 22.03 -16.24 -41.04
C PHE M 223 23.05 -15.58 -41.95
N ASP M 224 22.72 -15.46 -43.24
CA ASP M 224 23.63 -14.96 -44.28
C ASP M 224 23.23 -13.55 -44.75
N TYR M 225 23.84 -12.52 -44.17
CA TYR M 225 23.54 -11.13 -44.58
C TYR M 225 23.94 -10.86 -46.02
N LYS M 226 25.05 -11.44 -46.44
CA LYS M 226 25.57 -11.21 -47.77
C LYS M 226 24.60 -11.63 -48.84
N ARG M 227 23.91 -12.73 -48.59
CA ARG M 227 22.90 -13.25 -49.51
C ARG M 227 21.71 -12.33 -49.56
N PHE M 228 21.29 -11.79 -48.41
CA PHE M 228 20.19 -10.85 -48.38
C PHE M 228 20.47 -9.61 -49.24
N ILE M 229 21.69 -9.09 -49.11
CA ILE M 229 22.16 -7.98 -49.94
C ILE M 229 22.10 -8.31 -51.42
N LYS M 230 22.48 -9.51 -51.83
CA LYS M 230 22.41 -9.86 -53.25
C LYS M 230 20.97 -9.94 -53.75
N PHE M 231 20.02 -10.25 -52.89
CA PHE M 231 18.63 -10.34 -53.29
C PHE M 231 17.80 -9.18 -52.71
N ALA M 232 18.41 -8.02 -52.54
CA ALA M 232 17.69 -6.85 -52.07
C ALA M 232 17.46 -5.94 -53.26
N ARG M 233 16.43 -5.13 -53.17
CA ARG M 233 15.99 -4.32 -54.27
C ARG M 233 15.00 -3.25 -53.81
N VAL M 234 14.98 -2.10 -54.47
CA VAL M 234 14.05 -1.04 -54.10
C VAL M 234 12.91 -1.00 -55.07
N CYS M 235 11.68 -0.95 -54.56
CA CYS M 235 10.47 -0.88 -55.38
C CYS M 235 9.51 0.08 -54.77
N GLU M 236 8.51 0.47 -55.55
CA GLU M 236 7.48 1.36 -55.06
C GLU M 236 6.43 0.62 -54.27
N VAL M 237 6.22 1.02 -53.02
CA VAL M 237 5.10 0.51 -52.20
C VAL M 237 4.36 1.70 -51.60
N ASP M 238 3.10 1.89 -52.03
CA ASP M 238 2.23 2.95 -51.51
C ASP M 238 2.93 4.30 -51.68
N ASN M 239 3.27 4.64 -52.91
CA ASN M 239 3.85 5.98 -53.26
C ASN M 239 5.16 6.32 -52.55
N GLU M 240 5.97 5.31 -52.25
CA GLU M 240 7.14 5.46 -51.41
C GLU M 240 8.13 4.35 -51.76
N LEU M 241 9.40 4.70 -51.99
CA LEU M 241 10.39 3.70 -52.41
C LEU M 241 11.02 2.94 -51.23
N ARG M 242 10.74 1.63 -51.10
CA ARG M 242 11.28 0.82 -49.98
C ARG M 242 12.11 -0.38 -50.40
N ILE M 243 12.94 -0.88 -49.48
CA ILE M 243 13.72 -2.10 -49.70
C ILE M 243 12.79 -3.32 -49.70
N CYS M 244 12.90 -4.13 -50.74
CA CYS M 244 12.16 -5.38 -50.85
C CYS M 244 13.10 -6.55 -50.99
N ALA M 245 12.68 -7.71 -50.50
CA ALA M 245 13.44 -8.95 -50.61
C ALA M 245 12.77 -9.85 -51.63
N ARG M 246 13.53 -10.80 -52.15
CA ARG M 246 12.97 -11.69 -53.15
C ARG M 246 12.01 -12.67 -52.54
N ASP M 247 10.96 -12.99 -53.29
CA ASP M 247 9.92 -13.88 -52.79
C ASP M 247 10.48 -15.15 -52.12
N LYS M 248 11.35 -15.88 -52.80
CA LYS M 248 11.83 -17.14 -52.28
C LYS M 248 12.63 -16.97 -50.94
N GLU M 249 13.22 -15.79 -50.70
CA GLU M 249 13.96 -15.54 -49.45
C GLU M 249 13.11 -15.40 -48.17
N VAL M 250 11.78 -15.42 -48.30
CA VAL M 250 10.92 -15.25 -47.14
C VAL M 250 11.26 -16.22 -46.03
N GLY M 251 11.58 -17.47 -46.37
CA GLY M 251 12.02 -18.47 -45.42
C GLY M 251 13.20 -18.02 -44.57
N ASN M 252 14.23 -17.51 -45.23
CA ASN M 252 15.43 -17.00 -44.56
C ASN M 252 15.18 -15.82 -43.63
N LEU M 253 14.14 -15.05 -43.91
CA LEU M 253 13.77 -13.94 -43.05
C LEU M 253 13.09 -14.39 -41.77
N TYR M 254 12.18 -15.37 -41.84
CA TYR M 254 11.63 -15.96 -40.61
C TYR M 254 12.78 -16.56 -39.79
N ASP M 255 13.77 -17.15 -40.47
CA ASP M 255 14.95 -17.72 -39.81
C ASP M 255 15.87 -16.66 -39.19
N MET M 256 15.85 -15.45 -39.72
CA MET M 256 16.62 -14.35 -39.14
C MET M 256 16.09 -14.04 -37.76
N PHE M 257 14.78 -13.90 -37.63
CA PHE M 257 14.19 -13.54 -36.36
C PHE M 257 14.22 -14.70 -35.38
N HIS M 258 14.19 -15.93 -35.90
CA HIS M 258 14.39 -17.12 -35.06
C HIS M 258 15.81 -17.10 -34.49
N THR M 259 16.80 -16.84 -35.33
CA THR M 259 18.17 -16.71 -34.90
C THR M 259 18.28 -15.68 -33.78
N ARG M 260 17.61 -14.54 -33.94
CA ARG M 260 17.66 -13.50 -32.94
C ARG M 260 17.12 -13.98 -31.61
N ASN M 261 15.91 -14.53 -31.62
CA ASN M 261 15.28 -15.04 -30.40
C ASN M 261 16.13 -16.12 -29.78
N SER M 262 16.71 -16.98 -30.62
CA SER M 262 17.64 -18.00 -30.15
C SER M 262 18.85 -17.42 -29.42
N LEU M 263 19.47 -16.37 -29.96
CA LEU M 263 20.58 -15.72 -29.26
C LEU M 263 20.15 -15.04 -27.96
N HIS M 264 18.91 -14.58 -27.88
CA HIS M 264 18.40 -14.02 -26.63
C HIS M 264 18.25 -15.10 -25.59
N ARG M 265 17.71 -16.25 -25.99
CA ARG M 265 17.53 -17.32 -25.04
C ARG M 265 18.83 -17.91 -24.56
N ARG M 266 19.77 -18.08 -25.46
CA ARG M 266 21.00 -18.73 -25.07
C ARG M 266 21.94 -17.87 -24.31
N ALA M 267 22.09 -16.61 -24.74
CA ALA M 267 23.15 -15.74 -24.27
C ALA M 267 22.64 -14.47 -23.65
N TYR M 268 21.96 -13.62 -24.41
CA TYR M 268 21.69 -12.26 -23.93
C TYR M 268 20.83 -12.20 -22.65
N GLN M 269 19.86 -13.12 -22.55
CA GLN M 269 18.99 -13.25 -21.38
C GLN M 269 19.36 -14.47 -20.50
N HIS M 270 20.60 -14.95 -20.58
CA HIS M 270 21.05 -16.10 -19.78
C HIS M 270 20.81 -15.83 -18.31
N LYS M 271 20.25 -16.82 -17.61
CA LYS M 271 19.76 -16.62 -16.24
C LYS M 271 20.80 -16.03 -15.26
N VAL M 272 22.06 -16.41 -15.40
CA VAL M 272 23.14 -15.87 -14.57
C VAL M 272 23.68 -14.56 -15.14
N GLY M 273 23.72 -14.42 -16.45
CA GLY M 273 24.11 -13.16 -17.03
C GLY M 273 23.24 -12.03 -16.53
N ASN M 274 21.94 -12.28 -16.54
CA ASN M 274 20.96 -11.32 -16.05
C ASN M 274 21.07 -11.07 -14.54
N ILE M 275 21.42 -12.06 -13.76
CA ILE M 275 21.55 -11.82 -12.31
C ILE M 275 22.81 -11.00 -12.04
N ILE M 276 23.86 -11.20 -12.80
CA ILE M 276 25.02 -10.35 -12.67
C ILE M 276 24.71 -8.91 -13.07
N ASP M 277 23.93 -8.75 -14.14
CA ASP M 277 23.43 -7.42 -14.51
C ASP M 277 22.66 -6.81 -13.35
N THR M 278 21.70 -7.52 -12.76
CA THR M 278 20.89 -6.92 -11.67
C THR M 278 21.80 -6.57 -10.48
N MET M 279 22.84 -7.34 -10.22
CA MET M 279 23.76 -7.08 -9.12
C MET M 279 24.64 -5.87 -9.34
N ILE M 280 25.15 -5.72 -10.56
CA ILE M 280 25.91 -4.53 -10.91
C ILE M 280 25.00 -3.30 -10.79
N THR M 281 23.80 -3.39 -11.36
CA THR M 281 22.81 -2.31 -11.28
C THR M 281 22.53 -1.95 -9.83
N ASP M 282 22.38 -2.96 -9.01
CA ASP M 282 22.18 -2.78 -7.57
C ASP M 282 23.32 -1.98 -6.93
N ALA M 283 24.55 -2.33 -7.29
CA ALA M 283 25.73 -1.66 -6.79
C ALA M 283 25.81 -0.23 -7.26
N PHE M 284 25.46 0.03 -8.53
CA PHE M 284 25.42 1.41 -9.03
C PHE M 284 24.43 2.21 -8.23
N LEU M 285 23.22 1.68 -8.02
CA LEU M 285 22.21 2.37 -7.24
C LEU M 285 22.72 2.78 -5.86
N LYS M 286 23.46 1.89 -5.19
CA LYS M 286 24.01 2.20 -3.85
C LYS M 286 25.18 3.15 -3.86
N ALA M 287 25.89 3.21 -4.98
CA ALA M 287 26.98 4.17 -5.16
C ALA M 287 26.55 5.50 -5.80
N ASP M 288 25.29 5.62 -6.21
CA ASP M 288 24.87 6.74 -7.08
C ASP M 288 25.04 8.07 -6.39
N ASP M 289 24.59 8.13 -5.15
CA ASP M 289 24.68 9.33 -4.30
C ASP M 289 26.11 9.85 -4.11
N TYR M 290 27.11 8.96 -4.11
CA TYR M 290 28.46 9.33 -3.69
C TYR M 290 29.52 9.43 -4.79
N ILE M 291 29.20 9.13 -6.04
CA ILE M 291 30.17 9.27 -7.12
C ILE M 291 29.89 10.50 -7.93
N GLU M 292 30.91 11.36 -8.05
CA GLU M 292 30.88 12.60 -8.84
C GLU M 292 31.60 12.42 -10.19
N ILE M 293 31.02 13.00 -11.24
CA ILE M 293 31.61 13.02 -12.59
C ILE M 293 31.55 14.46 -13.11
N THR M 294 32.69 15.01 -13.50
CA THR M 294 32.77 16.42 -13.89
C THR M 294 32.28 16.56 -15.32
N GLY M 295 31.37 17.51 -15.51
CA GLY M 295 30.80 17.77 -16.82
C GLY M 295 31.11 19.19 -17.28
N ALA M 296 30.19 19.73 -18.07
CA ALA M 296 30.38 20.97 -18.78
C ALA M 296 30.35 22.11 -17.76
N GLY M 297 31.33 23.00 -17.89
CA GLY M 297 31.52 24.11 -16.99
C GLY M 297 31.91 23.71 -15.57
N GLY M 298 32.42 22.49 -15.41
CA GLY M 298 32.76 21.96 -14.10
C GLY M 298 31.61 21.54 -13.19
N LYS M 299 30.33 21.58 -13.65
CA LYS M 299 29.20 21.10 -12.84
C LYS M 299 29.43 19.62 -12.48
N LYS M 300 29.06 19.19 -11.27
CA LYS M 300 29.24 17.78 -10.86
C LYS M 300 27.96 16.99 -11.13
N TYR M 301 28.11 15.85 -11.80
CA TYR M 301 26.99 14.97 -12.09
C TYR M 301 27.15 13.62 -11.42
N ARG M 302 26.02 13.01 -11.07
CA ARG M 302 25.97 11.65 -10.53
C ARG M 302 25.81 10.67 -11.69
N ILE M 303 25.96 9.37 -11.43
CA ILE M 303 25.85 8.37 -12.49
C ILE M 303 24.50 8.44 -13.20
N SER M 304 23.43 8.56 -12.44
CA SER M 304 22.08 8.68 -13.01
C SER M 304 21.80 9.99 -13.75
N THR M 305 22.55 11.04 -13.43
CA THR M 305 22.35 12.35 -14.08
C THR M 305 23.37 12.70 -15.17
N ALA M 306 24.39 11.86 -15.37
CA ALA M 306 25.34 12.10 -16.44
C ALA M 306 24.69 12.09 -17.81
N ILE M 307 23.58 11.38 -17.96
CA ILE M 307 22.82 11.41 -19.21
C ILE M 307 22.27 12.79 -19.60
N ASP M 308 22.15 13.69 -18.63
CA ASP M 308 21.70 15.04 -18.92
C ASP M 308 22.78 15.97 -19.50
N ASP M 309 24.06 15.60 -19.35
CA ASP M 309 25.16 16.40 -19.90
C ASP M 309 26.22 15.53 -20.57
N MET M 310 26.38 15.69 -21.88
CA MET M 310 27.18 14.79 -22.69
C MET M 310 28.67 14.84 -22.43
N GLU M 311 29.16 15.94 -21.89
CA GLU M 311 30.58 16.00 -21.55
C GLU M 311 30.89 15.12 -20.36
N ALA M 312 29.93 15.05 -19.42
CA ALA M 312 30.01 14.14 -18.30
C ALA M 312 29.84 12.69 -18.76
N TYR M 313 28.81 12.45 -19.57
CA TYR M 313 28.51 11.10 -20.07
C TYR M 313 29.66 10.48 -20.85
N THR M 314 30.46 11.31 -21.50
CA THR M 314 31.66 10.84 -22.19
C THR M 314 32.63 10.06 -21.26
N LYS M 315 32.68 10.47 -19.99
CA LYS M 315 33.57 9.86 -19.02
C LYS M 315 32.92 8.70 -18.27
N LEU M 316 31.66 8.37 -18.59
CA LEU M 316 30.92 7.31 -17.90
C LEU M 316 30.89 6.02 -18.70
N THR M 317 31.69 5.05 -18.29
CA THR M 317 31.83 3.79 -19.05
C THR M 317 31.85 2.62 -18.05
N ASP M 318 32.22 1.43 -18.51
CA ASP M 318 32.41 0.25 -17.63
C ASP M 318 33.47 0.47 -16.53
N ASN M 319 34.35 1.45 -16.71
CA ASN M 319 35.25 1.91 -15.66
C ASN M 319 34.57 1.97 -14.31
N ILE M 320 33.35 2.49 -14.31
CA ILE M 320 32.65 2.80 -13.07
C ILE M 320 32.61 1.58 -12.14
N PHE M 321 32.46 0.40 -12.74
CA PHE M 321 32.50 -0.88 -12.03
C PHE M 321 33.78 -0.98 -11.20
N LEU M 322 34.92 -0.81 -11.85
CA LEU M 322 36.20 -0.92 -11.17
C LEU M 322 36.49 0.24 -10.22
N GLU M 323 35.98 1.44 -10.53
CA GLU M 323 36.14 2.59 -9.64
C GLU M 323 35.47 2.28 -8.31
N ILE M 324 34.26 1.72 -8.37
CA ILE M 324 33.53 1.25 -7.18
C ILE M 324 34.29 0.16 -6.48
N LEU M 325 34.74 -0.84 -7.24
CA LEU M 325 35.44 -2.01 -6.67
C LEU M 325 36.72 -1.66 -5.93
N TYR M 326 37.51 -0.77 -6.51
CA TYR M 326 38.80 -0.38 -5.94
C TYR M 326 38.71 0.69 -4.86
N SER M 327 37.56 1.32 -4.70
CA SER M 327 37.44 2.48 -3.80
C SER M 327 37.64 2.14 -2.36
N THR M 328 37.99 3.17 -1.59
CA THR M 328 38.15 3.08 -0.13
C THR M 328 37.19 3.95 0.70
N ASP M 329 36.42 4.82 0.03
CA ASP M 329 35.46 5.68 0.73
C ASP M 329 34.46 4.81 1.50
N PRO M 330 34.31 5.04 2.82
CA PRO M 330 33.29 4.28 3.57
C PRO M 330 31.84 4.45 3.06
N LYS M 331 31.52 5.55 2.37
CA LYS M 331 30.20 5.76 1.80
C LYS M 331 29.89 4.78 0.67
N LEU M 332 30.93 4.29 -0.01
CA LEU M 332 30.78 3.28 -1.06
C LEU M 332 30.84 1.83 -0.59
N LYS M 333 31.05 1.58 0.70
CA LYS M 333 31.24 0.19 1.23
C LYS M 333 30.10 -0.73 0.86
N ASP M 334 28.85 -0.24 0.93
CA ASP M 334 27.68 -1.03 0.52
C ASP M 334 27.74 -1.47 -0.94
N ALA M 335 28.06 -0.53 -1.83
CA ALA M 335 28.16 -0.81 -3.25
C ALA M 335 29.36 -1.73 -3.56
N ARG M 336 30.50 -1.43 -2.96
CA ARG M 336 31.70 -2.21 -3.14
C ARG M 336 31.54 -3.68 -2.68
N GLU M 337 30.73 -3.90 -1.64
CA GLU M 337 30.51 -5.25 -1.13
C GLU M 337 29.76 -6.14 -2.12
N ILE M 338 28.82 -5.54 -2.84
CA ILE M 338 28.06 -6.26 -3.84
C ILE M 338 29.01 -6.71 -4.93
N LEU M 339 29.80 -5.78 -5.46
CA LEU M 339 30.75 -6.11 -6.51
C LEU M 339 31.77 -7.15 -6.06
N LYS M 340 32.18 -7.09 -4.79
CA LYS M 340 33.09 -8.10 -4.26
C LYS M 340 32.42 -9.50 -4.20
N GLN M 341 31.11 -9.55 -3.94
CA GLN M 341 30.38 -10.81 -4.00
C GLN M 341 30.31 -11.41 -5.40
N ILE M 342 30.40 -10.58 -6.42
CA ILE M 342 30.47 -11.06 -7.81
C ILE M 342 31.86 -11.69 -8.12
N GLU M 343 32.92 -11.17 -7.51
CA GLU M 343 34.25 -11.75 -7.69
C GLU M 343 34.28 -13.17 -7.11
N TYR M 344 33.85 -13.28 -5.86
CA TYR M 344 33.79 -14.55 -5.14
C TYR M 344 32.68 -15.48 -5.64
N ARG M 345 31.76 -14.98 -6.47
CA ARG M 345 30.72 -15.79 -7.08
C ARG M 345 29.62 -16.20 -6.10
N ASN M 346 29.37 -15.35 -5.09
CA ASN M 346 28.19 -15.46 -4.22
C ASN M 346 27.07 -14.70 -4.85
N LEU M 347 26.55 -15.28 -5.93
CA LEU M 347 25.51 -14.68 -6.71
C LEU M 347 24.19 -15.06 -6.10
N PHE M 348 23.20 -14.21 -6.35
CA PHE M 348 21.83 -14.50 -5.98
C PHE M 348 21.43 -15.81 -6.68
N LYS M 349 20.68 -16.66 -5.99
CA LYS M 349 20.41 -18.01 -6.48
C LYS M 349 19.17 -18.10 -7.33
N TYR M 350 19.26 -18.85 -8.43
CA TYR M 350 18.15 -19.04 -9.36
C TYR M 350 17.23 -20.06 -8.77
N VAL M 351 15.94 -19.72 -8.72
CA VAL M 351 14.95 -20.64 -8.17
C VAL M 351 14.23 -21.39 -9.30
N GLY M 352 13.78 -20.66 -10.32
CA GLY M 352 13.09 -21.28 -11.45
C GLY M 352 12.51 -20.30 -12.46
N GLU M 353 11.94 -20.86 -13.52
CA GLU M 353 11.42 -20.08 -14.62
C GLU M 353 9.97 -20.49 -14.84
N THR M 354 9.15 -19.56 -15.32
CA THR M 354 7.77 -19.85 -15.67
C THR M 354 7.23 -18.82 -16.65
N GLN M 355 6.07 -19.12 -17.22
CA GLN M 355 5.41 -18.27 -18.21
C GLN M 355 3.94 -18.11 -17.85
N PRO M 356 3.30 -17.01 -18.28
CA PRO M 356 1.84 -16.96 -18.20
C PRO M 356 1.15 -17.92 -19.19
N THR M 357 -0.12 -18.19 -18.98
CA THR M 357 -0.88 -19.06 -19.85
C THR M 357 -2.02 -18.28 -20.49
N GLY M 358 -2.61 -18.89 -21.52
CA GLY M 358 -3.58 -18.25 -22.40
C GLY M 358 -2.93 -17.11 -23.18
N GLN M 359 -3.57 -15.94 -23.16
CA GLN M 359 -3.00 -14.70 -23.70
C GLN M 359 -3.05 -13.61 -22.59
N ILE M 360 -2.44 -13.89 -21.42
CA ILE M 360 -2.35 -12.92 -20.30
C ILE M 360 -0.95 -12.25 -20.33
N LYS M 361 -0.84 -10.97 -20.75
CA LYS M 361 0.44 -10.23 -20.58
C LYS M 361 0.48 -9.67 -19.14
N ILE M 362 1.68 -9.61 -18.58
CA ILE M 362 1.92 -8.95 -17.30
C ILE M 362 2.37 -7.51 -17.55
N LYS M 363 1.54 -6.54 -17.14
CA LYS M 363 1.83 -5.10 -17.42
C LYS M 363 3.12 -4.64 -16.67
N ARG M 364 3.92 -3.77 -17.32
CA ARG M 364 5.22 -3.32 -16.75
C ARG M 364 5.05 -2.54 -15.41
N GLU M 365 3.97 -1.78 -15.29
CA GLU M 365 3.45 -1.26 -13.99
C GLU M 365 3.45 -2.27 -12.80
N ASP M 366 3.10 -3.53 -13.05
CA ASP M 366 2.99 -4.56 -11.98
C ASP M 366 4.31 -5.26 -11.55
N TYR M 367 5.43 -4.99 -12.24
CA TYR M 367 6.71 -5.64 -11.93
C TYR M 367 7.17 -5.39 -10.48
N GLU M 368 7.07 -4.14 -10.00
CA GLU M 368 7.40 -3.77 -8.60
C GLU M 368 6.69 -4.69 -7.60
N SER M 369 5.42 -5.04 -7.87
CA SER M 369 4.56 -5.83 -6.95
C SER M 369 4.81 -7.35 -6.84
N LEU M 370 5.55 -7.94 -7.76
CA LEU M 370 5.65 -9.42 -7.87
C LEU M 370 6.46 -10.11 -6.77
N PRO M 371 7.57 -9.52 -6.30
CA PRO M 371 8.22 -10.13 -5.12
C PRO M 371 7.30 -10.24 -3.90
N LYS M 372 6.49 -9.19 -3.63
CA LYS M 372 5.47 -9.22 -2.55
C LYS M 372 4.60 -10.45 -2.73
N GLU M 373 4.17 -10.74 -3.96
CA GLU M 373 3.29 -11.87 -4.24
C GLU M 373 3.89 -13.24 -3.97
N VAL M 374 5.18 -13.41 -4.28
CA VAL M 374 5.84 -14.71 -4.10
C VAL M 374 5.91 -15.05 -2.62
N ALA M 375 6.37 -14.10 -1.81
CA ALA M 375 6.42 -14.29 -0.34
C ALA M 375 5.04 -14.48 0.31
N SER M 376 4.02 -13.90 -0.31
CA SER M 376 2.64 -14.04 0.16
C SER M 376 2.07 -15.42 0.00
N ALA M 377 2.55 -16.19 -0.98
CA ALA M 377 2.03 -17.54 -1.21
C ALA M 377 2.15 -18.39 0.04
N LYS M 378 1.13 -19.19 0.31
CA LYS M 378 1.12 -20.02 1.52
C LYS M 378 1.17 -21.48 1.08
N PRO M 379 2.37 -22.03 0.82
CA PRO M 379 2.46 -23.48 0.40
C PRO M 379 2.23 -24.38 1.61
N LYS M 380 1.38 -25.40 1.50
CA LYS M 380 1.05 -26.27 2.66
C LYS M 380 2.18 -27.26 3.02
N VAL M 381 3.40 -26.76 3.19
CA VAL M 381 4.65 -27.53 3.33
C VAL M 381 5.43 -26.98 4.50
N LEU M 382 6.16 -27.85 5.22
CA LEU M 382 6.98 -27.41 6.37
C LEU M 382 8.19 -26.59 5.90
N LEU M 383 8.37 -25.40 6.47
CA LEU M 383 9.50 -24.53 6.12
C LEU M 383 10.28 -24.28 7.38
N ASP M 384 11.61 -24.40 7.28
CA ASP M 384 12.55 -23.87 8.29
C ASP M 384 12.52 -22.39 8.51
N VAL M 385 12.46 -21.65 7.42
CA VAL M 385 12.68 -20.18 7.34
C VAL M 385 11.48 -19.54 6.67
N LYS M 386 10.80 -18.58 7.27
CA LYS M 386 9.83 -17.68 6.55
C LYS M 386 10.69 -16.61 5.81
N LEU M 387 10.30 -16.25 4.57
CA LEU M 387 11.07 -15.32 3.72
C LEU M 387 10.24 -14.06 3.40
N LYS M 388 10.81 -12.86 3.63
CA LYS M 388 10.13 -11.59 3.33
C LYS M 388 10.32 -11.24 1.82
N ALA M 389 9.48 -10.32 1.33
CA ALA M 389 9.45 -9.98 -0.10
C ALA M 389 10.75 -9.42 -0.67
N GLU M 390 11.46 -8.65 0.12
CA GLU M 390 12.76 -8.11 -0.20
C GLU M 390 13.85 -9.18 -0.49
N ASP M 391 13.59 -10.43 -0.09
CA ASP M 391 14.48 -11.57 -0.35
C ASP M 391 14.39 -12.11 -1.78
N PHE M 392 13.26 -11.83 -2.46
CA PHE M 392 13.01 -12.34 -3.80
C PHE M 392 13.28 -11.29 -4.87
N ILE M 393 13.80 -11.76 -6.00
CA ILE M 393 13.89 -10.96 -7.24
C ILE M 393 13.05 -11.66 -8.27
N VAL M 394 12.12 -10.93 -8.88
CA VAL M 394 11.35 -11.44 -10.00
C VAL M 394 11.74 -10.58 -11.19
N ASP M 395 12.08 -11.24 -12.28
CA ASP M 395 12.63 -10.59 -13.46
C ASP M 395 11.70 -11.02 -14.59
N VAL M 396 11.03 -10.07 -15.23
CA VAL M 396 10.12 -10.39 -16.30
C VAL M 396 10.75 -9.96 -17.62
N ILE M 397 10.79 -10.87 -18.59
CA ILE M 397 11.56 -10.68 -19.80
C ILE M 397 10.65 -10.91 -20.98
N ASN M 398 10.59 -9.94 -21.90
CA ASN M 398 9.75 -10.09 -23.07
C ASN M 398 10.60 -10.63 -24.19
N MET M 399 10.15 -11.72 -24.80
CA MET M 399 10.82 -12.31 -25.96
C MET M 399 9.87 -12.13 -27.14
N ASP M 400 10.34 -11.52 -28.22
CA ASP M 400 9.50 -11.26 -29.38
C ASP M 400 10.28 -11.29 -30.69
N TYR M 401 9.60 -10.95 -31.78
CA TYR M 401 10.25 -10.78 -33.08
C TYR M 401 10.46 -9.27 -33.40
N GLY M 402 10.66 -8.47 -32.37
CA GLY M 402 11.07 -7.10 -32.51
C GLY M 402 9.94 -6.13 -32.74
N MET M 403 8.69 -6.59 -32.68
CA MET M 403 7.54 -5.70 -32.91
C MET M 403 6.38 -6.15 -32.05
N GLN M 404 6.65 -6.27 -30.75
CA GLN M 404 5.66 -6.79 -29.79
C GLN M 404 4.95 -7.99 -30.43
N GLU M 405 3.62 -7.97 -30.43
CA GLU M 405 2.81 -9.13 -30.82
C GLU M 405 2.76 -9.41 -32.29
N LYS M 406 3.27 -8.49 -33.10
CA LYS M 406 3.19 -8.55 -34.57
C LYS M 406 4.30 -9.39 -35.21
N ASN M 407 3.93 -9.99 -36.34
CA ASN M 407 4.81 -10.72 -37.23
C ASN M 407 5.50 -9.71 -38.13
N PRO M 408 6.81 -9.53 -38.01
CA PRO M 408 7.46 -8.52 -38.82
C PRO M 408 7.49 -8.85 -40.30
N ILE M 409 7.38 -10.11 -40.66
CA ILE M 409 7.35 -10.48 -42.06
C ILE M 409 6.08 -10.01 -42.75
N ASP M 410 4.99 -9.84 -41.99
CA ASP M 410 3.79 -9.17 -42.51
C ASP M 410 4.07 -7.71 -42.87
N HIS M 411 5.15 -7.12 -42.37
CA HIS M 411 5.60 -5.77 -42.77
C HIS M 411 6.86 -5.75 -43.68
N VAL M 412 7.06 -6.78 -44.48
CA VAL M 412 8.13 -6.84 -45.47
C VAL M 412 7.45 -6.86 -46.82
N SER M 413 8.15 -6.28 -47.80
CA SER M 413 7.70 -6.29 -49.17
C SER M 413 8.64 -7.16 -50.00
N PHE M 414 8.05 -7.87 -50.96
CA PHE M 414 8.77 -8.86 -51.73
C PHE M 414 8.67 -8.58 -53.22
N TYR M 415 9.60 -9.12 -54.02
CA TYR M 415 9.47 -9.07 -55.50
C TYR M 415 9.68 -10.42 -56.13
N CYS M 416 9.15 -10.61 -57.35
CA CYS M 416 9.30 -11.92 -58.06
C CYS M 416 10.29 -11.81 -59.16
N LYS M 417 10.83 -12.96 -59.57
CA LYS M 417 11.84 -12.97 -60.63
C LYS M 417 11.30 -12.40 -61.93
N THR M 418 10.07 -12.77 -62.26
CA THR M 418 9.45 -12.37 -63.51
C THR M 418 9.06 -10.90 -63.59
N ALA M 419 9.03 -10.17 -62.46
CA ALA M 419 8.69 -8.74 -62.44
C ALA M 419 9.34 -8.10 -61.22
N PRO M 420 10.63 -7.74 -61.37
CA PRO M 420 11.41 -7.28 -60.23
C PRO M 420 11.14 -5.84 -59.77
N ASN M 421 10.26 -5.09 -60.44
CA ASN M 421 9.84 -3.79 -59.91
C ASN M 421 8.50 -3.79 -59.23
N ARG M 422 7.76 -4.89 -59.32
CA ARG M 422 6.45 -5.01 -58.69
C ARG M 422 6.57 -5.68 -57.34
N ALA M 423 6.26 -4.90 -56.30
CA ALA M 423 6.26 -5.36 -54.93
C ALA M 423 4.98 -6.12 -54.65
N ILE M 424 5.05 -7.02 -53.66
CA ILE M 424 3.92 -7.86 -53.24
C ILE M 424 4.05 -8.16 -51.75
N ARG M 425 3.04 -8.85 -51.21
CA ARG M 425 3.04 -9.30 -49.83
C ARG M 425 3.04 -10.81 -49.77
N ILE M 426 3.57 -11.36 -48.69
CA ILE M 426 3.50 -12.79 -48.46
C ILE M 426 2.98 -13.00 -47.02
N THR M 427 1.84 -13.67 -46.89
CA THR M 427 1.23 -13.95 -45.59
C THR M 427 1.93 -15.12 -44.89
N LYS M 428 1.50 -15.47 -43.68
CA LYS M 428 2.09 -16.60 -42.97
C LYS M 428 1.67 -17.95 -43.59
N ASN M 429 0.38 -18.05 -43.98
CA ASN M 429 -0.14 -19.26 -44.68
C ASN M 429 0.62 -19.67 -45.90
N GLN M 430 0.98 -18.65 -46.68
CA GLN M 430 1.71 -18.79 -47.95
C GLN M 430 3.13 -19.36 -47.77
N VAL M 431 3.66 -19.44 -46.55
CA VAL M 431 5.04 -19.91 -46.34
C VAL M 431 5.19 -21.33 -45.76
N SER M 432 4.61 -21.56 -44.59
CA SER M 432 4.83 -22.83 -43.86
C SER M 432 3.91 -22.99 -42.66
N GLN M 433 3.48 -24.24 -42.42
CA GLN M 433 2.70 -24.57 -41.24
C GLN M 433 3.60 -24.69 -40.00
N LEU M 434 4.92 -24.82 -40.17
CA LEU M 434 5.83 -25.05 -39.03
C LEU M 434 6.41 -23.78 -38.43
N LEU M 435 5.85 -22.63 -38.77
CA LEU M 435 6.30 -21.37 -38.21
C LEU M 435 5.63 -21.14 -36.87
N PRO M 436 6.10 -20.14 -36.10
CA PRO M 436 5.52 -19.88 -34.80
C PRO M 436 4.06 -19.46 -34.87
N GLU M 437 3.30 -19.80 -33.82
CA GLU M 437 1.88 -19.47 -33.72
C GLU M 437 1.73 -18.02 -33.20
N LYS M 438 2.49 -17.67 -32.16
CA LYS M 438 2.58 -16.30 -31.64
C LYS M 438 3.95 -15.74 -31.94
N PHE M 439 4.14 -14.45 -31.70
CA PHE M 439 5.44 -13.77 -31.92
C PHE M 439 5.93 -12.98 -30.72
N ALA M 440 5.37 -13.27 -29.55
CA ALA M 440 5.72 -12.58 -28.34
C ALA M 440 5.29 -13.44 -27.15
N GLU M 441 6.15 -13.49 -26.14
CA GLU M 441 5.85 -14.16 -24.91
C GLU M 441 6.61 -13.50 -23.79
N GLN M 442 6.33 -13.94 -22.57
CA GLN M 442 7.05 -13.48 -21.40
C GLN M 442 7.73 -14.63 -20.70
N LEU M 443 8.89 -14.35 -20.12
CA LEU M 443 9.56 -15.27 -19.21
C LEU M 443 9.67 -14.62 -17.87
N ILE M 444 9.36 -15.39 -16.83
CA ILE M 444 9.42 -14.91 -15.47
C ILE M 444 10.42 -15.78 -14.73
N ARG M 445 11.57 -15.19 -14.39
CA ARG M 445 12.59 -15.83 -13.57
C ARG M 445 12.43 -15.32 -12.16
N VAL M 446 12.62 -16.21 -11.20
CA VAL M 446 12.64 -15.88 -9.79
C VAL M 446 13.99 -16.28 -9.22
N TYR M 447 14.66 -15.35 -8.54
CA TYR M 447 15.89 -15.67 -7.85
C TYR M 447 15.68 -15.37 -6.37
N CYS M 448 16.54 -15.90 -5.50
CA CYS M 448 16.50 -15.61 -4.05
C CYS M 448 17.81 -15.00 -3.57
N LYS M 449 17.73 -13.87 -2.87
CA LYS M 449 18.94 -13.19 -2.38
C LYS M 449 19.65 -13.93 -1.22
N LYS M 450 18.93 -14.77 -0.47
CA LYS M 450 19.55 -15.62 0.58
C LYS M 450 20.08 -16.93 -0.02
N VAL M 451 21.37 -17.17 0.19
CA VAL M 451 22.12 -18.20 -0.56
C VAL M 451 22.05 -19.62 0.05
N ASP M 452 21.99 -19.73 1.38
CA ASP M 452 22.07 -21.02 2.12
C ASP M 452 21.07 -22.11 1.71
N ARG M 453 21.42 -23.37 2.04
CA ARG M 453 20.64 -24.56 1.65
C ARG M 453 19.17 -24.46 2.13
N LYS M 454 18.94 -24.02 3.39
CA LYS M 454 17.57 -23.98 3.97
C LYS M 454 16.68 -22.92 3.28
N SER M 455 17.20 -21.71 3.05
CA SER M 455 16.43 -20.62 2.38
C SER M 455 16.08 -20.92 0.93
N LEU M 456 16.99 -21.58 0.23
CA LEU M 456 16.80 -21.91 -1.17
C LEU M 456 15.66 -22.93 -1.31
N TYR M 457 15.61 -23.93 -0.44
CA TYR M 457 14.49 -24.87 -0.43
C TYR M 457 13.14 -24.17 -0.22
N ALA M 458 13.11 -23.25 0.75
CA ALA M 458 11.92 -22.50 1.05
C ALA M 458 11.47 -21.68 -0.14
N ALA M 459 12.45 -20.99 -0.73
CA ALA M 459 12.21 -20.15 -1.90
C ALA M 459 11.55 -20.94 -3.02
N ARG M 460 12.04 -22.16 -3.26
CA ARG M 460 11.45 -23.07 -4.24
C ARG M 460 10.00 -23.37 -3.96
N GLN M 461 9.66 -23.62 -2.69
CA GLN M 461 8.29 -23.92 -2.30
C GLN M 461 7.37 -22.70 -2.54
N TYR M 462 7.80 -21.53 -2.06
CA TYR M 462 7.08 -20.30 -2.33
C TYR M 462 6.86 -20.11 -3.83
N PHE M 463 7.91 -20.29 -4.62
CA PHE M 463 7.84 -20.07 -6.07
C PHE M 463 6.87 -21.02 -6.75
N VAL M 464 7.01 -22.32 -6.53
CA VAL M 464 6.19 -23.31 -7.24
C VAL M 464 4.71 -23.14 -6.87
N GLN M 465 4.45 -22.70 -5.63
CA GLN M 465 3.09 -22.40 -5.19
C GLN M 465 2.56 -21.17 -5.90
N TRP M 466 3.36 -20.12 -5.91
CA TRP M 466 3.01 -18.89 -6.65
C TRP M 466 2.61 -19.16 -8.09
N CYS M 467 3.32 -20.09 -8.74
CA CYS M 467 3.00 -20.54 -10.09
C CYS M 467 1.60 -21.16 -10.13
N ALA M 468 1.34 -22.10 -9.23
CA ALA M 468 0.01 -22.71 -9.14
C ALA M 468 -1.07 -21.66 -8.84
N ASP M 469 -0.79 -20.76 -7.89
CA ASP M 469 -1.72 -19.70 -7.50
C ASP M 469 -2.12 -18.80 -8.67
N ARG M 470 -1.18 -18.43 -9.53
CA ARG M 470 -1.51 -17.53 -10.65
C ARG M 470 -1.76 -18.23 -11.99
N ASN M 471 -1.94 -19.56 -11.93
CA ASN M 471 -2.19 -20.39 -13.10
C ASN M 471 -1.13 -20.21 -14.21
N PHE M 472 0.13 -20.16 -13.78
CA PHE M 472 1.27 -20.12 -14.66
C PHE M 472 1.70 -21.55 -15.02
N THR M 473 2.61 -21.67 -16.00
CA THR M 473 3.07 -22.98 -16.45
C THR M 473 3.85 -23.62 -15.34
N LYS M 474 3.79 -24.96 -15.31
CA LYS M 474 4.54 -25.73 -14.35
C LYS M 474 6.03 -25.57 -14.64
N PRO M 475 6.83 -25.22 -13.61
CA PRO M 475 8.27 -25.18 -13.84
C PRO M 475 8.78 -26.54 -14.33
N GLN M 476 9.72 -26.52 -15.28
CA GLN M 476 10.25 -27.73 -15.91
C GLN M 476 10.75 -28.73 -14.85
N ASP M 477 11.50 -28.21 -13.88
CA ASP M 477 12.05 -28.96 -12.74
C ASP M 477 11.10 -29.10 -11.54
N GLY M 478 9.83 -28.79 -11.73
CA GLY M 478 8.93 -28.53 -10.61
C GLY M 478 8.65 -29.72 -9.74
N ASP M 479 8.52 -30.89 -10.38
CA ASP M 479 8.28 -32.13 -9.64
C ASP M 479 9.43 -32.50 -8.71
N VAL M 480 10.65 -32.07 -9.07
CA VAL M 480 11.84 -32.39 -8.30
C VAL M 480 12.04 -31.38 -7.16
N ILE M 481 12.05 -30.09 -7.49
CA ILE M 481 12.33 -29.03 -6.49
C ILE M 481 11.23 -28.81 -5.46
N ALA M 482 9.98 -29.10 -5.83
CA ALA M 482 8.83 -28.95 -4.94
C ALA M 482 7.85 -30.10 -5.13
N PRO M 483 8.25 -31.32 -4.74
CA PRO M 483 7.46 -32.52 -5.02
C PRO M 483 6.14 -32.55 -4.25
N LEU M 484 6.09 -31.86 -3.13
CA LEU M 484 4.88 -31.78 -2.32
C LEU M 484 3.84 -30.78 -2.82
N ILE M 485 4.23 -29.88 -3.73
CA ILE M 485 3.33 -28.84 -4.23
C ILE M 485 2.68 -29.15 -5.58
N THR M 486 3.40 -29.82 -6.47
CA THR M 486 2.92 -30.06 -7.84
C THR M 486 1.64 -30.93 -7.96
N PRO M 487 1.42 -31.89 -7.04
CA PRO M 487 0.09 -32.53 -7.09
C PRO M 487 -1.11 -31.63 -6.75
N GLN M 488 -0.95 -30.58 -5.92
CA GLN M 488 -2.04 -29.58 -5.67
C GLN M 488 -2.77 -29.08 -6.96
N LYS M 489 -2.03 -28.80 -8.04
CA LYS M 489 -2.65 -28.31 -9.29
C LYS M 489 -3.16 -29.46 -10.17
N LYS M 490 -4.50 -29.58 -10.30
CA LYS M 490 -5.16 -30.55 -11.24
C LYS M 490 -4.71 -30.32 -12.71
N GLU M 491 -4.60 -29.04 -13.12
CA GLU M 491 -4.14 -28.64 -14.47
C GLU M 491 -2.77 -29.20 -14.88
N TRP M 492 -1.91 -29.59 -13.92
CA TRP M 492 -0.55 -30.14 -14.18
C TRP M 492 -0.49 -31.69 -14.23
N MET N 9 31.61 -30.24 -10.79
CA MET N 9 32.18 -29.91 -12.15
C MET N 9 31.39 -28.76 -12.72
N LYS N 10 32.07 -27.96 -13.49
CA LYS N 10 31.43 -26.82 -14.14
C LYS N 10 31.85 -26.78 -15.59
N VAL N 11 30.88 -26.61 -16.48
CA VAL N 11 31.14 -26.59 -17.90
C VAL N 11 31.12 -25.14 -18.31
N ILE N 12 32.04 -24.77 -19.18
CA ILE N 12 32.23 -23.38 -19.59
C ILE N 12 32.58 -23.34 -21.07
N ASN N 13 31.96 -22.40 -21.81
CA ASN N 13 32.04 -22.36 -23.27
C ASN N 13 32.99 -21.28 -23.78
N ASP N 14 34.16 -21.76 -24.19
CA ASP N 14 35.22 -20.94 -24.75
C ASP N 14 35.09 -21.01 -26.27
N PRO N 15 35.22 -19.87 -26.97
CA PRO N 15 35.10 -19.93 -28.42
C PRO N 15 36.26 -20.65 -29.12
N ILE N 16 37.42 -20.72 -28.48
CA ILE N 16 38.54 -21.40 -29.06
C ILE N 16 38.43 -22.89 -28.82
N HIS N 17 38.21 -23.30 -27.58
CA HIS N 17 38.32 -24.71 -27.22
C HIS N 17 37.01 -25.44 -27.08
N GLY N 18 35.91 -24.71 -27.09
CA GLY N 18 34.59 -25.32 -26.98
C GLY N 18 34.19 -25.45 -25.52
N HIS N 19 33.37 -26.46 -25.22
CA HIS N 19 32.92 -26.68 -23.86
C HIS N 19 33.99 -27.42 -23.09
N ILE N 20 34.50 -26.80 -22.04
CA ILE N 20 35.56 -27.41 -21.24
C ILE N 20 35.04 -27.60 -19.83
N GLU N 21 35.53 -28.64 -19.16
CA GLU N 21 35.14 -28.91 -17.78
C GLU N 21 36.17 -28.34 -16.83
N LEU N 22 35.69 -27.73 -15.76
CA LEU N 22 36.53 -27.22 -14.71
C LEU N 22 36.21 -27.99 -13.45
N HIS N 23 37.20 -28.73 -12.96
CA HIS N 23 37.12 -29.43 -11.68
C HIS N 23 36.87 -28.39 -10.55
N PRO N 24 36.07 -28.75 -9.53
CA PRO N 24 35.68 -27.81 -8.49
C PRO N 24 36.81 -27.04 -7.84
N LEU N 25 37.93 -27.70 -7.60
CA LEU N 25 39.13 -27.05 -7.11
C LEU N 25 39.57 -25.91 -8.01
N LEU N 26 39.49 -26.10 -9.32
CA LEU N 26 39.86 -25.05 -10.27
C LEU N 26 38.86 -23.90 -10.19
N VAL N 27 37.58 -24.23 -10.14
CA VAL N 27 36.53 -23.21 -10.01
C VAL N 27 36.79 -22.34 -8.79
N ARG N 28 37.23 -22.97 -7.72
CA ARG N 28 37.46 -22.28 -6.47
C ARG N 28 38.62 -21.31 -6.52
N ILE N 29 39.66 -21.69 -7.28
CA ILE N 29 40.80 -20.82 -7.56
C ILE N 29 40.38 -19.69 -8.48
N ILE N 30 39.60 -20.01 -9.51
CA ILE N 30 39.10 -19.04 -10.48
C ILE N 30 38.26 -17.95 -9.84
N ASP N 31 37.38 -18.32 -8.91
CA ASP N 31 36.47 -17.36 -8.27
C ASP N 31 37.11 -16.65 -7.05
N THR N 32 38.16 -15.90 -7.34
CA THR N 32 38.92 -15.17 -6.36
C THR N 32 39.34 -13.85 -6.99
N PRO N 33 39.44 -12.77 -6.19
CA PRO N 33 39.84 -11.49 -6.77
C PRO N 33 41.14 -11.53 -7.54
N GLN N 34 42.07 -12.39 -7.15
CA GLN N 34 43.41 -12.41 -7.72
C GLN N 34 43.41 -12.95 -9.15
N PHE N 35 42.48 -13.87 -9.41
CA PHE N 35 42.30 -14.46 -10.71
C PHE N 35 41.35 -13.64 -11.57
N GLN N 36 40.21 -13.23 -11.01
CA GLN N 36 39.24 -12.46 -11.79
C GLN N 36 39.81 -11.13 -12.24
N ARG N 37 40.81 -10.63 -11.52
CA ARG N 37 41.60 -9.50 -11.96
C ARG N 37 42.04 -9.57 -13.42
N LEU N 38 42.32 -10.77 -13.91
CA LEU N 38 42.75 -10.93 -15.29
C LEU N 38 41.68 -10.61 -16.34
N ARG N 39 40.41 -10.50 -15.94
CA ARG N 39 39.38 -9.99 -16.85
C ARG N 39 39.61 -8.56 -17.28
N TYR N 40 40.37 -7.80 -16.50
CA TYR N 40 40.56 -6.39 -16.77
C TYR N 40 42.00 -6.05 -17.23
N ILE N 41 42.68 -7.02 -17.83
CA ILE N 41 44.00 -6.84 -18.43
C ILE N 41 44.02 -7.42 -19.84
N LYS N 42 44.25 -6.58 -20.84
CA LYS N 42 44.18 -7.02 -22.25
C LYS N 42 45.40 -7.81 -22.66
N GLN N 43 45.18 -8.85 -23.48
CA GLN N 43 46.21 -9.81 -23.84
C GLN N 43 47.33 -9.13 -24.61
N LEU N 44 46.93 -8.39 -25.65
CA LEU N 44 47.85 -7.78 -26.57
C LEU N 44 48.16 -6.32 -26.27
N GLY N 45 47.87 -5.86 -25.06
CA GLY N 45 48.17 -4.48 -24.64
C GLY N 45 47.56 -3.49 -25.58
N GLY N 46 48.41 -2.59 -26.08
CA GLY N 46 48.02 -1.61 -27.09
C GLY N 46 47.54 -2.15 -28.44
N GLY N 47 47.73 -3.42 -28.73
CA GLY N 47 47.28 -4.00 -29.98
C GLY N 47 45.82 -3.79 -30.29
N TYR N 48 44.97 -3.73 -29.27
CA TYR N 48 43.54 -3.42 -29.48
C TYR N 48 43.34 -2.08 -30.22
N TYR N 49 44.26 -1.14 -30.05
CA TYR N 49 44.14 0.15 -30.71
C TYR N 49 44.57 0.14 -32.17
N VAL N 50 45.05 -1.02 -32.65
CA VAL N 50 45.34 -1.26 -34.06
C VAL N 50 44.49 -2.40 -34.65
N PHE N 51 44.31 -3.49 -33.93
CA PHE N 51 43.43 -4.58 -34.36
C PHE N 51 42.19 -4.51 -33.49
N PRO N 52 41.09 -3.92 -33.99
CA PRO N 52 39.93 -3.73 -33.14
C PRO N 52 39.24 -5.04 -32.73
N GLY N 53 39.66 -6.18 -33.29
CA GLY N 53 39.16 -7.44 -32.78
C GLY N 53 39.70 -7.84 -31.42
N ALA N 54 40.92 -7.38 -31.10
CA ALA N 54 41.77 -7.86 -29.99
C ALA N 54 41.48 -7.28 -28.59
N SER N 55 40.18 -7.24 -28.29
CA SER N 55 39.59 -6.94 -27.00
C SER N 55 39.88 -7.98 -25.92
N HIS N 56 40.32 -9.17 -26.33
CA HIS N 56 40.52 -10.30 -25.43
C HIS N 56 41.53 -10.03 -24.34
N ASN N 57 41.19 -10.58 -23.17
CA ASN N 57 41.92 -10.40 -21.92
C ASN N 57 42.61 -11.68 -21.45
N ARG N 58 43.50 -11.51 -20.49
CA ARG N 58 44.24 -12.62 -19.90
C ARG N 58 43.42 -13.71 -19.24
N PHE N 59 42.28 -13.33 -18.66
CA PHE N 59 41.36 -14.26 -18.03
C PHE N 59 41.12 -15.48 -18.89
N GLU N 60 40.58 -15.23 -20.07
CA GLU N 60 40.17 -16.31 -20.95
C GLU N 60 41.33 -17.11 -21.55
N HIS N 61 42.47 -16.47 -21.76
CA HIS N 61 43.74 -17.15 -22.13
C HIS N 61 44.15 -18.08 -21.01
N SER N 62 44.10 -17.55 -19.78
CA SER N 62 44.50 -18.29 -18.61
C SER N 62 43.64 -19.57 -18.52
N LEU N 63 42.32 -19.48 -18.68
CA LEU N 63 41.48 -20.70 -18.69
C LEU N 63 41.95 -21.69 -19.73
N GLY N 64 42.18 -21.21 -20.94
CA GLY N 64 42.53 -22.08 -22.05
C GLY N 64 43.86 -22.79 -21.87
N VAL N 65 44.83 -22.12 -21.25
CA VAL N 65 46.12 -22.73 -20.98
C VAL N 65 45.94 -23.84 -19.97
N GLY N 66 45.14 -23.55 -18.96
CA GLY N 66 44.76 -24.55 -17.99
C GLY N 66 44.14 -25.77 -18.63
N TYR N 67 43.22 -25.53 -19.54
CA TYR N 67 42.51 -26.61 -20.20
C TYR N 67 43.44 -27.48 -21.02
N LEU N 68 44.28 -26.84 -21.84
CA LEU N 68 45.21 -27.54 -22.71
C LEU N 68 46.28 -28.26 -21.94
N ALA N 69 46.74 -27.67 -20.84
CA ALA N 69 47.64 -28.38 -19.94
C ALA N 69 47.04 -29.73 -19.54
N GLY N 70 45.77 -29.70 -19.14
CA GLY N 70 45.01 -30.89 -18.84
C GLY N 70 44.93 -31.87 -19.99
N CYS N 71 44.67 -31.40 -21.20
CA CYS N 71 44.55 -32.32 -22.34
C CYS N 71 45.82 -33.06 -22.60
N LEU N 72 46.95 -32.38 -22.54
CA LEU N 72 48.21 -32.99 -22.91
C LEU N 72 48.61 -34.01 -21.87
N VAL N 73 48.59 -33.62 -20.59
CA VAL N 73 48.96 -34.56 -19.54
C VAL N 73 48.00 -35.75 -19.49
N HIS N 74 46.71 -35.50 -19.68
CA HIS N 74 45.71 -36.55 -19.66
C HIS N 74 45.92 -37.54 -20.83
N ALA N 75 46.24 -37.01 -22.00
CA ALA N 75 46.50 -37.84 -23.18
C ALA N 75 47.74 -38.69 -23.01
N LEU N 76 48.82 -38.09 -22.50
CA LEU N 76 50.05 -38.85 -22.29
C LEU N 76 49.76 -40.04 -21.40
N GLY N 77 48.89 -39.85 -20.40
CA GLY N 77 48.50 -40.90 -19.45
C GLY N 77 47.68 -42.03 -20.00
N GLU N 78 46.73 -41.74 -20.88
CA GLU N 78 45.97 -42.78 -21.59
C GLU N 78 46.89 -43.64 -22.45
N LYS N 79 47.69 -42.99 -23.31
CA LYS N 79 48.59 -43.67 -24.24
C LYS N 79 49.69 -44.48 -23.49
N GLN N 80 50.14 -44.03 -22.32
CA GLN N 80 51.25 -44.70 -21.57
C GLN N 80 50.98 -44.80 -20.05
N PRO N 81 50.24 -45.82 -19.63
CA PRO N 81 49.97 -46.01 -18.20
C PRO N 81 51.22 -46.15 -17.35
N GLU N 82 52.26 -46.78 -17.89
CA GLU N 82 53.55 -46.97 -17.17
C GLU N 82 54.09 -45.72 -16.49
N LEU N 83 53.76 -44.54 -17.02
CA LEU N 83 54.22 -43.26 -16.46
C LEU N 83 53.62 -42.93 -15.09
N GLN N 84 52.48 -43.54 -14.78
CA GLN N 84 51.80 -43.44 -13.47
C GLN N 84 51.44 -42.00 -13.16
N ILE N 85 50.71 -41.41 -14.08
CA ILE N 85 50.25 -40.05 -13.96
C ILE N 85 48.97 -40.15 -13.16
N SER N 86 48.93 -39.55 -11.97
CA SER N 86 47.73 -39.57 -11.09
C SER N 86 46.82 -38.39 -11.39
N GLU N 87 45.56 -38.47 -10.99
CA GLU N 87 44.62 -37.32 -11.14
C GLU N 87 45.08 -36.14 -10.29
N ARG N 88 45.90 -36.42 -9.28
CA ARG N 88 46.60 -35.40 -8.55
C ARG N 88 47.60 -34.64 -9.43
N ASP N 89 48.41 -35.37 -10.18
CA ASP N 89 49.32 -34.75 -11.16
C ASP N 89 48.57 -33.89 -12.14
N VAL N 90 47.45 -34.40 -12.62
CA VAL N 90 46.66 -33.68 -13.63
C VAL N 90 46.16 -32.36 -13.08
N LEU N 91 45.52 -32.39 -11.92
CA LEU N 91 45.07 -31.16 -11.28
C LEU N 91 46.19 -30.15 -11.07
N CYS N 92 47.34 -30.61 -10.62
CA CYS N 92 48.49 -29.73 -10.40
C CYS N 92 48.96 -29.07 -11.69
N VAL N 93 48.98 -29.82 -12.78
CA VAL N 93 49.38 -29.29 -14.08
C VAL N 93 48.34 -28.29 -14.57
N GLN N 94 47.06 -28.62 -14.43
CA GLN N 94 45.98 -27.70 -14.78
C GLN N 94 46.07 -26.40 -14.00
N ILE N 95 46.28 -26.51 -12.70
CA ILE N 95 46.38 -25.33 -11.81
C ILE N 95 47.54 -24.44 -12.26
N ALA N 96 48.68 -25.03 -12.60
CA ALA N 96 49.83 -24.27 -13.04
C ALA N 96 49.49 -23.52 -14.33
N GLY N 97 48.90 -24.24 -15.27
CA GLY N 97 48.46 -23.63 -16.51
C GLY N 97 47.49 -22.49 -16.32
N LEU N 98 46.53 -22.70 -15.43
CA LEU N 98 45.51 -21.72 -15.13
C LEU N 98 46.10 -20.44 -14.54
N CYS N 99 47.07 -20.62 -13.66
CA CYS N 99 47.68 -19.51 -12.92
C CYS N 99 49.00 -19.00 -13.50
N HIS N 100 49.37 -19.44 -14.71
CA HIS N 100 50.73 -19.15 -15.23
C HIS N 100 50.92 -17.67 -15.51
N ASP N 101 49.82 -16.94 -15.81
CA ASP N 101 49.89 -15.52 -16.15
C ASP N 101 49.23 -14.62 -15.10
N LEU N 102 49.10 -15.14 -13.88
CA LEU N 102 48.52 -14.34 -12.78
C LEU N 102 49.19 -13.00 -12.50
N GLY N 103 50.48 -12.91 -12.83
CA GLY N 103 51.30 -11.75 -12.53
C GLY N 103 51.54 -10.74 -13.67
N HIS N 104 50.73 -10.79 -14.71
CA HIS N 104 50.86 -9.77 -15.74
C HIS N 104 50.35 -8.45 -15.23
N GLY N 105 51.00 -7.36 -15.65
CA GLY N 105 50.54 -6.02 -15.29
C GLY N 105 49.56 -5.38 -16.26
N PRO N 106 49.22 -4.11 -16.03
CA PRO N 106 48.42 -3.36 -16.98
C PRO N 106 49.02 -3.41 -18.37
N PHE N 107 48.18 -3.70 -19.35
CA PHE N 107 48.59 -3.85 -20.74
C PHE N 107 49.66 -4.92 -20.94
N SER N 108 49.54 -5.99 -20.17
CA SER N 108 50.35 -7.20 -20.31
C SER N 108 51.85 -6.91 -20.40
N HIS N 109 52.38 -6.99 -21.63
CA HIS N 109 53.82 -7.03 -21.85
C HIS N 109 54.43 -5.64 -21.85
N MET N 110 53.59 -4.63 -21.97
CA MET N 110 54.01 -3.26 -21.82
C MET N 110 54.56 -3.02 -20.41
N PHE N 111 53.90 -3.62 -19.43
CA PHE N 111 54.27 -3.40 -18.01
C PHE N 111 55.63 -3.96 -17.62
N ASP N 112 55.85 -5.25 -17.82
CA ASP N 112 57.15 -5.87 -17.49
C ASP N 112 58.22 -5.51 -18.53
N GLY N 113 57.79 -5.19 -19.75
CA GLY N 113 58.69 -4.97 -20.89
C GLY N 113 59.18 -3.55 -21.10
N ARG N 114 58.30 -2.56 -20.96
CA ARG N 114 58.66 -1.13 -21.11
C ARG N 114 58.65 -0.35 -19.81
N PHE N 115 57.53 -0.42 -19.10
CA PHE N 115 57.28 0.48 -17.96
C PHE N 115 58.19 0.28 -16.76
N ILE N 116 58.14 -0.89 -16.15
CA ILE N 116 58.93 -1.16 -14.96
C ILE N 116 60.43 -0.97 -15.20
N PRO N 117 60.96 -1.44 -16.35
CA PRO N 117 62.38 -1.18 -16.60
C PRO N 117 62.75 0.30 -16.64
N LEU N 118 61.82 1.16 -17.03
CA LEU N 118 62.07 2.62 -17.03
C LEU N 118 61.81 3.27 -15.68
N ALA N 119 60.73 2.90 -15.03
CA ALA N 119 60.37 3.50 -13.74
C ALA N 119 61.28 3.06 -12.60
N ARG N 120 61.75 1.81 -12.63
CA ARG N 120 62.59 1.25 -11.57
C ARG N 120 63.70 0.39 -12.16
N PRO N 121 64.76 1.05 -12.70
CA PRO N 121 65.85 0.34 -13.36
C PRO N 121 66.66 -0.59 -12.45
N GLU N 122 66.69 -0.30 -11.16
CA GLU N 122 67.35 -1.16 -10.16
C GLU N 122 66.78 -2.59 -10.05
N VAL N 123 65.49 -2.81 -10.34
CA VAL N 123 64.90 -4.14 -10.10
C VAL N 123 64.96 -4.99 -11.36
N LYS N 124 65.25 -6.30 -11.20
CA LYS N 124 64.97 -7.30 -12.25
C LYS N 124 63.61 -7.90 -11.88
N TRP N 125 62.54 -7.52 -12.61
CA TRP N 125 61.17 -8.03 -12.36
C TRP N 125 60.52 -8.58 -13.63
N THR N 126 59.97 -9.79 -13.54
CA THR N 126 59.32 -10.45 -14.68
C THR N 126 57.86 -10.76 -14.35
N HIS N 127 57.03 -10.87 -15.39
CA HIS N 127 55.63 -11.21 -15.19
C HIS N 127 55.50 -12.60 -14.51
N GLU N 128 56.43 -13.51 -14.85
CA GLU N 128 56.47 -14.84 -14.26
C GLU N 128 56.65 -14.82 -12.75
N GLN N 129 57.63 -14.07 -12.27
CA GLN N 129 57.88 -13.98 -10.83
C GLN N 129 56.64 -13.48 -10.12
N GLY N 130 55.96 -12.53 -10.76
CA GLY N 130 54.72 -12.00 -10.27
C GLY N 130 53.67 -13.08 -10.15
N SER N 131 53.58 -13.95 -11.15
CA SER N 131 52.65 -15.08 -11.12
C SER N 131 52.84 -15.96 -9.86
N VAL N 132 54.08 -16.27 -9.54
CA VAL N 132 54.39 -17.04 -8.33
C VAL N 132 53.91 -16.33 -7.08
N MET N 133 54.26 -15.05 -6.96
CA MET N 133 53.85 -14.25 -5.80
C MET N 133 52.35 -14.13 -5.67
N MET N 134 51.70 -13.85 -6.78
CA MET N 134 50.25 -13.68 -6.82
C MET N 134 49.54 -15.00 -6.58
N PHE N 135 50.13 -16.11 -6.99
CA PHE N 135 49.59 -17.43 -6.69
C PHE N 135 49.61 -17.68 -5.19
N GLU N 136 50.75 -17.47 -4.57
CA GLU N 136 50.88 -17.54 -3.12
C GLU N 136 49.81 -16.68 -2.44
N HIS N 137 49.67 -15.43 -2.86
CA HIS N 137 48.69 -14.52 -2.27
C HIS N 137 47.28 -15.07 -2.45
N LEU N 138 46.98 -15.61 -3.63
CA LEU N 138 45.65 -16.16 -3.92
C LEU N 138 45.31 -17.31 -2.99
N ILE N 139 46.27 -18.25 -2.87
CA ILE N 139 46.16 -19.41 -2.00
C ILE N 139 45.86 -18.99 -0.56
N ASN N 140 46.70 -18.12 -0.01
CA ASN N 140 46.64 -17.77 1.41
C ASN N 140 45.41 -16.95 1.76
N SER N 141 45.09 -15.96 0.93
CA SER N 141 43.96 -15.09 1.23
C SER N 141 42.57 -15.76 1.00
N ASN N 142 42.48 -16.82 0.20
CA ASN N 142 41.19 -17.49 -0.05
C ASN N 142 41.06 -18.91 0.51
N GLY N 143 41.87 -19.26 1.50
CA GLY N 143 41.79 -20.56 2.19
C GLY N 143 41.74 -21.77 1.27
N ILE N 144 42.66 -21.86 0.33
CA ILE N 144 42.67 -22.89 -0.70
C ILE N 144 43.32 -24.17 -0.21
N LYS N 145 44.31 -24.06 0.67
CA LYS N 145 45.02 -25.24 1.13
C LYS N 145 44.11 -26.38 1.65
N PRO N 146 43.10 -26.08 2.50
CA PRO N 146 42.13 -27.13 2.90
C PRO N 146 41.38 -27.77 1.74
N VAL N 147 41.05 -26.97 0.73
CA VAL N 147 40.33 -27.43 -0.46
C VAL N 147 41.23 -28.31 -1.32
N MET N 148 42.51 -27.96 -1.42
CA MET N 148 43.46 -28.82 -2.12
C MET N 148 43.51 -30.20 -1.47
N GLU N 149 43.63 -30.22 -0.14
CA GLU N 149 43.65 -31.46 0.62
C GLU N 149 42.40 -32.27 0.40
N GLN N 150 41.26 -31.58 0.38
CA GLN N 150 39.97 -32.22 0.15
C GLN N 150 39.94 -33.07 -1.12
N TYR N 151 40.61 -32.62 -2.18
CA TYR N 151 40.64 -33.36 -3.44
C TYR N 151 41.95 -34.10 -3.66
N GLY N 152 42.65 -34.45 -2.57
CA GLY N 152 43.77 -35.37 -2.66
C GLY N 152 45.14 -34.78 -2.95
N LEU N 153 45.26 -33.46 -3.02
CA LEU N 153 46.57 -32.83 -3.16
C LEU N 153 47.30 -32.79 -1.82
N ILE N 154 48.62 -32.59 -1.88
CA ILE N 154 49.44 -32.40 -0.70
C ILE N 154 50.09 -31.03 -0.85
N PRO N 155 49.50 -30.00 -0.20
CA PRO N 155 49.93 -28.62 -0.43
C PRO N 155 51.45 -28.37 -0.31
N GLU N 156 52.11 -28.94 0.70
CA GLU N 156 53.58 -28.78 0.84
C GLU N 156 54.29 -29.03 -0.51
N GLU N 157 54.16 -30.26 -1.02
CA GLU N 157 54.77 -30.71 -2.28
C GLU N 157 54.20 -30.03 -3.50
N ASP N 158 52.87 -29.96 -3.59
CA ASP N 158 52.21 -29.56 -4.82
C ASP N 158 52.28 -28.07 -5.11
N ILE N 159 52.19 -27.24 -4.08
CA ILE N 159 52.36 -25.81 -4.29
C ILE N 159 53.76 -25.53 -4.81
N CYS N 160 54.75 -26.25 -4.32
CA CYS N 160 56.10 -26.15 -4.86
C CYS N 160 56.13 -26.55 -6.36
N PHE N 161 55.56 -27.70 -6.67
CA PHE N 161 55.46 -28.20 -8.04
C PHE N 161 54.75 -27.22 -8.98
N ILE N 162 53.70 -26.57 -8.50
CA ILE N 162 52.98 -25.60 -9.31
C ILE N 162 53.88 -24.40 -9.58
N LYS N 163 54.47 -23.84 -8.56
CA LYS N 163 55.38 -22.70 -8.72
C LYS N 163 56.55 -23.03 -9.63
N GLU N 164 57.10 -24.23 -9.49
CA GLU N 164 58.23 -24.66 -10.31
C GLU N 164 57.86 -24.76 -11.80
N GLN N 165 56.64 -25.21 -12.09
CA GLN N 165 56.19 -25.25 -13.48
C GLN N 165 56.23 -23.87 -14.10
N ILE N 166 55.86 -22.85 -13.31
CA ILE N 166 55.69 -21.50 -13.80
C ILE N 166 57.00 -20.75 -14.03
N VAL N 167 57.89 -20.76 -13.03
CA VAL N 167 59.18 -20.03 -13.14
C VAL N 167 60.43 -20.88 -13.19
N GLY N 168 60.32 -22.20 -13.20
CA GLY N 168 61.51 -23.06 -13.13
C GLY N 168 62.04 -23.17 -11.70
N TRP N 179 69.39 -33.50 -10.19
CA TRP N 179 67.98 -33.13 -10.38
C TRP N 179 67.60 -31.88 -9.56
N PRO N 180 67.35 -30.75 -10.25
CA PRO N 180 67.08 -29.52 -9.51
C PRO N 180 65.70 -29.35 -8.89
N TYR N 181 64.69 -30.13 -9.30
CA TYR N 181 63.31 -29.85 -8.85
C TYR N 181 63.02 -30.58 -7.53
N LYS N 182 62.35 -29.86 -6.61
CA LYS N 182 61.92 -30.42 -5.34
C LYS N 182 60.46 -30.87 -5.41
N GLY N 183 59.70 -30.40 -6.40
CA GLY N 183 58.25 -30.66 -6.49
C GLY N 183 57.87 -32.08 -6.92
N ARG N 184 58.61 -32.64 -7.88
CA ARG N 184 58.42 -34.01 -8.35
C ARG N 184 59.75 -34.70 -8.61
N PRO N 185 59.78 -36.03 -8.65
CA PRO N 185 61.01 -36.78 -9.00
C PRO N 185 61.32 -36.81 -10.51
N GLU N 186 62.50 -37.35 -10.84
CA GLU N 186 62.99 -37.45 -12.23
C GLU N 186 62.09 -38.25 -13.18
N ASN N 187 61.41 -39.26 -12.61
CA ASN N 187 60.51 -40.14 -13.38
C ASN N 187 59.21 -39.44 -13.80
N LYS N 188 59.04 -38.18 -13.40
CA LYS N 188 57.97 -37.34 -13.92
C LYS N 188 58.43 -35.98 -14.43
N SER N 189 59.66 -35.91 -14.96
CA SER N 189 60.19 -34.64 -15.47
C SER N 189 59.41 -34.08 -16.66
N PHE N 190 58.76 -34.95 -17.42
CA PHE N 190 57.91 -34.52 -18.52
C PHE N 190 56.80 -33.58 -18.08
N LEU N 191 56.32 -33.71 -16.85
CA LEU N 191 55.28 -32.79 -16.37
C LEU N 191 55.73 -31.31 -16.40
N TYR N 192 57.03 -31.08 -16.24
CA TYR N 192 57.60 -29.72 -16.30
C TYR N 192 57.67 -29.12 -17.70
N GLU N 193 57.52 -29.95 -18.74
CA GLU N 193 57.53 -29.51 -20.13
C GLU N 193 56.13 -29.19 -20.71
N ILE N 194 55.10 -29.07 -19.87
CA ILE N 194 53.74 -28.86 -20.36
C ILE N 194 53.32 -27.40 -20.38
N VAL N 195 53.36 -26.73 -19.23
CA VAL N 195 52.89 -25.35 -19.15
C VAL N 195 53.92 -24.33 -19.63
N SER N 196 55.18 -24.55 -19.26
CA SER N 196 56.26 -23.64 -19.65
C SER N 196 57.55 -24.45 -19.83
N ASN N 197 57.86 -24.69 -21.11
CA ASN N 197 58.90 -25.63 -21.52
C ASN N 197 60.23 -24.93 -21.62
N LYS N 198 61.07 -25.10 -20.59
CA LYS N 198 62.39 -24.45 -20.57
C LYS N 198 63.35 -25.05 -21.60
N ARG N 199 63.13 -26.29 -22.00
CA ARG N 199 64.07 -27.02 -22.86
C ARG N 199 64.08 -26.48 -24.30
N ASN N 200 62.88 -26.35 -24.87
CA ASN N 200 62.71 -25.97 -26.27
C ASN N 200 61.60 -24.95 -26.57
N GLY N 201 60.68 -24.74 -25.64
CA GLY N 201 59.65 -23.73 -25.82
C GLY N 201 58.33 -24.26 -26.32
N ILE N 202 58.24 -25.54 -26.66
CA ILE N 202 56.99 -26.10 -27.12
C ILE N 202 56.13 -26.40 -25.90
N ASP N 203 55.20 -25.50 -25.62
CA ASP N 203 54.34 -25.57 -24.45
C ASP N 203 52.90 -25.20 -24.80
N VAL N 204 51.96 -25.52 -23.92
CA VAL N 204 50.54 -25.28 -24.21
C VAL N 204 50.15 -23.80 -24.11
N ASP N 205 50.96 -22.99 -23.47
CA ASP N 205 50.77 -21.55 -23.44
C ASP N 205 50.76 -21.03 -24.86
N LYS N 206 51.77 -21.40 -25.65
CA LYS N 206 51.84 -20.99 -27.06
C LYS N 206 50.61 -21.45 -27.82
N TRP N 207 50.22 -22.69 -27.59
CA TRP N 207 49.16 -23.28 -28.38
C TRP N 207 47.84 -22.56 -28.19
N ASP N 208 47.58 -22.10 -26.97
CA ASP N 208 46.36 -21.36 -26.73
C ASP N 208 46.43 -19.99 -27.38
N TYR N 209 47.53 -19.27 -27.19
CA TYR N 209 47.58 -17.91 -27.70
C TYR N 209 47.64 -17.85 -29.23
N PHE N 210 48.27 -18.82 -29.87
CA PHE N 210 48.24 -18.89 -31.33
C PHE N 210 46.81 -18.88 -31.81
N ALA N 211 46.03 -19.81 -31.27
CA ALA N 211 44.65 -20.00 -31.70
C ALA N 211 43.79 -18.81 -31.31
N ARG N 212 43.98 -18.32 -30.09
CA ARG N 212 43.13 -17.27 -29.55
C ARG N 212 43.45 -15.92 -30.15
N ASP N 213 44.73 -15.57 -30.23
CA ASP N 213 45.11 -14.28 -30.78
C ASP N 213 44.68 -14.25 -32.24
N CYS N 214 44.94 -15.30 -32.99
CA CYS N 214 44.43 -15.37 -34.35
C CYS N 214 42.91 -15.13 -34.47
N HIS N 215 42.13 -15.77 -33.58
CA HIS N 215 40.67 -15.68 -33.63
C HIS N 215 40.22 -14.24 -33.58
N HIS N 216 40.78 -13.51 -32.63
CA HIS N 216 40.43 -12.12 -32.37
C HIS N 216 41.18 -11.15 -33.30
N LEU N 217 42.40 -11.48 -33.73
CA LEU N 217 43.17 -10.56 -34.57
C LEU N 217 42.63 -10.43 -35.98
N GLY N 218 42.09 -11.51 -36.54
CA GLY N 218 41.70 -11.56 -37.96
C GLY N 218 42.80 -12.11 -38.86
N ILE N 219 43.54 -13.06 -38.32
CA ILE N 219 44.57 -13.80 -39.00
C ILE N 219 44.27 -15.30 -38.74
N GLN N 220 44.29 -16.16 -39.78
CA GLN N 220 44.16 -17.62 -39.55
C GLN N 220 45.57 -18.16 -39.12
N ASN N 221 45.49 -19.19 -38.31
CA ASN N 221 46.61 -19.79 -37.58
C ASN N 221 47.12 -20.99 -38.38
N ASN N 222 48.42 -21.08 -38.60
CA ASN N 222 48.94 -22.21 -39.40
C ASN N 222 49.10 -23.57 -38.66
N PHE N 223 48.92 -23.62 -37.34
CA PHE N 223 49.46 -24.71 -36.50
C PHE N 223 48.40 -25.56 -35.78
N ASP N 224 48.58 -26.88 -35.79
CA ASP N 224 47.60 -27.83 -35.23
C ASP N 224 48.11 -28.46 -33.94
N TYR N 225 47.71 -27.89 -32.79
CA TYR N 225 48.12 -28.45 -31.48
C TYR N 225 47.56 -29.85 -31.27
N LYS N 226 46.34 -30.07 -31.71
CA LYS N 226 45.68 -31.35 -31.50
C LYS N 226 46.45 -32.49 -32.12
N ARG N 227 47.03 -32.23 -33.29
CA ARG N 227 47.82 -33.23 -33.99
C ARG N 227 49.11 -33.51 -33.25
N PHE N 228 49.72 -32.47 -32.69
CA PHE N 228 50.95 -32.66 -31.90
C PHE N 228 50.69 -33.56 -30.70
N ILE N 229 49.57 -33.34 -30.02
CA ILE N 229 49.15 -34.16 -28.90
C ILE N 229 48.97 -35.62 -29.32
N LYS N 230 48.38 -35.88 -30.49
CA LYS N 230 48.24 -37.28 -30.94
C LYS N 230 49.55 -37.94 -31.24
N PHE N 231 50.57 -37.18 -31.64
CA PHE N 231 51.89 -37.74 -31.93
C PHE N 231 52.91 -37.37 -30.86
N ALA N 232 52.47 -37.21 -29.62
CA ALA N 232 53.38 -36.94 -28.52
C ALA N 232 53.52 -38.21 -27.74
N ARG N 233 54.66 -38.33 -27.06
CA ARG N 233 55.03 -39.57 -26.40
C ARG N 233 56.18 -39.30 -25.43
N VAL N 234 56.23 -40.05 -24.33
CA VAL N 234 57.32 -39.89 -23.37
C VAL N 234 58.33 -41.00 -23.57
N CYS N 235 59.60 -40.64 -23.62
CA CYS N 235 60.70 -41.60 -23.78
C CYS N 235 61.83 -41.18 -22.90
N GLU N 236 62.75 -42.11 -22.69
CA GLU N 236 63.92 -41.83 -21.88
C GLU N 236 64.98 -41.12 -22.71
N VAL N 237 65.41 -39.94 -22.24
CA VAL N 237 66.55 -39.23 -22.80
C VAL N 237 67.50 -38.85 -21.67
N ASP N 238 68.69 -39.45 -21.66
CA ASP N 238 69.72 -39.16 -20.66
C ASP N 238 69.16 -39.33 -19.27
N ASN N 239 68.69 -40.54 -18.97
CA ASN N 239 68.22 -40.92 -17.61
C ASN N 239 67.06 -40.08 -17.06
N GLU N 240 66.21 -39.60 -17.96
CA GLU N 240 65.17 -38.63 -17.60
C GLU N 240 64.04 -38.77 -18.62
N LEU N 241 62.80 -38.87 -18.12
CA LEU N 241 61.66 -39.07 -19.03
C LEU N 241 61.12 -37.76 -19.62
N ARG N 242 61.26 -37.54 -20.93
CA ARG N 242 60.79 -36.30 -21.60
C ARG N 242 59.77 -36.51 -22.70
N ILE N 243 59.03 -35.46 -23.03
CA ILE N 243 58.11 -35.47 -24.16
C ILE N 243 58.88 -35.48 -25.48
N CYS N 244 58.54 -36.42 -26.34
CA CYS N 244 59.14 -36.53 -27.68
C CYS N 244 58.06 -36.47 -28.74
N ALA N 245 58.41 -35.93 -29.90
CA ALA N 245 57.50 -35.85 -31.03
C ALA N 245 57.92 -36.86 -32.08
N ARG N 246 57.01 -37.20 -32.96
CA ARG N 246 57.30 -38.18 -33.99
C ARG N 246 58.23 -37.60 -35.04
N ASP N 247 59.12 -38.44 -35.54
CA ASP N 247 60.10 -38.00 -36.52
C ASP N 247 59.50 -37.16 -37.65
N LYS N 248 58.46 -37.67 -38.31
CA LYS N 248 57.90 -36.98 -39.47
C LYS N 248 57.30 -35.59 -39.10
N GLU N 249 56.91 -35.37 -37.85
CA GLU N 249 56.36 -34.07 -37.42
C GLU N 249 57.38 -32.92 -37.29
N VAL N 250 58.67 -33.20 -37.50
CA VAL N 250 59.70 -32.17 -37.36
C VAL N 250 59.38 -30.94 -38.20
N GLY N 251 58.88 -31.16 -39.41
CA GLY N 251 58.45 -30.08 -40.29
C GLY N 251 57.45 -29.13 -39.64
N ASN N 252 56.41 -29.70 -39.04
CA ASN N 252 55.39 -28.93 -38.34
C ASN N 252 55.89 -28.14 -37.15
N LEU N 253 56.97 -28.60 -36.53
CA LEU N 253 57.58 -27.89 -35.42
C LEU N 253 58.37 -26.66 -35.88
N TYR N 254 59.14 -26.76 -36.97
CA TYR N 254 59.75 -25.57 -37.54
C TYR N 254 58.67 -24.57 -37.94
N ASP N 255 57.54 -25.07 -38.42
CA ASP N 255 56.39 -24.22 -38.81
C ASP N 255 55.68 -23.59 -37.59
N MET N 256 55.79 -24.22 -36.43
CA MET N 256 55.24 -23.63 -35.21
C MET N 256 55.98 -22.35 -34.88
N PHE N 257 57.30 -22.40 -34.90
CA PHE N 257 58.08 -21.25 -34.53
C PHE N 257 58.04 -20.17 -35.62
N HIS N 258 57.86 -20.59 -36.88
CA HIS N 258 57.63 -19.64 -37.96
C HIS N 258 56.31 -18.90 -37.73
N THR N 259 55.26 -19.64 -37.39
CA THR N 259 53.98 -19.06 -37.04
C THR N 259 54.14 -18.02 -35.94
N ARG N 260 54.91 -18.35 -34.92
CA ARG N 260 55.14 -17.44 -33.83
C ARG N 260 55.78 -16.14 -34.29
N ASN N 261 56.90 -16.26 -34.99
CA ASN N 261 57.62 -15.09 -35.50
C ASN N 261 56.72 -14.29 -36.42
N SER N 262 55.94 -14.97 -37.24
CA SER N 262 54.96 -14.32 -38.10
C SER N 262 53.93 -13.50 -37.33
N LEU N 263 53.39 -14.03 -36.24
CA LEU N 263 52.46 -13.26 -35.40
C LEU N 263 53.14 -12.07 -34.72
N HIS N 264 54.43 -12.18 -34.42
CA HIS N 264 55.16 -11.05 -33.86
C HIS N 264 55.30 -9.96 -34.88
N ARG N 265 55.63 -10.33 -36.12
CA ARG N 265 55.80 -9.33 -37.15
C ARG N 265 54.52 -8.66 -37.53
N ARG N 266 53.45 -9.42 -37.63
CA ARG N 266 52.21 -8.85 -38.10
C ARG N 266 51.49 -8.04 -37.06
N ALA N 267 51.45 -8.54 -35.83
CA ALA N 267 50.57 -8.02 -34.80
C ALA N 267 51.30 -7.55 -33.57
N TYR N 268 51.98 -8.45 -32.87
CA TYR N 268 52.49 -8.10 -31.52
C TYR N 268 53.49 -6.94 -31.51
N GLN N 269 54.34 -6.88 -32.54
CA GLN N 269 55.32 -5.81 -32.72
C GLN N 269 54.91 -4.81 -33.81
N HIS N 270 53.62 -4.70 -34.14
CA HIS N 270 53.14 -3.78 -35.17
C HIS N 270 53.59 -2.36 -34.83
N LYS N 271 54.11 -1.66 -35.84
CA LYS N 271 54.77 -0.37 -35.63
C LYS N 271 53.96 0.67 -34.86
N VAL N 272 52.65 0.71 -35.09
CA VAL N 272 51.75 1.62 -34.37
C VAL N 272 51.31 1.03 -33.03
N GLY N 273 51.13 -0.28 -32.96
CA GLY N 273 50.82 -0.91 -31.69
C GLY N 273 51.89 -0.59 -30.66
N ASN N 274 53.15 -0.73 -31.07
CA ASN N 274 54.27 -0.44 -30.24
C ASN N 274 54.38 1.05 -29.86
N ILE N 275 54.02 1.96 -30.77
CA ILE N 275 54.09 3.36 -30.42
C ILE N 275 52.99 3.73 -29.44
N ILE N 276 51.83 3.10 -29.55
CA ILE N 276 50.80 3.30 -28.55
C ILE N 276 51.23 2.75 -27.20
N ASP N 277 51.89 1.60 -27.19
CA ASP N 277 52.49 1.07 -25.97
C ASP N 277 53.45 2.10 -25.38
N THR N 278 54.40 2.63 -26.16
CA THR N 278 55.38 3.57 -25.61
C THR N 278 54.68 4.83 -25.06
N MET N 279 53.60 5.25 -25.70
CA MET N 279 52.84 6.44 -25.25
C MET N 279 52.07 6.22 -23.96
N ILE N 280 51.45 5.05 -23.83
CA ILE N 280 50.80 4.71 -22.58
C ILE N 280 51.84 4.62 -21.45
N THR N 281 52.95 3.94 -21.73
CA THR N 281 54.05 3.83 -20.78
C THR N 281 54.53 5.20 -20.34
N ASP N 282 54.67 6.09 -21.31
CA ASP N 282 55.05 7.47 -21.07
C ASP N 282 54.08 8.18 -20.09
N ALA N 283 52.79 7.98 -20.33
CA ALA N 283 51.75 8.56 -19.49
C ALA N 283 51.77 7.98 -18.09
N PHE N 284 51.99 6.68 -17.96
CA PHE N 284 52.12 6.07 -16.64
C PHE N 284 53.28 6.69 -15.89
N LEU N 285 54.43 6.80 -16.55
CA LEU N 285 55.60 7.41 -15.92
C LEU N 285 55.29 8.80 -15.37
N LYS N 286 54.56 9.63 -16.12
CA LYS N 286 54.21 10.98 -15.67
C LYS N 286 53.15 11.03 -14.59
N ALA N 287 52.32 10.00 -14.51
CA ALA N 287 51.33 9.87 -13.46
C ALA N 287 51.80 9.07 -12.24
N ASP N 288 53.03 8.53 -12.28
CA ASP N 288 53.45 7.53 -11.27
C ASP N 288 53.49 8.11 -9.89
N ASP N 289 54.09 9.30 -9.79
CA ASP N 289 54.18 10.08 -8.55
C ASP N 289 52.86 10.38 -7.87
N TYR N 290 51.79 10.54 -8.63
CA TYR N 290 50.53 11.07 -8.09
C TYR N 290 49.37 10.08 -7.94
N ILE N 291 49.52 8.82 -8.36
CA ILE N 291 48.47 7.83 -8.18
C ILE N 291 48.78 6.91 -7.03
N GLU N 292 47.84 6.83 -6.09
CA GLU N 292 47.92 5.96 -4.92
C GLU N 292 47.07 4.69 -5.09
N ILE N 293 47.59 3.55 -4.62
CA ILE N 293 46.86 2.28 -4.62
C ILE N 293 47.01 1.65 -3.24
N THR N 294 45.89 1.34 -2.58
CA THR N 294 45.91 0.84 -1.21
C THR N 294 46.27 -0.63 -1.22
N GLY N 295 47.22 -0.98 -0.38
CA GLY N 295 47.67 -2.35 -0.24
C GLY N 295 47.45 -2.90 1.16
N ALA N 296 48.35 -3.80 1.55
CA ALA N 296 48.21 -4.56 2.78
C ALA N 296 48.43 -3.64 3.96
N GLY N 297 47.52 -3.74 4.93
CA GLY N 297 47.51 -2.88 6.10
C GLY N 297 47.25 -1.42 5.82
N GLY N 298 46.66 -1.13 4.67
CA GLY N 298 46.43 0.26 4.24
C GLY N 298 47.65 1.05 3.77
N LYS N 299 48.85 0.47 3.66
CA LYS N 299 50.02 1.18 3.11
C LYS N 299 49.72 1.66 1.69
N LYS N 300 50.16 2.85 1.31
CA LYS N 300 49.88 3.39 -0.04
C LYS N 300 51.03 3.07 -0.99
N TYR N 301 50.69 2.52 -2.15
CA TYR N 301 51.68 2.14 -3.16
C TYR N 301 51.46 2.95 -4.44
N ARG N 302 52.54 3.21 -5.16
CA ARG N 302 52.50 3.85 -6.47
C ARG N 302 52.41 2.75 -7.55
N ILE N 303 52.15 3.12 -8.80
CA ILE N 303 52.03 2.14 -9.87
C ILE N 303 53.28 1.28 -9.99
N SER N 304 54.45 1.91 -9.96
CA SER N 304 55.73 1.19 -10.04
C SER N 304 56.06 0.34 -8.82
N THR N 305 55.48 0.65 -7.66
CA THR N 305 55.74 -0.12 -6.42
C THR N 305 54.66 -1.13 -6.03
N ALA N 306 53.54 -1.15 -6.74
CA ALA N 306 52.49 -2.12 -6.45
C ALA N 306 52.98 -3.56 -6.63
N ILE N 307 53.99 -3.76 -7.47
CA ILE N 307 54.60 -5.09 -7.61
C ILE N 307 55.24 -5.64 -6.33
N ASP N 308 55.58 -4.76 -5.39
CA ASP N 308 56.13 -5.19 -4.12
C ASP N 308 55.11 -5.73 -3.11
N ASP N 309 53.83 -5.42 -3.31
CA ASP N 309 52.76 -5.92 -2.42
C ASP N 309 51.55 -6.42 -3.21
N MET N 310 51.28 -7.72 -3.10
CA MET N 310 50.29 -8.36 -3.95
C MET N 310 48.84 -7.94 -3.71
N GLU N 311 48.54 -7.43 -2.53
CA GLU N 311 47.19 -6.94 -2.29
C GLU N 311 46.92 -5.66 -3.05
N ALA N 312 47.97 -4.84 -3.18
CA ALA N 312 47.93 -3.65 -4.01
C ALA N 312 47.88 -4.02 -5.48
N TYR N 313 48.77 -4.91 -5.90
CA TYR N 313 48.86 -5.34 -7.30
C TYR N 313 47.57 -5.93 -7.82
N THR N 314 46.79 -6.57 -6.95
CA THR N 314 45.47 -7.07 -7.29
C THR N 314 44.55 -5.97 -7.90
N LYS N 315 44.69 -4.75 -7.41
CA LYS N 315 43.86 -3.64 -7.84
C LYS N 315 44.47 -2.88 -9.02
N LEU N 316 45.63 -3.31 -9.53
CA LEU N 316 46.34 -2.62 -10.61
C LEU N 316 46.14 -3.30 -11.94
N THR N 317 45.28 -2.72 -12.78
CA THR N 317 44.90 -3.32 -14.05
C THR N 317 44.87 -2.25 -15.14
N ASP N 318 44.32 -2.57 -16.31
CA ASP N 318 44.13 -1.59 -17.40
C ASP N 318 43.25 -0.40 -17.01
N ASN N 319 42.44 -0.55 -15.96
CA ASN N 319 41.73 0.56 -15.34
C ASN N 319 42.55 1.83 -15.28
N ILE N 320 43.82 1.66 -14.91
CA ILE N 320 44.69 2.79 -14.61
C ILE N 320 44.69 3.80 -15.79
N PHE N 321 44.64 3.28 -17.01
CA PHE N 321 44.55 4.07 -18.23
C PHE N 321 43.38 5.03 -18.12
N LEU N 322 42.18 4.49 -17.88
CA LEU N 322 40.99 5.31 -17.80
C LEU N 322 40.93 6.20 -16.57
N GLU N 323 41.52 5.75 -15.46
CA GLU N 323 41.58 6.58 -14.26
C GLU N 323 42.35 7.85 -14.56
N ILE N 324 43.49 7.70 -15.25
CA ILE N 324 44.29 8.84 -15.71
C ILE N 324 43.51 9.69 -16.68
N LEU N 325 42.88 9.06 -17.67
CA LEU N 325 42.15 9.77 -18.71
C LEU N 325 40.99 10.62 -18.19
N TYR N 326 40.22 10.05 -17.26
CA TYR N 326 39.05 10.73 -16.73
C TYR N 326 39.34 11.70 -15.60
N SER N 327 40.57 11.70 -15.07
CA SER N 327 40.89 12.50 -13.90
C SER N 327 40.82 13.99 -14.16
N THR N 328 40.66 14.73 -13.06
CA THR N 328 40.67 16.20 -13.06
C THR N 328 41.79 16.83 -12.23
N ASP N 329 42.54 16.02 -11.47
CA ASP N 329 43.65 16.52 -10.65
C ASP N 329 44.67 17.24 -11.55
N PRO N 330 45.00 18.52 -11.26
CA PRO N 330 46.03 19.21 -12.05
C PRO N 330 47.42 18.53 -12.06
N LYS N 331 47.73 17.71 -11.05
CA LYS N 331 49.01 17.00 -11.00
C LYS N 331 49.08 15.92 -12.10
N LEU N 332 47.93 15.39 -12.53
CA LEU N 332 47.88 14.41 -13.61
C LEU N 332 47.74 14.99 -15.02
N LYS N 333 47.66 16.33 -15.16
CA LYS N 333 47.42 16.97 -16.47
C LYS N 333 48.43 16.56 -17.54
N ASP N 334 49.70 16.46 -17.17
CA ASP N 334 50.74 15.98 -18.10
C ASP N 334 50.46 14.58 -18.65
N ALA N 335 50.13 13.66 -17.74
CA ALA N 335 49.85 12.29 -18.12
C ALA N 335 48.55 12.18 -18.91
N ARG N 336 47.51 12.87 -18.44
CA ARG N 336 46.24 12.90 -19.12
C ARG N 336 46.31 13.45 -20.54
N GLU N 337 47.20 14.40 -20.78
CA GLU N 337 47.35 14.99 -22.12
C GLU N 337 47.90 14.00 -23.14
N ILE N 338 48.79 13.13 -22.70
CA ILE N 338 49.33 12.11 -23.57
C ILE N 338 48.23 11.16 -23.97
N LEU N 339 47.49 10.66 -23.00
CA LEU N 339 46.38 9.76 -23.29
C LEU N 339 45.33 10.40 -24.16
N LYS N 340 45.07 11.70 -23.98
CA LYS N 340 44.15 12.41 -24.86
C LYS N 340 44.66 12.50 -26.30
N GLN N 341 45.98 12.62 -26.48
CA GLN N 341 46.56 12.57 -27.83
C GLN N 341 46.40 11.23 -28.52
N ILE N 342 46.26 10.15 -27.75
CA ILE N 342 45.97 8.83 -28.30
C ILE N 342 44.51 8.73 -28.78
N GLU N 343 43.60 9.41 -28.09
CA GLU N 343 42.18 9.43 -28.50
C GLU N 343 42.06 10.10 -29.87
N TYR N 344 42.62 11.31 -29.95
CA TYR N 344 42.61 12.12 -31.17
C TYR N 344 43.53 11.59 -32.26
N ARG N 345 44.40 10.63 -31.93
CA ARG N 345 45.25 9.95 -32.91
C ARG N 345 46.41 10.82 -33.39
N ASN N 346 46.88 11.71 -32.52
CA ASN N 346 48.12 12.48 -32.74
C ASN N 346 49.26 11.67 -32.17
N LEU N 347 49.57 10.59 -32.86
CA LEU N 347 50.57 9.66 -32.43
C LEU N 347 51.91 10.14 -32.94
N PHE N 348 52.95 9.71 -32.27
CA PHE N 348 54.31 9.92 -32.73
C PHE N 348 54.43 9.27 -34.11
N LYS N 349 55.14 9.90 -35.03
CA LYS N 349 55.16 9.47 -36.42
C LYS N 349 56.26 8.49 -36.73
N TYR N 350 55.92 7.46 -37.50
CA TYR N 350 56.87 6.42 -37.88
C TYR N 350 57.73 6.96 -38.99
N VAL N 351 59.04 6.84 -38.84
CA VAL N 351 59.97 7.31 -39.86
C VAL N 351 60.43 6.16 -40.76
N GLY N 352 60.84 5.05 -40.15
CA GLY N 352 61.28 3.88 -40.92
C GLY N 352 61.85 2.76 -40.08
N GLU N 353 62.21 1.69 -40.76
CA GLU N 353 62.68 0.48 -40.12
C GLU N 353 64.02 0.13 -40.74
N THR N 354 64.89 -0.50 -39.95
CA THR N 354 66.17 -0.99 -40.45
C THR N 354 66.71 -2.10 -39.54
N GLN N 355 67.75 -2.78 -40.03
CA GLN N 355 68.38 -3.90 -39.35
C GLN N 355 69.90 -3.72 -39.38
N PRO N 356 70.62 -4.30 -38.40
CA PRO N 356 72.06 -4.42 -38.55
C PRO N 356 72.47 -5.41 -39.65
N THR N 357 73.72 -5.33 -40.08
CA THR N 357 74.26 -6.25 -41.08
C THR N 357 75.41 -7.00 -40.45
N GLY N 358 75.87 -8.05 -41.15
CA GLY N 358 76.91 -8.95 -40.66
C GLY N 358 76.41 -9.75 -39.45
N GLN N 359 77.22 -9.78 -38.40
CA GLN N 359 76.84 -10.34 -37.10
C GLN N 359 77.09 -9.25 -36.02
N ILE N 360 76.50 -8.06 -36.16
CA ILE N 360 76.57 -6.98 -35.15
C ILE N 360 75.26 -6.99 -34.32
N LYS N 361 75.27 -7.48 -33.06
CA LYS N 361 74.10 -7.30 -32.17
C LYS N 361 74.27 -5.93 -31.50
N ILE N 362 73.15 -5.25 -31.25
CA ILE N 362 73.12 -4.00 -30.51
C ILE N 362 72.82 -4.29 -29.04
N LYS N 363 73.81 -4.04 -28.15
CA LYS N 363 73.67 -4.37 -26.71
C LYS N 363 72.56 -3.49 -26.06
N ARG N 364 71.79 -4.08 -25.12
CA ARG N 364 70.64 -3.39 -24.47
C ARG N 364 71.07 -2.12 -23.67
N GLU N 365 72.24 -2.16 -23.06
CA GLU N 365 72.97 -0.96 -22.56
C GLU N 365 73.00 0.28 -23.53
N ASP N 366 73.15 0.04 -24.83
CA ASP N 366 73.27 1.14 -25.84
C ASP N 366 71.94 1.76 -26.34
N TYR N 367 70.79 1.20 -25.95
CA TYR N 367 69.48 1.70 -26.41
C TYR N 367 69.26 3.17 -26.03
N GLU N 368 69.58 3.55 -24.78
CA GLU N 368 69.49 4.96 -24.30
C GLU N 368 70.20 5.92 -25.26
N SER N 369 71.37 5.52 -25.78
CA SER N 369 72.24 6.38 -26.63
C SER N 369 71.82 6.62 -28.10
N LEU N 370 70.89 5.83 -28.63
CA LEU N 370 70.61 5.83 -30.09
C LEU N 370 69.87 7.05 -30.63
N PRO N 371 68.91 7.62 -29.87
CA PRO N 371 68.34 8.90 -30.31
C PRO N 371 69.39 10.02 -30.49
N LYS N 372 70.35 10.12 -29.56
CA LYS N 372 71.48 11.05 -29.67
C LYS N 372 72.17 10.86 -31.01
N GLU N 373 72.39 9.61 -31.41
CA GLU N 373 73.08 9.29 -32.67
C GLU N 373 72.33 9.72 -33.93
N VAL N 374 71.01 9.58 -33.93
CA VAL N 374 70.20 9.91 -35.12
C VAL N 374 70.28 11.42 -35.38
N ALA N 375 70.05 12.22 -34.35
CA ALA N 375 70.16 13.69 -34.46
C ALA N 375 71.58 14.17 -34.81
N SER N 376 72.58 13.42 -34.40
CA SER N 376 73.98 13.72 -34.71
C SER N 376 74.34 13.58 -36.18
N ALA N 377 73.63 12.72 -36.90
CA ALA N 377 73.93 12.49 -38.32
C ALA N 377 73.86 13.79 -39.10
N LYS N 378 74.78 13.98 -40.03
CA LYS N 378 74.85 15.22 -40.79
C LYS N 378 74.54 14.91 -42.24
N PRO N 379 73.24 14.84 -42.64
CA PRO N 379 72.89 14.51 -44.04
C PRO N 379 73.16 15.70 -44.95
N LYS N 380 73.84 15.53 -46.10
CA LYS N 380 74.15 16.66 -47.00
C LYS N 380 72.92 17.14 -47.81
N VAL N 381 71.83 17.47 -47.11
CA VAL N 381 70.53 17.84 -47.67
C VAL N 381 70.03 19.12 -47.04
N LEU N 382 69.33 19.96 -47.79
CA LEU N 382 68.76 21.21 -47.24
C LEU N 382 67.59 20.89 -46.28
N LEU N 383 67.65 21.42 -45.06
CA LEU N 383 66.62 21.18 -44.05
C LEU N 383 66.08 22.53 -43.63
N ASP N 384 64.76 22.60 -43.49
CA ASP N 384 64.09 23.70 -42.76
C ASP N 384 64.43 23.81 -41.26
N VAL N 385 64.46 22.67 -40.61
CA VAL N 385 64.38 22.46 -39.17
C VAL N 385 65.54 21.62 -38.70
N LYS N 386 66.35 22.06 -37.74
CA LYS N 386 67.26 21.15 -36.97
C LYS N 386 66.37 20.43 -35.90
N LEU N 387 66.64 19.15 -35.63
CA LEU N 387 65.91 18.34 -34.64
C LEU N 387 66.87 17.85 -33.53
N LYS N 388 66.50 18.06 -32.25
CA LYS N 388 67.31 17.60 -31.12
C LYS N 388 67.00 16.11 -30.80
N ALA N 389 67.88 15.47 -30.04
CA ALA N 389 67.80 14.02 -29.76
C ALA N 389 66.53 13.57 -29.06
N GLU N 390 66.04 14.40 -28.16
CA GLU N 390 64.77 14.16 -27.44
C GLU N 390 63.53 14.09 -28.36
N ASP N 391 63.67 14.54 -29.61
CA ASP N 391 62.60 14.44 -30.63
C ASP N 391 62.46 13.04 -31.23
N PHE N 392 63.51 12.24 -31.15
CA PHE N 392 63.53 10.88 -31.74
C PHE N 392 63.27 9.79 -30.70
N ILE N 393 62.54 8.76 -31.12
CA ILE N 393 62.40 7.50 -30.38
C ILE N 393 63.00 6.40 -31.24
N VAL N 394 63.92 5.64 -30.67
CA VAL N 394 64.45 4.47 -31.33
C VAL N 394 64.05 3.28 -30.51
N ASP N 395 63.48 2.28 -31.15
CA ASP N 395 62.88 1.12 -30.50
C ASP N 395 63.57 -0.07 -31.11
N VAL N 396 64.28 -0.85 -30.30
CA VAL N 396 65.02 -1.99 -30.81
C VAL N 396 64.31 -3.26 -30.36
N ILE N 397 64.04 -4.16 -31.29
CA ILE N 397 63.16 -5.29 -31.06
C ILE N 397 63.89 -6.56 -31.48
N ASN N 398 63.96 -7.54 -30.58
CA ASN N 398 64.58 -8.81 -30.91
C ASN N 398 63.54 -9.77 -31.40
N MET N 399 63.77 -10.37 -32.54
CA MET N 399 62.90 -11.41 -33.09
C MET N 399 63.71 -12.70 -33.09
N ASP N 400 63.18 -13.76 -32.48
CA ASP N 400 63.90 -15.04 -32.43
C ASP N 400 62.96 -16.23 -32.44
N TYR N 401 63.51 -17.43 -32.27
CA TYR N 401 62.73 -18.65 -32.11
C TYR N 401 62.66 -19.08 -30.62
N GLY N 402 62.70 -18.08 -29.72
CA GLY N 402 62.46 -18.30 -28.32
C GLY N 402 63.65 -18.73 -27.52
N MET N 403 64.83 -18.80 -28.14
CA MET N 403 66.04 -19.25 -27.42
C MET N 403 67.24 -18.49 -27.96
N GLN N 404 67.14 -17.17 -27.97
CA GLN N 404 68.16 -16.31 -28.56
C GLN N 404 68.63 -16.93 -29.88
N GLU N 405 69.94 -17.10 -30.05
CA GLU N 405 70.53 -17.48 -31.31
C GLU N 405 70.36 -18.94 -31.69
N LYS N 406 69.87 -19.75 -30.75
CA LYS N 406 69.73 -21.19 -30.93
C LYS N 406 68.46 -21.63 -31.65
N ASN N 407 68.60 -22.75 -32.35
CA ASN N 407 67.52 -23.45 -33.02
C ASN N 407 66.86 -24.35 -31.98
N PRO N 408 65.60 -24.08 -31.62
CA PRO N 408 64.98 -24.89 -30.59
C PRO N 408 64.71 -26.32 -31.01
N ILE N 409 64.63 -26.59 -32.30
CA ILE N 409 64.42 -27.96 -32.75
C ILE N 409 65.63 -28.83 -32.50
N ASP N 410 66.82 -28.23 -32.41
CA ASP N 410 68.01 -28.94 -31.94
C ASP N 410 67.87 -29.39 -30.49
N HIS N 411 66.94 -28.80 -29.73
CA HIS N 411 66.61 -29.25 -28.37
C HIS N 411 65.25 -30.00 -28.23
N VAL N 412 64.82 -30.69 -29.29
CA VAL N 412 63.64 -31.55 -29.26
C VAL N 412 64.11 -32.97 -29.45
N SER N 413 63.38 -33.90 -28.86
CA SER N 413 63.65 -35.32 -29.01
C SER N 413 62.51 -35.95 -29.82
N PHE N 414 62.89 -36.91 -30.67
CA PHE N 414 61.97 -37.51 -31.60
C PHE N 414 61.91 -39.01 -31.46
N TYR N 415 60.83 -39.65 -31.93
CA TYR N 415 60.77 -41.12 -32.00
C TYR N 415 60.33 -41.62 -33.37
N CYS N 416 60.67 -42.86 -33.72
CA CYS N 416 60.28 -43.44 -35.03
C CYS N 416 59.18 -44.42 -34.90
N LYS N 417 58.46 -44.67 -35.99
CA LYS N 417 57.34 -45.61 -35.96
C LYS N 417 57.79 -47.01 -35.54
N THR N 418 58.90 -47.43 -36.12
CA THR N 418 59.44 -48.77 -35.87
C THR N 418 59.99 -49.01 -34.46
N ALA N 419 60.23 -47.96 -33.68
CA ALA N 419 60.73 -48.09 -32.29
C ALA N 419 60.30 -46.87 -31.50
N PRO N 420 59.06 -46.90 -30.99
CA PRO N 420 58.47 -45.73 -30.36
C PRO N 420 58.96 -45.42 -28.94
N ASN N 421 59.83 -46.25 -28.36
CA ASN N 421 60.45 -45.91 -27.08
C ASN N 421 61.87 -45.38 -27.18
N ARG N 422 62.45 -45.46 -28.38
CA ARG N 422 63.81 -45.00 -28.59
C ARG N 422 63.82 -43.59 -29.16
N ALA N 423 64.33 -42.66 -28.34
CA ALA N 423 64.45 -41.26 -28.70
C ALA N 423 65.66 -41.06 -29.60
N ILE N 424 65.61 -39.99 -30.40
CA ILE N 424 66.68 -39.63 -31.34
C ILE N 424 66.71 -38.12 -31.49
N ARG N 425 67.68 -37.63 -32.27
CA ARG N 425 67.79 -36.22 -32.62
C ARG N 425 67.63 -36.06 -34.13
N ILE N 426 67.17 -34.89 -34.54
CA ILE N 426 67.12 -34.57 -35.96
C ILE N 426 67.78 -33.18 -36.14
N THR N 427 68.84 -33.16 -36.96
CA THR N 427 69.59 -31.92 -37.23
C THR N 427 68.85 -31.05 -38.24
N LYS N 428 69.39 -29.87 -38.55
CA LYS N 428 68.76 -29.01 -39.57
C LYS N 428 68.93 -29.57 -40.99
N ASN N 429 70.10 -30.10 -41.28
CA ASN N 429 70.43 -30.75 -42.59
C ASN N 429 69.45 -31.85 -42.99
N GLN N 430 69.11 -32.65 -41.97
CA GLN N 430 68.22 -33.79 -42.11
C GLN N 430 66.78 -33.41 -42.48
N VAL N 431 66.40 -32.13 -42.41
CA VAL N 431 65.03 -31.71 -42.70
C VAL N 431 64.79 -31.00 -44.04
N SER N 432 65.49 -29.89 -44.27
CA SER N 432 65.24 -29.06 -45.44
C SER N 432 66.29 -27.97 -45.65
N GLN N 433 66.60 -27.68 -46.90
CA GLN N 433 67.49 -26.56 -47.24
C GLN N 433 66.75 -25.21 -47.16
N LEU N 434 65.41 -25.22 -47.16
CA LEU N 434 64.63 -23.98 -47.21
C LEU N 434 64.26 -23.42 -45.84
N LEU N 435 64.90 -23.91 -44.78
CA LEU N 435 64.67 -23.40 -43.45
C LEU N 435 65.51 -22.16 -43.21
N PRO N 436 65.25 -21.43 -42.13
CA PRO N 436 66.04 -20.23 -41.85
C PRO N 436 67.52 -20.52 -41.62
N GLU N 437 68.37 -19.55 -41.98
CA GLU N 437 69.82 -19.67 -41.82
C GLU N 437 70.22 -19.32 -40.37
N LYS N 438 69.66 -18.22 -39.85
CA LYS N 438 69.84 -17.78 -38.45
C LYS N 438 68.51 -17.91 -37.75
N PHE N 439 68.50 -17.75 -36.42
CA PHE N 439 67.26 -17.85 -35.62
C PHE N 439 67.02 -16.66 -34.71
N ALA N 440 67.66 -15.55 -35.02
CA ALA N 440 67.58 -14.36 -34.20
C ALA N 440 68.04 -13.15 -35.00
N GLU N 441 67.32 -12.06 -34.88
CA GLU N 441 67.68 -10.82 -35.55
C GLU N 441 67.15 -9.66 -34.75
N GLN N 442 67.52 -8.45 -35.18
CA GLN N 442 67.03 -7.24 -34.54
C GLN N 442 66.30 -6.37 -35.54
N LEU N 443 65.28 -5.67 -35.08
CA LEU N 443 64.61 -4.62 -35.85
C LEU N 443 64.74 -3.32 -35.12
N ILE N 444 65.06 -2.27 -35.88
CA ILE N 444 65.23 -0.95 -35.31
C ILE N 444 64.22 -0.03 -35.99
N ARG N 445 63.22 0.39 -35.25
CA ARG N 445 62.23 1.37 -35.70
C ARG N 445 62.63 2.72 -35.15
N VAL N 446 62.45 3.75 -35.95
CA VAL N 446 62.64 5.13 -35.53
C VAL N 446 61.32 5.88 -35.72
N TYR N 447 60.89 6.57 -34.68
CA TYR N 447 59.72 7.43 -34.79
C TYR N 447 60.17 8.86 -34.46
N CYS N 448 59.37 9.86 -34.83
CA CYS N 448 59.63 11.27 -34.50
C CYS N 448 58.48 11.87 -33.70
N LYS N 449 58.80 12.49 -32.55
CA LYS N 449 57.77 13.08 -31.67
C LYS N 449 57.13 14.34 -32.25
N LYS N 450 57.82 15.06 -33.16
CA LYS N 450 57.24 16.24 -33.85
C LYS N 450 56.46 15.77 -35.10
N VAL N 451 55.19 16.16 -35.16
CA VAL N 451 54.22 15.57 -36.09
C VAL N 451 54.18 16.25 -37.48
N ASP N 452 54.38 17.57 -37.53
CA ASP N 452 54.22 18.39 -38.76
C ASP N 452 55.00 17.95 -40.01
N ARG N 453 54.53 18.39 -41.18
CA ARG N 453 55.09 18.01 -42.48
C ARG N 453 56.60 18.31 -42.57
N LYS N 454 57.05 19.49 -42.12
CA LYS N 454 58.47 19.92 -42.24
C LYS N 454 59.41 19.05 -41.35
N SER N 455 59.03 18.82 -40.11
CA SER N 455 59.85 17.99 -39.15
C SER N 455 59.97 16.52 -39.57
N LEU N 456 58.89 15.98 -40.13
CA LEU N 456 58.86 14.59 -40.56
C LEU N 456 59.83 14.39 -41.73
N TYR N 457 59.85 15.31 -42.68
CA TYR N 457 60.82 15.25 -43.78
C TYR N 457 62.27 15.26 -43.25
N ALA N 458 62.54 16.15 -42.30
CA ALA N 458 63.85 16.25 -41.71
C ALA N 458 64.25 14.97 -41.02
N ALA N 459 63.31 14.43 -40.24
CA ALA N 459 63.51 13.19 -39.50
C ALA N 459 63.90 12.05 -40.43
N ARG N 460 63.23 11.97 -41.57
CA ARG N 460 63.56 10.99 -42.61
C ARG N 460 64.99 11.11 -43.09
N GLN N 461 65.45 12.35 -43.33
CA GLN N 461 66.81 12.57 -43.79
C GLN N 461 67.84 12.16 -42.72
N TYR N 462 67.64 12.62 -41.47
CA TYR N 462 68.47 12.17 -40.37
C TYR N 462 68.52 10.64 -40.29
N PHE N 463 67.36 10.00 -40.36
CA PHE N 463 67.27 8.55 -40.22
C PHE N 463 68.02 7.81 -41.32
N VAL N 464 67.74 8.14 -42.57
CA VAL N 464 68.33 7.39 -43.70
C VAL N 464 69.85 7.57 -43.72
N GLN N 465 70.31 8.74 -43.27
CA GLN N 465 71.74 9.00 -43.13
C GLN N 465 72.34 8.16 -42.02
N TRP N 466 71.70 8.17 -40.87
CA TRP N 466 72.12 7.32 -39.73
C TRP N 466 72.28 5.85 -40.12
N CYS N 467 71.38 5.37 -40.99
CA CYS N 467 71.46 4.01 -41.52
C CYS N 467 72.75 3.84 -42.34
N ALA N 468 73.00 4.77 -43.26
CA ALA N 468 74.24 4.74 -44.04
C ALA N 468 75.47 4.84 -43.14
N ASP N 469 75.43 5.75 -42.18
CA ASP N 469 76.55 5.97 -41.24
C ASP N 469 76.90 4.70 -40.46
N ARG N 470 75.92 3.93 -40.00
CA ARG N 470 76.21 2.72 -39.21
C ARG N 470 76.21 1.42 -40.00
N ASN N 471 76.22 1.53 -41.34
CA ASN N 471 76.20 0.40 -42.25
C ASN N 471 75.04 -0.59 -41.97
N PHE N 472 73.87 -0.01 -41.72
CA PHE N 472 72.63 -0.76 -41.59
C PHE N 472 71.98 -0.97 -42.95
N THR N 473 70.96 -1.82 -43.00
CA THR N 473 70.27 -2.12 -44.26
C THR N 473 69.55 -0.88 -44.72
N LYS N 474 69.43 -0.76 -46.04
CA LYS N 474 68.72 0.35 -46.66
C LYS N 474 67.24 0.23 -46.31
N PRO N 475 66.62 1.31 -45.79
CA PRO N 475 65.18 1.26 -45.56
C PRO N 475 64.43 0.94 -46.86
N GLN N 476 63.41 0.11 -46.78
CA GLN N 476 62.63 -0.34 -47.96
C GLN N 476 62.17 0.83 -48.83
N ASP N 477 61.64 1.85 -48.16
CA ASP N 477 61.16 3.11 -48.80
C ASP N 477 62.25 4.17 -49.00
N GLY N 478 63.50 3.81 -48.84
CA GLY N 478 64.57 4.78 -48.65
C GLY N 478 64.83 5.67 -49.83
N ASP N 479 64.72 5.11 -51.02
CA ASP N 479 64.91 5.85 -52.27
C ASP N 479 63.88 6.94 -52.45
N VAL N 480 62.69 6.73 -51.90
CA VAL N 480 61.58 7.67 -52.05
C VAL N 480 61.64 8.75 -50.97
N ILE N 481 61.73 8.36 -49.71
CA ILE N 481 61.71 9.32 -48.58
C ILE N 481 62.95 10.18 -48.46
N ALA N 482 64.10 9.68 -48.91
CA ALA N 482 65.35 10.41 -48.85
C ALA N 482 66.18 10.16 -50.12
N PRO N 483 65.70 10.67 -51.25
CA PRO N 483 66.30 10.35 -52.55
C PRO N 483 67.70 10.91 -52.74
N LEU N 484 67.99 12.00 -52.02
CA LEU N 484 69.31 12.64 -52.07
C LEU N 484 70.36 11.95 -51.22
N ILE N 485 69.97 11.06 -50.33
CA ILE N 485 70.92 10.39 -49.41
C ILE N 485 71.34 8.98 -49.87
N THR N 486 70.41 8.24 -50.49
CA THR N 486 70.68 6.84 -50.85
C THR N 486 71.81 6.60 -51.89
N PRO N 487 72.03 7.54 -52.82
CA PRO N 487 73.24 7.37 -53.65
C PRO N 487 74.59 7.50 -52.90
N GLN N 488 74.67 8.28 -51.82
CA GLN N 488 75.91 8.34 -50.96
C GLN N 488 76.50 6.95 -50.60
N LYS N 489 75.68 5.97 -50.27
CA LYS N 489 76.16 4.61 -49.91
C LYS N 489 76.42 3.73 -51.15
N LYS N 490 77.71 3.44 -51.44
CA LYS N 490 78.11 2.50 -52.52
C LYS N 490 77.49 1.08 -52.33
N GLU N 491 77.47 0.59 -51.07
CA GLU N 491 76.90 -0.72 -50.69
C GLU N 491 75.41 -0.89 -51.08
N TRP N 492 74.66 0.19 -51.29
CA TRP N 492 73.22 0.15 -51.68
C TRP N 492 72.94 0.20 -53.21
N ASN N 493 73.97 0.16 -54.07
CA ASN N 493 73.84 0.35 -55.55
C ASN N 493 74.57 -0.74 -56.38
N MET O 9 22.11 -12.32 -64.90
CA MET O 9 23.06 -12.63 -63.76
C MET O 9 22.57 -13.86 -63.05
N LYS O 10 23.52 -14.64 -62.57
CA LYS O 10 23.20 -15.80 -61.80
C LYS O 10 24.05 -15.83 -60.55
N VAL O 11 23.43 -16.10 -59.41
CA VAL O 11 24.13 -16.11 -58.13
C VAL O 11 24.37 -17.56 -57.81
N ILE O 12 25.54 -17.84 -57.26
CA ILE O 12 25.96 -19.19 -56.94
C ILE O 12 26.75 -19.20 -55.64
N ASN O 13 26.46 -20.18 -54.77
CA ASN O 13 27.00 -20.22 -53.40
C ASN O 13 28.17 -21.20 -53.24
N ASP O 14 29.34 -20.62 -53.20
CA ASP O 14 30.60 -21.32 -53.00
C ASP O 14 30.94 -21.27 -51.50
N PRO O 15 31.36 -22.38 -50.90
CA PRO O 15 31.70 -22.32 -49.49
C PRO O 15 32.95 -21.51 -49.17
N ILE O 16 33.84 -21.33 -50.12
CA ILE O 16 35.03 -20.53 -49.89
C ILE O 16 34.71 -19.07 -50.05
N HIS O 17 34.09 -18.69 -51.15
CA HIS O 17 33.95 -17.28 -51.50
C HIS O 17 32.59 -16.67 -51.20
N GLY O 18 31.62 -17.50 -50.90
CA GLY O 18 30.29 -17.02 -50.59
C GLY O 18 29.45 -16.93 -51.84
N HIS O 19 28.49 -16.00 -51.85
CA HIS O 19 27.63 -15.84 -53.01
C HIS O 19 28.33 -14.99 -54.04
N ILE O 20 28.56 -15.58 -55.22
CA ILE O 20 29.26 -14.89 -56.29
C ILE O 20 28.33 -14.74 -57.47
N GLU O 21 28.48 -13.66 -58.22
CA GLU O 21 27.67 -13.42 -59.41
C GLU O 21 28.38 -13.88 -60.65
N LEU O 22 27.65 -14.52 -61.54
CA LEU O 22 28.18 -14.95 -62.82
C LEU O 22 27.41 -14.24 -63.91
N HIS O 23 28.12 -13.40 -64.65
CA HIS O 23 27.63 -12.78 -65.87
C HIS O 23 27.13 -13.80 -66.87
N PRO O 24 26.02 -13.53 -67.58
CA PRO O 24 25.41 -14.51 -68.48
C PRO O 24 26.35 -15.18 -69.45
N LEU O 25 27.27 -14.42 -70.01
CA LEU O 25 28.33 -14.95 -70.86
C LEU O 25 29.11 -16.06 -70.16
N LEU O 26 29.43 -15.86 -68.89
CA LEU O 26 30.15 -16.87 -68.12
C LEU O 26 29.28 -18.10 -67.90
N VAL O 27 28.02 -17.88 -67.55
CA VAL O 27 27.07 -18.99 -67.36
C VAL O 27 27.03 -19.85 -68.61
N ARG O 28 27.05 -19.19 -69.77
CA ARG O 28 26.94 -19.87 -71.03
C ARG O 28 28.14 -20.75 -71.35
N ILE O 29 29.31 -20.27 -70.95
CA ILE O 29 30.56 -21.04 -71.04
C ILE O 29 30.55 -22.19 -70.06
N ILE O 30 30.10 -21.91 -68.83
CA ILE O 30 30.01 -22.91 -67.77
C ILE O 30 29.10 -24.09 -68.15
N ASP O 31 27.95 -23.80 -68.75
CA ASP O 31 26.98 -24.84 -69.09
C ASP O 31 27.26 -25.50 -70.45
N THR O 32 28.40 -26.17 -70.51
CA THR O 32 28.88 -26.85 -71.70
C THR O 32 29.58 -28.12 -71.25
N PRO O 33 29.52 -29.18 -72.07
CA PRO O 33 30.19 -30.42 -71.68
C PRO O 33 31.65 -30.27 -71.34
N GLN O 34 32.33 -29.34 -71.99
CA GLN O 34 33.79 -29.20 -71.85
C GLN O 34 34.19 -28.66 -70.48
N PHE O 35 33.30 -27.82 -69.93
CA PHE O 35 33.49 -27.24 -68.63
C PHE O 35 32.92 -28.13 -67.54
N GLN O 36 31.71 -28.64 -67.72
CA GLN O 36 31.08 -29.49 -66.69
C GLN O 36 31.89 -30.77 -66.48
N ARG O 37 32.64 -31.17 -67.47
CA ARG O 37 33.63 -32.23 -67.33
C ARG O 37 34.48 -32.12 -66.08
N LEU O 38 34.81 -30.90 -65.67
CA LEU O 38 35.62 -30.69 -64.49
C LEU O 38 34.96 -31.08 -63.17
N ARG O 39 33.65 -31.32 -63.16
CA ARG O 39 32.99 -31.91 -61.99
C ARG O 39 33.47 -33.31 -61.68
N TYR O 40 34.02 -34.00 -62.67
CA TYR O 40 34.41 -35.39 -62.50
C TYR O 40 35.94 -35.59 -62.51
N ILE O 41 36.68 -34.56 -62.13
CA ILE O 41 38.14 -34.63 -61.97
C ILE O 41 38.54 -34.04 -60.61
N LYS O 42 39.14 -34.84 -59.75
CA LYS O 42 39.47 -34.40 -58.40
C LYS O 42 40.70 -33.49 -58.36
N GLN O 43 40.64 -32.47 -57.51
CA GLN O 43 41.66 -31.41 -57.44
C GLN O 43 43.01 -31.98 -57.07
N LEU O 44 43.01 -32.75 -55.99
CA LEU O 44 44.25 -33.27 -55.42
C LEU O 44 44.57 -34.70 -55.82
N GLY O 45 43.94 -35.20 -56.90
CA GLY O 45 44.20 -36.55 -57.41
C GLY O 45 44.02 -37.58 -56.34
N GLY O 46 45.04 -38.39 -56.16
CA GLY O 46 45.05 -39.40 -55.09
C GLY O 46 45.02 -38.90 -53.65
N GLY O 47 45.18 -37.60 -53.42
CA GLY O 47 45.11 -37.06 -52.08
C GLY O 47 43.85 -37.40 -51.33
N TYR O 48 42.72 -37.54 -52.02
CA TYR O 48 41.48 -37.99 -51.38
C TYR O 48 41.63 -39.32 -50.66
N TYR O 49 42.53 -40.18 -51.12
CA TYR O 49 42.75 -41.47 -50.48
C TYR O 49 43.62 -41.40 -49.22
N VAL O 50 44.11 -40.21 -48.90
CA VAL O 50 44.79 -39.92 -47.64
C VAL O 50 44.09 -38.85 -46.79
N PHE O 51 43.59 -37.80 -47.41
CA PHE O 51 42.81 -36.78 -46.70
C PHE O 51 41.35 -36.97 -47.14
N PRO O 52 40.53 -37.66 -46.33
CA PRO O 52 39.18 -37.95 -46.78
C PRO O 52 38.28 -36.72 -46.93
N GLY O 53 38.75 -35.54 -46.51
CA GLY O 53 38.01 -34.32 -46.81
C GLY O 53 38.06 -33.90 -48.26
N ALA O 54 39.15 -34.26 -48.95
CA ALA O 54 39.56 -33.72 -50.27
C ALA O 54 38.90 -34.33 -51.52
N SER O 55 37.59 -34.50 -51.39
CA SER O 55 36.63 -34.85 -52.44
C SER O 55 36.49 -33.79 -53.54
N HIS O 56 36.93 -32.57 -53.26
CA HIS O 56 36.73 -31.43 -54.16
C HIS O 56 37.38 -31.62 -55.52
N ASN O 57 36.62 -31.11 -56.51
CA ASN O 57 36.92 -31.24 -57.93
C ASN O 57 37.32 -29.91 -58.57
N ARG O 58 37.89 -30.00 -59.77
CA ARG O 58 38.31 -28.84 -60.53
C ARG O 58 37.23 -27.82 -60.89
N PHE O 59 36.00 -28.32 -61.08
CA PHE O 59 34.86 -27.47 -61.37
C PHE O 59 34.78 -26.26 -60.45
N GLU O 60 34.68 -26.56 -59.17
CA GLU O 60 34.47 -25.52 -58.19
C GLU O 60 35.69 -24.61 -57.97
N HIS O 61 36.89 -25.15 -58.13
CA HIS O 61 38.14 -24.34 -58.16
C HIS O 61 38.09 -23.39 -59.34
N SER O 62 37.70 -23.93 -60.49
CA SER O 62 37.66 -23.17 -61.71
C SER O 62 36.70 -21.97 -61.51
N LEU O 63 35.51 -22.17 -60.95
CA LEU O 63 34.63 -21.03 -60.66
C LEU O 63 35.30 -19.99 -59.78
N GLY O 64 35.94 -20.45 -58.73
CA GLY O 64 36.55 -19.53 -57.76
C GLY O 64 37.68 -18.71 -58.33
N VAL O 65 38.46 -19.30 -59.24
CA VAL O 65 39.55 -18.57 -59.88
C VAL O 65 38.97 -17.50 -60.77
N GLY O 66 37.92 -17.86 -61.49
CA GLY O 66 37.17 -16.91 -62.28
C GLY O 66 36.68 -15.75 -61.45
N TYR O 67 36.12 -16.05 -60.29
CA TYR O 67 35.57 -15.03 -59.42
C TYR O 67 36.63 -14.08 -58.92
N LEU O 68 37.73 -14.64 -58.41
CA LEU O 68 38.83 -13.85 -57.87
C LEU O 68 39.55 -13.06 -58.93
N ALA O 69 39.67 -13.61 -60.13
CA ALA O 69 40.18 -12.83 -61.25
C ALA O 69 39.37 -11.54 -61.42
N GLY O 70 38.05 -11.69 -61.40
CA GLY O 70 37.13 -10.57 -61.42
C GLY O 70 37.34 -9.58 -60.27
N CYS O 71 37.53 -10.06 -59.06
CA CYS O 71 37.71 -9.16 -57.92
C CYS O 71 38.93 -8.31 -58.06
N LEU O 72 40.03 -8.90 -58.50
CA LEU O 72 41.29 -8.18 -58.54
C LEU O 72 41.24 -7.13 -59.64
N VAL O 73 40.83 -7.52 -60.83
CA VAL O 73 40.76 -6.56 -61.94
C VAL O 73 39.73 -5.47 -61.65
N HIS O 74 38.63 -5.83 -61.07
CA HIS O 74 37.56 -4.87 -60.74
C HIS O 74 38.06 -3.85 -59.68
N ALA O 75 38.80 -4.34 -58.68
CA ALA O 75 39.33 -3.49 -57.64
C ALA O 75 40.38 -2.54 -58.18
N LEU O 76 41.29 -3.03 -59.02
CA LEU O 76 42.31 -2.18 -59.60
C LEU O 76 41.66 -1.02 -60.34
N GLY O 77 40.53 -1.29 -61.00
CA GLY O 77 39.76 -0.30 -61.75
C GLY O 77 39.08 0.76 -60.94
N GLU O 78 38.49 0.39 -59.81
CA GLU O 78 37.93 1.38 -58.88
C GLU O 78 38.99 2.31 -58.34
N LYS O 79 40.07 1.74 -57.79
CA LYS O 79 41.17 2.52 -57.19
C LYS O 79 41.89 3.41 -58.24
N GLN O 80 41.97 3.00 -59.51
CA GLN O 80 42.72 3.75 -60.55
C GLN O 80 41.96 3.82 -61.90
N PRO O 81 41.05 4.77 -62.04
CA PRO O 81 40.33 4.92 -63.29
C PRO O 81 41.22 5.18 -64.50
N GLU O 82 42.33 5.91 -64.30
CA GLU O 82 43.28 6.22 -65.38
C GLU O 82 43.70 5.01 -66.23
N LEU O 83 43.68 3.82 -65.65
CA LEU O 83 44.05 2.59 -66.36
C LEU O 83 43.08 2.19 -67.50
N GLN O 84 41.84 2.68 -67.40
CA GLN O 84 40.82 2.50 -68.44
C GLN O 84 40.54 1.03 -68.66
N ILE O 85 40.19 0.36 -67.58
CA ILE O 85 39.84 -1.03 -67.58
C ILE O 85 38.37 -1.06 -67.96
N SER O 86 38.02 -1.68 -69.09
CA SER O 86 36.62 -1.76 -69.56
C SER O 86 35.94 -3.01 -69.03
N GLU O 87 34.61 -3.04 -69.03
CA GLU O 87 33.88 -4.26 -68.62
C GLU O 87 34.15 -5.41 -69.58
N ARG O 88 34.60 -5.08 -70.78
CA ARG O 88 35.12 -6.04 -71.71
C ARG O 88 36.40 -6.71 -71.18
N ASP O 89 37.35 -5.90 -70.69
CA ASP O 89 38.56 -6.43 -70.07
C ASP O 89 38.22 -7.34 -68.90
N VAL O 90 37.26 -6.92 -68.09
CA VAL O 90 36.90 -7.68 -66.91
C VAL O 90 36.35 -9.05 -67.28
N LEU O 91 35.39 -9.08 -68.19
CA LEU O 91 34.87 -10.36 -68.68
C LEU O 91 35.94 -11.28 -69.23
N CYS O 92 36.86 -10.72 -70.01
CA CYS O 92 37.94 -11.52 -70.58
C CYS O 92 38.84 -12.12 -69.50
N VAL O 93 39.12 -11.35 -68.46
CA VAL O 93 39.95 -11.83 -67.36
C VAL O 93 39.19 -12.91 -66.57
N GLN O 94 37.91 -12.68 -66.32
CA GLN O 94 37.08 -13.68 -65.65
C GLN O 94 37.02 -14.99 -66.44
N ILE O 95 36.81 -14.88 -67.75
CA ILE O 95 36.73 -16.05 -68.62
C ILE O 95 38.04 -16.85 -68.58
N ALA O 96 39.17 -16.16 -68.60
CA ALA O 96 40.45 -16.82 -68.54
C ALA O 96 40.59 -17.56 -67.24
N GLY O 97 40.27 -16.90 -66.15
CA GLY O 97 40.29 -17.52 -64.84
C GLY O 97 39.40 -18.76 -64.75
N LEU O 98 38.21 -18.64 -65.29
CA LEU O 98 37.23 -19.69 -65.27
C LEU O 98 37.72 -20.93 -66.04
N CYS O 99 38.35 -20.68 -67.18
CA CYS O 99 38.78 -21.74 -68.10
C CYS O 99 40.27 -22.13 -67.96
N HIS O 100 40.95 -21.64 -66.91
CA HIS O 100 42.41 -21.82 -66.85
C HIS O 100 42.83 -23.26 -66.68
N ASP O 101 41.95 -24.08 -66.08
CA ASP O 101 42.24 -25.50 -65.79
C ASP O 101 41.38 -26.45 -66.61
N LEU O 102 40.82 -25.97 -67.71
CA LEU O 102 40.01 -26.81 -68.60
C LEU O 102 40.68 -28.09 -69.10
N GLY O 103 42.01 -28.06 -69.18
CA GLY O 103 42.78 -29.16 -69.74
C GLY O 103 43.46 -30.12 -68.77
N HIS O 104 43.00 -30.14 -67.52
CA HIS O 104 43.54 -31.14 -66.60
C HIS O 104 43.01 -32.50 -66.96
N GLY O 105 43.86 -33.51 -66.78
CA GLY O 105 43.43 -34.89 -67.00
C GLY O 105 42.85 -35.60 -65.79
N PRO O 106 42.58 -36.90 -65.93
CA PRO O 106 42.19 -37.72 -64.78
C PRO O 106 43.18 -37.60 -63.65
N PHE O 107 42.66 -37.36 -62.45
CA PHE O 107 43.47 -37.17 -61.25
C PHE O 107 44.43 -36.00 -61.37
N SER O 108 43.99 -34.96 -62.05
CA SER O 108 44.68 -33.68 -62.14
C SER O 108 46.17 -33.82 -62.51
N HIS O 109 47.04 -33.70 -61.50
CA HIS O 109 48.47 -33.52 -61.74
C HIS O 109 49.18 -34.86 -61.95
N MET O 110 48.50 -35.93 -61.62
CA MET O 110 48.98 -37.26 -61.91
C MET O 110 49.08 -37.45 -63.42
N PHE O 111 48.10 -36.93 -64.15
CA PHE O 111 48.02 -37.14 -65.60
C PHE O 111 49.14 -36.45 -66.38
N ASP O 112 49.29 -35.13 -66.25
CA ASP O 112 50.37 -34.41 -66.93
C ASP O 112 51.73 -34.67 -66.29
N GLY O 113 51.74 -35.01 -65.00
CA GLY O 113 52.97 -35.15 -64.21
C GLY O 113 53.62 -36.51 -64.19
N ARG O 114 52.82 -37.57 -64.07
CA ARG O 114 53.34 -38.96 -64.07
C ARG O 114 53.00 -39.76 -65.30
N PHE O 115 51.71 -39.79 -65.64
CA PHE O 115 51.21 -40.72 -66.66
C PHE O 115 51.68 -40.46 -68.07
N ILE O 116 51.34 -39.29 -68.62
CA ILE O 116 51.70 -38.95 -69.99
C ILE O 116 53.22 -39.01 -70.21
N PRO O 117 54.03 -38.47 -69.28
CA PRO O 117 55.47 -38.62 -69.45
C PRO O 117 55.97 -40.05 -69.57
N LEU O 118 55.29 -40.99 -68.93
CA LEU O 118 55.65 -42.41 -69.05
C LEU O 118 55.06 -43.09 -70.27
N ALA O 119 53.79 -42.83 -70.55
CA ALA O 119 53.12 -43.47 -71.69
C ALA O 119 53.61 -42.95 -73.04
N ARG O 120 53.95 -41.66 -73.12
CA ARG O 120 54.37 -41.03 -74.37
C ARG O 120 55.52 -40.06 -74.13
N PRO O 121 56.75 -40.62 -73.94
CA PRO O 121 57.93 -39.81 -73.63
C PRO O 121 58.33 -38.81 -74.74
N GLU O 122 57.99 -39.11 -75.99
CA GLU O 122 58.24 -38.22 -77.11
C GLU O 122 57.53 -36.84 -77.03
N VAL O 123 56.38 -36.73 -76.36
CA VAL O 123 55.62 -35.47 -76.38
C VAL O 123 56.01 -34.60 -75.18
N LYS O 124 56.10 -33.28 -75.39
CA LYS O 124 56.08 -32.30 -74.31
C LYS O 124 54.60 -31.83 -74.20
N TRP O 125 53.87 -32.31 -73.19
CA TRP O 125 52.44 -31.94 -72.98
C TRP O 125 52.17 -31.45 -71.58
N THR O 126 51.50 -30.29 -71.47
CA THR O 126 51.18 -29.69 -70.17
C THR O 126 49.66 -29.52 -70.03
N HIS O 127 49.18 -29.47 -68.79
CA HIS O 127 47.76 -29.26 -68.54
C HIS O 127 47.31 -27.90 -69.13
N GLU O 128 48.20 -26.91 -69.08
CA GLU O 128 47.93 -25.59 -69.64
C GLU O 128 47.63 -25.62 -71.12
N GLN O 129 48.49 -26.29 -71.89
CA GLN O 129 48.29 -26.39 -73.34
C GLN O 129 46.95 -27.01 -73.65
N GLY O 130 46.59 -28.00 -72.84
CA GLY O 130 45.31 -28.65 -72.93
C GLY O 130 44.18 -27.65 -72.71
N SER O 131 44.33 -26.78 -71.72
CA SER O 131 43.33 -25.74 -71.46
C SER O 131 43.06 -24.87 -72.68
N VAL O 132 44.11 -24.46 -73.38
CA VAL O 132 43.97 -23.67 -74.61
C VAL O 132 43.19 -24.44 -75.67
N MET O 133 43.58 -25.68 -75.90
CA MET O 133 42.92 -26.52 -76.90
C MET O 133 41.45 -26.77 -76.56
N MET O 134 41.20 -27.09 -75.30
CA MET O 134 39.87 -27.39 -74.84
C MET O 134 39.00 -26.13 -74.81
N PHE O 135 39.61 -24.97 -74.58
CA PHE O 135 38.89 -23.70 -74.67
C PHE O 135 38.42 -23.46 -76.10
N GLU O 136 39.34 -23.59 -77.05
CA GLU O 136 39.00 -23.51 -78.47
C GLU O 136 37.85 -24.46 -78.80
N HIS O 137 37.94 -25.72 -78.37
CA HIS O 137 36.90 -26.70 -78.65
C HIS O 137 35.57 -26.28 -78.02
N LEU O 138 35.62 -25.76 -76.80
CA LEU O 138 34.40 -25.31 -76.10
C LEU O 138 33.70 -24.19 -76.85
N ILE O 139 34.49 -23.19 -77.25
CA ILE O 139 34.02 -22.03 -78.02
C ILE O 139 33.32 -22.49 -79.30
N ASN O 140 34.03 -23.28 -80.11
CA ASN O 140 33.55 -23.65 -81.44
C ASN O 140 32.34 -24.57 -81.40
N SER O 141 32.38 -25.58 -80.54
CA SER O 141 31.28 -26.53 -80.48
C SER O 141 29.99 -25.99 -79.81
N ASN O 142 30.07 -24.92 -79.01
CA ASN O 142 28.87 -24.37 -78.34
C ASN O 142 28.45 -22.96 -78.81
N GLY O 143 28.90 -22.55 -80.01
CA GLY O 143 28.50 -21.27 -80.61
C GLY O 143 28.63 -20.06 -79.70
N ILE O 144 29.80 -19.90 -79.10
CA ILE O 144 30.04 -18.86 -78.10
C ILE O 144 30.38 -17.51 -78.74
N LYS O 145 31.04 -17.56 -79.89
CA LYS O 145 31.49 -16.34 -80.55
C LYS O 145 30.37 -15.28 -80.73
N PRO O 146 29.16 -15.66 -81.22
CA PRO O 146 28.06 -14.68 -81.29
C PRO O 146 27.65 -14.11 -79.95
N VAL O 147 27.72 -14.93 -78.90
CA VAL O 147 27.35 -14.50 -77.55
C VAL O 147 28.40 -13.55 -76.99
N MET O 148 29.68 -13.79 -77.29
CA MET O 148 30.72 -12.84 -76.91
C MET O 148 30.46 -11.47 -77.52
N GLU O 149 30.16 -11.46 -78.82
CA GLU O 149 29.85 -10.22 -79.55
C GLU O 149 28.66 -9.52 -78.93
N GLN O 150 27.65 -10.29 -78.56
CA GLN O 150 26.45 -9.75 -77.94
C GLN O 150 26.75 -8.90 -76.70
N TYR O 151 27.75 -9.29 -75.91
CA TYR O 151 28.12 -8.53 -74.72
C TYR O 151 29.37 -7.67 -74.91
N GLY O 152 29.66 -7.29 -76.15
CA GLY O 152 30.68 -6.29 -76.42
C GLY O 152 32.11 -6.76 -76.58
N LEU O 153 32.34 -8.08 -76.56
CA LEU O 153 33.68 -8.60 -76.85
C LEU O 153 33.96 -8.59 -78.34
N ILE O 154 35.24 -8.70 -78.69
CA ILE O 154 35.68 -8.84 -80.07
C ILE O 154 36.43 -10.17 -80.15
N PRO O 155 35.76 -11.24 -80.58
CA PRO O 155 36.35 -12.58 -80.53
C PRO O 155 37.77 -12.73 -81.11
N GLU O 156 38.04 -12.12 -82.27
CA GLU O 156 39.41 -12.17 -82.83
C GLU O 156 40.47 -11.85 -81.77
N GLU O 157 40.42 -10.63 -81.24
CA GLU O 157 41.34 -10.13 -80.21
C GLU O 157 41.23 -10.83 -78.89
N ASP O 158 40.00 -10.99 -78.41
CA ASP O 158 39.79 -11.44 -77.03
C ASP O 158 40.05 -12.91 -76.81
N ILE O 159 39.71 -13.76 -77.77
CA ILE O 159 40.04 -15.18 -77.64
C ILE O 159 41.54 -15.35 -77.57
N CYS O 160 42.28 -14.55 -78.34
CA CYS O 160 43.74 -14.56 -78.24
C CYS O 160 44.20 -14.14 -76.83
N PHE O 161 43.66 -13.03 -76.33
CA PHE O 161 43.96 -12.51 -74.99
C PHE O 161 43.65 -13.53 -73.89
N ILE O 162 42.55 -14.27 -74.04
CA ILE O 162 42.19 -15.29 -73.05
C ILE O 162 43.22 -16.41 -73.07
N LYS O 163 43.51 -16.94 -74.26
CA LYS O 163 44.50 -18.00 -74.39
C LYS O 163 45.87 -17.58 -73.88
N GLU O 164 46.26 -16.34 -74.16
CA GLU O 164 47.55 -15.81 -73.72
C GLU O 164 47.65 -15.70 -72.20
N GLN O 165 46.56 -15.35 -71.54
CA GLN O 165 46.54 -15.33 -70.07
C GLN O 165 46.87 -16.70 -69.51
N ILE O 166 46.37 -17.74 -70.17
CA ILE O 166 46.48 -19.12 -69.69
C ILE O 166 47.86 -19.74 -69.87
N VAL O 167 48.40 -19.67 -71.09
CA VAL O 167 49.70 -20.29 -71.40
C VAL O 167 50.85 -19.33 -71.71
N GLY O 168 50.63 -18.01 -71.65
CA GLY O 168 51.66 -17.08 -72.06
C GLY O 168 51.71 -16.93 -73.58
N PRO O 169 52.77 -16.30 -74.10
CA PRO O 169 52.67 -15.72 -75.47
C PRO O 169 52.56 -16.66 -76.68
N VAL O 174 63.20 -14.52 -77.15
CA VAL O 174 64.52 -14.38 -77.83
C VAL O 174 65.41 -13.31 -77.12
N GLU O 175 66.38 -12.67 -77.82
CA GLU O 175 67.40 -11.73 -77.23
C GLU O 175 66.97 -10.21 -77.01
N ASP O 176 65.66 -9.93 -76.86
CA ASP O 176 65.10 -8.55 -76.80
C ASP O 176 64.28 -8.30 -75.47
N SER O 177 62.95 -8.53 -75.42
CA SER O 177 62.02 -8.20 -74.30
C SER O 177 60.97 -7.10 -74.74
N LEU O 178 61.09 -6.63 -75.98
CA LEU O 178 59.93 -6.03 -76.68
C LEU O 178 58.64 -6.91 -76.57
N TRP O 179 57.51 -6.28 -76.83
CA TRP O 179 56.22 -6.76 -76.35
C TRP O 179 55.73 -8.02 -77.05
N PRO O 180 55.74 -9.16 -76.33
CA PRO O 180 55.37 -10.42 -77.02
C PRO O 180 53.87 -10.65 -77.26
N TYR O 181 52.97 -9.96 -76.57
CA TYR O 181 51.55 -10.32 -76.59
C TYR O 181 50.82 -9.64 -77.75
N LYS O 182 49.96 -10.37 -78.43
CA LYS O 182 49.11 -9.86 -79.52
C LYS O 182 47.71 -9.51 -78.97
N GLY O 183 47.33 -10.04 -77.82
CA GLY O 183 45.96 -9.88 -77.30
C GLY O 183 45.61 -8.50 -76.75
N ARG O 184 46.55 -7.89 -76.04
CA ARG O 184 46.42 -6.53 -75.52
C ARG O 184 47.73 -5.75 -75.71
N PRO O 185 47.66 -4.41 -75.66
CA PRO O 185 48.88 -3.59 -75.69
C PRO O 185 49.62 -3.51 -74.36
N GLU O 186 50.80 -2.89 -74.38
CA GLU O 186 51.67 -2.74 -73.17
C GLU O 186 51.02 -1.96 -72.03
N ASN O 187 50.14 -1.01 -72.37
CA ASN O 187 49.44 -0.17 -71.36
C ASN O 187 48.38 -0.96 -70.58
N LYS O 188 48.18 -2.24 -70.90
CA LYS O 188 47.38 -3.13 -70.10
C LYS O 188 48.07 -4.44 -69.75
N SER O 189 49.40 -4.42 -69.63
CA SER O 189 50.15 -5.64 -69.29
C SER O 189 49.83 -6.23 -67.94
N PHE O 190 49.37 -5.39 -67.01
CA PHE O 190 48.94 -5.86 -65.71
C PHE O 190 47.83 -6.91 -65.80
N LEU O 191 46.98 -6.85 -66.82
CA LEU O 191 45.94 -7.85 -66.96
C LEU O 191 46.49 -9.29 -67.09
N TYR O 192 47.69 -9.42 -67.64
CA TYR O 192 48.37 -10.72 -67.77
C TYR O 192 48.93 -11.29 -66.47
N GLU O 193 49.02 -10.46 -65.43
CA GLU O 193 49.49 -10.88 -64.12
C GLU O 193 48.37 -11.30 -63.14
N ILE O 194 47.16 -11.52 -63.62
CA ILE O 194 46.03 -11.83 -62.73
C ILE O 194 45.76 -13.34 -62.59
N VAL O 195 45.50 -14.00 -63.70
CA VAL O 195 45.14 -15.43 -63.67
C VAL O 195 46.37 -16.34 -63.59
N SER O 196 47.42 -16.02 -64.33
CA SER O 196 48.64 -16.83 -64.32
C SER O 196 49.86 -15.93 -64.54
N ASN O 197 50.52 -15.62 -63.43
CA ASN O 197 51.56 -14.59 -63.35
C ASN O 197 52.91 -15.20 -63.69
N LYS O 198 53.36 -14.99 -64.92
CA LYS O 198 54.64 -15.52 -65.37
C LYS O 198 55.84 -14.84 -64.70
N ARG O 199 55.66 -13.61 -64.24
CA ARG O 199 56.76 -12.81 -63.70
C ARG O 199 57.26 -13.31 -62.37
N ASN O 200 56.33 -13.52 -61.44
CA ASN O 200 56.64 -13.91 -60.05
C ASN O 200 55.78 -15.02 -59.44
N GLY O 201 54.62 -15.31 -60.03
CA GLY O 201 53.79 -16.40 -59.55
C GLY O 201 52.66 -15.98 -58.64
N ILE O 202 52.59 -14.71 -58.28
CA ILE O 202 51.50 -14.25 -57.42
C ILE O 202 50.27 -14.04 -58.30
N ASP O 203 49.38 -15.02 -58.28
CA ASP O 203 48.19 -15.03 -59.14
C ASP O 203 46.96 -15.51 -58.34
N VAL O 204 45.76 -15.29 -58.87
CA VAL O 204 44.55 -15.64 -58.16
C VAL O 204 44.26 -17.15 -58.16
N ASP O 205 44.90 -17.90 -59.04
CA ASP O 205 44.83 -19.35 -59.04
C ASP O 205 45.31 -19.85 -57.69
N LYS O 206 46.49 -19.40 -57.27
CA LYS O 206 47.04 -19.79 -55.96
C LYS O 206 46.07 -19.43 -54.84
N TRP O 207 45.54 -18.22 -54.90
CA TRP O 207 44.72 -17.72 -53.82
C TRP O 207 43.47 -18.55 -53.59
N ASP O 208 42.88 -19.04 -54.67
CA ASP O 208 41.72 -19.89 -54.52
C ASP O 208 42.10 -21.24 -53.97
N TYR O 209 43.14 -21.86 -54.52
CA TYR O 209 43.46 -23.21 -54.07
C TYR O 209 44.01 -23.26 -52.64
N PHE O 210 44.73 -22.24 -52.22
CA PHE O 210 45.17 -22.16 -50.82
C PHE O 210 43.95 -22.28 -49.91
N ALA O 211 42.97 -21.43 -50.15
CA ALA O 211 41.78 -21.35 -49.32
C ALA O 211 40.94 -22.61 -49.44
N ARG O 212 40.78 -23.10 -50.66
CA ARG O 212 39.89 -24.22 -50.93
C ARG O 212 40.50 -25.53 -50.48
N ASP O 213 41.76 -25.76 -50.81
CA ASP O 213 42.41 -27.01 -50.44
C ASP O 213 42.47 -27.07 -48.93
N CYS O 214 42.87 -25.99 -48.27
CA CYS O 214 42.82 -25.95 -46.82
C CYS O 214 41.43 -26.31 -46.24
N HIS O 215 40.36 -25.77 -46.81
CA HIS O 215 39.00 -26.00 -46.31
C HIS O 215 38.68 -27.46 -46.25
N HIS O 216 38.99 -28.14 -47.34
CA HIS O 216 38.70 -29.57 -47.51
C HIS O 216 39.78 -30.45 -46.88
N LEU O 217 41.04 -30.01 -46.84
CA LEU O 217 42.12 -30.85 -46.29
C LEU O 217 42.06 -31.00 -44.80
N GLY O 218 41.63 -29.98 -44.08
CA GLY O 218 41.70 -29.94 -42.61
C GLY O 218 42.96 -29.29 -42.09
N ILE O 219 43.43 -28.28 -42.82
CA ILE O 219 44.55 -27.44 -42.45
C ILE O 219 44.06 -25.98 -42.59
N GLN O 220 44.31 -25.09 -41.61
CA GLN O 220 44.00 -23.66 -41.77
C GLN O 220 45.15 -23.00 -42.60
N ASN O 221 44.73 -21.99 -43.33
CA ASN O 221 45.51 -21.32 -44.37
C ASN O 221 46.15 -20.07 -43.76
N ASN O 222 47.45 -19.88 -43.97
CA ASN O 222 48.10 -18.71 -43.35
C ASN O 222 47.93 -17.34 -44.08
N PHE O 223 47.34 -17.32 -45.27
CA PHE O 223 47.49 -16.20 -46.23
C PHE O 223 46.20 -15.45 -46.56
N ASP O 224 46.26 -14.11 -46.58
CA ASP O 224 45.09 -13.24 -46.79
C ASP O 224 45.10 -12.58 -48.15
N TYR O 225 44.39 -13.19 -49.12
CA TYR O 225 44.32 -12.62 -50.48
C TYR O 225 43.60 -11.28 -50.48
N LYS O 226 42.56 -11.15 -49.64
CA LYS O 226 41.79 -9.94 -49.63
C LYS O 226 42.61 -8.73 -49.25
N ARG O 227 43.56 -8.93 -48.35
CA ARG O 227 44.45 -7.87 -47.92
C ARG O 227 45.39 -7.49 -49.04
N PHE O 228 45.89 -8.48 -49.77
CA PHE O 228 46.77 -8.19 -50.91
C PHE O 228 46.07 -7.31 -51.95
N ILE O 229 44.82 -7.65 -52.25
CA ILE O 229 43.99 -6.87 -53.16
C ILE O 229 43.84 -5.42 -52.66
N LYS O 230 43.64 -5.19 -51.37
CA LYS O 230 43.54 -3.83 -50.88
C LYS O 230 44.82 -3.05 -51.00
N PHE O 231 45.96 -3.72 -50.97
CA PHE O 231 47.26 -3.05 -51.11
C PHE O 231 47.91 -3.35 -52.46
N ALA O 232 47.10 -3.56 -53.49
CA ALA O 232 47.63 -3.77 -54.84
C ALA O 232 47.39 -2.53 -55.61
N ARG O 233 48.24 -2.30 -56.60
CA ARG O 233 48.27 -1.03 -57.30
C ARG O 233 49.07 -1.17 -58.59
N VAL O 234 48.71 -0.42 -59.62
CA VAL O 234 49.43 -0.51 -60.89
C VAL O 234 50.35 0.69 -61.01
N CYS O 235 51.61 0.45 -61.38
CA CYS O 235 52.60 1.51 -61.57
C CYS O 235 53.43 1.20 -62.78
N GLU O 236 54.15 2.19 -63.27
CA GLU O 236 55.03 2.00 -64.39
C GLU O 236 56.35 1.37 -63.97
N VAL O 237 56.69 0.22 -64.57
CA VAL O 237 58.00 -0.40 -64.42
C VAL O 237 58.56 -0.73 -65.81
N ASP O 238 59.64 -0.04 -66.20
CA ASP O 238 60.32 -0.27 -67.48
C ASP O 238 59.33 -0.15 -68.62
N ASN O 239 58.70 1.02 -68.73
CA ASN O 239 57.79 1.35 -69.88
C ASN O 239 56.58 0.41 -70.04
N GLU O 240 56.10 -0.11 -68.91
CA GLU O 240 55.07 -1.16 -68.92
C GLU O 240 54.34 -1.09 -67.58
N LEU O 241 53.02 -1.10 -67.61
CA LEU O 241 52.19 -0.97 -66.40
C LEU O 241 52.00 -2.32 -65.69
N ARG O 242 52.56 -2.51 -64.50
CA ARG O 242 52.46 -3.78 -63.73
C ARG O 242 51.83 -3.65 -62.36
N ILE O 243 51.33 -4.75 -61.84
CA ILE O 243 50.82 -4.82 -60.48
C ILE O 243 51.99 -4.73 -59.49
N CYS O 244 51.86 -3.80 -58.53
CA CYS O 244 52.83 -3.65 -57.47
C CYS O 244 52.15 -3.81 -56.12
N ALA O 245 52.92 -4.33 -55.15
CA ALA O 245 52.43 -4.45 -53.79
C ALA O 245 53.07 -3.41 -52.90
N ARG O 246 52.45 -3.12 -51.78
CA ARG O 246 52.98 -2.11 -50.89
C ARG O 246 54.23 -2.59 -50.20
N ASP O 247 55.18 -1.68 -50.00
CA ASP O 247 56.46 -2.02 -49.40
C ASP O 247 56.32 -2.89 -48.16
N LYS O 248 55.53 -2.47 -47.18
CA LYS O 248 55.44 -3.18 -45.91
C LYS O 248 54.88 -4.64 -46.10
N GLU O 249 54.10 -4.90 -47.16
CA GLU O 249 53.56 -6.25 -47.41
C GLU O 249 54.59 -7.30 -47.87
N VAL O 250 55.83 -6.91 -48.09
CA VAL O 250 56.84 -7.85 -48.57
C VAL O 250 56.93 -9.09 -47.70
N GLY O 251 56.83 -8.91 -46.38
CA GLY O 251 56.81 -10.03 -45.45
C GLY O 251 55.73 -11.05 -45.74
N ASN O 252 54.51 -10.58 -45.95
CA ASN O 252 53.38 -11.43 -46.29
C ASN O 252 53.53 -12.19 -47.58
N LEU O 253 54.31 -11.66 -48.52
CA LEU O 253 54.57 -12.33 -49.78
C LEU O 253 55.57 -13.48 -49.61
N TYR O 254 56.64 -13.30 -48.83
CA TYR O 254 57.51 -14.44 -48.51
C TYR O 254 56.69 -15.52 -47.80
N ASP O 255 55.74 -15.10 -46.96
CA ASP O 255 54.85 -16.04 -46.25
C ASP O 255 53.85 -16.74 -47.17
N MET O 256 53.51 -16.13 -48.30
CA MET O 256 52.65 -16.77 -49.28
C MET O 256 53.34 -17.98 -49.85
N PHE O 257 54.60 -17.81 -50.25
CA PHE O 257 55.32 -18.92 -50.88
C PHE O 257 55.71 -19.97 -49.85
N HIS O 258 55.91 -19.56 -48.60
CA HIS O 258 56.11 -20.51 -47.50
C HIS O 258 54.86 -21.36 -47.31
N THR O 259 53.70 -20.71 -47.28
CA THR O 259 52.42 -21.41 -47.20
C THR O 259 52.31 -22.44 -48.31
N ARG O 260 52.68 -22.05 -49.53
CA ARG O 260 52.61 -22.96 -50.65
C ARG O 260 53.46 -24.19 -50.44
N ASN O 261 54.74 -23.98 -50.14
CA ASN O 261 55.68 -25.07 -49.91
C ASN O 261 55.19 -25.95 -48.77
N SER O 262 54.67 -25.31 -47.73
CA SER O 262 54.08 -26.03 -46.60
C SER O 262 52.92 -26.96 -47.02
N LEU O 263 52.01 -26.47 -47.86
CA LEU O 263 50.95 -27.33 -48.37
C LEU O 263 51.44 -28.46 -49.26
N HIS O 264 52.56 -28.24 -49.96
CA HIS O 264 53.16 -29.31 -50.76
C HIS O 264 53.71 -30.38 -49.85
N ARG O 265 54.40 -29.98 -48.80
CA ARG O 265 54.98 -30.95 -47.89
C ARG O 265 53.96 -31.74 -47.14
N ARG O 266 52.92 -31.07 -46.67
CA ARG O 266 51.97 -31.75 -45.83
C ARG O 266 51.00 -32.60 -46.60
N ALA O 267 50.52 -32.11 -47.74
CA ALA O 267 49.41 -32.72 -48.43
C ALA O 267 49.73 -33.14 -49.85
N TYR O 268 50.06 -32.19 -50.71
CA TYR O 268 50.13 -32.50 -52.15
C TYR O 268 51.17 -33.56 -52.53
N GLN O 269 52.31 -33.54 -51.83
CA GLN O 269 53.38 -34.52 -51.99
C GLN O 269 53.45 -35.54 -50.85
N HIS O 270 52.34 -35.76 -50.14
CA HIS O 270 52.30 -36.72 -49.02
C HIS O 270 52.75 -38.09 -49.50
N LYS O 271 53.62 -38.72 -48.72
CA LYS O 271 54.31 -39.94 -49.18
C LYS O 271 53.38 -41.07 -49.66
N VAL O 272 52.22 -41.23 -49.02
CA VAL O 272 51.23 -42.22 -49.42
C VAL O 272 50.33 -41.69 -50.53
N GLY O 273 50.02 -40.40 -50.52
CA GLY O 273 49.26 -39.82 -51.62
C GLY O 273 49.96 -40.06 -52.93
N ASN O 274 51.26 -39.79 -52.94
CA ASN O 274 52.08 -40.00 -54.11
C ASN O 274 52.21 -41.47 -54.51
N ILE O 275 52.24 -42.39 -53.56
CA ILE O 275 52.32 -43.80 -53.94
C ILE O 275 51.01 -44.28 -54.52
N ILE O 276 49.90 -43.76 -54.04
CA ILE O 276 48.62 -44.06 -54.66
C ILE O 276 48.54 -43.50 -56.08
N ASP O 277 49.05 -42.28 -56.26
CA ASP O 277 49.18 -41.73 -57.60
C ASP O 277 50.01 -42.64 -58.50
N THR O 278 51.19 -43.07 -58.04
CA THR O 278 52.04 -43.93 -58.91
C THR O 278 51.33 -45.24 -59.23
N MET O 279 50.54 -45.77 -58.30
CA MET O 279 49.80 -47.02 -58.52
C MET O 279 48.65 -46.87 -59.49
N ILE O 280 47.91 -45.79 -59.40
CA ILE O 280 46.87 -45.50 -60.37
C ILE O 280 47.50 -45.32 -61.77
N THR O 281 48.57 -44.55 -61.83
CA THR O 281 49.30 -44.34 -63.08
C THR O 281 49.76 -45.66 -63.66
N ASP O 282 50.26 -46.53 -62.80
CA ASP O 282 50.67 -47.87 -63.19
C ASP O 282 49.52 -48.66 -63.83
N ALA O 283 48.36 -48.59 -63.20
CA ALA O 283 47.16 -49.25 -63.68
C ALA O 283 46.70 -48.69 -65.01
N PHE O 284 46.75 -47.37 -65.17
CA PHE O 284 46.41 -46.76 -66.46
C PHE O 284 47.33 -47.28 -67.53
N LEU O 285 48.64 -47.28 -67.27
CA LEU O 285 49.61 -47.80 -68.24
C LEU O 285 49.26 -49.22 -68.70
N LYS O 286 48.87 -50.09 -67.77
CA LYS O 286 48.51 -51.48 -68.14
C LYS O 286 47.17 -51.62 -68.83
N ALA O 287 46.27 -50.66 -68.62
CA ALA O 287 45.00 -50.63 -69.31
C ALA O 287 45.00 -49.79 -70.59
N ASP O 288 46.12 -49.15 -70.92
CA ASP O 288 46.13 -48.14 -72.00
C ASP O 288 45.81 -48.76 -73.34
N ASP O 289 46.45 -49.88 -73.61
CA ASP O 289 46.26 -50.67 -74.82
C ASP O 289 44.81 -51.10 -75.09
N TYR O 290 44.03 -51.35 -74.03
CA TYR O 290 42.73 -51.99 -74.18
C TYR O 290 41.49 -51.11 -73.97
N ILE O 291 41.64 -49.84 -73.60
CA ILE O 291 40.47 -48.97 -73.41
C ILE O 291 40.35 -48.02 -74.57
N GLU O 292 39.17 -48.05 -75.22
CA GLU O 292 38.83 -47.18 -76.34
C GLU O 292 37.94 -46.01 -75.90
N ILE O 293 38.19 -44.82 -76.45
CA ILE O 293 37.37 -43.63 -76.21
C ILE O 293 37.04 -42.99 -77.56
N THR O 294 35.77 -42.78 -77.84
CA THR O 294 35.33 -42.30 -79.15
C THR O 294 35.53 -40.81 -79.22
N GLY O 295 36.15 -40.36 -80.30
CA GLY O 295 36.41 -38.96 -80.52
C GLY O 295 35.72 -38.45 -81.78
N ALA O 296 36.35 -37.45 -82.40
CA ALA O 296 35.77 -36.72 -83.50
C ALA O 296 35.75 -37.62 -84.72
N GLY O 297 34.60 -37.63 -85.39
CA GLY O 297 34.36 -38.48 -86.55
C GLY O 297 34.32 -39.97 -86.23
N GLY O 298 34.13 -40.31 -84.95
CA GLY O 298 34.17 -41.70 -84.52
C GLY O 298 35.52 -42.39 -84.45
N LYS O 299 36.66 -41.68 -84.68
CA LYS O 299 37.99 -42.28 -84.53
C LYS O 299 38.15 -42.78 -83.08
N LYS O 300 38.81 -43.93 -82.87
CA LYS O 300 38.98 -44.47 -81.50
C LYS O 300 40.33 -44.02 -80.93
N TYR O 301 40.29 -43.50 -79.72
CA TYR O 301 41.50 -43.04 -79.04
C TYR O 301 41.75 -43.85 -77.77
N ARG O 302 43.03 -44.01 -77.43
CA ARG O 302 43.45 -44.65 -76.18
C ARG O 302 43.60 -43.53 -75.11
N ILE O 303 43.77 -43.92 -73.85
CA ILE O 303 43.91 -42.94 -72.78
C ILE O 303 45.06 -41.95 -73.02
N SER O 304 46.20 -42.48 -73.43
CA SER O 304 47.37 -41.65 -73.74
C SER O 304 47.23 -40.77 -74.98
N THR O 305 46.35 -41.14 -75.91
CA THR O 305 46.14 -40.37 -77.14
C THR O 305 44.90 -39.48 -77.17
N ALA O 306 44.07 -39.54 -76.14
CA ALA O 306 42.89 -38.68 -76.07
C ALA O 306 43.28 -37.20 -76.03
N ILE O 307 44.46 -36.90 -75.53
CA ILE O 307 44.97 -35.53 -75.57
C ILE O 307 45.13 -34.93 -76.97
N ASP O 308 45.25 -35.78 -77.99
CA ASP O 308 45.34 -35.32 -79.36
C ASP O 308 44.01 -34.89 -80.00
N ASP O 309 42.88 -35.32 -79.42
CA ASP O 309 41.56 -34.91 -79.92
C ASP O 309 40.60 -34.52 -78.79
N MET O 310 40.19 -33.27 -78.78
CA MET O 310 39.46 -32.70 -77.66
C MET O 310 38.05 -33.25 -77.45
N GLU O 311 37.45 -33.79 -78.49
CA GLU O 311 36.13 -34.40 -78.32
C GLU O 311 36.25 -35.70 -77.53
N ALA O 312 37.34 -36.42 -77.75
CA ALA O 312 37.66 -37.60 -76.98
C ALA O 312 38.05 -37.23 -75.55
N TYR O 313 38.94 -36.25 -75.42
CA TYR O 313 39.42 -35.81 -74.10
C TYR O 313 38.31 -35.33 -73.19
N THR O 314 37.24 -34.78 -73.78
CA THR O 314 36.05 -34.40 -73.02
C THR O 314 35.46 -35.55 -72.18
N LYS O 315 35.56 -36.77 -72.71
CA LYS O 315 35.00 -37.95 -72.07
C LYS O 315 36.03 -38.64 -71.14
N LEU O 316 37.24 -38.10 -71.02
CA LEU O 316 38.29 -38.72 -70.22
C LEU O 316 38.46 -38.03 -68.87
N THR O 317 37.97 -38.67 -67.83
CA THR O 317 37.94 -38.09 -66.49
C THR O 317 38.34 -39.14 -65.45
N ASP O 318 38.16 -38.86 -64.17
CA ASP O 318 38.40 -39.84 -63.09
C ASP O 318 37.54 -41.10 -63.21
N ASN O 319 36.45 -41.04 -63.97
CA ASN O 319 35.69 -42.21 -64.36
C ASN O 319 36.55 -43.40 -64.70
N ILE O 320 37.62 -43.12 -65.45
CA ILE O 320 38.45 -44.17 -66.02
C ILE O 320 38.92 -45.16 -64.93
N PHE O 321 39.20 -44.62 -63.74
CA PHE O 321 39.56 -45.42 -62.57
C PHE O 321 38.50 -46.49 -62.31
N LEU O 322 37.25 -46.06 -62.18
CA LEU O 322 36.15 -46.98 -61.90
C LEU O 322 35.80 -47.87 -63.07
N GLU O 323 35.98 -47.39 -64.29
CA GLU O 323 35.73 -48.22 -65.49
C GLU O 323 36.68 -49.41 -65.47
N ILE O 324 37.95 -49.16 -65.16
CA ILE O 324 38.95 -50.21 -64.99
C ILE O 324 38.59 -51.12 -63.84
N LEU O 325 38.23 -50.54 -62.69
CA LEU O 325 37.91 -51.31 -61.47
C LEU O 325 36.73 -52.25 -61.64
N TYR O 326 35.68 -51.77 -62.28
CA TYR O 326 34.46 -52.55 -62.44
C TYR O 326 34.48 -53.50 -63.64
N SER O 327 35.49 -53.40 -64.50
CA SER O 327 35.51 -54.18 -65.73
C SER O 327 35.64 -55.66 -65.51
N THR O 328 35.22 -56.42 -66.52
CA THR O 328 35.36 -57.88 -66.53
C THR O 328 36.21 -58.44 -67.69
N ASP O 329 36.64 -57.57 -68.62
CA ASP O 329 37.48 -58.00 -69.74
C ASP O 329 38.77 -58.62 -69.19
N PRO O 330 39.10 -59.87 -69.60
CA PRO O 330 40.38 -60.45 -69.16
C PRO O 330 41.64 -59.66 -69.56
N LYS O 331 41.58 -58.85 -70.62
CA LYS O 331 42.71 -58.02 -71.03
C LYS O 331 43.04 -56.92 -69.99
N LEU O 332 42.03 -56.49 -69.23
CA LEU O 332 42.21 -55.49 -68.18
C LEU O 332 42.55 -56.07 -66.79
N LYS O 333 42.63 -57.41 -66.65
CA LYS O 333 42.86 -58.05 -65.34
C LYS O 333 44.10 -57.53 -64.63
N ASP O 334 45.19 -57.34 -65.36
CA ASP O 334 46.42 -56.75 -64.78
C ASP O 334 46.21 -55.37 -64.18
N ALA O 335 45.54 -54.50 -64.94
CA ALA O 335 45.26 -53.14 -64.45
C ALA O 335 44.26 -53.14 -63.31
N ARG O 336 43.21 -53.93 -63.44
CA ARG O 336 42.19 -54.04 -62.41
C ARG O 336 42.75 -54.57 -61.08
N GLU O 337 43.75 -55.44 -61.15
CA GLU O 337 44.36 -55.99 -59.92
C GLU O 337 45.11 -54.96 -59.10
N ILE O 338 45.74 -54.02 -59.79
CA ILE O 338 46.45 -52.94 -59.12
C ILE O 338 45.44 -52.09 -58.38
N LEU O 339 44.39 -51.66 -59.06
CA LEU O 339 43.36 -50.86 -58.42
C LEU O 339 42.69 -51.60 -57.27
N LYS O 340 42.51 -52.90 -57.39
CA LYS O 340 41.97 -53.69 -56.27
C LYS O 340 42.93 -53.71 -55.06
N GLN O 341 44.24 -53.70 -55.31
CA GLN O 341 45.22 -53.60 -54.22
C GLN O 341 45.15 -52.25 -53.50
N ILE O 342 44.68 -51.20 -54.17
CA ILE O 342 44.46 -49.91 -53.51
C ILE O 342 43.22 -49.94 -52.59
N GLU O 343 42.20 -50.73 -52.97
CA GLU O 343 41.00 -50.88 -52.13
C GLU O 343 41.40 -51.55 -50.81
N TYR O 344 42.06 -52.70 -50.94
CA TYR O 344 42.52 -53.47 -49.79
C TYR O 344 43.68 -52.83 -49.05
N ARG O 345 44.31 -51.80 -49.60
CA ARG O 345 45.36 -51.03 -48.94
C ARG O 345 46.67 -51.79 -48.87
N ASN O 346 46.93 -52.65 -49.85
CA ASN O 346 48.22 -53.32 -50.04
C ASN O 346 49.06 -52.43 -50.92
N LEU O 347 49.49 -51.31 -50.35
CA LEU O 347 50.23 -50.32 -51.06
C LEU O 347 51.68 -50.69 -50.99
N PHE O 348 52.43 -50.20 -51.98
CA PHE O 348 53.86 -50.30 -51.98
C PHE O 348 54.38 -49.61 -50.70
N LYS O 349 55.40 -50.18 -50.09
CA LYS O 349 55.83 -49.75 -48.76
C LYS O 349 56.89 -48.64 -48.82
N TYR O 350 56.73 -47.65 -47.95
CA TYR O 350 57.66 -46.53 -47.86
C TYR O 350 58.87 -46.97 -47.11
N VAL O 351 60.05 -46.73 -47.70
CA VAL O 351 61.30 -47.11 -47.03
C VAL O 351 61.92 -45.90 -46.31
N GLY O 352 61.98 -44.76 -46.99
CA GLY O 352 62.56 -43.56 -46.42
C GLY O 352 62.72 -42.39 -47.36
N GLU O 353 63.17 -41.27 -46.82
CA GLU O 353 63.29 -40.03 -47.54
C GLU O 353 64.72 -39.55 -47.39
N THR O 354 65.23 -38.84 -48.40
CA THR O 354 66.55 -38.23 -48.33
C THR O 354 66.67 -37.08 -49.35
N GLN O 355 67.73 -36.31 -49.20
CA GLN O 355 68.02 -35.16 -50.04
C GLN O 355 69.48 -35.18 -50.50
N PRO O 356 69.78 -34.57 -51.65
CA PRO O 356 71.18 -34.30 -51.98
C PRO O 356 71.83 -33.27 -51.07
N THR O 357 73.16 -33.25 -51.04
CA THR O 357 73.90 -32.25 -50.27
C THR O 357 74.74 -31.46 -51.25
N GLY O 358 75.32 -30.35 -50.77
CA GLY O 358 76.13 -29.46 -51.59
C GLY O 358 75.27 -28.75 -52.64
N GLN O 359 75.75 -28.78 -53.90
CA GLN O 359 74.97 -28.31 -55.04
C GLN O 359 74.97 -29.46 -56.09
N ILE O 360 74.44 -30.65 -55.72
CA ILE O 360 74.12 -31.74 -56.69
C ILE O 360 72.61 -31.69 -57.01
N LYS O 361 72.18 -31.18 -58.17
CA LYS O 361 70.78 -31.40 -58.65
C LYS O 361 70.79 -32.74 -59.39
N ILE O 362 69.71 -33.51 -59.26
CA ILE O 362 69.54 -34.77 -59.98
C ILE O 362 68.76 -34.51 -61.28
N LYS O 363 69.39 -34.67 -62.44
CA LYS O 363 68.76 -34.38 -63.75
C LYS O 363 67.55 -35.31 -64.01
N ARG O 364 66.48 -34.80 -64.64
CA ARG O 364 65.23 -35.59 -64.87
C ARG O 364 65.46 -36.82 -65.79
N GLU O 365 66.35 -36.68 -66.77
CA GLU O 365 66.95 -37.82 -67.52
C GLU O 365 67.43 -39.03 -66.65
N ASP O 366 67.99 -38.78 -65.46
CA ASP O 366 68.53 -39.86 -64.60
C ASP O 366 67.52 -40.58 -63.67
N TYR O 367 66.26 -40.14 -63.64
CA TYR O 367 65.23 -40.74 -62.77
C TYR O 367 65.04 -42.24 -63.05
N GLU O 368 64.96 -42.62 -64.34
CA GLU O 368 64.85 -44.03 -64.79
C GLU O 368 65.94 -44.90 -64.14
N SER O 369 67.18 -44.37 -64.03
CA SER O 369 68.35 -45.13 -63.54
C SER O 369 68.48 -45.39 -62.03
N LEU O 370 67.71 -44.67 -61.19
CA LEU O 370 67.94 -44.68 -59.73
C LEU O 370 67.54 -45.97 -59.00
N PRO O 371 66.44 -46.64 -59.42
CA PRO O 371 66.18 -47.96 -58.83
C PRO O 371 67.33 -48.96 -59.03
N LYS O 372 67.95 -48.98 -60.23
CA LYS O 372 69.14 -49.81 -60.51
C LYS O 372 70.20 -49.52 -59.46
N GLU O 373 70.42 -48.25 -59.13
CA GLU O 373 71.45 -47.85 -58.16
C GLU O 373 71.21 -48.34 -56.74
N VAL O 374 69.95 -48.33 -56.30
CA VAL O 374 69.61 -48.71 -54.92
C VAL O 374 69.90 -50.21 -54.73
N ALA O 375 69.43 -51.04 -55.66
CA ALA O 375 69.71 -52.48 -55.61
C ALA O 375 71.20 -52.83 -55.74
N SER O 376 71.94 -51.99 -56.45
CA SER O 376 73.38 -52.16 -56.62
C SER O 376 74.19 -51.96 -55.36
N ALA O 377 73.69 -51.17 -54.42
CA ALA O 377 74.42 -50.92 -53.17
C ALA O 377 74.78 -52.23 -52.46
N LYS O 388 65.92 -57.28 -56.71
CA LYS O 388 66.25 -56.72 -58.02
C LYS O 388 65.76 -55.24 -58.11
N ALA O 389 66.29 -54.52 -59.10
CA ALA O 389 65.97 -53.10 -59.29
C ALA O 389 64.50 -52.80 -59.56
N GLU O 390 63.81 -53.70 -60.27
CA GLU O 390 62.38 -53.55 -60.52
C GLU O 390 61.50 -53.59 -59.26
N ASP O 391 62.08 -54.02 -58.13
CA ASP O 391 61.40 -54.03 -56.82
C ASP O 391 61.33 -52.65 -56.14
N PHE O 392 62.22 -51.74 -56.54
CA PHE O 392 62.31 -50.40 -55.95
C PHE O 392 61.62 -49.34 -56.82
N ILE O 393 60.98 -48.37 -56.17
CA ILE O 393 60.49 -47.15 -56.79
C ILE O 393 61.25 -45.99 -56.15
N VAL O 394 61.87 -45.15 -56.99
CA VAL O 394 62.48 -43.94 -56.51
C VAL O 394 61.71 -42.79 -57.14
N ASP O 395 61.29 -41.85 -56.30
CA ASP O 395 60.41 -40.77 -56.70
C ASP O 395 61.17 -39.50 -56.33
N VAL O 396 61.49 -38.68 -57.33
CA VAL O 396 62.21 -37.45 -57.05
C VAL O 396 61.27 -36.27 -57.21
N ILE O 397 61.25 -35.40 -56.21
CA ILE O 397 60.26 -34.33 -56.10
C ILE O 397 60.97 -33.02 -55.94
N ASN O 398 60.65 -32.04 -56.78
CA ASN O 398 61.28 -30.73 -56.67
C ASN O 398 60.36 -29.84 -55.84
N MET O 399 60.92 -29.24 -54.80
CA MET O 399 60.20 -28.27 -53.98
C MET O 399 60.86 -26.92 -54.19
N ASP O 400 60.08 -25.91 -54.57
CA ASP O 400 60.64 -24.58 -54.83
C ASP O 400 59.65 -23.47 -54.50
N TYR O 401 60.03 -22.24 -54.81
CA TYR O 401 59.13 -21.09 -54.69
C TYR O 401 58.55 -20.69 -56.09
N GLY O 402 58.37 -21.68 -56.94
CA GLY O 402 57.65 -21.51 -58.19
C GLY O 402 58.49 -21.01 -59.33
N MET O 403 59.79 -20.83 -59.13
CA MET O 403 60.66 -20.30 -60.20
C MET O 403 62.02 -20.95 -60.09
N GLN O 404 62.04 -22.27 -60.07
CA GLN O 404 63.28 -23.03 -59.87
C GLN O 404 64.09 -22.36 -58.76
N GLU O 405 65.38 -22.08 -59.03
CA GLU O 405 66.31 -21.64 -58.03
C GLU O 405 66.13 -20.19 -57.57
N LYS O 406 65.30 -19.44 -58.29
CA LYS O 406 65.11 -18.02 -58.05
C LYS O 406 64.11 -17.68 -56.94
N ASN O 407 64.39 -16.55 -56.29
CA ASN O 407 63.54 -15.93 -55.30
C ASN O 407 62.50 -15.10 -56.06
N PRO O 408 61.22 -15.47 -55.99
CA PRO O 408 60.24 -14.72 -56.76
C PRO O 408 60.01 -13.31 -56.26
N ILE O 409 60.34 -13.03 -55.01
CA ILE O 409 60.16 -11.69 -54.48
C ILE O 409 61.17 -10.72 -55.10
N ASP O 410 62.31 -11.23 -55.57
CA ASP O 410 63.22 -10.42 -56.40
C ASP O 410 62.58 -10.00 -57.72
N HIS O 411 61.51 -10.67 -58.15
CA HIS O 411 60.73 -10.26 -59.33
C HIS O 411 59.34 -9.64 -59.01
N VAL O 412 59.22 -8.98 -57.86
CA VAL O 412 58.02 -8.22 -57.49
C VAL O 412 58.40 -6.76 -57.45
N SER O 413 57.44 -5.91 -57.76
CA SER O 413 57.63 -4.47 -57.69
C SER O 413 56.75 -3.92 -56.56
N PHE O 414 57.28 -2.92 -55.86
CA PHE O 414 56.66 -2.39 -54.66
C PHE O 414 56.41 -0.91 -54.77
N TYR O 415 55.50 -0.36 -53.97
CA TYR O 415 55.32 1.09 -53.85
C TYR O 415 55.32 1.55 -52.41
N CYS O 416 55.64 2.82 -52.15
CA CYS O 416 55.66 3.38 -50.78
C CYS O 416 54.50 4.25 -50.50
N LYS O 417 54.17 4.44 -49.22
CA LYS O 417 53.01 5.27 -48.87
C LYS O 417 53.18 6.70 -49.37
N THR O 418 54.38 7.23 -49.20
CA THR O 418 54.70 8.59 -49.57
C THR O 418 54.71 8.89 -51.07
N ALA O 419 54.77 7.86 -51.91
CA ALA O 419 54.77 8.03 -53.39
C ALA O 419 54.22 6.77 -54.03
N PRO O 420 52.87 6.68 -54.10
CA PRO O 420 52.22 5.47 -54.54
C PRO O 420 52.25 5.19 -56.03
N ASN O 421 52.78 6.09 -56.86
CA ASN O 421 52.98 5.80 -58.28
C ASN O 421 54.39 5.41 -58.66
N ARG O 422 55.33 5.53 -57.72
CA ARG O 422 56.72 5.18 -57.96
C ARG O 422 57.02 3.79 -57.48
N ALA O 423 57.33 2.92 -58.43
CA ALA O 423 57.71 1.55 -58.15
C ALA O 423 59.15 1.46 -57.70
N ILE O 424 59.46 0.41 -56.94
CA ILE O 424 60.80 0.16 -56.41
C ILE O 424 61.04 -1.33 -56.26
N ARG O 425 62.24 -1.71 -55.83
CA ARG O 425 62.59 -3.10 -55.56
C ARG O 425 62.93 -3.28 -54.10
N ILE O 426 62.75 -4.49 -53.59
CA ILE O 426 63.19 -4.81 -52.25
C ILE O 426 64.00 -6.12 -52.32
N THR O 427 65.25 -6.07 -51.86
CA THR O 427 66.15 -7.22 -51.85
C THR O 427 65.85 -8.14 -50.68
N LYS O 428 66.55 -9.26 -50.57
CA LYS O 428 66.36 -10.17 -49.43
C LYS O 428 66.92 -9.59 -48.12
N ASN O 429 68.10 -8.94 -48.20
CA ASN O 429 68.73 -8.25 -47.04
C ASN O 429 67.83 -7.25 -46.35
N GLN O 430 67.13 -6.48 -47.18
CA GLN O 430 66.21 -5.42 -46.76
C GLN O 430 65.00 -5.94 -45.96
N VAL O 431 64.75 -7.25 -45.94
CA VAL O 431 63.57 -7.80 -45.25
C VAL O 431 63.83 -8.51 -43.91
N SER O 432 64.67 -9.54 -43.93
CA SER O 432 64.87 -10.38 -42.74
C SER O 432 66.03 -11.37 -42.91
N GLN O 433 66.76 -11.61 -41.82
CA GLN O 433 67.80 -12.62 -41.80
C GLN O 433 67.21 -14.03 -41.64
N LEU O 434 65.96 -14.14 -41.22
CA LEU O 434 65.35 -15.47 -40.94
C LEU O 434 64.62 -16.08 -42.12
N LEU O 435 64.83 -15.55 -43.32
CA LEU O 435 64.22 -16.10 -44.52
C LEU O 435 65.06 -17.26 -45.04
N PRO O 436 64.53 -18.02 -46.00
CA PRO O 436 65.25 -19.16 -46.52
C PRO O 436 66.56 -18.81 -47.18
N GLU O 437 67.53 -19.74 -47.11
CA GLU O 437 68.86 -19.54 -47.70
C GLU O 437 68.83 -19.88 -49.20
N LYS O 438 68.17 -21.00 -49.56
CA LYS O 438 67.92 -21.37 -50.97
C LYS O 438 66.44 -21.30 -51.23
N PHE O 439 66.02 -21.47 -52.48
CA PHE O 439 64.59 -21.46 -52.85
C PHE O 439 64.19 -22.68 -53.68
N ALA O 440 65.02 -23.73 -53.65
CA ALA O 440 64.73 -24.93 -54.38
C ALA O 440 65.52 -26.08 -53.81
N GLU O 441 64.90 -27.24 -53.71
CA GLU O 441 65.56 -28.44 -53.26
C GLU O 441 64.89 -29.64 -53.89
N GLN O 442 65.47 -30.80 -53.66
CA GLN O 442 64.89 -32.05 -54.10
C GLN O 442 64.60 -32.95 -52.91
N LEU O 443 63.54 -33.74 -53.03
CA LEU O 443 63.25 -34.84 -52.11
C LEU O 443 63.26 -36.13 -52.86
N ILE O 444 63.91 -37.13 -52.29
CA ILE O 444 64.01 -38.44 -52.89
C ILE O 444 63.36 -39.43 -51.92
N ARG O 445 62.21 -39.94 -52.32
CA ARG O 445 61.52 -41.01 -51.58
C ARG O 445 61.83 -42.32 -52.26
N VAL O 446 62.03 -43.35 -51.46
CA VAL O 446 62.20 -44.71 -51.95
C VAL O 446 61.09 -45.58 -51.36
N TYR O 447 60.41 -46.32 -52.21
CA TYR O 447 59.42 -47.29 -51.75
C TYR O 447 59.85 -48.66 -52.24
N CYS O 448 59.32 -49.72 -51.66
CA CYS O 448 59.59 -51.11 -52.09
C CYS O 448 58.30 -51.82 -52.49
N LYS O 449 58.27 -52.42 -53.69
CA LYS O 449 57.09 -53.12 -54.19
C LYS O 449 56.80 -54.44 -53.46
N LYS O 450 57.80 -55.08 -52.84
CA LYS O 450 57.59 -56.30 -52.04
C LYS O 450 57.24 -55.92 -50.60
N VAL O 451 56.09 -56.42 -50.12
CA VAL O 451 55.45 -55.92 -48.90
C VAL O 451 55.94 -56.61 -47.60
N ASP O 452 56.26 -57.90 -47.67
CA ASP O 452 56.61 -58.74 -46.50
C ASP O 452 57.70 -58.23 -45.55
N ARG O 453 57.69 -58.73 -44.31
CA ARG O 453 58.61 -58.30 -43.24
C ARG O 453 60.10 -58.42 -43.67
N LYS O 454 60.48 -59.56 -44.29
CA LYS O 454 61.90 -59.81 -44.66
C LYS O 454 62.40 -58.86 -45.77
N SER O 455 61.60 -58.65 -46.82
CA SER O 455 61.98 -57.74 -47.94
C SER O 455 62.08 -56.28 -47.53
N LEU O 456 61.20 -55.86 -46.64
CA LEU O 456 61.17 -54.49 -46.18
C LEU O 456 62.45 -54.17 -45.39
N TYR O 457 62.87 -55.09 -44.53
CA TYR O 457 64.13 -54.90 -43.80
C TYR O 457 65.32 -54.77 -44.76
N ALA O 458 65.36 -55.62 -45.77
CA ALA O 458 66.42 -55.59 -46.76
C ALA O 458 66.42 -54.28 -47.50
N ALA O 459 65.24 -53.86 -47.93
CA ALA O 459 65.07 -52.61 -48.66
C ALA O 459 65.62 -51.43 -47.89
N ARG O 460 65.34 -51.41 -46.58
CA ARG O 460 65.89 -50.38 -45.69
C ARG O 460 67.41 -50.35 -45.69
N GLN O 461 68.03 -51.53 -45.64
CA GLN O 461 69.49 -51.62 -45.64
C GLN O 461 70.07 -51.12 -46.98
N TYR O 462 69.53 -51.60 -48.09
CA TYR O 462 69.92 -51.08 -49.40
C TYR O 462 69.79 -49.56 -49.47
N PHE O 463 68.66 -49.04 -49.01
CA PHE O 463 68.40 -47.61 -49.09
C PHE O 463 69.39 -46.78 -48.26
N VAL O 464 69.55 -47.13 -46.99
CA VAL O 464 70.40 -46.32 -46.09
C VAL O 464 71.85 -46.35 -46.56
N GLN O 465 72.27 -47.47 -47.17
CA GLN O 465 73.60 -47.59 -47.75
C GLN O 465 73.72 -46.71 -48.98
N TRP O 466 72.74 -46.80 -49.88
CA TRP O 466 72.69 -45.94 -51.06
C TRP O 466 72.84 -44.46 -50.73
N CYS O 467 72.22 -44.05 -49.61
CA CYS O 467 72.34 -42.68 -49.09
C CYS O 467 73.80 -42.38 -48.73
N ALA O 468 74.42 -43.27 -47.95
CA ALA O 468 75.84 -43.11 -47.61
C ALA O 468 76.72 -43.10 -48.86
N ASP O 469 76.46 -44.03 -49.79
CA ASP O 469 77.23 -44.14 -51.03
C ASP O 469 77.20 -42.86 -51.87
N ARG O 470 76.05 -42.19 -51.97
CA ARG O 470 75.95 -40.99 -52.80
C ARG O 470 76.08 -39.67 -52.02
N ASN O 471 76.53 -39.76 -50.76
CA ASN O 471 76.70 -38.63 -49.87
C ASN O 471 75.44 -37.77 -49.73
N PHE O 472 74.31 -38.45 -49.60
CA PHE O 472 73.02 -37.84 -49.33
C PHE O 472 72.82 -37.67 -47.81
N THR O 473 71.80 -36.92 -47.43
CA THR O 473 71.51 -36.68 -46.02
C THR O 473 71.11 -37.97 -45.37
N LYS O 474 71.42 -38.09 -44.08
CA LYS O 474 71.07 -39.25 -43.29
C LYS O 474 69.54 -39.28 -43.14
N PRO O 475 68.89 -40.40 -43.46
CA PRO O 475 67.46 -40.50 -43.20
C PRO O 475 67.13 -40.23 -41.74
N GLN O 476 66.05 -39.48 -41.50
CA GLN O 476 65.61 -39.08 -40.16
C GLN O 476 65.58 -40.28 -39.16
N ASP O 477 64.95 -41.34 -39.64
CA ASP O 477 64.80 -42.62 -38.92
C ASP O 477 65.96 -43.60 -39.07
N GLY O 478 67.08 -43.12 -39.60
CA GLY O 478 68.12 -44.00 -40.11
C GLY O 478 68.79 -44.85 -39.07
N ASP O 479 69.00 -44.29 -37.87
CA ASP O 479 69.62 -45.05 -36.78
C ASP O 479 68.78 -46.23 -36.33
N VAL O 480 67.46 -46.12 -36.49
CA VAL O 480 66.54 -47.16 -36.07
C VAL O 480 66.38 -48.24 -37.14
N ILE O 481 66.05 -47.83 -38.38
CA ILE O 481 65.78 -48.78 -39.47
C ILE O 481 67.00 -49.52 -39.98
N ALA O 482 68.18 -48.91 -39.87
CA ALA O 482 69.43 -49.52 -40.33
C ALA O 482 70.56 -49.20 -39.35
N PRO O 483 70.49 -49.75 -38.13
CA PRO O 483 71.43 -49.39 -37.07
C PRO O 483 72.86 -49.82 -37.35
N LEU O 484 73.01 -50.87 -38.16
CA LEU O 484 74.32 -51.37 -38.53
C LEU O 484 75.02 -50.58 -39.64
N ILE O 485 74.28 -49.74 -40.34
CA ILE O 485 74.85 -48.97 -41.47
C ILE O 485 75.25 -47.54 -41.13
N THR O 486 74.50 -46.88 -40.24
CA THR O 486 74.73 -45.46 -39.94
C THR O 486 76.09 -45.12 -39.28
N PRO O 487 76.68 -46.03 -38.49
CA PRO O 487 78.08 -45.73 -38.08
C PRO O 487 79.12 -45.74 -39.21
N THR P 8 48.16 -51.79 -35.72
CA THR P 8 47.92 -50.72 -34.72
C THR P 8 47.03 -49.50 -35.18
N MET P 9 46.65 -48.72 -34.17
CA MET P 9 45.79 -47.52 -34.27
C MET P 9 46.23 -46.66 -35.43
N LYS P 10 45.28 -46.02 -36.05
CA LYS P 10 45.56 -45.22 -37.22
C LYS P 10 44.88 -43.86 -37.07
N VAL P 11 45.62 -42.80 -37.37
CA VAL P 11 45.11 -41.45 -37.20
C VAL P 11 44.75 -40.98 -38.56
N ILE P 12 43.63 -40.26 -38.66
CA ILE P 12 43.11 -39.80 -39.94
C ILE P 12 42.49 -38.42 -39.76
N ASN P 13 42.76 -37.50 -40.71
CA ASN P 13 42.40 -36.08 -40.59
C ASN P 13 41.16 -35.70 -41.40
N ASP P 14 40.07 -35.57 -40.66
CA ASP P 14 38.77 -35.16 -41.18
C ASP P 14 38.65 -33.65 -40.97
N PRO P 15 38.17 -32.90 -41.97
CA PRO P 15 38.05 -31.47 -41.76
C PRO P 15 36.93 -31.08 -40.78
N ILE P 16 35.95 -31.93 -40.57
CA ILE P 16 34.91 -31.63 -39.60
C ILE P 16 35.37 -31.95 -38.20
N HIS P 17 35.89 -33.15 -37.99
CA HIS P 17 36.16 -33.63 -36.64
C HIS P 17 37.60 -33.54 -36.19
N GLY P 18 38.49 -33.29 -37.11
CA GLY P 18 39.91 -33.17 -36.79
C GLY P 18 40.59 -34.51 -36.91
N HIS P 19 41.64 -34.73 -36.13
CA HIS P 19 42.36 -35.98 -36.14
C HIS P 19 41.63 -36.99 -35.29
N ILE P 20 41.18 -38.08 -35.90
CA ILE P 20 40.44 -39.10 -35.20
C ILE P 20 41.23 -40.39 -35.26
N GLU P 21 41.09 -41.22 -34.21
CA GLU P 21 41.76 -42.50 -34.15
C GLU P 21 40.83 -43.59 -34.60
N LEU P 22 41.36 -44.51 -35.40
CA LEU P 22 40.62 -45.66 -35.84
C LEU P 22 41.31 -46.89 -35.28
N HIS P 23 40.59 -47.61 -34.42
CA HIS P 23 41.03 -48.90 -33.89
C HIS P 23 41.25 -49.89 -35.06
N PRO P 24 42.27 -50.75 -34.96
CA PRO P 24 42.65 -51.62 -36.07
C PRO P 24 41.51 -52.43 -36.68
N LEU P 25 40.61 -52.93 -35.84
CA LEU P 25 39.41 -53.60 -36.30
C LEU P 25 38.61 -52.72 -37.25
N LEU P 26 38.47 -51.44 -36.92
CA LEU P 26 37.75 -50.52 -37.79
C LEU P 26 38.49 -50.30 -39.10
N VAL P 27 39.80 -50.13 -39.04
CA VAL P 27 40.63 -49.98 -40.23
C VAL P 27 40.40 -51.16 -41.17
N ARG P 28 40.30 -52.34 -40.58
CA ARG P 28 40.18 -53.56 -41.35
C ARG P 28 38.85 -53.66 -42.09
N ILE P 29 37.80 -53.16 -41.45
CA ILE P 29 36.48 -53.04 -42.05
C ILE P 29 36.48 -51.98 -43.14
N ILE P 30 37.11 -50.84 -42.84
CA ILE P 30 37.22 -49.72 -43.78
C ILE P 30 37.93 -50.11 -45.07
N ASP P 31 39.02 -50.87 -44.98
CA ASP P 31 39.81 -51.25 -46.15
C ASP P 31 39.27 -52.51 -46.86
N THR P 32 38.06 -52.37 -47.37
CA THR P 32 37.35 -53.42 -48.05
C THR P 32 36.57 -52.79 -49.20
N PRO P 33 36.40 -53.52 -50.32
CA PRO P 33 35.65 -52.94 -51.43
C PRO P 33 34.27 -52.44 -51.08
N GLN P 34 33.63 -53.08 -50.11
CA GLN P 34 32.24 -52.79 -49.78
C GLN P 34 32.08 -51.43 -49.10
N PHE P 35 33.12 -51.06 -48.35
CA PHE P 35 33.18 -49.79 -47.65
C PHE P 35 33.76 -48.71 -48.54
N GLN P 36 34.88 -48.99 -49.20
CA GLN P 36 35.53 -47.99 -50.07
C GLN P 36 34.61 -47.55 -51.22
N ARG P 37 33.69 -48.43 -51.59
CA ARG P 37 32.62 -48.08 -52.50
C ARG P 37 31.95 -46.74 -52.19
N LEU P 38 31.83 -46.39 -50.91
CA LEU P 38 31.19 -45.15 -50.53
C LEU P 38 31.96 -43.89 -50.92
N ARG P 39 33.24 -44.01 -51.32
CA ARG P 39 33.96 -42.89 -51.91
C ARG P 39 33.34 -42.41 -53.22
N TYR P 40 32.59 -43.27 -53.90
CA TYR P 40 32.08 -42.95 -55.21
C TYR P 40 30.55 -42.75 -55.21
N ILE P 41 29.98 -42.37 -54.07
CA ILE P 41 28.56 -42.03 -53.94
C ILE P 41 28.40 -40.70 -53.22
N LYS P 42 27.83 -39.70 -53.88
CA LYS P 42 27.73 -38.35 -53.32
C LYS P 42 26.63 -38.25 -52.26
N GLN P 43 26.92 -37.50 -51.20
CA GLN P 43 26.07 -37.41 -50.01
C GLN P 43 24.70 -36.83 -50.38
N LEU P 44 24.76 -35.68 -51.07
CA LEU P 44 23.59 -34.92 -51.39
C LEU P 44 23.01 -35.18 -52.78
N GLY P 45 23.42 -36.27 -53.42
CA GLY P 45 22.91 -36.64 -54.75
C GLY P 45 23.11 -35.51 -55.73
N GLY P 46 22.02 -35.13 -56.39
CA GLY P 46 22.02 -33.99 -57.29
C GLY P 46 22.33 -32.62 -56.71
N GLY P 47 22.35 -32.47 -55.39
CA GLY P 47 22.67 -31.19 -54.77
C GLY P 47 23.96 -30.56 -55.23
N TYR P 48 24.96 -31.37 -55.56
CA TYR P 48 26.21 -30.86 -56.13
C TYR P 48 25.99 -30.01 -57.38
N TYR P 49 24.93 -30.29 -58.14
CA TYR P 49 24.64 -29.53 -59.34
C TYR P 49 23.96 -28.18 -59.08
N VAL P 50 23.66 -27.91 -57.82
CA VAL P 50 23.19 -26.60 -57.36
C VAL P 50 24.13 -25.92 -56.35
N PHE P 51 24.68 -26.69 -55.40
CA PHE P 51 25.67 -26.16 -54.47
C PHE P 51 27.01 -26.75 -54.87
N PRO P 52 27.84 -26.01 -55.62
CA PRO P 52 29.08 -26.59 -56.11
C PRO P 52 30.09 -26.95 -55.02
N GLY P 53 29.83 -26.58 -53.76
CA GLY P 53 30.68 -27.07 -52.67
C GLY P 53 30.49 -28.53 -52.35
N ALA P 54 29.27 -29.06 -52.61
CA ALA P 54 28.77 -30.36 -52.10
C ALA P 54 29.18 -31.63 -52.87
N SER P 55 30.48 -31.64 -53.21
CA SER P 55 31.22 -32.78 -53.74
C SER P 55 31.36 -33.96 -52.80
N HIS P 56 31.10 -33.75 -51.51
CA HIS P 56 31.33 -34.75 -50.47
C HIS P 56 30.51 -36.00 -50.66
N ASN P 57 31.17 -37.11 -50.31
CA ASN P 57 30.67 -38.46 -50.48
C ASN P 57 30.36 -39.16 -49.16
N ARG P 58 29.64 -40.27 -49.25
CA ARG P 58 29.27 -41.08 -48.09
C ARG P 58 30.41 -41.63 -47.27
N PHE P 59 31.53 -41.93 -47.91
CA PHE P 59 32.73 -42.44 -47.24
C PHE P 59 33.06 -41.63 -46.01
N GLU P 60 33.29 -40.35 -46.22
CA GLU P 60 33.75 -39.49 -45.16
C GLU P 60 32.69 -39.21 -44.08
N HIS P 61 31.42 -39.17 -44.47
CA HIS P 61 30.29 -39.12 -43.53
C HIS P 61 30.29 -40.37 -42.67
N SER P 62 30.45 -41.51 -43.33
CA SER P 62 30.42 -42.79 -42.66
C SER P 62 31.54 -42.81 -41.59
N LEU P 63 32.76 -42.39 -41.90
CA LEU P 63 33.81 -42.30 -40.87
C LEU P 63 33.39 -41.44 -39.69
N GLY P 64 32.84 -40.28 -39.98
CA GLY P 64 32.48 -39.32 -38.95
C GLY P 64 31.38 -39.81 -38.03
N VAL P 65 30.42 -40.57 -38.57
CA VAL P 65 29.36 -41.13 -37.75
C VAL P 65 29.95 -42.16 -36.83
N GLY P 66 30.83 -42.98 -37.37
CA GLY P 66 31.58 -43.93 -36.58
C GLY P 66 32.31 -43.25 -35.44
N TYR P 67 32.98 -42.17 -35.73
CA TYR P 67 33.77 -41.46 -34.74
C TYR P 67 32.91 -40.90 -33.63
N LEU P 68 31.84 -40.22 -34.01
CA LEU P 68 30.91 -39.61 -33.05
C LEU P 68 30.16 -40.63 -32.24
N ALA P 69 29.81 -41.75 -32.84
CA ALA P 69 29.24 -42.86 -32.08
C ALA P 69 30.18 -43.24 -30.93
N GLY P 70 31.45 -43.37 -31.24
CA GLY P 70 32.49 -43.60 -30.26
C GLY P 70 32.55 -42.54 -29.17
N CYS P 71 32.49 -41.27 -29.55
CA CYS P 71 32.57 -40.20 -28.55
C CYS P 71 31.46 -40.24 -27.57
N LEU P 72 30.24 -40.48 -28.04
CA LEU P 72 29.09 -40.42 -27.16
C LEU P 72 29.10 -41.59 -26.21
N VAL P 73 29.29 -42.80 -26.72
CA VAL P 73 29.31 -43.97 -25.86
C VAL P 73 30.48 -43.91 -24.88
N HIS P 74 31.63 -43.45 -25.35
CA HIS P 74 32.81 -43.35 -24.51
C HIS P 74 32.59 -42.31 -23.37
N ALA P 75 31.96 -41.20 -23.70
CA ALA P 75 31.67 -40.16 -22.72
C ALA P 75 30.68 -40.63 -21.68
N LEU P 76 29.61 -41.30 -22.11
CA LEU P 76 28.62 -41.81 -21.17
C LEU P 76 29.30 -42.70 -20.16
N GLY P 77 30.28 -43.49 -20.61
CA GLY P 77 31.05 -44.41 -19.77
C GLY P 77 31.96 -43.78 -18.74
N GLU P 78 32.64 -42.71 -19.12
CA GLU P 78 33.46 -41.93 -18.17
C GLU P 78 32.59 -41.34 -17.06
N LYS P 79 31.54 -40.61 -17.46
CA LYS P 79 30.64 -39.93 -16.52
C LYS P 79 29.88 -40.94 -15.61
N GLN P 80 29.57 -42.15 -16.09
CA GLN P 80 28.79 -43.15 -15.30
C GLN P 80 29.36 -44.59 -15.42
N PRO P 81 30.36 -44.91 -14.60
CA PRO P 81 30.92 -46.26 -14.63
C PRO P 81 29.90 -47.36 -14.34
N GLU P 82 28.94 -47.08 -13.46
CA GLU P 82 27.88 -48.05 -13.10
C GLU P 82 27.21 -48.75 -14.28
N LEU P 83 27.18 -48.08 -15.45
CA LEU P 83 26.56 -48.64 -16.65
C LEU P 83 27.31 -49.86 -17.25
N GLN P 84 28.60 -49.96 -16.92
CA GLN P 84 29.45 -51.09 -17.30
C GLN P 84 29.52 -51.24 -18.80
N ILE P 85 29.94 -50.14 -19.42
CA ILE P 85 30.13 -50.08 -20.85
C ILE P 85 31.52 -50.63 -21.09
N SER P 86 31.64 -51.74 -21.82
CA SER P 86 32.94 -52.37 -22.12
C SER P 86 33.53 -51.82 -23.40
N GLU P 87 34.84 -51.99 -23.61
CA GLU P 87 35.46 -51.57 -24.89
C GLU P 87 34.94 -52.40 -26.05
N ARG P 88 34.38 -53.56 -25.73
CA ARG P 88 33.63 -54.33 -26.68
C ARG P 88 32.36 -53.61 -27.13
N ASP P 89 31.59 -53.07 -26.19
CA ASP P 89 30.42 -52.26 -26.52
C ASP P 89 30.80 -51.08 -27.39
N VAL P 90 31.90 -50.43 -27.06
CA VAL P 90 32.33 -49.25 -27.78
C VAL P 90 32.65 -49.58 -29.22
N LEU P 91 33.47 -50.59 -29.44
CA LEU P 91 33.78 -51.04 -30.80
C LEU P 91 32.54 -51.38 -31.60
N CYS P 92 31.60 -52.10 -30.99
CA CYS P 92 30.36 -52.45 -31.67
C CYS P 92 29.54 -51.23 -32.09
N VAL P 93 29.49 -50.23 -31.23
CA VAL P 93 28.77 -49.00 -31.53
C VAL P 93 29.48 -48.24 -32.64
N GLN P 94 30.81 -48.16 -32.56
CA GLN P 94 31.59 -47.53 -33.63
C GLN P 94 31.39 -48.21 -34.96
N ILE P 95 31.44 -49.54 -34.96
CA ILE P 95 31.26 -50.33 -36.19
C ILE P 95 29.89 -50.07 -36.81
N ALA P 96 28.87 -50.00 -35.98
CA ALA P 96 27.52 -49.73 -36.46
C ALA P 96 27.47 -48.37 -37.11
N GLY P 97 28.01 -47.39 -36.42
CA GLY P 97 28.09 -46.04 -36.96
C GLY P 97 28.83 -45.96 -38.27
N LEU P 98 29.94 -46.64 -38.34
CA LEU P 98 30.80 -46.66 -39.52
C LEU P 98 30.07 -47.26 -40.72
N CYS P 99 29.33 -48.33 -40.47
CA CYS P 99 28.64 -49.09 -41.52
C CYS P 99 27.17 -48.74 -41.71
N HIS P 100 26.68 -47.67 -41.08
CA HIS P 100 25.23 -47.42 -41.05
C HIS P 100 24.67 -47.08 -42.42
N ASP P 101 25.52 -46.52 -43.30
CA ASP P 101 25.10 -46.08 -44.65
C ASP P 101 25.74 -46.91 -45.75
N LEU P 102 26.20 -48.11 -45.41
CA LEU P 102 26.80 -49.02 -46.42
C LEU P 102 25.93 -49.34 -47.63
N GLY P 103 24.61 -49.26 -47.44
CA GLY P 103 23.64 -49.63 -48.46
C GLY P 103 22.99 -48.50 -49.26
N HIS P 104 23.59 -47.32 -49.26
CA HIS P 104 23.06 -46.25 -50.11
C HIS P 104 23.38 -46.56 -51.56
N GLY P 105 22.46 -46.20 -52.42
CA GLY P 105 22.68 -46.37 -53.87
C GLY P 105 23.31 -45.16 -54.56
N PRO P 106 23.40 -45.22 -55.89
CA PRO P 106 23.84 -44.08 -56.67
C PRO P 106 23.02 -42.83 -56.35
N PHE P 107 23.71 -41.73 -56.09
CA PHE P 107 23.10 -40.47 -55.72
C PHE P 107 22.25 -40.57 -54.44
N SER P 108 22.74 -41.39 -53.51
CA SER P 108 22.19 -41.50 -52.17
C SER P 108 20.66 -41.71 -52.16
N HIS P 109 19.95 -40.65 -51.84
CA HIS P 109 18.53 -40.71 -51.49
C HIS P 109 17.66 -40.72 -52.73
N MET P 110 18.23 -40.36 -53.87
CA MET P 110 17.57 -40.49 -55.14
C MET P 110 17.25 -41.94 -55.42
N PHE P 111 18.18 -42.82 -55.09
CA PHE P 111 18.05 -44.26 -55.40
C PHE P 111 16.91 -44.96 -54.66
N ASP P 112 16.94 -44.92 -53.32
CA ASP P 112 15.89 -45.55 -52.52
C ASP P 112 14.59 -44.72 -52.55
N GLY P 113 14.71 -43.41 -52.80
CA GLY P 113 13.60 -42.47 -52.70
C GLY P 113 12.79 -42.25 -53.97
N ARG P 114 13.46 -42.13 -55.11
CA ARG P 114 12.78 -41.94 -56.41
C ARG P 114 12.87 -43.15 -57.32
N PHE P 115 14.09 -43.63 -57.55
CA PHE P 115 14.34 -44.61 -58.62
C PHE P 115 13.74 -45.98 -58.40
N ILE P 116 14.13 -46.66 -57.34
CA ILE P 116 13.65 -48.02 -57.06
C ILE P 116 12.13 -48.06 -56.94
N PRO P 117 11.51 -47.09 -56.24
CA PRO P 117 10.04 -47.11 -56.22
C PRO P 117 9.37 -47.03 -57.57
N LEU P 118 10.01 -46.38 -58.54
CA LEU P 118 9.48 -46.33 -59.91
C LEU P 118 9.83 -47.54 -60.75
N ALA P 119 11.08 -47.99 -60.67
CA ALA P 119 11.53 -49.12 -61.47
C ALA P 119 10.95 -50.46 -61.01
N ARG P 120 10.76 -50.62 -59.70
CA ARG P 120 10.26 -51.87 -59.12
C ARG P 120 9.25 -51.59 -58.00
N PRO P 121 8.00 -51.22 -58.39
CA PRO P 121 6.97 -50.85 -57.42
C PRO P 121 6.56 -51.98 -56.45
N GLU P 122 6.71 -53.23 -56.88
CA GLU P 122 6.42 -54.39 -56.04
C GLU P 122 7.30 -54.49 -54.76
N VAL P 123 8.53 -53.98 -54.75
CA VAL P 123 9.43 -54.18 -53.60
C VAL P 123 9.30 -53.03 -52.62
N LYS P 124 9.34 -53.34 -51.31
CA LYS P 124 9.62 -52.35 -50.27
C LYS P 124 11.14 -52.47 -49.98
N TRP P 125 11.94 -51.51 -50.48
CA TRP P 125 13.40 -51.50 -50.27
C TRP P 125 13.91 -50.19 -49.72
N THR P 126 14.71 -50.25 -48.65
CA THR P 126 15.26 -49.06 -47.99
C THR P 126 16.79 -49.10 -48.00
N HIS P 127 17.42 -47.92 -47.92
CA HIS P 127 18.87 -47.86 -47.88
C HIS P 127 19.40 -48.60 -46.62
N GLU P 128 18.64 -48.54 -45.52
CA GLU P 128 18.99 -49.22 -44.28
C GLU P 128 19.08 -50.72 -44.45
N GLN P 129 18.06 -51.33 -45.06
CA GLN P 129 18.08 -52.78 -45.26
C GLN P 129 19.29 -53.20 -46.06
N GLY P 130 19.63 -52.36 -47.04
CA GLY P 130 20.82 -52.54 -47.85
C GLY P 130 22.06 -52.53 -47.00
N SER P 131 22.14 -51.60 -46.05
CA SER P 131 23.28 -51.54 -45.13
C SER P 131 23.50 -52.86 -44.38
N VAL P 132 22.42 -53.45 -43.88
CA VAL P 132 22.50 -54.76 -43.23
C VAL P 132 23.03 -55.83 -44.15
N MET P 133 22.47 -55.92 -45.34
CA MET P 133 22.89 -56.92 -46.34
C MET P 133 24.35 -56.74 -46.74
N MET P 134 24.72 -55.49 -47.00
CA MET P 134 26.06 -55.16 -47.43
C MET P 134 27.07 -55.34 -46.29
N PHE P 135 26.63 -55.14 -45.06
CA PHE P 135 27.48 -55.42 -43.88
C PHE P 135 27.78 -56.90 -43.81
N GLU P 136 26.74 -57.72 -43.88
CA GLU P 136 26.90 -59.18 -43.95
C GLU P 136 27.88 -59.56 -45.04
N HIS P 137 27.69 -59.03 -46.25
CA HIS P 137 28.58 -59.34 -47.39
C HIS P 137 30.01 -58.92 -47.08
N LEU P 138 30.18 -57.75 -46.47
CA LEU P 138 31.52 -57.24 -46.13
C LEU P 138 32.24 -58.15 -45.17
N ILE P 139 31.53 -58.53 -44.11
CA ILE P 139 32.03 -59.44 -43.07
C ILE P 139 32.49 -60.75 -43.69
N ASN P 140 31.61 -61.40 -44.44
CA ASN P 140 31.86 -62.75 -44.95
C ASN P 140 32.95 -62.78 -46.00
N SER P 141 32.91 -61.85 -46.95
CA SER P 141 33.89 -61.85 -48.03
C SER P 141 35.31 -61.38 -47.60
N ASN P 142 35.45 -60.67 -46.49
CA ASN P 142 36.79 -60.21 -46.05
C ASN P 142 37.29 -60.84 -44.74
N GLY P 143 36.76 -61.98 -44.35
CA GLY P 143 37.21 -62.73 -43.18
C GLY P 143 37.35 -61.92 -41.90
N ILE P 144 36.30 -61.19 -41.55
CA ILE P 144 36.32 -60.25 -40.44
C ILE P 144 36.04 -60.95 -39.10
N LYS P 145 35.22 -62.00 -39.14
CA LYS P 145 34.85 -62.67 -37.90
C LYS P 145 36.04 -63.09 -37.02
N PRO P 146 37.12 -63.69 -37.57
CA PRO P 146 38.32 -63.98 -36.77
C PRO P 146 38.97 -62.76 -36.16
N VAL P 147 38.95 -61.64 -36.89
CA VAL P 147 39.55 -60.39 -36.42
C VAL P 147 38.69 -59.78 -35.30
N MET P 148 37.37 -59.89 -35.41
CA MET P 148 36.51 -59.46 -34.31
C MET P 148 36.84 -60.21 -33.03
N GLU P 149 36.95 -61.53 -33.15
CA GLU P 149 37.30 -62.39 -32.01
C GLU P 149 38.63 -61.98 -31.42
N GLN P 150 39.59 -61.69 -32.28
CA GLN P 150 40.93 -61.27 -31.86
C GLN P 150 40.90 -60.08 -30.91
N TYR P 151 39.97 -59.15 -31.11
CA TYR P 151 39.86 -57.98 -30.23
C TYR P 151 38.70 -58.09 -29.25
N GLY P 152 38.30 -59.30 -28.91
CA GLY P 152 37.37 -59.52 -27.80
C GLY P 152 35.90 -59.47 -28.10
N LEU P 153 35.51 -59.32 -29.36
CA LEU P 153 34.09 -59.40 -29.72
C LEU P 153 33.61 -60.85 -29.77
N ILE P 154 32.31 -61.04 -29.72
CA ILE P 154 31.69 -62.34 -29.89
C ILE P 154 30.75 -62.23 -31.09
N PRO P 155 31.24 -62.65 -32.27
CA PRO P 155 30.51 -62.41 -33.52
C PRO P 155 29.03 -62.82 -33.53
N GLU P 156 28.67 -63.98 -32.96
CA GLU P 156 27.26 -64.37 -32.90
C GLU P 156 26.38 -63.20 -32.38
N GLU P 157 26.65 -62.80 -31.14
CA GLU P 157 25.92 -61.71 -30.46
C GLU P 157 26.13 -60.35 -31.09
N ASP P 158 27.38 -60.01 -31.36
CA ASP P 158 27.72 -58.64 -31.75
C ASP P 158 27.32 -58.27 -33.16
N ILE P 159 27.44 -59.19 -34.10
CA ILE P 159 26.95 -58.91 -35.45
C ILE P 159 25.46 -58.65 -35.43
N CYS P 160 24.73 -59.37 -34.59
CA CYS P 160 23.31 -59.10 -34.41
C CYS P 160 23.09 -57.68 -33.84
N PHE P 161 23.82 -57.35 -32.78
CA PHE P 161 23.76 -56.02 -32.16
C PHE P 161 24.09 -54.89 -33.14
N ILE P 162 25.06 -55.10 -34.01
CA ILE P 162 25.42 -54.10 -35.00
C ILE P 162 24.26 -53.91 -35.99
N LYS P 163 23.76 -55.00 -36.55
CA LYS P 163 22.65 -54.94 -37.48
C LYS P 163 21.42 -54.30 -36.85
N GLU P 164 21.15 -54.62 -35.59
CA GLU P 164 19.99 -54.07 -34.88
C GLU P 164 20.10 -52.57 -34.66
N GLN P 165 21.31 -52.07 -34.42
CA GLN P 165 21.51 -50.62 -34.30
C GLN P 165 21.09 -49.92 -35.58
N ILE P 166 21.38 -50.56 -36.73
CA ILE P 166 21.17 -49.96 -38.03
C ILE P 166 19.71 -49.94 -38.49
N VAL P 167 19.04 -51.08 -38.43
CA VAL P 167 17.63 -51.17 -38.89
C VAL P 167 16.58 -51.43 -37.82
N GLY P 168 16.97 -51.50 -36.55
CA GLY P 168 16.01 -51.87 -35.49
C GLY P 168 15.79 -53.38 -35.46
N PRO P 169 14.77 -53.83 -34.72
CA PRO P 169 14.78 -55.23 -34.20
C PRO P 169 14.67 -56.40 -35.17
N LEU P 178 7.23 -56.46 -24.56
CA LEU P 178 8.51 -57.10 -24.18
C LEU P 178 9.71 -56.48 -24.87
N TRP P 179 10.90 -56.82 -24.38
CA TRP P 179 12.18 -56.37 -24.96
C TRP P 179 12.44 -57.02 -26.33
N PRO P 180 12.36 -56.24 -27.41
CA PRO P 180 12.50 -56.83 -28.73
C PRO P 180 13.93 -57.20 -29.19
N TYR P 181 14.97 -56.67 -28.57
CA TYR P 181 16.34 -56.84 -29.11
C TYR P 181 16.98 -58.14 -28.58
N LYS P 182 17.66 -58.85 -29.48
CA LYS P 182 18.41 -60.07 -29.14
C LYS P 182 19.90 -59.73 -28.93
N GLY P 183 20.36 -58.59 -29.43
CA GLY P 183 21.81 -58.25 -29.42
C GLY P 183 22.39 -57.86 -28.07
N ARG P 184 21.62 -57.08 -27.30
CA ARG P 184 21.98 -56.68 -25.94
C ARG P 184 20.74 -56.76 -25.03
N PRO P 185 20.97 -56.83 -23.70
CA PRO P 185 19.86 -56.77 -22.73
C PRO P 185 19.30 -55.36 -22.48
N GLU P 186 18.21 -55.30 -21.71
CA GLU P 186 17.52 -54.02 -21.38
C GLU P 186 18.40 -53.02 -20.62
N ASN P 187 19.34 -53.55 -19.82
CA ASN P 187 20.25 -52.70 -19.03
C ASN P 187 21.31 -51.96 -19.88
N LYS P 188 21.30 -52.23 -21.20
CA LYS P 188 22.10 -51.46 -22.13
C LYS P 188 21.31 -50.93 -23.32
N SER P 189 20.02 -50.65 -23.13
CA SER P 189 19.17 -50.13 -24.22
C SER P 189 19.62 -48.78 -24.75
N PHE P 190 20.29 -47.99 -23.93
CA PHE P 190 20.83 -46.72 -24.37
C PHE P 190 21.80 -46.87 -25.54
N LEU P 191 22.49 -47.98 -25.65
CA LEU P 191 23.39 -48.18 -26.78
C LEU P 191 22.67 -48.14 -28.15
N TYR P 192 21.41 -48.52 -28.15
CA TYR P 192 20.58 -48.46 -29.37
C TYR P 192 20.13 -47.06 -29.77
N GLU P 193 20.26 -46.10 -28.87
CA GLU P 193 19.92 -44.69 -29.14
C GLU P 193 21.10 -43.83 -29.64
N ILE P 194 22.21 -44.44 -30.04
CA ILE P 194 23.40 -43.67 -30.45
C ILE P 194 23.49 -43.48 -31.95
N VAL P 195 23.53 -44.57 -32.72
CA VAL P 195 23.71 -44.47 -34.16
C VAL P 195 22.41 -44.14 -34.90
N SER P 196 21.31 -44.75 -34.50
CA SER P 196 20.02 -44.52 -35.14
C SER P 196 18.89 -44.66 -34.12
N ASN P 197 18.43 -43.50 -33.66
CA ASN P 197 17.55 -43.38 -32.48
C ASN P 197 16.09 -43.51 -32.91
N LYS P 198 15.52 -44.70 -32.71
CA LYS P 198 14.14 -44.93 -33.10
C LYS P 198 13.14 -44.18 -32.23
N ARG P 199 13.52 -43.82 -31.00
CA ARG P 199 12.60 -43.21 -30.03
C ARG P 199 12.22 -41.78 -30.41
N ASN P 200 13.24 -40.97 -30.68
CA ASN P 200 13.07 -39.53 -30.94
C ASN P 200 13.87 -38.95 -32.12
N GLY P 201 14.90 -39.65 -32.58
CA GLY P 201 15.65 -39.20 -33.74
C GLY P 201 16.93 -38.47 -33.42
N ILE P 202 17.21 -38.21 -32.14
CA ILE P 202 18.45 -37.56 -31.77
C ILE P 202 19.56 -38.60 -31.77
N ASP P 203 20.32 -38.62 -32.86
CA ASP P 203 21.39 -39.60 -33.07
C ASP P 203 22.65 -38.94 -33.66
N VAL P 204 23.77 -39.63 -33.63
CA VAL P 204 25.03 -39.04 -34.08
C VAL P 204 25.13 -38.95 -35.61
N ASP P 205 24.30 -39.69 -36.33
CA ASP P 205 24.19 -39.58 -37.78
C ASP P 205 23.83 -38.15 -38.12
N LYS P 206 22.78 -37.62 -37.49
CA LYS P 206 22.37 -36.22 -37.73
C LYS P 206 23.52 -35.26 -37.41
N TRP P 207 24.19 -35.49 -36.29
CA TRP P 207 25.19 -34.56 -35.83
C TRP P 207 26.35 -34.43 -36.80
N ASP P 208 26.72 -35.52 -37.45
CA ASP P 208 27.79 -35.45 -38.42
C ASP P 208 27.32 -34.74 -39.68
N TYR P 209 26.14 -35.10 -40.18
CA TYR P 209 25.72 -34.52 -41.44
C TYR P 209 25.37 -33.04 -41.34
N PHE P 210 24.84 -32.60 -40.20
CA PHE P 210 24.61 -31.18 -39.96
C PHE P 210 25.91 -30.42 -40.19
N ALA P 211 26.95 -30.85 -39.49
CA ALA P 211 28.23 -30.18 -39.52
C ALA P 211 28.89 -30.30 -40.88
N ARG P 212 28.84 -31.48 -41.46
CA ARG P 212 29.53 -31.76 -42.71
C ARG P 212 28.83 -31.13 -43.90
N ASP P 213 27.52 -31.29 -43.98
CA ASP P 213 26.78 -30.73 -45.11
C ASP P 213 26.91 -29.22 -45.06
N CYS P 214 26.75 -28.63 -43.90
CA CYS P 214 27.00 -27.19 -43.77
C CYS P 214 28.39 -26.76 -44.26
N HIS P 215 29.42 -27.50 -43.90
CA HIS P 215 30.80 -27.16 -44.27
C HIS P 215 30.94 -27.02 -45.76
N HIS P 216 30.41 -28.00 -46.48
CA HIS P 216 30.49 -28.09 -47.92
C HIS P 216 29.41 -27.25 -48.61
N LEU P 217 28.24 -27.09 -48.01
CA LEU P 217 27.14 -26.34 -48.67
C LEU P 217 27.39 -24.85 -48.72
N GLY P 218 28.04 -24.29 -47.72
CA GLY P 218 28.21 -22.84 -47.57
C GLY P 218 27.11 -22.20 -46.73
N ILE P 219 26.68 -22.94 -45.71
CA ILE P 219 25.70 -22.53 -44.74
C ILE P 219 26.33 -22.87 -43.36
N GLN P 220 26.29 -21.92 -42.39
CA GLN P 220 26.74 -22.23 -41.01
C GLN P 220 25.57 -22.98 -40.29
N ASN P 221 26.00 -23.84 -39.39
CA ASN P 221 25.19 -24.83 -38.69
C ASN P 221 24.80 -24.23 -37.33
N ASN P 222 23.52 -24.30 -36.97
CA ASN P 222 23.12 -23.68 -35.70
C ASN P 222 23.37 -24.52 -34.41
N PHE P 223 23.80 -25.79 -34.54
CA PHE P 223 23.67 -26.79 -33.47
C PHE P 223 24.98 -27.35 -32.94
N ASP P 224 25.09 -27.46 -31.61
CA ASP P 224 26.33 -27.87 -30.93
C ASP P 224 26.22 -29.29 -30.36
N TYR P 225 26.70 -30.29 -31.12
CA TYR P 225 26.68 -31.68 -30.66
C TYR P 225 27.53 -31.87 -29.41
N LYS P 226 28.67 -31.20 -29.36
CA LYS P 226 29.58 -31.37 -28.26
C LYS P 226 28.97 -31.00 -26.93
N ARG P 227 28.14 -29.96 -26.95
CA ARG P 227 27.44 -29.53 -25.76
C ARG P 227 26.41 -30.54 -25.33
N PHE P 228 25.71 -31.12 -26.30
CA PHE P 228 24.73 -32.17 -25.98
C PHE P 228 25.38 -33.35 -25.26
N ILE P 229 26.53 -33.77 -25.77
CA ILE P 229 27.32 -34.83 -25.15
C ILE P 229 27.70 -34.48 -23.72
N LYS P 230 28.10 -33.25 -23.44
CA LYS P 230 28.43 -32.87 -22.06
C LYS P 230 27.25 -32.89 -21.13
N PHE P 231 26.06 -32.66 -21.65
CA PHE P 231 24.83 -32.69 -20.83
C PHE P 231 23.98 -33.92 -21.12
N ALA P 232 24.61 -35.02 -21.49
CA ALA P 232 23.89 -36.26 -21.72
C ALA P 232 24.15 -37.15 -20.55
N ARG P 233 23.21 -38.05 -20.29
CA ARG P 233 23.23 -38.86 -19.10
C ARG P 233 22.24 -40.02 -19.24
N VAL P 234 22.54 -41.15 -18.62
CA VAL P 234 21.65 -42.31 -18.69
C VAL P 234 20.86 -42.39 -17.39
N CYS P 235 19.58 -42.61 -17.50
CA CYS P 235 18.67 -42.72 -16.34
C CYS P 235 17.66 -43.80 -16.62
N GLU P 236 17.00 -44.24 -15.57
CA GLU P 236 15.97 -45.24 -15.72
C GLU P 236 14.65 -44.60 -16.12
N VAL P 237 14.08 -45.05 -17.25
CA VAL P 237 12.74 -44.66 -17.67
C VAL P 237 11.95 -45.93 -18.01
N ASP P 238 10.91 -46.22 -17.20
CA ASP P 238 10.04 -47.38 -17.41
C ASP P 238 10.89 -48.65 -17.47
N ASN P 239 11.64 -48.91 -16.40
CA ASN P 239 12.44 -50.15 -16.24
C ASN P 239 13.47 -50.42 -17.35
N GLU P 240 14.03 -49.35 -17.90
CA GLU P 240 14.88 -49.44 -19.08
C GLU P 240 15.82 -48.21 -19.06
N LEU P 241 17.11 -48.42 -19.24
CA LEU P 241 18.09 -47.34 -19.16
C LEU P 241 18.24 -46.57 -20.48
N ARG P 242 17.82 -45.29 -20.52
CA ARG P 242 17.89 -44.46 -21.73
C ARG P 242 18.72 -43.19 -21.59
N ILE P 243 19.16 -42.64 -22.72
CA ILE P 243 19.84 -41.35 -22.76
C ILE P 243 18.84 -40.22 -22.45
N CYS P 244 19.21 -39.38 -21.49
CA CYS P 244 18.43 -38.21 -21.13
C CYS P 244 19.25 -36.95 -21.29
N ALA P 245 18.58 -35.85 -21.61
CA ALA P 245 19.23 -34.55 -21.73
C ALA P 245 18.85 -33.69 -20.55
N ARG P 246 19.64 -32.67 -20.28
CA ARG P 246 19.36 -31.81 -19.16
C ARG P 246 18.16 -30.93 -19.41
N ASP P 247 17.37 -30.68 -18.37
CA ASP P 247 16.15 -29.89 -18.50
C ASP P 247 16.35 -28.61 -19.30
N LYS P 248 17.33 -27.79 -18.93
CA LYS P 248 17.49 -26.49 -19.59
C LYS P 248 17.85 -26.62 -21.10
N GLU P 249 18.43 -27.76 -21.53
CA GLU P 249 18.76 -27.97 -22.95
C GLU P 249 17.57 -28.22 -23.89
N VAL P 250 16.35 -28.30 -23.35
CA VAL P 250 15.18 -28.57 -24.18
C VAL P 250 15.07 -27.60 -25.34
N GLY P 251 15.37 -26.33 -25.10
CA GLY P 251 15.40 -25.32 -26.13
C GLY P 251 16.28 -25.68 -27.32
N ASN P 252 17.51 -26.08 -27.02
CA ASN P 252 18.48 -26.50 -28.04
C ASN P 252 18.05 -27.71 -28.84
N LEU P 253 17.22 -28.57 -28.26
CA LEU P 253 16.71 -29.73 -28.96
C LEU P 253 15.60 -29.35 -29.96
N TYR P 254 14.69 -28.46 -29.60
CA TYR P 254 13.73 -27.95 -30.59
C TYR P 254 14.51 -27.27 -31.73
N ASP P 255 15.60 -26.59 -31.39
CA ASP P 255 16.46 -25.93 -32.40
C ASP P 255 17.23 -26.92 -33.28
N MET P 256 17.48 -28.12 -32.77
CA MET P 256 18.13 -29.16 -33.58
C MET P 256 17.20 -29.54 -34.73
N PHE P 257 15.94 -29.79 -34.43
CA PHE P 257 15.02 -30.22 -35.46
C PHE P 257 14.64 -29.08 -36.39
N HIS P 258 14.66 -27.85 -35.88
CA HIS P 258 14.49 -26.66 -36.73
C HIS P 258 15.65 -26.57 -37.71
N THR P 259 16.87 -26.74 -37.22
CA THR P 259 18.05 -26.78 -38.07
C THR P 259 17.89 -27.81 -39.18
N ARG P 260 17.41 -28.99 -38.82
CA ARG P 260 17.21 -30.04 -39.80
C ARG P 260 16.24 -29.62 -40.89
N ASN P 261 15.06 -29.18 -40.49
CA ASN P 261 14.03 -28.74 -41.44
C ASN P 261 14.56 -27.60 -42.28
N SER P 262 15.30 -26.70 -41.67
CA SER P 262 15.95 -25.60 -42.38
C SER P 262 16.92 -26.08 -43.47
N LEU P 263 17.74 -27.08 -43.17
CA LEU P 263 18.62 -27.66 -44.19
C LEU P 263 17.86 -28.37 -45.30
N HIS P 264 16.71 -28.93 -44.99
CA HIS P 264 15.86 -29.54 -46.01
C HIS P 264 15.32 -28.49 -46.93
N ARG P 265 14.84 -27.39 -46.38
CA ARG P 265 14.29 -26.33 -47.20
C ARG P 265 15.30 -25.65 -48.06
N ARG P 266 16.47 -25.39 -47.50
CA ARG P 266 17.46 -24.64 -48.24
C ARG P 266 18.17 -25.44 -49.27
N ALA P 267 18.54 -26.68 -48.92
CA ALA P 267 19.47 -27.46 -49.73
C ALA P 267 18.88 -28.78 -50.19
N TYR P 268 18.56 -29.67 -49.27
CA TYR P 268 18.24 -31.05 -49.65
C TYR P 268 17.02 -31.19 -50.58
N GLN P 269 16.01 -30.36 -50.37
CA GLN P 269 14.81 -30.29 -51.18
C GLN P 269 14.77 -29.06 -52.11
N HIS P 270 15.93 -28.49 -52.43
CA HIS P 270 16.00 -27.31 -53.31
C HIS P 270 15.32 -27.58 -54.62
N LYS P 271 14.50 -26.66 -55.08
CA LYS P 271 13.61 -26.91 -56.24
C LYS P 271 14.32 -27.41 -57.50
N VAL P 272 15.53 -26.90 -57.76
CA VAL P 272 16.33 -27.36 -58.90
C VAL P 272 17.13 -28.61 -58.57
N GLY P 273 17.60 -28.75 -57.34
CA GLY P 273 18.26 -29.97 -56.92
C GLY P 273 17.37 -31.16 -57.15
N ASN P 274 16.13 -31.04 -56.72
CA ASN P 274 15.13 -32.08 -56.90
C ASN P 274 14.78 -32.34 -58.36
N ILE P 275 14.77 -31.32 -59.20
CA ILE P 275 14.47 -31.57 -60.61
C ILE P 275 15.64 -32.27 -61.28
N ILE P 276 16.85 -31.96 -60.89
CA ILE P 276 17.99 -32.72 -61.39
C ILE P 276 17.95 -34.17 -60.92
N ASP P 277 17.56 -34.39 -59.68
CA ASP P 277 17.33 -35.75 -59.19
C ASP P 277 16.31 -36.46 -60.05
N THR P 278 15.14 -35.83 -60.30
CA THR P 278 14.10 -36.52 -61.09
C THR P 278 14.61 -36.80 -62.51
N MET P 279 15.44 -35.94 -63.06
CA MET P 279 15.99 -36.13 -64.41
C MET P 279 17.02 -37.23 -64.49
N ILE P 280 17.89 -37.32 -63.50
CA ILE P 280 18.83 -38.43 -63.44
C ILE P 280 18.05 -39.75 -63.29
N THR P 281 17.08 -39.77 -62.37
CA THR P 281 16.23 -40.94 -62.16
C THR P 281 15.55 -41.34 -63.45
N ASP P 282 15.05 -40.36 -64.18
CA ASP P 282 14.43 -40.56 -65.48
C ASP P 282 15.38 -41.25 -66.47
N ALA P 283 16.62 -40.77 -66.50
CA ALA P 283 17.65 -41.33 -67.37
C ALA P 283 18.02 -42.74 -66.97
N PHE P 284 18.10 -43.02 -65.67
CA PHE P 284 18.35 -44.39 -65.21
C PHE P 284 17.25 -45.30 -65.67
N LEU P 285 16.00 -44.89 -65.49
CA LEU P 285 14.86 -45.69 -65.93
C LEU P 285 14.96 -46.06 -67.41
N LYS P 286 15.35 -45.11 -68.26
CA LYS P 286 15.47 -45.38 -69.71
C LYS P 286 16.69 -46.20 -70.08
N ALA P 287 17.71 -46.18 -69.25
CA ALA P 287 18.88 -47.02 -69.45
C ALA P 287 18.83 -48.35 -68.71
N ASP P 288 17.77 -48.62 -67.94
CA ASP P 288 17.76 -49.77 -67.02
C ASP P 288 17.84 -51.08 -67.76
N ASP P 289 17.03 -51.18 -68.81
CA ASP P 289 16.98 -52.35 -69.69
C ASP P 289 18.32 -52.72 -70.34
N TYR P 290 19.18 -51.73 -70.61
CA TYR P 290 20.36 -51.96 -71.44
C TYR P 290 21.71 -51.96 -70.72
N ILE P 291 21.76 -51.69 -69.42
CA ILE P 291 23.04 -51.70 -68.70
C ILE P 291 23.16 -52.93 -67.85
N GLU P 292 24.27 -53.66 -68.09
CA GLU P 292 24.64 -54.85 -67.33
C GLU P 292 25.69 -54.55 -66.24
N ILE P 293 25.55 -55.19 -65.09
CA ILE P 293 26.51 -55.14 -63.99
C ILE P 293 26.76 -56.55 -63.50
N THR P 294 28.04 -56.94 -63.46
CA THR P 294 28.42 -58.33 -63.16
C THR P 294 28.36 -58.54 -61.67
N GLY P 295 27.70 -59.63 -61.28
CA GLY P 295 27.57 -60.00 -59.88
C GLY P 295 28.16 -61.33 -59.57
N ALA P 296 27.56 -62.00 -58.59
CA ALA P 296 28.10 -63.26 -58.08
C ALA P 296 27.97 -64.34 -59.12
N GLY P 297 29.06 -65.06 -59.31
CA GLY P 297 29.18 -66.11 -60.32
C GLY P 297 29.07 -65.62 -61.75
N GLY P 298 29.31 -64.33 -61.97
CA GLY P 298 29.14 -63.73 -63.30
C GLY P 298 27.72 -63.53 -63.82
N LYS P 299 26.68 -63.77 -63.01
CA LYS P 299 25.28 -63.45 -63.43
C LYS P 299 25.21 -61.93 -63.73
N LYS P 300 24.45 -61.54 -64.77
CA LYS P 300 24.34 -60.13 -65.13
C LYS P 300 23.09 -59.52 -64.45
N TYR P 301 23.29 -58.38 -63.82
CA TYR P 301 22.21 -57.65 -63.16
C TYR P 301 21.99 -56.29 -63.80
N ARG P 302 20.75 -55.84 -63.76
CA ARG P 302 20.37 -54.50 -64.22
C ARG P 302 20.47 -53.53 -63.02
N ILE P 303 20.40 -52.24 -63.28
CA ILE P 303 20.52 -51.24 -62.21
C ILE P 303 19.47 -51.47 -61.11
N SER P 304 18.23 -51.70 -61.51
CA SER P 304 17.15 -51.95 -60.57
C SER P 304 17.24 -53.29 -59.81
N THR P 305 17.97 -54.28 -60.36
CA THR P 305 18.10 -55.58 -59.73
C THR P 305 19.44 -55.82 -59.01
N ALA P 306 20.38 -54.89 -59.10
CA ALA P 306 21.65 -55.04 -58.40
C ALA P 306 21.45 -55.11 -56.88
N ILE P 307 20.37 -54.52 -56.38
CA ILE P 307 20.04 -54.65 -54.96
C ILE P 307 19.79 -56.08 -54.47
N ASP P 308 19.44 -56.97 -55.39
CA ASP P 308 19.24 -58.37 -55.04
C ASP P 308 20.52 -59.18 -54.87
N ASP P 309 21.65 -58.69 -55.37
CA ASP P 309 22.96 -59.37 -55.19
C ASP P 309 24.06 -58.40 -54.79
N MET P 310 24.58 -58.57 -53.58
CA MET P 310 25.50 -57.59 -53.00
C MET P 310 26.86 -57.47 -53.68
N GLU P 311 27.28 -58.51 -54.38
CA GLU P 311 28.53 -58.42 -55.13
C GLU P 311 28.38 -57.50 -56.34
N ALA P 312 27.21 -57.52 -56.92
CA ALA P 312 26.83 -56.58 -57.98
C ALA P 312 26.65 -55.20 -57.47
N TYR P 313 25.91 -55.06 -56.37
CA TYR P 313 25.64 -53.75 -55.75
C TYR P 313 26.90 -53.03 -55.36
N THR P 314 27.94 -53.78 -54.99
CA THR P 314 29.26 -53.20 -54.70
C THR P 314 29.80 -52.33 -55.86
N LYS P 315 29.50 -52.73 -57.08
CA LYS P 315 29.99 -52.04 -58.28
C LYS P 315 29.03 -50.96 -58.77
N LEU P 316 27.90 -50.75 -58.06
CA LEU P 316 26.87 -49.81 -58.51
C LEU P 316 26.95 -48.52 -57.70
N THR P 317 27.49 -47.47 -58.34
CA THR P 317 27.75 -46.21 -57.70
C THR P 317 27.35 -45.06 -58.64
N ASP P 318 27.74 -43.82 -58.29
CA ASP P 318 27.52 -42.66 -59.15
C ASP P 318 28.18 -42.77 -60.53
N ASN P 319 29.17 -43.65 -60.66
CA ASN P 319 29.72 -44.03 -61.96
C ASN P 319 28.67 -44.14 -63.05
N ILE P 320 27.56 -44.77 -62.68
CA ILE P 320 26.53 -45.14 -63.64
C ILE P 320 26.10 -43.91 -64.48
N PHE P 321 26.05 -42.75 -63.83
CA PHE P 321 25.74 -41.48 -64.47
C PHE P 321 26.69 -41.27 -65.65
N LEU P 322 27.99 -41.31 -65.38
CA LEU P 322 28.99 -41.08 -66.42
C LEU P 322 29.07 -42.20 -67.45
N GLU P 323 28.79 -43.44 -67.04
CA GLU P 323 28.78 -44.56 -67.98
C GLU P 323 27.70 -44.31 -69.04
N ILE P 324 26.53 -43.88 -68.59
CA ILE P 324 25.43 -43.48 -69.49
C ILE P 324 25.83 -42.29 -70.35
N LEU P 325 26.39 -41.27 -69.72
CA LEU P 325 26.78 -40.03 -70.43
C LEU P 325 27.81 -40.25 -71.54
N TYR P 326 28.81 -41.05 -71.26
CA TYR P 326 29.89 -41.29 -72.21
C TYR P 326 29.58 -42.37 -73.26
N SER P 327 28.50 -43.12 -73.08
CA SER P 327 28.21 -44.26 -73.94
C SER P 327 27.91 -43.87 -75.37
N THR P 328 28.10 -44.85 -76.26
CA THR P 328 27.78 -44.73 -77.68
C THR P 328 26.73 -45.72 -78.21
N ASP P 329 26.31 -46.68 -77.38
CA ASP P 329 25.28 -47.65 -77.79
C ASP P 329 23.99 -46.90 -78.18
N PRO P 330 23.47 -47.14 -79.39
CA PRO P 330 22.18 -46.52 -79.77
C PRO P 330 20.99 -46.84 -78.84
N LYS P 331 21.04 -47.97 -78.12
CA LYS P 331 19.98 -48.33 -77.18
C LYS P 331 19.92 -47.37 -75.97
N LEU P 332 21.06 -46.75 -75.63
CA LEU P 332 21.14 -45.78 -74.54
C LEU P 332 20.90 -44.32 -74.96
N LYS P 333 20.67 -44.05 -76.26
CA LYS P 333 20.52 -42.67 -76.78
C LYS P 333 19.48 -41.87 -76.03
N ASP P 334 18.33 -42.48 -75.73
CA ASP P 334 17.28 -41.82 -74.94
C ASP P 334 17.75 -41.38 -73.57
N ALA P 335 18.42 -42.27 -72.86
CA ALA P 335 18.92 -41.96 -71.52
C ALA P 335 20.07 -40.94 -71.57
N ARG P 336 20.98 -41.14 -72.50
CA ARG P 336 22.10 -40.22 -72.68
C ARG P 336 21.66 -38.80 -73.02
N GLU P 337 20.56 -38.66 -73.76
CA GLU P 337 20.04 -37.33 -74.12
C GLU P 337 19.56 -36.53 -72.94
N ILE P 338 18.95 -37.21 -71.98
CA ILE P 338 18.47 -36.56 -70.77
C ILE P 338 19.67 -36.02 -70.01
N LEU P 339 20.67 -36.86 -69.77
CA LEU P 339 21.87 -36.43 -69.06
C LEU P 339 22.58 -35.31 -69.79
N LYS P 340 22.59 -35.33 -71.11
CA LYS P 340 23.16 -34.22 -71.89
C LYS P 340 22.38 -32.92 -71.70
N GLN P 341 21.06 -32.99 -71.55
CA GLN P 341 20.24 -31.81 -71.23
C GLN P 341 20.56 -31.22 -69.87
N ILE P 342 21.06 -32.02 -68.94
CA ILE P 342 21.52 -31.51 -67.64
C ILE P 342 22.86 -30.73 -67.78
N GLU P 343 23.72 -31.16 -68.70
CA GLU P 343 24.99 -30.46 -68.96
C GLU P 343 24.68 -29.06 -69.49
N TYR P 344 23.88 -29.02 -70.55
CA TYR P 344 23.47 -27.77 -71.21
C TYR P 344 22.49 -26.95 -70.39
N ARG P 345 21.94 -27.51 -69.33
CA ARG P 345 21.07 -26.79 -68.38
C ARG P 345 19.70 -26.50 -68.94
N ASN P 346 19.22 -27.39 -69.82
CA ASN P 346 17.82 -27.38 -70.29
C ASN P 346 17.03 -28.25 -69.36
N LEU P 347 16.82 -27.70 -68.17
CA LEU P 347 16.14 -28.40 -67.11
C LEU P 347 14.67 -28.14 -67.27
N PHE P 348 13.87 -29.06 -66.73
CA PHE P 348 12.44 -28.88 -66.66
C PHE P 348 12.19 -27.61 -65.84
N LYS P 349 11.20 -26.81 -66.24
CA LYS P 349 11.01 -25.48 -65.66
C LYS P 349 10.09 -25.50 -64.46
N TYR P 350 10.46 -24.75 -63.42
CA TYR P 350 9.70 -24.67 -62.19
C TYR P 350 8.54 -23.72 -62.44
N VAL P 351 7.33 -24.16 -62.09
CA VAL P 351 6.16 -23.34 -62.28
C VAL P 351 5.76 -22.65 -60.97
N GLY P 352 5.72 -23.40 -59.88
CA GLY P 352 5.39 -22.83 -58.57
C GLY P 352 5.23 -23.86 -57.46
N GLU P 353 4.98 -23.35 -56.26
CA GLU P 353 4.91 -24.18 -55.08
C GLU P 353 3.58 -23.90 -54.41
N THR P 354 3.03 -24.91 -53.74
CA THR P 354 1.82 -24.74 -52.96
C THR P 354 1.71 -25.82 -51.88
N GLN P 355 0.77 -25.61 -50.96
CA GLN P 355 0.54 -26.50 -49.83
C GLN P 355 -0.95 -26.78 -49.70
N PRO P 356 -1.31 -27.95 -49.13
CA PRO P 356 -2.71 -28.14 -48.74
C PRO P 356 -3.11 -27.24 -47.56
N THR P 357 -4.42 -27.09 -47.36
CA THR P 357 -4.95 -26.29 -46.25
C THR P 357 -5.76 -27.21 -45.34
N GLY P 358 -6.03 -26.69 -44.15
CA GLY P 358 -6.64 -27.48 -43.07
C GLY P 358 -5.70 -28.59 -42.59
N GLN P 359 -6.26 -29.79 -42.49
CA GLN P 359 -5.49 -31.02 -42.24
C GLN P 359 -5.88 -32.05 -43.35
N ILE P 360 -5.65 -31.68 -44.62
CA ILE P 360 -5.77 -32.61 -45.79
C ILE P 360 -4.35 -33.13 -46.14
N LYS P 361 -3.99 -34.38 -45.81
CA LYS P 361 -2.75 -35.00 -46.31
C LYS P 361 -3.06 -35.57 -47.71
N ILE P 362 -2.08 -35.52 -48.59
CA ILE P 362 -2.16 -36.15 -49.91
C ILE P 362 -1.52 -37.54 -49.84
N LYS P 363 -2.33 -38.60 -50.00
CA LYS P 363 -1.86 -40.00 -49.88
C LYS P 363 -0.83 -40.33 -50.99
N ARG P 364 0.21 -41.13 -50.67
CA ARG P 364 1.30 -41.45 -51.63
C ARG P 364 0.80 -42.23 -52.89
N GLU P 365 -0.20 -43.09 -52.70
CA GLU P 365 -1.04 -43.66 -53.79
C GLU P 365 -1.52 -42.63 -54.87
N ASP P 366 -1.88 -41.41 -54.47
CA ASP P 366 -2.42 -40.39 -55.40
C ASP P 366 -1.39 -39.56 -56.21
N TYR P 367 -0.09 -39.72 -55.91
CA TYR P 367 0.97 -38.95 -56.59
C TYR P 367 0.95 -39.13 -58.12
N GLU P 368 0.82 -40.39 -58.59
CA GLU P 368 0.71 -40.72 -60.03
C GLU P 368 -0.39 -39.89 -60.72
N SER P 369 -1.53 -39.67 -60.04
CA SER P 369 -2.71 -38.99 -60.60
C SER P 369 -2.67 -37.45 -60.76
N LEU P 370 -1.73 -36.79 -60.09
CA LEU P 370 -1.75 -35.31 -59.97
C LEU P 370 -1.42 -34.53 -61.24
N PRO P 371 -0.47 -35.01 -62.08
CA PRO P 371 -0.28 -34.36 -63.37
C PRO P 371 -1.56 -34.33 -64.24
N LYS P 372 -2.31 -35.45 -64.26
CA LYS P 372 -3.61 -35.51 -64.95
C LYS P 372 -4.50 -34.37 -64.47
N GLU P 373 -4.52 -34.13 -63.16
CA GLU P 373 -5.38 -33.08 -62.58
C GLU P 373 -5.02 -31.66 -62.99
N VAL P 374 -3.72 -31.37 -63.10
CA VAL P 374 -3.26 -30.01 -63.43
C VAL P 374 -3.69 -29.67 -64.85
N ALA P 375 -3.43 -30.57 -65.80
CA ALA P 375 -3.86 -30.36 -67.20
C ALA P 375 -5.39 -30.30 -67.37
N SER P 376 -6.12 -30.98 -66.49
CA SER P 376 -7.58 -30.97 -66.49
C SER P 376 -8.19 -29.64 -66.11
N ALA P 377 -7.49 -28.83 -65.32
CA ALA P 377 -8.02 -27.53 -64.90
C ALA P 377 -8.42 -26.67 -66.11
N ALA P 389 -1.12 -33.97 -69.90
CA ALA P 389 -0.72 -34.37 -68.53
C ALA P 389 0.73 -34.84 -68.43
N GLU P 390 1.20 -35.55 -69.46
CA GLU P 390 2.60 -35.98 -69.52
C GLU P 390 3.63 -34.82 -69.58
N ASP P 391 3.16 -33.62 -69.80
CA ASP P 391 3.96 -32.38 -69.84
C ASP P 391 4.31 -31.86 -68.42
N PHE P 392 3.49 -32.25 -67.42
CA PHE P 392 3.63 -31.77 -66.06
C PHE P 392 4.32 -32.80 -65.15
N ILE P 393 5.15 -32.31 -64.22
CA ILE P 393 5.68 -33.09 -63.11
C ILE P 393 5.15 -32.46 -61.83
N VAL P 394 4.53 -33.27 -60.98
CA VAL P 394 4.14 -32.82 -59.66
C VAL P 394 4.93 -33.63 -58.67
N ASP P 395 5.56 -32.95 -57.74
CA ASP P 395 6.52 -33.55 -56.81
C ASP P 395 5.97 -33.19 -55.44
N VAL P 396 5.63 -34.19 -54.63
CA VAL P 396 5.08 -33.94 -53.31
C VAL P 396 6.13 -34.30 -52.27
N ILE P 397 6.40 -33.39 -51.35
CA ILE P 397 7.51 -33.50 -50.43
C ILE P 397 7.02 -33.33 -49.02
N ASN P 398 7.34 -34.29 -48.16
CA ASN P 398 6.90 -34.23 -46.75
C ASN P 398 8.02 -33.59 -45.96
N MET P 399 7.70 -32.54 -45.21
CA MET P 399 8.64 -31.91 -44.31
C MET P 399 8.14 -32.15 -42.90
N ASP P 400 8.99 -32.70 -42.03
CA ASP P 400 8.55 -33.01 -40.65
C ASP P 400 9.72 -32.89 -39.66
N TYR P 401 9.45 -33.25 -38.41
CA TYR P 401 10.48 -33.35 -37.38
C TYR P 401 10.90 -34.82 -37.14
N GLY P 402 10.83 -35.62 -38.20
CA GLY P 402 11.37 -36.96 -38.21
C GLY P 402 10.43 -38.00 -37.66
N MET P 403 9.21 -37.63 -37.30
CA MET P 403 8.25 -38.60 -36.76
C MET P 403 6.85 -38.24 -37.21
N GLN P 404 6.69 -38.06 -38.52
CA GLN P 404 5.43 -37.62 -39.11
C GLN P 404 4.84 -36.53 -38.22
N GLU P 405 3.57 -36.64 -37.81
CA GLU P 405 2.87 -35.56 -37.16
C GLU P 405 3.26 -35.29 -35.73
N LYS P 406 4.07 -36.18 -35.16
CA LYS P 406 4.49 -36.11 -33.75
C LYS P 406 5.66 -35.20 -33.47
N ASN P 407 5.62 -34.61 -32.27
CA ASN P 407 6.68 -33.78 -31.71
C ASN P 407 7.70 -34.72 -31.08
N PRO P 408 8.92 -34.79 -31.61
CA PRO P 408 9.87 -35.74 -31.06
C PRO P 408 10.34 -35.37 -29.66
N ILE P 409 10.24 -34.12 -29.27
CA ILE P 409 10.64 -33.72 -27.93
C ILE P 409 9.68 -34.27 -26.87
N ASP P 410 8.44 -34.56 -27.25
CA ASP P 410 7.54 -35.32 -26.39
C ASP P 410 8.03 -36.75 -26.14
N HIS P 411 8.95 -37.25 -26.97
CA HIS P 411 9.61 -38.54 -26.75
C HIS P 411 11.09 -38.45 -26.29
N VAL P 412 11.44 -37.38 -25.58
CA VAL P 412 12.77 -37.23 -24.97
C VAL P 412 12.58 -37.24 -23.48
N SER P 413 13.59 -37.74 -22.77
CA SER P 413 13.60 -37.75 -21.33
C SER P 413 14.67 -36.78 -20.83
N PHE P 414 14.35 -36.11 -19.73
CA PHE P 414 15.18 -35.05 -19.21
C PHE P 414 15.58 -35.29 -17.77
N TYR P 415 16.65 -34.67 -17.29
CA TYR P 415 17.01 -34.69 -15.85
C TYR P 415 17.27 -33.31 -15.31
N CYS P 416 17.13 -33.12 -13.99
CA CYS P 416 17.39 -31.81 -13.34
C CYS P 416 18.67 -31.80 -12.61
N LYS P 417 19.22 -30.61 -12.38
CA LYS P 417 20.49 -30.49 -11.67
C LYS P 417 20.42 -31.08 -10.27
N THR P 418 19.33 -30.79 -9.58
CA THR P 418 19.12 -31.23 -8.21
C THR P 418 18.91 -32.74 -8.03
N ALA P 419 18.61 -33.47 -9.10
CA ALA P 419 18.42 -34.94 -9.05
C ALA P 419 18.73 -35.55 -10.40
N PRO P 420 20.02 -35.78 -10.65
CA PRO P 420 20.48 -36.18 -11.97
C PRO P 420 20.21 -37.63 -12.37
N ASN P 421 19.66 -38.45 -11.49
CA ASN P 421 19.24 -39.81 -11.85
C ASN P 421 17.75 -39.96 -12.08
N ARG P 422 16.98 -38.93 -11.76
CA ARG P 422 15.54 -38.95 -11.92
C ARG P 422 15.13 -38.31 -13.24
N ALA P 423 14.60 -39.15 -14.13
CA ALA P 423 14.13 -38.70 -15.42
C ALA P 423 12.75 -38.06 -15.29
N ILE P 424 12.43 -37.17 -16.24
CA ILE P 424 11.17 -36.45 -16.27
C ILE P 424 10.78 -36.17 -17.72
N ARG P 425 9.60 -35.56 -17.92
CA ARG P 425 9.14 -35.14 -19.23
C ARG P 425 8.97 -33.64 -19.26
N ILE P 426 9.10 -33.06 -20.45
CA ILE P 426 8.83 -31.64 -20.62
C ILE P 426 7.86 -31.49 -21.81
N THR P 427 6.69 -30.89 -21.55
CA THR P 427 5.66 -30.69 -22.59
C THR P 427 6.00 -29.49 -23.44
N LYS P 428 5.18 -29.19 -24.45
CA LYS P 428 5.42 -28.01 -25.30
C LYS P 428 5.11 -26.70 -24.57
N ASN P 429 4.03 -26.69 -23.78
CA ASN P 429 3.62 -25.53 -22.96
C ASN P 429 4.74 -25.02 -22.03
N GLN P 430 5.42 -26.00 -21.41
CA GLN P 430 6.49 -25.76 -20.47
C GLN P 430 7.73 -25.08 -21.08
N VAL P 431 7.83 -24.99 -22.41
CA VAL P 431 9.02 -24.41 -23.06
C VAL P 431 8.86 -23.00 -23.65
N SER P 432 7.90 -22.84 -24.56
CA SER P 432 7.75 -21.58 -25.31
C SER P 432 6.48 -21.52 -26.14
N GLN P 433 5.88 -20.33 -26.22
CA GLN P 433 4.74 -20.10 -27.10
C GLN P 433 5.18 -19.94 -28.56
N LEU P 434 6.45 -19.68 -28.82
CA LEU P 434 6.92 -19.39 -30.19
C LEU P 434 7.39 -20.63 -30.95
N LEU P 435 7.08 -21.82 -30.44
CA LEU P 435 7.43 -23.04 -31.12
C LEU P 435 6.38 -23.37 -32.17
N PRO P 436 6.67 -24.34 -33.04
CA PRO P 436 5.73 -24.70 -34.10
C PRO P 436 4.40 -25.21 -33.56
N GLU P 437 3.33 -24.96 -34.32
CA GLU P 437 1.96 -25.42 -33.97
C GLU P 437 1.79 -26.89 -34.43
N LYS P 438 2.22 -27.18 -35.66
CA LYS P 438 2.26 -28.55 -36.21
C LYS P 438 3.70 -28.96 -36.38
N PHE P 439 3.95 -30.22 -36.71
CA PHE P 439 5.32 -30.75 -36.92
C PHE P 439 5.52 -31.48 -38.24
N ALA P 440 4.60 -31.24 -39.16
CA ALA P 440 4.57 -31.94 -40.43
C ALA P 440 3.74 -31.14 -41.41
N GLU P 441 4.23 -31.06 -42.65
CA GLU P 441 3.47 -30.45 -43.72
C GLU P 441 3.87 -31.10 -45.01
N GLN P 442 3.17 -30.71 -46.08
CA GLN P 442 3.52 -31.14 -47.42
C GLN P 442 3.83 -29.92 -48.28
N LEU P 443 4.76 -30.10 -49.21
CA LEU P 443 5.02 -29.13 -50.27
C LEU P 443 4.76 -29.77 -51.58
N ILE P 444 4.07 -29.03 -52.45
CA ILE P 444 3.75 -29.52 -53.78
C ILE P 444 4.38 -28.56 -54.77
N ARG P 445 5.42 -29.05 -55.47
CA ARG P 445 6.05 -28.32 -56.55
C ARG P 445 5.51 -28.85 -57.85
N VAL P 446 5.30 -27.95 -58.80
CA VAL P 446 4.90 -28.29 -60.14
C VAL P 446 5.96 -27.77 -61.11
N TYR P 447 6.45 -28.63 -61.98
CA TYR P 447 7.38 -28.21 -63.02
C TYR P 447 6.72 -28.53 -64.37
N CYS P 448 7.21 -27.92 -65.44
CA CYS P 448 6.73 -28.20 -66.81
C CYS P 448 7.87 -28.68 -67.71
N LYS P 449 7.66 -29.82 -68.38
CA LYS P 449 8.71 -30.40 -69.24
C LYS P 449 8.94 -29.60 -70.54
N LYS P 450 7.94 -28.83 -71.00
CA LYS P 450 8.09 -27.97 -72.19
C LYS P 450 8.66 -26.60 -71.78
N VAL P 451 9.80 -26.23 -72.40
CA VAL P 451 10.63 -25.12 -71.93
C VAL P 451 10.22 -23.73 -72.46
N ASP P 452 9.74 -23.67 -73.70
CA ASP P 452 9.45 -22.39 -74.43
C ASP P 452 8.54 -21.37 -73.71
N ARG P 453 8.65 -20.10 -74.13
CA ARG P 453 7.92 -18.98 -73.52
C ARG P 453 6.39 -19.22 -73.48
N LYS P 454 5.80 -19.71 -74.59
CA LYS P 454 4.33 -19.89 -74.69
C LYS P 454 3.82 -21.01 -73.74
N SER P 455 4.50 -22.16 -73.70
CA SER P 455 4.11 -23.30 -72.83
C SER P 455 4.23 -22.99 -71.33
N LEU P 456 5.25 -22.23 -70.98
CA LEU P 456 5.50 -21.89 -69.60
C LEU P 456 4.38 -20.98 -69.07
N TYR P 457 3.96 -20.01 -69.88
CA TYR P 457 2.81 -19.16 -69.49
C TYR P 457 1.55 -19.99 -69.26
N ALA P 458 1.29 -20.93 -70.17
CA ALA P 458 0.12 -21.79 -70.06
C ALA P 458 0.19 -22.62 -68.81
N ALA P 459 1.36 -23.21 -68.57
CA ALA P 459 1.59 -24.04 -67.39
C ALA P 459 1.27 -23.30 -66.11
N ARG P 460 1.70 -22.04 -66.04
CA ARG P 460 1.39 -21.17 -64.91
C ARG P 460 -0.11 -21.01 -64.70
N GLN P 461 -0.85 -20.81 -65.78
CA GLN P 461 -2.30 -20.65 -65.68
C GLN P 461 -2.98 -21.94 -65.20
N TYR P 462 -2.63 -23.08 -65.82
CA TYR P 462 -3.11 -24.37 -65.34
C TYR P 462 -2.82 -24.56 -63.86
N PHE P 463 -1.58 -24.28 -63.45
CA PHE P 463 -1.18 -24.50 -62.07
C PHE P 463 -1.96 -23.63 -61.07
N VAL P 464 -2.02 -22.32 -61.32
CA VAL P 464 -2.65 -21.41 -60.36
C VAL P 464 -4.14 -21.71 -60.24
N GLN P 465 -4.75 -22.18 -61.33
CA GLN P 465 -6.15 -22.59 -61.33
C GLN P 465 -6.32 -23.86 -60.52
N TRP P 466 -5.47 -24.85 -60.78
CA TRP P 466 -5.47 -26.11 -60.02
C TRP P 466 -5.39 -25.86 -58.51
N CYS P 467 -4.60 -24.87 -58.11
CA CYS P 467 -4.51 -24.46 -56.70
C CYS P 467 -5.86 -23.96 -56.20
N ALA P 468 -6.48 -23.05 -56.95
CA ALA P 468 -7.81 -22.57 -56.59
C ALA P 468 -8.84 -23.71 -56.55
N ASP P 469 -8.80 -24.57 -57.57
CA ASP P 469 -9.72 -25.71 -57.68
C ASP P 469 -9.65 -26.64 -56.46
N ARG P 470 -8.45 -26.94 -55.96
CA ARG P 470 -8.32 -27.86 -54.82
C ARG P 470 -8.20 -27.18 -53.45
N ASN P 471 -8.49 -25.89 -53.41
CA ASN P 471 -8.44 -25.08 -52.18
C ASN P 471 -7.07 -25.16 -51.48
N PHE P 472 -6.02 -25.10 -52.30
CA PHE P 472 -4.64 -25.01 -51.83
C PHE P 472 -4.25 -23.56 -51.59
N THR P 473 -3.09 -23.35 -50.95
CA THR P 473 -2.62 -22.01 -50.64
C THR P 473 -2.29 -21.30 -51.93
N LYS P 474 -2.45 -19.98 -51.92
CA LYS P 474 -2.13 -19.15 -53.06
C LYS P 474 -0.63 -19.18 -53.27
N PRO P 475 -0.17 -19.46 -54.50
CA PRO P 475 1.27 -19.35 -54.76
C PRO P 475 1.77 -17.94 -54.44
N GLN P 476 2.96 -17.84 -53.83
CA GLN P 476 3.53 -16.55 -53.38
C GLN P 476 3.52 -15.50 -54.51
N ASP P 477 3.98 -15.95 -55.68
CA ASP P 477 4.05 -15.14 -56.92
C ASP P 477 2.76 -15.12 -57.75
N GLY P 478 1.65 -15.58 -57.18
CA GLY P 478 0.49 -15.93 -57.96
C GLY P 478 -0.18 -14.75 -58.67
N ASP P 479 -0.20 -13.59 -58.00
CA ASP P 479 -0.77 -12.40 -58.61
C ASP P 479 -0.03 -11.93 -59.87
N VAL P 480 1.27 -12.23 -59.91
CA VAL P 480 2.12 -11.81 -61.02
C VAL P 480 2.05 -12.81 -62.17
N ILE P 481 2.29 -14.09 -61.89
CA ILE P 481 2.34 -15.15 -62.93
C ILE P 481 1.00 -15.48 -63.56
N ALA P 482 -0.08 -15.29 -62.82
CA ALA P 482 -1.44 -15.57 -63.31
C ALA P 482 -2.42 -14.51 -62.79
N PRO P 483 -2.28 -13.28 -63.27
CA PRO P 483 -3.04 -12.14 -62.74
C PRO P 483 -4.53 -12.23 -63.05
N LEU P 484 -4.88 -12.95 -64.11
CA LEU P 484 -6.27 -13.12 -64.51
C LEU P 484 -7.00 -14.22 -63.72
N ILE P 485 -6.26 -15.07 -63.00
CA ILE P 485 -6.87 -16.18 -62.25
C ILE P 485 -7.08 -15.91 -60.77
N THR P 486 -6.18 -15.16 -60.14
CA THR P 486 -6.22 -14.94 -58.68
C THR P 486 -7.46 -14.18 -58.15
N PRO P 487 -8.05 -13.27 -58.94
CA PRO P 487 -9.37 -12.76 -58.46
C PRO P 487 -10.51 -13.77 -58.43
#